data_8XL5
#
_entry.id   8XL5
#
_cell.length_a   1.00
_cell.length_b   1.00
_cell.length_c   1.00
_cell.angle_alpha   90.00
_cell.angle_beta   90.00
_cell.angle_gamma   90.00
#
_symmetry.space_group_name_H-M   'P 1'
#
loop_
_entity.id
_entity.type
_entity.pdbx_description
1 polymer 'Propionyl-CoA carboxylase alpha chain, mitochondrial'
2 polymer 'Propionyl-CoA carboxylase beta chain, mitochondrial'
3 non-polymer BIOTIN
4 non-polymer 'propionyl Coenzyme A'
#
loop_
_entity_poly.entity_id
_entity_poly.type
_entity_poly.pdbx_seq_one_letter_code
_entity_poly.pdbx_strand_id
1 'polypeptide(L)'
;MAGFWVGTAPLVAAGRRGRWPPQQLMLSAALRTLKHVLYYSRQCLMVSRNLGSVGYDPNEKTFDKILVANRGEIACRVIR
TCKKMGIKTVAIHSDVDASSVHVKMADEAVCVGPAPTSKSYLNMDAIMEAIKKTRAQAVHPGYGFLSENKEFARCLAAED
VVFIGPDTHAIQAMGDKIESKLLAKKAEVNTIPGFDGVVKDAEEAVRIAREIGYPVMIKASAGGGGKGMRIAWDDEETRD
GFRLSSQEAASSFGDDRLLIEKFIDNPRHIEIQVLGDKHGNALWLNERECSIQRRNQKVVEEAPSIFLDAETRRAMGEQA
VALARAVKYSSAGTVEFLVDSKKNFYFLEMNTRLQVEHPVTECITGLDLVQEMIRVAKGYPLRHKQADIRINGWAVECRV
YAEDPYKSFGLPSIGRLSQYQEPLHLPGVRVDSGIQPGSDISIYYDPMISKLITYGSDRTEALKRMADALDNYVIRGVTH
NIALLREVIINSRFVKGDISTKFLSDVYPDGFKGHMLTKSEKNQLLAIASSLFVAFQLRAQHFQENSRMPVIKPDIANWE
LSVKLHDKVHTVVASNNGSVFSVEVDGSKLNVTSTWNLASPLLSVSVDGTQRTVQCLSREAGGNMSIQFLGTVYKVNILT
RLAAELNKFMLEKVTEDTSSVLRSPMPGVVVAVSVKPGDAVAEGQEICVIEAMKMQNSMTAGKTGTVKSVHCQAGDTVGE
GDLLVELE
;
A,C,E,G,I,K
2 'polypeptide(L)'
;MAAALRVAAVGARLSVLASGLRAAVRSLCSQATSVNERIENKRRTALLGGGQRRIDAQHKRGKLTARERISLLLDPGSFV
ESDMFVEHRCADFGMAADKNKFPGDSVVTGRGRINGRLVYVFSQDFTVFGGSLSGAHAQKICKIMDQAITVGAPVIGLND
SGGARIQEGVESLAGYADIFLRNVTASGVIPQISLIMGPCAGGAVYSPALTDFTFMVKDTSYLFITGPDVVKSVTNEDVT
QEELGGAKTHTTMSGVAHRAFENDVDALCNLRDFFNYLPLSSQDPAPVRECHDPSDRLVPELDTIVPLESTKAYNMVDII
HSVVDEREFFEIMPNYAKNIIVGFARMNGRTVGIVGNQPKVASGCLDINSSVKGARFVRFCDAFNIPLITFVDVPGFLPG
TAQEYGGIIRHGAKLLYAFAEATVPKVTVITRKAYGGAYDVMSSKHLCGDTNYAWPTAEIAVMGAKGAVEIIFKGHENVE
AAQAEYIEKFANPFPAAVRGFVDDIIQPSSTRARICCDLDVLASKKVQRPWRKHANIPL
;
B,D,F,H,J,L
#
# COMPACT_ATOMS: atom_id res chain seq x y z
N LYS A 61 -62.48 19.39 55.05
CA LYS A 61 -61.42 18.88 55.90
C LYS A 61 -60.41 19.97 56.24
N THR A 62 -59.60 20.35 55.26
CA THR A 62 -58.53 21.33 55.48
C THR A 62 -58.50 22.29 54.30
N PHE A 63 -57.40 23.05 54.21
CA PHE A 63 -57.26 24.09 53.20
C PHE A 63 -57.00 23.46 51.85
N ASP A 64 -57.46 24.10 50.78
CA ASP A 64 -57.08 23.66 49.45
C ASP A 64 -55.74 24.22 49.00
N LYS A 65 -55.40 25.46 49.37
CA LYS A 65 -54.17 26.05 48.88
C LYS A 65 -53.61 27.05 49.88
N ILE A 66 -52.32 26.88 50.22
CA ILE A 66 -51.64 27.72 51.19
C ILE A 66 -50.45 28.37 50.50
N LEU A 67 -50.27 29.66 50.73
CA LEU A 67 -49.10 30.35 50.22
C LEU A 67 -48.06 30.46 51.32
N VAL A 68 -46.81 30.26 50.96
CA VAL A 68 -45.70 30.41 51.90
C VAL A 68 -44.97 31.69 51.55
N ALA A 69 -44.75 32.54 52.55
CA ALA A 69 -44.09 33.81 52.31
C ALA A 69 -42.63 33.84 52.77
N ASN A 70 -41.88 32.80 52.47
CA ASN A 70 -40.52 32.67 52.95
C ASN A 70 -39.72 31.87 51.92
N ARG A 71 -38.44 31.66 52.22
CA ARG A 71 -37.56 30.97 51.30
C ARG A 71 -36.68 30.02 52.08
N GLY A 72 -36.19 29.00 51.39
CA GLY A 72 -35.23 28.12 52.00
C GLY A 72 -35.85 26.93 52.69
N GLU A 73 -35.16 26.41 53.71
CA GLU A 73 -35.56 25.15 54.32
C GLU A 73 -36.88 25.28 55.06
N ILE A 74 -37.21 26.49 55.52
CA ILE A 74 -38.46 26.67 56.24
C ILE A 74 -39.63 26.57 55.26
N ALA A 75 -39.45 27.09 54.05
CA ALA A 75 -40.44 26.90 53.00
C ALA A 75 -40.52 25.44 52.59
N CYS A 76 -39.37 24.76 52.56
CA CYS A 76 -39.41 23.35 52.20
C CYS A 76 -40.16 22.52 53.24
N ARG A 77 -40.00 22.85 54.50
CA ARG A 77 -40.70 22.14 55.54
C ARG A 77 -42.21 22.24 55.33
N VAL A 78 -42.72 23.43 55.02
CA VAL A 78 -44.16 23.60 54.83
C VAL A 78 -44.62 22.87 53.57
N ILE A 79 -43.84 22.94 52.48
CA ILE A 79 -44.22 22.27 51.24
C ILE A 79 -44.36 20.77 51.45
N ARG A 80 -43.41 20.17 52.16
CA ARG A 80 -43.46 18.74 52.45
C ARG A 80 -44.67 18.39 53.30
N THR A 81 -44.93 19.19 54.34
CA THR A 81 -46.10 18.92 55.17
C THR A 81 -47.40 19.05 54.38
N CYS A 82 -47.52 20.10 53.55
CA CYS A 82 -48.74 20.28 52.76
C CYS A 82 -48.96 19.10 51.83
N LYS A 83 -47.90 18.65 51.16
CA LYS A 83 -48.02 17.51 50.28
C LYS A 83 -48.47 16.25 51.02
N LYS A 84 -48.04 16.12 52.26
CA LYS A 84 -48.47 14.99 53.07
C LYS A 84 -49.94 15.15 53.39
N MET A 85 -50.38 16.41 53.53
CA MET A 85 -51.77 16.71 53.85
C MET A 85 -52.65 16.80 52.61
N GLY A 86 -52.06 16.84 51.43
CA GLY A 86 -52.86 16.96 50.22
C GLY A 86 -53.25 18.38 49.88
N ILE A 87 -52.43 19.34 50.29
CA ILE A 87 -52.73 20.76 50.12
C ILE A 87 -51.74 21.28 49.09
N LYS A 88 -52.22 22.09 48.15
CA LYS A 88 -51.33 22.71 47.17
C LYS A 88 -50.59 23.86 47.83
N THR A 89 -49.32 24.02 47.50
CA THR A 89 -48.51 25.04 48.13
C THR A 89 -47.99 26.01 47.09
N VAL A 90 -48.11 27.31 47.38
CA VAL A 90 -47.60 28.34 46.49
C VAL A 90 -46.36 28.92 47.12
N ALA A 91 -45.32 29.10 46.32
CA ALA A 91 -44.09 29.71 46.78
C ALA A 91 -43.97 31.10 46.20
N ILE A 92 -43.19 31.93 46.86
CA ILE A 92 -42.74 33.20 46.31
C ILE A 92 -41.22 33.17 46.32
N HIS A 93 -40.62 33.91 45.38
CA HIS A 93 -39.18 33.98 45.30
C HIS A 93 -38.76 35.29 44.66
N SER A 94 -37.50 35.65 44.90
CA SER A 94 -36.82 36.74 44.25
C SER A 94 -36.28 36.24 42.90
N ASP A 95 -35.76 37.16 42.08
CA ASP A 95 -35.17 36.75 40.80
C ASP A 95 -33.97 35.84 40.97
N VAL A 96 -33.22 35.96 42.06
CA VAL A 96 -32.05 35.11 42.21
C VAL A 96 -32.45 33.78 42.84
N ASP A 97 -33.55 33.75 43.58
CA ASP A 97 -34.04 32.54 44.20
C ASP A 97 -34.93 31.70 43.28
N ALA A 98 -35.05 32.09 42.02
CA ALA A 98 -35.92 31.38 41.08
C ALA A 98 -35.55 29.92 40.90
N SER A 99 -34.30 29.53 41.14
CA SER A 99 -33.94 28.12 41.01
C SER A 99 -33.71 27.45 42.36
N SER A 100 -34.15 28.06 43.45
CA SER A 100 -33.91 27.49 44.77
C SER A 100 -34.80 26.27 44.97
N VAL A 101 -34.54 25.51 46.03
CA VAL A 101 -35.23 24.23 46.17
C VAL A 101 -36.71 24.43 46.41
N HIS A 102 -37.10 25.35 47.30
CA HIS A 102 -38.50 25.47 47.65
C HIS A 102 -39.34 25.92 46.47
N VAL A 103 -38.75 26.62 45.51
CA VAL A 103 -39.50 27.01 44.32
C VAL A 103 -39.84 25.79 43.49
N LYS A 104 -38.88 24.87 43.35
CA LYS A 104 -39.12 23.67 42.54
C LYS A 104 -40.04 22.70 43.25
N MET A 105 -39.98 22.63 44.57
CA MET A 105 -40.84 21.73 45.31
C MET A 105 -42.28 22.21 45.35
N ALA A 106 -42.51 23.52 45.30
CA ALA A 106 -43.86 24.03 45.37
C ALA A 106 -44.63 23.69 44.10
N ASP A 107 -45.95 23.77 44.18
CA ASP A 107 -46.82 23.49 43.05
C ASP A 107 -46.94 24.68 42.11
N GLU A 108 -47.00 25.87 42.67
CA GLU A 108 -47.03 27.12 41.92
C GLU A 108 -46.07 28.09 42.58
N ALA A 109 -45.57 29.04 41.80
CA ALA A 109 -44.64 30.02 42.32
C ALA A 109 -44.90 31.35 41.63
N VAL A 110 -44.68 32.43 42.37
CA VAL A 110 -44.80 33.79 41.85
C VAL A 110 -43.51 34.52 42.14
N CYS A 111 -42.96 35.19 41.14
CA CYS A 111 -41.81 36.04 41.39
C CYS A 111 -42.31 37.37 41.90
N VAL A 112 -41.71 37.85 42.99
CA VAL A 112 -42.16 39.06 43.66
C VAL A 112 -41.25 40.24 43.34
N GLY A 113 -39.93 40.03 43.35
CA GLY A 113 -39.03 41.15 43.23
C GLY A 113 -37.59 40.75 43.06
N PRO A 114 -36.70 41.73 43.14
CA PRO A 114 -35.28 41.48 42.91
C PRO A 114 -34.56 40.88 44.12
N ALA A 115 -33.26 40.68 43.96
CA ALA A 115 -32.45 40.07 45.01
C ALA A 115 -32.61 40.63 46.43
N PRO A 116 -32.54 41.94 46.70
CA PRO A 116 -32.61 42.38 48.10
C PRO A 116 -33.98 42.10 48.69
N THR A 117 -33.96 41.58 49.93
CA THR A 117 -35.17 41.09 50.55
C THR A 117 -36.20 42.18 50.77
N SER A 118 -35.78 43.43 50.89
CA SER A 118 -36.71 44.51 51.21
C SER A 118 -37.72 44.71 50.09
N LYS A 119 -37.42 44.19 48.91
CA LYS A 119 -38.24 44.40 47.74
C LYS A 119 -38.87 43.12 47.23
N SER A 120 -38.61 42.00 47.88
CA SER A 120 -39.02 40.68 47.43
C SER A 120 -39.72 39.85 48.50
N TYR A 121 -39.25 39.91 49.75
CA TYR A 121 -39.87 39.13 50.81
C TYR A 121 -40.47 40.03 51.87
N LEU A 122 -40.05 41.28 51.96
CA LEU A 122 -40.71 42.24 52.83
C LEU A 122 -41.62 43.20 52.07
N ASN A 123 -41.87 42.97 50.78
CA ASN A 123 -42.77 43.80 49.99
C ASN A 123 -44.18 43.27 50.11
N MET A 124 -44.90 43.70 51.14
CA MET A 124 -46.18 43.09 51.46
C MET A 124 -47.24 43.36 50.39
N ASP A 125 -47.12 44.48 49.66
CA ASP A 125 -48.07 44.81 48.62
C ASP A 125 -47.94 43.87 47.43
N ALA A 126 -46.71 43.60 47.00
CA ALA A 126 -46.47 42.66 45.91
C ALA A 126 -46.87 41.25 46.31
N ILE A 127 -46.67 40.91 47.58
CA ILE A 127 -47.07 39.60 48.09
C ILE A 127 -48.59 39.47 48.09
N MET A 128 -49.30 40.51 48.53
CA MET A 128 -50.76 40.47 48.52
C MET A 128 -51.29 40.23 47.12
N GLU A 129 -50.64 40.80 46.11
CA GLU A 129 -51.02 40.55 44.73
C GLU A 129 -50.83 39.09 44.38
N ALA A 130 -49.72 38.49 44.80
CA ALA A 130 -49.49 37.07 44.58
C ALA A 130 -50.53 36.21 45.30
N ILE A 131 -50.91 36.61 46.51
CA ILE A 131 -51.86 35.83 47.31
C ILE A 131 -53.20 35.75 46.61
N LYS A 132 -53.69 36.89 46.11
CA LYS A 132 -54.96 36.86 45.39
C LYS A 132 -54.82 36.33 43.98
N LYS A 133 -53.69 36.57 43.32
CA LYS A 133 -53.50 36.08 41.96
C LYS A 133 -53.65 34.56 41.91
N THR A 134 -53.10 33.86 42.89
CA THR A 134 -53.18 32.40 42.90
C THR A 134 -54.39 31.88 43.65
N ARG A 135 -55.24 32.77 44.17
CA ARG A 135 -56.43 32.42 44.94
C ARG A 135 -56.06 31.51 46.12
N ALA A 136 -55.03 31.94 46.84
CA ALA A 136 -54.61 31.27 48.06
C ALA A 136 -55.60 31.53 49.18
N GLN A 137 -55.76 30.55 50.05
CA GLN A 137 -56.75 30.63 51.13
C GLN A 137 -56.11 31.05 52.45
N ALA A 138 -54.89 30.57 52.70
CA ALA A 138 -54.18 30.83 53.96
C ALA A 138 -52.72 31.17 53.62
N VAL A 139 -52.05 31.93 54.49
CA VAL A 139 -50.63 32.26 54.32
C VAL A 139 -49.82 31.80 55.56
N HIS A 140 -48.70 31.11 55.33
CA HIS A 140 -47.78 30.72 56.41
C HIS A 140 -46.42 31.38 56.20
N PRO A 141 -46.09 32.42 56.96
CA PRO A 141 -44.84 33.13 56.68
C PRO A 141 -43.60 32.47 57.26
N GLY A 142 -43.74 31.40 58.01
CA GLY A 142 -42.62 30.81 58.72
C GLY A 142 -42.11 31.73 59.79
N TYR A 143 -40.86 32.13 59.69
CA TYR A 143 -40.27 33.03 60.68
C TYR A 143 -39.44 34.06 59.94
N GLY A 144 -39.03 35.08 60.67
CA GLY A 144 -38.10 36.04 60.12
C GLY A 144 -38.72 37.27 59.50
N PHE A 145 -39.21 37.12 58.26
CA PHE A 145 -39.58 38.23 57.40
C PHE A 145 -40.81 39.01 57.85
N LEU A 146 -41.98 38.40 57.76
CA LEU A 146 -43.20 39.13 58.05
C LEU A 146 -44.00 38.42 59.13
N SER A 147 -43.31 37.65 59.97
CA SER A 147 -43.97 36.88 60.99
C SER A 147 -44.47 37.74 62.14
N GLU A 148 -43.85 38.89 62.35
CA GLU A 148 -44.28 39.85 63.36
C GLU A 148 -44.67 41.20 62.78
N ASN A 149 -44.94 41.25 61.48
CA ASN A 149 -45.27 42.50 60.81
C ASN A 149 -46.77 42.73 60.90
N LYS A 150 -47.18 43.69 61.74
CA LYS A 150 -48.60 43.84 62.02
C LYS A 150 -49.34 44.41 60.82
N GLU A 151 -48.71 45.33 60.08
CA GLU A 151 -49.36 45.92 58.92
C GLU A 151 -49.65 44.87 57.85
N PHE A 152 -48.76 43.90 57.70
CA PHE A 152 -49.01 42.79 56.80
C PHE A 152 -50.19 41.95 57.27
N ALA A 153 -50.19 41.55 58.54
CA ALA A 153 -51.30 40.76 59.06
C ALA A 153 -52.62 41.52 59.01
N ARG A 154 -52.57 42.83 59.22
CA ARG A 154 -53.78 43.64 59.21
C ARG A 154 -54.38 43.69 57.81
N CYS A 155 -53.57 44.08 56.81
CA CYS A 155 -54.04 44.14 55.45
C CYS A 155 -54.31 42.78 54.84
N LEU A 156 -53.68 41.74 55.35
CA LEU A 156 -53.99 40.37 54.94
C LEU A 156 -55.34 39.93 55.49
N ALA A 157 -55.60 40.17 56.77
CA ALA A 157 -56.88 39.82 57.33
C ALA A 157 -58.00 40.64 56.70
N ALA A 158 -57.71 41.89 56.33
CA ALA A 158 -58.73 42.73 55.72
C ALA A 158 -59.29 42.09 54.46
N GLU A 159 -58.53 41.19 53.84
CA GLU A 159 -58.92 40.55 52.60
C GLU A 159 -59.45 39.15 52.82
N ASP A 160 -59.72 38.80 54.09
CA ASP A 160 -60.23 37.50 54.56
C ASP A 160 -59.33 36.31 54.20
N VAL A 161 -58.02 36.52 54.32
CA VAL A 161 -57.11 35.42 54.08
C VAL A 161 -56.69 34.97 55.46
N VAL A 162 -56.65 33.66 55.67
CA VAL A 162 -56.39 33.11 56.99
C VAL A 162 -54.90 33.25 57.17
N PHE A 163 -54.51 33.84 58.30
CA PHE A 163 -53.11 33.94 58.65
C PHE A 163 -52.72 32.89 59.66
N ILE A 164 -51.65 32.18 59.32
CA ILE A 164 -51.12 31.13 60.18
C ILE A 164 -49.96 31.59 61.05
N GLY A 165 -50.24 31.86 62.32
CA GLY A 165 -49.23 32.49 63.14
C GLY A 165 -49.98 33.27 64.19
N PRO A 166 -49.25 34.24 64.85
CA PRO A 166 -50.02 34.95 65.89
C PRO A 166 -51.00 35.90 65.22
N ASP A 167 -51.96 36.37 66.00
CA ASP A 167 -52.88 37.39 65.57
C ASP A 167 -52.16 38.65 65.94
N THR A 168 -52.75 39.82 65.69
CA THR A 168 -52.00 41.04 65.96
C THR A 168 -52.05 41.44 67.43
N HIS A 169 -53.02 40.92 68.17
CA HIS A 169 -53.06 41.17 69.61
C HIS A 169 -51.83 40.60 70.31
N ALA A 170 -51.50 39.33 70.02
CA ALA A 170 -50.33 38.73 70.65
C ALA A 170 -49.05 39.45 70.25
N ILE A 171 -48.95 39.89 68.99
CA ILE A 171 -47.74 40.59 68.56
C ILE A 171 -47.58 41.90 69.34
N GLN A 172 -48.65 42.68 69.47
CA GLN A 172 -48.60 43.92 70.24
C GLN A 172 -48.49 43.67 71.74
N ALA A 173 -49.13 42.63 72.25
CA ALA A 173 -49.12 42.37 73.69
C ALA A 173 -47.69 42.21 74.18
N MET A 174 -46.85 41.55 73.39
CA MET A 174 -45.45 41.36 73.75
C MET A 174 -44.57 42.37 73.01
N GLY A 175 -45.19 43.50 72.63
CA GLY A 175 -44.48 44.43 71.76
C GLY A 175 -43.26 45.02 72.44
N ASP A 176 -43.32 45.18 73.76
CA ASP A 176 -42.30 45.84 74.55
C ASP A 176 -42.12 45.07 75.86
N LYS A 177 -41.13 45.50 76.64
CA LYS A 177 -40.80 44.85 77.90
C LYS A 177 -41.76 45.10 79.06
N ILE A 178 -42.47 46.22 79.03
CA ILE A 178 -43.41 46.52 80.11
C ILE A 178 -44.58 45.56 80.12
N GLU A 179 -45.21 45.32 78.96
CA GLU A 179 -46.34 44.39 78.92
C GLU A 179 -45.88 42.97 79.21
N SER A 180 -44.69 42.61 78.74
CA SER A 180 -44.19 41.26 79.01
C SER A 180 -43.97 41.04 80.50
N LYS A 181 -43.37 42.02 81.18
CA LYS A 181 -43.15 41.90 82.62
C LYS A 181 -44.47 41.88 83.37
N LEU A 182 -45.42 42.71 82.94
CA LEU A 182 -46.72 42.72 83.59
C LEU A 182 -47.42 41.37 83.43
N LEU A 183 -47.32 40.74 82.26
CA LEU A 183 -47.91 39.43 82.07
C LEU A 183 -47.28 38.41 83.00
N ALA A 184 -45.96 38.41 83.13
CA ALA A 184 -45.29 37.47 84.03
C ALA A 184 -45.72 37.65 85.48
N LYS A 185 -46.12 38.85 85.86
CA LYS A 185 -46.56 39.10 87.22
C LYS A 185 -47.98 38.59 87.42
N LYS A 186 -48.80 38.70 86.38
CA LYS A 186 -50.20 38.31 86.42
C LYS A 186 -50.38 36.80 86.26
N ALA A 187 -49.54 36.23 85.43
CA ALA A 187 -49.62 34.83 85.07
C ALA A 187 -48.95 34.16 86.27
N GLU A 188 -48.28 34.98 87.08
CA GLU A 188 -47.51 34.53 88.21
C GLU A 188 -46.35 33.61 87.84
N VAL A 189 -45.31 34.15 87.24
CA VAL A 189 -44.22 33.24 86.91
C VAL A 189 -43.03 33.38 87.84
N ASN A 190 -42.39 34.55 87.73
CA ASN A 190 -41.30 35.00 88.60
C ASN A 190 -40.96 36.52 88.55
N THR A 191 -40.15 36.96 87.60
CA THR A 191 -39.77 38.38 87.56
C THR A 191 -39.38 39.01 88.91
N ILE A 192 -38.23 38.61 89.41
CA ILE A 192 -37.69 38.96 90.73
C ILE A 192 -37.63 40.47 90.97
N PRO A 193 -38.16 40.94 92.08
CA PRO A 193 -38.19 42.39 92.32
C PRO A 193 -36.81 43.02 92.40
N GLY A 194 -36.75 44.29 92.03
CA GLY A 194 -35.61 45.13 92.32
C GLY A 194 -36.01 46.21 93.29
N PHE A 195 -35.21 47.27 93.32
CA PHE A 195 -35.49 48.41 94.20
C PHE A 195 -36.16 49.50 93.38
N ASP A 196 -37.42 49.79 93.71
CA ASP A 196 -38.20 50.80 93.00
C ASP A 196 -37.90 52.14 93.66
N GLY A 197 -36.69 52.62 93.44
CA GLY A 197 -36.24 53.88 93.99
C GLY A 197 -34.76 54.02 93.77
N VAL A 198 -34.22 55.21 94.07
CA VAL A 198 -32.80 55.44 93.87
C VAL A 198 -32.06 55.22 95.19
N VAL A 199 -30.94 54.51 95.12
CA VAL A 199 -30.13 54.31 96.32
C VAL A 199 -29.20 55.51 96.46
N LYS A 200 -29.26 56.15 97.63
CA LYS A 200 -28.55 57.40 97.85
C LYS A 200 -27.48 57.25 98.92
N ASP A 201 -27.79 56.57 100.01
CA ASP A 201 -26.92 56.47 101.16
C ASP A 201 -25.96 55.30 100.97
N ALA A 202 -25.04 55.15 101.92
CA ALA A 202 -24.06 54.08 101.88
C ALA A 202 -24.62 52.80 102.47
N GLU A 203 -25.59 52.91 103.38
CA GLU A 203 -26.19 51.76 104.03
C GLU A 203 -27.42 51.25 103.32
N GLU A 204 -28.05 52.06 102.47
CA GLU A 204 -29.19 51.59 101.68
C GLU A 204 -28.79 50.51 100.68
N ALA A 205 -27.59 50.60 100.11
CA ALA A 205 -27.16 49.60 99.14
C ALA A 205 -27.18 48.20 99.75
N VAL A 206 -26.86 48.07 101.04
CA VAL A 206 -26.90 46.74 101.65
C VAL A 206 -28.24 46.48 102.33
N ARG A 207 -28.85 47.50 102.96
CA ARG A 207 -30.10 47.23 103.65
C ARG A 207 -31.18 46.77 102.67
N ILE A 208 -31.28 47.40 101.49
CA ILE A 208 -32.33 46.99 100.57
C ILE A 208 -32.05 45.56 100.07
N ALA A 209 -30.80 45.24 99.76
CA ALA A 209 -30.45 43.90 99.32
C ALA A 209 -30.84 42.85 100.36
N ARG A 210 -30.60 43.16 101.64
CA ARG A 210 -30.96 42.22 102.71
C ARG A 210 -32.44 41.88 102.69
N GLU A 211 -33.28 42.86 102.36
CA GLU A 211 -34.71 42.59 102.32
C GLU A 211 -35.14 41.76 101.12
N ILE A 212 -34.48 41.90 99.97
CA ILE A 212 -34.95 41.16 98.79
C ILE A 212 -34.19 39.87 98.56
N GLY A 213 -32.86 39.88 98.69
CA GLY A 213 -32.07 38.71 98.36
C GLY A 213 -30.58 38.78 98.57
N TYR A 214 -29.83 37.86 97.96
CA TYR A 214 -28.38 37.82 98.14
C TYR A 214 -27.49 38.30 96.99
N PRO A 215 -27.58 37.58 95.81
CA PRO A 215 -26.73 38.08 94.72
C PRO A 215 -27.40 39.39 94.35
N VAL A 216 -26.62 40.47 94.42
CA VAL A 216 -27.14 41.80 94.11
C VAL A 216 -26.20 42.50 93.14
N MET A 217 -26.81 43.14 92.13
CA MET A 217 -26.09 43.88 91.11
C MET A 217 -26.31 45.37 91.33
N ILE A 218 -25.25 46.16 91.17
CA ILE A 218 -25.33 47.62 91.20
C ILE A 218 -25.11 48.16 89.80
N LYS A 219 -26.05 48.96 89.30
CA LYS A 219 -25.99 49.53 87.95
C LYS A 219 -26.54 50.95 87.99
N ALA A 220 -26.22 51.72 86.95
CA ALA A 220 -26.73 53.06 86.73
C ALA A 220 -28.24 53.04 86.51
N SER A 221 -28.93 54.10 86.96
CA SER A 221 -30.36 54.23 86.76
C SER A 221 -30.71 54.33 85.28
N ALA A 222 -29.78 54.84 84.47
CA ALA A 222 -29.94 54.87 83.02
C ALA A 222 -28.57 54.84 82.36
N GLY A 223 -28.40 53.96 81.39
CA GLY A 223 -27.15 53.81 80.67
C GLY A 223 -26.76 52.36 80.58
N GLY A 224 -25.51 52.14 80.18
CA GLY A 224 -25.01 50.79 80.01
C GLY A 224 -23.57 50.81 79.56
N GLY A 225 -23.03 49.62 79.31
CA GLY A 225 -21.66 49.48 78.87
C GLY A 225 -20.68 49.63 80.01
N GLY A 226 -21.07 49.20 81.20
CA GLY A 226 -20.21 49.33 82.36
C GLY A 226 -20.30 50.67 83.04
N LYS A 227 -21.45 51.33 82.93
CA LYS A 227 -21.61 52.67 83.50
C LYS A 227 -21.76 52.52 85.00
N GLY A 228 -20.63 52.25 85.67
CA GLY A 228 -20.61 52.06 87.10
C GLY A 228 -21.16 50.74 87.59
N MET A 229 -21.12 49.70 86.76
CA MET A 229 -21.70 48.41 87.12
C MET A 229 -20.66 47.61 87.89
N ARG A 230 -21.11 46.89 88.90
CA ARG A 230 -20.30 45.94 89.65
C ARG A 230 -21.19 44.83 90.17
N ILE A 231 -20.61 43.64 90.33
CA ILE A 231 -21.35 42.50 90.85
C ILE A 231 -20.94 42.31 92.31
N ALA A 232 -21.95 42.19 93.18
CA ALA A 232 -21.69 42.01 94.60
C ALA A 232 -22.50 40.83 95.13
N TRP A 233 -21.96 40.22 96.19
CA TRP A 233 -22.59 39.11 96.89
C TRP A 233 -22.80 39.40 98.37
N ASP A 234 -21.75 39.76 99.10
CA ASP A 234 -21.86 40.06 100.51
C ASP A 234 -22.07 41.56 100.68
N ASP A 235 -22.23 41.98 101.94
CA ASP A 235 -22.47 43.39 102.23
C ASP A 235 -21.23 44.26 102.09
N GLU A 236 -20.03 43.73 102.29
CA GLU A 236 -18.83 44.56 102.27
C GLU A 236 -18.54 45.12 100.88
N GLU A 237 -18.58 44.26 99.85
CA GLU A 237 -18.41 44.81 98.52
C GLU A 237 -19.68 45.39 97.93
N THR A 238 -20.86 45.08 98.46
CA THR A 238 -22.00 45.87 97.99
C THR A 238 -21.87 47.32 98.44
N ARG A 239 -21.47 47.57 99.70
CA ARG A 239 -21.30 48.94 100.16
C ARG A 239 -20.21 49.64 99.37
N ASP A 240 -19.10 48.93 99.14
CA ASP A 240 -17.96 49.47 98.43
C ASP A 240 -18.30 49.77 96.96
N GLY A 241 -19.00 48.84 96.30
CA GLY A 241 -19.40 49.07 94.92
C GLY A 241 -20.28 50.28 94.75
N PHE A 242 -21.27 50.46 95.62
CA PHE A 242 -22.15 51.62 95.50
C PHE A 242 -21.36 52.91 95.64
N ARG A 243 -20.58 53.05 96.71
CA ARG A 243 -19.98 54.35 96.97
C ARG A 243 -18.97 54.72 95.90
N LEU A 244 -18.32 53.72 95.29
CA LEU A 244 -17.40 53.95 94.19
C LEU A 244 -18.14 54.50 92.97
N SER A 245 -19.26 53.86 92.63
CA SER A 245 -20.05 54.25 91.47
C SER A 245 -20.74 55.60 91.70
N SER A 246 -21.23 55.82 92.90
CA SER A 246 -21.93 57.05 93.23
C SER A 246 -21.01 58.25 93.32
N GLN A 247 -19.71 58.06 93.56
CA GLN A 247 -18.77 59.17 93.52
C GLN A 247 -18.02 59.32 92.20
N GLU A 248 -17.84 58.26 91.40
CA GLU A 248 -17.12 58.42 90.14
C GLU A 248 -18.02 58.52 88.92
N ALA A 249 -19.23 57.97 88.94
CA ALA A 249 -20.08 57.96 87.76
C ALA A 249 -20.40 59.36 87.27
N ALA A 250 -20.44 60.34 88.17
CA ALA A 250 -20.76 61.72 87.82
C ALA A 250 -19.75 62.28 86.82
N SER A 251 -18.55 61.71 86.76
CA SER A 251 -17.51 62.17 85.85
C SER A 251 -17.62 61.57 84.46
N SER A 252 -18.54 60.62 84.25
CA SER A 252 -18.65 60.02 82.92
C SER A 252 -19.71 60.74 82.11
N PHE A 253 -20.98 60.49 82.43
CA PHE A 253 -22.10 61.07 81.68
C PHE A 253 -22.92 62.03 82.54
N GLY A 254 -22.41 62.45 83.69
CA GLY A 254 -23.09 63.41 84.55
C GLY A 254 -24.22 62.86 85.37
N ASP A 255 -24.22 61.56 85.70
CA ASP A 255 -25.31 60.94 86.45
C ASP A 255 -24.74 59.92 87.41
N ASP A 256 -25.13 60.02 88.67
CA ASP A 256 -24.52 59.20 89.73
C ASP A 256 -25.63 58.54 90.55
N ARG A 257 -26.82 58.41 89.96
CA ARG A 257 -27.93 57.72 90.60
C ARG A 257 -27.79 56.23 90.30
N LEU A 258 -27.72 55.41 91.36
CA LEU A 258 -27.55 53.96 91.23
C LEU A 258 -28.83 53.23 91.64
N LEU A 259 -29.12 52.15 90.94
CA LEU A 259 -30.20 51.23 91.28
C LEU A 259 -29.61 49.87 91.65
N ILE A 260 -30.34 49.08 92.43
CA ILE A 260 -29.94 47.70 92.67
C ILE A 260 -31.08 46.79 92.26
N GLU A 261 -30.71 45.62 91.73
CA GLU A 261 -31.57 44.52 91.27
C GLU A 261 -30.82 43.24 91.62
N LYS A 262 -31.41 42.10 91.29
CA LYS A 262 -30.84 40.80 91.66
C LYS A 262 -30.40 40.02 90.40
N PHE A 263 -29.31 39.22 90.49
CA PHE A 263 -28.78 38.59 89.29
C PHE A 263 -28.62 37.11 89.58
N ILE A 264 -28.17 36.37 88.57
CA ILE A 264 -27.83 34.97 88.66
C ILE A 264 -26.42 34.73 88.13
N ASP A 265 -25.81 33.64 88.59
CA ASP A 265 -24.51 33.18 88.14
C ASP A 265 -24.70 32.25 86.94
N ASN A 266 -23.58 31.70 86.40
CA ASN A 266 -23.47 30.88 85.20
C ASN A 266 -24.82 30.45 84.62
N PRO A 267 -25.46 31.32 83.84
CA PRO A 267 -26.82 31.05 83.39
C PRO A 267 -26.86 29.98 82.31
N ARG A 268 -27.97 29.26 82.26
CA ARG A 268 -28.29 28.43 81.12
C ARG A 268 -29.59 28.90 80.49
N HIS A 269 -29.63 28.90 79.16
CA HIS A 269 -30.78 29.38 78.41
C HIS A 269 -31.67 28.19 78.06
N ILE A 270 -32.90 28.17 78.56
CA ILE A 270 -33.77 27.01 78.41
C ILE A 270 -35.10 27.49 77.87
N GLU A 271 -35.57 26.83 76.81
CA GLU A 271 -36.83 27.19 76.17
C GLU A 271 -37.86 26.14 76.50
N ILE A 272 -39.11 26.58 76.60
CA ILE A 272 -40.25 25.67 76.64
C ILE A 272 -41.23 26.12 75.56
N GLN A 273 -41.64 25.18 74.73
CA GLN A 273 -42.56 25.48 73.64
C GLN A 273 -44.00 25.23 74.05
N VAL A 274 -44.89 26.11 73.61
CA VAL A 274 -46.31 26.00 73.93
C VAL A 274 -47.13 26.03 72.64
N LEU A 275 -48.10 25.14 72.58
CA LEU A 275 -49.04 25.05 71.47
C LEU A 275 -50.38 25.56 71.97
N GLY A 276 -50.82 26.70 71.47
CA GLY A 276 -52.08 27.30 71.86
C GLY A 276 -53.24 26.76 71.04
N ASP A 277 -54.43 26.79 71.61
CA ASP A 277 -55.65 26.40 70.93
C ASP A 277 -56.62 27.57 70.87
N LYS A 278 -57.29 27.70 69.72
CA LYS A 278 -58.31 28.72 69.57
C LYS A 278 -59.48 28.55 70.54
N HIS A 279 -59.64 27.38 71.13
CA HIS A 279 -60.74 27.12 72.06
C HIS A 279 -60.36 27.39 73.51
N GLY A 280 -59.15 27.88 73.76
CA GLY A 280 -58.71 28.19 75.09
C GLY A 280 -57.75 27.21 75.69
N ASN A 281 -57.55 26.06 75.05
CA ASN A 281 -56.58 25.08 75.54
C ASN A 281 -55.17 25.49 75.16
N ALA A 282 -54.19 24.93 75.89
CA ALA A 282 -52.78 25.12 75.55
C ALA A 282 -51.98 24.01 76.19
N LEU A 283 -51.06 23.42 75.45
CA LEU A 283 -50.18 22.41 76.00
C LEU A 283 -48.73 22.88 75.90
N TRP A 284 -47.90 22.34 76.77
CA TRP A 284 -46.49 22.64 76.77
C TRP A 284 -45.72 21.40 76.38
N LEU A 285 -44.64 21.60 75.63
CA LEU A 285 -43.84 20.50 75.13
C LEU A 285 -42.54 20.44 75.91
N ASN A 286 -41.76 19.39 75.67
CA ASN A 286 -40.47 19.29 76.32
C ASN A 286 -39.61 20.50 76.01
N GLU A 287 -38.74 20.84 76.96
CA GLU A 287 -37.89 22.02 76.84
C GLU A 287 -36.80 21.85 75.79
N ARG A 288 -36.00 22.90 75.62
CA ARG A 288 -34.78 22.89 74.82
C ARG A 288 -33.68 23.63 75.56
N GLU A 289 -32.49 23.04 75.57
CA GLU A 289 -31.29 23.68 76.09
C GLU A 289 -30.56 24.34 74.93
N CYS A 290 -30.41 25.65 74.99
CA CYS A 290 -29.88 26.43 73.89
C CYS A 290 -28.74 27.32 74.36
N SER A 291 -27.68 26.71 74.88
CA SER A 291 -26.64 27.53 75.50
C SER A 291 -25.43 27.74 74.59
N ILE A 292 -25.23 26.91 73.57
CA ILE A 292 -24.07 27.05 72.71
C ILE A 292 -24.42 28.04 71.61
N GLN A 293 -23.75 29.19 71.60
CA GLN A 293 -24.16 30.28 70.73
C GLN A 293 -22.95 31.14 70.41
N ARG A 294 -23.01 31.86 69.29
CA ARG A 294 -22.06 32.94 69.06
C ARG A 294 -22.78 34.09 68.36
N ARG A 295 -22.35 35.31 68.69
CA ARG A 295 -22.88 36.60 68.23
C ARG A 295 -24.38 36.74 68.43
N ASN A 296 -24.83 36.23 69.58
CA ASN A 296 -26.22 36.13 70.06
C ASN A 296 -27.12 35.33 69.12
N GLN A 297 -26.54 34.30 68.51
CA GLN A 297 -27.31 33.41 67.65
C GLN A 297 -26.96 31.97 67.99
N LYS A 298 -27.96 31.13 68.14
CA LYS A 298 -27.72 29.78 68.59
C LYS A 298 -27.14 28.94 67.46
N VAL A 299 -26.33 27.95 67.82
CA VAL A 299 -25.80 27.04 66.82
C VAL A 299 -26.07 25.59 67.18
N VAL A 300 -26.09 25.25 68.46
CA VAL A 300 -26.35 23.88 68.89
C VAL A 300 -27.36 23.90 70.02
N GLU A 301 -28.36 23.03 69.92
CA GLU A 301 -29.42 22.90 70.89
C GLU A 301 -29.64 21.43 71.20
N GLU A 302 -30.15 21.18 72.40
CA GLU A 302 -30.46 19.85 72.89
C GLU A 302 -31.88 19.95 73.43
N ALA A 303 -32.72 18.94 73.18
CA ALA A 303 -34.10 19.03 73.64
C ALA A 303 -34.33 18.63 75.09
N PRO A 304 -33.94 17.41 75.44
CA PRO A 304 -34.12 16.88 76.80
C PRO A 304 -33.03 17.41 77.71
N SER A 305 -32.97 18.73 77.80
CA SER A 305 -31.97 19.42 78.61
C SER A 305 -30.95 18.56 79.39
N ILE A 306 -31.07 18.56 80.71
CA ILE A 306 -30.25 17.82 81.69
C ILE A 306 -30.39 18.53 83.03
N PHE A 307 -30.89 19.76 82.98
CA PHE A 307 -30.93 20.61 84.16
C PHE A 307 -32.31 20.53 84.77
N LEU A 308 -33.12 19.60 84.29
CA LEU A 308 -34.48 19.42 84.78
C LEU A 308 -34.81 17.98 85.13
N ASP A 309 -35.49 17.80 86.26
CA ASP A 309 -36.10 16.53 86.61
C ASP A 309 -37.58 16.60 86.27
N ALA A 310 -38.32 15.54 86.58
CA ALA A 310 -39.72 15.50 86.16
C ALA A 310 -40.54 16.61 86.80
N GLU A 311 -40.28 16.94 88.05
CA GLU A 311 -41.08 17.96 88.73
C GLU A 311 -40.77 19.36 88.21
N THR A 312 -39.50 19.65 87.93
CA THR A 312 -39.16 20.96 87.40
C THR A 312 -39.78 21.19 86.03
N ARG A 313 -39.79 20.15 85.18
CA ARG A 313 -40.41 20.27 83.87
C ARG A 313 -41.88 20.63 83.98
N ARG A 314 -42.59 19.95 84.89
CA ARG A 314 -44.01 20.26 85.08
C ARG A 314 -44.21 21.67 85.62
N ALA A 315 -43.39 22.05 86.60
CA ALA A 315 -43.53 23.35 87.23
C ALA A 315 -43.32 24.48 86.23
N MET A 316 -42.31 24.35 85.38
CA MET A 316 -42.02 25.41 84.41
C MET A 316 -42.96 25.32 83.20
N GLY A 317 -43.37 24.11 82.83
CA GLY A 317 -44.32 23.98 81.74
C GLY A 317 -45.64 24.65 82.04
N GLU A 318 -46.13 24.48 83.28
CA GLU A 318 -47.37 25.12 83.70
C GLU A 318 -47.25 26.64 83.67
N GLN A 319 -46.11 27.19 84.09
CA GLN A 319 -45.94 28.64 83.99
C GLN A 319 -45.89 29.14 82.55
N ALA A 320 -45.24 28.42 81.64
CA ALA A 320 -45.26 28.80 80.23
C ALA A 320 -46.69 28.78 79.69
N VAL A 321 -47.50 27.81 80.12
CA VAL A 321 -48.90 27.79 79.71
C VAL A 321 -49.66 28.97 80.31
N ALA A 322 -49.41 29.27 81.59
CA ALA A 322 -50.04 30.41 82.25
C ALA A 322 -49.80 31.71 81.51
N LEU A 323 -48.63 31.87 80.92
CA LEU A 323 -48.45 33.05 80.07
C LEU A 323 -49.33 32.98 78.83
N ALA A 324 -49.32 31.85 78.12
CA ALA A 324 -50.09 31.74 76.88
C ALA A 324 -51.59 31.89 77.08
N ARG A 325 -52.15 31.38 78.17
CA ARG A 325 -53.58 31.43 78.38
C ARG A 325 -54.07 32.77 78.89
N ALA A 326 -53.18 33.71 79.19
CA ALA A 326 -53.56 35.01 79.71
C ALA A 326 -53.48 36.11 78.68
N VAL A 327 -53.11 35.79 77.45
CA VAL A 327 -53.07 36.75 76.36
C VAL A 327 -53.83 36.09 75.22
N LYS A 328 -54.27 34.87 75.51
CA LYS A 328 -54.97 34.01 74.59
C LYS A 328 -54.13 33.75 73.35
N TYR A 329 -52.91 33.27 73.57
CA TYR A 329 -51.96 32.99 72.50
C TYR A 329 -52.29 31.68 71.78
N SER A 330 -53.28 31.76 70.90
CA SER A 330 -53.81 30.61 70.19
C SER A 330 -52.99 30.48 68.92
N SER A 331 -51.71 30.17 69.11
CA SER A 331 -50.67 29.98 68.11
C SER A 331 -49.56 29.17 68.76
N ALA A 332 -48.55 28.79 67.98
CA ALA A 332 -47.40 28.13 68.58
C ALA A 332 -46.29 29.13 68.83
N GLY A 333 -45.63 28.98 69.98
CA GLY A 333 -44.58 29.92 70.35
C GLY A 333 -43.70 29.34 71.42
N THR A 334 -42.79 30.18 71.91
CA THR A 334 -41.77 29.74 72.84
C THR A 334 -41.64 30.70 74.00
N VAL A 335 -41.41 30.15 75.18
CA VAL A 335 -41.15 30.94 76.37
C VAL A 335 -39.72 30.64 76.82
N GLU A 336 -38.96 31.70 77.02
CA GLU A 336 -37.56 31.58 77.42
C GLU A 336 -37.31 31.84 78.90
N PHE A 337 -36.63 30.89 79.53
CA PHE A 337 -36.27 30.98 80.94
C PHE A 337 -34.76 30.98 81.05
N LEU A 338 -34.26 31.60 82.12
CA LEU A 338 -32.87 31.47 82.55
C LEU A 338 -32.88 30.73 83.87
N VAL A 339 -31.96 29.79 84.03
CA VAL A 339 -31.78 29.04 85.26
C VAL A 339 -30.37 29.28 85.77
N ASP A 340 -30.24 29.46 87.08
CA ASP A 340 -28.96 29.67 87.73
C ASP A 340 -28.39 28.32 88.15
N SER A 341 -27.25 28.37 88.85
CA SER A 341 -26.55 27.14 89.21
C SER A 341 -27.34 26.34 90.25
N LYS A 342 -28.34 26.97 90.87
CA LYS A 342 -29.07 26.33 91.95
C LYS A 342 -30.44 25.85 91.49
N LYS A 343 -30.66 25.83 90.18
CA LYS A 343 -31.93 25.41 89.61
C LYS A 343 -33.08 26.37 89.93
N ASN A 344 -32.77 27.66 90.12
CA ASN A 344 -33.81 28.67 90.20
C ASN A 344 -34.05 29.23 88.80
N PHE A 345 -35.30 29.17 88.39
CA PHE A 345 -35.75 29.53 87.06
C PHE A 345 -36.41 30.90 87.08
N TYR A 346 -35.99 31.76 86.16
CA TYR A 346 -36.51 33.13 86.05
C TYR A 346 -37.04 33.36 84.64
N PHE A 347 -38.13 34.09 84.53
CA PHE A 347 -38.72 34.44 83.25
C PHE A 347 -37.80 35.37 82.47
N LEU A 348 -37.62 35.10 81.18
CA LEU A 348 -36.89 36.05 80.34
C LEU A 348 -37.75 36.73 79.28
N GLU A 349 -38.38 35.94 78.42
CA GLU A 349 -39.19 36.54 77.37
C GLU A 349 -40.09 35.54 76.67
N MET A 350 -41.18 36.05 76.13
CA MET A 350 -42.15 35.24 75.41
C MET A 350 -42.05 35.57 73.94
N ASN A 351 -41.84 34.54 73.12
CA ASN A 351 -41.72 34.62 71.66
C ASN A 351 -42.95 34.13 70.90
N THR A 352 -43.35 34.87 69.88
CA THR A 352 -44.52 34.50 69.09
C THR A 352 -44.18 34.19 67.64
N ARG A 353 -43.74 32.97 67.38
CA ARG A 353 -43.39 32.56 66.04
C ARG A 353 -42.71 31.21 66.09
N LEU A 354 -42.87 30.43 65.03
CA LEU A 354 -42.22 29.13 64.97
C LEU A 354 -40.75 29.40 65.09
N GLN A 355 -40.10 28.77 66.05
CA GLN A 355 -38.68 29.01 66.23
C GLN A 355 -37.83 28.20 65.29
N VAL A 356 -36.57 28.60 65.18
CA VAL A 356 -35.65 27.90 64.31
C VAL A 356 -35.22 26.66 65.06
N GLU A 357 -35.65 26.55 66.31
CA GLU A 357 -35.30 25.40 67.14
C GLU A 357 -36.52 24.53 67.41
N HIS A 358 -37.29 24.30 66.35
CA HIS A 358 -38.47 23.49 66.44
C HIS A 358 -38.31 22.14 65.77
N PRO A 359 -37.12 21.83 65.22
CA PRO A 359 -37.04 20.51 64.58
C PRO A 359 -36.33 19.50 65.49
N VAL A 360 -35.95 19.93 66.68
CA VAL A 360 -35.26 19.05 67.64
C VAL A 360 -36.22 18.53 68.69
N THR A 361 -37.25 19.32 69.04
CA THR A 361 -38.27 18.85 69.97
C THR A 361 -39.11 17.76 69.34
N GLU A 362 -39.43 17.93 68.05
CA GLU A 362 -40.26 16.95 67.33
C GLU A 362 -39.71 15.54 67.39
N CYS A 363 -38.39 15.38 67.43
CA CYS A 363 -37.83 14.04 67.44
C CYS A 363 -38.02 13.34 68.78
N ILE A 364 -38.42 14.04 69.85
CA ILE A 364 -38.65 13.31 71.08
C ILE A 364 -40.11 13.38 71.51
N THR A 365 -40.88 14.28 70.93
CA THR A 365 -42.30 14.33 71.21
C THR A 365 -43.13 13.56 70.21
N GLY A 366 -42.60 13.35 69.01
CA GLY A 366 -43.34 12.64 67.98
C GLY A 366 -44.41 13.45 67.29
N LEU A 367 -44.29 14.76 67.29
CA LEU A 367 -45.31 15.63 66.72
C LEU A 367 -44.83 16.21 65.40
N ASP A 368 -45.75 16.86 64.69
CA ASP A 368 -45.44 17.58 63.46
C ASP A 368 -45.98 18.98 63.63
N LEU A 369 -45.11 19.94 63.90
CA LEU A 369 -45.55 21.27 64.27
C LEU A 369 -46.27 22.00 63.15
N VAL A 370 -45.83 21.84 61.91
CA VAL A 370 -46.48 22.54 60.81
C VAL A 370 -47.88 21.98 60.55
N GLN A 371 -48.03 20.66 60.61
CA GLN A 371 -49.33 20.03 60.45
C GLN A 371 -50.31 20.52 61.52
N GLU A 372 -49.82 20.68 62.74
CA GLU A 372 -50.68 21.10 63.84
C GLU A 372 -51.08 22.55 63.70
N MET A 373 -50.12 23.41 63.33
CA MET A 373 -50.41 24.83 63.13
C MET A 373 -51.45 25.04 62.04
N ILE A 374 -51.35 24.28 60.95
CA ILE A 374 -52.37 24.41 59.91
C ILE A 374 -53.74 23.98 60.40
N ARG A 375 -53.87 22.86 61.12
CA ARG A 375 -55.21 22.52 61.59
C ARG A 375 -55.76 23.53 62.58
N VAL A 376 -54.93 24.06 63.48
CA VAL A 376 -55.40 25.05 64.44
C VAL A 376 -55.89 26.29 63.72
N ALA A 377 -55.12 26.75 62.73
CA ALA A 377 -55.54 27.89 61.92
C ALA A 377 -56.86 27.62 61.19
N LYS A 378 -57.09 26.39 60.74
CA LYS A 378 -58.38 26.08 60.12
C LYS A 378 -59.50 26.20 61.15
N GLY A 379 -59.23 25.84 62.39
CA GLY A 379 -60.20 25.94 63.46
C GLY A 379 -60.42 24.67 64.23
N TYR A 380 -59.54 23.69 64.11
CA TYR A 380 -59.67 22.46 64.85
C TYR A 380 -59.03 22.60 66.23
N PRO A 381 -59.53 21.89 67.24
CA PRO A 381 -58.85 21.87 68.53
C PRO A 381 -57.58 21.04 68.46
N LEU A 382 -56.75 21.18 69.51
CA LEU A 382 -55.54 20.37 69.63
C LEU A 382 -55.91 18.89 69.68
N ARG A 383 -55.14 18.08 68.95
CA ARG A 383 -55.41 16.64 68.88
C ARG A 383 -54.82 15.84 70.03
N HIS A 384 -54.13 16.47 70.98
CA HIS A 384 -53.45 15.76 72.05
C HIS A 384 -53.83 16.37 73.37
N LYS A 385 -53.58 15.61 74.44
CA LYS A 385 -53.69 16.08 75.80
C LYS A 385 -52.32 15.99 76.47
N GLN A 386 -52.16 16.72 77.56
CA GLN A 386 -50.84 16.82 78.16
C GLN A 386 -50.28 15.48 78.62
N ALA A 387 -51.14 14.54 79.02
CA ALA A 387 -50.65 13.26 79.51
C ALA A 387 -49.95 12.44 78.43
N ASP A 388 -50.14 12.78 77.16
CA ASP A 388 -49.57 12.03 76.05
C ASP A 388 -48.27 12.62 75.54
N ILE A 389 -47.75 13.65 76.19
CA ILE A 389 -46.54 14.34 75.76
C ILE A 389 -45.41 13.86 76.67
N ARG A 390 -44.41 13.22 76.08
CA ARG A 390 -43.33 12.62 76.84
C ARG A 390 -42.05 12.70 76.04
N ILE A 391 -40.96 12.29 76.67
CA ILE A 391 -39.63 12.29 76.05
C ILE A 391 -39.39 10.88 75.55
N ASN A 392 -39.48 10.69 74.24
CA ASN A 392 -39.13 9.41 73.65
C ASN A 392 -37.69 9.40 73.13
N GLY A 393 -36.72 9.42 74.04
CA GLY A 393 -35.36 9.50 73.56
C GLY A 393 -34.72 10.87 73.63
N TRP A 394 -33.59 11.01 72.96
CA TRP A 394 -32.83 12.25 73.00
C TRP A 394 -32.53 12.76 71.60
N ALA A 395 -32.52 14.07 71.43
CA ALA A 395 -32.25 14.65 70.13
C ALA A 395 -31.40 15.90 70.27
N VAL A 396 -30.41 16.04 69.39
CA VAL A 396 -29.50 17.18 69.40
C VAL A 396 -29.45 17.74 67.98
N GLU A 397 -29.36 19.07 67.86
CA GLU A 397 -29.37 19.72 66.56
C GLU A 397 -28.22 20.67 66.43
N CYS A 398 -27.62 20.69 65.25
CA CYS A 398 -26.51 21.58 64.92
C CYS A 398 -26.83 22.37 63.66
N ARG A 399 -26.60 23.67 63.72
CA ARG A 399 -26.84 24.55 62.57
C ARG A 399 -25.54 24.69 61.80
N VAL A 400 -25.59 24.46 60.50
CA VAL A 400 -24.41 24.58 59.65
C VAL A 400 -24.58 25.82 58.79
N TYR A 401 -23.62 26.72 58.90
CA TYR A 401 -23.56 28.02 58.24
C TYR A 401 -22.41 28.04 57.25
N ALA A 402 -22.55 28.85 56.21
CA ALA A 402 -21.45 29.11 55.29
C ALA A 402 -20.55 30.22 55.83
N GLU A 403 -19.82 29.90 56.90
CA GLU A 403 -19.06 30.89 57.65
C GLU A 403 -17.70 30.32 58.01
N ASP A 404 -16.73 31.21 58.14
CA ASP A 404 -15.39 30.83 58.58
C ASP A 404 -15.36 30.90 60.10
N PRO A 405 -15.26 29.77 60.80
CA PRO A 405 -15.25 29.82 62.27
C PRO A 405 -13.99 30.43 62.86
N TYR A 406 -12.93 30.61 62.08
CA TYR A 406 -11.71 31.15 62.65
C TYR A 406 -11.76 32.66 62.79
N LYS A 407 -12.51 33.33 61.92
CA LYS A 407 -12.50 34.79 61.83
C LYS A 407 -13.55 35.35 62.77
N SER A 408 -13.18 35.38 64.06
CA SER A 408 -14.04 35.86 65.16
C SER A 408 -15.36 35.10 65.25
N PHE A 409 -15.28 33.77 65.10
CA PHE A 409 -16.40 32.83 65.24
C PHE A 409 -17.52 33.15 64.26
N GLY A 410 -17.27 32.85 62.99
CA GLY A 410 -18.33 32.86 62.01
C GLY A 410 -18.43 34.07 61.10
N LEU A 411 -17.40 34.31 60.29
CA LEU A 411 -17.46 35.39 59.32
C LEU A 411 -18.02 34.87 57.99
N PRO A 412 -19.10 35.47 57.48
CA PRO A 412 -19.73 34.93 56.26
C PRO A 412 -18.80 34.80 55.08
N SER A 413 -18.95 33.69 54.37
CA SER A 413 -18.28 33.42 53.12
C SER A 413 -19.25 33.57 51.96
N ILE A 414 -18.72 33.76 50.76
CA ILE A 414 -19.54 33.91 49.57
C ILE A 414 -19.10 32.88 48.56
N GLY A 415 -20.04 32.19 47.97
CA GLY A 415 -19.70 31.20 46.98
C GLY A 415 -20.79 30.29 46.50
N ARG A 416 -20.34 29.41 45.61
CA ARG A 416 -21.17 28.41 44.94
C ARG A 416 -20.75 27.02 45.35
N LEU A 417 -21.74 26.16 45.49
CA LEU A 417 -21.60 24.78 45.80
C LEU A 417 -21.56 23.80 44.70
N SER A 418 -20.35 23.25 44.66
CA SER A 418 -19.80 22.23 43.79
C SER A 418 -19.89 20.81 44.22
N GLN A 419 -19.91 20.55 45.51
CA GLN A 419 -20.25 19.18 45.90
C GLN A 419 -21.10 19.23 47.15
N TYR A 420 -22.12 18.40 47.22
CA TYR A 420 -23.02 18.45 48.35
C TYR A 420 -23.67 17.09 48.51
N GLN A 421 -23.53 16.51 49.70
CA GLN A 421 -24.06 15.18 49.95
C GLN A 421 -24.42 15.08 51.41
N GLU A 422 -25.67 14.86 51.69
CA GLU A 422 -26.21 14.82 53.03
C GLU A 422 -26.09 13.43 53.63
N PRO A 423 -25.75 13.32 54.91
CA PRO A 423 -25.58 11.97 55.50
C PRO A 423 -26.91 11.26 55.83
N LEU A 424 -27.67 10.91 54.81
CA LEU A 424 -28.97 10.32 55.04
C LEU A 424 -28.96 8.79 55.07
N HIS A 425 -27.80 8.18 54.90
CA HIS A 425 -27.69 6.74 54.99
C HIS A 425 -27.43 6.26 56.40
N LEU A 426 -27.16 7.17 57.34
CA LEU A 426 -26.80 6.81 58.69
C LEU A 426 -28.06 6.71 59.54
N PRO A 427 -28.08 5.82 60.54
CA PRO A 427 -29.24 5.73 61.42
C PRO A 427 -29.42 6.95 62.31
N GLY A 428 -30.67 7.33 62.52
CA GLY A 428 -31.04 8.38 63.45
C GLY A 428 -30.72 9.79 63.01
N VAL A 429 -30.55 10.01 61.71
CA VAL A 429 -30.11 11.30 61.18
C VAL A 429 -31.20 11.86 60.28
N ARG A 430 -31.52 13.14 60.48
CA ARG A 430 -32.52 13.88 59.71
C ARG A 430 -31.90 15.21 59.29
N VAL A 431 -31.81 15.49 58.00
CA VAL A 431 -31.19 16.70 57.50
C VAL A 431 -32.27 17.57 56.90
N ASP A 432 -32.42 18.80 57.39
CA ASP A 432 -33.44 19.70 56.86
C ASP A 432 -32.72 20.84 56.16
N SER A 433 -32.73 20.80 54.84
CA SER A 433 -31.93 21.72 54.04
C SER A 433 -32.80 22.37 52.99
N GLY A 434 -32.48 23.62 52.68
CA GLY A 434 -33.12 24.32 51.61
C GLY A 434 -32.28 24.48 50.36
N ILE A 435 -31.17 23.77 50.24
CA ILE A 435 -30.27 23.95 49.12
C ILE A 435 -30.09 22.63 48.39
N GLN A 436 -29.59 22.74 47.17
CA GLN A 436 -29.29 21.61 46.31
C GLN A 436 -27.97 21.93 45.63
N PRO A 437 -27.24 20.96 45.08
CA PRO A 437 -26.00 21.30 44.38
C PRO A 437 -26.27 22.34 43.31
N GLY A 438 -25.37 23.31 43.22
CA GLY A 438 -25.51 24.29 42.17
C GLY A 438 -26.29 25.44 42.70
N SER A 439 -26.26 25.56 44.02
CA SER A 439 -26.88 26.66 44.70
C SER A 439 -25.79 27.60 45.07
N ASP A 440 -26.15 28.86 45.07
CA ASP A 440 -25.28 29.95 45.46
C ASP A 440 -25.72 30.43 46.83
N ILE A 441 -24.75 30.89 47.61
CA ILE A 441 -24.99 31.53 48.88
C ILE A 441 -24.45 32.95 48.83
N SER A 442 -25.28 33.93 49.16
CA SER A 442 -24.85 35.31 49.00
C SER A 442 -25.09 36.25 50.14
N ILE A 443 -24.57 37.46 49.98
CA ILE A 443 -24.60 38.41 51.08
C ILE A 443 -26.00 38.88 51.44
N TYR A 444 -27.01 38.59 50.61
CA TYR A 444 -28.34 39.12 50.87
C TYR A 444 -29.09 38.37 51.95
N TYR A 445 -28.69 37.17 52.29
CA TYR A 445 -29.45 36.29 53.17
C TYR A 445 -28.52 35.74 54.23
N ASP A 446 -29.08 35.40 55.37
CA ASP A 446 -28.31 34.69 56.38
C ASP A 446 -27.69 33.44 55.75
N PRO A 447 -26.39 33.31 55.80
CA PRO A 447 -25.74 32.17 55.15
C PRO A 447 -26.04 30.80 55.73
N MET A 448 -27.31 30.39 55.82
CA MET A 448 -27.60 29.03 56.31
C MET A 448 -27.39 28.00 55.21
N ILE A 449 -26.76 26.88 55.60
CA ILE A 449 -26.62 25.73 54.71
C ILE A 449 -27.64 24.66 55.05
N SER A 450 -27.69 24.23 56.31
CA SER A 450 -28.64 23.21 56.69
C SER A 450 -28.74 23.16 58.20
N LYS A 451 -29.74 22.43 58.68
CA LYS A 451 -29.81 22.05 60.08
C LYS A 451 -29.75 20.53 60.17
N LEU A 452 -28.78 20.04 60.91
CA LEU A 452 -28.51 18.62 61.05
C LEU A 452 -29.09 18.16 62.38
N ILE A 453 -30.00 17.20 62.34
CA ILE A 453 -30.70 16.72 63.52
C ILE A 453 -30.38 15.25 63.71
N THR A 454 -29.95 14.90 64.91
CA THR A 454 -29.65 13.51 65.24
C THR A 454 -30.37 13.13 66.51
N TYR A 455 -30.95 11.94 66.53
CA TYR A 455 -31.65 11.45 67.71
C TYR A 455 -31.24 10.01 68.01
N GLY A 456 -31.44 9.63 69.26
CA GLY A 456 -31.11 8.30 69.72
C GLY A 456 -31.84 7.99 71.01
N SER A 457 -31.55 6.82 71.56
CA SER A 457 -32.29 6.36 72.73
C SER A 457 -31.73 6.95 74.01
N ASP A 458 -30.50 7.43 73.97
CA ASP A 458 -29.80 7.92 75.14
C ASP A 458 -28.93 9.09 74.74
N ARG A 459 -28.29 9.71 75.71
CA ARG A 459 -27.45 10.86 75.41
C ARG A 459 -26.17 10.54 74.66
N THR A 460 -25.59 9.37 74.92
CA THR A 460 -24.36 9.01 74.23
C THR A 460 -24.63 8.55 72.81
N GLU A 461 -25.77 7.91 72.57
CA GLU A 461 -26.06 7.43 71.22
C GLU A 461 -26.34 8.59 70.27
N ALA A 462 -27.13 9.57 70.72
CA ALA A 462 -27.40 10.74 69.90
C ALA A 462 -26.14 11.54 69.61
N LEU A 463 -25.24 11.67 70.59
CA LEU A 463 -24.01 12.42 70.34
C LEU A 463 -23.05 11.68 69.42
N LYS A 464 -22.94 10.37 69.58
CA LYS A 464 -22.06 9.60 68.70
C LYS A 464 -22.58 9.61 67.26
N ARG A 465 -23.89 9.47 67.10
CA ARG A 465 -24.48 9.53 65.77
C ARG A 465 -24.30 10.90 65.13
N MET A 466 -24.37 11.96 65.92
CA MET A 466 -24.10 13.30 65.43
C MET A 466 -22.66 13.44 64.94
N ALA A 467 -21.71 12.92 65.72
CA ALA A 467 -20.32 12.96 65.31
C ALA A 467 -20.13 12.25 63.98
N ASP A 468 -20.77 11.11 63.80
CA ASP A 468 -20.67 10.39 62.53
C ASP A 468 -21.30 11.15 61.39
N ALA A 469 -22.46 11.77 61.61
CA ALA A 469 -23.11 12.50 60.52
C ALA A 469 -22.26 13.67 60.07
N LEU A 470 -21.60 14.35 60.99
CA LEU A 470 -20.78 15.49 60.60
C LEU A 470 -19.60 15.08 59.74
N ASP A 471 -19.01 13.91 60.00
CA ASP A 471 -17.85 13.51 59.20
C ASP A 471 -18.26 12.98 57.83
N ASN A 472 -19.49 12.53 57.69
CA ASN A 472 -20.02 12.05 56.41
C ASN A 472 -20.83 13.11 55.69
N TYR A 473 -20.69 14.37 56.09
CA TYR A 473 -21.49 15.44 55.52
C TYR A 473 -20.60 16.28 54.63
N VAL A 474 -20.85 16.22 53.32
CA VAL A 474 -19.96 16.79 52.33
C VAL A 474 -20.48 18.17 51.95
N ILE A 475 -19.70 19.21 52.25
CA ILE A 475 -19.95 20.57 51.82
C ILE A 475 -18.67 21.09 51.21
N ARG A 476 -18.69 21.43 49.92
CA ARG A 476 -17.52 21.95 49.24
C ARG A 476 -17.95 23.04 48.28
N GLY A 477 -17.19 24.13 48.25
CA GLY A 477 -17.50 25.27 47.41
C GLY A 477 -17.57 26.53 48.22
N VAL A 478 -17.87 26.38 49.51
CA VAL A 478 -17.91 27.48 50.47
C VAL A 478 -17.14 27.07 51.70
N THR A 479 -16.87 28.02 52.59
CA THR A 479 -16.33 27.75 53.90
C THR A 479 -17.45 27.51 54.89
N HIS A 480 -17.36 26.43 55.63
CA HIS A 480 -18.40 26.01 56.55
C HIS A 480 -17.85 25.91 57.96
N ASN A 481 -18.73 25.57 58.91
CA ASN A 481 -18.38 25.58 60.32
C ASN A 481 -18.41 24.18 60.93
N ILE A 482 -18.22 23.15 60.12
CA ILE A 482 -18.27 21.78 60.63
C ILE A 482 -17.18 21.52 61.65
N ALA A 483 -15.98 22.06 61.44
CA ALA A 483 -14.90 21.82 62.39
C ALA A 483 -15.28 22.27 63.79
N LEU A 484 -16.00 23.39 63.90
CA LEU A 484 -16.40 23.90 65.19
C LEU A 484 -17.46 23.01 65.82
N LEU A 485 -18.45 22.59 65.03
CA LEU A 485 -19.51 21.73 65.55
C LEU A 485 -18.96 20.38 65.98
N ARG A 486 -18.03 19.82 65.21
CA ARG A 486 -17.47 18.50 65.49
C ARG A 486 -16.63 18.52 66.76
N GLU A 487 -15.93 19.61 67.03
CA GLU A 487 -15.20 19.65 68.29
C GLU A 487 -16.08 19.98 69.48
N VAL A 488 -17.06 20.88 69.36
CA VAL A 488 -17.81 21.19 70.57
C VAL A 488 -18.55 19.97 71.10
N ILE A 489 -19.18 19.18 70.23
CA ILE A 489 -20.03 18.10 70.72
C ILE A 489 -19.21 17.03 71.44
N ILE A 490 -17.89 17.02 71.26
CA ILE A 490 -17.06 15.99 71.87
C ILE A 490 -16.29 16.55 73.05
N ASN A 491 -16.53 17.82 73.38
CA ASN A 491 -15.87 18.45 74.51
C ASN A 491 -16.34 17.84 75.82
N SER A 492 -15.39 17.60 76.73
CA SER A 492 -15.71 16.93 77.97
C SER A 492 -16.75 17.68 78.78
N ARG A 493 -16.78 19.02 78.69
CA ARG A 493 -17.80 19.78 79.41
C ARG A 493 -19.16 19.63 78.77
N PHE A 494 -19.19 19.51 77.44
CA PHE A 494 -20.46 19.33 76.74
C PHE A 494 -21.06 17.95 77.01
N VAL A 495 -20.23 16.92 76.98
CA VAL A 495 -20.73 15.58 77.25
C VAL A 495 -21.22 15.47 78.69
N LYS A 496 -20.49 16.04 79.64
CA LYS A 496 -20.97 16.05 81.01
C LYS A 496 -22.13 17.02 81.21
N GLY A 497 -22.15 18.11 80.45
CA GLY A 497 -23.23 19.07 80.57
C GLY A 497 -22.92 20.36 81.29
N ASP A 498 -21.64 20.66 81.56
CA ASP A 498 -21.30 21.89 82.28
C ASP A 498 -21.21 23.04 81.28
N ILE A 499 -22.37 23.40 80.74
CA ILE A 499 -22.45 24.37 79.67
C ILE A 499 -23.22 25.58 80.17
N SER A 500 -22.63 26.75 79.94
CA SER A 500 -23.29 28.01 80.21
C SER A 500 -23.44 28.79 78.91
N THR A 501 -24.17 29.90 78.99
CA THR A 501 -24.48 30.65 77.79
C THR A 501 -23.23 31.33 77.24
N LYS A 502 -22.14 31.29 77.99
CA LYS A 502 -20.86 31.86 77.58
C LYS A 502 -19.81 30.78 77.41
N PHE A 503 -20.27 29.54 77.22
CA PHE A 503 -19.39 28.39 77.13
C PHE A 503 -18.26 28.63 76.14
N LEU A 504 -18.60 29.00 74.91
CA LEU A 504 -17.60 29.08 73.85
C LEU A 504 -16.59 30.18 74.12
N SER A 505 -16.99 31.22 74.84
CA SER A 505 -16.10 32.33 75.10
C SER A 505 -15.00 31.98 76.09
N ASP A 506 -15.24 31.03 76.99
CA ASP A 506 -14.24 30.54 77.93
C ASP A 506 -13.42 29.38 77.38
N VAL A 507 -14.01 28.55 76.51
CA VAL A 507 -13.23 27.48 75.91
C VAL A 507 -12.27 28.02 74.87
N TYR A 508 -12.68 29.03 74.09
CA TYR A 508 -11.87 29.57 73.00
C TYR A 508 -11.60 31.03 73.29
N PRO A 509 -10.81 31.34 74.32
CA PRO A 509 -10.60 32.75 74.68
C PRO A 509 -9.79 33.52 73.65
N ASP A 510 -9.04 32.84 72.81
CA ASP A 510 -8.22 33.46 71.78
C ASP A 510 -8.71 33.15 70.39
N GLY A 511 -9.96 32.71 70.24
CA GLY A 511 -10.51 32.36 68.96
C GLY A 511 -10.48 30.86 68.74
N PHE A 512 -11.15 30.43 67.67
CA PHE A 512 -11.20 29.03 67.30
C PHE A 512 -9.91 28.66 66.58
N LYS A 513 -9.27 27.56 67.01
CA LYS A 513 -8.02 27.14 66.40
C LYS A 513 -8.11 25.84 65.61
N GLY A 514 -9.19 25.03 65.73
CA GLY A 514 -9.30 23.74 65.08
C GLY A 514 -9.03 22.60 66.03
N HIS A 515 -9.35 21.41 65.55
CA HIS A 515 -9.20 20.21 66.37
C HIS A 515 -7.73 19.96 66.65
N MET A 516 -7.40 19.69 67.91
CA MET A 516 -6.03 19.42 68.32
C MET A 516 -5.82 17.93 68.40
N LEU A 517 -4.77 17.45 67.75
CA LEU A 517 -4.50 16.02 67.72
C LEU A 517 -3.61 15.60 68.87
N THR A 518 -3.88 14.41 69.40
CA THR A 518 -3.03 13.77 70.39
C THR A 518 -2.09 12.78 69.72
N LYS A 519 -1.28 12.09 70.51
CA LYS A 519 -0.24 11.26 69.93
C LYS A 519 -0.82 10.19 69.00
N SER A 520 -1.81 9.45 69.49
CA SER A 520 -2.40 8.36 68.71
C SER A 520 -3.14 8.88 67.50
N GLU A 521 -3.76 10.05 67.61
CA GLU A 521 -4.47 10.60 66.47
C GLU A 521 -3.51 11.09 65.40
N LYS A 522 -2.37 11.65 65.79
CA LYS A 522 -1.38 12.02 64.79
C LYS A 522 -0.85 10.81 64.06
N ASN A 523 -0.65 9.70 64.77
CA ASN A 523 -0.16 8.48 64.12
C ASN A 523 -1.19 7.94 63.14
N GLN A 524 -2.47 8.02 63.49
CA GLN A 524 -3.52 7.58 62.58
C GLN A 524 -3.63 8.48 61.36
N LEU A 525 -3.52 9.80 61.57
CA LEU A 525 -3.57 10.73 60.44
C LEU A 525 -2.38 10.54 59.52
N LEU A 526 -1.19 10.34 60.08
CA LEU A 526 -0.01 10.10 59.25
C LEU A 526 -0.11 8.80 58.49
N ALA A 527 -0.61 7.74 59.15
CA ALA A 527 -0.76 6.45 58.48
C ALA A 527 -1.80 6.48 57.37
N ILE A 528 -2.91 7.20 57.60
CA ILE A 528 -3.95 7.32 56.58
C ILE A 528 -3.46 8.13 55.39
N ALA A 529 -2.84 9.29 55.65
CA ALA A 529 -2.34 10.13 54.57
C ALA A 529 -1.25 9.43 53.76
N SER A 530 -0.39 8.66 54.44
CA SER A 530 0.67 7.96 53.74
C SER A 530 0.14 6.80 52.92
N SER A 531 -0.81 6.04 53.47
CA SER A 531 -1.39 4.95 52.72
C SER A 531 -2.21 5.46 51.54
N LEU A 532 -2.93 6.56 51.71
CA LEU A 532 -3.67 7.12 50.59
C LEU A 532 -2.74 7.63 49.50
N PHE A 533 -1.65 8.29 49.89
CA PHE A 533 -0.64 8.72 48.93
C PHE A 533 -0.16 7.56 48.07
N VAL A 534 0.21 6.44 48.70
CA VAL A 534 0.69 5.27 47.96
C VAL A 534 -0.42 4.69 47.10
N ALA A 535 -1.66 4.63 47.60
CA ALA A 535 -2.77 4.10 46.82
C ALA A 535 -2.90 4.82 45.48
N PHE A 536 -2.69 6.14 45.46
CA PHE A 536 -2.71 6.87 44.20
C PHE A 536 -1.51 6.53 43.35
N GLN A 537 -0.35 6.36 43.99
CA GLN A 537 0.85 6.01 43.26
C GLN A 537 0.75 4.63 42.62
N LEU A 538 0.03 3.71 43.25
CA LEU A 538 -0.14 2.39 42.65
C LEU A 538 -1.18 2.41 41.54
N ARG A 539 -2.28 3.12 41.75
CA ARG A 539 -3.29 3.25 40.69
C ARG A 539 -2.68 3.84 39.43
N ALA A 540 -1.76 4.80 39.57
CA ALA A 540 -1.12 5.40 38.42
C ALA A 540 -0.37 4.42 37.52
N GLN A 541 -0.04 3.23 38.00
CA GLN A 541 0.74 2.28 37.23
C GLN A 541 -0.08 1.23 36.52
N HIS A 542 -1.40 1.23 36.65
CA HIS A 542 -2.23 0.15 36.13
C HIS A 542 -2.82 0.59 34.80
N PHE A 543 -2.14 0.28 33.72
CA PHE A 543 -2.60 0.61 32.38
C PHE A 543 -3.14 -0.63 31.69
N GLN A 544 -3.99 -0.40 30.70
CA GLN A 544 -4.42 -1.48 29.84
C GLN A 544 -3.14 -1.82 29.12
N GLU A 545 -2.88 -3.10 28.90
CA GLU A 545 -1.61 -3.53 28.32
C GLU A 545 -1.57 -3.15 26.86
N ASN A 546 -0.47 -2.55 26.43
CA ASN A 546 -0.28 -2.26 25.02
C ASN A 546 0.58 -3.35 24.39
N SER A 547 -0.01 -4.08 23.47
CA SER A 547 0.66 -5.24 22.92
C SER A 547 1.93 -4.86 22.16
N ARG A 548 2.09 -3.59 21.80
CA ARG A 548 3.28 -3.19 21.09
C ARG A 548 4.40 -2.82 22.04
N MET A 549 4.05 -2.29 23.21
CA MET A 549 5.03 -1.72 24.14
C MET A 549 4.75 -2.26 25.54
N PRO A 550 5.31 -3.42 25.90
CA PRO A 550 5.00 -4.02 27.20
C PRO A 550 5.32 -3.07 28.35
N VAL A 551 4.44 -3.05 29.35
CA VAL A 551 4.59 -2.20 30.52
C VAL A 551 4.92 -3.08 31.72
N ILE A 552 5.99 -2.76 32.43
CA ILE A 552 6.47 -3.59 33.53
C ILE A 552 6.30 -2.81 34.83
N LYS A 553 5.42 -3.30 35.70
CA LYS A 553 5.13 -2.62 36.95
C LYS A 553 6.34 -2.66 37.88
N PRO A 554 6.85 -1.52 38.33
CA PRO A 554 8.03 -1.52 39.20
C PRO A 554 7.75 -2.33 40.46
N ASP A 555 8.71 -3.16 40.86
CA ASP A 555 8.58 -4.01 42.04
C ASP A 555 8.99 -3.20 43.27
N ILE A 556 8.07 -2.37 43.74
CA ILE A 556 8.32 -1.51 44.89
C ILE A 556 7.78 -2.19 46.14
N ALA A 557 8.67 -2.77 46.95
CA ALA A 557 8.24 -3.48 48.14
C ALA A 557 7.96 -2.51 49.28
N ASN A 558 8.67 -1.39 49.32
CA ASN A 558 8.53 -0.44 50.41
C ASN A 558 8.54 0.99 49.87
N TRP A 559 7.65 1.79 50.44
CA TRP A 559 7.55 3.21 50.12
C TRP A 559 8.14 3.98 51.29
N GLU A 560 9.24 4.66 51.07
CA GLU A 560 9.89 5.43 52.12
C GLU A 560 9.53 6.89 51.93
N LEU A 561 8.75 7.42 52.86
CA LEU A 561 8.19 8.75 52.73
C LEU A 561 8.69 9.66 53.85
N SER A 562 8.76 10.94 53.52
CA SER A 562 9.01 12.00 54.47
C SER A 562 7.75 12.86 54.53
N VAL A 563 7.05 12.82 55.64
CA VAL A 563 5.73 13.40 55.72
C VAL A 563 5.78 14.61 56.62
N LYS A 564 5.61 15.78 56.05
CA LYS A 564 5.70 17.02 56.79
C LYS A 564 4.29 17.46 57.14
N LEU A 565 4.07 17.75 58.41
CA LEU A 565 2.81 18.29 58.91
C LEU A 565 3.08 19.77 59.14
N HIS A 566 2.54 20.30 60.24
CA HIS A 566 2.66 21.69 60.57
C HIS A 566 4.10 22.10 60.60
N ASP A 567 4.79 21.73 61.68
CA ASP A 567 6.19 22.13 61.76
C ASP A 567 7.09 20.94 62.04
N LYS A 568 6.63 19.72 61.85
CA LYS A 568 7.40 18.54 62.15
C LYS A 568 7.50 17.69 60.89
N VAL A 569 8.61 16.98 60.75
CA VAL A 569 8.78 16.04 59.65
C VAL A 569 8.89 14.65 60.24
N HIS A 570 7.99 13.76 59.82
CA HIS A 570 7.93 12.41 60.34
C HIS A 570 8.46 11.42 59.33
N THR A 571 9.03 10.33 59.83
CA THR A 571 9.56 9.26 59.00
C THR A 571 8.55 8.13 58.94
N VAL A 572 8.07 7.83 57.74
CA VAL A 572 7.01 6.85 57.54
C VAL A 572 7.47 5.89 56.46
N VAL A 573 7.33 4.59 56.73
CA VAL A 573 7.62 3.56 55.74
C VAL A 573 6.38 2.69 55.61
N ALA A 574 5.89 2.53 54.39
CA ALA A 574 4.67 1.78 54.14
C ALA A 574 4.96 0.65 53.17
N SER A 575 4.19 -0.42 53.30
CA SER A 575 4.19 -1.50 52.34
C SER A 575 2.76 -1.96 52.11
N ASN A 576 2.49 -2.45 50.91
CA ASN A 576 1.17 -2.92 50.51
C ASN A 576 1.06 -4.42 50.68
N ASN A 577 -0.02 -4.88 51.29
CA ASN A 577 -0.34 -6.30 51.36
C ASN A 577 -1.74 -6.55 50.82
N GLY A 578 -2.06 -5.90 49.72
CA GLY A 578 -3.39 -6.03 49.15
C GLY A 578 -4.24 -4.85 49.55
N SER A 579 -5.32 -5.12 50.27
CA SER A 579 -6.25 -4.08 50.68
C SER A 579 -5.77 -3.34 51.92
N VAL A 580 -4.73 -3.82 52.57
CA VAL A 580 -4.26 -3.23 53.81
C VAL A 580 -2.82 -2.76 53.63
N PHE A 581 -2.54 -1.56 54.09
CA PHE A 581 -1.19 -1.03 54.08
C PHE A 581 -0.63 -1.14 55.48
N SER A 582 0.56 -1.70 55.58
CA SER A 582 1.26 -1.76 56.85
C SER A 582 2.19 -0.56 56.92
N VAL A 583 1.95 0.34 57.86
CA VAL A 583 2.64 1.61 57.88
C VAL A 583 3.34 1.72 59.22
N GLU A 584 4.61 2.05 59.19
CA GLU A 584 5.37 2.32 60.39
C GLU A 584 5.55 3.82 60.49
N VAL A 585 4.99 4.42 61.53
CA VAL A 585 5.09 5.86 61.72
C VAL A 585 5.95 6.12 62.94
N ASP A 586 7.20 6.54 62.68
CA ASP A 586 8.24 6.76 63.68
C ASP A 586 8.36 5.60 64.67
N GLY A 587 8.29 4.37 64.18
CA GLY A 587 8.39 3.21 65.01
C GLY A 587 7.08 2.58 65.43
N SER A 588 5.97 3.26 65.27
CA SER A 588 4.65 2.75 65.63
C SER A 588 4.07 2.00 64.44
N LYS A 589 3.55 0.80 64.68
CA LYS A 589 2.96 -0.02 63.64
C LYS A 589 1.46 0.19 63.57
N LEU A 590 0.97 0.57 62.40
CA LEU A 590 -0.45 0.75 62.14
C LEU A 590 -0.81 -0.06 60.90
N ASN A 591 -2.04 -0.56 60.87
CA ASN A 591 -2.55 -1.28 59.70
C ASN A 591 -3.81 -0.59 59.22
N VAL A 592 -3.75 -0.04 58.01
CA VAL A 592 -4.86 0.72 57.45
C VAL A 592 -5.53 -0.13 56.38
N THR A 593 -6.77 -0.54 56.64
CA THR A 593 -7.50 -1.41 55.73
C THR A 593 -8.63 -0.62 55.13
N SER A 594 -8.82 -0.76 53.82
CA SER A 594 -9.91 -0.10 53.14
C SER A 594 -10.15 -0.76 51.80
N THR A 595 -11.20 -0.33 51.12
CA THR A 595 -11.39 -0.68 49.72
C THR A 595 -10.70 0.27 48.77
N TRP A 596 -10.31 1.45 49.26
CA TRP A 596 -9.54 2.46 48.53
C TRP A 596 -10.18 2.82 47.18
N ASN A 597 -11.47 3.13 47.22
CA ASN A 597 -12.13 3.73 46.08
C ASN A 597 -11.77 5.19 46.05
N LEU A 598 -10.94 5.57 45.09
CA LEU A 598 -10.29 6.86 45.07
C LEU A 598 -11.14 7.97 44.46
N ALA A 599 -12.33 7.67 43.97
CA ALA A 599 -13.17 8.69 43.36
C ALA A 599 -14.23 9.22 44.31
N SER A 600 -14.57 8.45 45.34
CA SER A 600 -15.67 8.83 46.21
C SER A 600 -15.27 10.01 47.09
N PRO A 601 -16.20 10.93 47.36
CA PRO A 601 -15.89 12.01 48.30
C PRO A 601 -15.71 11.54 49.73
N LEU A 602 -16.20 10.36 50.07
CA LEU A 602 -16.08 9.84 51.43
C LEU A 602 -15.28 8.57 51.40
N LEU A 603 -14.11 8.58 52.03
CA LEU A 603 -13.29 7.38 52.07
C LEU A 603 -13.32 6.79 53.45
N SER A 604 -13.78 5.56 53.55
CA SER A 604 -13.91 4.86 54.82
C SER A 604 -12.70 3.96 55.01
N VAL A 605 -12.00 4.14 56.12
CA VAL A 605 -10.81 3.37 56.41
C VAL A 605 -10.94 2.81 57.82
N SER A 606 -10.20 1.73 58.08
CA SER A 606 -10.12 1.13 59.41
C SER A 606 -8.65 1.07 59.77
N VAL A 607 -8.30 1.76 60.85
CA VAL A 607 -6.91 1.84 61.29
C VAL A 607 -6.78 1.16 62.65
N ASP A 608 -6.17 -0.03 62.64
CA ASP A 608 -6.01 -0.91 63.82
C ASP A 608 -7.32 -1.15 64.55
N GLY A 609 -8.38 -1.34 63.79
CA GLY A 609 -9.67 -1.64 64.37
C GLY A 609 -10.50 -0.41 64.62
N THR A 610 -9.89 0.76 64.48
CA THR A 610 -10.59 2.03 64.70
C THR A 610 -11.21 2.49 63.39
N GLN A 611 -12.51 2.72 63.39
CA GLN A 611 -13.21 3.11 62.16
C GLN A 611 -13.15 4.63 62.00
N ARG A 612 -12.61 5.08 60.86
CA ARG A 612 -12.51 6.49 60.56
C ARG A 612 -13.13 6.77 59.21
N THR A 613 -13.66 7.97 59.05
CA THR A 613 -14.07 8.52 57.77
C THR A 613 -13.26 9.77 57.51
N VAL A 614 -12.65 9.84 56.33
CA VAL A 614 -11.82 10.98 55.96
C VAL A 614 -12.27 11.47 54.59
N GLN A 615 -11.92 12.71 54.28
CA GLN A 615 -12.18 13.28 52.97
C GLN A 615 -10.88 13.84 52.41
N CYS A 616 -10.56 13.52 51.17
CA CYS A 616 -9.42 14.13 50.50
C CYS A 616 -9.93 15.27 49.63
N LEU A 617 -9.53 16.50 49.93
CA LEU A 617 -10.16 17.64 49.29
C LEU A 617 -9.39 18.09 48.07
N SER A 618 -8.09 17.93 48.08
CA SER A 618 -7.22 18.34 47.00
C SER A 618 -5.95 17.53 47.02
N ARG A 619 -5.31 17.41 45.86
CA ARG A 619 -4.04 16.72 45.75
C ARG A 619 -3.17 17.48 44.77
N GLU A 620 -1.87 17.54 45.04
CA GLU A 620 -0.94 18.09 44.08
C GLU A 620 0.16 17.10 43.79
N ALA A 621 0.73 17.22 42.60
CA ALA A 621 1.85 16.38 42.23
C ALA A 621 3.06 16.59 43.12
N GLY A 622 3.19 17.76 43.73
CA GLY A 622 4.33 18.07 44.56
C GLY A 622 4.29 17.46 45.95
N GLY A 623 3.27 16.66 46.23
CA GLY A 623 3.12 15.96 47.48
C GLY A 623 2.12 16.59 48.42
N ASN A 624 1.65 17.80 48.12
CA ASN A 624 0.68 18.47 48.96
C ASN A 624 -0.66 17.76 48.90
N MET A 625 -1.23 17.48 50.05
CA MET A 625 -2.55 16.90 50.10
C MET A 625 -3.35 17.65 51.15
N SER A 626 -4.63 17.88 50.90
CA SER A 626 -5.52 18.45 51.90
C SER A 626 -6.50 17.38 52.33
N ILE A 627 -6.42 16.97 53.59
CA ILE A 627 -7.20 15.86 54.10
C ILE A 627 -8.00 16.36 55.29
N GLN A 628 -9.29 16.09 55.30
CA GLN A 628 -10.11 16.47 56.42
C GLN A 628 -10.21 15.27 57.33
N PHE A 629 -9.81 15.46 58.58
CA PHE A 629 -9.72 14.43 59.60
C PHE A 629 -10.38 14.99 60.84
N LEU A 630 -11.45 14.32 61.29
CA LEU A 630 -12.28 14.73 62.42
C LEU A 630 -12.81 16.15 62.27
N GLY A 631 -13.19 16.51 61.04
CA GLY A 631 -13.73 17.81 60.79
C GLY A 631 -12.74 18.89 60.47
N THR A 632 -11.45 18.70 60.75
CA THR A 632 -10.47 19.75 60.56
C THR A 632 -9.61 19.44 59.34
N VAL A 633 -9.35 20.42 58.54
CA VAL A 633 -8.53 20.19 57.36
C VAL A 633 -7.07 20.37 57.75
N TYR A 634 -6.28 19.35 57.47
CA TYR A 634 -4.85 19.36 57.76
C TYR A 634 -4.11 19.37 56.44
N LYS A 635 -3.02 20.11 56.41
CA LYS A 635 -2.19 20.20 55.21
C LYS A 635 -0.97 19.31 55.40
N VAL A 636 -0.79 18.34 54.51
CA VAL A 636 0.36 17.48 54.63
C VAL A 636 1.10 17.45 53.30
N ASN A 637 2.43 17.48 53.37
CA ASN A 637 3.27 17.45 52.18
C ASN A 637 4.04 16.14 52.25
N ILE A 638 3.74 15.23 51.34
CA ILE A 638 4.37 13.92 51.32
C ILE A 638 5.34 13.85 50.18
N LEU A 639 6.62 13.74 50.50
CA LEU A 639 7.65 13.55 49.50
C LEU A 639 8.24 12.18 49.66
N THR A 640 8.81 11.67 48.58
CA THR A 640 9.57 10.44 48.69
C THR A 640 10.90 10.76 49.36
N ARG A 641 11.55 9.73 49.89
CA ARG A 641 12.83 9.93 50.54
C ARG A 641 13.78 10.76 49.67
N LEU A 642 13.86 10.41 48.38
CA LEU A 642 14.82 11.07 47.49
C LEU A 642 14.45 12.53 47.27
N ALA A 643 13.17 12.80 47.02
CA ALA A 643 12.72 14.18 46.81
C ALA A 643 12.94 15.02 48.04
N ALA A 644 12.68 14.46 49.23
CA ALA A 644 12.89 15.22 50.46
C ALA A 644 14.37 15.48 50.71
N GLU A 645 15.23 14.51 50.42
CA GLU A 645 16.65 14.77 50.64
C GLU A 645 17.22 15.84 49.71
N LEU A 646 16.79 15.87 48.45
CA LEU A 646 17.29 16.88 47.53
C LEU A 646 16.59 18.21 47.66
N ASN A 647 15.34 18.23 48.11
CA ASN A 647 14.60 19.47 48.23
C ASN A 647 15.25 20.47 49.16
N LYS A 648 16.14 20.03 50.05
CA LYS A 648 16.83 20.94 50.97
C LYS A 648 17.73 21.91 50.23
N PHE A 649 18.03 21.64 48.96
CA PHE A 649 18.92 22.50 48.20
C PHE A 649 18.19 23.63 47.51
N MET A 650 16.88 23.71 47.67
CA MET A 650 16.10 24.73 46.99
C MET A 650 16.15 26.02 47.80
N LEU A 651 16.14 27.15 47.12
CA LEU A 651 16.19 28.42 47.81
C LEU A 651 14.81 28.77 48.33
N GLU A 652 14.75 29.21 49.57
CA GLU A 652 13.47 29.52 50.22
C GLU A 652 13.10 30.94 49.86
N LYS A 653 12.72 31.15 48.60
CA LYS A 653 12.27 32.47 48.19
C LYS A 653 10.84 32.70 48.68
N VAL A 654 10.60 33.92 49.18
CA VAL A 654 9.28 34.30 49.64
C VAL A 654 8.77 35.53 48.89
N THR A 655 7.55 35.43 48.38
CA THR A 655 6.93 36.54 47.66
C THR A 655 5.93 37.27 48.56
N GLU A 656 5.47 38.45 48.13
CA GLU A 656 4.53 39.23 48.92
C GLU A 656 3.08 38.89 48.60
N ASP A 657 2.26 38.81 49.65
CA ASP A 657 0.83 38.59 49.50
C ASP A 657 0.18 39.97 49.39
N THR A 658 -0.33 40.30 48.20
CA THR A 658 -0.86 41.64 47.93
C THR A 658 -2.34 41.48 47.66
N SER A 659 -3.01 40.74 48.52
CA SER A 659 -4.43 40.47 48.37
C SER A 659 -5.29 41.65 48.76
N SER A 660 -4.71 42.69 49.34
CA SER A 660 -5.45 43.89 49.66
C SER A 660 -5.53 44.86 48.48
N VAL A 661 -4.80 44.60 47.40
CA VAL A 661 -4.73 45.54 46.29
C VAL A 661 -5.55 44.99 45.13
N LEU A 662 -6.72 45.57 44.89
CA LEU A 662 -7.69 45.05 43.94
C LEU A 662 -7.61 45.90 42.67
N ARG A 663 -7.19 45.28 41.58
CA ARG A 663 -6.95 46.00 40.33
C ARG A 663 -7.91 45.48 39.27
N SER A 664 -8.14 46.30 38.25
CA SER A 664 -9.06 45.95 37.17
C SER A 664 -8.46 44.85 36.31
N PRO A 665 -9.16 43.73 36.13
CA PRO A 665 -8.64 42.66 35.28
C PRO A 665 -8.89 42.89 33.81
N MET A 666 -9.64 43.93 33.46
CA MET A 666 -10.17 44.11 32.12
C MET A 666 -10.54 45.57 31.93
N PRO A 667 -10.16 46.18 30.81
CA PRO A 667 -10.51 47.57 30.55
C PRO A 667 -12.01 47.73 30.31
N GLY A 668 -12.51 48.93 30.64
CA GLY A 668 -13.92 49.23 30.47
C GLY A 668 -14.41 50.30 31.42
N VAL A 669 -15.73 50.49 31.47
CA VAL A 669 -16.30 51.52 32.34
C VAL A 669 -16.85 50.89 33.61
N VAL A 670 -16.56 51.52 34.74
CA VAL A 670 -17.05 51.10 36.06
C VAL A 670 -18.52 51.49 36.19
N VAL A 671 -19.38 50.49 36.40
CA VAL A 671 -20.82 50.70 36.46
C VAL A 671 -21.36 50.56 37.89
N ALA A 672 -20.65 49.85 38.76
CA ALA A 672 -21.08 49.74 40.16
C ALA A 672 -19.88 49.57 41.07
N VAL A 673 -19.95 50.17 42.26
CA VAL A 673 -19.03 49.86 43.36
C VAL A 673 -19.88 49.58 44.58
N SER A 674 -19.68 48.41 45.18
CA SER A 674 -20.58 47.96 46.25
C SER A 674 -20.21 48.57 47.59
N VAL A 675 -19.04 49.21 47.58
CA VAL A 675 -18.40 49.73 48.76
C VAL A 675 -17.95 51.20 48.71
N LYS A 676 -17.77 51.67 49.93
CA LYS A 676 -17.13 52.88 50.42
C LYS A 676 -16.16 52.54 51.54
N PRO A 677 -15.16 53.40 51.85
CA PRO A 677 -14.25 53.10 52.96
C PRO A 677 -14.96 52.79 54.27
N GLY A 678 -14.53 51.74 54.95
CA GLY A 678 -15.15 51.31 56.18
C GLY A 678 -16.13 50.18 56.01
N ASP A 679 -16.56 49.91 54.78
CA ASP A 679 -17.49 48.82 54.51
C ASP A 679 -16.79 47.49 54.78
N ALA A 680 -17.54 46.54 55.32
CA ALA A 680 -17.04 45.19 55.54
C ALA A 680 -16.91 44.48 54.21
N VAL A 681 -15.88 43.64 54.10
CA VAL A 681 -15.64 42.84 52.91
C VAL A 681 -15.42 41.39 53.35
N ALA A 682 -16.16 40.48 52.72
CA ALA A 682 -15.94 39.05 52.86
C ALA A 682 -15.14 38.52 51.67
N GLU A 683 -14.49 37.38 51.89
CA GLU A 683 -13.79 36.68 50.82
C GLU A 683 -14.79 36.23 49.77
N GLY A 684 -14.52 36.57 48.51
CA GLY A 684 -15.42 36.28 47.42
C GLY A 684 -16.49 37.33 47.22
N GLN A 685 -16.48 38.39 48.01
CA GLN A 685 -17.49 39.44 47.95
C GLN A 685 -17.26 40.29 46.71
N GLU A 686 -18.34 40.56 45.98
CA GLU A 686 -18.26 41.48 44.86
C GLU A 686 -17.95 42.89 45.34
N ILE A 687 -16.98 43.52 44.69
CA ILE A 687 -16.56 44.86 45.06
C ILE A 687 -16.93 45.82 43.93
N CYS A 688 -16.45 45.52 42.73
CA CYS A 688 -16.64 46.40 41.59
C CYS A 688 -17.16 45.60 40.41
N VAL A 689 -17.92 46.27 39.55
CA VAL A 689 -18.34 45.71 38.28
C VAL A 689 -17.91 46.64 37.15
N ILE A 690 -17.21 46.06 36.17
CA ILE A 690 -16.75 46.80 35.01
C ILE A 690 -17.68 46.43 33.85
N GLU A 691 -17.77 47.28 32.84
CA GLU A 691 -18.65 46.98 31.71
C GLU A 691 -18.04 47.27 30.36
N ALA A 692 -17.60 46.22 29.67
CA ALA A 692 -17.02 46.36 28.34
C ALA A 692 -17.54 45.28 27.44
N MET A 693 -17.78 45.64 26.17
CA MET A 693 -18.41 44.80 25.16
C MET A 693 -19.74 44.25 25.70
N LYS A 694 -20.47 45.15 26.37
CA LYS A 694 -21.74 45.04 27.09
C LYS A 694 -21.84 43.71 27.84
N MET A 695 -20.92 43.56 28.79
CA MET A 695 -20.91 42.47 29.76
C MET A 695 -20.70 43.10 31.14
N GLN A 696 -20.71 42.25 32.17
CA GLN A 696 -20.54 42.74 33.53
C GLN A 696 -19.45 42.00 34.31
N ASN A 697 -18.19 42.19 33.91
CA ASN A 697 -17.09 41.55 34.59
C ASN A 697 -17.14 41.94 36.06
N SER A 698 -17.25 40.94 36.94
CA SER A 698 -17.35 41.22 38.36
C SER A 698 -15.99 40.96 39.04
N MET A 699 -15.51 41.96 39.77
CA MET A 699 -14.26 41.84 40.53
C MET A 699 -14.59 41.64 42.00
N THR A 700 -14.04 40.56 42.55
CA THR A 700 -14.30 40.19 43.94
C THR A 700 -13.05 40.36 44.79
N ALA A 701 -13.25 40.47 46.11
CA ALA A 701 -12.14 40.59 47.07
C ALA A 701 -11.54 39.23 47.37
N GLY A 702 -10.22 39.21 47.57
CA GLY A 702 -9.57 38.03 48.08
C GLY A 702 -9.19 38.09 49.55
N LYS A 703 -9.68 39.09 50.26
CA LYS A 703 -9.29 39.30 51.65
C LYS A 703 -10.49 39.73 52.46
N THR A 704 -10.58 39.23 53.68
CA THR A 704 -11.63 39.66 54.61
C THR A 704 -11.10 40.87 55.36
N GLY A 705 -11.96 41.84 55.58
CA GLY A 705 -11.58 43.06 56.28
C GLY A 705 -12.57 44.15 56.00
N THR A 706 -12.07 45.38 55.95
CA THR A 706 -12.86 46.55 55.61
C THR A 706 -12.13 47.29 54.49
N VAL A 707 -12.85 48.15 53.78
CA VAL A 707 -12.22 48.91 52.70
C VAL A 707 -11.47 50.11 53.26
N LYS A 708 -10.25 50.32 52.77
CA LYS A 708 -9.46 51.47 53.20
C LYS A 708 -9.70 52.66 52.27
N SER A 709 -9.74 52.41 50.96
CA SER A 709 -9.96 53.47 49.99
C SER A 709 -10.59 52.90 48.74
N VAL A 710 -11.49 53.69 48.15
CA VAL A 710 -12.09 53.38 46.86
C VAL A 710 -11.49 54.36 45.87
N HIS A 711 -10.71 53.83 44.92
CA HIS A 711 -9.93 54.67 44.03
C HIS A 711 -10.65 55.01 42.73
N CYS A 712 -11.53 54.13 42.25
CA CYS A 712 -12.30 54.39 41.04
C CYS A 712 -13.78 54.32 41.36
N GLN A 713 -14.55 55.29 40.85
CA GLN A 713 -15.97 55.38 41.14
C GLN A 713 -16.77 54.99 39.89
N ALA A 714 -18.05 54.68 40.10
CA ALA A 714 -18.96 54.39 38.98
C ALA A 714 -19.00 55.59 38.03
N GLY A 715 -18.88 55.33 36.73
CA GLY A 715 -18.84 56.40 35.75
C GLY A 715 -17.44 56.68 35.24
N ASP A 716 -16.44 56.21 35.99
CA ASP A 716 -15.05 56.37 35.61
C ASP A 716 -14.69 55.32 34.57
N THR A 717 -13.70 55.61 33.72
CA THR A 717 -13.20 54.62 32.78
C THR A 717 -11.82 54.14 33.22
N VAL A 718 -11.62 52.82 33.22
CA VAL A 718 -10.37 52.27 33.74
C VAL A 718 -9.76 51.35 32.70
N GLY A 719 -8.45 51.16 32.76
CA GLY A 719 -7.75 50.22 31.92
C GLY A 719 -7.32 48.98 32.68
N GLU A 720 -6.58 48.13 31.97
CA GLU A 720 -6.08 46.90 32.57
C GLU A 720 -4.97 47.21 33.57
N GLY A 721 -5.13 46.68 34.79
CA GLY A 721 -4.15 46.91 35.83
C GLY A 721 -4.38 48.12 36.71
N ASP A 722 -5.34 48.99 36.38
CA ASP A 722 -5.62 50.15 37.20
C ASP A 722 -6.21 49.74 38.54
N LEU A 723 -5.85 50.51 39.57
CA LEU A 723 -6.29 50.23 40.93
C LEU A 723 -7.73 50.69 41.12
N LEU A 724 -8.58 49.78 41.58
CA LEU A 724 -9.97 50.09 41.83
C LEU A 724 -10.25 50.35 43.29
N VAL A 725 -9.87 49.43 44.18
CA VAL A 725 -10.17 49.52 45.60
C VAL A 725 -8.98 48.98 46.39
N GLU A 726 -8.71 49.58 47.54
CA GLU A 726 -7.64 49.13 48.41
C GLU A 726 -8.20 48.76 49.77
N LEU A 727 -7.90 47.54 50.22
CA LEU A 727 -8.41 47.02 51.47
C LEU A 727 -7.41 47.27 52.58
N GLU A 728 -7.90 47.22 53.81
CA GLU A 728 -7.04 47.23 54.99
C GLU A 728 -6.44 45.86 55.22
N THR B 33 49.24 0.19 36.23
CA THR B 33 47.80 0.43 36.28
C THR B 33 47.04 -0.51 35.36
N SER B 34 46.11 -1.27 35.92
CA SER B 34 45.32 -2.20 35.13
C SER B 34 44.21 -1.45 34.40
N VAL B 35 43.61 -2.12 33.41
CA VAL B 35 42.50 -1.52 32.70
C VAL B 35 41.29 -1.31 33.61
N ASN B 36 41.10 -2.21 34.58
CA ASN B 36 39.97 -2.09 35.50
C ASN B 36 40.11 -0.86 36.38
N GLU B 37 41.34 -0.50 36.75
CA GLU B 37 41.55 0.68 37.57
C GLU B 37 41.22 1.94 36.79
N ARG B 38 41.63 1.96 35.52
CA ARG B 38 41.37 3.10 34.67
C ARG B 38 39.87 3.27 34.43
N ILE B 39 39.18 2.16 34.27
CA ILE B 39 37.72 2.15 34.08
C ILE B 39 37.02 2.71 35.31
N GLU B 40 37.42 2.26 36.50
CA GLU B 40 36.84 2.75 37.74
C GLU B 40 37.10 4.25 37.92
N ASN B 41 38.29 4.71 37.56
CA ASN B 41 38.59 6.12 37.66
C ASN B 41 37.76 6.97 36.72
N LYS B 42 37.44 6.45 35.55
CA LYS B 42 36.61 7.17 34.60
C LYS B 42 35.14 7.21 35.06
N ARG B 43 34.69 6.14 35.72
CA ARG B 43 33.33 6.03 36.22
C ARG B 43 33.15 7.10 37.31
N ARG B 44 34.11 7.20 38.23
CA ARG B 44 34.06 8.19 39.31
C ARG B 44 34.07 9.61 38.78
N THR B 45 34.90 9.90 37.78
CA THR B 45 34.87 11.23 37.19
C THR B 45 33.57 11.50 36.43
N ALA B 46 33.05 10.53 35.68
CA ALA B 46 31.81 10.76 34.97
C ALA B 46 30.69 11.12 35.91
N LEU B 47 30.66 10.51 37.10
CA LEU B 47 29.63 10.85 38.07
C LEU B 47 29.83 12.25 38.64
N LEU B 48 31.08 12.64 38.90
CA LEU B 48 31.30 14.01 39.36
C LEU B 48 31.10 15.02 38.25
N GLY B 49 31.32 14.64 37.01
CA GLY B 49 31.13 15.57 35.90
C GLY B 49 32.14 16.70 35.92
N GLY B 50 31.66 17.92 36.17
CA GLY B 50 32.52 19.08 36.27
C GLY B 50 33.32 19.18 37.54
N GLY B 51 33.11 18.28 38.50
CA GLY B 51 33.85 18.31 39.74
C GLY B 51 32.99 18.75 40.91
N GLN B 52 33.43 18.34 42.10
CA GLN B 52 32.66 18.55 43.32
C GLN B 52 32.47 20.04 43.64
N ARG B 53 33.45 20.88 43.32
CA ARG B 53 33.33 22.31 43.62
C ARG B 53 32.28 22.96 42.74
N ARG B 54 32.16 22.50 41.50
CA ARG B 54 31.16 22.98 40.58
C ARG B 54 29.80 22.51 41.12
N ILE B 55 29.72 21.24 41.51
CA ILE B 55 28.48 20.68 42.06
C ILE B 55 28.05 21.48 43.29
N ASP B 56 28.99 21.80 44.17
CA ASP B 56 28.69 22.65 45.31
C ASP B 56 28.06 23.97 44.88
N ALA B 57 28.64 24.63 43.88
CA ALA B 57 28.05 25.87 43.37
C ALA B 57 26.67 25.63 42.77
N GLN B 58 26.49 24.50 42.09
CA GLN B 58 25.20 24.15 41.49
C GLN B 58 24.11 24.15 42.54
N HIS B 59 24.40 23.59 43.71
CA HIS B 59 23.44 23.58 44.81
C HIS B 59 23.26 24.94 45.46
N LYS B 60 24.35 25.71 45.56
CA LYS B 60 24.28 27.05 46.13
C LYS B 60 23.30 27.93 45.38
N ARG B 61 23.29 27.74 44.07
CA ARG B 61 22.40 28.47 43.19
C ARG B 61 20.99 27.94 43.20
N GLY B 62 20.74 26.88 43.97
CA GLY B 62 19.40 26.32 44.06
C GLY B 62 19.01 25.40 42.93
N LYS B 63 19.98 24.75 42.31
CA LYS B 63 19.75 23.87 41.17
C LYS B 63 20.24 22.47 41.52
N LEU B 64 19.62 21.47 40.92
CA LEU B 64 20.03 20.09 41.05
C LEU B 64 20.99 19.75 39.92
N THR B 65 21.78 18.70 40.09
CA THR B 65 22.62 18.35 38.97
C THR B 65 21.80 17.55 37.96
N ALA B 66 22.38 17.37 36.76
CA ALA B 66 21.75 16.61 35.69
C ALA B 66 21.43 15.19 36.08
N ARG B 67 22.32 14.54 36.83
CA ARG B 67 22.04 13.18 37.29
C ARG B 67 21.01 13.15 38.40
N GLU B 68 21.02 14.13 39.32
CA GLU B 68 20.00 14.14 40.35
C GLU B 68 18.62 14.36 39.75
N ARG B 69 18.52 15.20 38.72
CA ARG B 69 17.24 15.41 38.05
C ARG B 69 16.74 14.13 37.41
N ILE B 70 17.60 13.36 36.76
CA ILE B 70 17.09 12.11 36.21
C ILE B 70 16.62 11.15 37.28
N SER B 71 17.36 11.01 38.37
CA SER B 71 16.96 10.09 39.42
C SER B 71 15.56 10.40 39.94
N LEU B 72 15.23 11.69 40.04
CA LEU B 72 13.89 12.08 40.44
C LEU B 72 12.85 11.76 39.38
N LEU B 73 13.20 11.94 38.11
CA LEU B 73 12.20 11.84 37.05
C LEU B 73 11.76 10.41 36.81
N LEU B 74 12.70 9.48 36.76
CA LEU B 74 12.42 8.12 36.32
C LEU B 74 12.19 7.20 37.50
N ASP B 75 11.49 6.10 37.22
CA ASP B 75 11.29 5.06 38.21
C ASP B 75 12.64 4.63 38.79
N PRO B 76 12.72 4.47 40.11
CA PRO B 76 14.00 4.10 40.73
C PRO B 76 14.59 2.85 40.11
N GLY B 77 15.86 2.95 39.70
CA GLY B 77 16.58 1.81 39.22
C GLY B 77 16.34 1.48 37.76
N SER B 78 15.45 2.22 37.11
CA SER B 78 15.09 1.95 35.73
C SER B 78 16.03 2.58 34.71
N PHE B 79 16.89 3.49 35.13
CA PHE B 79 17.70 4.27 34.20
C PHE B 79 18.95 3.50 33.81
N VAL B 80 19.21 3.41 32.51
CA VAL B 80 20.44 2.82 31.99
C VAL B 80 21.16 3.87 31.16
N GLU B 81 22.37 4.21 31.59
CA GLU B 81 23.20 5.22 30.96
C GLU B 81 23.94 4.65 29.76
N SER B 82 23.99 5.43 28.68
CA SER B 82 24.68 5.04 27.47
C SER B 82 25.85 5.97 27.26
N ASP B 83 26.90 5.46 26.60
CA ASP B 83 28.06 6.23 26.12
C ASP B 83 28.68 7.08 27.24
N MET B 84 28.80 6.50 28.43
CA MET B 84 29.31 7.27 29.54
C MET B 84 30.79 7.59 29.38
N PHE B 85 31.50 6.85 28.52
CA PHE B 85 32.94 7.01 28.38
C PHE B 85 33.35 7.80 27.15
N VAL B 86 32.42 8.44 26.49
CA VAL B 86 32.74 9.19 25.29
C VAL B 86 33.32 10.55 25.68
N GLU B 87 34.40 10.92 25.00
CA GLU B 87 35.05 12.21 25.20
C GLU B 87 35.22 12.91 23.86
N HIS B 88 35.37 14.23 23.93
CA HIS B 88 35.58 15.02 22.73
C HIS B 88 36.90 14.67 22.05
N ARG B 89 36.94 15.04 20.78
CA ARG B 89 38.10 14.92 19.94
C ARG B 89 38.12 16.25 19.23
N CYS B 90 38.72 17.24 19.88
CA CYS B 90 38.84 18.58 19.37
C CYS B 90 40.15 19.06 19.94
N ALA B 91 41.01 19.68 19.14
CA ALA B 91 42.29 20.13 19.66
C ALA B 91 42.69 21.55 19.28
N ASP B 92 41.83 22.52 19.55
CA ASP B 92 42.14 23.89 19.21
C ASP B 92 41.93 24.81 20.40
N PHE B 93 42.94 25.59 20.73
CA PHE B 93 42.90 26.51 21.85
C PHE B 93 43.21 25.77 23.13
N GLY B 94 44.07 24.77 23.00
CA GLY B 94 44.50 23.98 24.12
C GLY B 94 43.41 23.17 24.76
N MET B 95 42.43 22.80 23.96
CA MET B 95 41.34 22.00 24.47
C MET B 95 41.80 20.58 24.67
N ALA B 96 42.92 20.21 24.04
CA ALA B 96 43.45 18.86 24.17
C ALA B 96 44.20 18.66 25.48
N ALA B 97 44.14 19.64 26.36
CA ALA B 97 44.68 19.47 27.69
C ALA B 97 43.85 18.41 28.47
N ASP B 98 44.57 17.38 28.93
CA ASP B 98 43.93 16.32 29.67
C ASP B 98 43.12 16.89 30.80
N LYS B 99 43.48 18.10 31.22
CA LYS B 99 42.73 18.75 32.26
C LYS B 99 41.45 19.35 31.67
N ASN B 100 41.30 19.19 30.35
CA ASN B 100 40.14 19.70 29.64
C ASN B 100 39.31 18.57 29.11
N LYS B 101 39.53 17.37 29.64
CA LYS B 101 38.77 16.23 29.22
C LYS B 101 37.81 15.90 30.33
N PHE B 102 36.62 15.47 29.96
CA PHE B 102 35.62 15.14 30.93
C PHE B 102 34.80 14.06 30.27
N PRO B 103 34.64 12.92 30.93
CA PRO B 103 33.82 11.84 30.37
C PRO B 103 32.36 12.24 30.39
N GLY B 104 31.67 11.94 29.30
CA GLY B 104 30.26 12.29 29.18
C GLY B 104 30.02 13.51 28.36
N ASP B 105 31.04 14.36 28.25
CA ASP B 105 31.05 15.57 27.41
C ASP B 105 29.74 16.35 27.54
N SER B 106 29.41 16.64 28.80
CA SER B 106 28.37 17.58 29.22
C SER B 106 26.94 17.13 28.99
N VAL B 107 26.67 15.87 28.70
CA VAL B 107 25.30 15.39 28.62
C VAL B 107 25.24 14.02 29.28
N VAL B 108 24.13 13.76 29.96
CA VAL B 108 23.79 12.44 30.47
C VAL B 108 22.66 11.90 29.61
N THR B 109 22.89 10.75 28.98
CA THR B 109 21.91 10.16 28.09
C THR B 109 21.59 8.75 28.55
N GLY B 110 20.37 8.31 28.28
CA GLY B 110 20.03 6.93 28.58
C GLY B 110 18.55 6.70 28.48
N ARG B 111 18.13 5.53 28.94
CA ARG B 111 16.72 5.17 28.85
C ARG B 111 16.21 4.68 30.19
N GLY B 112 14.90 4.77 30.36
CA GLY B 112 14.26 4.24 31.54
C GLY B 112 12.77 4.13 31.35
N ARG B 113 12.07 4.12 32.48
CA ARG B 113 10.62 4.00 32.50
C ARG B 113 10.04 4.98 33.50
N ILE B 114 8.83 5.45 33.23
CA ILE B 114 8.04 6.19 34.19
C ILE B 114 6.75 5.40 34.34
N ASN B 115 6.52 4.90 35.56
CA ASN B 115 5.39 4.02 35.92
C ASN B 115 5.31 2.79 35.03
N GLY B 116 6.45 2.21 34.71
CA GLY B 116 6.48 1.04 33.86
C GLY B 116 6.48 1.32 32.37
N ARG B 117 6.37 2.56 31.96
CA ARG B 117 6.29 2.85 30.53
C ARG B 117 7.63 3.38 30.03
N LEU B 118 8.07 2.84 28.90
CA LEU B 118 9.37 3.17 28.34
C LEU B 118 9.44 4.63 27.92
N VAL B 119 10.53 5.29 28.30
CA VAL B 119 10.78 6.65 27.85
C VAL B 119 12.29 6.82 27.74
N TYR B 120 12.71 7.64 26.78
CA TYR B 120 14.11 8.02 26.59
C TYR B 120 14.31 9.42 27.16
N VAL B 121 15.45 9.67 27.78
CA VAL B 121 15.76 10.97 28.33
C VAL B 121 17.17 11.38 27.96
N PHE B 122 17.44 12.68 28.07
CA PHE B 122 18.79 13.20 28.15
C PHE B 122 18.74 14.47 28.97
N SER B 123 19.86 14.80 29.59
CA SER B 123 19.92 15.99 30.41
C SER B 123 21.26 16.65 30.20
N GLN B 124 21.26 17.95 29.98
CA GLN B 124 22.49 18.70 29.77
C GLN B 124 23.09 19.11 31.11
N ASP B 125 24.41 18.96 31.23
CA ASP B 125 25.12 19.21 32.48
C ASP B 125 25.85 20.55 32.39
N PHE B 126 25.36 21.53 33.15
CA PHE B 126 25.90 22.88 33.08
C PHE B 126 27.29 23.01 33.68
N THR B 127 27.74 22.02 34.45
CA THR B 127 28.99 22.18 35.18
C THR B 127 30.19 21.83 34.31
N VAL B 128 29.95 21.31 33.11
CA VAL B 128 31.03 20.91 32.22
C VAL B 128 31.03 21.82 31.00
N PHE B 129 31.97 22.74 30.98
CA PHE B 129 32.07 23.70 29.92
C PHE B 129 30.81 24.52 29.83
N GLY B 130 30.17 24.83 30.95
CA GLY B 130 29.00 25.65 30.93
C GLY B 130 27.80 25.03 30.25
N GLY B 131 27.87 23.73 29.95
CA GLY B 131 26.79 23.03 29.28
C GLY B 131 26.77 23.30 27.79
N SER B 132 27.86 23.87 27.28
CA SER B 132 27.96 24.23 25.86
C SER B 132 27.91 22.99 24.98
N LEU B 133 27.48 23.18 23.74
CA LEU B 133 27.26 22.06 22.82
C LEU B 133 28.49 21.80 21.97
N SER B 134 28.97 20.55 21.97
CA SER B 134 30.06 20.15 21.12
C SER B 134 29.55 19.24 20.02
N GLY B 135 30.43 18.86 19.11
CA GLY B 135 30.08 17.87 18.12
C GLY B 135 29.62 16.59 18.77
N ALA B 136 30.48 16.02 19.63
CA ALA B 136 30.15 14.77 20.32
C ALA B 136 28.91 14.90 21.20
N HIS B 137 28.72 16.08 21.80
CA HIS B 137 27.52 16.37 22.59
C HIS B 137 26.26 16.09 21.78
N ALA B 138 26.17 16.68 20.59
CA ALA B 138 25.00 16.51 19.75
C ALA B 138 24.84 15.08 19.30
N GLN B 139 25.96 14.44 19.03
CA GLN B 139 25.94 13.10 18.50
C GLN B 139 25.21 12.17 19.45
N LYS B 140 25.51 12.31 20.73
CA LYS B 140 24.88 11.49 21.77
C LYS B 140 23.39 11.76 21.87
N ILE B 141 23.01 13.04 21.78
CA ILE B 141 21.59 13.36 21.79
C ILE B 141 20.90 12.78 20.56
N CYS B 142 21.53 12.87 19.38
CA CYS B 142 20.95 12.31 18.17
C CYS B 142 20.75 10.81 18.25
N LYS B 143 21.71 10.13 18.86
CA LYS B 143 21.63 8.70 19.07
C LYS B 143 20.35 8.39 19.83
N ILE B 144 20.05 9.16 20.88
CA ILE B 144 18.81 8.89 21.63
C ILE B 144 17.58 9.16 20.76
N MET B 145 17.64 10.22 19.98
CA MET B 145 16.58 10.61 19.07
C MET B 145 16.28 9.53 18.04
N ASP B 146 17.29 8.82 17.59
CA ASP B 146 17.14 7.74 16.62
C ASP B 146 16.59 6.47 17.26
N GLN B 147 17.01 6.12 18.47
CA GLN B 147 16.48 4.91 19.06
C GLN B 147 15.01 5.13 19.42
N ALA B 148 14.68 6.29 19.92
CA ALA B 148 13.29 6.55 20.30
C ALA B 148 12.37 6.52 19.10
N ILE B 149 12.80 7.07 17.96
CA ILE B 149 11.94 7.05 16.80
C ILE B 149 11.74 5.61 16.31
N THR B 150 12.83 4.83 16.28
CA THR B 150 12.74 3.45 15.80
C THR B 150 11.79 2.61 16.64
N VAL B 151 11.89 2.69 17.97
CA VAL B 151 10.99 1.86 18.77
C VAL B 151 9.63 2.48 18.97
N GLY B 152 9.53 3.80 18.99
CA GLY B 152 8.27 4.45 19.26
C GLY B 152 8.05 4.77 20.73
N ALA B 153 8.97 5.50 21.34
CA ALA B 153 8.93 5.88 22.74
C ALA B 153 9.15 7.39 22.82
N PRO B 154 8.53 8.07 23.77
CA PRO B 154 8.74 9.52 23.89
C PRO B 154 10.17 9.84 24.28
N VAL B 155 10.55 11.08 24.02
CA VAL B 155 11.83 11.61 24.46
C VAL B 155 11.54 12.83 25.32
N ILE B 156 12.13 12.89 26.51
CA ILE B 156 12.04 14.03 27.41
C ILE B 156 13.45 14.59 27.56
N GLY B 157 13.64 15.84 27.16
CA GLY B 157 14.91 16.51 27.30
C GLY B 157 14.87 17.48 28.47
N LEU B 158 15.98 17.57 29.20
CA LEU B 158 16.17 18.55 30.25
C LEU B 158 17.27 19.48 29.79
N ASN B 159 16.91 20.67 29.36
CA ASN B 159 17.85 21.54 28.69
C ASN B 159 18.41 22.61 29.61
N ASP B 160 19.71 22.85 29.48
CA ASP B 160 20.48 23.83 30.21
C ASP B 160 21.82 23.98 29.51
N SER B 161 22.03 25.12 28.83
CA SER B 161 23.22 25.26 28.00
C SER B 161 23.60 26.72 27.85
N GLY B 162 24.89 26.97 27.62
CA GLY B 162 25.36 28.33 27.48
C GLY B 162 25.48 28.66 26.02
N GLY B 163 25.12 27.70 25.18
CA GLY B 163 25.22 27.85 23.75
C GLY B 163 26.31 27.00 23.13
N ALA B 164 26.73 27.38 21.93
CA ALA B 164 27.73 26.63 21.19
C ALA B 164 29.08 26.69 21.88
N ARG B 165 29.85 25.62 21.75
CA ARG B 165 31.22 25.57 22.28
C ARG B 165 32.13 26.15 21.20
N ILE B 166 32.51 27.40 21.41
CA ILE B 166 33.33 28.14 20.47
C ILE B 166 34.70 27.58 20.19
N GLN B 167 35.22 26.74 21.05
CA GLN B 167 36.55 26.18 20.85
C GLN B 167 36.56 25.22 19.66
N GLU B 168 35.43 24.60 19.36
CA GLU B 168 35.38 23.69 18.21
C GLU B 168 34.96 24.42 16.95
N GLY B 169 34.26 25.52 17.09
CA GLY B 169 33.91 26.37 15.94
C GLY B 169 32.64 25.89 15.24
N VAL B 170 32.82 25.32 14.05
CA VAL B 170 31.69 24.98 13.18
C VAL B 170 31.18 23.58 13.42
N GLU B 171 31.90 22.80 14.21
CA GLU B 171 31.47 21.46 14.55
C GLU B 171 30.18 21.49 15.35
N SER B 172 30.05 22.46 16.25
CA SER B 172 28.85 22.58 17.07
C SER B 172 27.66 23.06 16.25
N LEU B 173 27.91 23.82 15.17
CA LEU B 173 26.80 24.24 14.31
C LEU B 173 26.20 23.07 13.57
N ALA B 174 27.04 22.15 13.09
CA ALA B 174 26.52 20.89 12.56
C ALA B 174 25.77 20.09 13.61
N GLY B 175 26.25 20.13 14.86
CA GLY B 175 25.52 19.46 15.94
C GLY B 175 24.08 19.91 16.04
N TYR B 176 23.84 21.23 16.07
CA TYR B 176 22.50 21.79 16.10
C TYR B 176 21.65 21.37 14.91
N ALA B 177 22.25 21.40 13.71
CA ALA B 177 21.50 21.01 12.53
C ALA B 177 21.04 19.57 12.59
N ASP B 178 21.89 18.66 13.07
CA ASP B 178 21.49 17.25 13.19
C ASP B 178 20.39 17.07 14.21
N ILE B 179 20.47 17.78 15.34
CA ILE B 179 19.40 17.70 16.36
C ILE B 179 18.10 18.22 15.79
N PHE B 180 18.16 19.35 15.07
CA PHE B 180 16.96 19.94 14.49
C PHE B 180 16.30 18.98 13.51
N LEU B 181 17.12 18.30 12.70
CA LEU B 181 16.59 17.34 11.75
C LEU B 181 15.87 16.20 12.45
N ARG B 182 16.42 15.71 13.56
CA ARG B 182 15.71 14.64 14.28
C ARG B 182 14.41 15.16 14.91
N ASN B 183 14.42 16.39 15.44
CA ASN B 183 13.24 16.94 16.09
C ASN B 183 12.11 17.15 15.10
N VAL B 184 12.46 17.50 13.87
CA VAL B 184 11.44 17.63 12.85
C VAL B 184 10.96 16.25 12.42
N THR B 185 11.87 15.32 12.19
CA THR B 185 11.48 13.98 11.78
C THR B 185 10.58 13.31 12.82
N ALA B 186 10.85 13.51 14.10
CA ALA B 186 10.03 12.87 15.12
C ALA B 186 8.65 13.49 15.28
N SER B 187 8.37 14.63 14.67
CA SER B 187 7.10 15.31 14.89
C SER B 187 5.94 14.47 14.39
N GLY B 188 4.96 14.25 15.24
CA GLY B 188 3.82 13.44 14.90
C GLY B 188 4.07 11.96 14.98
N VAL B 189 5.26 11.57 15.42
CA VAL B 189 5.64 10.17 15.55
C VAL B 189 5.77 9.77 17.01
N ILE B 190 6.52 10.53 17.78
CA ILE B 190 6.65 10.31 19.22
C ILE B 190 6.45 11.66 19.91
N PRO B 191 5.90 11.70 21.12
CA PRO B 191 5.80 12.98 21.82
C PRO B 191 7.19 13.50 22.11
N GLN B 192 7.37 14.80 22.02
CA GLN B 192 8.63 15.43 22.41
C GLN B 192 8.36 16.50 23.44
N ILE B 193 8.92 16.32 24.62
CA ILE B 193 8.73 17.21 25.75
C ILE B 193 10.08 17.82 26.10
N SER B 194 10.12 19.13 26.28
CA SER B 194 11.36 19.79 26.66
C SER B 194 11.13 20.64 27.90
N LEU B 195 11.85 20.30 28.97
CA LEU B 195 11.79 21.03 30.23
C LEU B 195 13.08 21.82 30.36
N ILE B 196 12.96 23.12 30.55
CA ILE B 196 14.12 23.99 30.66
C ILE B 196 14.44 24.14 32.13
N MET B 197 15.69 23.86 32.50
CA MET B 197 16.07 23.85 33.90
C MET B 197 17.15 24.87 34.19
N GLY B 198 17.38 25.80 33.29
CA GLY B 198 18.42 26.79 33.45
C GLY B 198 18.48 27.70 32.24
N PRO B 199 19.54 28.46 32.10
CA PRO B 199 19.62 29.36 30.94
C PRO B 199 19.81 28.59 29.65
N CYS B 200 19.45 29.21 28.54
CA CYS B 200 19.58 28.62 27.21
C CYS B 200 19.82 29.73 26.22
N ALA B 201 20.90 29.63 25.46
CA ALA B 201 21.32 30.71 24.58
C ALA B 201 21.84 30.15 23.28
N GLY B 202 21.87 30.99 22.27
CA GLY B 202 22.27 30.56 20.95
C GLY B 202 21.29 29.61 20.32
N GLY B 203 21.83 28.74 19.46
CA GLY B 203 21.01 27.81 18.70
C GLY B 203 20.22 26.84 19.54
N ALA B 204 20.63 26.62 20.80
CA ALA B 204 19.95 25.67 21.67
C ALA B 204 18.51 26.07 21.93
N VAL B 205 18.23 27.38 21.87
CA VAL B 205 16.92 27.96 22.20
C VAL B 205 15.86 27.59 21.16
N TYR B 206 16.29 27.04 20.03
CA TYR B 206 15.32 26.61 19.03
C TYR B 206 14.81 25.20 19.23
N SER B 207 15.53 24.32 19.95
CA SER B 207 14.91 22.99 20.09
C SER B 207 13.54 23.00 20.76
N PRO B 208 13.27 23.74 21.84
CA PRO B 208 11.89 23.75 22.36
C PRO B 208 10.86 24.27 21.37
N ALA B 209 11.28 24.95 20.32
CA ALA B 209 10.32 25.39 19.32
C ALA B 209 9.89 24.26 18.42
N LEU B 210 10.66 23.19 18.34
CA LEU B 210 10.30 22.06 17.51
C LEU B 210 9.59 20.97 18.30
N THR B 211 9.81 20.88 19.61
CA THR B 211 9.09 19.90 20.41
C THR B 211 7.67 20.36 20.68
N ASP B 212 6.89 19.44 21.27
CA ASP B 212 5.47 19.66 21.49
C ASP B 212 5.08 20.51 22.69
N PHE B 213 5.81 20.37 23.79
CA PHE B 213 5.54 21.19 24.96
C PHE B 213 6.85 21.69 25.51
N THR B 214 6.84 22.93 25.99
CA THR B 214 8.00 23.53 26.64
C THR B 214 7.61 23.93 28.04
N PHE B 215 8.38 23.51 29.03
CA PHE B 215 8.10 23.89 30.41
C PHE B 215 9.32 24.57 30.98
N MET B 216 9.13 25.42 31.99
CA MET B 216 10.22 26.15 32.59
C MET B 216 10.13 26.09 34.11
N VAL B 217 11.18 26.58 34.75
CA VAL B 217 11.27 26.70 36.20
C VAL B 217 11.39 28.17 36.54
N LYS B 218 10.50 28.66 37.40
CA LYS B 218 10.42 30.07 37.70
C LYS B 218 11.73 30.55 38.30
N ASP B 219 12.21 31.70 37.79
CA ASP B 219 13.39 32.42 38.28
C ASP B 219 14.69 31.63 38.16
N THR B 220 14.67 30.50 37.46
CA THR B 220 15.86 29.69 37.26
C THR B 220 16.18 29.52 35.79
N SER B 221 15.17 29.35 34.95
CA SER B 221 15.33 29.04 33.54
C SER B 221 15.12 30.29 32.70
N TYR B 222 15.82 30.34 31.57
CA TYR B 222 15.71 31.46 30.63
C TYR B 222 15.66 30.90 29.22
N LEU B 223 15.00 31.65 28.33
CA LEU B 223 15.06 31.36 26.91
C LEU B 223 15.30 32.65 26.15
N PHE B 224 16.41 32.74 25.44
CA PHE B 224 16.72 33.88 24.59
C PHE B 224 17.88 33.56 23.67
N ILE B 225 17.98 34.23 22.55
CA ILE B 225 19.03 33.96 21.57
C ILE B 225 20.31 34.68 21.97
N THR B 226 20.22 35.98 22.23
CA THR B 226 21.32 36.79 22.70
C THR B 226 20.98 37.37 24.07
N GLY B 227 22.03 37.63 24.86
CA GLY B 227 21.86 38.13 26.19
C GLY B 227 21.68 39.64 26.23
N PRO B 228 21.40 40.17 27.43
CA PRO B 228 21.24 41.62 27.57
C PRO B 228 22.45 42.41 27.10
N ASP B 229 23.63 41.78 27.12
CA ASP B 229 24.86 42.45 26.70
C ASP B 229 24.80 42.86 25.24
N VAL B 230 24.17 42.02 24.41
CA VAL B 230 24.03 42.34 23.00
C VAL B 230 22.94 43.39 22.80
N VAL B 231 21.82 43.26 23.51
CA VAL B 231 20.76 44.24 23.35
C VAL B 231 21.28 45.64 23.66
N LYS B 232 22.05 45.79 24.75
CA LYS B 232 22.58 47.10 25.10
C LYS B 232 23.58 47.60 24.08
N SER B 233 24.36 46.69 23.49
CA SER B 233 25.40 47.10 22.56
C SER B 233 24.82 47.47 21.20
N VAL B 234 23.71 46.85 20.83
CA VAL B 234 23.15 47.06 19.49
C VAL B 234 22.19 48.24 19.48
N THR B 235 21.31 48.31 20.47
CA THR B 235 20.27 49.33 20.51
C THR B 235 20.25 49.97 21.89
N ASN B 236 19.73 51.19 21.97
CA ASN B 236 19.72 51.94 23.21
C ASN B 236 18.52 51.55 24.09
N GLU B 237 18.50 50.30 24.56
CA GLU B 237 17.44 49.76 25.38
C GLU B 237 18.05 49.12 26.62
N ASP B 238 17.45 49.37 27.78
CA ASP B 238 17.90 48.76 29.03
C ASP B 238 17.09 47.57 29.54
N VAL B 239 17.71 46.39 29.58
CA VAL B 239 17.02 45.17 30.01
C VAL B 239 17.91 44.23 30.83
N THR B 240 17.31 43.55 31.80
CA THR B 240 17.98 42.52 32.59
C THR B 240 17.66 41.10 32.17
N GLN B 241 18.34 40.13 32.76
CA GLN B 241 18.21 38.72 32.37
C GLN B 241 16.87 38.05 32.55
N GLU B 242 16.09 38.54 33.50
CA GLU B 242 14.75 38.04 33.73
C GLU B 242 13.76 38.70 32.76
N GLU B 243 13.93 40.00 32.52
CA GLU B 243 13.04 40.72 31.63
C GLU B 243 13.18 40.26 30.20
N LEU B 244 14.40 39.92 29.79
CA LEU B 244 14.67 39.57 28.40
C LEU B 244 14.15 38.18 28.08
N GLY B 245 14.42 37.21 28.95
CA GLY B 245 14.05 35.85 28.65
C GLY B 245 13.66 35.01 29.82
N GLY B 246 13.14 35.60 30.89
CA GLY B 246 12.75 34.86 32.07
C GLY B 246 11.50 34.04 31.86
N ALA B 247 11.31 33.08 32.77
CA ALA B 247 10.16 32.18 32.73
C ALA B 247 8.83 32.91 32.82
N LYS B 248 8.77 33.99 33.60
CA LYS B 248 7.52 34.73 33.75
C LYS B 248 7.11 35.40 32.44
N THR B 249 8.09 35.88 31.67
CA THR B 249 7.82 36.53 30.39
C THR B 249 7.22 35.56 29.39
N HIS B 250 7.81 34.37 29.30
CA HIS B 250 7.43 33.39 28.30
C HIS B 250 6.14 32.63 28.63
N THR B 251 5.82 32.51 29.91
CA THR B 251 4.53 31.95 30.29
C THR B 251 3.42 32.97 30.40
N THR B 252 3.73 34.27 30.51
CA THR B 252 2.63 35.23 30.61
C THR B 252 2.43 36.06 29.36
N MET B 253 3.50 36.43 28.69
CA MET B 253 3.34 37.34 27.56
C MET B 253 3.68 36.90 26.14
N SER B 254 4.76 36.16 25.95
CA SER B 254 5.15 35.80 24.59
C SER B 254 4.46 34.55 24.10
N GLY B 255 3.94 33.74 25.02
CA GLY B 255 3.28 32.51 24.62
C GLY B 255 4.22 31.43 24.15
N VAL B 256 5.43 31.38 24.72
CA VAL B 256 6.42 30.40 24.26
C VAL B 256 6.43 29.19 25.18
N ALA B 257 6.36 29.44 26.49
CA ALA B 257 6.43 28.35 27.45
C ALA B 257 5.04 27.99 27.95
N HIS B 258 4.78 26.69 28.01
CA HIS B 258 3.46 26.19 28.34
C HIS B 258 3.12 26.26 29.82
N ARG B 259 4.12 26.19 30.67
CA ARG B 259 3.95 26.39 32.10
C ARG B 259 5.25 26.44 32.86
N ALA B 260 5.33 27.29 33.87
CA ALA B 260 6.50 27.34 34.72
C ALA B 260 6.15 26.78 36.08
N PHE B 261 7.10 26.08 36.69
CA PHE B 261 6.91 25.47 37.99
C PHE B 261 7.87 26.13 38.97
N GLU B 262 7.51 26.07 40.27
CA GLU B 262 8.19 26.89 41.26
C GLU B 262 9.66 26.50 41.42
N ASN B 263 9.97 25.22 41.40
CA ASN B 263 11.33 24.78 41.64
C ASN B 263 11.58 23.45 40.94
N ASP B 264 12.81 22.95 41.06
CA ASP B 264 13.21 21.75 40.34
C ASP B 264 12.44 20.52 40.78
N VAL B 265 12.15 20.39 42.08
CA VAL B 265 11.54 19.15 42.59
C VAL B 265 10.08 19.07 42.18
N ASP B 266 9.37 20.19 42.29
CA ASP B 266 7.97 20.27 41.88
C ASP B 266 7.82 20.16 40.38
N ALA B 267 8.78 20.71 39.63
CA ALA B 267 8.75 20.64 38.18
C ALA B 267 8.81 19.20 37.69
N LEU B 268 9.65 18.38 38.29
CA LEU B 268 9.72 16.99 37.85
C LEU B 268 8.56 16.15 38.38
N CYS B 269 8.02 16.50 39.55
CA CYS B 269 6.85 15.78 40.03
C CYS B 269 5.64 16.00 39.11
N ASN B 270 5.45 17.24 38.67
CA ASN B 270 4.37 17.51 37.73
C ASN B 270 4.66 16.94 36.36
N LEU B 271 5.93 16.82 35.99
CA LEU B 271 6.27 16.23 34.70
C LEU B 271 5.92 14.75 34.65
N ARG B 272 6.16 14.02 35.74
CA ARG B 272 5.74 12.62 35.78
C ARG B 272 4.23 12.49 35.59
N ASP B 273 3.46 13.36 36.27
CA ASP B 273 2.01 13.36 36.12
C ASP B 273 1.57 13.69 34.70
N PHE B 274 2.20 14.70 34.09
CA PHE B 274 1.89 15.03 32.71
C PHE B 274 2.20 13.87 31.77
N PHE B 275 3.36 13.24 31.95
CA PHE B 275 3.72 12.10 31.11
C PHE B 275 2.62 11.07 31.07
N ASN B 276 1.97 10.81 32.21
CA ASN B 276 0.99 9.72 32.23
C ASN B 276 -0.22 9.96 31.32
N TYR B 277 -0.40 11.13 30.74
CA TYR B 277 -1.54 11.40 29.88
C TYR B 277 -1.36 10.90 28.46
N LEU B 278 -0.15 10.88 27.95
CA LEU B 278 0.18 10.80 26.53
C LEU B 278 0.47 9.37 26.09
N PRO B 279 0.17 9.03 24.84
CA PRO B 279 0.58 7.72 24.33
C PRO B 279 2.08 7.68 24.10
N LEU B 280 2.61 6.48 23.92
CA LEU B 280 4.04 6.38 23.68
C LEU B 280 4.41 6.79 22.26
N SER B 281 3.51 6.58 21.30
CA SER B 281 3.76 6.91 19.90
C SER B 281 2.43 7.26 19.25
N SER B 282 2.50 7.88 18.08
CA SER B 282 1.28 8.24 17.37
C SER B 282 0.59 7.02 16.80
N GLN B 283 1.23 5.85 16.84
CA GLN B 283 0.58 4.64 16.34
C GLN B 283 -0.31 4.04 17.41
N ASP B 284 -0.28 4.56 18.60
CA ASP B 284 -1.02 4.01 19.72
C ASP B 284 -2.28 4.82 19.98
N PRO B 285 -3.34 4.18 20.48
CA PRO B 285 -4.52 4.93 20.89
C PRO B 285 -4.26 5.70 22.17
N ALA B 286 -5.10 6.69 22.47
CA ALA B 286 -5.01 7.38 23.74
C ALA B 286 -4.99 6.38 24.87
N PRO B 287 -4.07 6.49 25.82
CA PRO B 287 -4.02 5.52 26.93
C PRO B 287 -5.32 5.50 27.72
N VAL B 288 -5.65 4.33 28.24
CA VAL B 288 -6.81 4.14 29.10
C VAL B 288 -6.29 3.60 30.43
N ARG B 289 -6.67 4.24 31.52
CA ARG B 289 -6.23 3.82 32.83
C ARG B 289 -7.35 3.45 33.76
N GLU B 290 -7.06 2.63 34.76
CA GLU B 290 -8.02 2.27 35.79
C GLU B 290 -8.70 3.52 36.32
N CYS B 291 -10.02 3.48 36.44
CA CYS B 291 -10.80 4.61 36.91
C CYS B 291 -11.91 4.14 37.82
N HIS B 292 -12.06 4.84 38.95
CA HIS B 292 -13.10 4.52 39.92
C HIS B 292 -14.31 5.42 39.83
N ASP B 293 -14.30 6.41 38.94
CA ASP B 293 -15.35 7.41 38.88
C ASP B 293 -16.47 6.90 37.99
N PRO B 294 -17.65 6.62 38.52
CA PRO B 294 -18.71 6.05 37.68
C PRO B 294 -18.97 6.92 36.47
N SER B 295 -19.12 6.26 35.32
CA SER B 295 -19.27 6.96 34.05
C SER B 295 -20.67 7.49 33.84
N ASP B 296 -21.64 7.04 34.63
CA ASP B 296 -23.04 7.34 34.40
C ASP B 296 -23.63 8.25 35.46
N ARG B 297 -22.80 8.93 36.24
CA ARG B 297 -23.31 9.81 37.28
C ARG B 297 -23.71 11.16 36.68
N LEU B 298 -24.62 11.83 37.35
CA LEU B 298 -25.08 13.14 36.92
C LEU B 298 -24.32 14.22 37.66
N VAL B 299 -24.33 15.42 37.11
CA VAL B 299 -23.68 16.56 37.74
C VAL B 299 -24.70 17.68 37.87
N PRO B 300 -25.56 17.66 38.90
CA PRO B 300 -26.61 18.68 39.01
C PRO B 300 -26.08 20.10 39.09
N GLU B 301 -24.80 20.26 39.45
CA GLU B 301 -24.17 21.56 39.62
C GLU B 301 -24.14 22.37 38.34
N LEU B 302 -24.30 21.72 37.19
CA LEU B 302 -24.22 22.39 35.90
C LEU B 302 -25.49 23.13 35.55
N ASP B 303 -26.66 22.72 36.07
CA ASP B 303 -27.90 23.31 35.59
C ASP B 303 -27.99 24.82 35.79
N THR B 304 -27.28 25.36 36.79
CA THR B 304 -27.44 26.77 37.10
C THR B 304 -26.16 27.57 36.89
N ILE B 305 -25.16 27.01 36.21
CA ILE B 305 -23.91 27.75 36.06
C ILE B 305 -24.11 28.92 35.10
N VAL B 306 -24.79 28.68 33.99
CA VAL B 306 -24.92 29.67 32.93
C VAL B 306 -26.06 30.62 33.25
N PRO B 307 -25.79 31.91 33.45
CA PRO B 307 -26.85 32.86 33.77
C PRO B 307 -27.82 33.03 32.60
N LEU B 308 -29.04 33.40 32.95
CA LEU B 308 -30.02 33.77 31.93
C LEU B 308 -29.74 35.14 31.35
N GLU B 309 -29.10 36.02 32.11
CA GLU B 309 -28.75 37.35 31.62
C GLU B 309 -27.49 37.25 30.77
N SER B 310 -27.54 37.82 29.57
CA SER B 310 -26.48 37.68 28.59
C SER B 310 -25.21 38.43 28.94
N THR B 311 -25.23 39.33 29.92
CA THR B 311 -24.10 40.20 30.19
C THR B 311 -23.36 39.74 31.44
N LYS B 312 -23.80 38.62 32.00
CA LYS B 312 -23.18 38.07 33.21
C LYS B 312 -22.24 36.93 32.86
N ALA B 313 -20.97 37.08 33.24
CA ALA B 313 -19.96 36.09 32.98
C ALA B 313 -20.02 34.97 34.00
N TYR B 314 -19.43 33.83 33.64
CA TYR B 314 -19.29 32.70 34.53
C TYR B 314 -17.97 32.03 34.23
N ASN B 315 -17.52 31.20 35.16
CA ASN B 315 -16.22 30.56 35.05
C ASN B 315 -16.38 29.22 34.34
N MET B 316 -15.85 29.13 33.13
CA MET B 316 -15.96 27.89 32.37
C MET B 316 -15.29 26.73 33.07
N VAL B 317 -14.27 27.00 33.90
CA VAL B 317 -13.54 25.94 34.56
C VAL B 317 -14.44 25.14 35.49
N ASP B 318 -15.49 25.74 36.03
CA ASP B 318 -16.40 25.01 36.91
C ASP B 318 -17.07 23.87 36.18
N ILE B 319 -17.35 24.05 34.89
CA ILE B 319 -17.97 23.01 34.07
C ILE B 319 -16.97 21.92 33.75
N ILE B 320 -15.76 22.32 33.38
CA ILE B 320 -14.70 21.38 33.00
C ILE B 320 -14.38 20.48 34.17
N HIS B 321 -14.20 21.05 35.36
CA HIS B 321 -13.82 20.25 36.52
C HIS B 321 -14.93 19.29 36.92
N SER B 322 -16.19 19.68 36.77
CA SER B 322 -17.27 18.78 37.19
C SER B 322 -17.49 17.63 36.23
N VAL B 323 -17.07 17.76 34.96
CA VAL B 323 -17.31 16.68 34.00
C VAL B 323 -16.19 15.65 34.03
N VAL B 324 -14.94 16.10 34.12
CA VAL B 324 -13.79 15.21 34.00
C VAL B 324 -13.66 14.25 35.17
N ASP B 325 -13.07 13.08 34.92
CA ASP B 325 -12.87 12.07 35.96
C ASP B 325 -12.26 12.69 37.20
N GLU B 326 -12.89 12.45 38.35
CA GLU B 326 -12.39 12.77 39.68
C GLU B 326 -11.94 14.23 39.83
N ARG B 327 -12.47 15.08 38.96
CA ARG B 327 -12.24 16.51 38.96
C ARG B 327 -10.79 16.98 38.83
N GLU B 328 -10.01 16.17 38.14
CA GLU B 328 -8.62 16.44 37.84
C GLU B 328 -8.53 17.06 36.45
N PHE B 329 -7.90 18.23 36.35
CA PHE B 329 -7.73 18.88 35.06
C PHE B 329 -6.32 19.46 35.00
N PHE B 330 -5.64 19.25 33.89
CA PHE B 330 -4.28 19.77 33.72
C PHE B 330 -4.33 20.98 32.80
N GLU B 331 -4.15 22.17 33.34
CA GLU B 331 -4.32 23.36 32.52
C GLU B 331 -2.99 23.78 31.91
N ILE B 332 -3.03 24.15 30.64
CA ILE B 332 -1.88 24.57 29.86
C ILE B 332 -1.95 26.08 29.72
N MET B 333 -0.81 26.75 29.93
CA MET B 333 -0.62 28.20 29.86
C MET B 333 -1.68 28.94 30.67
N PRO B 334 -1.76 28.73 31.97
CA PRO B 334 -2.80 29.37 32.76
C PRO B 334 -2.78 30.88 32.71
N ASN B 335 -1.65 31.50 32.36
CA ASN B 335 -1.51 32.94 32.44
C ASN B 335 -1.41 33.61 31.08
N TYR B 336 -1.54 32.85 29.99
CA TYR B 336 -1.41 33.38 28.65
C TYR B 336 -2.68 33.05 27.88
N ALA B 337 -3.21 34.06 27.17
CA ALA B 337 -4.43 33.97 26.38
C ALA B 337 -5.58 33.41 27.21
N LYS B 338 -5.83 34.05 28.35
CA LYS B 338 -6.81 33.56 29.30
C LYS B 338 -8.22 33.44 28.75
N ASN B 339 -8.52 34.02 27.58
CA ASN B 339 -9.88 33.93 27.06
C ASN B 339 -10.18 32.58 26.43
N ILE B 340 -9.21 31.69 26.32
CA ILE B 340 -9.44 30.35 25.83
C ILE B 340 -8.71 29.38 26.75
N ILE B 341 -9.39 28.29 27.09
CA ILE B 341 -8.89 27.29 28.01
C ILE B 341 -8.61 26.02 27.22
N VAL B 342 -7.41 25.49 27.38
CA VAL B 342 -7.05 24.21 26.80
C VAL B 342 -6.33 23.38 27.85
N GLY B 343 -6.55 22.08 27.80
CA GLY B 343 -5.81 21.23 28.71
C GLY B 343 -6.19 19.78 28.56
N PHE B 344 -5.60 18.96 29.42
CA PHE B 344 -5.77 17.52 29.41
C PHE B 344 -6.63 17.08 30.57
N ALA B 345 -7.41 16.02 30.34
CA ALA B 345 -8.17 15.39 31.40
C ALA B 345 -8.50 13.98 30.95
N ARG B 346 -9.09 13.21 31.85
CA ARG B 346 -9.58 11.89 31.54
C ARG B 346 -11.07 11.79 31.68
N MET B 347 -11.71 10.99 30.85
CA MET B 347 -13.12 10.67 31.06
C MET B 347 -13.28 9.19 30.83
N ASN B 348 -13.79 8.50 31.85
CA ASN B 348 -13.90 7.04 31.92
C ASN B 348 -12.56 6.35 31.69
N GLY B 349 -11.48 6.93 32.19
CA GLY B 349 -10.18 6.36 32.07
C GLY B 349 -9.39 6.81 30.87
N ARG B 350 -10.05 7.33 29.83
CA ARG B 350 -9.36 7.64 28.59
C ARG B 350 -8.92 9.09 28.59
N THR B 351 -7.70 9.32 28.14
CA THR B 351 -7.19 10.68 28.02
C THR B 351 -7.94 11.42 26.93
N VAL B 352 -8.40 12.62 27.24
CA VAL B 352 -9.02 13.50 26.24
C VAL B 352 -8.41 14.88 26.35
N GLY B 353 -8.52 15.64 25.27
CA GLY B 353 -8.15 17.04 25.26
C GLY B 353 -9.41 17.88 25.29
N ILE B 354 -9.35 18.98 26.03
CA ILE B 354 -10.48 19.85 26.23
C ILE B 354 -10.11 21.25 25.76
N VAL B 355 -10.99 21.85 24.97
CA VAL B 355 -10.87 23.21 24.51
C VAL B 355 -12.20 23.91 24.79
N GLY B 356 -12.12 25.13 25.31
CA GLY B 356 -13.33 25.88 25.53
C GLY B 356 -13.10 27.36 25.73
N ASN B 357 -14.17 28.15 25.76
CA ASN B 357 -14.02 29.58 25.94
C ASN B 357 -14.05 29.93 27.41
N GLN B 358 -13.50 31.08 27.75
CA GLN B 358 -13.61 31.61 29.10
C GLN B 358 -14.35 32.94 29.06
N PRO B 359 -15.67 32.95 29.29
CA PRO B 359 -16.43 34.20 29.13
C PRO B 359 -15.99 35.30 30.06
N LYS B 360 -15.27 34.99 31.13
CA LYS B 360 -14.85 36.01 32.07
C LYS B 360 -13.85 36.97 31.46
N VAL B 361 -13.11 36.55 30.44
CA VAL B 361 -12.01 37.34 29.89
C VAL B 361 -12.38 37.74 28.46
N ALA B 362 -12.36 39.05 28.21
CA ALA B 362 -12.67 39.67 26.92
C ALA B 362 -13.98 39.16 26.32
N SER B 363 -14.99 38.97 27.17
CA SER B 363 -16.32 38.44 26.84
C SER B 363 -16.27 37.06 26.16
N GLY B 364 -15.14 36.39 26.15
CA GLY B 364 -15.06 35.09 25.51
C GLY B 364 -14.81 35.13 24.02
N CYS B 365 -14.36 36.29 23.55
CA CYS B 365 -14.04 36.56 22.16
C CYS B 365 -12.77 35.89 21.66
N LEU B 366 -12.67 35.64 20.35
CA LEU B 366 -11.43 35.11 19.81
C LEU B 366 -10.52 36.25 19.37
N ASP B 367 -9.21 36.05 19.54
CA ASP B 367 -8.22 37.04 19.18
C ASP B 367 -7.00 36.27 18.69
N ILE B 368 -5.94 37.01 18.38
CA ILE B 368 -4.75 36.41 17.79
C ILE B 368 -4.14 35.38 18.74
N ASN B 369 -3.96 35.76 20.00
CA ASN B 369 -3.23 34.94 20.96
C ASN B 369 -3.96 33.66 21.26
N SER B 370 -5.29 33.73 21.37
CA SER B 370 -6.10 32.56 21.66
C SER B 370 -6.11 31.58 20.49
N SER B 371 -6.11 32.08 19.28
CA SER B 371 -6.08 31.21 18.11
C SER B 371 -4.77 30.45 18.02
N VAL B 372 -3.67 31.09 18.39
CA VAL B 372 -2.36 30.43 18.29
C VAL B 372 -2.28 29.27 19.28
N LYS B 373 -2.66 29.50 20.53
CA LYS B 373 -2.63 28.47 21.56
C LYS B 373 -3.61 27.34 21.24
N GLY B 374 -4.81 27.69 20.80
CA GLY B 374 -5.79 26.69 20.44
C GLY B 374 -5.36 25.80 19.31
N ALA B 375 -4.92 26.38 18.19
CA ALA B 375 -4.59 25.58 17.01
C ALA B 375 -3.46 24.60 17.32
N ARG B 376 -2.47 25.05 18.07
CA ARG B 376 -1.34 24.22 18.42
C ARG B 376 -1.79 23.03 19.24
N PHE B 377 -2.62 23.27 20.25
CA PHE B 377 -3.10 22.17 21.08
C PHE B 377 -3.96 21.18 20.28
N VAL B 378 -4.88 21.67 19.46
CA VAL B 378 -5.78 20.79 18.73
C VAL B 378 -5.00 19.86 17.82
N ARG B 379 -4.01 20.42 17.11
CA ARG B 379 -3.18 19.65 16.20
C ARG B 379 -2.36 18.56 16.86
N PHE B 380 -1.78 18.83 18.02
CA PHE B 380 -1.08 17.78 18.73
C PHE B 380 -2.02 16.64 19.10
N CYS B 381 -3.16 16.97 19.71
CA CYS B 381 -4.11 15.92 20.12
C CYS B 381 -4.60 15.10 18.94
N ASP B 382 -4.85 15.73 17.80
CA ASP B 382 -5.22 14.96 16.61
C ASP B 382 -4.12 14.02 16.16
N ALA B 383 -2.88 14.50 16.11
CA ALA B 383 -1.75 13.67 15.68
C ALA B 383 -1.56 12.43 16.54
N PHE B 384 -1.85 12.50 17.84
CA PHE B 384 -1.63 11.38 18.73
C PHE B 384 -2.93 10.77 19.23
N ASN B 385 -4.00 10.86 18.43
CA ASN B 385 -5.26 10.10 18.60
C ASN B 385 -5.91 10.34 19.96
N ILE B 386 -5.92 11.59 20.39
CA ILE B 386 -6.53 11.98 21.65
C ILE B 386 -7.84 12.70 21.32
N PRO B 387 -8.98 12.19 21.76
CA PRO B 387 -10.25 12.85 21.42
C PRO B 387 -10.34 14.28 21.91
N LEU B 388 -11.17 15.06 21.23
CA LEU B 388 -11.37 16.47 21.57
C LEU B 388 -12.78 16.70 22.09
N ILE B 389 -12.87 17.47 23.17
CA ILE B 389 -14.13 17.97 23.69
C ILE B 389 -14.07 19.49 23.66
N THR B 390 -15.11 20.09 23.10
CA THR B 390 -15.16 21.53 22.89
C THR B 390 -16.33 22.08 23.70
N PHE B 391 -16.07 23.13 24.47
CA PHE B 391 -17.11 23.87 25.21
C PHE B 391 -17.22 25.26 24.61
N VAL B 392 -18.30 25.50 23.88
CA VAL B 392 -18.41 26.70 23.05
C VAL B 392 -19.21 27.75 23.81
N ASP B 393 -18.67 28.96 23.89
CA ASP B 393 -19.40 30.13 24.37
C ASP B 393 -18.67 31.37 23.86
N VAL B 394 -18.89 31.70 22.59
CA VAL B 394 -18.06 32.70 21.94
C VAL B 394 -18.94 33.70 21.21
N PRO B 395 -18.90 34.99 21.57
CA PRO B 395 -19.78 35.97 20.94
C PRO B 395 -19.26 36.53 19.62
N GLY B 396 -18.06 36.16 19.19
CA GLY B 396 -17.47 36.75 18.01
C GLY B 396 -15.98 36.93 18.16
N PHE B 397 -15.40 37.88 17.46
CA PHE B 397 -13.97 38.09 17.56
C PHE B 397 -13.71 39.43 18.21
N LEU B 398 -12.54 39.57 18.77
CA LEU B 398 -12.12 40.81 19.42
C LEU B 398 -11.92 41.90 18.38
N PRO B 399 -12.71 42.98 18.39
CA PRO B 399 -12.55 44.03 17.39
C PRO B 399 -11.40 44.97 17.68
N GLY B 400 -10.98 45.72 16.68
CA GLY B 400 -10.09 46.85 16.89
C GLY B 400 -8.84 46.76 16.02
N THR B 401 -8.22 47.91 15.82
CA THR B 401 -7.05 47.97 14.95
C THR B 401 -5.88 47.17 15.49
N ALA B 402 -5.81 46.99 16.80
CA ALA B 402 -4.77 46.16 17.39
C ALA B 402 -4.79 44.75 16.84
N GLN B 403 -5.96 44.24 16.47
CA GLN B 403 -6.09 42.90 15.93
C GLN B 403 -6.09 42.87 14.42
N GLU B 404 -6.66 43.90 13.79
CA GLU B 404 -6.70 43.98 12.34
C GLU B 404 -5.29 44.04 11.76
N TYR B 405 -4.47 44.94 12.29
CA TYR B 405 -3.09 45.12 11.84
C TYR B 405 -2.19 43.99 12.29
N GLY B 406 -2.65 43.22 13.24
CA GLY B 406 -1.90 42.07 13.72
C GLY B 406 -2.12 40.80 12.94
N GLY B 407 -2.98 40.84 11.93
CA GLY B 407 -3.27 39.67 11.14
C GLY B 407 -4.26 38.72 11.76
N ILE B 408 -5.27 39.26 12.44
CA ILE B 408 -6.30 38.44 13.07
C ILE B 408 -6.94 37.46 12.08
N ILE B 409 -7.05 37.85 10.81
CA ILE B 409 -7.65 36.98 9.81
C ILE B 409 -6.75 35.78 9.55
N ARG B 410 -5.47 36.05 9.31
CA ARG B 410 -4.49 35.01 9.07
C ARG B 410 -4.34 34.09 10.28
N HIS B 411 -4.38 34.66 11.48
CA HIS B 411 -4.24 33.86 12.68
C HIS B 411 -5.51 33.10 13.05
N GLY B 412 -6.69 33.67 12.86
CA GLY B 412 -7.91 32.94 13.14
C GLY B 412 -8.06 31.70 12.29
N ALA B 413 -7.54 31.75 11.05
CA ALA B 413 -7.61 30.60 10.17
C ALA B 413 -6.86 29.40 10.75
N LYS B 414 -5.95 29.63 11.68
CA LYS B 414 -5.18 28.54 12.27
C LYS B 414 -6.06 27.61 13.10
N LEU B 415 -7.00 28.17 13.86
CA LEU B 415 -7.85 27.36 14.71
C LEU B 415 -8.92 26.65 13.88
N LEU B 416 -9.49 27.34 12.90
CA LEU B 416 -10.44 26.70 12.00
C LEU B 416 -9.80 25.54 11.26
N TYR B 417 -8.59 25.74 10.75
CA TYR B 417 -7.87 24.69 10.05
C TYR B 417 -7.61 23.50 10.94
N ALA B 418 -7.12 23.76 12.16
CA ALA B 418 -6.79 22.69 13.08
C ALA B 418 -7.99 21.81 13.38
N PHE B 419 -9.17 22.40 13.56
CA PHE B 419 -10.34 21.56 13.74
C PHE B 419 -10.81 20.90 12.46
N ALA B 420 -10.85 21.62 11.33
CA ALA B 420 -11.43 21.05 10.13
C ALA B 420 -10.70 19.81 9.64
N GLU B 421 -9.39 19.77 9.80
CA GLU B 421 -8.59 18.63 9.32
C GLU B 421 -8.46 17.49 10.31
N ALA B 422 -9.06 17.62 11.47
CA ALA B 422 -8.98 16.58 12.47
C ALA B 422 -9.72 15.32 12.07
N THR B 423 -9.15 14.17 12.44
CA THR B 423 -9.73 12.87 12.14
C THR B 423 -10.02 12.06 13.40
N VAL B 424 -9.94 12.68 14.57
CA VAL B 424 -10.14 11.99 15.83
C VAL B 424 -11.53 12.38 16.33
N PRO B 425 -12.13 11.65 17.27
CA PRO B 425 -13.48 12.02 17.72
C PRO B 425 -13.54 13.44 18.23
N LYS B 426 -14.61 14.14 17.84
CA LYS B 426 -14.84 15.52 18.25
C LYS B 426 -16.24 15.63 18.81
N VAL B 427 -16.34 15.97 20.09
CA VAL B 427 -17.62 16.12 20.77
C VAL B 427 -17.76 17.55 21.23
N THR B 428 -18.73 18.27 20.67
CA THR B 428 -18.92 19.69 20.96
C THR B 428 -20.21 19.87 21.74
N VAL B 429 -20.15 20.65 22.82
CA VAL B 429 -21.31 21.08 23.58
C VAL B 429 -21.30 22.60 23.61
N ILE B 430 -22.44 23.20 23.31
CA ILE B 430 -22.59 24.66 23.30
C ILE B 430 -23.29 25.06 24.58
N THR B 431 -22.61 25.84 25.42
CA THR B 431 -23.17 26.18 26.71
C THR B 431 -23.96 27.48 26.68
N ARG B 432 -23.56 28.43 25.83
CA ARG B 432 -24.38 29.63 25.66
C ARG B 432 -24.22 30.32 24.31
N LYS B 433 -23.30 31.27 24.15
CA LYS B 433 -23.25 32.04 22.90
C LYS B 433 -22.49 31.31 21.82
N ALA B 434 -22.98 31.45 20.58
CA ALA B 434 -22.21 31.06 19.41
C ALA B 434 -22.68 31.95 18.26
N TYR B 435 -22.11 33.13 18.16
CA TYR B 435 -22.49 34.11 17.15
C TYR B 435 -21.49 34.14 16.01
N GLY B 436 -21.98 34.31 14.79
CA GLY B 436 -21.10 34.67 13.69
C GLY B 436 -20.20 33.53 13.27
N GLY B 437 -19.09 33.90 12.62
CA GLY B 437 -18.17 32.91 12.10
C GLY B 437 -17.51 32.09 13.18
N ALA B 438 -17.51 32.59 14.42
CA ALA B 438 -16.95 31.85 15.54
C ALA B 438 -17.67 30.53 15.76
N TYR B 439 -18.93 30.40 15.35
CA TYR B 439 -19.62 29.13 15.49
C TYR B 439 -18.86 28.02 14.79
N ASP B 440 -18.42 28.27 13.56
CA ASP B 440 -17.74 27.24 12.78
C ASP B 440 -16.31 27.05 13.22
N VAL B 441 -15.64 28.11 13.63
CA VAL B 441 -14.26 28.03 14.10
C VAL B 441 -14.16 27.13 15.31
N MET B 442 -15.10 27.23 16.24
CA MET B 442 -15.12 26.38 17.43
C MET B 442 -15.79 25.04 17.15
N SER B 443 -15.22 24.33 16.18
CA SER B 443 -15.50 22.92 15.87
C SER B 443 -17.01 22.64 15.80
N SER B 444 -17.64 23.27 14.82
CA SER B 444 -19.03 23.00 14.50
C SER B 444 -19.18 21.65 13.81
N LYS B 445 -20.38 21.09 13.83
CA LYS B 445 -20.61 19.79 13.26
C LYS B 445 -20.30 19.63 11.78
N HIS B 446 -20.44 20.71 11.03
CA HIS B 446 -20.21 20.63 9.60
C HIS B 446 -18.74 20.58 9.23
N LEU B 447 -17.85 20.53 10.22
CA LEU B 447 -16.43 20.30 10.00
C LEU B 447 -16.05 18.87 10.34
N CYS B 448 -16.92 17.92 9.98
CA CYS B 448 -16.78 16.48 10.25
C CYS B 448 -16.75 16.18 11.74
N GLY B 449 -17.63 16.83 12.49
CA GLY B 449 -17.79 16.53 13.90
C GLY B 449 -18.62 15.29 14.09
N ASP B 450 -18.53 14.72 15.28
CA ASP B 450 -19.27 13.49 15.55
C ASP B 450 -20.62 13.76 16.22
N THR B 451 -20.64 14.57 17.27
CA THR B 451 -21.88 14.95 17.92
C THR B 451 -21.82 16.41 18.32
N ASN B 452 -22.97 17.06 18.42
CA ASN B 452 -23.04 18.45 18.81
C ASN B 452 -24.25 18.63 19.67
N TYR B 453 -24.03 18.96 20.94
CA TYR B 453 -25.08 19.14 21.93
C TYR B 453 -25.22 20.61 22.27
N ALA B 454 -26.44 21.00 22.56
CA ALA B 454 -26.73 22.34 23.05
C ALA B 454 -27.37 22.24 24.41
N TRP B 455 -27.06 23.20 25.28
CA TRP B 455 -27.81 23.35 26.50
C TRP B 455 -29.00 24.26 26.22
N PRO B 456 -30.05 24.20 27.06
CA PRO B 456 -31.19 25.10 26.84
C PRO B 456 -30.84 26.58 26.76
N THR B 457 -29.69 27.01 27.27
CA THR B 457 -29.30 28.40 27.22
C THR B 457 -28.52 28.76 25.95
N ALA B 458 -28.29 27.81 25.06
CA ALA B 458 -27.51 28.07 23.87
C ALA B 458 -28.29 28.95 22.91
N GLU B 459 -27.56 29.80 22.18
CA GLU B 459 -28.18 30.57 21.11
C GLU B 459 -27.21 30.63 19.93
N ILE B 460 -27.66 30.15 18.78
CA ILE B 460 -26.85 30.06 17.57
C ILE B 460 -27.44 30.99 16.53
N ALA B 461 -26.66 31.98 16.09
CA ALA B 461 -27.14 32.98 15.15
C ALA B 461 -25.94 33.61 14.45
N VAL B 462 -26.21 34.26 13.32
CA VAL B 462 -25.19 35.02 12.62
C VAL B 462 -24.76 36.23 13.44
N MET B 463 -25.69 36.78 14.21
CA MET B 463 -25.38 37.86 15.11
C MET B 463 -26.55 38.00 16.07
N GLY B 464 -26.40 38.85 17.08
CA GLY B 464 -27.43 39.06 18.07
C GLY B 464 -28.63 39.80 17.50
N ALA B 465 -29.70 39.83 18.30
CA ALA B 465 -30.98 40.35 17.83
C ALA B 465 -30.88 41.81 17.41
N LYS B 466 -30.10 42.62 18.15
CA LYS B 466 -29.97 44.04 17.85
C LYS B 466 -29.40 44.27 16.46
N GLY B 467 -28.26 43.65 16.13
CA GLY B 467 -27.69 43.83 14.81
C GLY B 467 -28.59 43.27 13.73
N ALA B 468 -29.05 42.04 13.90
CA ALA B 468 -29.83 41.38 12.87
C ALA B 468 -31.13 42.12 12.57
N VAL B 469 -31.85 42.58 13.60
CA VAL B 469 -33.14 43.20 13.34
C VAL B 469 -32.99 44.61 12.75
N GLU B 470 -32.04 45.41 13.27
CA GLU B 470 -31.85 46.74 12.71
C GLU B 470 -31.36 46.67 11.28
N ILE B 471 -30.66 45.61 10.89
CA ILE B 471 -30.21 45.52 9.51
C ILE B 471 -31.34 45.02 8.64
N ILE B 472 -32.05 44.00 9.09
CA ILE B 472 -33.15 43.47 8.29
C ILE B 472 -34.22 44.52 8.05
N PHE B 473 -34.60 45.24 9.10
CA PHE B 473 -35.67 46.22 9.02
C PHE B 473 -35.04 47.62 9.02
N LYS B 474 -34.13 47.85 8.10
CA LYS B 474 -33.36 49.10 8.05
C LYS B 474 -34.18 50.19 7.36
N GLY B 475 -34.46 51.25 8.11
CA GLY B 475 -35.33 52.31 7.65
C GLY B 475 -36.81 52.08 7.86
N HIS B 476 -37.20 51.01 8.54
CA HIS B 476 -38.61 50.74 8.72
C HIS B 476 -39.09 51.28 10.06
N GLU B 477 -40.40 51.53 10.14
CA GLU B 477 -41.04 51.92 11.38
C GLU B 477 -41.26 50.69 12.24
N ASN B 478 -41.42 50.91 13.55
CA ASN B 478 -41.78 49.91 14.56
C ASN B 478 -40.79 48.74 14.56
N VAL B 479 -39.52 49.10 14.48
CA VAL B 479 -38.45 48.11 14.50
C VAL B 479 -38.43 47.36 15.82
N GLU B 480 -38.65 48.08 16.94
CA GLU B 480 -38.67 47.45 18.25
C GLU B 480 -39.78 46.41 18.35
N ALA B 481 -40.94 46.66 17.74
CA ALA B 481 -42.00 45.64 17.72
C ALA B 481 -41.58 44.43 16.91
N ALA B 482 -40.95 44.65 15.76
CA ALA B 482 -40.40 43.55 14.98
C ALA B 482 -39.31 42.81 15.73
N GLN B 483 -38.52 43.53 16.53
CA GLN B 483 -37.47 42.89 17.32
C GLN B 483 -38.05 41.94 18.36
N ALA B 484 -39.16 42.31 18.97
CA ALA B 484 -39.80 41.42 19.94
C ALA B 484 -40.20 40.10 19.30
N GLU B 485 -40.76 40.16 18.09
CA GLU B 485 -41.12 38.93 17.38
C GLU B 485 -39.88 38.15 16.98
N TYR B 486 -38.85 38.84 16.50
CA TYR B 486 -37.59 38.19 16.14
C TYR B 486 -36.97 37.48 17.34
N ILE B 487 -36.91 38.15 18.49
CA ILE B 487 -36.30 37.52 19.66
C ILE B 487 -37.06 36.27 20.07
N GLU B 488 -38.39 36.34 20.11
CA GLU B 488 -39.17 35.16 20.48
C GLU B 488 -38.92 33.99 19.55
N LYS B 489 -38.69 34.23 18.26
CA LYS B 489 -38.50 33.10 17.37
C LYS B 489 -37.05 32.64 17.25
N PHE B 490 -36.08 33.55 17.23
CA PHE B 490 -34.71 33.19 16.88
C PHE B 490 -33.73 33.22 18.06
N ALA B 491 -34.07 33.87 19.17
CA ALA B 491 -33.12 33.99 20.29
C ALA B 491 -33.16 32.74 21.17
N ASN B 492 -32.75 31.61 20.60
CA ASN B 492 -32.89 30.29 21.21
C ASN B 492 -32.16 29.27 20.36
N PRO B 493 -31.96 28.05 20.82
CA PRO B 493 -31.14 27.14 20.02
C PRO B 493 -31.91 26.38 18.95
N PHE B 494 -33.20 26.60 18.83
CA PHE B 494 -34.07 25.84 17.95
C PHE B 494 -33.99 26.08 16.44
N PRO B 495 -33.87 27.30 15.89
CA PRO B 495 -33.75 27.41 14.42
C PRO B 495 -32.53 26.72 13.85
N ALA B 496 -31.48 26.51 14.63
CA ALA B 496 -30.34 25.71 14.22
C ALA B 496 -30.58 24.22 14.41
N ALA B 497 -31.11 23.81 15.56
CA ALA B 497 -31.37 22.41 15.82
C ALA B 497 -32.33 21.77 14.84
N VAL B 498 -33.38 22.49 14.42
CA VAL B 498 -34.35 21.88 13.52
C VAL B 498 -33.76 21.73 12.12
N ARG B 499 -32.61 22.29 11.88
CA ARG B 499 -32.04 22.13 10.57
C ARG B 499 -30.94 21.09 10.55
N GLY B 500 -30.65 20.49 11.70
CA GLY B 500 -29.64 19.47 11.77
C GLY B 500 -28.30 19.98 12.25
N PHE B 501 -28.25 21.18 12.79
CA PHE B 501 -26.97 21.69 13.28
C PHE B 501 -26.64 21.11 14.64
N VAL B 502 -27.67 20.76 15.41
CA VAL B 502 -27.51 20.28 16.78
C VAL B 502 -28.20 18.92 16.87
N ASP B 503 -27.56 17.98 17.54
CA ASP B 503 -28.13 16.64 17.59
C ASP B 503 -29.17 16.48 18.69
N ASP B 504 -29.01 17.20 19.79
CA ASP B 504 -29.95 17.09 20.89
C ASP B 504 -29.78 18.31 21.75
N ILE B 505 -30.79 18.60 22.55
CA ILE B 505 -30.69 19.64 23.56
C ILE B 505 -30.88 18.95 24.89
N ILE B 506 -29.86 19.01 25.73
CA ILE B 506 -29.75 18.12 26.86
C ILE B 506 -29.81 18.95 28.14
N GLN B 507 -30.26 18.33 29.22
CA GLN B 507 -30.26 19.00 30.49
C GLN B 507 -28.79 19.04 30.84
N PRO B 508 -28.26 20.18 31.25
CA PRO B 508 -26.83 20.30 31.54
C PRO B 508 -26.31 19.23 32.49
N SER B 509 -27.12 18.81 33.46
CA SER B 509 -26.70 17.79 34.41
C SER B 509 -26.32 16.48 33.75
N SER B 510 -26.80 16.24 32.55
CA SER B 510 -26.49 14.98 31.87
C SER B 510 -25.28 15.08 30.97
N THR B 511 -24.64 16.26 30.87
CA THR B 511 -23.55 16.43 29.91
C THR B 511 -22.50 15.33 30.03
N ARG B 512 -22.09 14.96 31.26
CA ARG B 512 -20.99 14.01 31.41
C ARG B 512 -21.40 12.66 30.85
N ALA B 513 -22.62 12.24 31.15
CA ALA B 513 -23.12 10.96 30.68
C ALA B 513 -23.17 10.85 29.18
N ARG B 514 -23.54 11.94 28.51
CA ARG B 514 -23.66 11.95 27.07
C ARG B 514 -22.32 11.86 26.37
N ILE B 515 -21.35 12.58 26.89
CA ILE B 515 -19.98 12.62 26.39
C ILE B 515 -19.30 11.27 26.55
N CYS B 516 -19.47 10.66 27.72
CA CYS B 516 -18.92 9.35 28.04
C CYS B 516 -19.42 8.30 27.09
N CYS B 517 -20.72 8.35 26.79
CA CYS B 517 -21.33 7.44 25.84
C CYS B 517 -20.75 7.61 24.45
N ASP B 518 -20.54 8.85 24.00
CA ASP B 518 -19.99 9.09 22.68
C ASP B 518 -18.53 8.66 22.59
N LEU B 519 -17.75 8.95 23.63
CA LEU B 519 -16.33 8.62 23.58
C LEU B 519 -16.09 7.13 23.47
N ASP B 520 -16.94 6.33 24.12
CA ASP B 520 -16.72 4.90 24.15
C ASP B 520 -17.23 4.21 22.90
N VAL B 521 -17.86 4.94 21.99
CA VAL B 521 -18.27 4.35 20.72
C VAL B 521 -17.61 5.00 19.53
N LEU B 522 -17.05 6.20 19.67
CA LEU B 522 -16.33 6.83 18.60
C LEU B 522 -14.86 6.45 18.61
N ALA B 523 -14.42 5.66 19.59
CA ALA B 523 -13.01 5.34 19.72
C ALA B 523 -12.51 4.43 18.61
N SER B 524 -13.43 3.81 17.88
CA SER B 524 -13.06 2.88 16.82
C SER B 524 -13.21 3.53 15.44
N LYS B 525 -13.42 4.83 15.44
CA LYS B 525 -13.61 5.60 14.24
C LYS B 525 -12.41 5.64 13.30
N LYS B 526 -12.63 5.37 12.01
CA LYS B 526 -11.58 5.58 11.03
C LYS B 526 -12.18 6.24 9.81
N VAL B 527 -11.45 7.21 9.25
CA VAL B 527 -11.87 7.95 8.08
C VAL B 527 -10.71 7.99 7.09
N GLN B 528 -11.02 8.24 5.83
CA GLN B 528 -9.99 8.44 4.81
C GLN B 528 -10.03 9.87 4.30
N ARG B 529 -8.88 10.34 3.82
CA ARG B 529 -8.73 11.67 3.20
C ARG B 529 -7.90 11.51 1.94
N PRO B 530 -8.09 12.37 0.94
CA PRO B 530 -7.23 12.33 -0.24
C PRO B 530 -5.76 12.45 0.13
N TRP B 531 -4.93 11.75 -0.64
CA TRP B 531 -3.51 11.73 -0.34
C TRP B 531 -2.89 13.10 -0.63
N ARG B 532 -2.01 13.53 0.26
CA ARG B 532 -1.28 14.77 0.05
C ARG B 532 0.12 14.59 0.63
N LYS B 533 1.14 15.09 -0.05
CA LYS B 533 2.51 14.94 0.40
C LYS B 533 2.55 15.40 1.85
N HIS B 534 1.98 16.57 2.09
CA HIS B 534 1.87 17.15 3.41
C HIS B 534 0.77 18.18 3.47
N ALA B 535 0.38 18.54 4.66
CA ALA B 535 -0.62 19.58 4.84
C ALA B 535 -0.02 20.95 4.59
N ASN B 536 -0.88 21.90 4.25
CA ASN B 536 -0.49 23.29 4.00
C ASN B 536 -1.31 24.23 4.88
N ILE B 537 -0.88 24.38 6.13
CA ILE B 537 -1.50 25.21 7.15
C ILE B 537 -1.36 26.69 6.78
N PRO B 538 -2.41 27.51 6.93
CA PRO B 538 -2.34 28.93 6.52
C PRO B 538 -1.20 29.76 7.09
N LEU B 539 -0.62 29.38 8.23
CA LEU B 539 0.43 30.12 8.94
C LEU B 539 0.10 31.58 9.27
N LYS C 61 66.48 46.33 -27.38
CA LYS C 61 65.41 46.70 -28.28
C LYS C 61 64.53 47.80 -27.70
N THR C 62 63.72 47.45 -26.70
CA THR C 62 62.78 48.39 -26.12
C THR C 62 62.78 48.22 -24.61
N PHE C 63 61.77 48.80 -23.95
CA PHE C 63 61.69 48.81 -22.49
C PHE C 63 61.32 47.43 -21.99
N ASP C 64 61.79 47.07 -20.81
CA ASP C 64 61.31 45.85 -20.17
C ASP C 64 60.03 46.06 -19.40
N LYS C 65 59.82 47.22 -18.77
CA LYS C 65 58.63 47.41 -17.94
C LYS C 65 58.22 48.87 -17.91
N ILE C 66 56.95 49.12 -18.21
CA ILE C 66 56.39 50.46 -18.26
C ILE C 66 55.24 50.54 -17.27
N LEU C 67 55.21 51.62 -16.50
CA LEU C 67 54.10 51.86 -15.60
C LEU C 67 53.12 52.83 -16.23
N VAL C 68 51.84 52.56 -16.09
CA VAL C 68 50.81 53.44 -16.59
C VAL C 68 50.19 54.15 -15.39
N ALA C 69 50.09 55.48 -15.47
CA ALA C 69 49.56 56.27 -14.36
C ALA C 69 48.14 56.76 -14.61
N ASN C 70 47.26 55.89 -15.11
CA ASN C 70 45.92 56.28 -15.48
C ASN C 70 45.01 55.08 -15.29
N ARG C 71 43.73 55.28 -15.59
CA ARG C 71 42.74 54.23 -15.40
C ARG C 71 41.80 54.22 -16.59
N GLY C 72 41.18 53.07 -16.81
CA GLY C 72 40.16 53.00 -17.83
C GLY C 72 40.69 52.60 -19.18
N GLU C 73 39.99 53.03 -20.23
CA GLU C 73 40.28 52.54 -21.58
C GLU C 73 41.63 53.03 -22.07
N ILE C 74 42.11 54.16 -21.54
CA ILE C 74 43.40 54.68 -21.97
C ILE C 74 44.51 53.80 -21.41
N ALA C 75 44.33 53.31 -20.19
CA ALA C 75 45.24 52.33 -19.62
C ALA C 75 45.15 51.01 -20.37
N CYS C 76 43.96 50.63 -20.80
CA CYS C 76 43.83 49.40 -21.55
C CYS C 76 44.54 49.48 -22.89
N ARG C 77 44.46 50.63 -23.54
CA ARG C 77 45.13 50.80 -24.80
C ARG C 77 46.64 50.58 -24.66
N VAL C 78 47.25 51.12 -23.62
CA VAL C 78 48.69 50.97 -23.42
C VAL C 78 49.02 49.50 -23.07
N ILE C 79 48.21 48.86 -22.23
CA ILE C 79 48.47 47.48 -21.85
C ILE C 79 48.46 46.57 -23.07
N ARG C 80 47.48 46.75 -23.96
CA ARG C 80 47.40 45.97 -25.18
C ARG C 80 48.60 46.21 -26.09
N THR C 81 48.99 47.47 -26.26
CA THR C 81 50.16 47.76 -27.07
C THR C 81 51.43 47.15 -26.49
N CYS C 82 51.63 47.29 -25.17
CA CYS C 82 52.81 46.72 -24.54
C CYS C 82 52.87 45.21 -24.73
N LYS C 83 51.75 44.53 -24.55
CA LYS C 83 51.72 43.10 -24.75
C LYS C 83 52.07 42.71 -26.17
N LYS C 84 51.68 43.54 -27.12
CA LYS C 84 52.02 43.30 -28.51
C LYS C 84 53.52 43.49 -28.68
N MET C 85 54.09 44.41 -27.91
CA MET C 85 55.51 44.71 -27.98
C MET C 85 56.34 43.79 -27.08
N GLY C 86 55.71 43.03 -26.20
CA GLY C 86 56.47 42.18 -25.31
C GLY C 86 56.98 42.89 -24.07
N ILE C 87 56.29 43.93 -23.64
CA ILE C 87 56.71 44.76 -22.52
C ILE C 87 55.74 44.50 -21.38
N LYS C 88 56.27 44.33 -20.17
CA LYS C 88 55.41 44.15 -19.00
C LYS C 88 54.82 45.50 -18.61
N THR C 89 53.55 45.50 -18.21
CA THR C 89 52.88 46.74 -17.89
C THR C 89 52.42 46.73 -16.44
N VAL C 90 52.68 47.81 -15.73
CA VAL C 90 52.24 47.95 -14.35
C VAL C 90 51.09 48.94 -14.32
N ALA C 91 50.05 48.59 -13.59
CA ALA C 91 48.91 49.47 -13.43
C ALA C 91 48.90 50.03 -12.02
N ILE C 92 48.23 51.17 -11.86
CA ILE C 92 47.90 51.69 -10.55
C ILE C 92 46.39 51.84 -10.51
N HIS C 93 45.84 51.74 -9.30
CA HIS C 93 44.40 51.87 -9.13
C HIS C 93 44.09 52.38 -7.73
N SER C 94 42.89 52.93 -7.60
CA SER C 94 42.30 53.28 -6.32
C SER C 94 41.65 52.04 -5.71
N ASP C 95 41.19 52.13 -4.47
CA ASP C 95 40.52 51.00 -3.83
C ASP C 95 39.23 50.61 -4.54
N VAL C 96 38.55 51.55 -5.19
CA VAL C 96 37.29 51.19 -5.85
C VAL C 96 37.58 50.68 -7.26
N ASP C 97 38.71 51.07 -7.84
CA ASP C 97 39.10 50.60 -9.17
C ASP C 97 39.85 49.29 -9.15
N ALA C 98 39.97 48.64 -8.01
CA ALA C 98 40.72 47.40 -7.88
C ALA C 98 40.20 46.30 -8.78
N SER C 99 38.92 46.33 -9.17
CA SER C 99 38.42 45.30 -10.08
C SER C 99 38.17 45.81 -11.49
N SER C 100 38.72 46.96 -11.84
CA SER C 100 38.48 47.52 -13.16
C SER C 100 39.25 46.73 -14.21
N VAL C 101 38.94 46.99 -15.48
CA VAL C 101 39.52 46.13 -16.52
C VAL C 101 41.02 46.30 -16.61
N HIS C 102 41.52 47.53 -16.59
CA HIS C 102 42.95 47.71 -16.81
C HIS C 102 43.79 47.11 -15.70
N VAL C 103 43.22 46.96 -14.50
CA VAL C 103 43.96 46.31 -13.42
C VAL C 103 44.14 44.83 -13.73
N LYS C 104 43.10 44.19 -14.25
CA LYS C 104 43.17 42.76 -14.54
C LYS C 104 44.02 42.49 -15.77
N MET C 105 44.00 43.41 -16.75
CA MET C 105 44.80 43.20 -17.94
C MET C 105 46.28 43.42 -17.69
N ALA C 106 46.64 44.28 -16.73
CA ALA C 106 48.05 44.56 -16.48
C ALA C 106 48.71 43.33 -15.86
N ASP C 107 50.04 43.31 -15.91
CA ASP C 107 50.82 42.21 -15.36
C ASP C 107 51.03 42.36 -13.87
N GLU C 108 51.23 43.59 -13.40
CA GLU C 108 51.36 43.90 -12.00
C GLU C 108 50.53 45.14 -11.72
N ALA C 109 50.11 45.30 -10.48
CA ALA C 109 49.30 46.45 -10.10
C ALA C 109 49.67 46.86 -8.69
N VAL C 110 49.58 48.16 -8.42
CA VAL C 110 49.83 48.72 -7.10
C VAL C 110 48.63 49.56 -6.72
N CYS C 111 48.11 49.36 -5.52
CA CYS C 111 47.06 50.25 -5.04
C CYS C 111 47.71 51.49 -4.47
N VAL C 112 47.21 52.66 -4.86
CA VAL C 112 47.80 53.93 -4.49
C VAL C 112 47.01 54.62 -3.38
N GLY C 113 45.69 54.62 -3.48
CA GLY C 113 44.90 55.39 -2.57
C GLY C 113 43.42 55.15 -2.67
N PRO C 114 42.64 55.97 -1.98
CA PRO C 114 41.19 55.78 -1.94
C PRO C 114 40.47 56.30 -3.18
N ALA C 115 39.14 56.18 -3.16
CA ALA C 115 38.32 56.59 -4.30
C ALA C 115 38.60 57.97 -4.89
N PRO C 116 38.68 59.08 -4.14
CA PRO C 116 38.85 60.37 -4.82
C PRO C 116 40.21 60.47 -5.50
N THR C 117 40.18 60.98 -6.72
CA THR C 117 41.36 60.96 -7.57
C THR C 117 42.52 61.77 -6.99
N SER C 118 42.22 62.77 -6.15
CA SER C 118 43.27 63.65 -5.66
C SER C 118 44.25 62.89 -4.78
N LYS C 119 43.85 61.72 -4.31
CA LYS C 119 44.64 60.96 -3.37
C LYS C 119 45.11 59.63 -3.96
N SER C 120 44.76 59.34 -5.20
CA SER C 120 45.01 58.06 -5.85
C SER C 120 45.68 58.18 -7.21
N TYR C 121 45.27 59.15 -8.02
CA TYR C 121 45.84 59.31 -9.34
C TYR C 121 46.58 60.63 -9.49
N LEU C 122 46.29 61.60 -8.62
CA LEU C 122 47.08 62.82 -8.58
C LEU C 122 48.06 62.85 -7.41
N ASN C 123 48.23 61.75 -6.68
CA ASN C 123 49.16 61.68 -5.57
C ASN C 123 50.53 61.24 -6.10
N MET C 124 51.33 62.21 -6.53
CA MET C 124 52.55 61.88 -7.26
C MET C 124 53.58 61.19 -6.36
N ASP C 125 53.54 61.47 -5.05
CA ASP C 125 54.49 60.85 -4.12
C ASP C 125 54.21 59.37 -3.95
N ALA C 126 52.94 59.00 -3.80
CA ALA C 126 52.56 57.59 -3.69
C ALA C 126 52.83 56.86 -4.99
N ILE C 127 52.65 57.55 -6.12
CA ILE C 127 52.93 56.97 -7.42
C ILE C 127 54.42 56.72 -7.59
N MET C 128 55.26 57.69 -7.18
CA MET C 128 56.71 57.50 -7.26
C MET C 128 57.15 56.28 -6.48
N GLU C 129 56.52 56.03 -5.34
CA GLU C 129 56.81 54.84 -4.57
C GLU C 129 56.46 53.59 -5.35
N ALA C 130 55.32 53.59 -6.03
CA ALA C 130 54.94 52.46 -6.87
C ALA C 130 55.90 52.27 -8.03
N ILE C 131 56.39 53.38 -8.62
CA ILE C 131 57.27 53.30 -9.77
C ILE C 131 58.57 52.61 -9.40
N LYS C 132 59.16 52.99 -8.26
CA LYS C 132 60.38 52.34 -7.83
C LYS C 132 60.13 50.97 -7.22
N LYS C 133 59.00 50.79 -6.54
CA LYS C 133 58.71 49.50 -5.93
C LYS C 133 58.70 48.40 -6.98
N THR C 134 58.12 48.66 -8.14
CA THR C 134 58.05 47.65 -9.19
C THR C 134 59.23 47.70 -10.14
N ARG C 135 60.19 48.59 -9.91
CA ARG C 135 61.38 48.79 -10.75
C ARG C 135 60.96 49.03 -12.21
N ALA C 136 60.00 49.95 -12.35
CA ALA C 136 59.58 50.40 -13.67
C ALA C 136 60.63 51.28 -14.31
N GLN C 137 60.73 51.20 -15.63
CA GLN C 137 61.77 51.92 -16.36
C GLN C 137 61.23 53.22 -16.97
N ALA C 138 59.98 53.19 -17.43
CA ALA C 138 59.35 54.34 -18.09
C ALA C 138 57.92 54.48 -17.55
N VAL C 139 57.37 55.69 -17.59
CA VAL C 139 55.98 55.95 -17.18
C VAL C 139 55.19 56.59 -18.34
N HIS C 140 53.99 56.07 -18.62
CA HIS C 140 53.08 56.66 -19.62
C HIS C 140 51.78 57.10 -18.94
N PRO C 141 51.60 58.40 -18.70
CA PRO C 141 50.42 58.83 -17.95
C PRO C 141 49.14 58.90 -18.76
N GLY C 142 49.20 58.68 -20.07
CA GLY C 142 48.06 58.89 -20.95
C GLY C 142 47.70 60.35 -21.01
N TYR C 143 46.48 60.68 -20.59
CA TYR C 143 46.03 62.06 -20.62
C TYR C 143 45.28 62.34 -19.33
N GLY C 144 45.01 63.61 -19.10
CA GLY C 144 44.16 63.98 -17.99
C GLY C 144 44.88 64.33 -16.72
N PHE C 145 45.29 63.30 -15.97
CA PHE C 145 45.74 63.41 -14.59
C PHE C 145 47.06 64.15 -14.40
N LEU C 146 48.16 63.54 -14.83
CA LEU C 146 49.46 64.13 -14.56
C LEU C 146 50.22 64.32 -15.86
N SER C 147 49.50 64.46 -16.96
CA SER C 147 50.13 64.58 -18.26
C SER C 147 50.76 65.95 -18.48
N GLU C 148 50.26 66.98 -17.78
CA GLU C 148 50.83 68.32 -17.82
C GLU C 148 51.34 68.79 -16.47
N ASN C 149 51.55 67.87 -15.54
CA ASN C 149 51.97 68.23 -14.19
C ASN C 149 53.49 68.30 -14.15
N LYS C 150 54.03 69.52 -14.07
CA LYS C 150 55.48 69.68 -14.22
C LYS C 150 56.23 69.14 -13.01
N GLU C 151 55.66 69.31 -11.82
CA GLU C 151 56.31 68.84 -10.60
C GLU C 151 56.45 67.32 -10.61
N PHE C 152 55.46 66.63 -11.17
CA PHE C 152 55.55 65.18 -11.34
C PHE C 152 56.66 64.82 -12.31
N ALA C 153 56.67 65.45 -13.49
CA ALA C 153 57.72 65.16 -14.46
C ALA C 153 59.10 65.52 -13.94
N ARG C 154 59.20 66.58 -13.16
CA ARG C 154 60.49 67.02 -12.62
C ARG C 154 61.03 65.99 -11.63
N CYS C 155 60.22 65.63 -10.63
CA CYS C 155 60.63 64.66 -9.64
C CYS C 155 60.74 63.25 -10.21
N LEU C 156 60.03 62.95 -11.28
CA LEU C 156 60.18 61.69 -11.98
C LEU C 156 61.49 61.63 -12.73
N ALA C 157 61.83 62.68 -13.47
CA ALA C 157 63.11 62.71 -14.17
C ALA C 157 64.27 62.72 -13.19
N ALA C 158 64.10 63.34 -12.03
CA ALA C 158 65.17 63.39 -11.05
C ALA C 158 65.61 61.99 -10.65
N GLU C 159 64.72 61.01 -10.82
CA GLU C 159 65.00 59.64 -10.41
C GLU C 159 65.39 58.77 -11.59
N ASP C 160 65.67 59.40 -12.75
CA ASP C 160 66.07 58.79 -14.04
C ASP C 160 65.04 57.79 -14.58
N VAL C 161 63.77 58.14 -14.46
CA VAL C 161 62.73 57.31 -15.02
C VAL C 161 62.33 58.02 -16.31
N VAL C 162 62.17 57.27 -17.38
CA VAL C 162 61.90 57.85 -18.69
C VAL C 162 60.44 58.24 -18.65
N PHE C 163 60.17 59.48 -19.00
CA PHE C 163 58.81 59.95 -19.12
C PHE C 163 58.35 59.98 -20.55
N ILE C 164 57.20 59.36 -20.78
CA ILE C 164 56.61 59.29 -22.10
C ILE C 164 55.54 60.34 -22.33
N GLY C 165 55.89 61.41 -23.04
CA GLY C 165 54.99 62.54 -23.13
C GLY C 165 55.85 63.75 -23.33
N PRO C 166 55.26 64.97 -23.07
CA PRO C 166 56.13 66.13 -23.33
C PRO C 166 57.17 66.21 -22.23
N ASP C 167 58.22 66.99 -22.49
CA ASP C 167 59.22 67.30 -21.50
C ASP C 167 58.65 68.52 -20.82
N THR C 168 59.34 69.08 -19.85
CA THR C 168 58.74 70.20 -19.13
C THR C 168 58.89 71.52 -19.87
N HIS C 169 59.83 71.59 -20.81
CA HIS C 169 59.95 72.78 -21.63
C HIS C 169 58.71 73.00 -22.48
N ALA C 170 58.24 71.96 -23.17
CA ALA C 170 57.04 72.11 -23.98
C ALA C 170 55.82 72.45 -23.13
N ILE C 171 55.71 71.87 -21.93
CA ILE C 171 54.57 72.18 -21.07
C ILE C 171 54.57 73.64 -20.69
N GLN C 172 55.72 74.18 -20.27
CA GLN C 172 55.83 75.59 -19.92
C GLN C 172 55.75 76.50 -21.15
N ALA C 173 56.31 76.07 -22.27
CA ALA C 173 56.33 76.92 -23.46
C ALA C 173 54.92 77.31 -23.86
N MET C 174 53.98 76.37 -23.74
CA MET C 174 52.59 76.63 -24.07
C MET C 174 51.79 76.91 -22.78
N GLY C 175 52.49 77.35 -21.75
CA GLY C 175 51.85 77.45 -20.44
C GLY C 175 50.72 78.47 -20.45
N ASP C 176 50.87 79.51 -21.26
CA ASP C 176 49.94 80.64 -21.30
C ASP C 176 49.74 81.06 -22.75
N LYS C 177 48.84 82.02 -22.95
CA LYS C 177 48.49 82.50 -24.28
C LYS C 177 49.53 83.39 -24.96
N ILE C 178 50.35 84.08 -24.16
CA ILE C 178 51.35 84.97 -24.75
C ILE C 178 52.42 84.18 -25.50
N GLU C 179 52.97 83.13 -24.88
CA GLU C 179 54.00 82.34 -25.56
C GLU C 179 53.41 81.60 -26.75
N SER C 180 52.17 81.13 -26.63
CA SER C 180 51.54 80.45 -27.77
C SER C 180 51.37 81.38 -28.95
N LYS C 181 50.90 82.61 -28.71
CA LYS C 181 50.73 83.57 -29.79
C LYS C 181 52.07 83.96 -30.39
N LEU C 182 53.08 84.13 -29.53
CA LEU C 182 54.39 84.47 -30.05
C LEU C 182 54.94 83.35 -30.92
N LEU C 183 54.73 82.09 -30.54
CA LEU C 183 55.17 80.98 -31.37
C LEU C 183 54.50 80.99 -32.73
N ALA C 184 53.18 81.23 -32.76
CA ALA C 184 52.46 81.28 -34.03
C ALA C 184 52.97 82.39 -34.94
N LYS C 185 53.50 83.46 -34.35
CA LYS C 185 54.03 84.56 -35.16
C LYS C 185 55.39 84.20 -35.72
N LYS C 186 56.17 83.46 -34.95
CA LYS C 186 57.53 83.07 -35.33
C LYS C 186 57.55 81.90 -36.29
N ALA C 187 56.62 80.99 -36.08
CA ALA C 187 56.54 79.76 -36.82
C ALA C 187 55.86 80.21 -38.11
N GLU C 188 55.31 81.43 -38.07
CA GLU C 188 54.53 82.00 -39.15
C GLU C 188 53.28 81.21 -39.49
N VAL C 189 52.27 81.27 -38.64
CA VAL C 189 51.09 80.51 -39.02
C VAL C 189 49.95 81.40 -39.51
N ASN C 190 49.43 82.19 -38.57
CA ASN C 190 48.43 83.23 -38.81
C ASN C 190 48.25 84.28 -37.69
N THR C 191 47.45 84.00 -36.67
CA THR C 191 47.21 84.99 -35.62
C THR C 191 46.95 86.43 -36.09
N ILE C 192 45.78 86.63 -36.67
CA ILE C 192 45.34 87.87 -37.32
C ILE C 192 45.45 89.08 -36.41
N PRO C 193 46.07 90.16 -36.88
CA PRO C 193 46.25 91.33 -36.02
C PRO C 193 44.96 91.96 -35.57
N GLY C 194 45.01 92.59 -34.40
CA GLY C 194 43.96 93.49 -33.95
C GLY C 194 44.52 94.89 -33.88
N PHE C 195 43.83 95.74 -33.11
CA PHE C 195 44.26 97.12 -32.92
C PHE C 195 45.01 97.22 -31.60
N ASP C 196 46.30 97.52 -31.68
CA ASP C 196 47.15 97.65 -30.49
C ASP C 196 47.03 99.08 -30.00
N GLY C 197 45.85 99.38 -29.45
CA GLY C 197 45.57 100.69 -28.91
C GLY C 197 44.09 100.79 -28.60
N VAL C 198 43.69 101.88 -27.94
CA VAL C 198 42.30 102.04 -27.57
C VAL C 198 41.59 102.91 -28.61
N VAL C 199 40.41 102.47 -29.03
CA VAL C 199 39.64 103.28 -29.96
C VAL C 199 38.84 104.30 -29.18
N LYS C 200 39.02 105.57 -29.53
CA LYS C 200 38.44 106.67 -28.77
C LYS C 200 37.41 107.43 -29.58
N ASP C 201 37.70 107.71 -30.84
CA ASP C 201 36.87 108.54 -31.68
C ASP C 201 35.79 107.69 -32.34
N ALA C 202 34.89 108.36 -33.06
CA ALA C 202 33.81 107.69 -33.75
C ALA C 202 34.25 107.16 -35.11
N GLU C 203 35.27 107.79 -35.71
CA GLU C 203 35.78 107.40 -37.01
C GLU C 203 36.93 106.41 -36.94
N GLU C 204 37.60 106.30 -35.78
CA GLU C 204 38.65 105.30 -35.62
C GLU C 204 38.09 103.88 -35.67
N ALA C 205 36.88 103.66 -35.15
CA ALA C 205 36.31 102.32 -35.18
C ALA C 205 36.22 101.77 -36.59
N VAL C 206 35.94 102.64 -37.57
CA VAL C 206 35.87 102.15 -38.95
C VAL C 206 37.20 102.32 -39.67
N ARG C 207 37.93 103.40 -39.42
CA ARG C 207 39.18 103.58 -40.14
C ARG C 207 40.17 102.46 -39.83
N ILE C 208 40.28 102.05 -38.57
CA ILE C 208 41.26 100.99 -38.26
C ILE C 208 40.81 99.68 -38.91
N ALA C 209 39.51 99.36 -38.86
CA ALA C 209 39.01 98.14 -39.51
C ALA C 209 39.33 98.13 -41.00
N ARG C 210 39.19 99.27 -41.67
CA ARG C 210 39.49 99.35 -43.09
C ARG C 210 40.92 98.95 -43.39
N GLU C 211 41.85 99.31 -42.50
CA GLU C 211 43.24 98.96 -42.73
C GLU C 211 43.53 97.48 -42.50
N ILE C 212 42.85 96.82 -41.56
CA ILE C 212 43.19 95.42 -41.29
C ILE C 212 42.28 94.43 -42.00
N GLY C 213 40.97 94.68 -42.03
CA GLY C 213 40.06 93.70 -42.61
C GLY C 213 38.58 94.05 -42.64
N TYR C 214 37.73 93.05 -42.83
CA TYR C 214 36.28 93.30 -42.92
C TYR C 214 35.40 92.91 -41.74
N PRO C 215 35.37 91.56 -41.42
CA PRO C 215 34.53 91.22 -40.28
C PRO C 215 35.31 91.79 -39.10
N VAL C 216 34.66 92.67 -38.35
CA VAL C 216 35.29 93.32 -37.21
C VAL C 216 34.39 93.21 -35.99
N MET C 217 35.01 92.87 -34.86
CA MET C 217 34.34 92.72 -33.58
C MET C 217 34.72 93.89 -32.67
N ILE C 218 33.73 94.44 -31.95
CA ILE C 218 33.96 95.46 -30.94
C ILE C 218 33.73 94.86 -29.57
N LYS C 219 34.74 94.97 -28.68
CA LYS C 219 34.68 94.41 -27.34
C LYS C 219 35.37 95.37 -26.38
N ALA C 220 35.09 95.20 -25.08
CA ALA C 220 35.72 95.92 -23.99
C ALA C 220 37.22 95.59 -23.93
N SER C 221 38.02 96.58 -23.52
CA SER C 221 39.45 96.38 -23.34
C SER C 221 39.75 95.36 -22.24
N ALA C 222 38.84 95.23 -21.29
CA ALA C 222 38.94 94.21 -20.24
C ALA C 222 37.54 93.85 -19.75
N GLY C 223 37.25 92.56 -19.69
CA GLY C 223 35.97 92.08 -19.24
C GLY C 223 35.42 91.05 -20.19
N GLY C 224 34.14 90.73 -20.01
CA GLY C 224 33.50 89.73 -20.84
C GLY C 224 32.05 89.57 -20.45
N GLY C 225 31.39 88.61 -21.10
CA GLY C 225 30.00 88.34 -20.83
C GLY C 225 29.07 89.36 -21.48
N GLY C 226 29.47 89.87 -22.63
CA GLY C 226 28.68 90.87 -23.32
C GLY C 226 28.94 92.28 -22.83
N LYS C 227 30.14 92.55 -22.33
CA LYS C 227 30.46 93.86 -21.79
C LYS C 227 30.66 94.82 -22.96
N GLY C 228 29.53 95.22 -23.57
CA GLY C 228 29.55 96.11 -24.71
C GLY C 228 29.99 95.48 -26.00
N MET C 229 29.80 94.18 -26.17
CA MET C 229 30.27 93.48 -27.36
C MET C 229 29.18 93.57 -28.42
N ARG C 230 29.60 93.75 -29.67
CA ARG C 230 28.72 93.71 -30.82
C ARG C 230 29.52 93.21 -32.03
N ILE C 231 28.84 92.57 -32.96
CA ILE C 231 29.47 92.07 -34.17
C ILE C 231 29.10 93.01 -35.31
N ALA C 232 30.13 93.45 -36.05
CA ALA C 232 29.91 94.36 -37.16
C ALA C 232 30.62 93.86 -38.41
N TRP C 233 30.06 94.22 -39.56
CA TRP C 233 30.60 93.90 -40.88
C TRP C 233 30.91 95.13 -41.71
N ASP C 234 29.92 96.00 -41.92
CA ASP C 234 30.13 97.21 -42.70
C ASP C 234 30.50 98.35 -41.76
N ASP C 235 30.75 99.52 -42.34
CA ASP C 235 31.15 100.68 -41.57
C ASP C 235 30.00 101.32 -40.78
N GLU C 236 28.77 101.21 -41.25
CA GLU C 236 27.65 101.90 -40.59
C GLU C 236 27.37 101.31 -39.20
N GLU C 237 27.28 99.98 -39.10
CA GLU C 237 27.09 99.44 -37.77
C GLU C 237 28.40 99.28 -37.00
N THR C 238 29.57 99.33 -37.64
CA THR C 238 30.76 99.43 -36.81
C THR C 238 30.80 100.78 -36.07
N ARG C 239 30.49 101.89 -36.76
CA ARG C 239 30.48 103.18 -36.10
C ARG C 239 29.43 103.21 -35.00
N ASP C 240 28.25 102.66 -35.30
CA ASP C 240 27.13 102.65 -34.36
C ASP C 240 27.44 101.78 -33.14
N GLY C 241 28.01 100.59 -33.36
CA GLY C 241 28.37 99.72 -32.26
C GLY C 241 29.37 100.35 -31.30
N PHE C 242 30.40 101.01 -31.84
CA PHE C 242 31.39 101.62 -30.96
C PHE C 242 30.76 102.71 -30.10
N ARG C 243 30.03 103.64 -30.71
CA ARG C 243 29.58 104.79 -29.96
C ARG C 243 28.56 104.39 -28.89
N LEU C 244 27.79 103.33 -29.16
CA LEU C 244 26.85 102.80 -28.17
C LEU C 244 27.59 102.22 -26.97
N SER C 245 28.63 101.43 -27.23
CA SER C 245 29.40 100.80 -26.17
C SER C 245 30.23 101.82 -25.41
N SER C 246 30.80 102.78 -26.11
CA SER C 246 31.64 103.79 -25.49
C SER C 246 30.84 104.80 -24.66
N GLN C 247 29.55 104.96 -24.92
CA GLN C 247 28.72 105.80 -24.06
C GLN C 247 27.93 105.04 -22.98
N GLU C 248 27.62 103.75 -23.18
CA GLU C 248 26.86 103.05 -22.15
C GLU C 248 27.71 102.14 -21.26
N ALA C 249 28.86 101.66 -21.72
CA ALA C 249 29.66 100.72 -20.93
C ALA C 249 30.10 101.31 -19.61
N ALA C 250 30.28 102.63 -19.55
CA ALA C 250 30.72 103.30 -18.33
C ALA C 250 29.73 103.09 -17.19
N SER C 251 28.47 102.77 -17.50
CA SER C 251 27.45 102.55 -16.49
C SER C 251 27.45 101.13 -15.95
N SER C 252 28.25 100.22 -16.52
CA SER C 252 28.24 98.86 -16.02
C SER C 252 29.34 98.66 -14.98
N PHE C 253 30.59 98.59 -15.45
CA PHE C 253 31.72 98.35 -14.55
C PHE C 253 32.67 99.53 -14.51
N GLY C 254 32.26 100.71 -14.99
CA GLY C 254 33.07 101.91 -14.94
C GLY C 254 34.18 102.00 -15.96
N ASP C 255 34.05 101.34 -17.10
CA ASP C 255 35.10 101.33 -18.12
C ASP C 255 34.48 101.36 -19.50
N ASP C 256 34.92 102.30 -20.33
CA ASP C 256 34.28 102.53 -21.62
C ASP C 256 35.35 102.56 -22.71
N ARG C 257 36.49 101.92 -22.45
CA ARG C 257 37.55 101.79 -23.44
C ARG C 257 37.25 100.55 -24.29
N LEU C 258 37.14 100.75 -25.60
CA LEU C 258 36.82 99.68 -26.55
C LEU C 258 38.04 99.32 -27.40
N LEU C 259 38.18 98.03 -27.70
CA LEU C 259 39.18 97.53 -28.64
C LEU C 259 38.46 96.92 -29.84
N ILE C 260 39.14 96.85 -30.98
CA ILE C 260 38.62 96.10 -32.11
C ILE C 260 39.64 95.06 -32.53
N GLU C 261 39.12 93.91 -32.97
CA GLU C 261 39.85 92.74 -33.47
C GLU C 261 38.99 92.17 -34.60
N LYS C 262 39.44 91.08 -35.21
CA LYS C 262 38.75 90.50 -36.37
C LYS C 262 38.19 89.11 -36.03
N PHE C 263 37.04 88.74 -36.60
CA PHE C 263 36.40 87.49 -36.19
C PHE C 263 36.09 86.68 -37.44
N ILE C 264 35.52 85.50 -37.24
CA ILE C 264 35.04 84.62 -38.29
C ILE C 264 33.60 84.22 -38.02
N ASP C 265 32.90 83.86 -39.10
CA ASP C 265 31.53 83.34 -39.06
C ASP C 265 31.59 81.83 -38.89
N ASN C 266 30.40 81.17 -38.85
CA ASN C 266 30.15 79.76 -38.59
C ASN C 266 31.42 78.91 -38.55
N PRO C 267 32.11 78.90 -37.41
CA PRO C 267 33.42 78.25 -37.35
C PRO C 267 33.31 76.74 -37.35
N ARG C 268 34.34 76.09 -37.88
CA ARG C 268 34.52 74.66 -37.70
C ARG C 268 35.83 74.41 -36.97
N HIS C 269 35.82 73.46 -36.04
CA HIS C 269 36.98 73.14 -35.23
C HIS C 269 37.72 71.98 -35.87
N ILE C 270 38.96 72.19 -36.28
CA ILE C 270 39.70 71.19 -37.04
C ILE C 270 41.06 71.00 -36.38
N GLU C 271 41.41 69.74 -36.13
CA GLU C 271 42.66 69.41 -35.49
C GLU C 271 43.60 68.81 -36.50
N ILE C 272 44.89 69.06 -36.32
CA ILE C 272 45.93 68.34 -37.05
C ILE C 272 46.90 67.78 -36.01
N GLN C 273 47.19 66.49 -36.12
CA GLN C 273 48.08 65.82 -35.18
C GLN C 273 49.50 65.81 -35.71
N VAL C 274 50.47 66.01 -34.82
CA VAL C 274 51.88 66.02 -35.18
C VAL C 274 52.64 65.04 -34.28
N LEU C 275 53.52 64.27 -34.91
CA LEU C 275 54.39 63.33 -34.25
C LEU C 275 55.79 63.91 -34.30
N GLY C 276 56.32 64.30 -33.15
CA GLY C 276 57.66 64.86 -33.05
C GLY C 276 58.71 63.78 -32.91
N ASP C 277 59.93 64.09 -33.35
CA ASP C 277 61.08 63.21 -33.20
C ASP C 277 62.16 63.88 -32.36
N LYS C 278 62.79 63.09 -31.49
CA LYS C 278 63.91 63.59 -30.71
C LYS C 278 65.09 64.04 -31.56
N HIS C 279 65.15 63.63 -32.82
CA HIS C 279 66.25 64.01 -33.70
C HIS C 279 65.96 65.26 -34.50
N GLY C 280 64.82 65.91 -34.27
CA GLY C 280 64.47 67.12 -34.97
C GLY C 280 63.44 66.95 -36.05
N ASN C 281 63.10 65.72 -36.41
CA ASN C 281 62.07 65.50 -37.40
C ASN C 281 60.68 65.65 -36.79
N ALA C 282 59.68 65.86 -37.65
CA ALA C 282 58.29 65.92 -37.21
C ALA C 282 57.40 65.69 -38.43
N LEU C 283 56.40 64.84 -38.28
CA LEU C 283 55.44 64.61 -39.36
C LEU C 283 54.05 65.00 -38.88
N TRP C 284 53.20 65.34 -39.84
CA TRP C 284 51.83 65.70 -39.56
C TRP C 284 50.92 64.63 -40.13
N LEU C 285 49.84 64.34 -39.43
CA LEU C 285 48.91 63.30 -39.82
C LEU C 285 47.64 63.95 -40.36
N ASN C 286 46.75 63.14 -40.90
CA ASN C 286 45.48 63.66 -41.39
C ASN C 286 44.74 64.38 -40.26
N GLU C 287 43.94 65.36 -40.64
CA GLU C 287 43.23 66.19 -39.68
C GLU C 287 42.08 65.43 -39.01
N ARG C 288 41.38 66.13 -38.11
CA ARG C 288 40.14 65.67 -37.51
C ARG C 288 39.15 66.82 -37.46
N GLU C 289 37.91 66.54 -37.83
CA GLU C 289 36.80 67.47 -37.68
C GLU C 289 36.10 67.18 -36.37
N CYS C 290 36.09 68.16 -35.48
CA CYS C 290 35.59 67.97 -34.12
C CYS C 290 34.57 69.02 -33.77
N SER C 291 33.47 69.09 -34.52
CA SER C 291 32.55 70.20 -34.32
C SER C 291 31.33 69.82 -33.48
N ILE C 292 31.01 68.54 -33.37
CA ILE C 292 29.83 68.13 -32.60
C ILE C 292 30.23 68.01 -31.13
N GLN C 293 29.68 68.87 -30.28
CA GLN C 293 30.16 68.96 -28.91
C GLN C 293 29.03 69.45 -28.03
N ARG C 294 29.13 69.15 -26.74
CA ARG C 294 28.28 69.83 -25.76
C ARG C 294 29.08 70.06 -24.48
N ARG C 295 28.79 71.18 -23.83
CA ARG C 295 29.43 71.69 -22.60
C ARG C 295 30.96 71.78 -22.71
N ASN C 296 31.38 72.20 -23.91
CA ASN C 296 32.78 72.34 -24.36
C ASN C 296 33.56 71.02 -24.32
N GLN C 297 32.84 69.92 -24.60
CA GLN C 297 33.49 68.62 -24.67
C GLN C 297 32.99 67.90 -25.92
N LYS C 298 33.92 67.33 -26.66
CA LYS C 298 33.57 66.72 -27.93
C LYS C 298 32.86 65.39 -27.71
N VAL C 299 31.96 65.05 -28.63
CA VAL C 299 31.29 63.76 -28.55
C VAL C 299 31.43 62.98 -29.85
N VAL C 300 31.47 63.66 -30.99
CA VAL C 300 31.61 62.98 -32.28
C VAL C 300 32.67 63.70 -33.10
N GLU C 301 33.57 62.92 -33.70
CA GLU C 301 34.65 63.42 -34.52
C GLU C 301 34.72 62.60 -35.79
N GLU C 302 35.26 63.23 -36.84
CA GLU C 302 35.46 62.62 -38.14
C GLU C 302 36.91 62.93 -38.50
N ALA C 303 37.61 61.97 -39.08
CA ALA C 303 39.01 62.22 -39.41
C ALA C 303 39.27 62.94 -40.71
N PRO C 304 38.77 62.39 -41.81
CA PRO C 304 38.95 62.97 -43.15
C PRO C 304 37.96 64.10 -43.35
N SER C 305 38.04 65.10 -42.48
CA SER C 305 37.15 66.26 -42.52
C SER C 305 36.08 66.31 -43.63
N ILE C 306 36.26 67.25 -44.56
CA ILE C 306 35.41 67.51 -45.73
C ILE C 306 35.67 68.93 -46.17
N PHE C 307 36.30 69.70 -45.29
CA PHE C 307 36.47 71.13 -45.51
C PHE C 307 37.86 71.38 -46.04
N LEU C 308 38.55 70.31 -46.42
CA LEU C 308 39.90 70.38 -46.93
C LEU C 308 40.10 69.61 -48.23
N ASP C 309 40.80 70.22 -49.18
CA ASP C 309 41.29 69.52 -50.35
C ASP C 309 42.76 69.18 -50.14
N ALA C 310 43.40 68.59 -51.14
CA ALA C 310 44.76 68.12 -50.94
C ALA C 310 45.73 69.27 -50.62
N GLU C 311 45.56 70.41 -51.26
CA GLU C 311 46.48 71.53 -51.04
C GLU C 311 46.29 72.14 -49.67
N THR C 312 45.04 72.29 -49.20
CA THR C 312 44.82 72.85 -47.89
C THR C 312 45.40 71.97 -46.79
N ARG C 313 45.27 70.65 -46.93
CA ARG C 313 45.84 69.73 -45.97
C ARG C 313 47.35 69.91 -45.86
N ARG C 314 48.03 70.02 -47.00
CA ARG C 314 49.47 70.22 -46.96
C ARG C 314 49.83 71.57 -46.35
N ALA C 315 49.10 72.61 -46.74
CA ALA C 315 49.40 73.95 -46.26
C ALA C 315 49.27 74.03 -44.74
N MET C 316 48.22 73.46 -44.19
CA MET C 316 48.00 73.51 -42.75
C MET C 316 48.86 72.50 -42.01
N GLY C 317 49.13 71.35 -42.62
CA GLY C 317 50.03 70.38 -42.00
C GLY C 317 51.42 70.93 -41.79
N GLU C 318 51.93 71.65 -42.79
CA GLU C 318 53.24 72.27 -42.69
C GLU C 318 53.29 73.32 -41.59
N GLN C 319 52.23 74.10 -41.43
CA GLN C 319 52.20 75.06 -40.32
C GLN C 319 52.14 74.39 -38.95
N ALA C 320 51.38 73.30 -38.80
CA ALA C 320 51.40 72.57 -37.54
C ALA C 320 52.78 72.02 -37.25
N VAL C 321 53.51 71.57 -38.28
CA VAL C 321 54.88 71.12 -38.05
C VAL C 321 55.78 72.29 -37.67
N ALA C 322 55.61 73.44 -38.33
CA ALA C 322 56.39 74.64 -38.02
C ALA C 322 56.25 75.03 -36.57
N LEU C 323 55.08 74.84 -35.98
CA LEU C 323 54.98 75.08 -34.55
C LEU C 323 55.80 74.05 -33.76
N ALA C 324 55.64 72.76 -34.07
CA ALA C 324 56.34 71.73 -33.31
C ALA C 324 57.86 71.82 -33.41
N ARG C 325 58.41 72.18 -34.56
CA ARG C 325 59.84 72.23 -34.74
C ARG C 325 60.49 73.47 -34.16
N ALA C 326 59.71 74.42 -33.66
CA ALA C 326 60.25 75.66 -33.13
C ALA C 326 60.24 75.69 -31.60
N VAL C 327 59.77 74.63 -30.96
CA VAL C 327 59.79 74.53 -29.51
C VAL C 327 60.44 73.18 -29.21
N LYS C 328 60.76 72.50 -30.31
CA LYS C 328 61.32 71.16 -30.31
C LYS C 328 60.42 70.19 -29.59
N TYR C 329 59.17 70.15 -30.04
CA TYR C 329 58.14 69.28 -29.44
C TYR C 329 58.31 67.83 -29.88
N SER C 330 59.27 67.15 -29.26
CA SER C 330 59.65 65.79 -29.60
C SER C 330 58.77 64.88 -28.76
N SER C 331 57.47 64.93 -29.07
CA SER C 331 56.38 64.19 -28.45
C SER C 331 55.21 64.20 -29.44
N ALA C 332 54.13 63.50 -29.12
CA ALA C 332 52.95 63.57 -29.96
C ALA C 332 51.96 64.57 -29.37
N GLY C 333 51.33 65.35 -30.25
CA GLY C 333 50.41 66.37 -29.79
C GLY C 333 49.51 66.82 -30.92
N THR C 334 48.72 67.84 -30.63
CA THR C 334 47.70 68.30 -31.55
C THR C 334 47.71 69.80 -31.66
N VAL C 335 47.49 70.29 -32.88
CA VAL C 335 47.36 71.72 -33.14
C VAL C 335 45.93 71.97 -33.59
N GLU C 336 45.28 72.94 -32.95
CA GLU C 336 43.90 73.28 -33.26
C GLU C 336 43.74 74.53 -34.10
N PHE C 337 42.99 74.40 -35.18
CA PHE C 337 42.71 75.49 -36.10
C PHE C 337 41.20 75.73 -36.11
N LEU C 338 40.82 76.96 -36.40
CA LEU C 338 39.44 77.33 -36.72
C LEU C 338 39.43 77.76 -38.18
N VAL C 339 38.42 77.30 -38.92
CA VAL C 339 38.23 77.68 -40.30
C VAL C 339 36.88 78.36 -40.44
N ASP C 340 36.82 79.43 -41.22
CA ASP C 340 35.59 80.17 -41.46
C ASP C 340 34.90 79.58 -42.69
N SER C 341 33.80 80.23 -43.10
CA SER C 341 33.00 79.71 -44.20
C SER C 341 33.74 79.81 -45.52
N LYS C 342 34.83 80.60 -45.55
CA LYS C 342 35.54 80.85 -46.80
C LYS C 342 36.83 80.04 -46.89
N LYS C 343 36.98 79.07 -45.99
CA LYS C 343 38.19 78.25 -45.95
C LYS C 343 39.44 79.03 -45.53
N ASN C 344 39.27 80.09 -44.74
CA ASN C 344 40.41 80.74 -44.12
C ASN C 344 40.65 80.11 -42.75
N PHE C 345 41.87 79.64 -42.57
CA PHE C 345 42.29 78.90 -41.39
C PHE C 345 43.09 79.80 -40.46
N TYR C 346 42.72 79.78 -39.18
CA TYR C 346 43.37 80.60 -38.15
C TYR C 346 43.86 79.70 -37.03
N PHE C 347 45.03 80.03 -36.47
CA PHE C 347 45.58 79.29 -35.35
C PHE C 347 44.74 79.48 -34.10
N LEU C 348 44.47 78.39 -33.38
CA LEU C 348 43.81 78.52 -32.09
C LEU C 348 44.68 78.14 -30.90
N GLU C 349 45.20 76.92 -30.89
CA GLU C 349 46.02 76.52 -29.76
C GLU C 349 46.79 75.23 -30.03
N MET C 350 47.90 75.09 -29.32
CA MET C 350 48.75 73.91 -29.45
C MET C 350 48.63 73.11 -28.16
N ASN C 351 48.27 71.83 -28.32
CA ASN C 351 48.11 70.85 -27.24
C ASN C 351 49.25 69.84 -27.11
N THR C 352 49.67 69.59 -25.88
CA THR C 352 50.76 68.65 -25.65
C THR C 352 50.33 67.44 -24.83
N ARG C 353 49.76 66.46 -25.51
CA ARG C 353 49.32 65.24 -24.84
C ARG C 353 48.50 64.42 -25.82
N LEU C 354 48.53 63.11 -25.64
CA LEU C 354 47.76 62.23 -26.49
C LEU C 354 46.32 62.65 -26.32
N GLN C 355 45.65 62.96 -27.41
CA GLN C 355 44.28 63.40 -27.31
C GLN C 355 43.31 62.25 -27.18
N VAL C 356 42.10 62.57 -26.77
CA VAL C 356 41.08 61.56 -26.63
C VAL C 356 40.55 61.28 -28.01
N GLU C 357 41.01 62.06 -28.99
CA GLU C 357 40.59 61.90 -30.36
C GLU C 357 41.72 61.34 -31.23
N HIS C 358 42.41 60.36 -30.68
CA HIS C 358 43.52 59.74 -31.38
C HIS C 358 43.18 58.33 -31.86
N PRO C 359 41.96 57.86 -31.64
CA PRO C 359 41.71 56.50 -32.14
C PRO C 359 40.95 56.51 -33.46
N VAL C 360 40.65 57.69 -33.97
CA VAL C 360 39.93 57.84 -35.23
C VAL C 360 40.87 58.12 -36.39
N THR C 361 41.98 58.82 -36.12
CA THR C 361 42.98 59.05 -37.15
C THR C 361 43.69 57.77 -37.51
N GLU C 362 43.97 56.93 -36.52
CA GLU C 362 44.66 55.66 -36.73
C GLU C 362 43.97 54.77 -37.75
N CYS C 363 42.65 54.82 -37.85
CA CYS C 363 41.96 53.96 -38.79
C CYS C 363 42.11 54.41 -40.23
N ILE C 364 42.64 55.61 -40.50
CA ILE C 364 42.84 55.96 -41.90
C ILE C 364 44.32 56.16 -42.21
N THR C 365 45.16 56.30 -41.19
CA THR C 365 46.59 56.40 -41.42
C THR C 365 47.29 55.06 -41.30
N GLY C 366 46.69 54.11 -40.59
CA GLY C 366 47.30 52.80 -40.40
C GLY C 366 48.43 52.77 -39.39
N LEU C 367 48.44 53.70 -38.44
CA LEU C 367 49.52 53.80 -37.48
C LEU C 367 49.04 53.29 -36.12
N ASP C 368 49.99 53.16 -35.19
CA ASP C 368 49.70 52.80 -33.81
C ASP C 368 50.40 53.84 -32.94
N LEU C 369 49.64 54.79 -32.42
CA LEU C 369 50.23 55.93 -31.75
C LEU C 369 50.98 55.57 -30.47
N VAL C 370 50.47 54.61 -29.70
CA VAL C 370 51.15 54.25 -28.46
C VAL C 370 52.46 53.55 -28.74
N GLN C 371 52.48 52.65 -29.73
CA GLN C 371 53.70 51.97 -30.13
C GLN C 371 54.77 52.97 -30.56
N GLU C 372 54.34 54.00 -31.29
CA GLU C 372 55.29 54.98 -31.80
C GLU C 372 55.83 55.86 -30.67
N MET C 373 54.95 56.28 -29.76
CA MET C 373 55.39 57.10 -28.63
C MET C 373 56.38 56.36 -27.75
N ILE C 374 56.17 55.06 -27.53
CA ILE C 374 57.14 54.31 -26.76
C ILE C 374 58.49 54.23 -27.46
N ARG C 375 58.53 53.95 -28.78
CA ARG C 375 59.85 53.90 -29.41
C ARG C 375 60.55 55.26 -29.41
N VAL C 376 59.80 56.35 -29.62
CA VAL C 376 60.42 57.68 -29.60
C VAL C 376 60.99 57.98 -28.23
N ALA C 377 60.24 57.67 -27.18
CA ALA C 377 60.74 57.84 -25.83
C ALA C 377 61.99 57.00 -25.56
N LYS C 378 62.08 55.79 -26.14
CA LYS C 378 63.30 55.02 -25.98
C LYS C 378 64.47 55.70 -26.66
N GLY C 379 64.21 56.39 -27.77
CA GLY C 379 65.23 57.11 -28.49
C GLY C 379 65.35 56.76 -29.95
N TYR C 380 64.37 56.07 -30.52
CA TYR C 380 64.40 55.73 -31.93
C TYR C 380 63.84 56.89 -32.76
N PRO C 381 64.32 57.06 -33.99
CA PRO C 381 63.69 58.03 -34.89
C PRO C 381 62.34 57.54 -35.38
N LEU C 382 61.57 58.46 -35.97
CA LEU C 382 60.30 58.11 -36.59
C LEU C 382 60.51 57.09 -37.69
N ARG C 383 59.64 56.08 -37.72
CA ARG C 383 59.75 55.00 -38.70
C ARG C 383 59.14 55.33 -40.06
N HIS C 384 58.56 56.51 -40.24
CA HIS C 384 57.84 56.85 -41.46
C HIS C 384 58.35 58.18 -41.98
N LYS C 385 58.06 58.44 -43.24
CA LYS C 385 58.28 59.72 -43.88
C LYS C 385 56.94 60.27 -44.35
N GLN C 386 56.88 61.58 -44.58
CA GLN C 386 55.61 62.21 -44.87
C GLN C 386 54.95 61.66 -46.12
N ALA C 387 55.72 61.20 -47.11
CA ALA C 387 55.12 60.71 -48.35
C ALA C 387 54.29 59.45 -48.15
N ASP C 388 54.47 58.76 -47.02
CA ASP C 388 53.78 57.51 -46.76
C ASP C 388 52.52 57.68 -45.93
N ILE C 389 52.14 58.92 -45.62
CA ILE C 389 50.98 59.21 -44.79
C ILE C 389 49.85 59.64 -45.70
N ARG C 390 48.77 58.87 -45.71
CA ARG C 390 47.67 59.11 -46.62
C ARG C 390 46.37 58.73 -45.94
N ILE C 391 45.27 59.01 -46.63
CA ILE C 391 43.93 58.70 -46.14
C ILE C 391 43.52 57.39 -46.78
N ASN C 392 43.53 56.31 -46.00
CA ASN C 392 43.03 55.03 -46.49
C ASN C 392 41.58 54.81 -46.08
N GLY C 393 40.66 55.56 -46.65
CA GLY C 393 39.30 55.42 -46.20
C GLY C 393 38.80 56.48 -45.24
N TRP C 394 37.65 56.22 -44.63
CA TRP C 394 37.03 57.19 -43.74
C TRP C 394 36.73 56.57 -42.38
N ALA C 395 36.85 57.36 -41.32
CA ALA C 395 36.58 56.87 -39.98
C ALA C 395 35.87 57.93 -39.15
N VAL C 396 34.86 57.49 -38.40
CA VAL C 396 34.08 58.38 -37.55
C VAL C 396 34.03 57.77 -36.17
N GLU C 397 34.08 58.61 -35.13
CA GLU C 397 34.10 58.13 -33.76
C GLU C 397 33.03 58.83 -32.93
N CYS C 398 32.39 58.05 -32.06
CA CYS C 398 31.36 58.54 -31.15
C CYS C 398 31.72 58.16 -29.73
N ARG C 399 31.62 59.12 -28.81
CA ARG C 399 31.90 58.89 -27.41
C ARG C 399 30.60 58.58 -26.71
N VAL C 400 30.57 57.48 -25.96
CA VAL C 400 29.37 57.09 -25.23
C VAL C 400 29.63 57.32 -23.75
N TYR C 401 28.77 58.12 -23.14
CA TYR C 401 28.81 58.54 -21.75
C TYR C 401 27.63 57.98 -21.00
N ALA C 402 27.81 57.79 -19.71
CA ALA C 402 26.71 57.42 -18.83
C ALA C 402 25.94 58.67 -18.37
N GLU C 403 25.23 59.29 -19.32
CA GLU C 403 24.60 60.58 -19.11
C GLU C 403 23.21 60.57 -19.70
N ASP C 404 22.34 61.39 -19.12
CA ASP C 404 21.00 61.57 -19.63
C ASP C 404 21.04 62.71 -20.65
N PRO C 405 20.85 62.43 -21.94
CA PRO C 405 20.90 63.52 -22.93
C PRO C 405 19.75 64.49 -22.85
N TYR C 406 18.68 64.17 -22.14
CA TYR C 406 17.53 65.07 -22.09
C TYR C 406 17.74 66.21 -21.12
N LYS C 407 18.52 65.98 -20.06
CA LYS C 407 18.66 66.92 -18.96
C LYS C 407 19.80 67.88 -19.28
N SER C 408 19.50 68.86 -20.13
CA SER C 408 20.44 69.89 -20.60
C SER C 408 21.68 69.29 -21.26
N PHE C 409 21.46 68.27 -22.11
CA PHE C 409 22.48 67.61 -22.91
C PHE C 409 23.60 67.01 -22.05
N GLY C 410 23.25 65.92 -21.37
CA GLY C 410 24.27 65.13 -20.71
C GLY C 410 24.45 65.31 -19.22
N LEU C 411 23.41 65.00 -18.44
CA LEU C 411 23.55 65.06 -17.00
C LEU C 411 24.00 63.69 -16.46
N PRO C 412 25.11 63.62 -15.72
CA PRO C 412 25.63 62.33 -15.28
C PRO C 412 24.64 61.49 -14.50
N SER C 413 24.65 60.20 -14.81
CA SER C 413 23.89 59.19 -14.09
C SER C 413 24.84 58.37 -13.22
N ILE C 414 24.27 57.70 -12.22
CA ILE C 414 25.06 56.88 -11.31
C ILE C 414 24.45 55.48 -11.32
N GLY C 415 25.32 54.48 -11.44
CA GLY C 415 24.83 53.13 -11.44
C GLY C 415 25.80 52.03 -11.80
N ARG C 416 25.23 50.84 -11.79
CA ARG C 416 25.92 49.60 -12.06
C ARG C 416 25.37 48.96 -13.33
N LEU C 417 26.29 48.36 -14.07
CA LEU C 417 26.02 47.64 -15.27
C LEU C 417 25.82 46.17 -15.19
N SER C 418 24.55 45.89 -15.50
CA SER C 418 23.87 44.62 -15.60
C SER C 418 23.84 43.93 -16.92
N GLN C 419 23.89 44.66 -18.01
CA GLN C 419 24.10 43.95 -19.27
C GLN C 419 25.00 44.81 -20.14
N TYR C 420 25.93 44.17 -20.83
CA TYR C 420 26.89 44.91 -21.63
C TYR C 420 27.39 44.01 -22.74
N GLN C 421 27.25 44.47 -23.97
CA GLN C 421 27.65 43.68 -25.12
C GLN C 421 28.06 44.62 -26.23
N GLU C 422 29.30 44.53 -26.65
CA GLU C 422 29.88 45.41 -27.63
C GLU C 422 29.64 44.88 -29.04
N PRO C 423 29.34 45.75 -30.00
CA PRO C 423 29.07 45.26 -31.37
C PRO C 423 30.32 44.87 -32.15
N LEU C 424 31.00 43.81 -31.73
CA LEU C 424 32.25 43.43 -32.36
C LEU C 424 32.08 42.41 -33.46
N HIS C 425 30.85 41.97 -33.73
CA HIS C 425 30.60 41.05 -34.83
C HIS C 425 30.35 41.75 -36.14
N LEU C 426 30.22 43.07 -36.14
CA LEU C 426 29.88 43.82 -37.33
C LEU C 426 31.16 44.24 -38.05
N PRO C 427 31.13 44.33 -39.38
CA PRO C 427 32.31 44.77 -40.11
C PRO C 427 32.64 46.24 -39.88
N GLY C 428 33.94 46.52 -39.81
CA GLY C 428 34.46 47.88 -39.72
C GLY C 428 34.26 48.58 -38.39
N VAL C 429 34.07 47.82 -37.32
CA VAL C 429 33.73 48.37 -36.02
C VAL C 429 34.84 48.02 -35.04
N ARG C 430 35.30 49.01 -34.28
CA ARG C 430 36.33 48.87 -33.25
C ARG C 430 35.83 49.56 -31.99
N VAL C 431 35.72 48.85 -30.89
CA VAL C 431 35.20 49.41 -29.64
C VAL C 431 36.35 49.46 -28.65
N ASP C 432 36.64 50.64 -28.11
CA ASP C 432 37.72 50.80 -27.15
C ASP C 432 37.09 51.15 -25.82
N SER C 433 37.04 50.18 -24.91
CA SER C 433 36.31 50.33 -23.67
C SER C 433 37.19 49.95 -22.51
N GLY C 434 36.99 50.63 -21.39
CA GLY C 434 37.66 50.29 -20.16
C GLY C 434 36.79 49.59 -19.14
N ILE C 435 35.60 49.13 -19.52
CA ILE C 435 34.68 48.54 -18.56
C ILE C 435 34.33 47.13 -18.99
N GLN C 436 33.80 46.39 -18.04
CA GLN C 436 33.35 45.02 -18.22
C GLN C 436 32.03 44.90 -17.46
N PRO C 437 31.20 43.90 -17.73
CA PRO C 437 29.97 43.76 -16.94
C PRO C 437 30.29 43.70 -15.46
N GLY C 438 29.50 44.39 -14.67
CA GLY C 438 29.68 44.31 -13.25
C GLY C 438 30.61 45.41 -12.84
N SER C 439 30.64 46.43 -13.67
CA SER C 439 31.40 47.62 -13.39
C SER C 439 30.43 48.65 -12.93
N ASP C 440 30.92 49.50 -12.04
CA ASP C 440 30.18 50.61 -11.51
C ASP C 440 30.72 51.87 -12.14
N ILE C 441 29.84 52.84 -12.32
CA ILE C 441 30.21 54.18 -12.76
C ILE C 441 29.81 55.18 -11.69
N SER C 442 30.74 56.00 -11.26
CA SER C 442 30.44 56.89 -10.15
C SER C 442 30.84 58.34 -10.28
N ILE C 443 30.44 59.11 -9.29
CA ILE C 443 30.61 60.56 -9.38
C ILE C 443 32.06 60.99 -9.36
N TYR C 444 33.00 60.11 -9.04
CA TYR C 444 34.39 60.52 -8.89
C TYR C 444 35.11 60.69 -10.22
N TYR C 445 34.59 60.15 -11.30
CA TYR C 445 35.30 60.08 -12.56
C TYR C 445 34.36 60.55 -13.66
N ASP C 446 34.93 61.06 -14.73
CA ASP C 446 34.14 61.37 -15.91
C ASP C 446 33.36 60.13 -16.33
N PRO C 447 32.06 60.20 -16.40
CA PRO C 447 31.27 59.01 -16.73
C PRO C 447 31.46 58.44 -18.12
N MET C 448 32.67 58.09 -18.54
CA MET C 448 32.85 57.47 -19.85
C MET C 448 32.48 55.99 -19.82
N ILE C 449 31.78 55.55 -20.85
CA ILE C 449 31.47 54.14 -21.05
C ILE C 449 32.38 53.52 -22.09
N SER C 450 32.44 54.13 -23.28
CA SER C 450 33.30 53.60 -24.33
C SER C 450 33.46 54.62 -25.42
N LYS C 451 34.40 54.36 -26.31
CA LYS C 451 34.49 55.08 -27.58
C LYS C 451 34.29 54.10 -28.71
N LEU C 452 33.29 54.39 -29.54
CA LEU C 452 32.89 53.53 -30.64
C LEU C 452 33.47 54.09 -31.92
N ILE C 453 34.28 53.30 -32.62
CA ILE C 453 34.98 53.75 -33.82
C ILE C 453 34.51 52.90 -34.98
N THR C 454 34.10 53.54 -36.06
CA THR C 454 33.67 52.85 -37.25
C THR C 454 34.41 53.41 -38.46
N TYR C 455 34.87 52.54 -39.35
CA TYR C 455 35.56 52.97 -40.54
C TYR C 455 35.02 52.24 -41.76
N GLY C 456 35.23 52.84 -42.93
CA GLY C 456 34.78 52.28 -44.18
C GLY C 456 35.53 52.91 -45.34
N SER C 457 35.15 52.52 -46.54
CA SER C 457 35.88 52.96 -47.72
C SER C 457 35.44 54.34 -48.17
N ASP C 458 34.27 54.77 -47.74
CA ASP C 458 33.68 56.01 -48.19
C ASP C 458 32.90 56.63 -47.03
N ARG C 459 32.37 57.82 -47.24
CA ARG C 459 31.64 58.50 -46.18
C ARG C 459 30.30 57.86 -45.83
N THR C 460 29.62 57.29 -46.82
CA THR C 460 28.34 56.68 -46.53
C THR C 460 28.49 55.31 -45.88
N GLU C 461 29.55 54.58 -46.21
CA GLU C 461 29.74 53.26 -45.63
C GLU C 461 30.09 53.37 -44.15
N ALA C 462 31.00 54.29 -43.80
CA ALA C 462 31.36 54.48 -42.40
C ALA C 462 30.17 54.96 -41.58
N LEU C 463 29.33 55.84 -42.13
CA LEU C 463 28.18 56.31 -41.36
C LEU C 463 27.11 55.24 -41.20
N LYS C 464 26.86 54.45 -42.25
CA LYS C 464 25.89 53.37 -42.14
C LYS C 464 26.34 52.31 -41.15
N ARG C 465 27.62 51.96 -41.19
CA ARG C 465 28.16 50.99 -40.24
C ARG C 465 28.09 51.51 -38.81
N MET C 466 28.30 52.80 -38.61
CA MET C 466 28.15 53.40 -37.29
C MET C 466 26.71 53.30 -36.80
N ALA C 467 25.75 53.59 -37.68
CA ALA C 467 24.35 53.47 -37.30
C ALA C 467 24.03 52.04 -36.86
N ASP C 468 24.55 51.06 -37.58
CA ASP C 468 24.32 49.67 -37.20
C ASP C 468 24.98 49.32 -35.88
N ALA C 469 26.20 49.78 -35.65
CA ALA C 469 26.88 49.46 -34.41
C ALA C 469 26.13 50.02 -33.21
N LEU C 470 25.57 51.22 -33.34
CA LEU C 470 24.87 51.82 -32.22
C LEU C 470 23.61 51.05 -31.86
N ASP C 471 22.92 50.47 -32.84
CA ASP C 471 21.70 49.75 -32.52
C ASP C 471 21.98 48.36 -31.96
N ASN C 472 23.16 47.82 -32.23
CA ASN C 472 23.59 46.52 -31.71
C ASN C 472 24.47 46.67 -30.48
N TYR C 473 24.47 47.83 -29.85
CA TYR C 473 25.36 48.09 -28.72
C TYR C 473 24.52 48.13 -27.46
N VAL C 474 24.70 47.13 -26.60
CA VAL C 474 23.83 46.91 -25.45
C VAL C 474 24.47 47.55 -24.24
N ILE C 475 23.82 48.56 -23.68
CA ILE C 475 24.20 49.17 -22.42
C ILE C 475 22.95 49.22 -21.56
N ARG C 476 22.95 48.54 -20.41
CA ARG C 476 21.81 48.54 -19.52
C ARG C 476 22.30 48.56 -18.09
N GLY C 477 21.66 49.38 -17.26
CA GLY C 477 22.05 49.53 -15.87
C GLY C 477 22.28 50.99 -15.54
N VAL C 478 22.62 51.77 -16.57
CA VAL C 478 22.82 53.21 -16.45
C VAL C 478 22.06 53.89 -17.59
N THR C 479 21.93 55.20 -17.50
CA THR C 479 21.41 56.01 -18.59
C THR C 479 22.55 56.42 -19.51
N HIS C 480 22.37 56.21 -20.80
CA HIS C 480 23.41 56.48 -21.78
C HIS C 480 22.91 57.47 -22.81
N ASN C 481 23.79 57.81 -23.76
CA ASN C 481 23.49 58.87 -24.73
C ASN C 481 23.42 58.33 -26.15
N ILE C 482 23.09 57.05 -26.31
CA ILE C 482 23.03 56.46 -27.64
C ILE C 482 21.94 57.12 -28.50
N ALA C 483 20.80 57.47 -27.92
CA ALA C 483 19.75 58.09 -28.71
C ALA C 483 20.24 59.36 -29.38
N LEU C 484 21.06 60.14 -28.68
CA LEU C 484 21.57 61.38 -29.25
C LEU C 484 22.56 61.10 -30.37
N LEU C 485 23.47 60.15 -30.16
CA LEU C 485 24.45 59.80 -31.18
C LEU C 485 23.79 59.23 -32.42
N ARG C 486 22.77 58.39 -32.24
CA ARG C 486 22.09 57.74 -33.35
C ARG C 486 21.32 58.74 -34.19
N GLU C 487 20.73 59.76 -33.57
CA GLU C 487 20.07 60.76 -34.39
C GLU C 487 21.03 61.74 -35.02
N VAL C 488 22.09 62.18 -34.34
CA VAL C 488 22.92 63.18 -35.01
C VAL C 488 23.55 62.64 -36.28
N ILE C 489 24.06 61.40 -36.26
CA ILE C 489 24.81 60.92 -37.41
C ILE C 489 23.92 60.77 -38.64
N ILE C 490 22.60 60.77 -38.46
CA ILE C 490 21.70 60.57 -39.58
C ILE C 490 21.04 61.89 -39.99
N ASN C 491 21.42 62.98 -39.32
CA ASN C 491 20.87 64.28 -39.63
C ASN C 491 21.34 64.76 -41.01
N SER C 492 20.41 65.33 -41.77
CA SER C 492 20.71 65.72 -43.13
C SER C 492 21.85 66.71 -43.20
N ARG C 493 22.01 67.57 -42.20
CA ARG C 493 23.13 68.51 -42.21
C ARG C 493 24.44 67.80 -41.91
N PHE C 494 24.42 66.77 -41.07
CA PHE C 494 25.62 66.02 -40.76
C PHE C 494 26.09 65.20 -41.95
N VAL C 495 25.16 64.53 -42.64
CA VAL C 495 25.53 63.76 -43.82
C VAL C 495 26.07 64.66 -44.91
N LYS C 496 25.43 65.80 -45.14
CA LYS C 496 25.97 66.73 -46.12
C LYS C 496 27.23 67.42 -45.60
N GLY C 497 27.34 67.64 -44.31
CA GLY C 497 28.51 68.30 -43.75
C GLY C 497 28.35 69.74 -43.32
N ASP C 498 27.13 70.27 -43.24
CA ASP C 498 26.95 71.66 -42.86
C ASP C 498 26.94 71.75 -41.33
N ILE C 499 28.10 71.51 -40.75
CA ILE C 499 28.23 71.40 -39.31
C ILE C 499 29.14 72.52 -38.83
N SER C 500 28.68 73.23 -37.81
CA SER C 500 29.47 74.24 -37.14
C SER C 500 29.64 73.83 -35.68
N THR C 501 30.48 74.59 -34.98
CA THR C 501 30.82 74.21 -33.61
C THR C 501 29.62 74.43 -32.68
N LYS C 502 28.57 75.04 -33.18
CA LYS C 502 27.34 75.28 -32.44
C LYS C 502 26.17 74.51 -33.05
N PHE C 503 26.50 73.47 -33.81
CA PHE C 503 25.50 72.69 -34.54
C PHE C 503 24.35 72.27 -33.62
N LEU C 504 24.69 71.62 -32.51
CA LEU C 504 23.65 71.02 -31.68
C LEU C 504 22.77 72.08 -31.03
N SER C 505 23.31 73.27 -30.81
CA SER C 505 22.54 74.32 -30.16
C SER C 505 21.46 74.89 -31.06
N ASP C 506 21.64 74.85 -32.38
CA ASP C 506 20.64 75.28 -33.34
C ASP C 506 19.68 74.16 -33.74
N VAL C 507 20.14 72.92 -33.75
CA VAL C 507 19.24 71.81 -34.06
C VAL C 507 18.29 71.55 -32.90
N TYR C 508 18.77 71.65 -31.66
CA TYR C 508 17.97 71.34 -30.48
C TYR C 508 17.86 72.59 -29.61
N PRO C 509 17.15 73.61 -30.08
CA PRO C 509 17.11 74.87 -29.33
C PRO C 509 16.35 74.76 -28.03
N ASP C 510 15.48 73.75 -27.90
CA ASP C 510 14.69 73.54 -26.70
C ASP C 510 15.09 72.28 -25.95
N GLY C 511 16.28 71.76 -26.22
CA GLY C 511 16.74 70.53 -25.59
C GLY C 511 16.55 69.34 -26.52
N PHE C 512 17.13 68.22 -26.10
CA PHE C 512 17.01 66.96 -26.84
C PHE C 512 15.66 66.33 -26.54
N LYS C 513 14.94 65.93 -27.60
CA LYS C 513 13.62 65.33 -27.43
C LYS C 513 13.55 63.86 -27.79
N GLY C 514 14.54 63.27 -28.50
CA GLY C 514 14.49 61.90 -28.97
C GLY C 514 14.14 61.82 -30.43
N HIS C 515 14.32 60.62 -30.97
CA HIS C 515 14.09 60.39 -32.38
C HIS C 515 12.61 60.56 -32.70
N MET C 516 12.32 61.30 -33.76
CA MET C 516 10.94 61.55 -34.18
C MET C 516 10.57 60.59 -35.29
N LEU C 517 9.45 59.91 -35.13
CA LEU C 517 9.04 58.92 -36.11
C LEU C 517 8.16 59.54 -37.19
N THR C 518 8.33 59.06 -38.40
CA THR C 518 7.47 59.40 -39.53
C THR C 518 6.40 58.33 -39.72
N LYS C 519 5.56 58.49 -40.73
CA LYS C 519 4.41 57.62 -40.87
C LYS C 519 4.84 56.16 -41.01
N SER C 520 5.77 55.89 -41.92
CA SER C 520 6.20 54.53 -42.18
C SER C 520 6.95 53.94 -40.99
N GLU C 521 7.70 54.77 -40.26
CA GLU C 521 8.40 54.26 -39.10
C GLU C 521 7.45 53.94 -37.96
N LYS C 522 6.40 54.73 -37.78
CA LYS C 522 5.40 54.38 -36.77
C LYS C 522 4.72 53.06 -37.11
N ASN C 523 4.44 52.82 -38.39
CA ASN C 523 3.81 51.55 -38.77
C ASN C 523 4.73 50.37 -38.51
N GLN C 524 6.04 50.56 -38.76
CA GLN C 524 6.99 49.49 -38.49
C GLN C 524 7.14 49.24 -36.99
N LEU C 525 7.17 50.31 -36.19
CA LEU C 525 7.26 50.15 -34.74
C LEU C 525 6.03 49.48 -34.19
N LEU C 526 4.85 49.86 -34.66
CA LEU C 526 3.62 49.23 -34.20
C LEU C 526 3.56 47.76 -34.61
N ALA C 527 3.97 47.45 -35.83
CA ALA C 527 3.96 46.07 -36.31
C ALA C 527 4.95 45.20 -35.54
N ILE C 528 6.13 45.74 -35.24
CA ILE C 528 7.14 45.00 -34.49
C ILE C 528 6.68 44.76 -33.05
N ALA C 529 6.19 45.80 -32.39
CA ALA C 529 5.73 45.67 -31.01
C ALA C 529 4.55 44.73 -30.90
N SER C 530 3.65 44.76 -31.88
CA SER C 530 2.49 43.89 -31.85
C SER C 530 2.87 42.44 -32.12
N SER C 531 3.76 42.21 -33.09
CA SER C 531 4.19 40.86 -33.36
C SER C 531 5.00 40.28 -32.22
N LEU C 532 5.84 41.10 -31.57
CA LEU C 532 6.59 40.61 -30.42
C LEU C 532 5.67 40.29 -29.26
N PHE C 533 4.67 41.13 -29.01
CA PHE C 533 3.67 40.85 -27.99
C PHE C 533 3.04 39.47 -28.20
N VAL C 534 2.57 39.19 -29.42
CA VAL C 534 1.96 37.90 -29.71
C VAL C 534 2.96 36.76 -29.57
N ALA C 535 4.20 36.97 -30.02
CA ALA C 535 5.22 35.92 -29.89
C ALA C 535 5.37 35.46 -28.45
N PHE C 536 5.29 36.38 -27.49
CA PHE C 536 5.33 35.98 -26.09
C PHE C 536 4.07 35.27 -25.68
N GLN C 537 2.93 35.73 -26.20
CA GLN C 537 1.66 35.07 -25.89
C GLN C 537 1.61 33.66 -26.42
N LEU C 538 2.25 33.38 -27.56
CA LEU C 538 2.26 32.03 -28.09
C LEU C 538 3.25 31.14 -27.34
N ARG C 539 4.42 31.68 -27.02
CA ARG C 539 5.39 30.91 -26.24
C ARG C 539 4.79 30.49 -24.91
N ALA C 540 3.99 31.34 -24.29
CA ALA C 540 3.37 31.00 -23.01
C ALA C 540 2.48 29.77 -23.05
N GLN C 541 2.04 29.30 -24.22
CA GLN C 541 1.14 28.17 -24.33
C GLN C 541 1.82 26.85 -24.62
N HIS C 542 3.14 26.83 -24.76
CA HIS C 542 3.83 25.62 -25.20
C HIS C 542 4.41 24.92 -23.99
N PHE C 543 3.65 23.99 -23.42
CA PHE C 543 4.08 23.23 -22.26
C PHE C 543 4.48 21.82 -22.69
N GLN C 544 5.30 21.19 -21.87
CA GLN C 544 5.58 19.79 -22.05
C GLN C 544 4.24 19.15 -21.74
N GLU C 545 3.84 18.13 -22.48
CA GLU C 545 2.52 17.57 -22.34
C GLU C 545 2.45 16.78 -21.03
N ASN C 546 1.39 17.01 -20.26
CA ASN C 546 1.19 16.22 -19.06
C ASN C 546 0.19 15.11 -19.35
N SER C 547 0.66 13.88 -19.26
CA SER C 547 -0.16 12.75 -19.68
C SER C 547 -1.40 12.61 -18.82
N ARG C 548 -1.45 13.24 -17.64
CA ARG C 548 -2.62 13.14 -16.81
C ARG C 548 -3.65 14.19 -17.17
N MET C 549 -3.21 15.35 -17.62
CA MET C 549 -4.07 16.51 -17.83
C MET C 549 -3.80 17.11 -19.21
N PRO C 550 -4.46 16.61 -20.26
CA PRO C 550 -4.15 17.09 -21.61
C PRO C 550 -4.33 18.61 -21.72
N VAL C 551 -3.41 19.25 -22.44
CA VAL C 551 -3.42 20.69 -22.66
C VAL C 551 -3.79 20.96 -24.11
N ILE C 552 -4.80 21.79 -24.33
CA ILE C 552 -5.30 22.05 -25.67
C ILE C 552 -5.01 23.50 -26.03
N LYS C 553 -4.14 23.69 -27.03
CA LYS C 553 -3.73 25.03 -27.43
C LYS C 553 -4.91 25.78 -28.06
N PRO C 554 -5.27 26.95 -27.54
CA PRO C 554 -6.40 27.70 -28.10
C PRO C 554 -6.15 28.00 -29.57
N ASP C 555 -7.18 27.81 -30.39
CA ASP C 555 -7.08 28.05 -31.83
C ASP C 555 -7.36 29.52 -32.11
N ILE C 556 -6.34 30.34 -31.88
CA ILE C 556 -6.45 31.78 -32.06
C ILE C 556 -5.92 32.15 -33.44
N ALA C 557 -6.85 32.41 -34.37
CA ALA C 557 -6.44 32.72 -35.74
C ALA C 557 -6.01 34.18 -35.85
N ASN C 558 -6.60 35.05 -35.05
CA ASN C 558 -6.32 36.47 -35.15
C ASN C 558 -6.21 37.08 -33.77
N TRP C 559 -5.22 37.96 -33.62
CA TRP C 559 -4.98 38.69 -32.39
C TRP C 559 -5.44 40.13 -32.64
N GLU C 560 -6.48 40.56 -31.95
CA GLU C 560 -7.01 41.90 -32.11
C GLU C 560 -6.50 42.75 -30.96
N LEU C 561 -5.63 43.70 -31.26
CA LEU C 561 -4.94 44.48 -30.25
C LEU C 561 -5.29 45.95 -30.36
N SER C 562 -5.26 46.62 -29.22
CA SER C 562 -5.35 48.06 -29.12
C SER C 562 -4.02 48.55 -28.59
N VAL C 563 -3.27 49.25 -29.42
CA VAL C 563 -1.89 49.59 -29.13
C VAL C 563 -1.79 51.08 -28.91
N LYS C 564 -1.53 51.46 -27.66
CA LYS C 564 -1.46 52.86 -27.29
C LYS C 564 0.01 53.27 -27.30
N LEU C 565 0.32 54.36 -27.99
CA LEU C 565 1.64 54.96 -28.01
C LEU C 565 1.53 56.17 -27.10
N HIS C 566 2.16 57.27 -27.52
CA HIS C 566 2.20 58.48 -26.75
C HIS C 566 0.81 58.93 -26.42
N ASP C 567 0.14 59.52 -27.40
CA ASP C 567 -1.21 60.00 -27.12
C ASP C 567 -2.22 59.46 -28.12
N LYS C 568 -1.89 58.44 -28.88
CA LYS C 568 -2.77 57.91 -29.90
C LYS C 568 -3.00 56.44 -29.62
N VAL C 569 -4.18 55.95 -29.97
CA VAL C 569 -4.49 54.53 -29.87
C VAL C 569 -4.72 53.99 -31.27
N HIS C 570 -3.94 52.99 -31.65
CA HIS C 570 -4.00 52.42 -32.97
C HIS C 570 -4.66 51.05 -32.95
N THR C 571 -5.33 50.72 -34.05
CA THR C 571 -6.00 49.44 -34.20
C THR C 571 -5.12 48.51 -35.03
N VAL C 572 -4.70 47.40 -34.41
CA VAL C 572 -3.76 46.46 -35.01
C VAL C 572 -4.36 45.07 -34.93
N VAL C 573 -4.36 44.35 -36.04
CA VAL C 573 -4.78 42.96 -36.08
C VAL C 573 -3.64 42.15 -36.66
N ALA C 574 -3.22 41.11 -35.94
CA ALA C 574 -2.10 40.29 -36.35
C ALA C 574 -2.54 38.84 -36.47
N SER C 575 -1.89 38.11 -37.36
CA SER C 575 -2.04 36.67 -37.46
C SER C 575 -0.67 36.05 -37.69
N ASN C 576 -0.50 34.83 -37.21
CA ASN C 576 0.75 34.08 -37.31
C ASN C 576 0.70 33.15 -38.51
N ASN C 577 1.76 33.16 -39.31
CA ASN C 577 1.93 32.19 -40.39
C ASN C 577 3.28 31.49 -40.25
N GLY C 578 3.62 31.11 -39.03
CA GLY C 578 4.91 30.48 -38.77
C GLY C 578 5.88 31.51 -38.27
N SER C 579 6.96 31.72 -39.00
CA SER C 579 8.00 32.64 -38.57
C SER C 579 7.67 34.09 -38.90
N VAL C 580 6.61 34.32 -39.65
CA VAL C 580 6.25 35.67 -40.08
C VAL C 580 4.86 36.00 -39.56
N PHE C 581 4.72 37.20 -39.01
CA PHE C 581 3.43 37.70 -38.56
C PHE C 581 2.93 38.68 -39.60
N SER C 582 1.69 38.48 -40.03
CA SER C 582 1.04 39.42 -40.93
C SER C 582 0.24 40.38 -40.07
N VAL C 583 0.62 41.66 -40.10
CA VAL C 583 0.07 42.63 -39.18
C VAL C 583 -0.56 43.73 -40.00
N GLU C 584 -1.80 44.06 -39.70
CA GLU C 584 -2.48 45.19 -40.32
C GLU C 584 -2.50 46.32 -39.30
N VAL C 585 -1.84 47.41 -39.63
CA VAL C 585 -1.77 48.56 -38.74
C VAL C 585 -2.56 49.71 -39.37
N ASP C 586 -3.76 49.93 -38.84
CA ASP C 586 -4.74 50.91 -39.33
C ASP C 586 -4.94 50.82 -40.84
N GLY C 587 -5.02 49.60 -41.37
CA GLY C 587 -5.20 49.41 -42.79
C GLY C 587 -3.94 49.13 -43.58
N SER C 588 -2.77 49.38 -43.03
CA SER C 588 -1.50 49.15 -43.71
C SER C 588 -1.05 47.72 -43.43
N LYS C 589 -0.64 47.00 -44.48
CA LYS C 589 -0.19 45.63 -44.36
C LYS C 589 1.32 45.57 -44.24
N LEU C 590 1.79 44.95 -43.15
CA LEU C 590 3.21 44.74 -42.91
C LEU C 590 3.45 43.27 -42.64
N ASN C 591 4.62 42.78 -43.03
CA ASN C 591 5.00 41.40 -42.74
C ASN C 591 6.30 41.39 -41.97
N VAL C 592 6.24 40.92 -40.73
CA VAL C 592 7.39 40.94 -39.84
C VAL C 592 7.94 39.52 -39.73
N THR C 593 9.14 39.29 -40.25
CA THR C 593 9.74 37.97 -40.28
C THR C 593 10.91 37.97 -39.33
N SER C 594 11.03 36.92 -38.53
CA SER C 594 12.17 36.79 -37.63
C SER C 594 12.26 35.35 -37.18
N THR C 595 13.32 35.05 -36.43
CA THR C 595 13.42 33.79 -35.72
C THR C 595 12.79 33.85 -34.34
N TRP C 596 12.55 35.06 -33.82
CA TRP C 596 11.85 35.32 -32.55
C TRP C 596 12.47 34.54 -31.39
N ASN C 597 13.78 34.65 -31.25
CA ASN C 597 14.46 34.18 -30.06
C ASN C 597 14.25 35.21 -28.97
N LEU C 598 13.42 34.87 -27.99
CA LEU C 598 12.91 35.83 -27.03
C LEU C 598 13.83 36.08 -25.85
N ALA C 599 14.97 35.40 -25.78
CA ALA C 599 15.88 35.59 -24.66
C ALA C 599 17.04 36.52 -25.00
N SER C 600 17.34 36.69 -26.28
CA SER C 600 18.50 37.46 -26.67
C SER C 600 18.27 38.94 -26.42
N PRO C 601 19.30 39.68 -25.99
CA PRO C 601 19.14 41.13 -25.86
C PRO C 601 18.97 41.85 -27.19
N LEU C 602 19.34 41.22 -28.29
CA LEU C 602 19.24 41.84 -29.61
C LEU C 602 18.30 41.02 -30.47
N LEU C 603 17.17 41.59 -30.85
CA LEU C 603 16.24 40.87 -31.68
C LEU C 603 16.26 41.45 -33.08
N SER C 604 16.60 40.61 -34.06
CA SER C 604 16.72 41.02 -35.45
C SER C 604 15.42 40.66 -36.17
N VAL C 605 14.80 41.64 -36.79
CA VAL C 605 13.54 41.44 -37.48
C VAL C 605 13.67 42.03 -38.88
N SER C 606 12.83 41.55 -39.79
CA SER C 606 12.74 42.08 -41.15
C SER C 606 11.30 42.45 -41.38
N VAL C 607 11.06 43.73 -41.64
CA VAL C 607 9.72 44.24 -41.82
C VAL C 607 9.57 44.75 -43.25
N ASP C 608 8.85 43.99 -44.07
CA ASP C 608 8.64 44.23 -45.51
C ASP C 608 9.95 44.45 -46.26
N GLY C 609 10.95 43.67 -45.90
CA GLY C 609 12.23 43.74 -46.58
C GLY C 609 13.20 44.69 -45.91
N THR C 610 12.70 45.47 -44.95
CA THR C 610 13.54 46.43 -44.23
C THR C 610 14.14 45.75 -43.01
N GLN C 611 15.46 45.78 -42.90
CA GLN C 611 16.14 45.11 -41.80
C GLN C 611 16.23 46.05 -40.60
N ARG C 612 15.70 45.61 -39.46
CA ARG C 612 15.73 46.39 -38.24
C ARG C 612 16.31 45.54 -37.12
N THR C 613 16.96 46.23 -36.18
CA THR C 613 17.37 45.65 -34.91
C THR C 613 16.68 46.41 -33.80
N VAL C 614 16.03 45.68 -32.90
CA VAL C 614 15.31 46.30 -31.79
C VAL C 614 15.74 45.61 -30.50
N GLN C 615 15.51 46.29 -29.38
CA GLN C 615 15.77 45.71 -28.07
C GLN C 615 14.52 45.84 -27.23
N CYS C 616 14.11 44.76 -26.57
CA CYS C 616 13.01 44.83 -25.62
C CYS C 616 13.61 44.94 -24.22
N LEU C 617 13.34 46.06 -23.54
CA LEU C 617 14.06 46.33 -22.31
C LEU C 617 13.29 45.85 -21.09
N SER C 618 11.97 45.88 -21.15
CA SER C 618 11.12 45.48 -20.06
C SER C 618 9.76 45.07 -20.61
N ARG C 619 9.07 44.22 -19.85
CA ARG C 619 7.73 43.79 -20.21
C ARG C 619 6.90 43.71 -18.94
N GLU C 620 5.63 44.07 -19.03
CA GLU C 620 4.73 43.86 -17.92
C GLU C 620 3.52 43.08 -18.39
N ALA C 621 2.91 42.37 -17.44
CA ALA C 621 1.69 41.64 -17.73
C ALA C 621 0.55 42.54 -18.16
N GLY C 622 0.57 43.81 -17.75
CA GLY C 622 -0.50 44.73 -18.04
C GLY C 622 -0.47 45.28 -19.46
N GLY C 623 0.48 44.84 -20.28
CA GLY C 623 0.61 45.23 -21.65
C GLY C 623 1.70 46.24 -21.91
N ASN C 624 2.28 46.81 -20.85
CA ASN C 624 3.35 47.77 -21.01
C ASN C 624 4.60 47.10 -21.52
N MET C 625 5.19 47.67 -22.56
CA MET C 625 6.46 47.17 -23.07
C MET C 625 7.36 48.36 -23.30
N SER C 626 8.65 48.21 -23.01
CA SER C 626 9.64 49.22 -23.35
C SER C 626 10.52 48.69 -24.45
N ILE C 627 10.45 49.31 -25.62
CA ILE C 627 11.13 48.83 -26.81
C ILE C 627 12.02 49.94 -27.32
N GLN C 628 13.28 49.62 -27.57
CA GLN C 628 14.19 50.60 -28.13
C GLN C 628 14.20 50.41 -29.63
N PHE C 629 13.88 51.48 -30.34
CA PHE C 629 13.72 51.49 -31.78
C PHE C 629 14.49 52.71 -32.28
N LEU C 630 15.50 52.45 -33.12
CA LEU C 630 16.42 53.45 -33.66
C LEU C 630 17.09 54.27 -32.56
N GLY C 631 17.44 53.61 -31.47
CA GLY C 631 18.12 54.29 -30.39
C GLY C 631 17.21 54.90 -29.34
N THR C 632 15.93 55.11 -29.64
CA THR C 632 15.05 55.80 -28.70
C THR C 632 14.13 54.80 -28.04
N VAL C 633 13.92 54.92 -26.77
CA VAL C 633 13.03 54.02 -26.06
C VAL C 633 11.62 54.56 -26.14
N TYR C 634 10.71 53.74 -26.64
CA TYR C 634 9.32 54.09 -26.78
C TYR C 634 8.53 53.24 -25.81
N LYS C 635 7.51 53.83 -25.21
CA LYS C 635 6.64 53.14 -24.27
C LYS C 635 5.35 52.78 -25.00
N VAL C 636 5.04 51.49 -25.04
CA VAL C 636 3.81 51.10 -25.69
C VAL C 636 3.02 50.19 -24.75
N ASN C 637 1.71 50.41 -24.72
CA ASN C 637 0.81 49.62 -23.88
C ASN C 637 -0.09 48.84 -24.81
N ILE C 638 0.08 47.53 -24.85
CA ILE C 638 -0.67 46.67 -25.75
C ILE C 638 -1.70 45.91 -24.94
N LEU C 639 -2.97 46.19 -25.21
CA LEU C 639 -4.05 45.46 -24.58
C LEU C 639 -4.77 44.67 -25.64
N THR C 640 -5.43 43.61 -25.23
CA THR C 640 -6.32 42.92 -26.15
C THR C 640 -7.57 43.74 -26.33
N ARG C 641 -8.30 43.47 -27.40
CA ARG C 641 -9.53 44.21 -27.66
C ARG C 641 -10.42 44.25 -26.43
N LEU C 642 -10.60 43.10 -25.77
CA LEU C 642 -11.51 43.02 -24.63
C LEU C 642 -11.01 43.84 -23.46
N ALA C 643 -9.71 43.72 -23.14
CA ALA C 643 -9.14 44.49 -22.03
C ALA C 643 -9.22 45.98 -22.28
N ALA C 644 -8.97 46.40 -23.52
CA ALA C 644 -9.05 47.82 -23.83
C ALA C 644 -10.49 48.33 -23.76
N GLU C 645 -11.45 47.54 -24.21
CA GLU C 645 -12.83 48.03 -24.13
C GLU C 645 -13.32 48.15 -22.69
N LEU C 646 -12.93 47.25 -21.80
CA LEU C 646 -13.38 47.33 -20.42
C LEU C 646 -12.53 48.29 -19.59
N ASN C 647 -11.27 48.49 -19.95
CA ASN C 647 -10.40 49.36 -19.17
C ASN C 647 -10.92 50.78 -19.07
N LYS C 648 -11.81 51.20 -19.98
CA LYS C 648 -12.35 52.55 -19.94
C LYS C 648 -13.19 52.80 -18.70
N PHE C 649 -13.56 51.73 -17.98
CA PHE C 649 -14.40 51.88 -16.80
C PHE C 649 -13.59 52.09 -15.55
N MET C 650 -12.26 52.13 -15.66
CA MET C 650 -11.41 52.28 -14.49
C MET C 650 -11.29 53.75 -14.14
N LEU C 651 -11.21 54.05 -12.86
CA LEU C 651 -11.10 55.43 -12.43
C LEU C 651 -9.66 55.90 -12.60
N GLU C 652 -9.50 57.09 -13.17
CA GLU C 652 -8.17 57.63 -13.45
C GLU C 652 -7.68 58.33 -12.20
N LYS C 653 -7.32 57.54 -11.19
CA LYS C 653 -6.77 58.11 -9.98
C LYS C 653 -5.31 58.48 -10.23
N VAL C 654 -4.93 59.65 -9.72
CA VAL C 654 -3.54 60.11 -9.83
C VAL C 654 -2.95 60.39 -8.45
N THR C 655 -1.77 59.82 -8.20
CA THR C 655 -1.06 60.01 -6.94
C THR C 655 0.04 61.07 -7.11
N GLU C 656 0.59 61.53 -5.98
CA GLU C 656 1.64 62.54 -6.01
C GLU C 656 3.04 61.94 -6.10
N ASP C 657 3.89 62.54 -6.93
CA ASP C 657 5.29 62.13 -7.04
C ASP C 657 6.06 62.94 -6.01
N THR C 658 6.56 62.28 -4.96
CA THR C 658 7.21 62.96 -3.84
C THR C 658 8.65 62.51 -3.82
N SER C 659 9.28 62.54 -5.00
CA SER C 659 10.65 62.09 -5.14
C SER C 659 11.65 63.11 -4.61
N SER C 660 11.20 64.31 -4.25
CA SER C 660 12.08 65.29 -3.63
C SER C 660 12.20 65.12 -2.13
N VAL C 661 11.42 64.23 -1.53
CA VAL C 661 11.39 64.10 -0.08
C VAL C 661 12.10 62.81 0.30
N LEU C 662 13.31 62.93 0.82
CA LEU C 662 14.18 61.79 1.09
C LEU C 662 14.14 61.49 2.58
N ARG C 663 13.61 60.32 2.92
CA ARG C 663 13.39 59.94 4.32
C ARG C 663 14.25 58.75 4.66
N SER C 664 14.51 58.56 5.95
CA SER C 664 15.35 57.46 6.42
C SER C 664 14.61 56.14 6.24
N PRO C 665 15.18 55.16 5.54
CA PRO C 665 14.50 53.87 5.41
C PRO C 665 14.72 52.95 6.59
N MET C 666 15.56 53.35 7.54
CA MET C 666 16.06 52.46 8.58
C MET C 666 16.56 53.30 9.74
N PRO C 667 16.19 52.96 10.97
CA PRO C 667 16.67 53.71 12.13
C PRO C 667 18.17 53.50 12.35
N GLY C 668 18.81 54.51 12.95
CA GLY C 668 20.22 54.45 13.23
C GLY C 668 20.87 55.83 13.29
N VAL C 669 22.20 55.87 13.34
CA VAL C 669 22.92 57.14 13.44
C VAL C 669 23.44 57.55 12.08
N VAL C 670 23.27 58.83 11.75
CA VAL C 670 23.77 59.43 10.52
C VAL C 670 25.27 59.63 10.63
N VAL C 671 26.04 59.00 9.73
CA VAL C 671 27.49 59.05 9.77
C VAL C 671 28.07 59.91 8.65
N ALA C 672 27.33 60.13 7.56
CA ALA C 672 27.80 61.00 6.49
C ALA C 672 26.63 61.65 5.78
N VAL C 673 26.82 62.90 5.37
CA VAL C 673 25.92 63.56 4.43
C VAL C 673 26.79 64.15 3.34
N SER C 674 26.50 63.80 2.09
CA SER C 674 27.37 64.15 0.99
C SER C 674 27.14 65.57 0.48
N VAL C 675 26.04 66.12 1.00
CA VAL C 675 25.51 67.40 0.57
C VAL C 675 25.21 68.42 1.68
N LYS C 676 25.13 69.63 1.17
CA LYS C 676 24.64 70.89 1.73
C LYS C 676 23.67 71.54 0.73
N PRO C 677 22.79 72.46 1.18
CA PRO C 677 21.91 73.15 0.23
C PRO C 677 22.64 73.79 -0.95
N GLY C 678 22.12 73.59 -2.15
CA GLY C 678 22.75 74.11 -3.34
C GLY C 678 23.59 73.09 -4.08
N ASP C 679 23.95 71.99 -3.42
CA ASP C 679 24.74 70.95 -4.06
C ASP C 679 23.93 70.28 -5.16
N ALA C 680 24.61 69.93 -6.25
CA ALA C 680 23.98 69.21 -7.34
C ALA C 680 23.72 67.78 -6.92
N VAL C 681 22.60 67.23 -7.40
CA VAL C 681 22.23 65.85 -7.12
C VAL C 681 21.88 65.16 -8.45
N ALA C 682 22.51 64.01 -8.69
CA ALA C 682 22.15 63.14 -9.80
C ALA C 682 21.24 62.02 -9.31
N GLU C 683 20.49 61.44 -10.25
CA GLU C 683 19.68 60.27 -9.96
C GLU C 683 20.58 59.10 -9.58
N GLY C 684 20.30 58.47 -8.45
CA GLY C 684 21.12 57.40 -7.93
C GLY C 684 22.28 57.87 -7.10
N GLN C 685 22.41 59.18 -6.89
CA GLN C 685 23.52 59.75 -6.15
C GLN C 685 23.33 59.49 -4.67
N GLU C 686 24.39 59.05 -4.01
CA GLU C 686 24.35 58.89 -2.57
C GLU C 686 24.21 60.23 -1.88
N ILE C 687 23.28 60.32 -0.94
CA ILE C 687 23.03 61.56 -0.22
C ILE C 687 23.44 61.38 1.23
N CYS C 688 22.89 60.37 1.89
CA CYS C 688 23.12 60.15 3.30
C CYS C 688 23.50 58.69 3.54
N VAL C 689 24.28 58.47 4.58
CA VAL C 689 24.59 57.14 5.06
C VAL C 689 24.21 57.01 6.53
N ILE C 690 23.42 55.99 6.83
CA ILE C 690 22.99 55.72 8.20
C ILE C 690 23.82 54.55 8.69
N GLU C 691 23.96 54.40 10.00
CA GLU C 691 24.76 53.31 10.54
C GLU C 691 24.13 52.60 11.73
N ALA C 692 23.55 51.43 11.48
CA ALA C 692 22.93 50.63 12.54
C ALA C 692 23.30 49.18 12.37
N MET C 693 23.53 48.52 13.51
CA MET C 693 24.02 47.14 13.59
C MET C 693 25.30 47.01 12.77
N LYS C 694 26.15 48.03 12.91
CA LYS C 694 27.43 48.34 12.26
C LYS C 694 27.43 47.94 10.80
N MET C 695 26.54 48.61 10.06
CA MET C 695 26.46 48.55 8.60
C MET C 695 26.37 49.99 8.09
N GLN C 696 26.33 50.14 6.77
CA GLN C 696 26.28 51.46 6.16
C GLN C 696 25.15 51.62 5.14
N ASN C 697 23.91 51.58 5.62
CA ASN C 697 22.76 51.75 4.72
C ASN C 697 22.92 53.06 3.97
N SER C 698 22.97 52.98 2.65
CA SER C 698 23.14 54.18 1.84
C SER C 698 21.81 54.62 1.24
N MET C 699 21.46 55.87 1.46
CA MET C 699 20.24 56.47 0.90
C MET C 699 20.60 57.33 -0.29
N THR C 700 19.97 57.04 -1.43
CA THR C 700 20.24 57.75 -2.67
C THR C 700 19.07 58.60 -3.09
N ALA C 701 19.33 59.60 -3.94
CA ALA C 701 18.29 60.47 -4.48
C ALA C 701 17.55 59.80 -5.64
N GLY C 702 16.25 60.06 -5.73
CA GLY C 702 15.50 59.68 -6.91
C GLY C 702 15.19 60.80 -7.87
N LYS C 703 15.82 61.96 -7.67
CA LYS C 703 15.50 63.13 -8.48
C LYS C 703 16.78 63.88 -8.79
N THR C 704 16.87 64.41 -10.02
CA THR C 704 17.99 65.25 -10.40
C THR C 704 17.62 66.68 -10.03
N GLY C 705 18.59 67.43 -9.54
CA GLY C 705 18.37 68.81 -9.14
C GLY C 705 19.45 69.27 -8.21
N THR C 706 19.07 70.14 -7.28
CA THR C 706 19.96 70.62 -6.24
C THR C 706 19.26 70.42 -4.89
N VAL C 707 20.03 70.43 -3.82
CA VAL C 707 19.45 70.25 -2.50
C VAL C 707 18.84 71.56 -2.00
N LYS C 708 17.63 71.48 -1.45
CA LYS C 708 16.99 72.67 -0.89
C LYS C 708 17.30 72.80 0.59
N SER C 709 17.26 71.69 1.33
CA SER C 709 17.55 71.72 2.75
C SER C 709 18.08 70.37 3.19
N VAL C 710 19.02 70.40 4.13
CA VAL C 710 19.53 69.21 4.78
C VAL C 710 18.99 69.24 6.20
N HIS C 711 18.13 68.28 6.52
CA HIS C 711 17.39 68.29 7.78
C HIS C 711 18.09 67.54 8.90
N CYS C 712 18.85 66.50 8.58
CA CYS C 712 19.60 65.74 9.57
C CYS C 712 21.08 65.76 9.23
N GLN C 713 21.91 66.01 10.24
CA GLN C 713 23.34 66.13 10.05
C GLN C 713 24.06 64.88 10.61
N ALA C 714 25.30 64.68 10.19
CA ALA C 714 26.13 63.60 10.73
C ALA C 714 26.24 63.75 12.24
N GLY C 715 26.05 62.65 12.96
CA GLY C 715 26.07 62.70 14.41
C GLY C 715 24.69 62.67 15.03
N ASP C 716 23.69 62.98 14.22
CA ASP C 716 22.30 62.97 14.67
C ASP C 716 21.79 61.53 14.66
N THR C 717 20.81 61.23 15.51
CA THR C 717 20.17 59.92 15.48
C THR C 717 18.76 60.03 14.89
N VAL C 718 18.43 59.15 13.95
CA VAL C 718 17.15 59.27 13.26
C VAL C 718 16.41 57.94 13.35
N GLY C 719 15.08 57.99 13.23
CA GLY C 719 14.26 56.80 13.18
C GLY C 719 13.73 56.52 11.79
N GLU C 720 12.88 55.51 11.71
CA GLU C 720 12.29 55.14 10.44
C GLU C 720 11.26 56.17 10.00
N GLY C 721 11.41 56.66 8.77
CA GLY C 721 10.51 57.67 8.25
C GLY C 721 10.90 59.10 8.48
N ASP C 722 11.92 59.37 9.29
CA ASP C 722 12.36 60.74 9.53
C ASP C 722 12.95 61.35 8.27
N LEU C 723 12.73 62.65 8.12
CA LEU C 723 13.19 63.38 6.95
C LEU C 723 14.67 63.69 7.08
N LEU C 724 15.43 63.30 6.07
CA LEU C 724 16.88 63.55 6.05
C LEU C 724 17.24 64.74 5.20
N VAL C 725 16.80 64.77 3.94
CA VAL C 725 17.18 65.83 3.01
C VAL C 725 15.97 66.13 2.11
N GLU C 726 15.81 67.40 1.74
CA GLU C 726 14.73 67.81 0.86
C GLU C 726 15.31 68.47 -0.38
N LEU C 727 14.91 67.98 -1.54
CA LEU C 727 15.42 68.45 -2.81
C LEU C 727 14.49 69.52 -3.37
N GLU C 728 15.03 70.31 -4.29
CA GLU C 728 14.23 71.24 -5.06
C GLU C 728 13.49 70.52 -6.18
N THR D 33 -47.31 30.95 -23.00
CA THR D 33 -45.85 31.00 -22.92
C THR D 33 -45.23 29.61 -22.98
N SER D 34 -44.36 29.39 -23.95
CA SER D 34 -43.71 28.11 -24.10
C SER D 34 -42.56 27.99 -23.12
N VAL D 35 -42.07 26.76 -22.92
CA VAL D 35 -40.94 26.55 -22.04
C VAL D 35 -39.68 27.23 -22.59
N ASN D 36 -39.53 27.27 -23.90
CA ASN D 36 -38.36 27.90 -24.51
C ASN D 36 -38.33 29.40 -24.26
N GLU D 37 -39.52 30.04 -24.20
CA GLU D 37 -39.56 31.46 -23.92
C GLU D 37 -39.14 31.74 -22.49
N ARG D 38 -39.60 30.89 -21.58
CA ARG D 38 -39.26 31.05 -20.17
C ARG D 38 -37.76 30.85 -19.95
N ILE D 39 -37.19 29.89 -20.66
CA ILE D 39 -35.75 29.60 -20.60
C ILE D 39 -34.95 30.79 -21.09
N GLU D 40 -35.34 31.36 -22.23
CA GLU D 40 -34.67 32.53 -22.77
C GLU D 40 -34.76 33.72 -21.82
N ASN D 41 -35.91 33.91 -21.19
CA ASN D 41 -36.07 35.01 -20.24
C ASN D 41 -35.19 34.84 -19.01
N LYS D 42 -34.98 33.60 -18.58
CA LYS D 42 -34.11 33.34 -17.44
C LYS D 42 -32.63 33.55 -17.80
N ARG D 43 -32.27 33.23 -19.04
CA ARG D 43 -30.91 33.38 -19.52
C ARG D 43 -30.57 34.89 -19.53
N ARG D 44 -31.48 35.70 -20.06
CA ARG D 44 -31.28 37.14 -20.12
C ARG D 44 -31.16 37.76 -18.73
N THR D 45 -32.00 37.33 -17.79
CA THR D 45 -31.86 37.83 -16.43
C THR D 45 -30.58 37.34 -15.75
N ALA D 46 -30.19 36.08 -15.95
CA ALA D 46 -28.96 35.60 -15.35
C ALA D 46 -27.77 36.42 -15.79
N LEU D 47 -27.75 36.84 -17.06
CA LEU D 47 -26.66 37.67 -17.55
C LEU D 47 -26.70 39.06 -16.94
N LEU D 48 -27.88 39.64 -16.79
CA LEU D 48 -27.94 40.94 -16.12
C LEU D 48 -27.68 40.83 -14.63
N GLY D 49 -27.99 39.71 -14.02
CA GLY D 49 -27.75 39.54 -12.59
C GLY D 49 -28.64 40.45 -11.77
N GLY D 50 -28.03 41.42 -11.10
CA GLY D 50 -28.76 42.39 -10.29
C GLY D 50 -29.49 43.44 -11.08
N GLY D 51 -29.34 43.47 -12.39
CA GLY D 51 -30.02 44.46 -13.20
C GLY D 51 -29.07 45.50 -13.75
N GLN D 52 -29.49 46.12 -14.86
CA GLN D 52 -28.66 47.06 -15.60
C GLN D 52 -28.30 48.29 -14.77
N ARG D 53 -29.20 48.75 -13.91
CA ARG D 53 -28.93 49.94 -13.11
C ARG D 53 -27.85 49.66 -12.07
N ARG D 54 -27.84 48.45 -11.54
CA ARG D 54 -26.83 48.02 -10.60
C ARG D 54 -25.50 47.95 -11.37
N ILE D 55 -25.54 47.33 -12.54
CA ILE D 55 -24.34 47.22 -13.38
C ILE D 55 -23.78 48.60 -13.69
N ASP D 56 -24.65 49.54 -14.04
CA ASP D 56 -24.21 50.91 -14.25
C ASP D 56 -23.47 51.46 -13.03
N ALA D 57 -24.02 51.26 -11.84
CA ALA D 57 -23.34 51.70 -10.62
C ALA D 57 -22.01 50.97 -10.43
N GLN D 58 -21.97 49.68 -10.76
CA GLN D 58 -20.75 48.87 -10.66
C GLN D 58 -19.62 49.52 -11.44
N HIS D 59 -19.91 50.00 -12.65
CA HIS D 59 -18.91 50.68 -13.46
C HIS D 59 -18.59 52.06 -12.95
N LYS D 60 -19.57 52.77 -12.42
CA LYS D 60 -19.34 54.11 -11.88
C LYS D 60 -18.32 54.08 -10.77
N ARG D 61 -18.35 53.04 -9.96
CA ARG D 61 -17.39 52.87 -8.87
C ARG D 61 -16.05 52.40 -9.37
N GLY D 62 -15.93 52.08 -10.64
CA GLY D 62 -14.66 51.63 -11.17
C GLY D 62 -14.41 50.14 -11.05
N LYS D 63 -15.46 49.34 -11.03
CA LYS D 63 -15.37 47.91 -10.87
C LYS D 63 -15.98 47.24 -12.09
N LEU D 64 -15.49 46.05 -12.41
CA LEU D 64 -16.05 45.23 -13.47
C LEU D 64 -17.08 44.29 -12.88
N THR D 65 -17.97 43.75 -13.71
CA THR D 65 -18.88 42.80 -13.14
C THR D 65 -18.20 41.45 -13.03
N ALA D 66 -18.83 40.53 -12.30
CA ALA D 66 -18.34 39.17 -12.12
C ALA D 66 -18.15 38.43 -13.43
N ARG D 67 -19.07 38.60 -14.37
CA ARG D 67 -18.91 37.95 -15.66
C ARG D 67 -17.84 38.62 -16.52
N GLU D 68 -17.71 39.95 -16.45
CA GLU D 68 -16.64 40.60 -17.21
C GLU D 68 -15.28 40.17 -16.70
N ARG D 69 -15.15 40.02 -15.39
CA ARG D 69 -13.89 39.55 -14.83
C ARG D 69 -13.53 38.15 -15.32
N ILE D 70 -14.50 37.25 -15.36
CA ILE D 70 -14.14 35.93 -15.89
C ILE D 70 -13.72 35.99 -17.34
N SER D 71 -14.44 36.74 -18.18
CA SER D 71 -14.08 36.80 -19.59
C SER D 71 -12.65 37.26 -19.79
N LEU D 72 -12.17 38.17 -18.96
CA LEU D 72 -10.79 38.61 -19.02
C LEU D 72 -9.83 37.52 -18.54
N LEU D 73 -10.21 36.78 -17.50
CA LEU D 73 -9.27 35.85 -16.88
C LEU D 73 -9.00 34.64 -17.76
N LEU D 74 -10.03 34.05 -18.34
CA LEU D 74 -9.90 32.77 -19.01
C LEU D 74 -9.72 32.95 -20.51
N ASP D 75 -9.15 31.93 -21.12
CA ASP D 75 -9.02 31.87 -22.57
C ASP D 75 -10.37 32.13 -23.23
N PRO D 76 -10.41 32.97 -24.26
CA PRO D 76 -11.70 33.28 -24.91
C PRO D 76 -12.44 32.03 -25.33
N GLY D 77 -13.70 31.95 -24.92
CA GLY D 77 -14.56 30.88 -25.37
C GLY D 77 -14.42 29.59 -24.59
N SER D 78 -13.49 29.55 -23.64
CA SER D 78 -13.22 28.35 -22.88
C SER D 78 -14.12 28.15 -21.68
N PHE D 79 -14.87 29.17 -21.28
CA PHE D 79 -15.63 29.12 -20.04
C PHE D 79 -16.98 28.43 -20.27
N VAL D 80 -17.30 27.47 -19.41
CA VAL D 80 -18.60 26.82 -19.42
C VAL D 80 -19.24 27.03 -18.05
N GLU D 81 -20.40 27.70 -18.05
CA GLU D 81 -21.14 28.03 -16.86
C GLU D 81 -21.99 26.86 -16.40
N SER D 82 -22.00 26.64 -15.09
CA SER D 82 -22.77 25.57 -14.48
C SER D 82 -23.86 26.19 -13.62
N ASP D 83 -24.98 25.47 -13.47
CA ASP D 83 -26.07 25.78 -12.55
C ASP D 83 -26.55 27.23 -12.69
N MET D 84 -26.68 27.68 -13.92
CA MET D 84 -27.07 29.07 -14.13
C MET D 84 -28.51 29.32 -13.74
N PHE D 85 -29.33 28.27 -13.63
CA PHE D 85 -30.75 28.43 -13.36
C PHE D 85 -31.12 28.14 -11.92
N VAL D 86 -30.16 28.02 -11.04
CA VAL D 86 -30.46 27.72 -9.65
C VAL D 86 -30.87 28.99 -8.92
N GLU D 87 -31.94 28.89 -8.13
CA GLU D 87 -32.45 29.98 -7.33
C GLU D 87 -32.59 29.53 -5.89
N HIS D 88 -32.61 30.51 -4.99
CA HIS D 88 -32.79 30.23 -3.57
C HIS D 88 -34.16 29.63 -3.29
N ARG D 89 -34.23 28.97 -2.15
CA ARG D 89 -35.45 28.36 -1.68
C ARG D 89 -35.95 29.08 -0.46
N CYS D 90 -35.09 29.90 0.12
CA CYS D 90 -35.44 30.67 1.32
C CYS D 90 -36.70 31.50 1.16
N ALA D 91 -37.58 31.43 2.16
CA ALA D 91 -38.82 32.19 2.16
C ALA D 91 -38.97 32.81 3.54
N ASP D 92 -38.78 34.12 3.65
CA ASP D 92 -38.91 34.77 4.93
C ASP D 92 -38.55 36.24 4.84
N PHE D 93 -39.36 37.08 5.46
CA PHE D 93 -39.09 38.50 5.41
C PHE D 93 -39.31 38.97 3.99
N GLY D 94 -40.18 38.27 3.28
CA GLY D 94 -40.49 38.63 1.91
C GLY D 94 -39.46 38.19 0.89
N MET D 95 -38.78 37.10 1.18
CA MET D 95 -37.79 36.58 0.26
C MET D 95 -38.50 35.75 -0.79
N ALA D 96 -39.66 35.22 -0.43
CA ALA D 96 -40.43 34.40 -1.35
C ALA D 96 -40.99 35.23 -2.49
N ALA D 97 -40.76 36.53 -2.46
CA ALA D 97 -41.14 37.41 -3.56
C ALA D 97 -40.42 37.18 -4.93
N ASP D 98 -41.25 36.99 -5.94
CA ASP D 98 -40.76 36.77 -7.27
C ASP D 98 -39.83 37.92 -7.62
N LYS D 99 -40.10 39.07 -7.07
CA LYS D 99 -39.25 40.23 -7.33
C LYS D 99 -37.94 40.07 -6.57
N ASN D 100 -37.89 39.06 -5.71
CA ASN D 100 -36.71 38.80 -4.92
C ASN D 100 -35.89 37.66 -5.48
N LYS D 101 -36.37 37.03 -6.55
CA LYS D 101 -35.55 35.96 -7.18
C LYS D 101 -34.60 36.43 -8.33
N PHE D 102 -33.35 35.99 -8.30
CA PHE D 102 -32.23 36.27 -9.21
C PHE D 102 -31.56 34.98 -9.61
N PRO D 103 -31.71 34.52 -10.85
CA PRO D 103 -31.04 33.29 -11.27
C PRO D 103 -29.54 33.43 -11.06
N GLY D 104 -28.94 32.37 -10.54
CA GLY D 104 -27.51 32.39 -10.27
C GLY D 104 -27.19 32.64 -8.83
N ASP D 105 -28.12 33.24 -8.10
CA ASP D 105 -28.04 33.49 -6.66
C ASP D 105 -26.65 33.99 -6.25
N SER D 106 -26.23 35.05 -6.94
CA SER D 106 -25.09 35.90 -6.61
C SER D 106 -23.72 35.28 -6.83
N VAL D 107 -23.60 34.16 -7.54
CA VAL D 107 -22.28 33.64 -7.88
C VAL D 107 -22.34 33.15 -9.32
N VAL D 108 -21.23 33.34 -10.03
CA VAL D 108 -21.02 32.75 -11.35
C VAL D 108 -19.98 31.66 -11.17
N THR D 109 -20.35 30.43 -11.54
CA THR D 109 -19.48 29.28 -11.38
C THR D 109 -19.28 28.60 -12.72
N GLY D 110 -18.13 27.97 -12.91
CA GLY D 110 -17.92 27.21 -14.11
C GLY D 110 -16.47 26.83 -14.28
N ARG D 111 -16.15 26.29 -15.45
CA ARG D 111 -14.79 25.83 -15.70
C ARG D 111 -14.28 26.40 -17.01
N GLY D 112 -12.96 26.45 -17.13
CA GLY D 112 -12.33 26.85 -18.36
C GLY D 112 -10.87 26.50 -18.37
N ARG D 113 -10.12 27.22 -19.20
CA ARG D 113 -8.70 27.01 -19.36
C ARG D 113 -7.98 28.34 -19.39
N ILE D 114 -6.74 28.35 -18.91
CA ILE D 114 -5.83 29.46 -19.10
C ILE D 114 -4.63 28.90 -19.82
N ASN D 115 -4.40 29.40 -21.05
CA ASN D 115 -3.35 28.93 -21.97
C ASN D 115 -3.43 27.43 -22.22
N GLY D 116 -4.64 26.90 -22.36
CA GLY D 116 -4.83 25.50 -22.60
C GLY D 116 -4.87 24.64 -21.37
N ARG D 117 -4.64 25.18 -20.18
CA ARG D 117 -4.60 24.37 -18.98
C ARG D 117 -5.89 24.51 -18.20
N LEU D 118 -6.43 23.38 -17.77
CA LEU D 118 -7.71 23.33 -17.09
C LEU D 118 -7.65 24.06 -15.76
N VAL D 119 -8.66 24.90 -15.50
CA VAL D 119 -8.78 25.55 -14.21
C VAL D 119 -10.27 25.74 -13.94
N TYR D 120 -10.64 25.67 -12.66
CA TYR D 120 -12.00 25.95 -12.21
C TYR D 120 -12.03 27.34 -11.59
N VAL D 121 -13.12 28.06 -11.80
CA VAL D 121 -13.27 29.39 -11.24
C VAL D 121 -14.65 29.56 -10.63
N PHE D 122 -14.77 30.56 -9.78
CA PHE D 122 -16.05 31.11 -9.39
C PHE D 122 -15.84 32.58 -9.08
N SER D 123 -16.91 33.36 -9.22
CA SER D 123 -16.80 34.79 -8.95
C SER D 123 -18.08 35.22 -8.27
N GLN D 124 -17.95 35.97 -7.18
CA GLN D 124 -19.11 36.47 -6.46
C GLN D 124 -19.60 37.77 -7.08
N ASP D 125 -20.92 37.89 -7.21
CA ASP D 125 -21.56 39.02 -7.87
C ASP D 125 -22.13 39.96 -6.83
N PHE D 126 -21.53 41.14 -6.67
CA PHE D 126 -21.93 42.07 -5.64
C PHE D 126 -23.27 42.73 -5.91
N THR D 127 -23.79 42.65 -7.14
CA THR D 127 -24.99 43.41 -7.48
C THR D 127 -26.25 42.65 -7.06
N VAL D 128 -26.11 41.42 -6.61
CA VAL D 128 -27.27 40.62 -6.22
C VAL D 128 -27.23 40.38 -4.72
N PHE D 129 -28.07 41.10 -4.01
CA PHE D 129 -28.11 41.06 -2.58
C PHE D 129 -26.75 41.37 -2.01
N GLY D 130 -26.07 42.35 -2.58
CA GLY D 130 -24.81 42.78 -2.03
C GLY D 130 -23.72 41.74 -2.05
N GLY D 131 -23.93 40.63 -2.76
CA GLY D 131 -22.95 39.57 -2.83
C GLY D 131 -22.98 38.69 -1.60
N SER D 132 -24.02 38.82 -0.79
CA SER D 132 -24.14 38.08 0.46
C SER D 132 -24.26 36.58 0.20
N LEU D 133 -23.86 35.77 1.18
CA LEU D 133 -23.80 34.33 1.01
C LEU D 133 -25.09 33.67 1.48
N SER D 134 -25.68 32.87 0.61
CA SER D 134 -26.85 32.08 0.98
C SER D 134 -26.48 30.61 1.07
N GLY D 135 -27.43 29.79 1.47
CA GLY D 135 -27.22 28.36 1.44
C GLY D 135 -26.88 27.89 0.05
N ALA D 136 -27.75 28.19 -0.92
CA ALA D 136 -27.52 27.77 -2.31
C ALA D 136 -26.24 28.37 -2.88
N HIS D 137 -25.90 29.60 -2.48
CA HIS D 137 -24.65 30.24 -2.87
C HIS D 137 -23.45 29.35 -2.55
N ALA D 138 -23.36 28.90 -1.31
CA ALA D 138 -22.25 28.06 -0.89
C ALA D 138 -22.25 26.72 -1.59
N GLN D 139 -23.45 26.21 -1.82
CA GLN D 139 -23.58 24.89 -2.40
C GLN D 139 -22.91 24.86 -3.76
N LYS D 140 -23.14 25.90 -4.54
CA LYS D 140 -22.56 26.01 -5.89
C LYS D 140 -21.05 26.12 -5.83
N ILE D 141 -20.54 26.90 -4.87
CA ILE D 141 -19.09 26.98 -4.71
C ILE D 141 -18.52 25.64 -4.29
N CYS D 142 -19.19 24.91 -3.38
CA CYS D 142 -18.72 23.61 -2.94
C CYS D 142 -18.66 22.60 -4.08
N LYS D 143 -19.67 22.67 -4.95
CA LYS D 143 -19.73 21.82 -6.13
C LYS D 143 -18.45 22.02 -6.94
N ILE D 144 -18.02 23.26 -7.14
CA ILE D 144 -16.79 23.48 -7.91
C ILE D 144 -15.59 22.93 -7.16
N MET D 145 -15.57 23.11 -5.85
CA MET D 145 -14.51 22.62 -4.99
C MET D 145 -14.36 21.11 -5.05
N ASP D 146 -15.46 20.40 -5.19
CA ASP D 146 -15.45 18.94 -5.29
C ASP D 146 -15.02 18.47 -6.67
N GLN D 147 -15.42 19.13 -7.74
CA GLN D 147 -14.98 18.66 -9.04
C GLN D 147 -13.49 18.90 -9.20
N ALA D 148 -13.02 20.05 -8.74
CA ALA D 148 -11.61 20.35 -8.89
C ALA D 148 -10.73 19.38 -8.11
N ILE D 149 -11.16 19.00 -6.90
CA ILE D 149 -10.35 18.06 -6.14
C ILE D 149 -10.33 16.71 -6.83
N THR D 150 -11.48 16.24 -7.32
CA THR D 150 -11.56 14.94 -7.97
C THR D 150 -10.67 14.86 -9.20
N VAL D 151 -10.70 15.87 -10.06
CA VAL D 151 -9.87 15.77 -11.26
C VAL D 151 -8.43 16.21 -11.02
N GLY D 152 -8.20 17.13 -10.09
CA GLY D 152 -6.87 17.64 -9.88
C GLY D 152 -6.56 18.88 -10.69
N ALA D 153 -7.37 19.92 -10.55
CA ALA D 153 -7.24 21.19 -11.25
C ALA D 153 -7.30 22.30 -10.23
N PRO D 154 -6.57 23.40 -10.44
CA PRO D 154 -6.62 24.51 -9.48
C PRO D 154 -7.99 25.16 -9.46
N VAL D 155 -8.27 25.86 -8.38
CA VAL D 155 -9.46 26.69 -8.25
C VAL D 155 -9.01 28.11 -8.00
N ILE D 156 -9.54 29.06 -8.76
CA ILE D 156 -9.30 30.48 -8.58
C ILE D 156 -10.63 31.12 -8.23
N GLY D 157 -10.71 31.73 -7.05
CA GLY D 157 -11.91 32.42 -6.61
C GLY D 157 -11.72 33.92 -6.74
N LEU D 158 -12.78 34.61 -7.13
CA LEU D 158 -12.81 36.06 -7.18
C LEU D 158 -13.84 36.49 -6.14
N ASN D 159 -13.37 36.98 -5.00
CA ASN D 159 -14.26 37.20 -3.88
C ASN D 159 -14.66 38.66 -3.74
N ASP D 160 -15.93 38.86 -3.40
CA ASP D 160 -16.56 40.14 -3.20
C ASP D 160 -17.91 39.88 -2.53
N SER D 161 -18.03 40.21 -1.25
CA SER D 161 -19.23 39.83 -0.51
C SER D 161 -19.47 40.78 0.65
N GLY D 162 -20.73 40.92 1.06
CA GLY D 162 -21.07 41.81 2.14
C GLY D 162 -21.22 41.01 3.41
N GLY D 163 -20.98 39.70 3.29
CA GLY D 163 -21.14 38.80 4.40
C GLY D 163 -22.33 37.88 4.28
N ALA D 164 -22.76 37.33 5.41
CA ALA D 164 -23.86 36.38 5.44
C ALA D 164 -25.17 37.06 5.06
N ARG D 165 -26.05 36.31 4.42
CA ARG D 165 -27.39 36.78 4.07
C ARG D 165 -28.28 36.51 5.28
N ILE D 166 -28.59 37.57 6.03
CA ILE D 166 -29.31 37.44 7.30
C ILE D 166 -30.76 37.01 7.13
N GLN D 167 -31.31 37.13 5.93
CA GLN D 167 -32.69 36.73 5.74
C GLN D 167 -32.85 35.21 5.89
N GLU D 168 -31.81 34.45 5.60
CA GLU D 168 -31.89 33.01 5.76
C GLU D 168 -31.46 32.57 7.15
N GLY D 169 -30.64 33.36 7.80
CA GLY D 169 -30.26 33.10 9.19
C GLY D 169 -29.08 32.14 9.28
N VAL D 170 -29.36 30.91 9.73
CA VAL D 170 -28.32 29.94 10.04
C VAL D 170 -27.93 29.09 8.85
N GLU D 171 -28.69 29.18 7.77
CA GLU D 171 -28.40 28.45 6.56
C GLU D 171 -27.07 28.91 5.97
N SER D 172 -26.80 30.20 6.03
CA SER D 172 -25.56 30.76 5.49
C SER D 172 -24.37 30.39 6.35
N LEU D 173 -24.58 30.17 7.64
CA LEU D 173 -23.47 29.74 8.51
C LEU D 173 -23.03 28.33 8.17
N ALA D 174 -23.97 27.43 7.87
CA ALA D 174 -23.62 26.13 7.34
C ALA D 174 -22.91 26.25 5.99
N GLY D 175 -23.32 27.22 5.17
CA GLY D 175 -22.62 27.45 3.91
C GLY D 175 -21.13 27.68 4.10
N TYR D 176 -20.77 28.60 4.99
CA TYR D 176 -19.37 28.87 5.32
C TYR D 176 -18.63 27.64 5.82
N ALA D 177 -19.27 26.87 6.70
CA ALA D 177 -18.61 25.68 7.22
C ALA D 177 -18.30 24.68 6.13
N ASP D 178 -19.22 24.48 5.18
CA ASP D 178 -18.96 23.55 4.08
C ASP D 178 -17.84 24.03 3.18
N ILE D 179 -17.79 25.35 2.91
CA ILE D 179 -16.70 25.90 2.10
C ILE D 179 -15.38 25.73 2.81
N PHE D 180 -15.34 26.01 4.10
CA PHE D 180 -14.12 25.87 4.89
C PHE D 180 -13.62 24.45 4.86
N LEU D 181 -14.52 23.49 4.99
CA LEU D 181 -14.14 22.08 4.94
C LEU D 181 -13.52 21.72 3.60
N ARG D 182 -14.06 22.22 2.50
CA ARG D 182 -13.42 21.93 1.21
C ARG D 182 -12.06 22.60 1.08
N ASN D 183 -11.93 23.83 1.58
CA ASN D 183 -10.67 24.55 1.47
C ASN D 183 -9.57 23.89 2.27
N VAL D 184 -9.93 23.29 3.39
CA VAL D 184 -8.94 22.54 4.15
C VAL D 184 -8.62 21.23 3.45
N THR D 185 -9.64 20.51 2.98
CA THR D 185 -9.41 19.25 2.29
C THR D 185 -8.53 19.43 1.06
N ALA D 186 -8.72 20.51 0.31
CA ALA D 186 -7.93 20.71 -0.90
C ALA D 186 -6.50 21.12 -0.63
N SER D 187 -6.12 21.45 0.60
CA SER D 187 -4.78 21.95 0.89
C SER D 187 -3.74 20.89 0.58
N GLY D 188 -2.75 21.24 -0.23
CA GLY D 188 -1.70 20.32 -0.60
C GLY D 188 -2.10 19.38 -1.71
N VAL D 189 -3.31 19.54 -2.25
CA VAL D 189 -3.83 18.70 -3.31
C VAL D 189 -3.93 19.47 -4.61
N ILE D 190 -4.57 20.63 -4.58
CA ILE D 190 -4.67 21.52 -5.73
C ILE D 190 -4.30 22.92 -5.28
N PRO D 191 -3.70 23.75 -6.11
CA PRO D 191 -3.44 25.14 -5.68
C PRO D 191 -4.76 25.84 -5.47
N GLN D 192 -4.80 26.71 -4.47
CA GLN D 192 -5.97 27.53 -4.24
C GLN D 192 -5.56 28.99 -4.20
N ILE D 193 -6.08 29.77 -5.13
CA ILE D 193 -5.76 31.18 -5.30
C ILE D 193 -7.01 31.98 -5.05
N SER D 194 -6.92 33.02 -4.24
CA SER D 194 -8.06 33.88 -3.98
C SER D 194 -7.70 35.32 -4.26
N LEU D 195 -8.40 35.92 -5.21
CA LEU D 195 -8.21 37.32 -5.58
C LEU D 195 -9.40 38.10 -5.06
N ILE D 196 -9.15 39.13 -4.27
CA ILE D 196 -10.21 39.93 -3.67
C ILE D 196 -10.45 41.11 -4.58
N MET D 197 -11.70 41.30 -4.98
CA MET D 197 -12.02 42.33 -5.95
C MET D 197 -12.99 43.36 -5.39
N GLY D 198 -13.15 43.38 -4.07
CA GLY D 198 -14.08 44.29 -3.44
C GLY D 198 -14.09 44.07 -1.94
N PRO D 199 -15.08 44.60 -1.26
CA PRO D 199 -15.12 44.41 0.20
C PRO D 199 -15.43 42.97 0.55
N CYS D 200 -15.07 42.58 1.77
CA CYS D 200 -15.31 41.24 2.28
C CYS D 200 -15.48 41.32 3.78
N ALA D 201 -16.59 40.82 4.28
CA ALA D 201 -16.93 40.99 5.69
C ALA D 201 -17.56 39.72 6.22
N GLY D 202 -17.55 39.59 7.53
CA GLY D 202 -18.05 38.39 8.16
C GLY D 202 -17.19 37.18 7.89
N GLY D 203 -17.85 36.02 7.90
CA GLY D 203 -17.17 34.75 7.72
C GLY D 203 -16.44 34.60 6.41
N ALA D 204 -16.83 35.38 5.39
CA ALA D 204 -16.21 35.28 4.07
C ALA D 204 -14.73 35.59 4.12
N VAL D 205 -14.31 36.43 5.08
CA VAL D 205 -12.94 36.93 5.21
C VAL D 205 -11.98 35.82 5.62
N TYR D 206 -12.50 34.68 6.03
CA TYR D 206 -11.61 33.58 6.39
C TYR D 206 -11.25 32.69 5.21
N SER D 207 -12.02 32.66 4.12
CA SER D 207 -11.55 31.78 3.06
C SER D 207 -10.15 32.12 2.53
N PRO D 208 -9.76 33.38 2.29
CA PRO D 208 -8.37 33.61 1.88
C PRO D 208 -7.34 33.17 2.89
N ALA D 209 -7.71 32.93 4.13
CA ALA D 209 -6.77 32.43 5.11
C ALA D 209 -6.49 30.95 4.92
N LEU D 210 -7.37 30.24 4.23
CA LEU D 210 -7.17 28.83 3.99
C LEU D 210 -6.55 28.55 2.63
N THR D 211 -6.71 29.45 1.66
CA THR D 211 -6.07 29.27 0.37
C THR D 211 -4.59 29.64 0.44
N ASP D 212 -3.89 29.35 -0.64
CA ASP D 212 -2.44 29.51 -0.72
C ASP D 212 -1.92 30.91 -0.97
N PHE D 213 -2.61 31.67 -1.80
CA PHE D 213 -2.21 33.04 -2.05
C PHE D 213 -3.44 33.92 -2.02
N THR D 214 -3.28 35.13 -1.47
CA THR D 214 -4.34 36.11 -1.45
C THR D 214 -3.85 37.36 -2.17
N PHE D 215 -4.62 37.84 -3.13
CA PHE D 215 -4.25 39.07 -3.83
C PHE D 215 -5.37 40.07 -3.70
N MET D 216 -5.04 41.35 -3.80
CA MET D 216 -6.04 42.40 -3.66
C MET D 216 -5.88 43.43 -4.76
N VAL D 217 -6.86 44.34 -4.81
CA VAL D 217 -6.87 45.46 -5.74
C VAL D 217 -6.82 46.74 -4.93
N LYS D 218 -5.84 47.60 -5.23
CA LYS D 218 -5.62 48.79 -4.42
C LYS D 218 -6.84 49.68 -4.45
N ASP D 219 -7.22 50.16 -3.26
CA ASP D 219 -8.30 51.13 -3.04
C ASP D 219 -9.69 50.63 -3.45
N THR D 220 -9.81 49.33 -3.76
CA THR D 220 -11.07 48.76 -4.16
C THR D 220 -11.47 47.62 -3.23
N SER D 221 -10.52 46.80 -2.81
CA SER D 221 -10.78 45.61 -2.04
C SER D 221 -10.47 45.86 -0.57
N TYR D 222 -11.21 45.15 0.30
CA TYR D 222 -11.03 45.25 1.74
C TYR D 222 -11.09 43.85 2.33
N LEU D 223 -10.40 43.68 3.46
CA LEU D 223 -10.54 42.47 4.25
C LEU D 223 -10.68 42.83 5.72
N PHE D 224 -11.83 42.54 6.32
CA PHE D 224 -12.03 42.78 7.76
C PHE D 224 -13.29 42.08 8.22
N ILE D 225 -13.33 41.64 9.47
CA ILE D 225 -14.45 40.86 10.01
C ILE D 225 -15.64 41.77 10.30
N THR D 226 -15.40 42.85 11.03
CA THR D 226 -16.40 43.87 11.33
C THR D 226 -15.94 45.21 10.78
N GLY D 227 -16.92 46.06 10.45
CA GLY D 227 -16.64 47.34 9.87
C GLY D 227 -16.30 48.39 10.91
N PRO D 228 -15.92 49.59 10.44
CA PRO D 228 -15.61 50.68 11.37
C PRO D 228 -16.76 51.01 12.31
N ASP D 229 -17.99 50.72 11.90
CA ASP D 229 -19.16 51.00 12.72
C ASP D 229 -19.12 50.24 14.04
N VAL D 230 -18.61 49.00 14.00
CA VAL D 230 -18.50 48.21 15.20
C VAL D 230 -17.32 48.68 16.04
N VAL D 231 -16.19 48.98 15.40
CA VAL D 231 -15.04 49.45 16.17
C VAL D 231 -15.41 50.69 16.97
N LYS D 232 -16.10 51.65 16.35
CA LYS D 232 -16.48 52.87 17.06
C LYS D 232 -17.47 52.58 18.18
N SER D 233 -18.37 51.62 17.97
CA SER D 233 -19.41 51.34 18.97
C SER D 233 -18.84 50.57 20.15
N VAL D 234 -17.81 49.75 19.92
CA VAL D 234 -17.29 48.88 20.98
C VAL D 234 -16.23 49.60 21.79
N THR D 235 -15.30 50.27 21.11
CA THR D 235 -14.16 50.90 21.76
C THR D 235 -14.00 52.33 21.25
N ASN D 236 -13.37 53.18 22.05
CA ASN D 236 -13.22 54.59 21.70
C ASN D 236 -12.04 54.82 20.76
N GLU D 237 -12.14 54.28 19.55
CA GLU D 237 -11.10 54.38 18.53
C GLU D 237 -11.72 54.89 17.24
N ASP D 238 -11.05 55.82 16.57
CA ASP D 238 -11.51 56.33 15.29
C ASP D 238 -10.80 55.79 14.05
N VAL D 239 -11.53 55.07 13.20
CA VAL D 239 -10.96 54.45 12.00
C VAL D 239 -11.90 54.47 10.80
N THR D 240 -11.33 54.64 9.61
CA THR D 240 -12.07 54.55 8.35
C THR D 240 -11.91 53.23 7.62
N GLN D 241 -12.67 53.06 6.56
CA GLN D 241 -12.70 51.82 5.80
C GLN D 241 -11.38 51.33 5.29
N GLU D 242 -10.56 52.24 4.80
CA GLU D 242 -9.27 51.92 4.22
C GLU D 242 -8.26 51.60 5.32
N GLU D 243 -8.31 52.34 6.42
CA GLU D 243 -7.39 52.12 7.53
C GLU D 243 -7.64 50.79 8.21
N LEU D 244 -8.90 50.39 8.30
CA LEU D 244 -9.25 49.18 9.04
C LEU D 244 -8.89 47.94 8.24
N GLY D 245 -9.23 47.91 6.97
CA GLY D 245 -9.00 46.71 6.19
C GLY D 245 -8.66 46.92 4.73
N GLY D 246 -8.04 48.04 4.40
CA GLY D 246 -7.68 48.33 3.03
C GLY D 246 -6.52 47.49 2.53
N ALA D 247 -6.40 47.45 1.20
CA ALA D 247 -5.35 46.69 0.54
C ALA D 247 -3.94 47.12 0.95
N LYS D 248 -3.74 48.41 1.18
CA LYS D 248 -2.42 48.91 1.54
C LYS D 248 -2.00 48.41 2.91
N THR D 249 -2.96 48.29 3.82
CA THR D 249 -2.68 47.80 5.17
C THR D 249 -2.23 46.35 5.15
N HIS D 250 -2.94 45.52 4.40
CA HIS D 250 -2.69 44.08 4.39
C HIS D 250 -1.48 43.66 3.55
N THR D 251 -1.11 44.46 2.56
CA THR D 251 0.12 44.22 1.84
C THR D 251 1.34 44.89 2.44
N THR D 252 1.17 45.89 3.30
CA THR D 252 2.36 46.52 3.87
C THR D 252 2.60 46.19 5.33
N MET D 253 1.53 46.07 6.11
CA MET D 253 1.74 45.89 7.55
C MET D 253 1.29 44.61 8.23
N SER D 254 0.15 44.06 7.89
CA SER D 254 -0.35 42.89 8.61
C SER D 254 0.20 41.60 8.02
N GLY D 255 0.67 41.63 6.77
CA GLY D 255 1.18 40.43 6.16
C GLY D 255 0.11 39.45 5.75
N VAL D 256 -1.07 39.93 5.37
CA VAL D 256 -2.16 39.04 5.04
C VAL D 256 -2.27 38.85 3.54
N ALA D 257 -2.12 39.94 2.79
CA ALA D 257 -2.26 39.88 1.35
C ALA D 257 -0.89 39.84 0.68
N HIS D 258 -0.76 38.96 -0.30
CA HIS D 258 0.52 38.71 -0.95
C HIS D 258 0.92 39.77 -1.95
N ARG D 259 -0.06 40.44 -2.55
CA ARG D 259 0.21 41.58 -3.41
C ARG D 259 -1.05 42.29 -3.85
N ALA D 260 -1.01 43.61 -3.94
CA ALA D 260 -2.13 44.37 -4.46
C ALA D 260 -1.78 44.92 -5.83
N PHE D 261 -2.76 44.95 -6.71
CA PHE D 261 -2.59 45.45 -8.07
C PHE D 261 -3.43 46.70 -8.25
N GLU D 262 -3.02 47.54 -9.20
CA GLU D 262 -3.58 48.89 -9.29
C GLU D 262 -5.07 48.88 -9.61
N ASN D 263 -5.51 48.00 -10.50
CA ASN D 263 -6.90 48.02 -10.93
C ASN D 263 -7.31 46.62 -11.36
N ASP D 264 -8.58 46.49 -11.75
CA ASP D 264 -9.13 45.18 -12.08
C ASP D 264 -8.48 44.55 -13.31
N VAL D 265 -8.14 45.35 -14.32
CA VAL D 265 -7.64 44.81 -15.58
C VAL D 265 -6.21 44.31 -15.42
N ASP D 266 -5.38 45.09 -14.73
CA ASP D 266 -4.01 44.72 -14.44
C ASP D 266 -3.92 43.56 -13.48
N ALA D 267 -4.86 43.50 -12.53
CA ALA D 267 -4.90 42.42 -11.56
C ALA D 267 -5.13 41.07 -12.24
N LEU D 268 -6.02 41.03 -13.21
CA LEU D 268 -6.25 39.75 -13.88
C LEU D 268 -5.17 39.42 -14.91
N CYS D 269 -4.55 40.44 -15.50
CA CYS D 269 -3.43 40.16 -16.40
C CYS D 269 -2.25 39.55 -15.65
N ASN D 270 -1.95 40.07 -14.47
CA ASN D 270 -0.88 39.48 -13.66
C ASN D 270 -1.28 38.13 -13.10
N LEU D 271 -2.58 37.91 -12.87
CA LEU D 271 -3.03 36.62 -12.37
C LEU D 271 -2.84 35.53 -13.41
N ARG D 272 -3.10 35.83 -14.68
CA ARG D 272 -2.82 34.83 -15.73
C ARG D 272 -1.34 34.45 -15.74
N ASP D 273 -0.46 35.46 -15.64
CA ASP D 273 0.97 35.20 -15.60
C ASP D 273 1.38 34.38 -14.37
N PHE D 274 0.83 34.71 -13.21
CA PHE D 274 1.11 33.92 -12.02
C PHE D 274 0.65 32.49 -12.19
N PHE D 275 -0.56 32.29 -12.70
CA PHE D 275 -1.07 30.94 -12.92
C PHE D 275 -0.08 30.08 -13.68
N ASN D 276 0.58 30.64 -14.68
CA ASN D 276 1.45 29.80 -15.51
C ASN D 276 2.64 29.20 -14.77
N TYR D 277 2.91 29.59 -13.53
CA TYR D 277 4.04 29.04 -12.79
C TYR D 277 3.75 27.70 -12.13
N LEU D 278 2.51 27.44 -11.74
CA LEU D 278 2.12 26.41 -10.78
C LEU D 278 1.68 25.14 -11.49
N PRO D 279 1.88 23.97 -10.87
CA PRO D 279 1.32 22.74 -11.43
C PRO D 279 -0.18 22.72 -11.23
N LEU D 280 -0.84 21.80 -11.93
CA LEU D 280 -2.29 21.71 -11.77
C LEU D 280 -2.66 21.02 -10.47
N SER D 281 -1.84 20.09 -9.98
CA SER D 281 -2.11 19.34 -8.77
C SER D 281 -0.79 19.00 -8.12
N SER D 282 -0.84 18.60 -6.85
CA SER D 282 0.38 18.22 -6.16
C SER D 282 0.92 16.89 -6.64
N GLN D 283 0.16 16.18 -7.49
CA GLN D 283 0.67 14.92 -8.03
C GLN D 283 1.54 15.15 -9.24
N ASP D 284 1.61 16.38 -9.70
CA ASP D 284 2.33 16.72 -10.90
C ASP D 284 3.68 17.34 -10.58
N PRO D 285 4.68 17.15 -11.42
CA PRO D 285 5.95 17.84 -11.22
C PRO D 285 5.84 19.32 -11.57
N ALA D 286 6.78 20.12 -11.11
CA ALA D 286 6.82 21.52 -11.49
C ALA D 286 6.75 21.64 -13.01
N PRO D 287 5.87 22.48 -13.55
CA PRO D 287 5.77 22.60 -15.01
C PRO D 287 7.10 23.02 -15.63
N VAL D 288 7.33 22.54 -16.85
CA VAL D 288 8.49 22.91 -17.64
C VAL D 288 7.98 23.54 -18.92
N ARG D 289 8.47 24.71 -19.26
CA ARG D 289 8.05 25.41 -20.44
C ARG D 289 9.17 25.69 -21.42
N GLU D 290 8.83 25.87 -22.69
CA GLU D 290 9.80 26.25 -23.71
C GLU D 290 10.61 27.43 -23.22
N CYS D 291 11.93 27.35 -23.39
CA CYS D 291 12.83 28.40 -22.94
C CYS D 291 13.93 28.61 -23.97
N HIS D 292 14.21 29.88 -24.27
CA HIS D 292 15.24 30.24 -25.22
C HIS D 292 16.53 30.68 -24.57
N ASP D 293 16.59 30.73 -23.25
CA ASP D 293 17.73 31.28 -22.52
C ASP D 293 18.75 30.18 -22.32
N PRO D 294 19.92 30.25 -22.93
CA PRO D 294 20.88 29.14 -22.80
C PRO D 294 21.17 28.85 -21.36
N SER D 295 21.21 27.57 -21.02
CA SER D 295 21.37 27.14 -19.64
C SER D 295 22.82 27.20 -19.18
N ASP D 296 23.77 27.36 -20.09
CA ASP D 296 25.18 27.26 -19.78
C ASP D 296 25.90 28.59 -19.90
N ARG D 297 25.18 29.71 -19.93
CA ARG D 297 25.82 31.00 -20.05
C ARG D 297 26.32 31.46 -18.68
N LEU D 298 27.33 32.32 -18.71
CA LEU D 298 27.90 32.87 -17.50
C LEU D 298 27.29 34.23 -17.22
N VAL D 299 27.40 34.66 -15.98
CA VAL D 299 26.90 35.97 -15.58
C VAL D 299 28.04 36.73 -14.91
N PRO D 300 28.92 37.37 -15.68
CA PRO D 300 30.08 38.05 -15.08
C PRO D 300 29.70 39.14 -14.11
N GLU D 301 28.46 39.64 -14.19
CA GLU D 301 27.98 40.73 -13.35
C GLU D 301 27.97 40.38 -11.87
N LEU D 302 28.02 39.10 -11.53
CA LEU D 302 27.95 38.64 -10.16
C LEU D 302 29.28 38.77 -9.43
N ASP D 303 30.41 38.75 -10.14
CA ASP D 303 31.70 38.70 -9.44
C ASP D 303 31.94 39.88 -8.52
N THR D 304 31.34 41.04 -8.78
CA THR D 304 31.65 42.23 -8.01
C THR D 304 30.45 42.76 -7.24
N ILE D 305 29.37 41.99 -7.12
CA ILE D 305 28.21 42.52 -6.43
C ILE D 305 28.48 42.63 -4.94
N VAL D 306 29.09 41.60 -4.36
CA VAL D 306 29.27 41.51 -2.92
C VAL D 306 30.51 42.29 -2.50
N PRO D 307 30.38 43.36 -1.72
CA PRO D 307 31.55 44.14 -1.31
C PRO D 307 32.47 43.32 -0.43
N LEU D 308 33.75 43.71 -0.46
CA LEU D 308 34.72 43.13 0.47
C LEU D 308 34.56 43.70 1.87
N GLU D 309 34.04 44.92 2.00
CA GLU D 309 33.81 45.53 3.30
C GLU D 309 32.51 44.99 3.87
N SER D 310 32.57 44.51 5.13
CA SER D 310 31.45 43.82 5.76
C SER D 310 30.28 44.72 6.11
N THR D 311 30.44 46.05 6.07
CA THR D 311 29.41 46.96 6.54
C THR D 311 28.68 47.61 5.37
N LYS D 312 29.02 47.19 4.16
CA LYS D 312 28.41 47.72 2.95
C LYS D 312 27.34 46.78 2.43
N ALA D 313 26.11 47.30 2.32
CA ALA D 313 25.00 46.50 1.84
C ALA D 313 24.98 46.46 0.32
N TYR D 314 24.26 45.47 -0.20
CA TYR D 314 24.06 45.34 -1.64
C TYR D 314 22.66 44.79 -1.85
N ASN D 315 22.16 44.92 -3.08
CA ASN D 315 20.80 44.52 -3.39
C ASN D 315 20.79 43.08 -3.85
N MET D 316 20.20 42.20 -3.05
CA MET D 316 20.15 40.79 -3.40
C MET D 316 19.40 40.56 -4.70
N VAL D 317 18.45 41.44 -5.03
CA VAL D 317 17.64 41.25 -6.22
C VAL D 317 18.49 41.27 -7.48
N ASP D 318 19.62 41.96 -7.48
CA ASP D 318 20.49 41.99 -8.65
C ASP D 318 21.01 40.60 -8.99
N ILE D 319 21.25 39.78 -7.96
CA ILE D 319 21.72 38.42 -8.16
C ILE D 319 20.61 37.54 -8.67
N ILE D 320 19.43 37.66 -8.07
CA ILE D 320 18.27 36.85 -8.44
C ILE D 320 17.90 37.09 -9.88
N HIS D 321 17.83 38.36 -10.29
CA HIS D 321 17.43 38.67 -11.66
C HIS D 321 18.45 38.17 -12.67
N SER D 322 19.73 38.21 -12.34
CA SER D 322 20.72 37.77 -13.32
C SER D 322 20.78 36.26 -13.48
N VAL D 323 20.33 35.50 -12.49
CA VAL D 323 20.42 34.04 -12.59
C VAL D 323 19.20 33.46 -13.30
N VAL D 324 18.01 33.96 -12.99
CA VAL D 324 16.77 33.37 -13.48
C VAL D 324 16.59 33.56 -14.99
N ASP D 325 15.88 32.63 -15.61
CA ASP D 325 15.63 32.68 -17.05
C ASP D 325 15.13 34.07 -17.46
N GLU D 326 15.79 34.65 -18.46
CA GLU D 326 15.37 35.88 -19.14
C GLU D 326 15.08 37.03 -18.19
N ARG D 327 15.66 36.95 -16.99
CA ARG D 327 15.57 37.97 -15.96
C ARG D 327 14.18 38.35 -15.48
N GLU D 328 13.29 37.38 -15.53
CA GLU D 328 11.92 37.49 -15.07
C GLU D 328 11.83 36.93 -13.66
N PHE D 329 11.33 37.74 -12.72
CA PHE D 329 11.16 37.29 -11.34
C PHE D 329 9.83 37.81 -10.82
N PHE D 330 9.07 36.93 -10.17
CA PHE D 330 7.78 37.31 -9.62
C PHE D 330 7.92 37.48 -8.12
N GLU D 331 7.88 38.72 -7.65
CA GLU D 331 8.13 38.95 -6.23
C GLU D 331 6.82 38.93 -5.45
N ILE D 332 6.85 38.28 -4.29
CA ILE D 332 5.72 38.13 -3.39
C ILE D 332 5.93 39.08 -2.23
N MET D 333 4.88 39.81 -1.84
CA MET D 333 4.84 40.78 -0.76
C MET D 333 6.00 41.75 -0.83
N PRO D 334 6.11 42.53 -1.91
CA PRO D 334 7.25 43.44 -2.05
C PRO D 334 7.38 44.45 -0.93
N ASN D 335 6.31 44.75 -0.21
CA ASN D 335 6.31 45.81 0.78
C ASN D 335 6.24 45.32 2.21
N TYR D 336 6.24 44.01 2.42
CA TYR D 336 6.11 43.43 3.75
C TYR D 336 7.30 42.52 4.01
N ALA D 337 7.90 42.66 5.19
CA ALA D 337 9.08 41.91 5.63
C ALA D 337 10.20 42.00 4.60
N LYS D 338 10.55 43.23 4.25
CA LYS D 338 11.51 43.47 3.18
C LYS D 338 12.88 42.86 3.43
N ASN D 339 13.19 42.40 4.63
CA ASN D 339 14.50 41.83 4.88
C ASN D 339 14.65 40.41 4.35
N ILE D 340 13.58 39.81 3.84
CA ILE D 340 13.65 38.50 3.21
C ILE D 340 12.87 38.56 1.91
N ILE D 341 13.45 37.97 0.87
CA ILE D 341 12.90 37.98 -0.48
C ILE D 341 12.45 36.59 -0.81
N VAL D 342 11.20 36.44 -1.25
CA VAL D 342 10.69 35.17 -1.74
C VAL D 342 9.94 35.43 -3.04
N GLY D 343 10.01 34.46 -3.93
CA GLY D 343 9.24 34.59 -5.15
C GLY D 343 9.47 33.45 -6.10
N PHE D 344 8.83 33.55 -7.25
CA PHE D 344 8.84 32.53 -8.28
C PHE D 344 9.70 32.96 -9.45
N ALA D 345 10.35 31.99 -10.07
CA ALA D 345 11.09 32.22 -11.30
C ALA D 345 11.25 30.88 -12.00
N ARG D 346 11.81 30.93 -13.20
CA ARG D 346 12.14 29.75 -13.95
C ARG D 346 13.61 29.62 -14.18
N MET D 347 14.15 28.41 -14.19
CA MET D 347 15.52 28.19 -14.63
C MET D 347 15.51 26.98 -15.54
N ASN D 348 15.99 27.19 -16.77
CA ASN D 348 15.96 26.21 -17.85
C ASN D 348 14.55 25.71 -18.13
N GLY D 349 13.56 26.58 -18.02
CA GLY D 349 12.20 26.23 -18.28
C GLY D 349 11.41 25.76 -17.08
N ARG D 350 12.08 25.32 -16.02
CA ARG D 350 11.37 24.72 -14.90
C ARG D 350 11.07 25.78 -13.84
N THR D 351 9.86 25.74 -13.31
CA THR D 351 9.50 26.64 -12.24
C THR D 351 10.29 26.30 -10.98
N VAL D 352 10.87 27.31 -10.35
CA VAL D 352 11.53 27.15 -9.06
C VAL D 352 11.08 28.25 -8.13
N GLY D 353 11.20 27.99 -6.84
CA GLY D 353 10.98 28.99 -5.81
C GLY D 353 12.33 29.47 -5.30
N ILE D 354 12.41 30.76 -5.03
CA ILE D 354 13.64 31.40 -4.59
C ILE D 354 13.39 32.06 -3.25
N VAL D 355 14.29 31.83 -2.31
CA VAL D 355 14.29 32.47 -1.02
C VAL D 355 15.69 33.02 -0.77
N GLY D 356 15.75 34.23 -0.25
CA GLY D 356 17.06 34.79 0.06
C GLY D 356 16.99 35.99 1.00
N ASN D 357 18.13 36.44 1.49
CA ASN D 357 18.13 37.58 2.40
C ASN D 357 18.26 38.88 1.61
N GLN D 358 17.84 39.96 2.23
CA GLN D 358 18.07 41.29 1.64
C GLN D 358 18.94 42.10 2.58
N PRO D 359 20.26 42.14 2.37
CA PRO D 359 21.13 42.81 3.33
C PRO D 359 20.84 44.28 3.50
N LYS D 360 20.15 44.90 2.55
CA LYS D 360 19.86 46.33 2.63
C LYS D 360 18.95 46.66 3.80
N VAL D 361 18.13 45.73 4.25
CA VAL D 361 17.09 45.98 5.24
C VAL D 361 17.44 45.21 6.51
N ALA D 362 17.55 45.95 7.62
CA ALA D 362 17.87 45.41 8.94
C ALA D 362 19.08 44.50 8.94
N SER D 363 20.11 44.88 8.17
CA SER D 363 21.36 44.13 7.97
C SER D 363 21.15 42.71 7.47
N GLY D 364 19.94 42.35 7.04
CA GLY D 364 19.71 41.00 6.56
C GLY D 364 19.40 39.99 7.65
N CYS D 365 19.05 40.50 8.82
CA CYS D 365 18.70 39.72 10.00
C CYS D 365 17.36 39.03 9.94
N LEU D 366 17.17 37.94 10.67
CA LEU D 366 15.87 37.32 10.74
C LEU D 366 15.05 37.88 11.89
N ASP D 367 13.75 38.00 11.68
CA ASP D 367 12.84 38.54 12.69
C ASP D 367 11.54 37.77 12.54
N ILE D 368 10.54 38.17 13.33
CA ILE D 368 9.27 37.45 13.36
C ILE D 368 8.60 37.48 11.99
N ASN D 369 8.51 38.66 11.39
CA ASN D 369 7.75 38.86 10.17
C ASN D 369 8.36 38.10 9.00
N SER D 370 9.69 38.08 8.93
CA SER D 370 10.38 37.39 7.85
C SER D 370 10.24 35.89 7.96
N SER D 371 10.24 35.37 9.18
CA SER D 371 10.08 33.94 9.38
C SER D 371 8.69 33.48 8.96
N VAL D 372 7.67 34.31 9.20
CA VAL D 372 6.31 33.91 8.86
C VAL D 372 6.14 33.81 7.35
N LYS D 373 6.60 34.83 6.61
CA LYS D 373 6.51 34.84 5.15
C LYS D 373 7.35 33.73 4.53
N GLY D 374 8.58 33.54 5.04
CA GLY D 374 9.43 32.49 4.53
C GLY D 374 8.85 31.10 4.71
N ALA D 375 8.43 30.76 5.93
CA ALA D 375 7.96 29.41 6.20
C ALA D 375 6.77 29.05 5.34
N ARG D 376 5.85 30.00 5.19
CA ARG D 376 4.66 29.79 4.37
C ARG D 376 5.02 29.51 2.94
N PHE D 377 5.91 30.30 2.37
CA PHE D 377 6.32 30.08 0.99
C PHE D 377 7.03 28.74 0.81
N VAL D 378 7.97 28.41 1.69
CA VAL D 378 8.75 27.18 1.54
C VAL D 378 7.82 25.96 1.55
N ARG D 379 6.88 25.94 2.48
CA ARG D 379 5.94 24.84 2.61
C ARG D 379 5.03 24.64 1.40
N PHE D 380 4.53 25.72 0.82
CA PHE D 380 3.76 25.57 -0.42
C PHE D 380 4.60 24.95 -1.52
N CYS D 381 5.79 25.49 -1.77
CA CYS D 381 6.64 24.96 -2.84
C CYS D 381 7.00 23.50 -2.62
N ASP D 382 7.26 23.10 -1.39
CA ASP D 382 7.50 21.68 -1.12
C ASP D 382 6.28 20.83 -1.42
N ALA D 383 5.10 21.24 -0.99
CA ALA D 383 3.88 20.47 -1.23
C ALA D 383 3.60 20.25 -2.71
N PHE D 384 3.95 21.19 -3.57
CA PHE D 384 3.65 21.08 -5.00
C PHE D 384 4.91 20.87 -5.84
N ASN D 385 5.94 20.24 -5.26
CA ASN D 385 7.12 19.72 -5.98
C ASN D 385 7.85 20.79 -6.78
N ILE D 386 8.01 21.96 -6.20
CA ILE D 386 8.72 23.07 -6.83
C ILE D 386 10.07 23.20 -6.15
N PRO D 387 11.18 23.05 -6.86
CA PRO D 387 12.49 23.13 -6.21
C PRO D 387 12.74 24.47 -5.54
N LEU D 388 13.61 24.44 -4.54
CA LEU D 388 13.97 25.63 -3.78
C LEU D 388 15.43 26.03 -4.04
N ILE D 389 15.64 27.32 -4.25
CA ILE D 389 16.96 27.91 -4.32
C ILE D 389 17.06 28.94 -3.21
N THR D 390 18.13 28.86 -2.43
CA THR D 390 18.32 29.70 -1.26
C THR D 390 19.57 30.55 -1.48
N PHE D 391 19.45 31.85 -1.27
CA PHE D 391 20.58 32.78 -1.31
C PHE D 391 20.82 33.31 0.09
N VAL D 392 21.87 32.85 0.74
CA VAL D 392 22.09 33.08 2.16
C VAL D 392 23.01 34.27 2.35
N ASP D 393 22.60 35.22 3.18
CA ASP D 393 23.48 36.29 3.65
C ASP D 393 22.86 36.87 4.91
N VAL D 394 23.05 36.17 6.03
CA VAL D 394 22.29 36.50 7.23
C VAL D 394 23.24 36.57 8.43
N PRO D 395 23.35 37.72 9.09
CA PRO D 395 24.29 37.87 10.19
C PRO D 395 23.79 37.36 11.53
N GLY D 396 22.54 36.93 11.63
CA GLY D 396 21.96 36.55 12.89
C GLY D 396 20.51 36.94 12.98
N PHE D 397 19.99 37.13 14.20
CA PHE D 397 18.60 37.49 14.38
C PHE D 397 18.48 38.91 14.91
N LEU D 398 17.38 39.57 14.58
CA LEU D 398 17.12 40.92 15.04
C LEU D 398 16.98 40.95 16.56
N PRO D 399 17.89 41.64 17.27
CA PRO D 399 17.79 41.66 18.74
C PRO D 399 16.76 42.65 19.25
N GLY D 400 16.37 42.50 20.51
CA GLY D 400 15.61 43.51 21.21
C GLY D 400 14.33 42.96 21.80
N THR D 401 13.81 43.68 22.80
CA THR D 401 12.62 43.22 23.50
C THR D 401 11.40 43.17 22.60
N ALA D 402 11.36 43.99 21.55
CA ALA D 402 10.27 43.93 20.59
C ALA D 402 10.12 42.55 19.98
N GLN D 403 11.22 41.83 19.82
CA GLN D 403 11.19 40.50 19.23
C GLN D 403 11.12 39.40 20.28
N GLU D 404 11.77 39.61 21.42
CA GLU D 404 11.76 38.62 22.48
C GLU D 404 10.34 38.39 23.01
N TYR D 405 9.64 39.48 23.31
CA TYR D 405 8.27 39.42 23.82
C TYR D 405 7.28 39.06 22.74
N GLY D 406 7.70 39.15 21.49
CA GLY D 406 6.84 38.77 20.38
C GLY D 406 6.90 37.31 20.01
N GLY D 407 7.72 36.53 20.70
CA GLY D 407 7.85 35.13 20.41
C GLY D 407 8.78 34.80 19.27
N ILE D 408 9.86 35.57 19.12
CA ILE D 408 10.83 35.34 18.05
C ILE D 408 11.32 33.89 18.03
N ILE D 409 11.42 33.25 19.18
CA ILE D 409 11.87 31.86 19.25
C ILE D 409 10.85 30.94 18.60
N ARG D 410 9.60 31.09 19.02
CA ARG D 410 8.51 30.30 18.48
C ARG D 410 8.31 30.54 16.99
N HIS D 411 8.46 31.78 16.55
CA HIS D 411 8.30 32.10 15.15
C HIS D 411 9.48 31.70 14.29
N GLY D 412 10.71 31.85 14.78
CA GLY D 412 11.86 31.41 14.01
C GLY D 412 11.85 29.92 13.72
N ALA D 413 11.29 29.14 14.65
CA ALA D 413 11.19 27.70 14.44
C ALA D 413 10.36 27.36 13.21
N LYS D 414 9.51 28.28 12.76
CA LYS D 414 8.67 28.02 11.60
C LYS D 414 9.48 27.88 10.32
N LEU D 415 10.50 28.71 10.15
CA LEU D 415 11.30 28.66 8.94
C LEU D 415 12.25 27.47 8.96
N LEU D 416 12.85 27.19 10.12
CA LEU D 416 13.69 26.01 10.25
C LEU D 416 12.91 24.74 9.97
N TYR D 417 11.70 24.64 10.52
CA TYR D 417 10.85 23.49 10.30
C TYR D 417 10.50 23.33 8.84
N ALA D 418 10.11 24.42 8.19
CA ALA D 418 9.70 24.36 6.80
C ALA D 418 10.81 23.85 5.91
N PHE D 419 12.05 24.27 6.15
CA PHE D 419 13.15 23.69 5.37
C PHE D 419 13.48 22.26 5.78
N ALA D 420 13.56 21.98 7.08
CA ALA D 420 14.02 20.65 7.49
C ALA D 420 13.15 19.52 6.98
N GLU D 421 11.85 19.73 6.90
CA GLU D 421 10.92 18.69 6.46
C GLU D 421 10.71 18.61 4.96
N ALA D 422 11.37 19.47 4.21
CA ALA D 422 11.23 19.48 2.77
C ALA D 422 11.81 18.23 2.13
N THR D 423 11.15 17.76 1.08
CA THR D 423 11.58 16.59 0.33
C THR D 423 11.83 16.89 -1.14
N VAL D 424 11.86 18.16 -1.52
CA VAL D 424 12.05 18.56 -2.90
C VAL D 424 13.49 19.04 -3.03
N PRO D 425 14.05 19.15 -4.24
CA PRO D 425 15.45 19.59 -4.36
C PRO D 425 15.69 20.93 -3.70
N LYS D 426 16.80 21.04 -2.97
CA LYS D 426 17.19 22.25 -2.28
C LYS D 426 18.61 22.60 -2.66
N VAL D 427 18.80 23.72 -3.32
CA VAL D 427 20.12 24.19 -3.74
C VAL D 427 20.42 25.50 -3.05
N THR D 428 21.43 25.50 -2.19
CA THR D 428 21.77 26.67 -1.39
C THR D 428 23.12 27.23 -1.86
N VAL D 429 23.17 28.53 -2.06
CA VAL D 429 24.41 29.26 -2.34
C VAL D 429 24.55 30.34 -1.27
N ILE D 430 25.74 30.43 -0.68
CA ILE D 430 26.03 31.41 0.35
C ILE D 430 26.82 32.54 -0.29
N THR D 431 26.27 33.74 -0.28
CA THR D 431 26.91 34.85 -0.98
C THR D 431 27.83 35.64 -0.06
N ARG D 432 27.50 35.74 1.23
CA ARG D 432 28.42 36.37 2.17
C ARG D 432 28.28 35.89 3.61
N LYS D 433 27.46 36.53 4.44
CA LYS D 433 27.43 36.19 5.86
C LYS D 433 26.55 34.99 6.14
N ALA D 434 27.00 34.16 7.08
CA ALA D 434 26.14 33.11 7.66
C ALA D 434 26.66 32.87 9.08
N TYR D 435 26.20 33.68 10.01
CA TYR D 435 26.65 33.60 11.40
C TYR D 435 25.60 32.91 12.26
N GLY D 436 26.06 32.11 13.22
CA GLY D 436 25.18 31.66 14.28
C GLY D 436 24.14 30.67 13.81
N GLY D 437 23.05 30.58 14.57
CA GLY D 437 22.01 29.60 14.27
C GLY D 437 21.32 29.88 12.96
N ALA D 438 21.43 31.10 12.44
CA ALA D 438 20.84 31.44 11.16
C ALA D 438 21.42 30.62 10.03
N TYR D 439 22.64 30.10 10.18
CA TYR D 439 23.22 29.26 9.14
C TYR D 439 22.31 28.07 8.87
N ASP D 440 21.85 27.41 9.93
CA ASP D 440 21.04 26.20 9.76
C ASP D 440 19.61 26.52 9.38
N VAL D 441 19.07 27.63 9.89
CA VAL D 441 17.71 28.05 9.56
C VAL D 441 17.57 28.29 8.08
N MET D 442 18.56 28.94 7.45
CA MET D 442 18.54 29.19 6.02
C MET D 442 19.05 27.99 5.22
N SER D 443 18.38 26.86 5.43
CA SER D 443 18.50 25.64 4.62
C SER D 443 19.95 25.24 4.41
N SER D 444 20.61 24.91 5.52
CA SER D 444 21.95 24.35 5.49
C SER D 444 21.93 22.90 5.01
N LYS D 445 23.07 22.42 4.55
CA LYS D 445 23.15 21.07 4.00
C LYS D 445 22.76 19.95 4.94
N HIS D 446 22.97 20.15 6.23
CA HIS D 446 22.69 19.09 7.18
C HIS D 446 21.21 18.95 7.46
N LEU D 447 20.36 19.71 6.79
CA LEU D 447 18.91 19.54 6.82
C LEU D 447 18.40 18.82 5.58
N CYS D 448 19.15 17.82 5.13
CA CYS D 448 18.87 17.03 3.92
C CYS D 448 18.87 17.89 2.67
N GLY D 449 19.85 18.79 2.56
CA GLY D 449 20.04 19.56 1.36
C GLY D 449 20.75 18.74 0.30
N ASP D 450 20.66 19.21 -0.94
CA ASP D 450 21.27 18.48 -2.04
C ASP D 450 22.67 19.00 -2.36
N THR D 451 22.81 20.31 -2.52
CA THR D 451 24.11 20.91 -2.77
C THR D 451 24.22 22.22 -2.00
N ASN D 452 25.42 22.62 -1.65
CA ASN D 452 25.65 23.86 -0.94
C ASN D 452 26.91 24.49 -1.48
N TYR D 453 26.79 25.62 -2.12
CA TYR D 453 27.88 26.36 -2.72
C TYR D 453 28.18 27.60 -1.92
N ALA D 454 29.47 27.96 -1.90
CA ALA D 454 29.91 29.20 -1.30
C ALA D 454 30.59 30.05 -2.36
N TRP D 455 30.42 31.36 -2.27
CA TRP D 455 31.22 32.26 -3.04
C TRP D 455 32.49 32.58 -2.26
N PRO D 456 33.56 33.02 -2.93
CA PRO D 456 34.78 33.37 -2.18
C PRO D 456 34.57 34.37 -1.06
N THR D 457 33.50 35.16 -1.06
CA THR D 457 33.26 36.12 -0.01
C THR D 457 32.46 35.55 1.16
N ALA D 458 32.09 34.28 1.12
CA ALA D 458 31.30 33.69 2.17
C ALA D 458 32.11 33.54 3.44
N GLU D 459 31.46 33.68 4.59
CA GLU D 459 32.10 33.39 5.86
C GLU D 459 31.11 32.69 6.77
N ILE D 460 31.45 31.48 7.21
CA ILE D 460 30.58 30.65 8.03
C ILE D 460 31.23 30.49 9.40
N ALA D 461 30.53 30.95 10.44
CA ALA D 461 31.06 30.91 11.79
C ALA D 461 29.92 30.98 12.78
N VAL D 462 30.20 30.60 14.02
CA VAL D 462 29.23 30.73 15.10
C VAL D 462 28.97 32.20 15.41
N MET D 463 29.98 33.03 15.22
CA MET D 463 29.81 34.46 15.38
C MET D 463 31.03 35.11 14.75
N GLY D 464 31.01 36.45 14.66
CA GLY D 464 32.10 37.18 14.07
C GLY D 464 33.35 37.18 14.95
N ALA D 465 34.44 37.65 14.36
CA ALA D 465 35.75 37.57 14.99
C ALA D 465 35.78 38.29 16.34
N LYS D 466 35.12 39.44 16.42
CA LYS D 466 35.12 40.23 17.65
C LYS D 466 34.52 39.45 18.82
N GLY D 467 33.31 38.91 18.66
CA GLY D 467 32.71 38.15 19.74
C GLY D 467 33.51 36.90 20.06
N ALA D 468 33.84 36.12 19.04
CA ALA D 468 34.51 34.85 19.27
C ALA D 468 35.86 35.01 19.94
N VAL D 469 36.66 36.00 19.53
CA VAL D 469 38.01 36.11 20.09
C VAL D 469 37.96 36.69 21.50
N GLU D 470 37.13 37.71 21.75
CA GLU D 470 37.05 38.25 23.10
C GLU D 470 36.49 37.22 24.08
N ILE D 471 35.60 36.35 23.62
CA ILE D 471 35.11 35.30 24.52
C ILE D 471 36.16 34.22 24.75
N ILE D 472 36.82 33.75 23.68
CA ILE D 472 37.82 32.69 23.81
C ILE D 472 38.98 33.15 24.67
N PHE D 473 39.48 34.35 24.43
CA PHE D 473 40.64 34.89 25.15
C PHE D 473 40.16 35.90 26.17
N LYS D 474 39.23 35.51 27.02
CA LYS D 474 38.60 36.41 27.99
C LYS D 474 39.49 36.60 29.21
N GLY D 475 39.91 37.84 29.43
CA GLY D 475 40.86 38.15 30.47
C GLY D 475 42.33 37.99 30.09
N HIS D 476 42.64 37.70 28.84
CA HIS D 476 44.01 37.49 28.45
C HIS D 476 44.61 38.78 27.88
N GLU D 477 45.93 38.87 27.94
CA GLU D 477 46.65 39.97 27.32
C GLU D 477 46.79 39.70 25.83
N ASN D 478 47.03 40.78 25.06
CA ASN D 478 47.33 40.76 23.63
C ASN D 478 46.22 40.06 22.84
N VAL D 479 44.98 40.38 23.21
CA VAL D 479 43.82 39.81 22.54
C VAL D 479 43.79 40.24 21.08
N GLU D 480 44.13 41.50 20.80
CA GLU D 480 44.14 41.99 19.44
C GLU D 480 45.14 41.24 18.56
N ALA D 481 46.29 40.85 19.12
CA ALA D 481 47.23 40.03 18.37
C ALA D 481 46.65 38.65 18.08
N ALA D 482 46.00 38.05 19.08
CA ALA D 482 45.32 36.78 18.87
C ALA D 482 44.19 36.92 17.86
N GLN D 483 43.51 38.07 17.85
CA GLN D 483 42.43 38.29 16.89
C GLN D 483 42.96 38.31 15.46
N ALA D 484 44.13 38.89 15.24
CA ALA D 484 44.71 38.91 13.90
C ALA D 484 44.94 37.49 13.39
N GLU D 485 45.46 36.61 14.25
CA GLU D 485 45.67 35.22 13.86
C GLU D 485 44.34 34.50 13.64
N TYR D 486 43.36 34.75 14.52
CA TYR D 486 42.03 34.18 14.36
C TYR D 486 41.39 34.60 13.04
N ILE D 487 41.44 35.89 12.70
CA ILE D 487 40.82 36.36 11.47
C ILE D 487 41.47 35.70 10.27
N GLU D 488 42.80 35.64 10.22
CA GLU D 488 43.47 35.01 9.10
C GLU D 488 43.05 33.56 8.91
N LYS D 489 42.81 32.83 10.01
CA LYS D 489 42.47 31.42 9.83
C LYS D 489 40.97 31.17 9.64
N PHE D 490 40.10 31.88 10.36
CA PHE D 490 38.69 31.54 10.40
C PHE D 490 37.77 32.49 9.64
N ALA D 491 38.21 33.70 9.31
CA ALA D 491 37.34 34.67 8.66
C ALA D 491 37.28 34.42 7.15
N ASN D 492 36.73 33.28 6.76
CA ASN D 492 36.75 32.79 5.38
C ASN D 492 35.90 31.55 5.29
N PRO D 493 35.59 31.05 4.09
CA PRO D 493 34.64 29.93 4.05
C PRO D 493 35.29 28.56 4.22
N PHE D 494 36.59 28.49 4.40
CA PHE D 494 37.35 27.26 4.44
C PHE D 494 37.22 26.35 5.67
N PRO D 495 37.21 26.82 6.93
CA PRO D 495 37.03 25.86 8.04
C PRO D 495 35.73 25.10 8.00
N ALA D 496 34.70 25.63 7.36
CA ALA D 496 33.47 24.88 7.12
C ALA D 496 33.56 23.97 5.92
N ALA D 497 34.09 24.44 4.79
CA ALA D 497 34.23 23.64 3.60
C ALA D 497 35.06 22.39 3.80
N VAL D 498 36.16 22.48 4.57
CA VAL D 498 37.02 21.32 4.72
C VAL D 498 36.37 20.28 5.60
N ARG D 499 35.27 20.62 6.23
CA ARG D 499 34.63 19.63 7.07
C ARG D 499 33.43 19.00 6.37
N GLY D 500 33.14 19.44 5.16
CA GLY D 500 32.03 18.88 4.42
C GLY D 500 30.76 19.71 4.50
N PHE D 501 30.86 20.94 4.99
CA PHE D 501 29.66 21.77 5.07
C PHE D 501 29.34 22.37 3.72
N VAL D 502 30.35 22.57 2.88
CA VAL D 502 30.21 23.23 1.58
C VAL D 502 30.75 22.28 0.53
N ASP D 503 30.05 22.17 -0.59
CA ASP D 503 30.49 21.22 -1.61
C ASP D 503 31.54 21.79 -2.52
N ASP D 504 31.50 23.09 -2.78
CA ASP D 504 32.47 23.70 -3.68
C ASP D 504 32.47 25.17 -3.40
N ILE D 505 33.53 25.84 -3.80
CA ILE D 505 33.59 27.30 -3.75
C ILE D 505 33.75 27.75 -5.19
N ILE D 506 32.78 28.48 -5.69
CA ILE D 506 32.63 28.69 -7.11
C ILE D 506 32.83 30.16 -7.42
N GLN D 507 33.26 30.46 -8.64
CA GLN D 507 33.38 31.83 -9.05
C GLN D 507 31.94 32.25 -9.20
N PRO D 508 31.55 33.40 -8.65
CA PRO D 508 30.14 33.83 -8.71
C PRO D 508 29.57 33.82 -10.11
N SER D 509 30.37 34.13 -11.12
CA SER D 509 29.88 34.15 -12.50
C SER D 509 29.35 32.81 -12.96
N SER D 510 29.75 31.73 -12.30
CA SER D 510 29.28 30.41 -12.72
C SER D 510 28.05 29.95 -11.95
N THR D 511 27.53 30.77 -11.02
CA THR D 511 26.43 30.32 -10.17
C THR D 511 25.28 29.73 -11.00
N ARG D 512 24.88 30.41 -12.10
CA ARG D 512 23.70 29.96 -12.85
C ARG D 512 23.94 28.59 -13.43
N ALA D 513 25.13 28.38 -14.00
CA ALA D 513 25.46 27.12 -14.61
C ALA D 513 25.45 25.97 -13.62
N ARG D 514 25.90 26.20 -12.40
CA ARG D 514 25.96 25.17 -11.39
C ARG D 514 24.59 24.75 -10.90
N ILE D 515 23.72 25.72 -10.72
CA ILE D 515 22.34 25.52 -10.27
C ILE D 515 21.54 24.77 -11.31
N CYS D 516 21.69 25.17 -12.59
CA CYS D 516 21.02 24.54 -13.71
C CYS D 516 21.37 23.08 -13.82
N CYS D 517 22.66 22.77 -13.62
CA CYS D 517 23.13 21.39 -13.64
C CYS D 517 22.51 20.59 -12.52
N ASP D 518 22.41 21.15 -11.32
CA ASP D 518 21.83 20.43 -10.19
C ASP D 518 20.34 20.22 -10.37
N LEU D 519 19.63 21.24 -10.87
CA LEU D 519 18.19 21.12 -11.00
C LEU D 519 17.79 20.02 -11.98
N ASP D 520 18.58 19.84 -13.03
CA ASP D 520 18.22 18.90 -14.07
C ASP D 520 18.60 17.48 -13.71
N VAL D 521 19.26 17.27 -12.58
CA VAL D 521 19.56 15.92 -12.12
C VAL D 521 18.92 15.59 -10.79
N LEU D 522 18.49 16.58 -10.02
CA LEU D 522 17.78 16.32 -8.79
C LEU D 522 16.29 16.21 -9.01
N ALA D 523 15.81 16.42 -10.23
CA ALA D 523 14.38 16.43 -10.49
C ALA D 523 13.75 15.06 -10.34
N SER D 524 14.57 14.02 -10.31
CA SER D 524 14.07 12.64 -10.21
C SER D 524 14.23 12.10 -8.80
N LYS D 525 14.56 12.98 -7.87
CA LYS D 525 14.77 12.65 -6.49
C LYS D 525 13.56 12.12 -5.76
N LYS D 526 13.70 10.99 -5.05
CA LYS D 526 12.63 10.55 -4.17
C LYS D 526 13.24 10.07 -2.86
N VAL D 527 12.59 10.42 -1.76
CA VAL D 527 13.04 10.06 -0.42
C VAL D 527 11.84 9.50 0.34
N GLN D 528 12.11 8.74 1.39
CA GLN D 528 11.07 8.25 2.28
C GLN D 528 11.24 8.88 3.67
N ARG D 529 10.12 8.98 4.40
CA ARG D 529 10.09 9.50 5.77
C ARG D 529 9.19 8.56 6.58
N PRO D 530 9.43 8.42 7.88
CA PRO D 530 8.51 7.64 8.72
C PRO D 530 7.08 8.13 8.61
N TRP D 531 6.15 7.19 8.68
CA TRP D 531 4.75 7.53 8.52
C TRP D 531 4.26 8.34 9.72
N ARG D 532 3.47 9.36 9.46
CA ARG D 532 2.86 10.15 10.52
C ARG D 532 1.48 10.57 10.04
N LYS D 533 0.49 10.54 10.92
CA LYS D 533 -0.88 10.90 10.56
C LYS D 533 -0.80 12.25 9.87
N HIS D 534 -0.09 13.18 10.52
CA HIS D 534 0.12 14.51 10.00
C HIS D 534 1.32 15.15 10.64
N ALA D 535 1.80 16.22 10.05
CA ALA D 535 2.90 16.97 10.62
C ALA D 535 2.44 17.80 11.80
N ASN D 536 3.37 18.13 12.67
CA ASN D 536 3.12 18.95 13.86
C ASN D 536 4.06 20.14 13.88
N ILE D 537 3.70 21.18 13.13
CA ILE D 537 4.45 22.43 12.98
C ILE D 537 4.44 23.21 14.29
N PRO D 538 5.58 23.77 14.73
CA PRO D 538 5.64 24.48 16.03
C PRO D 538 4.61 25.57 16.26
N LEU D 539 4.05 26.18 15.23
CA LEU D 539 3.11 27.31 15.31
C LEU D 539 3.60 28.52 16.10
N LYS E 61 -19.14 -79.68 24.69
CA LYS E 61 -19.79 -78.85 25.70
C LYS E 61 -21.15 -78.36 25.24
N THR E 62 -21.17 -77.43 24.29
CA THR E 62 -22.42 -76.83 23.82
C THR E 62 -22.37 -76.70 22.31
N PHE E 63 -23.29 -75.91 21.76
CA PHE E 63 -23.44 -75.77 20.32
C PHE E 63 -22.30 -74.92 19.78
N ASP E 64 -21.90 -75.18 18.55
CA ASP E 64 -20.96 -74.28 17.89
C ASP E 64 -21.64 -73.09 17.21
N LYS E 65 -22.85 -73.27 16.66
CA LYS E 65 -23.48 -72.18 15.94
C LYS E 65 -25.00 -72.29 16.01
N ILE E 66 -25.64 -71.19 16.42
CA ILE E 66 -27.08 -71.14 16.58
C ILE E 66 -27.62 -70.03 15.68
N LEU E 67 -28.70 -70.32 14.97
CA LEU E 67 -29.36 -69.31 14.17
C LEU E 67 -30.55 -68.76 14.93
N VAL E 68 -30.75 -67.45 14.86
CA VAL E 68 -31.88 -66.81 15.49
C VAL E 68 -32.84 -66.42 14.37
N ALA E 69 -34.12 -66.78 14.54
CA ALA E 69 -35.12 -66.49 13.51
C ALA E 69 -36.04 -65.33 13.89
N ASN E 70 -35.49 -64.24 14.41
CA ASN E 70 -36.28 -63.13 14.89
C ASN E 70 -35.47 -61.86 14.72
N ARG E 71 -36.06 -60.74 15.11
CA ARG E 71 -35.43 -59.45 14.95
C ARG E 71 -35.64 -58.62 16.20
N GLY E 72 -34.76 -57.67 16.41
CA GLY E 72 -34.96 -56.73 17.49
C GLY E 72 -34.30 -57.16 18.78
N GLU E 73 -34.87 -56.72 19.91
CA GLU E 73 -34.22 -56.89 21.19
C GLU E 73 -34.18 -58.35 21.60
N ILE E 74 -35.12 -59.16 21.10
CA ILE E 74 -35.14 -60.56 21.46
C ILE E 74 -33.98 -61.28 20.78
N ALA E 75 -33.67 -60.88 19.54
CA ALA E 75 -32.48 -61.38 18.86
C ALA E 75 -31.22 -60.89 19.56
N CYS E 76 -31.24 -59.65 20.05
CA CYS E 76 -30.07 -59.15 20.75
C CYS E 76 -29.81 -59.91 22.04
N ARG E 77 -30.87 -60.27 22.74
CA ARG E 77 -30.71 -61.02 23.95
C ARG E 77 -30.00 -62.35 23.69
N VAL E 78 -30.38 -63.05 22.63
CA VAL E 78 -29.76 -64.34 22.32
C VAL E 78 -28.31 -64.14 21.88
N ILE E 79 -28.05 -63.11 21.06
CA ILE E 79 -26.68 -62.86 20.60
C ILE E 79 -25.74 -62.62 21.77
N ARG E 80 -26.18 -61.81 22.73
CA ARG E 80 -25.37 -61.52 23.92
C ARG E 80 -25.14 -62.78 24.73
N THR E 81 -26.18 -63.59 24.93
CA THR E 81 -25.99 -64.83 25.68
C THR E 81 -25.05 -65.78 24.97
N CYS E 82 -25.19 -65.94 23.65
CA CYS E 82 -24.30 -66.83 22.91
C CYS E 82 -22.86 -66.38 23.02
N LYS E 83 -22.62 -65.09 22.88
CA LYS E 83 -21.26 -64.58 23.01
C LYS E 83 -20.68 -64.85 24.38
N LYS E 84 -21.53 -64.82 25.40
CA LYS E 84 -21.08 -65.13 26.75
C LYS E 84 -20.74 -66.61 26.82
N MET E 85 -21.47 -67.42 26.06
CA MET E 85 -21.26 -68.86 26.02
C MET E 85 -20.20 -69.28 25.03
N GLY E 86 -19.76 -68.39 24.16
CA GLY E 86 -18.77 -68.76 23.16
C GLY E 86 -19.35 -69.42 21.94
N ILE E 87 -20.59 -69.09 21.61
CA ILE E 87 -21.31 -69.71 20.50
C ILE E 87 -21.47 -68.66 19.42
N LYS E 88 -21.23 -69.03 18.17
CA LYS E 88 -21.44 -68.10 17.08
C LYS E 88 -22.93 -67.98 16.79
N THR E 89 -23.39 -66.77 16.49
CA THR E 89 -24.80 -66.55 16.28
C THR E 89 -25.06 -66.03 14.88
N VAL E 90 -26.04 -66.61 14.20
CA VAL E 90 -26.40 -66.18 12.87
C VAL E 90 -27.72 -65.43 12.98
N ALA E 91 -27.81 -64.29 12.31
CA ALA E 91 -29.02 -63.51 12.27
C ALA E 91 -29.65 -63.63 10.90
N ILE E 92 -30.96 -63.38 10.85
CA ILE E 92 -31.66 -63.17 9.60
C ILE E 92 -32.31 -61.80 9.67
N HIS E 93 -32.49 -61.19 8.51
CA HIS E 93 -33.11 -59.87 8.45
C HIS E 93 -33.80 -59.68 7.11
N SER E 94 -34.72 -58.73 7.10
CA SER E 94 -35.35 -58.23 5.88
C SER E 94 -34.44 -57.17 5.27
N ASP E 95 -34.78 -56.71 4.06
CA ASP E 95 -34.00 -55.65 3.42
C ASP E 95 -34.00 -54.35 4.21
N VAL E 96 -35.06 -54.06 4.95
CA VAL E 96 -35.09 -52.80 5.68
C VAL E 96 -34.42 -52.97 7.05
N ASP E 97 -34.36 -54.18 7.55
CA ASP E 97 -33.71 -54.47 8.82
C ASP E 97 -32.22 -54.73 8.69
N ALA E 98 -31.65 -54.55 7.50
CA ALA E 98 -30.24 -54.83 7.26
C ALA E 98 -29.31 -54.01 8.14
N SER E 99 -29.74 -52.84 8.63
CA SER E 99 -28.89 -52.06 9.51
C SER E 99 -29.35 -52.09 10.96
N SER E 100 -30.21 -53.01 11.33
CA SER E 100 -30.73 -53.05 12.69
C SER E 100 -29.64 -53.56 13.63
N VAL E 101 -29.89 -53.42 14.94
CA VAL E 101 -28.83 -53.72 15.88
C VAL E 101 -28.46 -55.20 15.87
N HIS E 102 -29.46 -56.09 15.88
CA HIS E 102 -29.13 -57.51 16.00
C HIS E 102 -28.36 -58.02 14.80
N VAL E 103 -28.50 -57.39 13.64
CA VAL E 103 -27.73 -57.79 12.48
C VAL E 103 -26.25 -57.48 12.69
N LYS E 104 -25.96 -56.30 13.26
CA LYS E 104 -24.58 -55.91 13.46
C LYS E 104 -23.96 -56.67 14.62
N MET E 105 -24.74 -57.01 15.63
CA MET E 105 -24.20 -57.77 16.76
C MET E 105 -23.92 -59.22 16.41
N ALA E 106 -24.67 -59.80 15.48
CA ALA E 106 -24.48 -61.19 15.12
C ALA E 106 -23.15 -61.37 14.39
N ASP E 107 -22.68 -62.61 14.35
CA ASP E 107 -21.43 -62.95 13.68
C ASP E 107 -21.60 -63.11 12.19
N GLU E 108 -22.72 -63.69 11.78
CA GLU E 108 -23.08 -63.85 10.38
C GLU E 108 -24.54 -63.47 10.23
N ALA E 109 -24.93 -63.06 9.03
CA ALA E 109 -26.30 -62.68 8.77
C ALA E 109 -26.67 -63.09 7.36
N VAL E 110 -27.93 -63.43 7.17
CA VAL E 110 -28.47 -63.78 5.86
C VAL E 110 -29.69 -62.92 5.62
N CYS E 111 -29.78 -62.31 4.46
CA CYS E 111 -30.99 -61.60 4.11
C CYS E 111 -31.98 -62.61 3.55
N VAL E 112 -33.22 -62.56 4.04
CA VAL E 112 -34.24 -63.52 3.69
C VAL E 112 -35.23 -62.95 2.69
N GLY E 113 -35.67 -61.72 2.88
CA GLY E 113 -36.73 -61.20 2.07
C GLY E 113 -36.99 -59.73 2.26
N PRO E 114 -38.08 -59.24 1.68
CA PRO E 114 -38.39 -57.81 1.74
C PRO E 114 -39.02 -57.38 3.05
N ALA E 115 -39.36 -56.09 3.13
CA ALA E 115 -39.94 -55.51 4.34
C ALA E 115 -41.09 -56.27 4.98
N PRO E 116 -42.17 -56.68 4.28
CA PRO E 116 -43.28 -57.33 5.01
C PRO E 116 -42.86 -58.67 5.59
N THR E 117 -43.26 -58.89 6.84
CA THR E 117 -42.79 -60.04 7.60
C THR E 117 -43.19 -61.35 6.96
N SER E 118 -44.30 -61.38 6.22
CA SER E 118 -44.81 -62.64 5.69
C SER E 118 -43.83 -63.25 4.69
N LYS E 119 -42.90 -62.45 4.20
CA LYS E 119 -41.97 -62.88 3.16
C LYS E 119 -40.54 -62.90 3.65
N SER E 120 -40.30 -62.55 4.90
CA SER E 120 -38.96 -62.38 5.46
C SER E 120 -38.76 -63.11 6.77
N TYR E 121 -39.73 -63.11 7.66
CA TYR E 121 -39.60 -63.78 8.94
C TYR E 121 -40.57 -64.92 9.09
N LEU E 122 -41.65 -64.93 8.31
CA LEU E 122 -42.53 -66.09 8.26
C LEU E 122 -42.32 -66.96 7.03
N ASN E 123 -41.28 -66.69 6.23
CA ASN E 123 -40.98 -67.50 5.05
C ASN E 123 -40.07 -68.65 5.46
N MET E 124 -40.68 -69.76 5.89
CA MET E 124 -39.90 -70.84 6.49
C MET E 124 -38.98 -71.52 5.48
N ASP E 125 -39.35 -71.50 4.20
CA ASP E 125 -38.52 -72.13 3.18
C ASP E 125 -37.23 -71.36 2.95
N ALA E 126 -37.32 -70.03 2.87
CA ALA E 126 -36.14 -69.19 2.72
C ALA E 126 -35.27 -69.26 3.96
N ILE E 127 -35.89 -69.39 5.12
CA ILE E 127 -35.15 -69.53 6.38
C ILE E 127 -34.41 -70.86 6.42
N MET E 128 -35.06 -71.94 6.00
CA MET E 128 -34.40 -73.25 5.96
C MET E 128 -33.15 -73.21 5.09
N GLU E 129 -33.22 -72.47 3.98
CA GLU E 129 -32.06 -72.29 3.14
C GLU E 129 -30.94 -71.58 3.87
N ALA E 130 -31.28 -70.54 4.64
CA ALA E 130 -30.28 -69.85 5.45
C ALA E 130 -29.71 -70.75 6.52
N ILE E 131 -30.53 -71.61 7.12
CA ILE E 131 -30.08 -72.48 8.21
C ILE E 131 -29.02 -73.44 7.70
N LYS E 132 -29.27 -74.06 6.54
CA LYS E 132 -28.28 -74.97 5.99
C LYS E 132 -27.11 -74.23 5.33
N LYS E 133 -27.37 -73.07 4.73
CA LYS E 133 -26.31 -72.33 4.07
C LYS E 133 -25.19 -71.99 5.07
N THR E 134 -25.56 -71.60 6.28
CA THR E 134 -24.56 -71.25 7.27
C THR E 134 -24.12 -72.43 8.14
N ARG E 135 -24.67 -73.62 7.88
CA ARG E 135 -24.39 -74.84 8.64
C ARG E 135 -24.65 -74.61 10.13
N ALA E 136 -25.82 -74.04 10.40
CA ALA E 136 -26.28 -73.85 11.76
C ALA E 136 -26.71 -75.18 12.36
N GLN E 137 -26.51 -75.32 13.67
CA GLN E 137 -26.78 -76.58 14.36
C GLN E 137 -28.14 -76.54 15.08
N ALA E 138 -28.50 -75.39 15.63
CA ALA E 138 -29.74 -75.22 16.39
C ALA E 138 -30.40 -73.90 15.97
N VAL E 139 -31.72 -73.80 16.11
CA VAL E 139 -32.46 -72.56 15.82
C VAL E 139 -33.23 -72.10 17.06
N HIS E 140 -33.13 -70.81 17.40
CA HIS E 140 -33.91 -70.21 18.50
C HIS E 140 -34.82 -69.10 17.93
N PRO E 141 -36.11 -69.36 17.78
CA PRO E 141 -36.96 -68.36 17.15
C PRO E 141 -37.41 -67.23 18.06
N GLY E 142 -37.08 -67.27 19.34
CA GLY E 142 -37.59 -66.33 20.30
C GLY E 142 -39.09 -66.48 20.47
N TYR E 143 -39.85 -65.44 20.16
CA TYR E 143 -41.29 -65.49 20.31
C TYR E 143 -41.90 -64.80 19.09
N GLY E 144 -43.19 -64.97 18.93
CA GLY E 144 -43.91 -64.23 17.92
C GLY E 144 -44.09 -64.97 16.61
N PHE E 145 -43.04 -64.95 15.79
CA PHE E 145 -43.09 -65.35 14.39
C PHE E 145 -43.35 -66.83 14.13
N LEU E 146 -42.38 -67.67 14.45
CA LEU E 146 -42.52 -69.09 14.11
C LEU E 146 -42.35 -69.93 15.36
N SER E 147 -42.64 -69.36 16.52
CA SER E 147 -42.45 -70.06 17.77
C SER E 147 -43.50 -71.12 18.01
N GLU E 148 -44.68 -70.98 17.39
CA GLU E 148 -45.75 -71.96 17.47
C GLU E 148 -46.12 -72.53 16.11
N ASN E 149 -45.26 -72.37 15.11
CA ASN E 149 -45.55 -72.82 13.77
C ASN E 149 -45.11 -74.26 13.61
N LYS E 150 -46.08 -75.18 13.57
CA LYS E 150 -45.74 -76.60 13.61
C LYS E 150 -45.06 -77.05 12.32
N GLU E 151 -45.50 -76.52 11.18
CA GLU E 151 -44.93 -76.90 9.90
C GLU E 151 -43.45 -76.53 9.83
N PHE E 152 -43.09 -75.39 10.41
CA PHE E 152 -41.69 -74.99 10.51
C PHE E 152 -40.91 -75.96 11.37
N ALA E 153 -41.42 -76.24 12.58
CA ALA E 153 -40.71 -77.17 13.45
C ALA E 153 -40.62 -78.56 12.85
N ARG E 154 -41.64 -78.99 12.11
CA ARG E 154 -41.67 -80.32 11.50
C ARG E 154 -40.58 -80.42 10.43
N CYS E 155 -40.60 -79.48 9.47
CA CYS E 155 -39.61 -79.49 8.41
C CYS E 155 -38.22 -79.13 8.88
N LEU E 156 -38.11 -78.42 10.00
CA LEU E 156 -36.81 -78.18 10.61
C LEU E 156 -36.26 -79.44 11.26
N ALA E 157 -37.08 -80.14 12.04
CA ALA E 157 -36.62 -81.39 12.63
C ALA E 157 -36.31 -82.43 11.57
N ALA E 158 -37.04 -82.42 10.45
CA ALA E 158 -36.80 -83.39 9.40
C ALA E 158 -35.37 -83.30 8.90
N GLU E 159 -34.73 -82.16 9.09
CA GLU E 159 -33.38 -81.92 8.59
C GLU E 159 -32.34 -82.06 9.70
N ASP E 160 -32.75 -82.60 10.85
CA ASP E 160 -31.95 -82.82 12.07
C ASP E 160 -31.32 -81.55 12.64
N VAL E 161 -32.10 -80.47 12.64
CA VAL E 161 -31.62 -79.24 13.23
C VAL E 161 -32.33 -79.18 14.58
N VAL E 162 -31.60 -78.83 15.62
CA VAL E 162 -32.14 -78.84 16.96
C VAL E 162 -32.99 -77.60 17.07
N PHE E 163 -34.23 -77.79 17.49
CA PHE E 163 -35.12 -76.67 17.73
C PHE E 163 -35.19 -76.33 19.20
N ILE E 164 -34.98 -75.05 19.48
CA ILE E 164 -35.02 -74.55 20.85
C ILE E 164 -36.34 -73.91 21.20
N GLY E 165 -37.18 -74.64 21.93
CA GLY E 165 -38.54 -74.18 22.15
C GLY E 165 -39.36 -75.42 22.35
N PRO E 166 -40.74 -75.27 22.21
CA PRO E 166 -41.50 -76.49 22.44
C PRO E 166 -41.31 -77.44 21.28
N ASP E 167 -41.68 -78.69 21.49
CA ASP E 167 -41.70 -79.69 20.45
C ASP E 167 -43.08 -79.54 19.88
N THR E 168 -43.45 -80.32 18.89
CA THR E 168 -44.76 -80.10 18.28
C THR E 168 -45.90 -80.73 19.08
N HIS E 169 -45.58 -81.69 19.95
CA HIS E 169 -46.60 -82.26 20.81
C HIS E 169 -47.16 -81.21 21.77
N ALA E 170 -46.29 -80.44 22.42
CA ALA E 170 -46.77 -79.42 23.33
C ALA E 170 -47.56 -78.34 22.60
N ILE E 171 -47.15 -77.98 21.39
CA ILE E 171 -47.88 -76.97 20.63
C ILE E 171 -49.29 -77.45 20.32
N GLN E 172 -49.43 -78.68 19.84
CA GLN E 172 -50.74 -79.24 19.57
C GLN E 172 -51.53 -79.55 20.83
N ALA E 173 -50.86 -79.99 21.90
CA ALA E 173 -51.56 -80.36 23.12
C ALA E 173 -52.38 -79.18 23.65
N MET E 174 -51.82 -77.98 23.54
CA MET E 174 -52.51 -76.77 23.99
C MET E 174 -53.13 -76.05 22.79
N GLY E 175 -53.38 -76.80 21.72
CA GLY E 175 -53.79 -76.18 20.47
C GLY E 175 -55.12 -75.46 20.62
N ASP E 176 -56.00 -76.00 21.46
CA ASP E 176 -57.36 -75.51 21.64
C ASP E 176 -57.72 -75.54 23.12
N LYS E 177 -58.91 -75.03 23.43
CA LYS E 177 -59.38 -74.94 24.81
C LYS E 177 -59.82 -76.25 25.45
N ILE E 178 -60.25 -77.22 24.64
CA ILE E 178 -60.70 -78.49 25.18
C ILE E 178 -59.55 -79.28 25.81
N GLU E 179 -58.42 -79.39 25.09
CA GLU E 179 -57.29 -80.12 25.66
C GLU E 179 -56.71 -79.39 26.86
N SER E 180 -56.69 -78.05 26.80
CA SER E 180 -56.17 -77.30 27.95
C SER E 180 -57.02 -77.51 29.19
N LYS E 181 -58.35 -77.48 29.05
CA LYS E 181 -59.23 -77.70 30.19
C LYS E 181 -59.09 -79.13 30.70
N LEU E 182 -58.98 -80.08 29.78
CA LEU E 182 -58.82 -81.45 30.21
C LEU E 182 -57.52 -81.65 30.98
N LEU E 183 -56.43 -81.00 30.56
CA LEU E 183 -55.18 -81.08 31.29
C LEU E 183 -55.33 -80.52 32.69
N ALA E 184 -55.98 -79.36 32.83
CA ALA E 184 -56.19 -78.77 34.16
C ALA E 184 -57.00 -79.67 35.08
N LYS E 185 -57.85 -80.50 34.52
CA LYS E 185 -58.64 -81.41 35.32
C LYS E 185 -57.82 -82.60 35.78
N LYS E 186 -56.91 -83.04 34.90
CA LYS E 186 -56.06 -84.20 35.16
C LYS E 186 -54.88 -83.87 36.06
N ALA E 187 -54.36 -82.67 35.87
CA ALA E 187 -53.17 -82.23 36.56
C ALA E 187 -53.74 -81.81 37.91
N GLU E 188 -55.06 -81.71 37.97
CA GLU E 188 -55.78 -81.23 39.14
C GLU E 188 -55.43 -79.81 39.53
N VAL E 189 -55.90 -78.84 38.76
CA VAL E 189 -55.55 -77.48 39.18
C VAL E 189 -56.73 -76.75 39.80
N ASN E 190 -57.72 -76.47 38.95
CA ASN E 190 -59.02 -75.90 39.33
C ASN E 190 -60.15 -76.03 38.26
N THR E 191 -60.22 -75.13 37.30
CA THR E 191 -61.32 -75.19 36.32
C THR E 191 -62.72 -75.47 36.88
N ILE E 192 -63.25 -74.45 37.56
CA ILE E 192 -64.52 -74.50 38.30
C ILE E 192 -65.69 -74.97 37.45
N PRO E 193 -66.46 -75.95 37.93
CA PRO E 193 -67.56 -76.47 37.12
C PRO E 193 -68.62 -75.44 36.79
N GLY E 194 -69.28 -75.64 35.66
CA GLY E 194 -70.50 -74.95 35.33
C GLY E 194 -71.65 -75.94 35.29
N PHE E 195 -72.72 -75.55 34.62
CA PHE E 195 -73.89 -76.41 34.47
C PHE E 195 -73.83 -77.07 33.11
N ASP E 196 -73.67 -78.39 33.11
CA ASP E 196 -73.59 -79.17 31.88
C ASP E 196 -75.02 -79.51 31.46
N GLY E 197 -75.73 -78.49 31.02
CA GLY E 197 -77.09 -78.64 30.57
C GLY E 197 -77.71 -77.27 30.37
N VAL E 198 -78.91 -77.23 29.79
CA VAL E 198 -79.56 -75.95 29.55
C VAL E 198 -80.54 -75.64 30.68
N VAL E 199 -80.50 -74.40 31.16
CA VAL E 199 -81.45 -74.01 32.19
C VAL E 199 -82.74 -73.57 31.52
N LYS E 200 -83.84 -74.18 31.92
CA LYS E 200 -85.12 -73.98 31.27
C LYS E 200 -86.13 -73.31 32.19
N ASP E 201 -86.19 -73.74 33.43
CA ASP E 201 -87.20 -73.29 34.38
C ASP E 201 -86.71 -72.02 35.08
N ALA E 202 -87.59 -71.45 35.89
CA ALA E 202 -87.27 -70.24 36.63
C ALA E 202 -86.52 -70.55 37.92
N GLU E 203 -86.73 -71.74 38.47
CA GLU E 203 -86.09 -72.16 39.71
C GLU E 203 -84.79 -72.90 39.49
N GLU E 204 -84.54 -73.44 38.30
CA GLU E 204 -83.26 -74.05 37.99
C GLU E 204 -82.11 -73.06 38.02
N ALA E 205 -82.35 -71.82 37.58
CA ALA E 205 -81.28 -70.83 37.57
C ALA E 205 -80.69 -70.63 38.97
N VAL E 206 -81.53 -70.72 40.01
CA VAL E 206 -80.99 -70.56 41.36
C VAL E 206 -80.65 -71.91 41.99
N ARG E 207 -81.43 -72.95 41.74
CA ARG E 207 -81.14 -74.22 42.38
C ARG E 207 -79.77 -74.75 41.94
N ILE E 208 -79.45 -74.65 40.65
CA ILE E 208 -78.14 -75.18 40.22
C ILE E 208 -77.02 -74.36 40.83
N ALA E 209 -77.15 -73.03 40.87
CA ALA E 209 -76.14 -72.17 41.48
C ALA E 209 -75.90 -72.55 42.94
N ARG E 210 -76.97 -72.84 43.68
CA ARG E 210 -76.84 -73.22 45.08
C ARG E 210 -75.96 -74.45 45.24
N GLU E 211 -76.06 -75.40 44.31
CA GLU E 211 -75.24 -76.59 44.41
C GLU E 211 -73.77 -76.35 44.09
N ILE E 212 -73.45 -75.43 43.17
CA ILE E 212 -72.04 -75.26 42.80
C ILE E 212 -71.36 -74.11 43.53
N GLY E 213 -72.04 -72.97 43.67
CA GLY E 213 -71.38 -71.81 44.26
C GLY E 213 -72.21 -70.54 44.42
N TYR E 214 -71.54 -69.41 44.62
CA TYR E 214 -72.26 -68.14 44.83
C TYR E 214 -72.27 -67.11 43.70
N PRO E 215 -71.04 -66.62 43.33
CA PRO E 215 -71.08 -65.65 42.23
C PRO E 215 -71.44 -66.52 41.02
N VAL E 216 -72.54 -66.16 40.37
CA VAL E 216 -73.03 -66.91 39.22
C VAL E 216 -73.32 -65.96 38.06
N MET E 217 -72.87 -66.38 36.88
CA MET E 217 -73.05 -65.63 35.64
C MET E 217 -74.09 -66.34 34.78
N ILE E 218 -74.99 -65.56 34.16
CA ILE E 218 -75.94 -66.07 33.19
C ILE E 218 -75.56 -65.58 31.80
N LYS E 219 -75.39 -66.51 30.86
CA LYS E 219 -74.98 -66.19 29.50
C LYS E 219 -75.73 -67.11 28.53
N ALA E 220 -75.74 -66.72 27.26
CA ALA E 220 -76.29 -67.50 26.16
C ALA E 220 -75.49 -68.79 25.97
N SER E 221 -76.17 -69.86 25.54
CA SER E 221 -75.51 -71.14 25.26
C SER E 221 -74.54 -71.01 24.09
N ALA E 222 -74.79 -70.06 23.19
CA ALA E 222 -73.87 -69.75 22.10
C ALA E 222 -74.05 -68.29 21.71
N GLY E 223 -72.94 -67.58 21.59
CA GLY E 223 -72.95 -66.19 21.21
C GLY E 223 -72.10 -65.36 22.15
N GLY E 224 -72.25 -64.05 22.05
CA GLY E 224 -71.46 -63.15 22.86
C GLY E 224 -71.83 -61.71 22.58
N GLY E 225 -71.10 -60.80 23.23
CA GLY E 225 -71.33 -59.38 23.05
C GLY E 225 -72.55 -58.90 23.81
N GLY E 226 -72.81 -59.51 24.96
CA GLY E 226 -73.97 -59.14 25.75
C GLY E 226 -75.24 -59.83 25.33
N LYS E 227 -75.13 -61.03 24.75
CA LYS E 227 -76.29 -61.76 24.25
C LYS E 227 -77.05 -62.31 25.45
N GLY E 228 -77.75 -61.44 26.16
CA GLY E 228 -78.50 -61.81 27.34
C GLY E 228 -77.67 -62.08 28.57
N MET E 229 -76.48 -61.48 28.68
CA MET E 229 -75.58 -61.73 29.80
C MET E 229 -75.96 -60.80 30.94
N ARG E 230 -75.90 -61.32 32.16
CA ARG E 230 -76.07 -60.54 33.38
C ARG E 230 -75.26 -61.19 34.48
N ILE E 231 -74.80 -60.38 35.44
CA ILE E 231 -74.04 -60.87 36.57
C ILE E 231 -74.96 -60.90 37.79
N ALA E 232 -74.96 -62.06 38.46
CA ALA E 232 -75.82 -62.23 39.62
C ALA E 232 -75.01 -62.78 40.79
N TRP E 233 -75.47 -62.45 42.00
CA TRP E 233 -74.88 -62.91 43.25
C TRP E 233 -75.87 -63.66 44.13
N ASP E 234 -77.00 -63.05 44.45
CA ASP E 234 -78.02 -63.69 45.27
C ASP E 234 -79.02 -64.38 44.37
N ASP E 235 -80.00 -65.04 44.99
CA ASP E 235 -81.01 -65.76 44.25
C ASP E 235 -82.05 -64.87 43.59
N GLU E 236 -82.34 -63.69 44.13
CA GLU E 236 -83.40 -62.84 43.60
C GLU E 236 -83.05 -62.31 42.22
N GLU E 237 -81.84 -61.76 42.05
CA GLU E 237 -81.48 -61.34 40.71
C GLU E 237 -80.96 -62.47 39.83
N THR E 238 -80.56 -63.62 40.38
CA THR E 238 -80.32 -64.72 39.47
C THR E 238 -81.62 -65.18 38.81
N ARG E 239 -82.71 -65.30 39.57
CA ARG E 239 -83.98 -65.70 38.98
C ARG E 239 -84.44 -64.66 37.97
N ASP E 240 -84.32 -63.38 38.33
CA ASP E 240 -84.74 -62.28 37.47
C ASP E 240 -83.90 -62.21 36.19
N GLY E 241 -82.58 -62.36 36.32
CA GLY E 241 -81.73 -62.34 35.14
C GLY E 241 -82.05 -63.43 34.15
N PHE E 242 -82.28 -64.67 34.63
CA PHE E 242 -82.60 -65.76 33.72
C PHE E 242 -83.89 -65.48 32.97
N ARG E 243 -84.96 -65.15 33.68
CA ARG E 243 -86.25 -65.08 33.02
C ARG E 243 -86.30 -63.93 32.01
N LEU E 244 -85.54 -62.86 32.27
CA LEU E 244 -85.43 -61.75 31.34
C LEU E 244 -84.72 -62.18 30.06
N SER E 245 -83.62 -62.91 30.19
CA SER E 245 -82.84 -63.35 29.05
C SER E 245 -83.58 -64.44 28.28
N SER E 246 -84.23 -65.34 28.99
CA SER E 246 -84.95 -66.44 28.36
C SER E 246 -86.22 -65.99 27.64
N GLN E 247 -86.79 -64.83 28.01
CA GLN E 247 -87.92 -64.30 27.26
C GLN E 247 -87.56 -63.25 26.21
N GLU E 248 -86.44 -62.52 26.35
CA GLU E 248 -86.10 -61.53 25.35
C GLU E 248 -85.04 -61.97 24.35
N ALA E 249 -84.15 -62.91 24.71
CA ALA E 249 -83.07 -63.29 23.81
C ALA E 249 -83.57 -63.84 22.49
N ALA E 250 -84.75 -64.46 22.48
CA ALA E 250 -85.32 -65.03 21.27
C ALA E 250 -85.53 -63.97 20.19
N SER E 251 -85.64 -62.69 20.58
CA SER E 251 -85.85 -61.60 19.64
C SER E 251 -84.56 -61.09 19.03
N SER E 252 -83.40 -61.56 19.49
CA SER E 252 -82.15 -61.05 18.93
C SER E 252 -81.67 -61.97 17.80
N PHE E 253 -81.15 -63.15 18.16
CA PHE E 253 -80.61 -64.08 17.18
C PHE E 253 -81.41 -65.38 17.13
N GLY E 254 -82.61 -65.42 17.70
CA GLY E 254 -83.47 -66.58 17.65
C GLY E 254 -83.12 -67.71 18.58
N ASP E 255 -82.44 -67.42 19.70
CA ASP E 255 -82.01 -68.46 20.63
C ASP E 255 -82.14 -67.96 22.06
N ASP E 256 -82.82 -68.73 22.89
CA ASP E 256 -83.16 -68.29 24.25
C ASP E 256 -82.75 -69.35 25.26
N ARG E 257 -81.79 -70.19 24.87
CA ARG E 257 -81.23 -71.19 25.78
C ARG E 257 -80.10 -70.54 26.57
N LEU E 258 -80.23 -70.57 27.91
CA LEU E 258 -79.26 -69.96 28.82
C LEU E 258 -78.46 -71.01 29.56
N LEU E 259 -77.18 -70.74 29.78
CA LEU E 259 -76.30 -71.55 30.61
C LEU E 259 -75.88 -70.73 31.83
N ILE E 260 -75.50 -71.41 32.91
CA ILE E 260 -74.89 -70.72 34.04
C ILE E 260 -73.54 -71.35 34.32
N GLU E 261 -72.61 -70.50 34.74
CA GLU E 261 -71.22 -70.80 35.13
C GLU E 261 -70.89 -69.86 36.28
N LYS E 262 -69.67 -69.94 36.80
CA LYS E 262 -69.28 -69.17 37.98
C LYS E 262 -68.18 -68.14 37.62
N PHE E 263 -68.18 -66.96 38.25
CA PHE E 263 -67.25 -65.92 37.84
C PHE E 263 -66.50 -65.43 39.06
N ILE E 264 -65.60 -64.48 38.83
CA ILE E 264 -64.87 -63.79 39.88
C ILE E 264 -65.00 -62.28 39.69
N ASP E 265 -64.80 -61.55 40.80
CA ASP E 265 -64.78 -60.09 40.83
C ASP E 265 -63.36 -59.62 40.57
N ASN E 266 -63.16 -58.28 40.60
CA ASN E 266 -61.92 -57.55 40.28
C ASN E 266 -60.70 -58.45 40.10
N PRO E 267 -60.55 -59.03 38.92
CA PRO E 267 -59.49 -60.04 38.72
C PRO E 267 -58.11 -59.42 38.67
N ARG E 268 -57.12 -60.19 39.08
CA ARG E 268 -55.73 -59.87 38.80
C ARG E 268 -55.11 -60.97 37.97
N HIS E 269 -54.28 -60.59 37.00
CA HIS E 269 -53.66 -61.53 36.08
C HIS E 269 -52.27 -61.86 36.61
N ILE E 270 -52.02 -63.13 36.95
CA ILE E 270 -50.78 -63.51 37.59
C ILE E 270 -50.19 -64.68 36.83
N GLU E 271 -48.91 -64.58 36.49
CA GLU E 271 -48.23 -65.61 35.73
C GLU E 271 -47.27 -66.34 36.64
N ILE E 272 -47.08 -67.62 36.38
CA ILE E 272 -46.00 -68.39 36.98
C ILE E 272 -45.23 -69.05 35.86
N GLN E 273 -43.91 -68.89 35.87
CA GLN E 273 -43.06 -69.46 34.84
C GLN E 273 -42.53 -70.82 35.26
N VAL E 274 -42.46 -71.74 34.30
CA VAL E 274 -41.96 -73.09 34.56
C VAL E 274 -40.86 -73.42 33.57
N LEU E 275 -39.80 -74.02 34.09
CA LEU E 275 -38.66 -74.48 33.30
C LEU E 275 -38.73 -76.00 33.29
N GLY E 276 -39.01 -76.57 32.12
CA GLY E 276 -39.09 -78.01 31.96
C GLY E 276 -37.72 -78.62 31.68
N ASP E 277 -37.58 -79.90 32.03
CA ASP E 277 -36.38 -80.66 31.76
C ASP E 277 -36.71 -81.86 30.88
N LYS E 278 -35.82 -82.14 29.93
CA LYS E 278 -35.96 -83.31 29.09
C LYS E 278 -35.93 -84.62 29.87
N HIS E 279 -35.43 -84.61 31.10
CA HIS E 279 -35.34 -85.82 31.91
C HIS E 279 -36.56 -86.02 32.79
N GLY E 280 -37.57 -85.15 32.69
CA GLY E 280 -38.77 -85.27 33.47
C GLY E 280 -38.89 -84.31 34.62
N ASN E 281 -37.81 -83.59 34.94
CA ASN E 281 -37.88 -82.59 35.99
C ASN E 281 -38.54 -81.31 35.49
N ALA E 282 -39.01 -80.50 36.43
CA ALA E 282 -39.56 -79.17 36.10
C ALA E 282 -39.55 -78.34 37.36
N LEU E 283 -39.10 -77.09 37.25
CA LEU E 283 -39.14 -76.17 38.38
C LEU E 283 -40.01 -74.98 38.04
N TRP E 284 -40.54 -74.35 39.08
CA TRP E 284 -41.36 -73.16 38.91
C TRP E 284 -40.61 -71.98 39.50
N LEU E 285 -40.76 -70.83 38.86
CA LEU E 285 -40.07 -69.62 39.28
C LEU E 285 -41.07 -68.68 39.93
N ASN E 286 -40.56 -67.59 40.50
CA ASN E 286 -41.45 -66.61 41.10
C ASN E 286 -42.45 -66.10 40.07
N GLU E 287 -43.61 -65.71 40.56
CA GLU E 287 -44.70 -65.26 39.70
C GLU E 287 -44.43 -63.89 39.08
N ARG E 288 -45.39 -63.43 38.27
CA ARG E 288 -45.42 -62.06 37.75
C ARG E 288 -46.83 -61.53 37.83
N GLU E 289 -46.96 -60.29 38.28
CA GLU E 289 -48.22 -59.56 38.26
C GLU E 289 -48.27 -58.74 36.98
N CYS E 290 -49.26 -59.01 36.15
CA CYS E 290 -49.35 -58.40 34.83
C CYS E 290 -50.71 -57.78 34.60
N SER E 291 -51.09 -56.81 35.44
CA SER E 291 -52.46 -56.31 35.37
C SER E 291 -52.57 -55.01 34.60
N ILE E 292 -51.48 -54.26 34.44
CA ILE E 292 -51.56 -52.97 33.75
C ILE E 292 -51.41 -53.22 32.26
N GLN E 293 -52.46 -52.97 31.49
CA GLN E 293 -52.49 -53.37 30.09
C GLN E 293 -53.41 -52.43 29.32
N ARG E 294 -53.18 -52.35 28.01
CA ARG E 294 -54.17 -51.74 27.13
C ARG E 294 -54.20 -52.49 25.83
N ARG E 295 -55.41 -52.57 25.25
CA ARG E 295 -55.78 -53.28 24.01
C ARG E 295 -55.32 -54.74 24.00
N ASN E 296 -55.49 -55.36 25.18
CA ASN E 296 -55.11 -56.73 25.55
C ASN E 296 -53.62 -57.01 25.37
N GLN E 297 -52.81 -55.99 25.65
CA GLN E 297 -51.37 -56.15 25.61
C GLN E 297 -50.76 -55.52 26.85
N LYS E 298 -49.85 -56.22 27.49
CA LYS E 298 -49.32 -55.76 28.75
C LYS E 298 -48.32 -54.62 28.52
N VAL E 299 -48.24 -53.71 29.48
CA VAL E 299 -47.26 -52.65 29.39
C VAL E 299 -46.37 -52.58 30.63
N VAL E 300 -46.92 -52.90 31.80
CA VAL E 300 -46.14 -52.88 33.04
C VAL E 300 -46.41 -54.15 33.82
N GLU E 301 -45.32 -54.76 34.30
CA GLU E 301 -45.37 -55.99 35.06
C GLU E 301 -44.48 -55.85 36.28
N GLU E 302 -44.82 -56.62 37.31
CA GLU E 302 -44.08 -56.67 38.56
C GLU E 302 -43.85 -58.15 38.83
N ALA E 303 -42.68 -58.52 39.31
CA ALA E 303 -42.42 -59.94 39.54
C ALA E 303 -42.91 -60.49 40.86
N PRO E 304 -42.48 -59.90 41.96
CA PRO E 304 -42.87 -60.32 43.31
C PRO E 304 -44.25 -59.79 43.65
N SER E 305 -45.21 -60.17 42.82
CA SER E 305 -46.60 -59.73 42.99
C SER E 305 -46.93 -58.80 44.17
N ILE E 306 -47.69 -59.34 45.14
CA ILE E 306 -48.12 -58.69 46.38
C ILE E 306 -49.35 -59.45 46.87
N PHE E 307 -49.93 -60.25 45.99
CA PHE E 307 -51.19 -60.91 46.26
C PHE E 307 -50.91 -62.33 46.71
N LEU E 308 -49.64 -62.62 46.96
CA LEU E 308 -49.23 -63.95 47.40
C LEU E 308 -48.33 -63.95 48.63
N ASP E 309 -48.60 -64.86 49.55
CA ASP E 309 -47.70 -65.14 50.65
C ASP E 309 -46.90 -66.40 50.31
N ALA E 310 -46.05 -66.84 51.23
CA ALA E 310 -45.17 -67.96 50.90
C ALA E 310 -45.95 -69.23 50.57
N GLU E 311 -47.03 -69.50 51.28
CA GLU E 311 -47.78 -70.73 51.04
C GLU E 311 -48.53 -70.69 49.71
N THR E 312 -49.11 -69.55 49.36
CA THR E 312 -49.82 -69.45 48.09
C THR E 312 -48.87 -69.64 46.92
N ARG E 313 -47.67 -69.08 47.00
CA ARG E 313 -46.68 -69.25 45.95
C ARG E 313 -46.35 -70.72 45.73
N ARG E 314 -46.15 -71.46 46.82
CA ARG E 314 -45.85 -72.88 46.69
C ARG E 314 -47.04 -73.64 46.12
N ALA E 315 -48.24 -73.34 46.61
CA ALA E 315 -49.43 -74.05 46.18
C ALA E 315 -49.66 -73.87 44.68
N MET E 316 -49.51 -72.65 44.19
CA MET E 316 -49.75 -72.39 42.77
C MET E 316 -48.57 -72.82 41.92
N GLY E 317 -47.34 -72.72 42.46
CA GLY E 317 -46.18 -73.20 41.71
C GLY E 317 -46.24 -74.67 41.43
N GLU E 318 -46.67 -75.46 42.43
CA GLU E 318 -46.81 -76.90 42.26
C GLU E 318 -47.87 -77.23 41.21
N GLN E 319 -48.98 -76.50 41.17
CA GLN E 319 -49.96 -76.74 40.12
C GLN E 319 -49.45 -76.39 38.73
N ALA E 320 -48.70 -75.30 38.58
CA ALA E 320 -48.10 -74.99 37.29
C ALA E 320 -47.14 -76.09 36.86
N VAL E 321 -46.40 -76.67 37.81
CA VAL E 321 -45.53 -77.79 37.46
C VAL E 321 -46.36 -79.01 37.08
N ALA E 322 -47.45 -79.29 37.81
CA ALA E 322 -48.33 -80.40 37.50
C ALA E 322 -48.85 -80.33 36.07
N LEU E 323 -49.11 -79.14 35.58
CA LEU E 323 -49.47 -79.05 34.17
C LEU E 323 -48.30 -79.42 33.27
N ALA E 324 -47.11 -78.86 33.53
CA ALA E 324 -45.96 -79.12 32.67
C ALA E 324 -45.53 -80.58 32.65
N ARG E 325 -45.60 -81.28 33.78
CA ARG E 325 -45.15 -82.66 33.85
C ARG E 325 -46.14 -83.65 33.29
N ALA E 326 -47.33 -83.22 32.90
CA ALA E 326 -48.35 -84.12 32.39
C ALA E 326 -48.49 -84.04 30.87
N VAL E 327 -47.70 -83.21 30.21
CA VAL E 327 -47.71 -83.12 28.76
C VAL E 327 -46.24 -83.24 28.34
N LYS E 328 -45.42 -83.37 29.38
CA LYS E 328 -43.97 -83.45 29.27
C LYS E 328 -43.42 -82.23 28.57
N TYR E 329 -43.77 -81.06 29.10
CA TYR E 329 -43.34 -79.78 28.55
C TYR E 329 -41.89 -79.46 28.90
N SER E 330 -40.98 -80.10 28.17
CA SER E 330 -39.54 -80.01 28.41
C SER E 330 -39.04 -78.82 27.60
N SER E 331 -39.51 -77.64 28.01
CA SER E 331 -39.23 -76.33 27.44
C SER E 331 -39.56 -75.29 28.51
N ALA E 332 -39.29 -74.02 28.24
CA ALA E 332 -39.69 -72.98 29.16
C ALA E 332 -41.00 -72.36 28.70
N GLY E 333 -41.87 -72.09 29.66
CA GLY E 333 -43.18 -71.54 29.33
C GLY E 333 -43.83 -70.91 30.54
N THR E 334 -45.07 -70.50 30.36
CA THR E 334 -45.77 -69.75 31.38
C THR E 334 -47.17 -70.28 31.56
N VAL E 335 -47.61 -70.30 32.82
CA VAL E 335 -48.98 -70.67 33.17
C VAL E 335 -49.67 -69.45 33.73
N GLU E 336 -50.84 -69.13 33.19
CA GLU E 336 -51.60 -67.97 33.62
C GLU E 336 -52.78 -68.29 34.53
N PHE E 337 -52.82 -67.60 35.66
CA PHE E 337 -53.88 -67.76 36.64
C PHE E 337 -54.60 -66.42 36.78
N LEU E 338 -55.87 -66.49 37.16
CA LEU E 338 -56.64 -65.34 37.61
C LEU E 338 -56.95 -65.55 39.08
N VAL E 339 -56.82 -64.49 39.87
CA VAL E 339 -57.13 -64.51 41.29
C VAL E 339 -58.21 -63.48 41.56
N ASP E 340 -59.18 -63.84 42.39
CA ASP E 340 -60.26 -62.95 42.77
C ASP E 340 -59.86 -62.16 44.01
N SER E 341 -60.81 -61.37 44.52
CA SER E 341 -60.51 -60.51 45.66
C SER E 341 -60.27 -61.31 46.93
N LYS E 342 -60.63 -62.59 46.92
CA LYS E 342 -60.53 -63.41 48.13
C LYS E 342 -59.34 -64.36 48.07
N LYS E 343 -58.44 -64.13 47.11
CA LYS E 343 -57.26 -64.97 46.94
C LYS E 343 -57.61 -66.39 46.47
N ASN E 344 -58.71 -66.55 45.74
CA ASN E 344 -58.99 -67.81 45.07
C ASN E 344 -58.41 -67.74 43.67
N PHE E 345 -57.58 -68.72 43.36
CA PHE E 345 -56.83 -68.81 42.12
C PHE E 345 -57.46 -69.81 41.18
N TYR E 346 -57.67 -69.39 39.93
CA TYR E 346 -58.30 -70.23 38.91
C TYR E 346 -57.37 -70.32 37.70
N PHE E 347 -57.32 -71.49 37.08
CA PHE E 347 -56.52 -71.70 35.89
C PHE E 347 -57.08 -70.91 34.71
N LEU E 348 -56.19 -70.25 33.96
CA LEU E 348 -56.65 -69.61 32.73
C LEU E 348 -56.08 -70.23 31.47
N GLU E 349 -54.76 -70.30 31.35
CA GLU E 349 -54.18 -70.87 30.15
C GLU E 349 -52.70 -71.17 30.28
N MET E 350 -52.24 -72.13 29.49
CA MET E 350 -50.84 -72.54 29.49
C MET E 350 -50.22 -72.08 28.18
N ASN E 351 -49.13 -71.32 28.30
CA ASN E 351 -48.35 -70.77 27.18
C ASN E 351 -47.04 -71.49 26.92
N THR E 352 -46.74 -71.74 25.65
CA THR E 352 -45.51 -72.43 25.28
C THR E 352 -44.58 -71.58 24.45
N ARG E 353 -43.80 -70.74 25.11
CA ARG E 353 -42.86 -69.87 24.42
C ARG E 353 -42.28 -68.88 25.41
N LEU E 354 -41.06 -68.45 25.15
CA LEU E 354 -40.43 -67.47 26.03
C LEU E 354 -41.32 -66.26 25.98
N GLN E 355 -41.76 -65.79 27.14
CA GLN E 355 -42.64 -64.65 27.17
C GLN E 355 -41.90 -63.33 27.05
N VAL E 356 -42.63 -62.29 26.74
CA VAL E 356 -42.05 -60.98 26.62
C VAL E 356 -41.85 -60.46 28.03
N GLU E 357 -42.36 -61.21 29.00
CA GLU E 357 -42.24 -60.83 30.40
C GLU E 357 -41.28 -61.75 31.15
N HIS E 358 -40.17 -62.04 30.51
CA HIS E 358 -39.16 -62.90 31.09
C HIS E 358 -37.92 -62.13 31.51
N PRO E 359 -37.89 -60.81 31.37
CA PRO E 359 -36.66 -60.13 31.81
C PRO E 359 -36.84 -59.49 33.18
N VAL E 360 -38.01 -59.66 33.77
CA VAL E 360 -38.30 -59.09 35.09
C VAL E 360 -38.17 -60.13 36.18
N THR E 361 -38.47 -61.40 35.87
CA THR E 361 -38.27 -62.47 36.85
C THR E 361 -36.79 -62.71 37.08
N GLU E 362 -35.99 -62.63 36.02
CA GLU E 362 -34.55 -62.87 36.12
C GLU E 362 -33.88 -61.97 37.14
N CYS E 363 -34.36 -60.74 37.34
CA CYS E 363 -33.72 -59.86 38.28
C CYS E 363 -33.97 -60.24 39.73
N ILE E 364 -34.91 -61.15 40.01
CA ILE E 364 -35.07 -61.53 41.41
C ILE E 364 -34.73 -63.01 41.63
N THR E 365 -34.66 -63.79 40.55
CA THR E 365 -34.25 -65.17 40.68
C THR E 365 -32.77 -65.36 40.43
N GLY E 366 -32.12 -64.44 39.72
CA GLY E 366 -30.71 -64.57 39.43
C GLY E 366 -30.38 -65.56 38.34
N LEU E 367 -31.31 -65.83 37.44
CA LEU E 367 -31.11 -66.83 36.40
C LEU E 367 -30.89 -66.14 35.06
N ASP E 368 -30.52 -66.94 34.06
CA ASP E 368 -30.38 -66.47 32.68
C ASP E 368 -31.19 -67.43 31.82
N LEU E 369 -32.38 -67.01 31.40
CA LEU E 369 -33.30 -67.93 30.76
C LEU E 369 -32.79 -68.43 29.42
N VAL E 370 -32.13 -67.60 28.62
CA VAL E 370 -31.66 -68.04 27.32
C VAL E 370 -30.53 -69.05 27.47
N GLN E 371 -29.61 -68.81 28.41
CA GLN E 371 -28.53 -69.75 28.67
C GLN E 371 -29.07 -71.11 29.08
N GLU E 372 -30.14 -71.11 29.89
CA GLU E 372 -30.71 -72.35 30.37
C GLU E 372 -31.43 -73.10 29.26
N MET E 373 -32.18 -72.37 28.44
CA MET E 373 -32.89 -72.99 27.32
C MET E 373 -31.93 -73.63 26.34
N ILE E 374 -30.80 -72.98 26.06
CA ILE E 374 -29.82 -73.61 25.18
C ILE E 374 -29.24 -74.87 25.78
N ARG E 375 -28.86 -74.88 27.06
CA ARG E 375 -28.33 -76.14 27.60
C ARG E 375 -29.38 -77.25 27.62
N VAL E 376 -30.63 -76.94 27.94
CA VAL E 376 -31.66 -77.96 27.95
C VAL E 376 -31.86 -78.54 26.55
N ALA E 377 -31.89 -77.66 25.55
CA ALA E 377 -31.98 -78.13 24.17
C ALA E 377 -30.80 -79.00 23.77
N LYS E 378 -29.60 -78.70 24.27
CA LYS E 378 -28.47 -79.57 23.98
C LYS E 378 -28.66 -80.94 24.61
N GLY E 379 -29.32 -80.99 25.77
CA GLY E 379 -29.60 -82.24 26.45
C GLY E 379 -29.13 -82.30 27.87
N TYR E 380 -28.76 -81.18 28.48
CA TYR E 380 -28.33 -81.17 29.86
C TYR E 380 -29.54 -81.09 30.80
N PRO E 381 -29.45 -81.65 32.00
CA PRO E 381 -30.51 -81.44 32.98
C PRO E 381 -30.48 -80.03 33.54
N LEU E 382 -31.55 -79.66 34.25
CA LEU E 382 -31.62 -78.38 34.93
C LEU E 382 -30.49 -78.28 35.95
N ARG E 383 -29.84 -77.12 36.01
CA ARG E 383 -28.72 -76.91 36.92
C ARG E 383 -29.12 -76.52 38.33
N HIS E 384 -30.42 -76.39 38.61
CA HIS E 384 -30.88 -75.90 39.90
C HIS E 384 -31.93 -76.85 40.45
N LYS E 385 -32.17 -76.73 41.75
CA LYS E 385 -33.26 -77.41 42.42
C LYS E 385 -34.20 -76.37 43.02
N GLN E 386 -35.42 -76.77 43.32
CA GLN E 386 -36.42 -75.81 43.74
C GLN E 386 -36.04 -75.06 45.02
N ALA E 387 -35.28 -75.68 45.91
CA ALA E 387 -34.92 -75.02 47.17
C ALA E 387 -34.03 -73.81 46.96
N ASP E 388 -33.41 -73.67 45.80
CA ASP E 388 -32.48 -72.58 45.52
C ASP E 388 -33.14 -71.42 44.79
N ILE E 389 -34.44 -71.47 44.58
CA ILE E 389 -35.17 -70.44 43.85
C ILE E 389 -35.89 -69.57 44.87
N ARG E 390 -35.53 -68.30 44.92
CA ARG E 390 -36.05 -67.39 45.92
C ARG E 390 -36.18 -66.01 45.33
N ILE E 391 -36.77 -65.10 46.10
CA ILE E 391 -36.96 -63.72 45.70
C ILE E 391 -35.81 -62.91 46.30
N ASN E 392 -34.87 -62.52 45.47
CA ASN E 392 -33.80 -61.64 45.93
C ASN E 392 -34.10 -60.18 45.61
N GLY E 393 -35.07 -59.60 46.29
CA GLY E 393 -35.44 -58.25 45.94
C GLY E 393 -36.67 -58.10 45.07
N TRP E 394 -36.85 -56.90 44.53
CA TRP E 394 -38.04 -56.59 43.74
C TRP E 394 -37.66 -56.03 42.39
N ALA E 395 -38.44 -56.35 41.36
CA ALA E 395 -38.16 -55.86 40.02
C ALA E 395 -39.46 -55.51 39.30
N VAL E 396 -39.45 -54.39 38.60
CA VAL E 396 -40.60 -53.90 37.87
C VAL E 396 -40.14 -53.58 36.45
N GLU E 397 -41.00 -53.85 35.46
CA GLU E 397 -40.64 -53.63 34.07
C GLU E 397 -41.71 -52.83 33.36
N CYS E 398 -41.27 -51.91 32.51
CA CYS E 398 -42.14 -51.07 31.70
C CYS E 398 -41.77 -51.20 30.23
N ARG E 399 -42.78 -51.38 29.39
CA ARG E 399 -42.57 -51.49 27.95
C ARG E 399 -42.77 -50.13 27.33
N VAL E 400 -41.79 -49.69 26.54
CA VAL E 400 -41.87 -48.39 25.88
C VAL E 400 -42.12 -48.63 24.40
N TYR E 401 -43.21 -48.07 23.90
CA TYR E 401 -43.69 -48.18 22.53
C TYR E 401 -43.61 -46.83 21.84
N ALA E 402 -43.47 -46.87 20.53
CA ALA E 402 -43.56 -45.66 19.72
C ALA E 402 -45.02 -45.35 19.39
N GLU E 403 -45.77 -44.94 20.41
CA GLU E 403 -47.21 -44.78 20.32
C GLU E 403 -47.63 -43.50 21.01
N ASP E 404 -48.73 -42.94 20.54
CA ASP E 404 -49.32 -41.76 21.16
C ASP E 404 -50.29 -42.23 22.22
N PRO E 405 -50.01 -42.04 23.52
CA PRO E 405 -50.93 -42.51 24.55
C PRO E 405 -52.24 -41.75 24.61
N TYR E 406 -52.36 -40.60 23.96
CA TYR E 406 -53.59 -39.82 24.05
C TYR E 406 -54.66 -40.37 23.12
N LYS E 407 -54.26 -40.96 22.00
CA LYS E 407 -55.18 -41.35 20.95
C LYS E 407 -55.68 -42.77 21.21
N SER E 408 -56.64 -42.86 22.15
CA SER E 408 -57.24 -44.12 22.59
C SER E 408 -56.22 -45.11 23.13
N PHE E 409 -55.27 -44.61 23.93
CA PHE E 409 -54.24 -45.38 24.63
C PHE E 409 -53.37 -46.18 23.65
N GLY E 410 -52.52 -45.45 22.94
CA GLY E 410 -51.48 -46.10 22.17
C GLY E 410 -51.70 -46.25 20.68
N LEU E 411 -51.82 -45.13 19.97
CA LEU E 411 -51.93 -45.21 18.52
C LEU E 411 -50.54 -45.13 17.88
N PRO E 412 -50.15 -46.12 17.06
CA PRO E 412 -48.78 -46.13 16.51
C PRO E 412 -48.39 -44.88 15.77
N SER E 413 -47.16 -44.47 16.01
CA SER E 413 -46.52 -43.37 15.30
C SER E 413 -45.49 -43.93 14.32
N ILE E 414 -45.12 -43.12 13.33
CA ILE E 414 -44.16 -43.53 12.33
C ILE E 414 -43.04 -42.49 12.31
N GLY E 415 -41.81 -42.97 12.31
CA GLY E 415 -40.70 -42.04 12.28
C GLY E 415 -39.33 -42.61 12.51
N ARG E 416 -38.39 -41.66 12.48
CA ARG E 416 -36.98 -41.90 12.63
C ARG E 416 -36.47 -41.23 13.91
N LEU E 417 -35.55 -41.93 14.54
CA LEU E 417 -34.87 -41.49 15.72
C LEU E 417 -33.56 -40.81 15.59
N SER E 418 -33.71 -39.54 15.98
CA SER E 418 -32.74 -38.47 16.06
C SER E 418 -32.00 -38.28 17.33
N GLN E 419 -32.59 -38.63 18.46
CA GLN E 419 -31.77 -38.66 19.67
C GLN E 419 -32.19 -39.83 20.51
N TYR E 420 -31.24 -40.53 21.09
CA TYR E 420 -31.55 -41.72 21.86
C TYR E 420 -30.46 -41.95 22.87
N GLN E 421 -30.85 -42.03 24.14
CA GLN E 421 -29.88 -42.20 25.21
C GLN E 421 -30.55 -42.97 26.33
N GLU E 422 -30.01 -44.11 26.65
CA GLU E 422 -30.57 -45.02 27.64
C GLU E 422 -30.05 -44.68 29.02
N PRO E 423 -30.90 -44.76 30.05
CA PRO E 423 -30.43 -44.40 31.41
C PRO E 423 -29.58 -45.48 32.08
N LEU E 424 -28.39 -45.75 31.55
CA LEU E 424 -27.57 -46.83 32.07
C LEU E 424 -26.58 -46.37 33.13
N HIS E 425 -26.56 -45.09 33.46
CA HIS E 425 -25.70 -44.59 34.52
C HIS E 425 -26.35 -44.67 35.89
N LEU E 426 -27.63 -44.99 35.96
CA LEU E 426 -28.36 -44.99 37.21
C LEU E 426 -28.27 -46.37 37.86
N PRO E 427 -28.27 -46.44 39.18
CA PRO E 427 -28.23 -47.75 39.86
C PRO E 427 -29.51 -48.55 39.67
N GLY E 428 -29.36 -49.86 39.52
CA GLY E 428 -30.45 -50.81 39.46
C GLY E 428 -31.28 -50.78 38.19
N VAL E 429 -30.71 -50.29 37.10
CA VAL E 429 -31.44 -50.09 35.84
C VAL E 429 -30.79 -50.96 34.77
N ARG E 430 -31.64 -51.69 34.03
CA ARG E 430 -31.23 -52.56 32.94
C ARG E 430 -32.15 -52.25 31.74
N VAL E 431 -31.59 -51.84 30.61
CA VAL E 431 -32.38 -51.48 29.44
C VAL E 431 -32.11 -52.52 28.37
N ASP E 432 -33.17 -53.17 27.89
CA ASP E 432 -33.02 -54.19 26.84
C ASP E 432 -33.67 -53.65 25.58
N SER E 433 -32.84 -53.22 24.64
CA SER E 433 -33.32 -52.51 23.47
C SER E 433 -32.75 -53.16 22.22
N GLY E 434 -33.54 -53.14 21.16
CA GLY E 434 -33.09 -53.59 19.86
C GLY E 434 -32.79 -52.49 18.88
N ILE E 435 -32.73 -51.23 19.31
CA ILE E 435 -32.56 -50.11 18.41
C ILE E 435 -31.33 -49.33 18.78
N GLN E 436 -30.87 -48.52 17.84
CA GLN E 436 -29.73 -47.64 17.98
C GLN E 436 -30.11 -46.34 17.32
N PRO E 437 -29.43 -45.22 17.60
CA PRO E 437 -29.78 -43.98 16.90
C PRO E 437 -29.72 -44.18 15.40
N GLY E 438 -30.70 -43.63 14.70
CA GLY E 438 -30.66 -43.71 13.26
C GLY E 438 -31.41 -44.93 12.84
N SER E 439 -32.30 -45.34 13.73
CA SER E 439 -33.18 -46.44 13.45
C SER E 439 -34.51 -45.86 13.12
N ASP E 440 -35.20 -46.56 12.25
CA ASP E 440 -36.53 -46.22 11.82
C ASP E 440 -37.49 -47.19 12.48
N ILE E 441 -38.68 -46.70 12.77
CA ILE E 441 -39.78 -47.52 13.25
C ILE E 441 -40.94 -47.43 12.27
N SER E 442 -41.43 -48.58 11.81
CA SER E 442 -42.44 -48.53 10.77
C SER E 442 -43.66 -49.41 10.95
N ILE E 443 -44.59 -49.24 10.03
CA ILE E 443 -45.88 -49.89 10.18
C ILE E 443 -45.81 -51.41 10.07
N TYR E 444 -44.68 -51.97 9.64
CA TYR E 444 -44.61 -53.40 9.41
C TYR E 444 -44.44 -54.21 10.68
N TYR E 445 -44.01 -53.59 11.78
CA TYR E 445 -43.63 -54.31 12.97
C TYR E 445 -44.30 -53.63 14.16
N ASP E 446 -44.52 -54.41 15.21
CA ASP E 446 -44.98 -53.83 16.46
C ASP E 446 -44.05 -52.70 16.87
N PRO E 447 -44.54 -51.50 17.05
CA PRO E 447 -43.67 -50.38 17.37
C PRO E 447 -42.97 -50.43 18.71
N MET E 448 -42.20 -51.48 19.02
CA MET E 448 -41.46 -51.50 20.29
C MET E 448 -40.20 -50.66 20.21
N ILE E 449 -39.95 -49.89 21.26
CA ILE E 449 -38.71 -49.14 21.40
C ILE E 449 -37.75 -49.84 22.35
N SER E 450 -38.21 -50.17 23.56
CA SER E 450 -37.35 -50.85 24.50
C SER E 450 -38.17 -51.40 25.64
N LYS E 451 -37.55 -52.24 26.44
CA LYS E 451 -38.10 -52.64 27.73
C LYS E 451 -37.17 -52.17 28.83
N LEU E 452 -37.72 -51.38 29.75
CA LEU E 452 -36.95 -50.77 30.82
C LEU E 452 -37.20 -51.57 32.09
N ILE E 453 -36.14 -52.10 32.68
CA ILE E 453 -36.23 -52.98 33.84
C ILE E 453 -35.50 -52.31 34.99
N THR E 454 -36.17 -52.20 36.13
CA THR E 454 -35.57 -51.62 37.32
C THR E 454 -35.76 -52.56 38.48
N TYR E 455 -34.73 -52.75 39.29
CA TYR E 455 -34.82 -53.61 40.46
C TYR E 455 -34.21 -52.92 41.67
N GLY E 456 -34.63 -53.38 42.85
CA GLY E 456 -34.15 -52.84 44.11
C GLY E 456 -34.41 -53.81 45.23
N SER E 457 -34.08 -53.39 46.44
CA SER E 457 -34.17 -54.29 47.58
C SER E 457 -35.57 -54.37 48.13
N ASP E 458 -36.40 -53.39 47.81
CA ASP E 458 -37.73 -53.28 48.37
C ASP E 458 -38.66 -52.71 47.31
N ARG E 459 -39.95 -52.62 47.61
CA ARG E 459 -40.90 -52.11 46.64
C ARG E 459 -40.77 -50.62 46.37
N THR E 460 -40.40 -49.84 47.37
CA THR E 460 -40.28 -48.41 47.14
C THR E 460 -39.00 -48.05 46.43
N GLU E 461 -37.93 -48.82 46.65
CA GLU E 461 -36.66 -48.51 45.97
C GLU E 461 -36.75 -48.80 44.47
N ALA E 462 -37.34 -49.94 44.10
CA ALA E 462 -37.50 -50.27 42.70
C ALA E 462 -38.41 -49.28 41.99
N LEU E 463 -39.48 -48.82 42.64
CA LEU E 463 -40.37 -47.86 41.99
C LEU E 463 -39.72 -46.48 41.86
N LYS E 464 -38.99 -46.03 42.88
CA LYS E 464 -38.32 -44.74 42.79
C LYS E 464 -37.25 -44.76 41.72
N ARG E 465 -36.48 -45.85 41.64
CA ARG E 465 -35.46 -45.97 40.61
C ARG E 465 -36.07 -46.00 39.22
N MET E 466 -37.24 -46.63 39.06
CA MET E 466 -37.94 -46.62 37.80
C MET E 466 -38.37 -45.21 37.41
N ALA E 467 -38.90 -44.46 38.37
CA ALA E 467 -39.28 -43.08 38.08
C ALA E 467 -38.09 -42.27 37.60
N ASP E 468 -36.93 -42.47 38.24
CA ASP E 468 -35.74 -41.76 37.80
C ASP E 468 -35.29 -42.18 36.41
N ALA E 469 -35.32 -43.48 36.12
CA ALA E 469 -34.88 -43.94 34.80
C ALA E 469 -35.75 -43.36 33.70
N LEU E 470 -37.05 -43.26 33.94
CA LEU E 470 -37.94 -42.74 32.91
C LEU E 470 -37.67 -41.28 32.59
N ASP E 471 -37.28 -40.49 33.60
CA ASP E 471 -37.04 -39.07 33.33
C ASP E 471 -35.67 -38.84 32.69
N ASN E 472 -34.75 -39.78 32.84
CA ASN E 472 -33.43 -39.71 32.22
C ASN E 472 -33.36 -40.52 30.94
N TYR E 473 -34.50 -40.88 30.37
CA TYR E 473 -34.54 -41.74 29.20
C TYR E 473 -34.93 -40.91 28.00
N VAL E 474 -34.00 -40.69 27.09
CA VAL E 474 -34.17 -39.74 26.00
C VAL E 474 -34.64 -40.49 24.77
N ILE E 475 -35.85 -40.20 24.32
CA ILE E 475 -36.39 -40.69 23.05
C ILE E 475 -36.93 -39.49 22.30
N ARG E 476 -36.37 -39.20 21.13
CA ARG E 476 -36.82 -38.08 20.32
C ARG E 476 -36.77 -38.48 18.86
N GLY E 477 -37.82 -38.11 18.12
CA GLY E 477 -37.94 -38.46 16.72
C GLY E 477 -39.25 -39.15 16.45
N VAL E 478 -39.79 -39.78 17.48
CA VAL E 478 -41.09 -40.45 17.43
C VAL E 478 -41.89 -40.03 18.65
N THR E 479 -43.18 -40.35 18.65
CA THR E 479 -44.03 -40.20 19.81
C THR E 479 -43.97 -41.46 20.65
N HIS E 480 -43.75 -41.29 21.95
CA HIS E 480 -43.56 -42.41 22.86
C HIS E 480 -44.59 -42.33 23.98
N ASN E 481 -44.55 -43.32 24.86
CA ASN E 481 -45.56 -43.46 25.90
C ASN E 481 -44.98 -43.27 27.30
N ILE E 482 -43.88 -42.54 27.42
CA ILE E 482 -43.25 -42.35 28.72
C ILE E 482 -44.16 -41.60 29.69
N ALA E 483 -44.92 -40.62 29.21
CA ALA E 483 -45.80 -39.88 30.11
C ALA E 483 -46.78 -40.81 30.80
N LEU E 484 -47.28 -41.80 30.10
CA LEU E 484 -48.23 -42.75 30.68
C LEU E 484 -47.57 -43.64 31.71
N LEU E 485 -46.37 -44.15 31.38
CA LEU E 485 -45.65 -45.01 32.30
C LEU E 485 -45.24 -44.26 33.56
N ARG E 486 -44.81 -43.00 33.42
CA ARG E 486 -44.34 -42.21 34.54
C ARG E 486 -45.48 -41.86 35.49
N GLU E 487 -46.68 -41.63 34.97
CA GLU E 487 -47.77 -41.39 35.89
C GLU E 487 -48.34 -42.66 36.50
N VAL E 488 -48.44 -43.77 35.77
CA VAL E 488 -49.06 -44.93 36.42
C VAL E 488 -48.24 -45.40 37.59
N ILE E 489 -46.91 -45.45 37.48
CA ILE E 489 -46.12 -46.06 38.54
C ILE E 489 -46.19 -45.23 39.83
N ILE E 490 -46.65 -44.00 39.74
CA ILE E 490 -46.68 -43.13 40.93
C ILE E 490 -48.10 -42.99 41.44
N ASN E 491 -49.04 -43.67 40.80
CA ASN E 491 -50.44 -43.63 41.22
C ASN E 491 -50.62 -44.29 42.58
N SER E 492 -51.42 -43.66 43.44
CA SER E 492 -51.58 -44.14 44.81
C SER E 492 -52.12 -45.56 44.83
N ARG E 493 -52.95 -45.95 43.86
CA ARG E 493 -53.45 -47.31 43.83
C ARG E 493 -52.37 -48.29 43.42
N PHE E 494 -51.48 -47.87 42.53
CA PHE E 494 -50.39 -48.73 42.09
C PHE E 494 -49.37 -48.95 43.20
N VAL E 495 -49.01 -47.89 43.92
CA VAL E 495 -48.07 -48.04 45.02
C VAL E 495 -48.65 -48.91 46.11
N LYS E 496 -49.93 -48.71 46.45
CA LYS E 496 -50.55 -49.59 47.44
C LYS E 496 -50.81 -50.98 46.87
N GLY E 497 -51.07 -51.08 45.57
CA GLY E 497 -51.34 -52.37 44.96
C GLY E 497 -52.76 -52.70 44.63
N ASP E 498 -53.67 -51.73 44.66
CA ASP E 498 -55.08 -52.01 44.36
C ASP E 498 -55.29 -51.95 42.85
N ILE E 499 -54.70 -52.93 42.17
CA ILE E 499 -54.66 -52.94 40.71
C ILE E 499 -55.44 -54.15 40.23
N SER E 500 -56.35 -53.90 39.29
CA SER E 500 -57.08 -54.95 38.60
C SER E 500 -56.74 -54.90 37.12
N THR E 501 -57.22 -55.91 36.39
CA THR E 501 -56.86 -56.02 34.99
C THR E 501 -57.53 -54.92 34.18
N LYS E 502 -58.43 -54.17 34.79
CA LYS E 502 -59.11 -53.05 34.14
C LYS E 502 -58.74 -51.73 34.80
N PHE E 503 -57.60 -51.73 35.49
CA PHE E 503 -57.15 -50.57 36.23
C PHE E 503 -57.20 -49.30 35.39
N LEU E 504 -56.57 -49.33 34.22
CA LEU E 504 -56.42 -48.10 33.44
C LEU E 504 -57.75 -47.61 32.92
N SER E 505 -58.70 -48.50 32.71
CA SER E 505 -59.99 -48.11 32.18
C SER E 505 -60.83 -47.34 33.19
N ASP E 506 -60.63 -47.55 34.49
CA ASP E 506 -61.31 -46.81 35.54
C ASP E 506 -60.55 -45.56 35.96
N VAL E 507 -59.22 -45.56 35.86
CA VAL E 507 -58.48 -44.35 36.19
C VAL E 507 -58.62 -43.32 35.09
N TYR E 508 -58.65 -43.74 33.82
CA TYR E 508 -58.71 -42.83 32.69
C TYR E 508 -59.98 -43.10 31.90
N PRO E 509 -61.15 -42.81 32.47
CA PRO E 509 -62.40 -43.15 31.78
C PRO E 509 -62.64 -42.32 30.54
N ASP E 510 -62.01 -41.16 30.42
CA ASP E 510 -62.16 -40.29 29.27
C ASP E 510 -60.89 -40.20 28.44
N GLY E 511 -59.98 -41.15 28.59
CA GLY E 511 -58.73 -41.12 27.87
C GLY E 511 -57.59 -40.60 28.74
N PHE E 512 -56.38 -40.72 28.23
CA PHE E 512 -55.19 -40.24 28.91
C PHE E 512 -55.08 -38.73 28.69
N LYS E 513 -54.87 -37.98 29.77
CA LYS E 513 -54.76 -36.53 29.66
C LYS E 513 -53.38 -35.98 29.97
N GLY E 514 -52.44 -36.75 30.57
CA GLY E 514 -51.14 -36.26 30.96
C GLY E 514 -51.06 -35.98 32.45
N HIS E 515 -49.84 -35.77 32.91
CA HIS E 515 -49.59 -35.54 34.32
C HIS E 515 -50.22 -34.24 34.75
N MET E 516 -50.94 -34.26 35.86
CA MET E 516 -51.61 -33.08 36.39
C MET E 516 -50.76 -32.47 37.49
N LEU E 517 -50.50 -31.17 37.37
CA LEU E 517 -49.63 -30.50 38.33
C LEU E 517 -50.43 -29.94 39.49
N THR E 518 -49.83 -30.00 40.68
CA THR E 518 -50.37 -29.37 41.87
C THR E 518 -49.72 -28.01 42.08
N LYS E 519 -50.08 -27.34 43.17
CA LYS E 519 -49.62 -25.97 43.34
C LYS E 519 -48.10 -25.87 43.37
N SER E 520 -47.47 -26.71 44.20
CA SER E 520 -46.02 -26.67 44.35
C SER E 520 -45.30 -27.11 43.09
N GLU E 521 -45.89 -28.05 42.34
CA GLU E 521 -45.26 -28.48 41.11
C GLU E 521 -45.36 -27.42 40.03
N LYS E 522 -46.47 -26.68 39.97
CA LYS E 522 -46.55 -25.58 39.03
C LYS E 522 -45.52 -24.51 39.35
N ASN E 523 -45.29 -24.23 40.63
CA ASN E 523 -44.29 -23.22 40.99
C ASN E 523 -42.89 -23.67 40.61
N GLN E 524 -42.61 -24.97 40.77
CA GLN E 524 -41.30 -25.50 40.36
C GLN E 524 -41.13 -25.48 38.86
N LEU E 525 -42.18 -25.83 38.11
CA LEU E 525 -42.10 -25.77 36.65
C LEU E 525 -41.93 -24.35 36.15
N LEU E 526 -42.66 -23.41 36.73
CA LEU E 526 -42.51 -22.02 36.33
C LEU E 526 -41.12 -21.48 36.67
N ALA E 527 -40.60 -21.82 37.85
CA ALA E 527 -39.27 -21.37 38.24
C ALA E 527 -38.18 -21.96 37.36
N ILE E 528 -38.32 -23.24 37.01
CA ILE E 528 -37.33 -23.88 36.15
C ILE E 528 -37.36 -23.31 34.74
N ALA E 529 -38.56 -23.17 34.17
CA ALA E 529 -38.69 -22.62 32.82
C ALA E 529 -38.21 -21.18 32.74
N SER E 530 -38.47 -20.40 33.79
CA SER E 530 -38.04 -19.00 33.80
C SER E 530 -36.53 -18.89 33.98
N SER E 531 -35.95 -19.69 34.85
CA SER E 531 -34.51 -19.65 35.03
C SER E 531 -33.79 -20.16 33.79
N LEU E 532 -34.31 -21.19 33.14
CA LEU E 532 -33.69 -21.66 31.91
C LEU E 532 -33.79 -20.63 30.80
N PHE E 533 -34.94 -19.97 30.67
CA PHE E 533 -35.07 -18.88 29.72
C PHE E 533 -33.99 -17.83 29.90
N VAL E 534 -33.79 -17.36 31.14
CA VAL E 534 -32.76 -16.36 31.41
C VAL E 534 -31.36 -16.90 31.14
N ALA E 535 -31.10 -18.17 31.50
CA ALA E 535 -29.79 -18.76 31.25
C ALA E 535 -29.41 -18.66 29.78
N PHE E 536 -30.37 -18.85 28.87
CA PHE E 536 -30.09 -18.69 27.44
C PHE E 536 -29.87 -17.23 27.10
N GLN E 537 -30.65 -16.35 27.73
CA GLN E 537 -30.49 -14.92 27.47
C GLN E 537 -29.13 -14.41 27.95
N LEU E 538 -28.58 -14.99 29.00
CA LEU E 538 -27.27 -14.56 29.46
C LEU E 538 -26.16 -15.15 28.60
N ARG E 539 -26.29 -16.41 28.23
CA ARG E 539 -25.30 -17.02 27.34
C ARG E 539 -25.20 -16.24 26.04
N ALA E 540 -26.32 -15.74 25.52
CA ALA E 540 -26.31 -14.98 24.28
C ALA E 540 -25.44 -13.73 24.32
N GLN E 541 -25.06 -13.23 25.50
CA GLN E 541 -24.29 -12.00 25.61
C GLN E 541 -22.81 -12.21 25.77
N HIS E 542 -22.32 -13.44 25.82
CA HIS E 542 -20.93 -13.70 26.14
C HIS E 542 -20.17 -13.95 24.86
N PHE E 543 -19.60 -12.89 24.30
CA PHE E 543 -18.81 -12.96 23.08
C PHE E 543 -17.33 -12.87 23.40
N GLN E 544 -16.52 -13.39 22.49
CA GLN E 544 -15.10 -13.18 22.58
C GLN E 544 -14.97 -11.70 22.34
N GLU E 545 -14.10 -11.02 23.06
CA GLU E 545 -14.03 -9.57 22.97
C GLU E 545 -13.41 -9.17 21.65
N ASN E 546 -14.03 -8.22 20.96
CA ASN E 546 -13.45 -7.68 19.74
C ASN E 546 -12.72 -6.40 20.06
N SER E 547 -11.41 -6.41 19.87
CA SER E 547 -10.60 -5.28 20.28
C SER E 547 -10.94 -4.02 19.51
N ARG E 548 -11.64 -4.14 18.39
CA ARG E 548 -12.00 -2.94 17.64
C ARG E 548 -13.31 -2.35 18.13
N MET E 549 -14.22 -3.20 18.60
CA MET E 549 -15.58 -2.79 18.93
C MET E 549 -15.95 -3.32 20.31
N PRO E 550 -15.63 -2.59 21.38
CA PRO E 550 -15.87 -3.11 22.74
C PRO E 550 -17.35 -3.47 22.93
N VAL E 551 -17.58 -4.58 23.61
CA VAL E 551 -18.93 -5.07 23.90
C VAL E 551 -19.20 -4.90 25.39
N ILE E 552 -20.31 -4.25 25.72
CA ILE E 552 -20.62 -3.93 27.11
C ILE E 552 -21.85 -4.73 27.52
N LYS E 553 -21.67 -5.65 28.46
CA LYS E 553 -22.76 -6.51 28.90
C LYS E 553 -23.81 -5.70 29.65
N PRO E 554 -25.06 -5.73 29.22
CA PRO E 554 -26.12 -4.95 29.90
C PRO E 554 -26.20 -5.37 31.37
N ASP E 555 -26.31 -4.38 32.26
CA ASP E 555 -26.39 -4.62 33.69
C ASP E 555 -27.85 -4.88 34.06
N ILE E 556 -28.29 -6.11 33.79
CA ILE E 556 -29.67 -6.50 34.06
C ILE E 556 -29.74 -7.20 35.42
N ALA E 557 -30.22 -6.47 36.42
CA ALA E 557 -30.27 -7.03 37.77
C ALA E 557 -31.49 -7.94 37.93
N ASN E 558 -32.58 -7.64 37.22
CA ASN E 558 -33.80 -8.39 37.36
C ASN E 558 -34.44 -8.63 36.01
N TRP E 559 -34.94 -9.85 35.83
CA TRP E 559 -35.65 -10.26 34.65
C TRP E 559 -37.12 -10.33 34.98
N GLU E 560 -37.93 -9.46 34.41
CA GLU E 560 -39.36 -9.44 34.67
C GLU E 560 -40.07 -10.14 33.53
N LEU E 561 -40.64 -11.30 33.81
CA LEU E 561 -41.22 -12.15 32.80
C LEU E 561 -42.72 -12.33 33.01
N SER E 562 -43.40 -12.53 31.90
CA SER E 562 -44.79 -12.93 31.88
C SER E 562 -44.85 -14.32 31.28
N VAL E 563 -45.21 -15.31 32.09
CA VAL E 563 -45.07 -16.69 31.71
C VAL E 563 -46.45 -17.28 31.56
N LYS E 564 -46.82 -17.60 30.32
CA LYS E 564 -48.12 -18.13 30.02
C LYS E 564 -48.03 -19.64 29.94
N LEU E 565 -48.89 -20.33 30.65
CA LEU E 565 -49.01 -21.77 30.61
C LEU E 565 -50.25 -22.04 29.78
N HIS E 566 -51.03 -23.02 30.20
CA HIS E 566 -52.22 -23.43 29.49
C HIS E 566 -53.13 -22.27 29.29
N ASP E 567 -53.83 -21.89 30.35
CA ASP E 567 -54.77 -20.77 30.19
C ASP E 567 -54.53 -19.70 31.24
N LYS E 568 -53.39 -19.71 31.92
CA LYS E 568 -53.12 -18.74 32.97
C LYS E 568 -51.84 -18.01 32.63
N VAL E 569 -51.75 -16.76 33.05
CA VAL E 569 -50.53 -15.97 32.89
C VAL E 569 -49.99 -15.65 34.27
N HIS E 570 -48.77 -16.06 34.55
CA HIS E 570 -48.15 -15.89 35.85
C HIS E 570 -47.09 -14.80 35.80
N THR E 571 -46.92 -14.12 36.93
CA THR E 571 -45.94 -13.06 37.07
C THR E 571 -44.71 -13.62 37.76
N VAL E 572 -43.57 -13.58 37.07
CA VAL E 572 -42.33 -14.19 37.55
C VAL E 572 -41.24 -13.15 37.44
N VAL E 573 -40.48 -12.97 38.52
CA VAL E 573 -39.31 -12.10 38.51
C VAL E 573 -38.12 -12.91 38.96
N ALA E 574 -37.06 -12.92 38.17
CA ALA E 574 -35.88 -13.71 38.45
C ALA E 574 -34.65 -12.81 38.52
N SER E 575 -33.68 -13.23 39.32
CA SER E 575 -32.37 -12.60 39.35
C SER E 575 -31.32 -13.69 39.45
N ASN E 576 -30.16 -13.40 38.90
CA ASN E 576 -29.03 -14.32 38.87
C ASN E 576 -28.07 -14.02 40.01
N ASN E 577 -27.67 -15.07 40.73
CA ASN E 577 -26.63 -14.95 41.74
C ASN E 577 -25.52 -15.97 41.47
N GLY E 578 -25.15 -16.10 40.21
CA GLY E 578 -24.14 -17.08 39.83
C GLY E 578 -24.81 -18.32 39.30
N SER E 579 -24.59 -19.45 39.96
CA SER E 579 -25.14 -20.71 39.51
C SER E 579 -26.58 -20.91 39.93
N VAL E 580 -27.11 -20.03 40.78
CA VAL E 580 -28.46 -20.18 41.30
C VAL E 580 -29.28 -18.96 40.90
N PHE E 581 -30.48 -19.21 40.43
CA PHE E 581 -31.42 -18.15 40.11
C PHE E 581 -32.43 -18.06 41.22
N SER E 582 -32.64 -16.85 41.73
CA SER E 582 -33.67 -16.60 42.72
C SER E 582 -34.91 -16.14 41.98
N VAL E 583 -35.97 -16.93 42.05
CA VAL E 583 -37.14 -16.70 41.23
C VAL E 583 -38.33 -16.52 42.15
N GLU E 584 -39.08 -15.46 41.94
CA GLU E 584 -40.32 -15.23 42.67
C GLU E 584 -41.45 -15.55 41.72
N VAL E 585 -42.24 -16.56 42.05
CA VAL E 585 -43.36 -16.96 41.23
C VAL E 585 -44.65 -16.65 41.96
N ASP E 586 -45.31 -15.57 41.54
CA ASP E 586 -46.52 -15.01 42.15
C ASP E 586 -46.39 -14.87 43.67
N GLY E 587 -45.23 -14.42 44.14
CA GLY E 587 -45.01 -14.25 45.55
C GLY E 587 -44.27 -15.38 46.24
N SER E 588 -44.15 -16.54 45.61
CA SER E 588 -43.45 -17.68 46.18
C SER E 588 -41.98 -17.61 45.79
N LYS E 589 -41.10 -17.80 46.77
CA LYS E 589 -39.66 -17.74 46.55
C LYS E 589 -39.11 -19.14 46.31
N LEU E 590 -38.45 -19.32 45.17
CA LEU E 590 -37.80 -20.57 44.80
C LEU E 590 -36.35 -20.27 44.44
N ASN E 591 -35.46 -21.22 44.72
CA ASN E 591 -34.06 -21.10 44.34
C ASN E 591 -33.68 -22.27 43.47
N VAL E 592 -33.34 -22.00 42.22
CA VAL E 592 -33.04 -23.04 41.25
C VAL E 592 -31.53 -23.06 41.02
N THR E 593 -30.87 -24.13 41.43
CA THR E 593 -29.44 -24.24 41.35
C THR E 593 -29.10 -25.30 40.31
N SER E 594 -28.14 -25.02 39.46
CA SER E 594 -27.71 -25.99 38.47
C SER E 594 -26.34 -25.56 37.94
N THR E 595 -25.76 -26.41 37.11
CA THR E 595 -24.61 -26.04 36.32
C THR E 595 -24.97 -25.39 35.00
N TRP E 596 -26.23 -25.56 34.56
CA TRP E 596 -26.79 -24.92 33.37
C TRP E 596 -25.95 -25.18 32.13
N ASN E 597 -25.61 -26.43 31.89
CA ASN E 597 -25.03 -26.85 30.62
C ASN E 597 -26.15 -26.95 29.62
N LEU E 598 -26.18 -26.00 28.69
CA LEU E 598 -27.33 -25.79 27.81
C LEU E 598 -27.34 -26.68 26.58
N ALA E 599 -26.33 -27.52 26.39
CA ALA E 599 -26.27 -28.39 25.22
C ALA E 599 -26.74 -29.79 25.52
N SER E 600 -26.70 -30.21 26.77
CA SER E 600 -27.01 -31.58 27.13
C SER E 600 -28.49 -31.85 26.96
N PRO E 601 -28.87 -33.05 26.50
CA PRO E 601 -30.30 -33.38 26.46
C PRO E 601 -30.92 -33.54 27.84
N LEU E 602 -30.13 -33.74 28.87
CA LEU E 602 -30.66 -33.91 30.22
C LEU E 602 -30.13 -32.81 31.10
N LEU E 603 -31.02 -31.95 31.59
CA LEU E 603 -30.60 -30.88 32.47
C LEU E 603 -31.03 -31.18 33.88
N SER E 604 -30.07 -31.26 34.77
CA SER E 604 -30.31 -31.58 36.18
C SER E 604 -30.34 -30.28 36.97
N VAL E 605 -31.44 -30.06 37.68
CA VAL E 605 -31.61 -28.85 38.47
C VAL E 605 -32.03 -29.25 39.87
N SER E 606 -31.79 -28.35 40.82
CA SER E 606 -32.21 -28.52 42.21
C SER E 606 -33.04 -27.31 42.56
N VAL E 607 -34.30 -27.53 42.90
CA VAL E 607 -35.21 -26.45 43.21
C VAL E 607 -35.64 -26.56 44.68
N ASP E 608 -35.10 -25.66 45.51
CA ASP E 608 -35.29 -25.63 46.96
C ASP E 608 -35.01 -26.97 47.62
N GLY E 609 -33.96 -27.63 47.15
CA GLY E 609 -33.55 -28.88 47.74
C GLY E 609 -34.16 -30.08 47.05
N THR E 610 -35.13 -29.83 46.16
CA THR E 610 -35.80 -30.90 45.45
C THR E 610 -35.06 -31.17 44.15
N GLN E 611 -34.65 -32.42 43.94
CA GLN E 611 -33.88 -32.77 42.76
C GLN E 611 -34.81 -33.11 41.61
N ARG E 612 -34.66 -32.39 40.49
CA ARG E 612 -35.46 -32.62 39.30
C ARG E 612 -34.57 -32.83 38.10
N THR E 613 -35.05 -33.63 37.15
CA THR E 613 -34.46 -33.74 35.82
C THR E 613 -35.49 -33.29 34.81
N VAL E 614 -35.10 -32.38 33.92
CA VAL E 614 -35.99 -31.87 32.91
C VAL E 614 -35.31 -31.97 31.56
N GLN E 615 -36.11 -31.92 30.50
CA GLN E 615 -35.57 -31.90 29.15
C GLN E 615 -36.18 -30.73 28.40
N CYS E 616 -35.34 -29.94 27.73
CA CYS E 616 -35.85 -28.88 26.86
C CYS E 616 -35.86 -29.40 25.43
N LEU E 617 -37.04 -29.49 24.83
CA LEU E 617 -37.15 -30.20 23.56
C LEU E 617 -37.04 -29.25 22.38
N SER E 618 -37.52 -28.03 22.55
CA SER E 618 -37.51 -27.02 21.50
C SER E 618 -37.53 -25.64 22.13
N ARG E 619 -37.03 -24.67 21.38
CA ARG E 619 -37.04 -23.28 21.82
C ARG E 619 -37.34 -22.41 20.62
N GLU E 620 -38.09 -21.35 20.81
CA GLU E 620 -38.29 -20.37 19.77
C GLU E 620 -37.94 -18.99 20.28
N ALA E 621 -37.54 -18.12 19.34
CA ALA E 621 -37.24 -16.75 19.68
C ALA E 621 -38.44 -16.01 20.24
N GLY E 622 -39.65 -16.44 19.89
CA GLY E 622 -40.86 -15.77 20.33
C GLY E 622 -41.27 -16.06 21.75
N GLY E 623 -40.46 -16.84 22.48
CA GLY E 623 -40.69 -17.16 23.85
C GLY E 623 -41.24 -18.55 24.08
N ASN E 624 -41.66 -19.23 23.02
CA ASN E 624 -42.20 -20.57 23.14
C ASN E 624 -41.10 -21.55 23.53
N MET E 625 -41.37 -22.34 24.54
CA MET E 625 -40.43 -23.39 24.93
C MET E 625 -41.23 -24.66 25.16
N SER E 626 -40.68 -25.80 24.77
CA SER E 626 -41.27 -27.09 25.07
C SER E 626 -40.40 -27.79 26.09
N ILE E 627 -40.91 -28.00 27.28
CA ILE E 627 -40.15 -28.53 28.39
C ILE E 627 -40.85 -29.79 28.88
N GLN E 628 -40.11 -30.86 29.03
CA GLN E 628 -40.69 -32.08 29.57
C GLN E 628 -40.39 -32.11 31.06
N PHE E 629 -41.45 -32.20 31.84
CA PHE E 629 -41.41 -32.14 33.29
C PHE E 629 -42.25 -33.30 33.79
N LEU E 630 -41.61 -34.21 34.54
CA LEU E 630 -42.21 -35.45 35.06
C LEU E 630 -42.83 -36.29 33.95
N GLY E 631 -42.17 -36.34 32.81
CA GLY E 631 -42.65 -37.14 31.72
C GLY E 631 -43.62 -36.45 30.77
N THR E 632 -44.21 -35.34 31.17
CA THR E 632 -45.23 -34.70 30.34
C THR E 632 -44.65 -33.44 29.70
N VAL E 633 -44.93 -33.24 28.44
CA VAL E 633 -44.44 -32.06 27.77
C VAL E 633 -45.42 -30.91 27.98
N TYR E 634 -44.91 -29.81 28.51
CA TYR E 634 -45.70 -28.62 28.77
C TYR E 634 -45.25 -27.55 27.82
N LYS E 635 -46.19 -26.76 27.32
CA LYS E 635 -45.89 -25.66 26.42
C LYS E 635 -45.93 -24.36 27.21
N VAL E 636 -44.83 -23.63 27.23
CA VAL E 636 -44.82 -22.38 27.94
C VAL E 636 -44.31 -21.27 27.02
N ASN E 637 -44.95 -20.12 27.09
CA ASN E 637 -44.57 -18.97 26.28
C ASN E 637 -44.07 -17.90 27.25
N ILE E 638 -42.79 -17.62 27.19
CA ILE E 638 -42.17 -16.67 28.10
C ILE E 638 -41.86 -15.39 27.34
N LEU E 639 -42.52 -14.31 27.71
CA LEU E 639 -42.26 -13.02 27.13
C LEU E 639 -41.68 -12.13 28.21
N THR E 640 -40.93 -11.13 27.79
CA THR E 640 -40.51 -10.11 28.73
C THR E 640 -41.70 -9.22 29.05
N ARG E 641 -41.61 -8.51 30.16
CA ARG E 641 -42.70 -7.62 30.55
C ARG E 641 -43.13 -6.73 29.38
N LEU E 642 -42.16 -6.14 28.68
CA LEU E 642 -42.48 -5.19 27.62
C LEU E 642 -43.16 -5.89 26.45
N ALA E 643 -42.63 -7.03 26.03
CA ALA E 643 -43.24 -7.78 24.93
C ALA E 643 -44.64 -8.22 25.27
N ALA E 644 -44.87 -8.67 26.50
CA ALA E 644 -46.21 -9.09 26.88
C ALA E 644 -47.18 -7.92 26.94
N GLU E 645 -46.73 -6.76 27.42
CA GLU E 645 -47.65 -5.64 27.47
C GLU E 645 -48.05 -5.14 26.08
N LEU E 646 -47.12 -5.15 25.12
CA LEU E 646 -47.46 -4.69 23.78
C LEU E 646 -48.13 -5.76 22.94
N ASN E 647 -47.87 -7.03 23.21
CA ASN E 647 -48.45 -8.10 22.42
C ASN E 647 -49.97 -8.09 22.44
N LYS E 648 -50.59 -7.45 23.43
CA LYS E 648 -52.05 -7.39 23.50
C LYS E 648 -52.65 -6.63 22.33
N PHE E 649 -51.83 -5.87 21.59
CA PHE E 649 -52.34 -5.09 20.49
C PHE E 649 -52.35 -5.85 19.19
N MET E 650 -51.94 -7.11 19.21
CA MET E 650 -51.87 -7.90 17.98
C MET E 650 -53.25 -8.50 17.71
N LEU E 651 -53.59 -8.60 16.44
CA LEU E 651 -54.88 -9.16 16.07
C LEU E 651 -54.83 -10.68 16.15
N GLU E 652 -55.85 -11.26 16.77
CA GLU E 652 -55.89 -12.71 16.98
C GLU E 652 -56.46 -13.34 15.74
N LYS E 653 -55.68 -13.35 14.67
CA LYS E 653 -56.12 -14.01 13.44
C LYS E 653 -55.96 -15.52 13.59
N VAL E 654 -56.96 -16.25 13.13
CA VAL E 654 -56.92 -17.70 13.16
C VAL E 654 -57.07 -18.29 11.75
N THR E 655 -56.18 -19.19 11.40
CA THR E 655 -56.22 -19.85 10.09
C THR E 655 -56.81 -21.25 10.22
N GLU E 656 -57.15 -21.87 9.08
CA GLU E 656 -57.74 -23.20 9.09
C GLU E 656 -56.69 -24.31 9.04
N ASP E 657 -56.91 -25.36 9.83
CA ASP E 657 -56.06 -26.54 9.81
C ASP E 657 -56.63 -27.49 8.77
N THR E 658 -55.92 -27.67 7.67
CA THR E 658 -56.42 -28.45 6.53
C THR E 658 -55.50 -29.66 6.38
N SER E 659 -55.24 -30.32 7.51
CA SER E 659 -54.36 -31.46 7.53
C SER E 659 -55.01 -32.71 6.97
N SER E 660 -56.31 -32.69 6.71
CA SER E 660 -56.98 -33.81 6.09
C SER E 660 -56.89 -33.79 4.57
N VAL E 661 -56.38 -32.71 3.98
CA VAL E 661 -56.36 -32.56 2.53
C VAL E 661 -54.94 -32.77 2.03
N LEU E 662 -54.69 -33.93 1.42
CA LEU E 662 -53.35 -34.35 1.04
C LEU E 662 -53.18 -34.12 -0.45
N ARG E 663 -52.30 -33.21 -0.82
CA ARG E 663 -52.11 -32.80 -2.21
C ARG E 663 -50.72 -33.18 -2.67
N SER E 664 -50.56 -33.30 -3.98
CA SER E 664 -49.28 -33.68 -4.57
C SER E 664 -48.27 -32.54 -4.42
N PRO E 665 -47.10 -32.79 -3.81
CA PRO E 665 -46.11 -31.72 -3.69
C PRO E 665 -45.25 -31.55 -4.93
N MET E 666 -45.43 -32.42 -5.92
CA MET E 666 -44.51 -32.52 -7.04
C MET E 666 -45.20 -33.23 -8.19
N PRO E 667 -45.10 -32.70 -9.40
CA PRO E 667 -45.72 -33.34 -10.55
C PRO E 667 -45.04 -34.67 -10.90
N GLY E 668 -45.82 -35.57 -11.48
CA GLY E 668 -45.32 -36.87 -11.87
C GLY E 668 -46.39 -37.94 -11.92
N VAL E 669 -45.99 -39.21 -12.06
CA VAL E 669 -46.94 -40.30 -12.16
C VAL E 669 -47.05 -41.01 -10.80
N VAL E 670 -48.28 -41.30 -10.41
CA VAL E 670 -48.58 -42.04 -9.18
C VAL E 670 -48.29 -43.52 -9.40
N VAL E 671 -47.37 -44.06 -8.59
CA VAL E 671 -46.93 -45.45 -8.74
C VAL E 671 -47.46 -46.34 -7.62
N ALA E 672 -47.83 -45.77 -6.47
CA ALA E 672 -48.41 -46.57 -5.40
C ALA E 672 -49.36 -45.73 -4.57
N VAL E 673 -50.45 -46.35 -4.11
CA VAL E 673 -51.30 -45.78 -3.06
C VAL E 673 -51.48 -46.86 -2.02
N SER E 674 -51.16 -46.53 -0.77
CA SER E 674 -51.11 -47.54 0.28
C SER E 674 -52.48 -47.81 0.86
N VAL E 675 -53.41 -46.95 0.47
CA VAL E 675 -54.75 -46.91 0.99
C VAL E 675 -55.89 -46.92 -0.03
N LYS E 676 -57.02 -47.28 0.55
CA LYS E 676 -58.41 -47.22 0.10
C LYS E 676 -59.27 -46.59 1.19
N PRO E 677 -60.47 -46.06 0.86
CA PRO E 677 -61.35 -45.50 1.91
C PRO E 677 -61.61 -46.48 3.05
N GLY E 678 -61.50 -45.98 4.29
CA GLY E 678 -61.69 -46.81 5.46
C GLY E 678 -60.40 -47.30 6.07
N ASP E 679 -59.29 -47.22 5.33
CA ASP E 679 -58.00 -47.64 5.85
C ASP E 679 -57.58 -46.71 6.98
N ALA E 680 -56.94 -47.29 7.98
CA ALA E 680 -56.39 -46.51 9.09
C ALA E 680 -55.16 -45.75 8.62
N VAL E 681 -54.98 -44.54 9.14
CA VAL E 681 -53.84 -43.71 8.83
C VAL E 681 -53.22 -43.23 10.14
N ALA E 682 -51.91 -43.43 10.28
CA ALA E 682 -51.13 -42.85 11.36
C ALA E 682 -50.42 -41.59 10.88
N GLU E 683 -50.06 -40.74 11.84
CA GLU E 683 -49.25 -39.56 11.55
C GLU E 683 -47.88 -40.00 11.06
N GLY E 684 -47.46 -39.45 9.92
CA GLY E 684 -46.22 -39.83 9.28
C GLY E 684 -46.33 -41.04 8.39
N GLN E 685 -47.54 -41.60 8.25
CA GLN E 685 -47.76 -42.79 7.46
C GLN E 685 -47.68 -42.45 5.97
N GLU E 686 -46.95 -43.26 5.22
CA GLU E 686 -46.92 -43.09 3.77
C GLU E 686 -48.28 -43.38 3.17
N ILE E 687 -48.74 -42.49 2.31
CA ILE E 687 -50.05 -42.64 1.68
C ILE E 687 -49.85 -42.89 0.19
N CYS E 688 -49.13 -41.98 -0.47
CA CYS E 688 -48.95 -42.05 -1.91
C CYS E 688 -47.48 -41.90 -2.25
N VAL E 689 -47.08 -42.51 -3.36
CA VAL E 689 -45.76 -42.32 -3.92
C VAL E 689 -45.89 -41.84 -5.37
N ILE E 690 -45.21 -40.73 -5.67
CA ILE E 690 -45.20 -40.16 -7.00
C ILE E 690 -43.86 -40.51 -7.62
N GLU E 691 -43.77 -40.53 -8.94
CA GLU E 691 -42.52 -40.88 -9.59
C GLU E 691 -42.15 -39.98 -10.77
N ALA E 692 -41.22 -39.05 -10.53
CA ALA E 692 -40.77 -38.15 -11.58
C ALA E 692 -39.27 -38.01 -11.52
N MET E 693 -38.64 -37.93 -12.71
CA MET E 693 -37.20 -37.93 -12.90
C MET E 693 -36.58 -39.12 -12.17
N LYS E 694 -37.27 -40.27 -12.33
CA LYS E 694 -37.08 -41.60 -11.76
C LYS E 694 -36.60 -41.55 -10.32
N MET E 695 -37.47 -40.98 -9.49
CA MET E 695 -37.33 -40.96 -8.04
C MET E 695 -38.68 -41.40 -7.44
N GLN E 696 -38.73 -41.49 -6.12
CA GLN E 696 -39.95 -41.91 -5.44
C GLN E 696 -40.40 -40.96 -4.33
N ASN E 697 -40.82 -39.76 -4.71
CA ASN E 697 -41.29 -38.79 -3.74
C ASN E 697 -42.41 -39.41 -2.93
N SER E 698 -42.23 -39.50 -1.61
CA SER E 698 -43.23 -40.12 -0.76
C SER E 698 -44.05 -39.05 -0.04
N MET E 699 -45.37 -39.14 -0.17
CA MET E 699 -46.30 -38.22 0.50
C MET E 699 -46.89 -38.92 1.71
N THR E 700 -46.75 -38.29 2.87
CA THR E 700 -47.22 -38.85 4.13
C THR E 700 -48.41 -38.06 4.68
N ALA E 701 -49.17 -38.69 5.56
CA ALA E 701 -50.31 -38.04 6.22
C ALA E 701 -49.85 -37.19 7.39
N GLY E 702 -50.51 -36.05 7.59
CA GLY E 702 -50.33 -35.28 8.80
C GLY E 702 -51.41 -35.43 9.84
N LYS E 703 -52.30 -36.40 9.66
CA LYS E 703 -53.45 -36.54 10.54
C LYS E 703 -53.71 -38.01 10.79
N THR E 704 -54.08 -38.34 12.03
CA THR E 704 -54.46 -39.70 12.37
C THR E 704 -55.95 -39.83 12.11
N GLY E 705 -56.38 -40.96 11.59
CA GLY E 705 -57.76 -41.20 11.28
C GLY E 705 -57.91 -42.32 10.30
N THR E 706 -58.91 -42.21 9.43
CA THR E 706 -59.15 -43.16 8.36
C THR E 706 -59.29 -42.37 7.06
N VAL E 707 -59.12 -43.04 5.94
CA VAL E 707 -59.25 -42.35 4.66
C VAL E 707 -60.72 -42.20 4.27
N LYS E 708 -61.09 -41.01 3.82
CA LYS E 708 -62.46 -40.78 3.37
C LYS E 708 -62.59 -41.04 1.87
N SER E 709 -61.62 -40.59 1.09
CA SER E 709 -61.64 -40.79 -0.35
C SER E 709 -60.24 -40.81 -0.91
N VAL E 710 -60.03 -41.66 -1.91
CA VAL E 710 -58.78 -41.69 -2.65
C VAL E 710 -59.09 -41.12 -4.02
N HIS E 711 -58.51 -39.96 -4.33
CA HIS E 711 -58.86 -39.22 -5.53
C HIS E 711 -58.00 -39.56 -6.73
N CYS E 712 -56.74 -39.93 -6.52
CA CYS E 712 -55.86 -40.32 -7.61
C CYS E 712 -55.35 -41.73 -7.38
N GLN E 713 -55.37 -42.54 -8.43
CA GLN E 713 -54.98 -43.94 -8.35
C GLN E 713 -53.62 -44.15 -9.01
N ALA E 714 -52.98 -45.28 -8.70
CA ALA E 714 -51.72 -45.66 -9.35
C ALA E 714 -51.94 -45.74 -10.85
N GLY E 715 -51.03 -45.14 -11.63
CA GLY E 715 -51.16 -45.11 -13.07
C GLY E 715 -51.66 -43.77 -13.58
N ASP E 716 -52.23 -42.98 -12.69
CA ASP E 716 -52.72 -41.64 -13.03
C ASP E 716 -51.53 -40.67 -13.05
N THR E 717 -51.65 -39.61 -13.84
CA THR E 717 -50.63 -38.56 -13.82
C THR E 717 -51.17 -37.32 -13.14
N VAL E 718 -50.38 -36.74 -12.22
CA VAL E 718 -50.86 -35.62 -11.43
C VAL E 718 -49.88 -34.47 -11.53
N GLY E 719 -50.37 -33.25 -11.31
CA GLY E 719 -49.53 -32.08 -11.26
C GLY E 719 -49.33 -31.56 -9.84
N GLU E 720 -48.67 -30.41 -9.76
CA GLU E 720 -48.41 -29.80 -8.46
C GLU E 720 -49.70 -29.21 -7.90
N GLY E 721 -50.03 -29.58 -6.66
CA GLY E 721 -51.23 -29.11 -6.02
C GLY E 721 -52.46 -29.96 -6.20
N ASP E 722 -52.43 -30.97 -7.08
CA ASP E 722 -53.59 -31.82 -7.28
C ASP E 722 -53.87 -32.66 -6.04
N LEU E 723 -55.16 -32.89 -5.81
CA LEU E 723 -55.59 -33.64 -4.64
C LEU E 723 -55.40 -35.13 -4.86
N LEU E 724 -54.70 -35.77 -3.94
CA LEU E 724 -54.45 -37.21 -4.01
C LEU E 724 -55.38 -38.00 -3.13
N VAL E 725 -55.47 -37.67 -1.84
CA VAL E 725 -56.26 -38.42 -0.87
C VAL E 725 -56.90 -37.44 0.11
N GLU E 726 -58.11 -37.74 0.56
CA GLU E 726 -58.79 -36.92 1.54
C GLU E 726 -59.13 -37.76 2.77
N LEU E 727 -58.70 -37.26 3.92
CA LEU E 727 -58.89 -37.98 5.17
C LEU E 727 -60.16 -37.49 5.86
N GLU E 728 -60.66 -38.32 6.77
CA GLU E 728 -61.75 -37.93 7.65
C GLU E 728 -61.23 -37.05 8.78
N THR F 33 -43.30 32.61 28.05
CA THR F 33 -42.86 31.23 27.87
C THR F 33 -41.35 31.12 27.81
N SER F 34 -40.77 30.32 28.69
CA SER F 34 -39.33 30.14 28.73
C SER F 34 -38.92 29.16 27.65
N VAL F 35 -37.61 29.12 27.36
CA VAL F 35 -37.10 28.17 26.39
C VAL F 35 -37.27 26.74 26.87
N ASN F 36 -37.16 26.51 28.19
CA ASN F 36 -37.32 25.17 28.73
C ASN F 36 -38.74 24.66 28.55
N GLU F 37 -39.73 25.54 28.61
CA GLU F 37 -41.11 25.11 28.41
C GLU F 37 -41.33 24.70 26.97
N ARG F 38 -40.76 25.47 26.05
CA ARG F 38 -40.89 25.18 24.63
C ARG F 38 -40.22 23.84 24.29
N ILE F 39 -39.08 23.60 24.91
CA ILE F 39 -38.33 22.36 24.73
C ILE F 39 -39.14 21.16 25.22
N GLU F 40 -39.71 21.28 26.41
CA GLU F 40 -40.55 20.21 26.95
C GLU F 40 -41.77 19.95 26.07
N ASN F 41 -42.38 21.01 25.54
CA ASN F 41 -43.53 20.83 24.66
C ASN F 41 -43.17 20.12 23.37
N LYS F 42 -41.96 20.37 22.86
CA LYS F 42 -41.51 19.70 21.65
C LYS F 42 -41.19 18.22 21.91
N ARG F 43 -40.67 17.92 23.09
CA ARG F 43 -40.32 16.56 23.48
C ARG F 43 -41.62 15.74 23.54
N ARG F 44 -42.65 16.28 24.19
CA ARG F 44 -43.94 15.61 24.30
C ARG F 44 -44.57 15.35 22.94
N THR F 45 -44.52 16.34 22.04
CA THR F 45 -45.04 16.11 20.70
C THR F 45 -44.21 15.11 19.91
N ALA F 46 -42.88 15.17 20.02
CA ALA F 46 -42.06 14.20 19.29
C ALA F 46 -42.38 12.79 19.69
N LEU F 47 -42.69 12.56 20.97
CA LEU F 47 -43.06 11.23 21.42
C LEU F 47 -44.42 10.82 20.89
N LEU F 48 -45.37 11.74 20.85
CA LEU F 48 -46.67 11.39 20.26
C LEU F 48 -46.59 11.26 18.76
N GLY F 49 -45.69 11.97 18.11
CA GLY F 49 -45.55 11.88 16.66
C GLY F 49 -46.77 12.45 15.95
N GLY F 50 -47.52 11.58 15.29
CA GLY F 50 -48.73 11.98 14.59
C GLY F 50 -49.91 12.26 15.48
N GLY F 51 -49.80 12.03 16.78
CA GLY F 51 -50.88 12.30 17.69
C GLY F 51 -51.51 11.02 18.22
N GLN F 52 -52.15 11.15 19.39
CA GLN F 52 -52.70 10.01 20.10
C GLN F 52 -53.80 9.30 19.32
N ARG F 53 -54.58 10.03 18.55
CA ARG F 53 -55.67 9.42 17.80
C ARG F 53 -55.13 8.55 16.66
N ARG F 54 -54.03 8.95 16.06
CA ARG F 54 -53.44 8.14 15.03
C ARG F 54 -52.77 6.94 15.71
N ILE F 55 -52.11 7.15 16.85
CA ILE F 55 -51.55 6.02 17.59
C ILE F 55 -52.64 5.00 17.92
N ASP F 56 -53.79 5.49 18.38
CA ASP F 56 -54.92 4.60 18.62
C ASP F 56 -55.27 3.78 17.39
N ALA F 57 -55.36 4.42 16.23
CA ALA F 57 -55.63 3.69 14.99
C ALA F 57 -54.51 2.71 14.66
N GLN F 58 -53.26 3.10 14.92
CA GLN F 58 -52.11 2.23 14.70
C GLN F 58 -52.27 0.91 15.42
N HIS F 59 -52.72 0.95 16.67
CA HIS F 59 -52.97 -0.26 17.44
C HIS F 59 -54.20 -1.01 16.98
N LYS F 60 -55.24 -0.30 16.56
CA LYS F 60 -56.45 -0.94 16.08
C LYS F 60 -56.16 -1.83 14.89
N ARG F 61 -55.24 -1.40 14.06
CA ARG F 61 -54.79 -2.13 12.87
C ARG F 61 -53.90 -3.29 13.22
N GLY F 62 -53.49 -3.38 14.48
CA GLY F 62 -52.61 -4.46 14.88
C GLY F 62 -51.13 -4.18 14.67
N LYS F 63 -50.74 -2.91 14.68
CA LYS F 63 -49.37 -2.50 14.46
C LYS F 63 -48.85 -1.76 15.68
N LEU F 64 -47.55 -1.84 15.90
CA LEU F 64 -46.88 -1.09 16.95
C LEU F 64 -46.39 0.23 16.39
N THR F 65 -46.14 1.19 17.26
CA THR F 65 -45.59 2.41 16.71
C THR F 65 -44.09 2.24 16.48
N ALA F 66 -43.50 3.19 15.75
CA ALA F 66 -42.07 3.19 15.46
C ALA F 66 -41.21 3.20 16.72
N ARG F 67 -41.61 3.95 17.73
CA ARG F 67 -40.86 3.95 18.98
C ARG F 67 -41.07 2.68 19.78
N GLU F 68 -42.28 2.10 19.78
CA GLU F 68 -42.47 0.85 20.49
C GLU F 68 -41.65 -0.26 19.85
N ARG F 69 -41.55 -0.27 18.52
CA ARG F 69 -40.73 -1.26 17.85
C ARG F 69 -39.27 -1.14 18.24
N ILE F 70 -38.74 0.08 18.31
CA ILE F 70 -37.34 0.15 18.74
C ILE F 70 -37.15 -0.34 20.16
N SER F 71 -38.03 0.03 21.09
CA SER F 71 -37.87 -0.39 22.47
C SER F 71 -37.79 -1.91 22.58
N LEU F 72 -38.56 -2.62 21.76
CA LEU F 72 -38.48 -4.07 21.75
C LEU F 72 -37.19 -4.58 21.15
N LEU F 73 -36.69 -3.91 20.10
CA LEU F 73 -35.56 -4.44 19.37
C LEU F 73 -34.26 -4.33 20.15
N LEU F 74 -34.01 -3.20 20.79
CA LEU F 74 -32.73 -2.92 21.38
C LEU F 74 -32.71 -3.23 22.86
N ASP F 75 -31.52 -3.44 23.39
CA ASP F 75 -31.32 -3.62 24.80
C ASP F 75 -31.97 -2.48 25.57
N PRO F 76 -32.70 -2.78 26.65
CA PRO F 76 -33.38 -1.71 27.41
C PRO F 76 -32.42 -0.61 27.82
N GLY F 77 -32.79 0.63 27.50
CA GLY F 77 -32.04 1.77 27.95
C GLY F 77 -30.85 2.11 27.10
N SER F 78 -30.56 1.30 26.09
CA SER F 78 -29.40 1.50 25.25
C SER F 78 -29.61 2.48 24.11
N PHE F 79 -30.84 2.86 23.82
CA PHE F 79 -31.15 3.66 22.64
C PHE F 79 -30.94 5.14 22.93
N VAL F 80 -30.21 5.81 22.05
CA VAL F 80 -30.03 7.26 22.12
C VAL F 80 -30.55 7.86 20.83
N GLU F 81 -31.56 8.71 20.95
CA GLU F 81 -32.21 9.36 19.83
C GLU F 81 -31.43 10.58 19.37
N SER F 82 -31.32 10.75 18.06
CA SER F 82 -30.62 11.86 17.45
C SER F 82 -31.63 12.71 16.71
N ASP F 83 -31.34 14.02 16.61
CA ASP F 83 -32.07 14.98 15.79
C ASP F 83 -33.58 14.94 16.03
N MET F 84 -33.96 14.83 17.30
CA MET F 84 -35.38 14.71 17.62
C MET F 84 -36.12 16.01 17.34
N PHE F 85 -35.43 17.14 17.23
CA PHE F 85 -36.07 18.43 17.09
C PHE F 85 -36.03 18.95 15.66
N VAL F 86 -35.66 18.15 14.70
CA VAL F 86 -35.58 18.61 13.33
C VAL F 86 -36.96 18.59 12.69
N GLU F 87 -37.28 19.67 11.99
CA GLU F 87 -38.54 19.81 11.28
C GLU F 87 -38.28 20.18 9.84
N HIS F 88 -39.27 19.91 8.99
CA HIS F 88 -39.17 20.25 7.57
C HIS F 88 -39.09 21.77 7.37
N ARG F 89 -38.63 22.07 6.17
CA ARG F 89 -38.49 23.40 5.66
C ARG F 89 -39.23 23.43 4.33
N CYS F 90 -40.53 23.19 4.37
CA CYS F 90 -41.36 23.20 3.17
C CYS F 90 -42.28 24.39 3.23
N ALA F 91 -42.71 24.89 2.08
CA ALA F 91 -43.56 26.06 2.08
C ALA F 91 -44.73 26.07 1.12
N ASP F 92 -44.73 25.22 0.10
CA ASP F 92 -45.84 25.23 -0.84
C ASP F 92 -46.98 24.28 -0.48
N PHE F 93 -48.19 24.68 -0.81
CA PHE F 93 -49.38 23.90 -0.53
C PHE F 93 -49.86 24.07 0.89
N GLY F 94 -49.36 25.10 1.54
CA GLY F 94 -49.74 25.37 2.91
C GLY F 94 -49.16 24.35 3.83
N MET F 95 -48.03 23.77 3.43
CA MET F 95 -47.36 22.78 4.24
C MET F 95 -46.51 23.47 5.29
N ALA F 96 -46.54 24.79 5.29
CA ALA F 96 -45.76 25.56 6.23
C ALA F 96 -46.67 26.13 7.29
N ALA F 97 -47.80 25.45 7.48
CA ALA F 97 -48.70 25.78 8.55
C ALA F 97 -48.40 24.98 9.85
N ASP F 98 -48.70 25.66 10.95
CA ASP F 98 -48.52 25.14 12.28
C ASP F 98 -49.08 23.73 12.41
N LYS F 99 -50.32 23.56 11.99
CA LYS F 99 -50.94 22.25 12.09
C LYS F 99 -50.26 21.27 11.18
N ASN F 100 -49.20 21.72 10.52
CA ASN F 100 -48.49 20.88 9.59
C ASN F 100 -47.08 20.52 10.00
N LYS F 101 -46.51 21.26 10.93
CA LYS F 101 -45.15 20.90 11.37
C LYS F 101 -45.09 19.90 12.55
N PHE F 102 -44.29 18.83 12.44
CA PHE F 102 -44.14 17.84 13.47
C PHE F 102 -42.67 17.67 13.73
N PRO F 103 -42.30 17.41 14.97
CA PRO F 103 -40.88 17.17 15.26
C PRO F 103 -40.52 15.72 14.95
N GLY F 104 -39.37 15.54 14.34
CA GLY F 104 -38.93 14.21 13.97
C GLY F 104 -39.15 13.90 12.52
N ASP F 105 -40.10 14.61 11.89
CA ASP F 105 -40.40 14.52 10.46
C ASP F 105 -40.43 13.07 9.98
N SER F 106 -41.24 12.28 10.69
CA SER F 106 -41.68 10.94 10.32
C SER F 106 -40.61 9.85 10.40
N VAL F 107 -39.48 10.08 11.04
CA VAL F 107 -38.52 9.01 11.26
C VAL F 107 -37.97 9.14 12.68
N VAL F 108 -37.72 8.00 13.30
CA VAL F 108 -37.00 7.93 14.57
C VAL F 108 -35.64 7.34 14.27
N THR F 109 -34.59 8.08 14.60
CA THR F 109 -33.23 7.66 14.31
C THR F 109 -32.43 7.64 15.61
N GLY F 110 -31.43 6.77 15.66
CA GLY F 110 -30.55 6.77 16.81
C GLY F 110 -29.70 5.53 16.85
N ARG F 111 -29.01 5.34 17.96
CA ARG F 111 -28.10 4.22 18.09
C ARG F 111 -28.36 3.47 19.38
N GLY F 112 -27.95 2.21 19.40
CA GLY F 112 -28.03 1.42 20.61
C GLY F 112 -27.21 0.17 20.49
N ARG F 113 -27.57 -0.82 21.30
CA ARG F 113 -26.88 -2.10 21.34
C ARG F 113 -27.89 -3.24 21.38
N ILE F 114 -27.51 -4.37 20.82
CA ILE F 114 -28.24 -5.61 20.98
C ILE F 114 -27.25 -6.59 21.59
N ASN F 115 -27.55 -7.03 22.81
CA ASN F 115 -26.69 -7.91 23.63
C ASN F 115 -25.30 -7.34 23.81
N GLY F 116 -25.20 -6.04 24.02
CA GLY F 116 -23.93 -5.39 24.20
C GLY F 116 -23.22 -4.99 22.93
N ARG F 117 -23.75 -5.33 21.76
CA ARG F 117 -23.05 -5.03 20.52
C ARG F 117 -23.67 -3.83 19.84
N LEU F 118 -22.82 -2.91 19.40
CA LEU F 118 -23.27 -1.66 18.82
C LEU F 118 -24.02 -1.89 17.52
N VAL F 119 -25.17 -1.22 17.38
CA VAL F 119 -25.92 -1.25 16.15
C VAL F 119 -26.62 0.10 15.99
N TYR F 120 -26.77 0.54 14.74
CA TYR F 120 -27.52 1.74 14.41
C TYR F 120 -28.89 1.32 13.87
N VAL F 121 -29.92 2.09 14.19
CA VAL F 121 -31.26 1.81 13.72
C VAL F 121 -31.92 3.09 13.22
N PHE F 122 -32.96 2.89 12.42
CA PHE F 122 -33.94 3.94 12.18
C PHE F 122 -35.27 3.25 11.91
N SER F 123 -36.35 3.97 12.18
CA SER F 123 -37.67 3.41 11.97
C SER F 123 -38.57 4.50 11.41
N GLN F 124 -39.31 4.18 10.36
CA GLN F 124 -40.21 5.13 9.75
C GLN F 124 -41.55 5.12 10.47
N ASP F 125 -42.10 6.31 10.71
CA ASP F 125 -43.33 6.50 11.47
C ASP F 125 -44.48 6.77 10.52
N PHE F 126 -45.38 5.80 10.39
CA PHE F 126 -46.48 5.92 9.43
C PHE F 126 -47.53 6.94 9.84
N THR F 127 -47.54 7.38 11.09
CA THR F 127 -48.62 8.24 11.55
C THR F 127 -48.38 9.70 11.21
N VAL F 128 -47.20 10.01 10.67
CA VAL F 128 -46.86 11.39 10.33
C VAL F 128 -46.74 11.52 8.82
N PHE F 129 -47.74 12.10 8.21
CA PHE F 129 -47.76 12.21 6.78
C PHE F 129 -47.70 10.86 6.12
N GLY F 130 -48.36 9.87 6.71
CA GLY F 130 -48.37 8.58 6.08
C GLY F 130 -47.04 7.90 5.98
N GLY F 131 -46.02 8.44 6.64
CA GLY F 131 -44.68 7.88 6.58
C GLY F 131 -43.95 8.27 5.30
N SER F 132 -44.49 9.24 4.59
CA SER F 132 -43.92 9.67 3.33
C SER F 132 -42.54 10.27 3.51
N LEU F 133 -41.72 10.23 2.47
CA LEU F 133 -40.33 10.66 2.55
C LEU F 133 -40.17 12.12 2.15
N SER F 134 -39.55 12.91 3.02
CA SER F 134 -39.24 14.29 2.71
C SER F 134 -37.74 14.44 2.50
N GLY F 135 -37.32 15.65 2.13
CA GLY F 135 -35.91 15.93 2.07
C GLY F 135 -35.25 15.69 3.41
N ALA F 136 -35.75 16.36 4.46
CA ALA F 136 -35.18 16.21 5.79
C ALA F 136 -35.27 14.77 6.30
N HIS F 137 -36.34 14.06 5.94
CA HIS F 137 -36.49 12.64 6.26
C HIS F 137 -35.28 11.84 5.82
N ALA F 138 -34.92 11.98 4.55
CA ALA F 138 -33.79 11.24 4.01
C ALA F 138 -32.48 11.66 4.64
N GLN F 139 -32.38 12.95 4.93
CA GLN F 139 -31.15 13.48 5.46
C GLN F 139 -30.78 12.80 6.75
N LYS F 140 -31.78 12.61 7.61
CA LYS F 140 -31.59 11.97 8.90
C LYS F 140 -31.19 10.52 8.74
N ILE F 141 -31.82 9.82 7.79
CA ILE F 141 -31.42 8.45 7.52
C ILE F 141 -30.00 8.38 7.00
N CYS F 142 -29.63 9.31 6.10
CA CYS F 142 -28.26 9.33 5.56
C CYS F 142 -27.22 9.56 6.64
N LYS F 143 -27.55 10.44 7.58
CA LYS F 143 -26.69 10.72 8.71
C LYS F 143 -26.39 9.41 9.43
N ILE F 144 -27.40 8.58 9.67
CA ILE F 144 -27.13 7.30 10.34
C ILE F 144 -26.26 6.40 9.49
N MET F 145 -26.52 6.39 8.20
CA MET F 145 -25.77 5.60 7.23
C MET F 145 -24.30 5.97 7.21
N ASP F 146 -23.99 7.25 7.39
CA ASP F 146 -22.62 7.74 7.42
C ASP F 146 -21.92 7.42 8.73
N GLN F 147 -22.59 7.51 9.87
CA GLN F 147 -21.91 7.19 11.11
C GLN F 147 -21.63 5.70 11.16
N ALA F 148 -22.58 4.90 10.73
CA ALA F 148 -22.37 3.45 10.79
C ALA F 148 -21.23 3.01 9.89
N ILE F 149 -21.11 3.59 8.70
CA ILE F 149 -20.01 3.21 7.83
C ILE F 149 -18.68 3.61 8.45
N THR F 150 -18.60 4.82 9.00
CA THR F 150 -17.34 5.30 9.58
C THR F 150 -16.88 4.43 10.74
N VAL F 151 -17.78 4.07 11.66
CA VAL F 151 -17.32 3.25 12.78
C VAL F 151 -17.26 1.77 12.46
N GLY F 152 -18.11 1.28 11.56
CA GLY F 152 -18.18 -0.12 11.27
C GLY F 152 -19.17 -0.89 12.12
N ALA F 153 -20.43 -0.47 12.09
CA ALA F 153 -21.51 -1.05 12.86
C ALA F 153 -22.66 -1.34 11.90
N PRO F 154 -23.44 -2.39 12.10
CA PRO F 154 -24.56 -2.67 11.21
C PRO F 154 -25.63 -1.60 11.34
N VAL F 155 -26.47 -1.53 10.31
CA VAL F 155 -27.65 -0.69 10.32
C VAL F 155 -28.86 -1.58 10.10
N ILE F 156 -29.86 -1.45 10.95
CA ILE F 156 -31.14 -2.14 10.82
C ILE F 156 -32.21 -1.09 10.60
N GLY F 157 -32.89 -1.16 9.47
CA GLY F 157 -33.97 -0.26 9.16
C GLY F 157 -35.31 -0.95 9.35
N LEU F 158 -36.29 -0.21 9.86
CA LEU F 158 -37.66 -0.68 9.98
C LEU F 158 -38.49 0.20 9.04
N ASN F 159 -38.86 -0.35 7.90
CA ASN F 159 -39.45 0.47 6.85
C ASN F 159 -40.96 0.36 6.82
N ASP F 160 -41.60 1.49 6.60
CA ASP F 160 -43.05 1.67 6.50
C ASP F 160 -43.30 3.05 5.92
N SER F 161 -43.75 3.13 4.67
CA SER F 161 -43.86 4.42 4.00
C SER F 161 -44.91 4.39 2.91
N GLY F 162 -45.48 5.54 2.62
CA GLY F 162 -46.51 5.60 1.61
C GLY F 162 -45.91 6.09 0.32
N GLY F 163 -44.59 6.31 0.35
CA GLY F 163 -43.88 6.81 -0.80
C GLY F 163 -43.42 8.24 -0.63
N ALA F 164 -43.13 8.90 -1.75
CA ALA F 164 -42.60 10.24 -1.74
C ALA F 164 -43.65 11.23 -1.24
N ARG F 165 -43.20 12.28 -0.57
CA ARG F 165 -44.06 13.36 -0.10
C ARG F 165 -44.20 14.35 -1.24
N ILE F 166 -45.31 14.27 -1.95
CA ILE F 166 -45.57 15.09 -3.12
C ILE F 166 -45.63 16.59 -2.88
N GLN F 167 -45.84 17.01 -1.64
CA GLN F 167 -45.92 18.43 -1.37
C GLN F 167 -44.57 19.11 -1.59
N GLU F 168 -43.47 18.38 -1.41
CA GLU F 168 -42.16 18.96 -1.64
C GLU F 168 -41.70 18.77 -3.08
N GLY F 169 -42.22 17.77 -3.75
CA GLY F 169 -41.95 17.58 -5.18
C GLY F 169 -40.65 16.80 -5.41
N VAL F 170 -39.62 17.50 -5.89
CA VAL F 170 -38.39 16.87 -6.33
C VAL F 170 -37.37 16.74 -5.22
N GLU F 171 -37.64 17.36 -4.08
CA GLU F 171 -36.76 17.27 -2.93
C GLU F 171 -36.70 15.84 -2.42
N SER F 172 -37.84 15.15 -2.43
CA SER F 172 -37.90 13.77 -1.95
C SER F 172 -37.22 12.82 -2.92
N LEU F 173 -37.17 13.16 -4.20
CA LEU F 173 -36.46 12.31 -5.18
C LEU F 173 -34.96 12.36 -4.94
N ALA F 174 -34.42 13.54 -4.62
CA ALA F 174 -33.03 13.62 -4.18
C ALA F 174 -32.81 12.84 -2.89
N GLY F 175 -33.79 12.85 -1.98
CA GLY F 175 -33.68 12.05 -0.78
C GLY F 175 -33.42 10.59 -1.06
N TYR F 176 -34.22 9.98 -1.94
CA TYR F 176 -34.03 8.59 -2.35
C TYR F 176 -32.67 8.34 -2.96
N ALA F 177 -32.22 9.25 -3.83
CA ALA F 177 -30.92 9.07 -4.46
C ALA F 177 -29.80 9.05 -3.45
N ASP F 178 -29.85 9.93 -2.45
CA ASP F 178 -28.79 9.95 -1.43
C ASP F 178 -28.82 8.69 -0.58
N ILE F 179 -30.02 8.19 -0.25
CA ILE F 179 -30.11 6.93 0.52
C ILE F 179 -29.55 5.78 -0.31
N PHE F 180 -29.90 5.73 -1.59
CA PHE F 180 -29.41 4.66 -2.46
C PHE F 180 -27.91 4.67 -2.55
N LEU F 181 -27.32 5.86 -2.64
CA LEU F 181 -25.87 5.98 -2.70
C LEU F 181 -25.22 5.44 -1.45
N ARG F 182 -25.80 5.72 -0.28
CA ARG F 182 -25.22 5.16 0.94
C ARG F 182 -25.37 3.64 1.00
N ASN F 183 -26.52 3.12 0.56
CA ASN F 183 -26.77 1.68 0.62
C ASN F 183 -25.83 0.92 -0.29
N VAL F 184 -25.47 1.53 -1.42
CA VAL F 184 -24.49 0.89 -2.29
C VAL F 184 -23.10 1.00 -1.68
N THR F 185 -22.74 2.18 -1.18
CA THR F 185 -21.42 2.36 -0.57
C THR F 185 -21.21 1.40 0.60
N ALA F 186 -22.24 1.18 1.43
CA ALA F 186 -22.07 0.31 2.57
C ALA F 186 -21.98 -1.17 2.22
N SER F 187 -22.26 -1.57 0.98
CA SER F 187 -22.30 -2.98 0.62
C SER F 187 -20.93 -3.62 0.79
N GLY F 188 -20.87 -4.71 1.54
CA GLY F 188 -19.62 -5.39 1.79
C GLY F 188 -18.81 -4.76 2.87
N VAL F 189 -19.31 -3.71 3.51
CA VAL F 189 -18.62 -2.99 4.56
C VAL F 189 -19.29 -3.23 5.91
N ILE F 190 -20.59 -3.02 5.98
CA ILE F 190 -21.37 -3.29 7.18
C ILE F 190 -22.59 -4.10 6.77
N PRO F 191 -23.12 -4.98 7.60
CA PRO F 191 -24.36 -5.68 7.23
C PRO F 191 -25.48 -4.67 7.15
N GLN F 192 -26.38 -4.87 6.20
CA GLN F 192 -27.57 -4.03 6.10
C GLN F 192 -28.80 -4.92 6.10
N ILE F 193 -29.64 -4.75 7.11
CA ILE F 193 -30.83 -5.54 7.32
C ILE F 193 -32.03 -4.62 7.21
N SER F 194 -33.03 -5.02 6.46
CA SER F 194 -34.24 -4.23 6.32
C SER F 194 -35.45 -5.07 6.65
N LEU F 195 -36.18 -4.67 7.69
CA LEU F 195 -37.41 -5.33 8.10
C LEU F 195 -38.58 -4.46 7.71
N ILE F 196 -39.52 -5.00 6.96
CA ILE F 196 -40.67 -4.25 6.49
C ILE F 196 -41.80 -4.47 7.47
N MET F 197 -42.36 -3.39 7.98
CA MET F 197 -43.36 -3.49 9.02
C MET F 197 -44.70 -2.91 8.58
N GLY F 198 -44.88 -2.68 7.29
CA GLY F 198 -46.08 -2.09 6.76
C GLY F 198 -45.99 -1.92 5.26
N PRO F 199 -46.88 -1.14 4.68
CA PRO F 199 -46.81 -0.96 3.23
C PRO F 199 -45.60 -0.16 2.82
N CYS F 200 -45.19 -0.30 1.56
CA CYS F 200 -44.05 0.41 1.02
C CYS F 200 -44.29 0.62 -0.47
N ALA F 201 -44.24 1.86 -0.92
CA ALA F 201 -44.62 2.18 -2.28
C ALA F 201 -43.68 3.25 -2.82
N GLY F 202 -43.64 3.34 -4.14
CA GLY F 202 -42.74 4.26 -4.79
C GLY F 202 -41.29 3.85 -4.65
N GLY F 203 -40.43 4.87 -4.67
CA GLY F 203 -38.99 4.65 -4.60
C GLY F 203 -38.51 3.94 -3.36
N ALA F 204 -39.29 3.99 -2.27
CA ALA F 204 -38.89 3.38 -1.01
C ALA F 204 -38.69 1.87 -1.15
N VAL F 205 -39.41 1.25 -2.10
CA VAL F 205 -39.43 -0.19 -2.31
C VAL F 205 -38.10 -0.70 -2.85
N TYR F 206 -37.23 0.20 -3.28
CA TYR F 206 -35.92 -0.24 -3.75
C TYR F 206 -34.87 -0.33 -2.65
N SER F 207 -35.03 0.35 -1.51
CA SER F 207 -33.96 0.14 -0.52
C SER F 207 -33.77 -1.32 -0.09
N PRO F 208 -34.81 -2.13 0.18
CA PRO F 208 -34.53 -3.53 0.49
C PRO F 208 -33.84 -4.29 -0.60
N ALA F 209 -33.84 -3.80 -1.83
CA ALA F 209 -33.11 -4.47 -2.90
C ALA F 209 -31.62 -4.24 -2.80
N LEU F 210 -31.20 -3.19 -2.09
CA LEU F 210 -29.78 -2.93 -1.94
C LEU F 210 -29.22 -3.49 -0.65
N THR F 211 -30.04 -3.69 0.38
CA THR F 211 -29.56 -4.30 1.60
C THR F 211 -29.42 -5.81 1.44
N ASP F 212 -28.82 -6.42 2.46
CA ASP F 212 -28.50 -7.84 2.43
C ASP F 212 -29.68 -8.78 2.64
N PHE F 213 -30.50 -8.47 3.63
CA PHE F 213 -31.63 -9.34 3.92
C PHE F 213 -32.87 -8.48 4.03
N THR F 214 -33.99 -9.00 3.54
CA THR F 214 -35.27 -8.34 3.64
C THR F 214 -36.23 -9.26 4.38
N PHE F 215 -36.88 -8.75 5.42
CA PHE F 215 -37.84 -9.56 6.16
C PHE F 215 -39.17 -8.85 6.15
N MET F 216 -40.26 -9.60 6.31
CA MET F 216 -41.58 -9.00 6.29
C MET F 216 -42.42 -9.56 7.43
N VAL F 217 -43.60 -8.96 7.60
CA VAL F 217 -44.59 -9.38 8.58
C VAL F 217 -45.83 -9.82 7.84
N LYS F 218 -46.29 -11.04 8.10
CA LYS F 218 -47.39 -11.62 7.35
C LYS F 218 -48.64 -10.77 7.51
N ASP F 219 -49.29 -10.51 6.37
CA ASP F 219 -50.60 -9.83 6.29
C ASP F 219 -50.56 -8.38 6.77
N THR F 220 -49.36 -7.84 7.02
CA THR F 220 -49.22 -6.47 7.49
C THR F 220 -48.35 -5.67 6.54
N SER F 221 -47.30 -6.25 6.00
CA SER F 221 -46.31 -5.57 5.20
C SER F 221 -46.55 -5.85 3.72
N TYR F 222 -46.20 -4.88 2.88
CA TYR F 222 -46.34 -5.01 1.44
C TYR F 222 -45.10 -4.44 0.78
N LEU F 223 -44.77 -4.97 -0.41
CA LEU F 223 -43.74 -4.38 -1.24
C LEU F 223 -44.24 -4.30 -2.68
N PHE F 224 -44.39 -3.10 -3.20
CA PHE F 224 -44.79 -2.89 -4.59
C PHE F 224 -44.54 -1.46 -5.01
N ILE F 225 -44.30 -1.20 -6.29
CA ILE F 225 -43.98 0.13 -6.78
C ILE F 225 -45.25 0.96 -6.93
N THR F 226 -46.24 0.40 -7.63
CA THR F 226 -47.55 1.01 -7.80
C THR F 226 -48.61 0.10 -7.20
N GLY F 227 -49.72 0.71 -6.76
CA GLY F 227 -50.79 -0.02 -6.14
C GLY F 227 -51.74 -0.64 -7.15
N PRO F 228 -52.69 -1.43 -6.64
CA PRO F 228 -53.69 -2.04 -7.54
C PRO F 228 -54.45 -1.04 -8.37
N ASP F 229 -54.56 0.21 -7.89
CA ASP F 229 -55.28 1.26 -8.60
C ASP F 229 -54.65 1.54 -9.96
N VAL F 230 -53.32 1.49 -10.01
CA VAL F 230 -52.62 1.71 -11.27
C VAL F 230 -52.73 0.49 -12.17
N VAL F 231 -52.58 -0.71 -11.59
CA VAL F 231 -52.69 -1.90 -12.42
C VAL F 231 -54.04 -1.94 -13.13
N LYS F 232 -55.13 -1.64 -12.41
CA LYS F 232 -56.45 -1.67 -13.03
C LYS F 232 -56.60 -0.58 -14.08
N SER F 233 -55.98 0.57 -13.85
CA SER F 233 -56.14 1.69 -14.79
C SER F 233 -55.30 1.49 -16.05
N VAL F 234 -54.19 0.79 -15.94
CA VAL F 234 -53.27 0.65 -17.07
C VAL F 234 -53.65 -0.55 -17.93
N THR F 235 -53.91 -1.69 -17.28
CA THR F 235 -54.17 -2.93 -17.99
C THR F 235 -55.43 -3.59 -17.42
N ASN F 236 -56.06 -4.43 -18.22
CA ASN F 236 -57.31 -5.07 -17.80
C ASN F 236 -57.06 -6.31 -16.95
N GLU F 237 -56.50 -6.10 -15.75
CA GLU F 237 -56.17 -7.17 -14.83
C GLU F 237 -56.76 -6.83 -13.46
N ASP F 238 -57.36 -7.80 -12.79
CA ASP F 238 -57.91 -7.61 -11.46
C ASP F 238 -57.06 -8.16 -10.31
N VAL F 239 -56.56 -7.27 -9.44
CA VAL F 239 -55.71 -7.66 -8.33
C VAL F 239 -55.96 -6.85 -7.05
N THR F 240 -55.83 -7.50 -5.89
CA THR F 240 -55.91 -6.84 -4.60
C THR F 240 -54.56 -6.59 -3.95
N GLN F 241 -54.54 -5.87 -2.85
CA GLN F 241 -53.28 -5.49 -2.23
C GLN F 241 -52.39 -6.59 -1.77
N GLU F 242 -52.97 -7.66 -1.29
CA GLU F 242 -52.20 -8.80 -0.82
C GLU F 242 -51.63 -9.58 -2.02
N GLU F 243 -52.43 -9.72 -3.07
CA GLU F 243 -51.99 -10.46 -4.26
C GLU F 243 -50.88 -9.74 -4.98
N LEU F 244 -50.93 -8.41 -5.00
CA LEU F 244 -49.97 -7.63 -5.76
C LEU F 244 -48.63 -7.59 -5.07
N GLY F 245 -48.62 -7.33 -3.77
CA GLY F 245 -47.36 -7.17 -3.08
C GLY F 245 -47.33 -7.64 -1.64
N GLY F 246 -48.15 -8.63 -1.30
CA GLY F 246 -48.20 -9.13 0.05
C GLY F 246 -46.98 -9.95 0.42
N ALA F 247 -46.81 -10.13 1.74
CA ALA F 247 -45.69 -10.89 2.27
C ALA F 247 -45.66 -12.33 1.79
N LYS F 248 -46.82 -12.95 1.61
CA LYS F 248 -46.87 -14.35 1.18
C LYS F 248 -46.35 -14.49 -0.25
N THR F 249 -46.64 -13.50 -1.09
CA THR F 249 -46.17 -13.53 -2.48
C THR F 249 -44.66 -13.46 -2.57
N HIS F 250 -44.07 -12.55 -1.81
CA HIS F 250 -42.63 -12.29 -1.89
C HIS F 250 -41.77 -13.33 -1.17
N THR F 251 -42.32 -14.00 -0.17
CA THR F 251 -41.63 -15.12 0.44
C THR F 251 -41.89 -16.45 -0.21
N THR F 252 -42.95 -16.59 -1.01
CA THR F 252 -43.19 -17.89 -1.62
C THR F 252 -42.91 -17.93 -3.12
N MET F 253 -43.20 -16.84 -3.82
CA MET F 253 -43.07 -16.90 -5.27
C MET F 253 -42.07 -16.01 -5.99
N SER F 254 -41.91 -14.76 -5.59
CA SER F 254 -41.04 -13.87 -6.33
C SER F 254 -39.59 -13.97 -5.85
N GLY F 255 -39.38 -14.49 -4.64
CA GLY F 255 -38.04 -14.59 -4.13
C GLY F 255 -37.44 -13.28 -3.70
N VAL F 256 -38.26 -12.35 -3.20
CA VAL F 256 -37.77 -11.04 -2.84
C VAL F 256 -37.52 -10.96 -1.34
N ALA F 257 -38.44 -11.50 -0.55
CA ALA F 257 -38.32 -11.43 0.90
C ALA F 257 -37.78 -12.75 1.46
N HIS F 258 -36.83 -12.61 2.37
CA HIS F 258 -36.12 -13.76 2.92
C HIS F 258 -36.91 -14.55 3.93
N ARG F 259 -37.82 -13.90 4.64
CA ARG F 259 -38.75 -14.58 5.53
C ARG F 259 -39.78 -13.66 6.10
N ALA F 260 -41.01 -14.15 6.26
CA ALA F 260 -42.06 -13.39 6.90
C ALA F 260 -42.36 -13.98 8.26
N PHE F 261 -42.66 -13.11 9.21
CA PHE F 261 -42.96 -13.51 10.57
C PHE F 261 -44.41 -13.17 10.88
N GLU F 262 -45.00 -13.88 11.85
CA GLU F 262 -46.44 -13.82 12.04
C GLU F 262 -46.91 -12.44 12.47
N ASN F 263 -46.17 -11.77 13.35
CA ASN F 263 -46.61 -10.50 13.88
C ASN F 263 -45.41 -9.66 14.28
N ASP F 264 -45.69 -8.44 14.75
CA ASP F 264 -44.62 -7.49 15.06
C ASP F 264 -43.72 -7.96 16.19
N VAL F 265 -44.29 -8.61 17.21
CA VAL F 265 -43.51 -8.95 18.41
C VAL F 265 -42.58 -10.12 18.11
N ASP F 266 -43.09 -11.12 17.41
CA ASP F 266 -42.30 -12.28 17.00
C ASP F 266 -41.24 -11.90 15.97
N ALA F 267 -41.58 -10.95 15.09
CA ALA F 267 -40.64 -10.49 14.07
C ALA F 267 -39.41 -9.87 14.69
N LEU F 268 -39.59 -9.06 15.73
CA LEU F 268 -38.42 -8.45 16.35
C LEU F 268 -37.68 -9.40 17.27
N CYS F 269 -38.37 -10.37 17.88
CA CYS F 269 -37.68 -11.37 18.67
C CYS F 269 -36.75 -12.22 17.81
N ASN F 270 -37.22 -12.64 16.63
CA ASN F 270 -36.38 -13.38 15.72
C ASN F 270 -35.29 -12.51 15.11
N LEU F 271 -35.54 -11.22 14.97
CA LEU F 271 -34.51 -10.33 14.45
C LEU F 271 -33.35 -10.19 15.41
N ARG F 272 -33.61 -10.11 16.72
CA ARG F 272 -32.51 -10.09 17.68
C ARG F 272 -31.66 -11.34 17.57
N ASP F 273 -32.31 -12.51 17.45
CA ASP F 273 -31.59 -13.77 17.29
C ASP F 273 -30.79 -13.81 16.00
N PHE F 274 -31.35 -13.34 14.90
CA PHE F 274 -30.61 -13.28 13.65
C PHE F 274 -29.40 -12.36 13.78
N PHE F 275 -29.59 -11.18 14.37
CA PHE F 275 -28.49 -10.26 14.55
C PHE F 275 -27.29 -10.93 15.19
N ASN F 276 -27.51 -11.80 16.17
CA ASN F 276 -26.37 -12.37 16.88
C ASN F 276 -25.46 -13.24 16.03
N TYR F 277 -25.82 -13.57 14.79
CA TYR F 277 -24.98 -14.40 13.94
C TYR F 277 -23.87 -13.63 13.24
N LEU F 278 -24.08 -12.37 12.92
CA LEU F 278 -23.30 -11.60 11.95
C LEU F 278 -22.21 -10.79 12.63
N PRO F 279 -21.09 -10.55 11.94
CA PRO F 279 -20.09 -9.63 12.47
C PRO F 279 -20.58 -8.20 12.39
N LEU F 280 -19.90 -7.31 13.09
CA LEU F 280 -20.30 -5.91 13.02
C LEU F 280 -19.88 -5.25 11.72
N SER F 281 -18.76 -5.68 11.14
CA SER F 281 -18.25 -5.11 9.91
C SER F 281 -17.52 -6.20 9.14
N SER F 282 -17.26 -5.96 7.86
CA SER F 282 -16.55 -6.93 7.06
C SER F 282 -15.08 -7.01 7.44
N GLN F 283 -14.60 -6.11 8.30
CA GLN F 283 -13.22 -6.17 8.73
C GLN F 283 -13.06 -7.14 9.89
N ASP F 284 -14.14 -7.65 10.41
CA ASP F 284 -14.13 -8.50 11.57
C ASP F 284 -14.29 -9.97 11.17
N PRO F 285 -13.71 -10.88 11.93
CA PRO F 285 -13.94 -12.31 11.67
C PRO F 285 -15.34 -12.72 12.10
N ALA F 286 -15.81 -13.85 11.61
CA ALA F 286 -17.10 -14.38 12.06
C ALA F 286 -17.11 -14.44 13.58
N PRO F 287 -18.15 -13.93 14.23
CA PRO F 287 -18.19 -13.96 15.70
C PRO F 287 -18.09 -15.37 16.24
N VAL F 288 -17.48 -15.50 17.40
CA VAL F 288 -17.38 -16.75 18.13
C VAL F 288 -18.04 -16.56 19.49
N ARG F 289 -18.95 -17.44 19.83
CA ARG F 289 -19.66 -17.33 21.09
C ARG F 289 -19.48 -18.53 21.99
N GLU F 290 -19.67 -18.34 23.28
CA GLU F 290 -19.63 -19.43 24.25
C GLU F 290 -20.50 -20.58 23.76
N CYS F 291 -19.97 -21.79 23.82
CA CYS F 291 -20.68 -22.97 23.37
C CYS F 291 -20.43 -24.14 24.31
N HIS F 292 -21.51 -24.83 24.66
CA HIS F 292 -21.44 -25.99 25.55
C HIS F 292 -21.47 -27.32 24.83
N ASP F 293 -21.58 -27.31 23.51
CA ASP F 293 -21.77 -28.53 22.73
C ASP F 293 -20.40 -29.11 22.39
N PRO F 294 -20.03 -30.27 22.92
CA PRO F 294 -18.68 -30.77 22.67
C PRO F 294 -18.41 -30.88 21.19
N SER F 295 -17.23 -30.46 20.78
CA SER F 295 -16.87 -30.40 19.38
C SER F 295 -16.47 -31.74 18.81
N ASP F 296 -16.23 -32.73 19.65
CA ASP F 296 -15.69 -34.01 19.23
C ASP F 296 -16.68 -35.15 19.37
N ARG F 297 -17.97 -34.85 19.51
CA ARG F 297 -18.96 -35.90 19.65
C ARG F 297 -19.33 -36.46 18.27
N LEU F 298 -19.80 -37.70 18.27
CA LEU F 298 -20.21 -38.36 17.05
C LEU F 298 -21.71 -38.22 16.89
N VAL F 299 -22.17 -38.42 15.66
CA VAL F 299 -23.60 -38.37 15.37
C VAL F 299 -23.99 -39.66 14.66
N PRO F 300 -24.23 -40.76 15.39
CA PRO F 300 -24.52 -42.03 14.74
C PRO F 300 -25.74 -42.00 13.86
N GLU F 301 -26.62 -41.01 14.05
CA GLU F 301 -27.87 -40.89 13.31
C GLU F 301 -27.65 -40.68 11.82
N LEU F 302 -26.45 -40.27 11.42
CA LEU F 302 -26.15 -39.99 10.03
C LEU F 302 -25.89 -41.23 9.22
N ASP F 303 -25.43 -42.33 9.83
CA ASP F 303 -24.99 -43.47 9.03
C ASP F 303 -26.09 -44.06 8.16
N THR F 304 -27.35 -43.91 8.54
CA THR F 304 -28.43 -44.57 7.80
C THR F 304 -29.39 -43.58 7.14
N ILE F 305 -29.03 -42.30 7.07
CA ILE F 305 -29.97 -41.34 6.50
C ILE F 305 -30.10 -41.56 4.99
N VAL F 306 -28.97 -41.75 4.32
CA VAL F 306 -28.93 -41.82 2.87
C VAL F 306 -29.27 -43.22 2.40
N PRO F 307 -30.38 -43.42 1.68
CA PRO F 307 -30.75 -44.76 1.23
C PRO F 307 -29.74 -45.30 0.24
N LEU F 308 -29.67 -46.64 0.19
CA LEU F 308 -28.87 -47.29 -0.83
C LEU F 308 -29.56 -47.26 -2.19
N GLU F 309 -30.89 -47.19 -2.20
CA GLU F 309 -31.63 -47.11 -3.46
C GLU F 309 -31.60 -45.67 -3.96
N SER F 310 -31.23 -45.51 -5.23
CA SER F 310 -31.01 -44.18 -5.82
C SER F 310 -32.27 -43.37 -6.03
N THR F 311 -33.45 -43.98 -5.93
CA THR F 311 -34.70 -43.29 -6.28
C THR F 311 -35.47 -42.89 -5.03
N LYS F 312 -34.86 -43.14 -3.87
CA LYS F 312 -35.48 -42.82 -2.59
C LYS F 312 -34.92 -41.51 -2.05
N ALA F 313 -35.80 -40.54 -1.82
CA ALA F 313 -35.41 -39.25 -1.29
C ALA F 313 -35.26 -39.29 0.21
N TYR F 314 -34.53 -38.32 0.75
CA TYR F 314 -34.38 -38.16 2.18
C TYR F 314 -34.31 -36.66 2.47
N ASN F 315 -34.51 -36.31 3.73
CA ASN F 315 -34.58 -34.91 4.13
C ASN F 315 -33.19 -34.44 4.51
N MET F 316 -32.62 -33.54 3.71
CA MET F 316 -31.29 -33.03 3.99
C MET F 316 -31.22 -32.31 5.32
N VAL F 317 -32.34 -31.75 5.78
CA VAL F 317 -32.36 -30.98 7.01
C VAL F 317 -31.99 -31.85 8.21
N ASP F 318 -32.27 -33.15 8.15
CA ASP F 318 -31.91 -34.04 9.26
C ASP F 318 -30.41 -34.06 9.48
N ILE F 319 -29.64 -33.96 8.40
CA ILE F 319 -28.19 -33.96 8.49
C ILE F 319 -27.69 -32.63 9.04
N ILE F 320 -28.26 -31.54 8.53
CA ILE F 320 -27.86 -30.20 8.94
C ILE F 320 -28.10 -29.99 10.43
N HIS F 321 -29.27 -30.39 10.91
CA HIS F 321 -29.60 -30.19 12.31
C HIS F 321 -28.72 -31.02 13.22
N SER F 322 -28.34 -32.23 12.80
CA SER F 322 -27.53 -33.06 13.67
C SER F 322 -26.08 -32.62 13.75
N VAL F 323 -25.59 -31.89 12.76
CA VAL F 323 -24.18 -31.47 12.77
C VAL F 323 -23.99 -30.16 13.55
N VAL F 324 -24.88 -29.20 13.36
CA VAL F 324 -24.72 -27.87 13.91
C VAL F 324 -24.84 -27.84 15.43
N ASP F 325 -24.16 -26.88 16.06
CA ASP F 325 -24.19 -26.75 17.51
C ASP F 325 -25.62 -26.77 18.02
N GLU F 326 -25.88 -27.63 19.00
CA GLU F 326 -27.12 -27.71 19.76
C GLU F 326 -28.38 -27.77 18.90
N ARG F 327 -28.19 -28.22 17.66
CA ARG F 327 -29.26 -28.44 16.70
C ARG F 327 -30.12 -27.23 16.35
N GLU F 328 -29.51 -26.07 16.41
CA GLU F 328 -30.11 -24.80 16.05
C GLU F 328 -29.71 -24.45 14.63
N PHE F 329 -30.71 -24.21 13.78
CA PHE F 329 -30.44 -23.82 12.39
C PHE F 329 -31.41 -22.72 12.00
N PHE F 330 -30.88 -21.67 11.37
CA PHE F 330 -31.72 -20.56 10.94
C PHE F 330 -31.95 -20.67 9.44
N GLU F 331 -33.15 -21.02 9.03
CA GLU F 331 -33.39 -21.26 7.62
C GLU F 331 -33.88 -19.99 6.94
N ILE F 332 -33.34 -19.75 5.74
CA ILE F 332 -33.64 -18.58 4.93
C ILE F 332 -34.55 -19.04 3.80
N MET F 333 -35.61 -18.28 3.53
CA MET F 333 -36.63 -18.51 2.50
C MET F 333 -37.14 -19.94 2.55
N PRO F 334 -37.76 -20.36 3.65
CA PRO F 334 -38.21 -21.74 3.74
C PRO F 334 -39.20 -22.15 2.67
N ASN F 335 -39.89 -21.21 2.05
CA ASN F 335 -40.97 -21.54 1.12
C ASN F 335 -40.64 -21.21 -0.32
N TYR F 336 -39.42 -20.76 -0.60
CA TYR F 336 -39.01 -20.36 -1.94
C TYR F 336 -37.78 -21.16 -2.33
N ALA F 337 -37.80 -21.71 -3.55
CA ALA F 337 -36.73 -22.54 -4.12
C ALA F 337 -36.36 -23.67 -3.16
N LYS F 338 -37.36 -24.44 -2.78
CA LYS F 338 -37.20 -25.49 -1.78
C LYS F 338 -36.17 -26.55 -2.16
N ASN F 339 -35.72 -26.62 -3.40
CA ASN F 339 -34.76 -27.64 -3.77
C ASN F 339 -33.35 -27.33 -3.33
N ILE F 340 -33.11 -26.14 -2.78
CA ILE F 340 -31.81 -25.80 -2.23
C ILE F 340 -32.03 -25.17 -0.87
N ILE F 341 -31.21 -25.56 0.09
CA ILE F 341 -31.32 -25.11 1.48
C ILE F 341 -30.12 -24.22 1.77
N VAL F 342 -30.37 -23.03 2.29
CA VAL F 342 -29.32 -22.14 2.76
C VAL F 342 -29.72 -21.60 4.12
N GLY F 343 -28.71 -21.39 4.96
CA GLY F 343 -29.00 -20.77 6.23
C GLY F 343 -27.78 -20.64 7.10
N PHE F 344 -28.02 -20.14 8.30
CA PHE F 344 -26.97 -19.86 9.27
C PHE F 344 -27.01 -20.87 10.39
N ALA F 345 -25.82 -21.19 10.91
CA ALA F 345 -25.70 -22.03 12.09
C ALA F 345 -24.34 -21.76 12.71
N ARG F 346 -24.12 -22.36 13.87
CA ARG F 346 -22.83 -22.31 14.53
C ARG F 346 -22.20 -23.67 14.65
N MET F 347 -20.89 -23.75 14.55
CA MET F 347 -20.20 -24.98 14.88
C MET F 347 -18.99 -24.62 15.71
N ASN F 348 -18.93 -25.20 16.91
CA ASN F 348 -17.95 -24.90 17.95
C ASN F 348 -17.93 -23.41 18.31
N GLY F 349 -19.09 -22.78 18.31
CA GLY F 349 -19.20 -21.40 18.67
C GLY F 349 -19.11 -20.43 17.51
N ARG F 350 -18.56 -20.85 16.38
CA ARG F 350 -18.31 -19.92 15.28
C ARG F 350 -19.47 -19.95 14.31
N THR F 351 -19.88 -18.77 13.86
CA THR F 351 -20.93 -18.68 12.86
C THR F 351 -20.45 -19.24 11.54
N VAL F 352 -21.24 -20.10 10.92
CA VAL F 352 -20.96 -20.58 9.58
C VAL F 352 -22.22 -20.49 8.74
N GLY F 353 -22.02 -20.46 7.43
CA GLY F 353 -23.11 -20.54 6.49
C GLY F 353 -23.15 -21.93 5.88
N ILE F 354 -24.36 -22.44 5.68
CA ILE F 354 -24.57 -23.78 5.19
C ILE F 354 -25.38 -23.70 3.91
N VAL F 355 -24.92 -24.42 2.89
CA VAL F 355 -25.63 -24.57 1.63
C VAL F 355 -25.68 -26.06 1.31
N GLY F 356 -26.84 -26.51 0.85
CA GLY F 356 -26.95 -27.90 0.47
C GLY F 356 -28.17 -28.19 -0.39
N ASN F 357 -28.24 -29.39 -0.95
CA ASN F 357 -29.38 -29.73 -1.79
C ASN F 357 -30.49 -30.34 -0.96
N GLN F 358 -31.70 -30.28 -1.47
CA GLN F 358 -32.82 -30.98 -0.85
C GLN F 358 -33.36 -32.02 -1.81
N PRO F 359 -32.95 -33.28 -1.69
CA PRO F 359 -33.35 -34.28 -2.68
C PRO F 359 -34.84 -34.51 -2.75
N LYS F 360 -35.59 -34.12 -1.73
CA LYS F 360 -37.03 -34.33 -1.71
C LYS F 360 -37.74 -33.52 -2.78
N VAL F 361 -37.16 -32.41 -3.22
CA VAL F 361 -37.82 -31.47 -4.12
C VAL F 361 -37.07 -31.46 -5.44
N ALA F 362 -37.81 -31.76 -6.52
CA ALA F 362 -37.30 -31.81 -7.89
C ALA F 362 -36.04 -32.64 -8.03
N SER F 363 -35.99 -33.77 -7.31
CA SER F 363 -34.85 -34.70 -7.25
C SER F 363 -33.54 -34.04 -6.81
N GLY F 364 -33.58 -32.81 -6.32
CA GLY F 364 -32.36 -32.17 -5.89
C GLY F 364 -31.60 -31.47 -6.99
N CYS F 365 -32.28 -31.25 -8.11
CA CYS F 365 -31.75 -30.60 -9.31
C CYS F 365 -31.56 -29.10 -9.17
N LEU F 366 -30.64 -28.52 -9.94
CA LEU F 366 -30.51 -27.08 -9.94
C LEU F 366 -31.39 -26.45 -11.01
N ASP F 367 -31.93 -25.27 -10.69
CA ASP F 367 -32.81 -24.55 -11.60
C ASP F 367 -32.52 -23.08 -11.39
N ILE F 368 -33.29 -22.23 -12.08
CA ILE F 368 -33.04 -20.79 -12.06
C ILE F 368 -33.19 -20.24 -10.65
N ASN F 369 -34.30 -20.60 -9.98
CA ASN F 369 -34.64 -20.00 -8.69
C ASN F 369 -33.63 -20.39 -7.62
N SER F 370 -33.17 -21.64 -7.64
CA SER F 370 -32.22 -22.11 -6.65
C SER F 370 -30.86 -21.46 -6.83
N SER F 371 -30.46 -21.22 -8.08
CA SER F 371 -29.18 -20.57 -8.33
C SER F 371 -29.18 -19.13 -7.84
N VAL F 372 -30.32 -18.45 -7.97
CA VAL F 372 -30.39 -17.05 -7.52
C VAL F 372 -30.24 -16.94 -6.02
N LYS F 373 -30.98 -17.76 -5.27
CA LYS F 373 -30.92 -17.75 -3.81
C LYS F 373 -29.55 -18.19 -3.31
N GLY F 374 -29.00 -19.25 -3.91
CA GLY F 374 -27.69 -19.72 -3.53
C GLY F 374 -26.59 -18.70 -3.74
N ALA F 375 -26.50 -18.12 -4.94
CA ALA F 375 -25.40 -17.21 -5.24
C ALA F 375 -25.41 -16.01 -4.31
N ARG F 376 -26.59 -15.48 -4.04
CA ARG F 376 -26.74 -14.33 -3.16
C ARG F 376 -26.25 -14.66 -1.77
N PHE F 377 -26.66 -15.79 -1.23
CA PHE F 377 -26.21 -16.17 0.11
C PHE F 377 -24.69 -16.38 0.18
N VAL F 378 -24.13 -17.11 -0.80
CA VAL F 378 -22.70 -17.42 -0.77
C VAL F 378 -21.88 -16.15 -0.77
N ARG F 379 -22.25 -15.21 -1.62
CA ARG F 379 -21.54 -13.93 -1.74
C ARG F 379 -21.57 -13.10 -0.49
N PHE F 380 -22.70 -13.01 0.19
CA PHE F 380 -22.74 -12.31 1.46
C PHE F 380 -21.78 -12.93 2.46
N CYS F 381 -21.87 -14.25 2.66
CA CYS F 381 -21.01 -14.93 3.63
C CYS F 381 -19.54 -14.75 3.32
N ASP F 382 -19.16 -14.79 2.05
CA ASP F 382 -17.77 -14.52 1.69
C ASP F 382 -17.35 -13.10 2.04
N ALA F 383 -18.17 -12.12 1.71
CA ALA F 383 -17.85 -10.73 2.00
C ALA F 383 -17.63 -10.46 3.49
N PHE F 384 -18.33 -11.16 4.37
CA PHE F 384 -18.20 -10.91 5.81
C PHE F 384 -17.53 -12.07 6.53
N ASN F 385 -16.64 -12.80 5.86
CA ASN F 385 -15.70 -13.76 6.46
C ASN F 385 -16.39 -14.85 7.26
N ILE F 386 -17.49 -15.37 6.72
CA ILE F 386 -18.24 -16.44 7.35
C ILE F 386 -17.97 -17.72 6.58
N PRO F 387 -17.40 -18.74 7.19
CA PRO F 387 -17.08 -19.97 6.46
C PRO F 387 -18.29 -20.63 5.84
N LEU F 388 -18.06 -21.39 4.78
CA LEU F 388 -19.10 -22.09 4.05
C LEU F 388 -18.97 -23.60 4.23
N ILE F 389 -20.09 -24.25 4.49
CA ILE F 389 -20.20 -25.70 4.49
C ILE F 389 -21.21 -26.08 3.43
N THR F 390 -20.84 -27.02 2.57
CA THR F 390 -21.65 -27.43 1.43
C THR F 390 -22.01 -28.89 1.61
N PHE F 391 -23.30 -29.22 1.47
CA PHE F 391 -23.77 -30.59 1.47
C PHE F 391 -24.29 -30.92 0.08
N VAL F 392 -23.56 -31.73 -0.67
CA VAL F 392 -23.81 -31.92 -2.08
C VAL F 392 -24.62 -33.19 -2.28
N ASP F 393 -25.72 -33.08 -3.04
CA ASP F 393 -26.46 -34.25 -3.50
C ASP F 393 -27.30 -33.79 -4.69
N VAL F 394 -26.67 -33.68 -5.85
CA VAL F 394 -27.32 -33.02 -6.98
C VAL F 394 -27.15 -33.87 -8.23
N PRO F 395 -28.24 -34.32 -8.83
CA PRO F 395 -28.15 -35.20 -10.00
C PRO F 395 -27.95 -34.49 -11.33
N GLY F 396 -27.96 -33.16 -11.35
CA GLY F 396 -27.90 -32.43 -12.59
C GLY F 396 -28.76 -31.18 -12.55
N PHE F 397 -29.25 -30.75 -13.70
CA PHE F 397 -30.02 -29.53 -13.82
C PHE F 397 -31.46 -29.89 -14.21
N LEU F 398 -32.39 -29.06 -13.78
CA LEU F 398 -33.79 -29.25 -14.14
C LEU F 398 -33.97 -29.06 -15.64
N PRO F 399 -34.37 -30.09 -16.38
CA PRO F 399 -34.53 -29.94 -17.83
C PRO F 399 -35.83 -29.28 -18.21
N GLY F 400 -35.91 -28.79 -19.45
CA GLY F 400 -37.18 -28.40 -20.04
C GLY F 400 -37.13 -26.97 -20.56
N THR F 401 -38.06 -26.68 -21.47
CA THR F 401 -38.09 -25.37 -22.11
C THR F 401 -38.37 -24.26 -21.12
N ALA F 402 -39.07 -24.55 -20.04
CA ALA F 402 -39.32 -23.55 -19.00
C ALA F 402 -38.03 -22.98 -18.44
N GLN F 403 -36.97 -23.77 -18.41
CA GLN F 403 -35.70 -23.32 -17.89
C GLN F 403 -34.76 -22.83 -18.98
N GLU F 404 -34.82 -23.45 -20.16
CA GLU F 404 -33.98 -23.04 -21.27
C GLU F 404 -34.28 -21.60 -21.70
N TYR F 405 -35.56 -21.31 -21.89
CA TYR F 405 -36.00 -19.97 -22.29
C TYR F 405 -35.91 -18.96 -21.16
N GLY F 406 -35.77 -19.46 -19.95
CA GLY F 406 -35.62 -18.60 -18.80
C GLY F 406 -34.19 -18.17 -18.51
N GLY F 407 -33.24 -18.64 -19.31
CA GLY F 407 -31.86 -18.30 -19.09
C GLY F 407 -31.16 -19.11 -18.04
N ILE F 408 -31.51 -20.40 -17.93
CA ILE F 408 -30.88 -21.29 -16.95
C ILE F 408 -29.36 -21.26 -17.04
N ILE F 409 -28.80 -21.06 -18.23
CA ILE F 409 -27.35 -21.02 -18.39
C ILE F 409 -26.78 -19.78 -17.73
N ARG F 410 -27.38 -18.64 -18.04
CA ARG F 410 -26.96 -17.37 -17.48
C ARG F 410 -27.14 -17.35 -15.96
N HIS F 411 -28.22 -17.93 -15.46
CA HIS F 411 -28.48 -17.96 -14.03
C HIS F 411 -27.65 -18.99 -13.30
N GLY F 412 -27.41 -20.16 -13.87
CA GLY F 412 -26.55 -21.13 -13.21
C GLY F 412 -25.13 -20.63 -13.00
N ALA F 413 -24.65 -19.79 -13.91
CA ALA F 413 -23.32 -19.22 -13.77
C ALA F 413 -23.19 -18.38 -12.51
N LYS F 414 -24.31 -17.93 -11.94
CA LYS F 414 -24.27 -17.10 -10.74
C LYS F 414 -23.76 -17.89 -9.54
N LEU F 415 -24.18 -19.14 -9.40
CA LEU F 415 -23.78 -19.94 -8.25
C LEU F 415 -22.35 -20.42 -8.41
N LEU F 416 -21.97 -20.83 -9.63
CA LEU F 416 -20.59 -21.21 -9.87
C LEU F 416 -19.64 -20.05 -9.60
N TYR F 417 -20.00 -18.86 -10.07
CA TYR F 417 -19.17 -17.68 -9.84
C TYR F 417 -19.04 -17.38 -8.37
N ALA F 418 -20.15 -17.40 -7.63
CA ALA F 418 -20.13 -17.08 -6.22
C ALA F 418 -19.20 -18.00 -5.44
N PHE F 419 -19.20 -19.30 -5.76
CA PHE F 419 -18.24 -20.17 -5.10
C PHE F 419 -16.81 -19.98 -5.60
N ALA F 420 -16.61 -19.88 -6.92
CA ALA F 420 -15.24 -19.84 -7.43
C ALA F 420 -14.43 -18.67 -6.91
N GLU F 421 -15.07 -17.52 -6.73
CA GLU F 421 -14.37 -16.31 -6.27
C GLU F 421 -14.26 -16.17 -4.77
N ALA F 422 -14.78 -17.13 -4.02
CA ALA F 422 -14.73 -17.08 -2.58
C ALA F 422 -13.32 -17.23 -2.04
N THR F 423 -13.02 -16.51 -0.97
CA THR F 423 -11.72 -16.55 -0.32
C THR F 423 -11.81 -16.97 1.13
N VAL F 424 -12.96 -17.46 1.58
CA VAL F 424 -13.17 -17.84 2.96
C VAL F 424 -13.13 -19.35 3.01
N PRO F 425 -12.96 -19.99 4.18
CA PRO F 425 -12.89 -21.45 4.20
C PRO F 425 -14.13 -22.09 3.60
N LYS F 426 -13.90 -23.13 2.80
CA LYS F 426 -14.96 -23.88 2.15
C LYS F 426 -14.78 -25.35 2.44
N VAL F 427 -15.73 -25.95 3.15
CA VAL F 427 -15.68 -27.36 3.49
C VAL F 427 -16.87 -28.06 2.84
N THR F 428 -16.59 -28.95 1.91
CA THR F 428 -17.62 -29.64 1.15
C THR F 428 -17.67 -31.11 1.54
N VAL F 429 -18.86 -31.63 1.80
CA VAL F 429 -19.10 -33.04 2.03
C VAL F 429 -20.15 -33.49 1.02
N ILE F 430 -19.89 -34.61 0.34
CA ILE F 430 -20.78 -35.15 -0.67
C ILE F 430 -21.52 -36.32 -0.03
N THR F 431 -22.84 -36.21 0.08
CA THR F 431 -23.60 -37.23 0.78
C THR F 431 -24.11 -38.31 -0.17
N ARG F 432 -24.41 -37.96 -1.43
CA ARG F 432 -24.77 -38.99 -2.40
C ARG F 432 -24.47 -38.63 -3.84
N LYS F 433 -25.41 -38.02 -4.59
CA LYS F 433 -25.20 -37.80 -6.01
C LYS F 433 -24.39 -36.56 -6.28
N ALA F 434 -23.52 -36.64 -7.29
CA ALA F 434 -22.88 -35.46 -7.86
C ALA F 434 -22.58 -35.78 -9.32
N TYR F 435 -23.57 -35.58 -10.19
CA TYR F 435 -23.44 -35.89 -11.60
C TYR F 435 -23.21 -34.63 -12.42
N GLY F 436 -22.37 -34.74 -13.44
CA GLY F 436 -22.32 -33.71 -14.46
C GLY F 436 -21.70 -32.42 -13.96
N GLY F 437 -22.04 -31.32 -14.64
CA GLY F 437 -21.45 -30.04 -14.32
C GLY F 437 -21.85 -29.53 -12.95
N ALA F 438 -22.92 -30.09 -12.38
CA ALA F 438 -23.35 -29.72 -11.03
C ALA F 438 -22.29 -30.05 -10.00
N TYR F 439 -21.41 -31.02 -10.26
CA TYR F 439 -20.34 -31.32 -9.31
C TYR F 439 -19.51 -30.08 -9.04
N ASP F 440 -19.13 -29.36 -10.10
CA ASP F 440 -18.26 -28.20 -9.93
C ASP F 440 -19.02 -26.99 -9.43
N VAL F 441 -20.27 -26.84 -9.83
CA VAL F 441 -21.09 -25.72 -9.39
C VAL F 441 -21.26 -25.75 -7.87
N MET F 442 -21.48 -26.93 -7.31
CA MET F 442 -21.63 -27.07 -5.86
C MET F 442 -20.27 -27.19 -5.17
N SER F 443 -19.45 -26.15 -5.39
CA SER F 443 -18.20 -25.90 -4.65
C SER F 443 -17.32 -27.14 -4.57
N SER F 444 -16.88 -27.58 -5.73
CA SER F 444 -15.90 -28.65 -5.83
C SER F 444 -14.51 -28.17 -5.43
N LYS F 445 -13.64 -29.10 -5.08
CA LYS F 445 -12.31 -28.73 -4.61
C LYS F 445 -11.46 -27.95 -5.58
N HIS F 446 -11.66 -28.13 -6.87
CA HIS F 446 -10.84 -27.47 -7.85
C HIS F 446 -11.22 -26.00 -8.03
N LEU F 447 -12.18 -25.51 -7.24
CA LEU F 447 -12.51 -24.09 -7.18
C LEU F 447 -11.90 -23.43 -5.96
N CYS F 448 -10.68 -23.82 -5.60
CA CYS F 448 -9.94 -23.35 -4.43
C CYS F 448 -10.66 -23.71 -3.12
N GLY F 449 -11.17 -24.94 -3.05
CA GLY F 449 -11.74 -25.44 -1.82
C GLY F 449 -10.66 -25.89 -0.86
N ASP F 450 -11.04 -26.02 0.40
CA ASP F 450 -10.06 -26.42 1.40
C ASP F 450 -10.05 -27.92 1.65
N THR F 451 -11.22 -28.50 1.86
CA THR F 451 -11.34 -29.95 2.05
C THR F 451 -12.59 -30.44 1.34
N ASN F 452 -12.58 -31.71 0.94
CA ASN F 452 -13.72 -32.31 0.26
C ASN F 452 -13.85 -33.73 0.73
N TYR F 453 -14.91 -34.04 1.44
CA TYR F 453 -15.18 -35.34 2.00
C TYR F 453 -16.32 -36.01 1.25
N ALA F 454 -16.22 -37.32 1.14
CA ALA F 454 -17.28 -38.14 0.58
C ALA F 454 -17.77 -39.11 1.62
N TRP F 455 -19.06 -39.39 1.62
CA TRP F 455 -19.58 -40.50 2.38
C TRP F 455 -19.50 -41.76 1.52
N PRO F 456 -19.51 -42.96 2.12
CA PRO F 456 -19.49 -44.18 1.30
C PRO F 456 -20.58 -44.27 0.26
N THR F 457 -21.68 -43.51 0.38
CA THR F 457 -22.75 -43.56 -0.60
C THR F 457 -22.56 -42.57 -1.73
N ALA F 458 -21.49 -41.79 -1.74
CA ALA F 458 -21.28 -40.78 -2.75
C ALA F 458 -20.95 -41.43 -4.08
N GLU F 459 -21.39 -40.80 -5.17
CA GLU F 459 -20.99 -41.25 -6.50
C GLU F 459 -20.74 -40.02 -7.37
N ILE F 460 -19.52 -39.90 -7.89
CA ILE F 460 -19.09 -38.76 -8.69
C ILE F 460 -18.83 -39.24 -10.11
N ALA F 461 -19.57 -38.68 -11.07
CA ALA F 461 -19.46 -39.11 -12.46
C ALA F 461 -19.98 -38.00 -13.36
N VAL F 462 -19.61 -38.07 -14.64
CA VAL F 462 -20.15 -37.14 -15.63
C VAL F 462 -21.64 -37.38 -15.84
N MET F 463 -22.06 -38.62 -15.68
CA MET F 463 -23.47 -38.95 -15.75
C MET F 463 -23.63 -40.36 -15.18
N GLY F 464 -24.88 -40.79 -15.02
CA GLY F 464 -25.16 -42.10 -14.49
C GLY F 464 -24.80 -43.22 -15.44
N ALA F 465 -24.84 -44.44 -14.92
CA ALA F 465 -24.37 -45.60 -15.66
C ALA F 465 -25.13 -45.80 -16.96
N LYS F 466 -26.45 -45.57 -16.94
CA LYS F 466 -27.27 -45.78 -18.12
C LYS F 466 -26.83 -44.88 -19.28
N GLY F 467 -26.72 -43.57 -19.06
CA GLY F 467 -26.28 -42.70 -20.13
C GLY F 467 -24.87 -43.00 -20.57
N ALA F 468 -23.95 -43.10 -19.61
CA ALA F 468 -22.54 -43.28 -19.96
C ALA F 468 -22.30 -44.57 -20.72
N VAL F 469 -22.92 -45.69 -20.32
CA VAL F 469 -22.61 -46.96 -20.98
C VAL F 469 -23.28 -47.04 -22.34
N GLU F 470 -24.52 -46.59 -22.48
CA GLU F 470 -25.16 -46.63 -23.79
C GLU F 470 -24.46 -45.70 -24.78
N ILE F 471 -23.90 -44.60 -24.30
CA ILE F 471 -23.16 -43.72 -25.21
C ILE F 471 -21.80 -44.33 -25.57
N ILE F 472 -21.07 -44.85 -24.58
CA ILE F 472 -19.74 -45.42 -24.84
C ILE F 472 -19.84 -46.62 -25.77
N PHE F 473 -20.78 -47.51 -25.51
CA PHE F 473 -20.95 -48.74 -26.27
C PHE F 473 -22.15 -48.59 -27.20
N LYS F 474 -22.15 -47.53 -28.00
CA LYS F 474 -23.27 -47.20 -28.86
C LYS F 474 -23.24 -48.03 -30.14
N GLY F 475 -24.28 -48.84 -30.32
CA GLY F 475 -24.33 -49.79 -31.42
C GLY F 475 -23.66 -51.12 -31.17
N HIS F 476 -23.19 -51.37 -29.95
CA HIS F 476 -22.50 -52.61 -29.67
C HIS F 476 -23.47 -53.65 -29.09
N GLU F 477 -23.11 -54.92 -29.25
CA GLU F 477 -23.86 -56.00 -28.62
C GLU F 477 -23.46 -56.12 -27.17
N ASN F 478 -24.32 -56.74 -26.37
CA ASN F 478 -24.10 -57.09 -24.96
C ASN F 478 -23.75 -55.86 -24.13
N VAL F 479 -24.49 -54.80 -24.38
CA VAL F 479 -24.31 -53.55 -23.66
C VAL F 479 -24.61 -53.73 -22.18
N GLU F 480 -25.67 -54.50 -21.86
CA GLU F 480 -26.03 -54.75 -20.47
C GLU F 480 -24.91 -55.47 -19.73
N ALA F 481 -24.21 -56.40 -20.39
CA ALA F 481 -23.06 -57.05 -19.74
C ALA F 481 -21.94 -56.05 -19.49
N ALA F 482 -21.68 -55.18 -20.46
CA ALA F 482 -20.69 -54.12 -20.27
C ALA F 482 -21.13 -53.15 -19.17
N GLN F 483 -22.43 -52.90 -19.05
CA GLN F 483 -22.94 -52.02 -18.00
C GLN F 483 -22.68 -52.60 -16.61
N ALA F 484 -22.81 -53.91 -16.46
CA ALA F 484 -22.53 -54.53 -15.17
C ALA F 484 -21.08 -54.30 -14.75
N GLU F 485 -20.15 -54.43 -15.69
CA GLU F 485 -18.74 -54.18 -15.39
C GLU F 485 -18.50 -52.70 -15.10
N TYR F 486 -19.13 -51.81 -15.89
CA TYR F 486 -19.03 -50.38 -15.66
C TYR F 486 -19.54 -49.99 -14.28
N ILE F 487 -20.70 -50.50 -13.89
CA ILE F 487 -21.27 -50.14 -12.59
C ILE F 487 -20.34 -50.58 -11.47
N GLU F 488 -19.83 -51.82 -11.53
CA GLU F 488 -18.93 -52.29 -10.48
C GLU F 488 -17.70 -51.42 -10.35
N LYS F 489 -17.17 -50.88 -11.46
CA LYS F 489 -15.96 -50.09 -11.32
C LYS F 489 -16.21 -48.60 -11.04
N PHE F 490 -17.23 -48.00 -11.65
CA PHE F 490 -17.38 -46.55 -11.61
C PHE F 490 -18.53 -46.06 -10.73
N ALA F 491 -19.49 -46.90 -10.37
CA ALA F 491 -20.65 -46.43 -9.61
C ALA F 491 -20.32 -46.38 -8.12
N ASN F 492 -19.41 -45.49 -7.75
CA ASN F 492 -18.84 -45.42 -6.40
C ASN F 492 -17.95 -44.20 -6.31
N PRO F 493 -17.50 -43.82 -5.13
CA PRO F 493 -16.76 -42.54 -5.07
C PRO F 493 -15.28 -42.68 -5.35
N PHE F 494 -14.79 -43.85 -5.63
CA PHE F 494 -13.37 -44.15 -5.80
C PHE F 494 -12.65 -43.66 -7.06
N PRO F 495 -13.20 -43.74 -8.29
CA PRO F 495 -12.43 -43.19 -9.43
C PRO F 495 -12.15 -41.70 -9.33
N ALA F 496 -12.95 -40.95 -8.58
CA ALA F 496 -12.65 -39.55 -8.29
C ALA F 496 -11.66 -39.39 -7.16
N ALA F 497 -11.85 -40.12 -6.05
CA ALA F 497 -10.96 -40.02 -4.90
C ALA F 497 -9.52 -40.38 -5.23
N VAL F 498 -9.30 -41.40 -6.06
CA VAL F 498 -7.92 -41.81 -6.35
C VAL F 498 -7.23 -40.80 -7.23
N ARG F 499 -7.97 -39.84 -7.76
CA ARG F 499 -7.32 -38.86 -8.59
C ARG F 499 -7.08 -37.56 -7.85
N GLY F 500 -7.51 -37.50 -6.59
CA GLY F 500 -7.30 -36.30 -5.80
C GLY F 500 -8.51 -35.39 -5.75
N PHE F 501 -9.66 -35.88 -6.19
CA PHE F 501 -10.85 -35.04 -6.13
C PHE F 501 -11.42 -35.01 -4.72
N VAL F 502 -11.22 -36.07 -3.96
CA VAL F 502 -11.78 -36.23 -2.62
C VAL F 502 -10.63 -36.47 -1.66
N ASP F 503 -10.68 -35.83 -0.50
CA ASP F 503 -9.57 -35.97 0.43
C ASP F 503 -9.68 -37.20 1.30
N ASP F 504 -10.89 -37.63 1.63
CA ASP F 504 -11.07 -38.79 2.47
C ASP F 504 -12.48 -39.27 2.27
N ILE F 505 -12.72 -40.52 2.62
CA ILE F 505 -14.08 -41.07 2.66
C ILE F 505 -14.33 -41.46 4.09
N ILE F 506 -15.32 -40.81 4.70
CA ILE F 506 -15.46 -40.82 6.13
C ILE F 506 -16.75 -41.53 6.50
N GLN F 507 -16.79 -42.10 7.69
CA GLN F 507 -18.02 -42.69 8.17
C GLN F 507 -18.88 -41.49 8.44
N PRO F 508 -20.12 -41.49 7.99
CA PRO F 508 -21.00 -40.33 8.18
C PRO F 508 -21.08 -39.85 9.61
N SER F 509 -21.04 -40.76 10.58
CA SER F 509 -21.11 -40.39 11.98
C SER F 509 -20.00 -39.45 12.42
N SER F 510 -18.90 -39.43 11.68
CA SER F 510 -17.79 -38.56 12.06
C SER F 510 -17.83 -37.21 11.36
N THR F 511 -18.84 -36.95 10.51
CA THR F 511 -18.84 -35.71 9.74
C THR F 511 -18.63 -34.49 10.62
N ARG F 512 -19.30 -34.40 11.77
CA ARG F 512 -19.23 -33.18 12.57
C ARG F 512 -17.82 -32.96 13.08
N ALA F 513 -17.19 -34.03 13.54
CA ALA F 513 -15.84 -33.96 14.06
C ALA F 513 -14.83 -33.50 13.02
N ARG F 514 -15.00 -33.94 11.78
CA ARG F 514 -14.09 -33.59 10.71
C ARG F 514 -14.19 -32.13 10.31
N ILE F 515 -15.40 -31.64 10.24
CA ILE F 515 -15.71 -30.25 9.89
C ILE F 515 -15.21 -29.29 10.95
N CYS F 516 -15.43 -29.65 12.23
CA CYS F 516 -14.99 -28.86 13.37
C CYS F 516 -13.48 -28.69 13.37
N CYS F 517 -12.77 -29.79 13.06
CA CYS F 517 -11.32 -29.77 12.98
C CYS F 517 -10.86 -28.85 11.86
N ASP F 518 -11.51 -28.88 10.70
CA ASP F 518 -11.10 -28.05 9.58
C ASP F 518 -11.40 -26.57 9.87
N LEU F 519 -12.55 -26.28 10.46
CA LEU F 519 -12.92 -24.89 10.70
C LEU F 519 -11.96 -24.20 11.64
N ASP F 520 -11.44 -24.93 12.63
CA ASP F 520 -10.60 -24.32 13.63
C ASP F 520 -9.17 -24.19 13.17
N VAL F 521 -8.83 -24.67 11.99
CA VAL F 521 -7.49 -24.47 11.45
C VAL F 521 -7.49 -23.68 10.16
N LEU F 522 -8.63 -23.58 9.47
CA LEU F 522 -8.72 -22.76 8.28
C LEU F 522 -9.10 -21.34 8.60
N ALA F 523 -9.36 -21.02 9.87
CA ALA F 523 -9.83 -19.70 10.24
C ALA F 523 -8.77 -18.63 10.06
N SER F 524 -7.52 -19.04 9.92
CA SER F 524 -6.41 -18.10 9.79
C SER F 524 -5.95 -17.98 8.34
N LYS F 525 -6.73 -18.55 7.44
CA LYS F 525 -6.44 -18.56 6.03
C LYS F 525 -6.41 -17.20 5.36
N LYS F 526 -5.36 -16.91 4.59
CA LYS F 526 -5.37 -15.71 3.77
C LYS F 526 -4.81 -16.05 2.40
N VAL F 527 -5.44 -15.50 1.37
CA VAL F 527 -5.04 -15.73 -0.02
C VAL F 527 -4.98 -14.38 -0.72
N GLN F 528 -4.25 -14.31 -1.82
CA GLN F 528 -4.21 -13.13 -2.65
C GLN F 528 -4.84 -13.42 -4.02
N ARG F 529 -5.37 -12.37 -4.65
CA ARG F 529 -5.96 -12.44 -5.99
C ARG F 529 -5.45 -11.23 -6.78
N PRO F 530 -5.33 -11.35 -8.10
CA PRO F 530 -4.97 -10.17 -8.90
C PRO F 530 -5.91 -9.01 -8.66
N TRP F 531 -5.34 -7.81 -8.72
CA TRP F 531 -6.12 -6.62 -8.44
C TRP F 531 -7.13 -6.38 -9.55
N ARG F 532 -8.33 -5.99 -9.18
CA ARG F 532 -9.35 -5.63 -10.15
C ARG F 532 -10.19 -4.51 -9.55
N LYS F 533 -10.55 -3.52 -10.34
CA LYS F 533 -11.31 -2.38 -9.87
C LYS F 533 -12.51 -2.95 -9.12
N HIS F 534 -13.20 -3.89 -9.77
CA HIS F 534 -14.34 -4.57 -9.20
C HIS F 534 -14.58 -5.88 -9.90
N ALA F 535 -15.38 -6.73 -9.29
CA ALA F 535 -15.75 -7.98 -9.90
C ALA F 535 -16.78 -7.77 -11.01
N ASN F 536 -16.83 -8.71 -11.92
CA ASN F 536 -17.78 -8.69 -13.03
C ASN F 536 -18.58 -9.98 -13.08
N ILE F 537 -19.63 -10.04 -12.25
CA ILE F 537 -20.53 -11.17 -12.08
C ILE F 537 -21.37 -11.36 -13.35
N PRO F 538 -21.55 -12.59 -13.84
CA PRO F 538 -22.28 -12.82 -15.10
C PRO F 538 -23.67 -12.22 -15.21
N LEU F 539 -24.36 -11.95 -14.10
CA LEU F 539 -25.74 -11.45 -14.06
C LEU F 539 -26.77 -12.29 -14.82
N LYS G 61 -43.27 54.94 -49.15
CA LYS G 61 -42.49 54.16 -50.11
C LYS G 61 -43.20 52.86 -50.47
N THR G 62 -43.22 51.92 -49.53
CA THR G 62 -43.78 50.59 -49.78
C THR G 62 -44.60 50.16 -48.57
N PHE G 63 -44.93 48.87 -48.52
CA PHE G 63 -45.80 48.33 -47.47
C PHE G 63 -45.01 48.24 -46.18
N ASP G 64 -45.69 48.39 -45.06
CA ASP G 64 -45.06 48.11 -43.77
C ASP G 64 -45.11 46.64 -43.40
N LYS G 65 -46.17 45.91 -43.73
CA LYS G 65 -46.28 44.53 -43.30
C LYS G 65 -47.10 43.71 -44.30
N ILE G 66 -46.53 42.60 -44.74
CA ILE G 66 -47.16 41.71 -45.72
C ILE G 66 -47.31 40.34 -45.09
N LEU G 67 -48.48 39.74 -45.28
CA LEU G 67 -48.71 38.38 -44.82
C LEU G 67 -48.54 37.42 -45.98
N VAL G 68 -47.89 36.29 -45.73
CA VAL G 68 -47.72 35.27 -46.74
C VAL G 68 -48.66 34.13 -46.38
N ALA G 69 -49.44 33.67 -47.36
CA ALA G 69 -50.41 32.60 -47.11
C ALA G 69 -49.97 31.26 -47.67
N ASN G 70 -48.71 30.90 -47.48
CA ASN G 70 -48.17 29.68 -48.06
C ASN G 70 -47.08 29.15 -47.14
N ARG G 71 -46.47 28.04 -47.53
CA ARG G 71 -45.46 27.40 -46.72
C ARG G 71 -44.33 26.93 -47.61
N GLY G 72 -43.16 26.79 -47.01
CA GLY G 72 -42.05 26.22 -47.73
C GLY G 72 -41.19 27.25 -48.42
N GLU G 73 -40.54 26.83 -49.51
CA GLU G 73 -39.54 27.68 -50.14
C GLU G 73 -40.15 28.91 -50.78
N ILE G 74 -41.42 28.83 -51.16
CA ILE G 74 -42.07 29.98 -51.77
C ILE G 74 -42.30 31.05 -50.73
N ALA G 75 -42.65 30.64 -49.50
CA ALA G 75 -42.73 31.58 -48.39
C ALA G 75 -41.36 32.12 -48.04
N CYS G 76 -40.33 31.29 -48.14
CA CYS G 76 -38.99 31.79 -47.85
C CYS G 76 -38.54 32.83 -48.86
N ARG G 77 -38.89 32.63 -50.11
CA ARG G 77 -38.53 33.58 -51.12
C ARG G 77 -39.11 34.96 -50.80
N VAL G 78 -40.38 35.02 -50.40
CA VAL G 78 -41.02 36.30 -50.10
C VAL G 78 -40.40 36.91 -48.84
N ILE G 79 -40.13 36.10 -47.81
CA ILE G 79 -39.54 36.61 -46.57
C ILE G 79 -38.19 37.27 -46.84
N ARG G 80 -37.36 36.63 -47.65
CA ARG G 80 -36.06 37.18 -48.00
C ARG G 80 -36.20 38.47 -48.78
N THR G 81 -37.10 38.50 -49.76
CA THR G 81 -37.30 39.74 -50.51
C THR G 81 -37.82 40.87 -49.63
N CYS G 82 -38.78 40.59 -48.74
CA CYS G 82 -39.30 41.62 -47.85
C CYS G 82 -38.21 42.17 -46.96
N LYS G 83 -37.37 41.30 -46.40
CA LYS G 83 -36.29 41.77 -45.57
C LYS G 83 -35.32 42.65 -46.33
N LYS G 84 -35.13 42.36 -47.60
CA LYS G 84 -34.27 43.18 -48.43
C LYS G 84 -34.95 44.53 -48.63
N MET G 85 -36.27 44.53 -48.68
CA MET G 85 -37.05 45.75 -48.87
C MET G 85 -37.35 46.47 -47.58
N GLY G 86 -37.11 45.84 -46.43
CA GLY G 86 -37.40 46.48 -45.17
C GLY G 86 -38.84 46.35 -44.74
N ILE G 87 -39.50 45.27 -45.16
CA ILE G 87 -40.91 45.05 -44.89
C ILE G 87 -41.00 43.89 -43.92
N LYS G 88 -41.86 44.03 -42.91
CA LYS G 88 -42.07 42.92 -41.98
C LYS G 88 -42.95 41.87 -42.63
N THR G 89 -42.64 40.61 -42.38
CA THR G 89 -43.37 39.53 -43.03
C THR G 89 -44.04 38.65 -41.99
N VAL G 90 -45.31 38.34 -42.20
CA VAL G 90 -46.05 37.46 -41.31
C VAL G 90 -46.22 36.12 -42.00
N ALA G 91 -45.98 35.05 -41.27
CA ALA G 91 -46.17 33.71 -41.79
C ALA G 91 -47.39 33.10 -41.15
N ILE G 92 -47.95 32.11 -41.83
CA ILE G 92 -48.95 31.23 -41.26
C ILE G 92 -48.42 29.81 -41.38
N HIS G 93 -48.85 28.96 -40.46
CA HIS G 93 -48.41 27.57 -40.47
C HIS G 93 -49.46 26.69 -39.81
N SER G 94 -49.39 25.40 -40.13
CA SER G 94 -50.14 24.36 -39.46
C SER G 94 -49.39 23.95 -38.21
N ASP G 95 -50.01 23.10 -37.38
CA ASP G 95 -49.35 22.62 -36.16
C ASP G 95 -48.09 21.81 -36.46
N VAL G 96 -48.03 21.13 -37.60
CA VAL G 96 -46.85 20.32 -37.88
C VAL G 96 -45.78 21.18 -38.54
N ASP G 97 -46.18 22.28 -39.20
CA ASP G 97 -45.24 23.18 -39.83
C ASP G 97 -44.70 24.25 -38.90
N ALA G 98 -45.01 24.17 -37.61
CA ALA G 98 -44.58 25.17 -36.65
C ALA G 98 -43.07 25.31 -36.55
N SER G 99 -42.30 24.29 -36.91
CA SER G 99 -40.85 24.42 -36.88
C SER G 99 -40.23 24.50 -38.27
N SER G 100 -41.02 24.77 -39.29
CA SER G 100 -40.50 24.82 -40.65
C SER G 100 -39.67 26.08 -40.85
N VAL G 101 -38.94 26.14 -41.95
CA VAL G 101 -37.99 27.23 -42.10
C VAL G 101 -38.70 28.57 -42.23
N HIS G 102 -39.76 28.66 -43.03
CA HIS G 102 -40.36 29.96 -43.27
C HIS G 102 -40.99 30.53 -42.02
N VAL G 103 -41.37 29.68 -41.06
CA VAL G 103 -41.91 30.19 -39.81
C VAL G 103 -40.82 30.89 -39.01
N LYS G 104 -39.62 30.31 -38.99
CA LYS G 104 -38.53 30.89 -38.22
C LYS G 104 -37.97 32.13 -38.90
N MET G 105 -37.99 32.15 -40.23
CA MET G 105 -37.48 33.31 -40.94
C MET G 105 -38.41 34.50 -40.86
N ALA G 106 -39.71 34.26 -40.72
CA ALA G 106 -40.67 35.37 -40.68
C ALA G 106 -40.52 36.12 -39.37
N ASP G 107 -41.05 37.35 -39.35
CA ASP G 107 -41.00 38.19 -38.16
C ASP G 107 -42.08 37.85 -37.17
N GLU G 108 -43.27 37.53 -37.67
CA GLU G 108 -44.39 37.10 -36.86
C GLU G 108 -45.02 35.90 -37.53
N ALA G 109 -45.69 35.07 -36.75
CA ALA G 109 -46.34 33.89 -37.28
C ALA G 109 -47.63 33.63 -36.53
N VAL G 110 -48.61 33.09 -37.22
CA VAL G 110 -49.89 32.72 -36.63
C VAL G 110 -50.16 31.27 -36.99
N CYS G 111 -50.53 30.47 -36.00
CA CYS G 111 -50.96 29.12 -36.29
C CYS G 111 -52.42 29.15 -36.71
N VAL G 112 -52.74 28.50 -37.81
CA VAL G 112 -54.07 28.53 -38.38
C VAL G 112 -54.84 27.26 -38.08
N GLY G 113 -54.21 26.11 -38.21
CA GLY G 113 -54.95 24.87 -38.09
C GLY G 113 -54.08 23.64 -38.05
N PRO G 114 -54.71 22.47 -38.14
CA PRO G 114 -53.97 21.22 -38.04
C PRO G 114 -53.26 20.81 -39.31
N ALA G 115 -52.61 19.65 -39.27
CA ALA G 115 -51.84 19.15 -40.41
C ALA G 115 -52.52 19.18 -41.78
N PRO G 116 -53.74 18.69 -41.99
CA PRO G 116 -54.27 18.69 -43.35
C PRO G 116 -54.52 20.10 -43.87
N THR G 117 -54.11 20.32 -45.11
CA THR G 117 -54.10 21.66 -45.68
C THR G 117 -55.49 22.27 -45.75
N SER G 118 -56.53 21.44 -45.86
CA SER G 118 -57.88 21.97 -46.06
C SER G 118 -58.32 22.79 -44.86
N LYS G 119 -57.66 22.62 -43.73
CA LYS G 119 -58.05 23.26 -42.49
C LYS G 119 -57.02 24.25 -42.00
N SER G 120 -55.93 24.42 -42.72
CA SER G 120 -54.79 25.24 -42.30
C SER G 120 -54.34 26.24 -43.34
N TYR G 121 -54.31 25.85 -44.62
CA TYR G 121 -53.87 26.75 -45.67
C TYR G 121 -54.98 27.07 -46.64
N LEU G 122 -56.03 26.25 -46.69
CA LEU G 122 -57.21 26.57 -47.47
C LEU G 122 -58.37 27.07 -46.60
N ASN G 123 -58.15 27.31 -45.32
CA ASN G 123 -59.18 27.82 -44.42
C ASN G 123 -59.16 29.35 -44.46
N MET G 124 -59.89 29.93 -45.41
CA MET G 124 -59.76 31.36 -45.66
C MET G 124 -60.29 32.20 -44.50
N ASP G 125 -61.25 31.66 -43.74
CA ASP G 125 -61.81 32.39 -42.60
C ASP G 125 -60.80 32.53 -41.48
N ALA G 126 -60.11 31.44 -41.16
CA ALA G 126 -59.07 31.47 -40.14
C ALA G 126 -57.90 32.35 -40.57
N ILE G 127 -57.61 32.36 -41.86
CA ILE G 127 -56.55 33.20 -42.40
C ILE G 127 -56.94 34.67 -42.30
N MET G 128 -58.19 35.00 -42.64
CA MET G 128 -58.65 36.39 -42.51
C MET G 128 -58.50 36.90 -41.09
N GLU G 129 -58.75 36.03 -40.12
CA GLU G 129 -58.55 36.40 -38.72
C GLU G 129 -57.08 36.70 -38.45
N ALA G 130 -56.18 35.88 -38.99
CA ALA G 130 -54.75 36.15 -38.84
C ALA G 130 -54.35 37.45 -39.53
N ILE G 131 -54.94 37.75 -40.69
CA ILE G 131 -54.57 38.94 -41.45
C ILE G 131 -54.90 40.19 -40.65
N LYS G 132 -56.10 40.24 -40.07
CA LYS G 132 -56.46 41.40 -39.26
C LYS G 132 -55.80 41.37 -37.89
N LYS G 133 -55.59 40.19 -37.31
CA LYS G 133 -54.99 40.11 -36.00
C LYS G 133 -53.60 40.77 -36.00
N THR G 134 -52.83 40.53 -37.06
CA THR G 134 -51.49 41.12 -37.13
C THR G 134 -51.46 42.46 -37.80
N ARG G 135 -52.61 43.00 -38.22
CA ARG G 135 -52.75 44.27 -38.92
C ARG G 135 -51.85 44.29 -40.16
N ALA G 136 -51.96 43.21 -40.93
CA ALA G 136 -51.27 43.11 -42.21
C ALA G 136 -51.94 44.02 -43.24
N GLN G 137 -51.13 44.56 -44.14
CA GLN G 137 -51.62 45.51 -45.13
C GLN G 137 -51.88 44.84 -46.49
N ALA G 138 -51.03 43.88 -46.85
CA ALA G 138 -51.13 43.19 -48.14
C ALA G 138 -50.93 41.69 -47.90
N VAL G 139 -51.47 40.84 -48.78
CA VAL G 139 -51.29 39.38 -48.70
C VAL G 139 -50.67 38.86 -50.01
N HIS G 140 -49.63 38.02 -49.90
CA HIS G 140 -49.03 37.35 -51.07
C HIS G 140 -49.17 35.83 -50.92
N PRO G 141 -50.10 35.21 -51.65
CA PRO G 141 -50.32 33.78 -51.43
C PRO G 141 -49.33 32.87 -52.13
N GLY G 142 -48.42 33.41 -52.93
CA GLY G 142 -47.53 32.61 -53.74
C GLY G 142 -48.31 31.87 -54.81
N TYR G 143 -48.25 30.54 -54.78
CA TYR G 143 -48.95 29.75 -55.76
C TYR G 143 -49.60 28.56 -55.04
N GLY G 144 -50.47 27.87 -55.75
CA GLY G 144 -51.01 26.64 -55.23
C GLY G 144 -52.34 26.78 -54.51
N PHE G 145 -52.27 27.21 -53.24
CA PHE G 145 -53.38 27.14 -52.30
C PHE G 145 -54.56 28.05 -52.62
N LEU G 146 -54.37 29.35 -52.47
CA LEU G 146 -55.50 30.27 -52.64
C LEU G 146 -55.17 31.31 -53.69
N SER G 147 -54.28 30.98 -54.61
CA SER G 147 -53.85 31.92 -55.62
C SER G 147 -54.90 32.16 -56.68
N GLU G 148 -55.80 31.18 -56.89
CA GLU G 148 -56.91 31.31 -57.83
C GLU G 148 -58.26 31.19 -57.14
N ASN G 149 -58.31 31.36 -55.83
CA ASN G 149 -59.55 31.20 -55.07
C ASN G 149 -60.28 32.53 -55.04
N LYS G 150 -61.37 32.63 -55.80
CA LYS G 150 -62.03 33.93 -55.96
C LYS G 150 -62.71 34.37 -54.68
N GLU G 151 -63.32 33.43 -53.96
CA GLU G 151 -64.01 33.77 -52.72
C GLU G 151 -63.05 34.35 -51.69
N PHE G 152 -61.83 33.84 -51.66
CA PHE G 152 -60.79 34.40 -50.79
C PHE G 152 -60.45 35.82 -51.21
N ALA G 153 -60.16 36.02 -52.50
CA ALA G 153 -59.83 37.36 -52.96
C ALA G 153 -60.98 38.33 -52.78
N ARG G 154 -62.21 37.86 -52.94
CA ARG G 154 -63.39 38.72 -52.80
C ARG G 154 -63.54 39.19 -51.35
N CYS G 155 -63.56 38.24 -50.41
CA CYS G 155 -63.68 38.58 -49.00
C CYS G 155 -62.44 39.27 -48.44
N LEU G 156 -61.28 39.06 -49.05
CA LEU G 156 -60.09 39.79 -48.69
C LEU G 156 -60.17 41.24 -49.15
N ALA G 157 -60.56 41.47 -50.40
CA ALA G 157 -60.72 42.84 -50.87
C ALA G 157 -61.82 43.57 -50.12
N ALA G 158 -62.86 42.85 -49.72
CA ALA G 158 -63.96 43.49 -48.99
C ALA G 158 -63.45 44.16 -47.73
N GLU G 159 -62.31 43.72 -47.21
CA GLU G 159 -61.76 44.23 -45.97
C GLU G 159 -60.64 45.22 -46.22
N ASP G 160 -60.49 45.66 -47.48
CA ASP G 160 -59.46 46.61 -47.98
C ASP G 160 -58.03 46.15 -47.73
N VAL G 161 -57.79 44.87 -47.94
CA VAL G 161 -56.44 44.37 -47.82
C VAL G 161 -55.96 44.21 -49.25
N VAL G 162 -54.74 44.62 -49.52
CA VAL G 162 -54.22 44.63 -50.88
C VAL G 162 -53.86 43.20 -51.18
N PHE G 163 -54.37 42.70 -52.29
CA PHE G 163 -54.02 41.37 -52.75
C PHE G 163 -52.96 41.40 -53.82
N ILE G 164 -51.91 40.65 -53.61
CA ILE G 164 -50.81 40.55 -54.55
C ILE G 164 -50.91 39.35 -55.47
N GLY G 165 -51.34 39.58 -56.71
CA GLY G 165 -51.65 38.46 -57.57
C GLY G 165 -52.71 38.96 -58.52
N PRO G 166 -53.43 37.98 -59.19
CA PRO G 166 -54.42 38.51 -60.13
C PRO G 166 -55.59 39.07 -59.36
N ASP G 167 -56.41 39.85 -60.04
CA ASP G 167 -57.66 40.35 -59.49
C ASP G 167 -58.63 39.26 -59.86
N THR G 168 -59.89 39.40 -59.51
CA THR G 168 -60.81 38.30 -59.77
C THR G 168 -61.31 38.28 -61.22
N HIS G 169 -61.20 39.42 -61.91
CA HIS G 169 -61.54 39.44 -63.32
C HIS G 169 -60.64 38.53 -64.13
N ALA G 170 -59.33 38.63 -63.94
CA ALA G 170 -58.40 37.78 -64.67
C ALA G 170 -58.61 36.30 -64.34
N ILE G 171 -58.92 35.99 -63.07
CA ILE G 171 -59.14 34.60 -62.69
C ILE G 171 -60.36 34.04 -63.42
N GLN G 172 -61.46 34.78 -63.44
CA GLN G 172 -62.66 34.35 -64.15
C GLN G 172 -62.50 34.41 -65.66
N ALA G 173 -61.77 35.40 -66.18
CA ALA G 173 -61.63 35.55 -67.62
C ALA G 173 -61.03 34.30 -68.23
N MET G 174 -60.07 33.68 -67.53
CA MET G 174 -59.44 32.46 -68.01
C MET G 174 -60.05 31.25 -67.28
N GLY G 175 -61.28 31.41 -66.80
CA GLY G 175 -61.86 30.39 -65.95
C GLY G 175 -62.03 29.08 -66.69
N ASP G 176 -62.31 29.16 -67.99
CA ASP G 176 -62.64 28.02 -68.83
C ASP G 176 -61.95 28.17 -70.18
N LYS G 177 -62.08 27.14 -71.01
CA LYS G 177 -61.43 27.12 -72.32
C LYS G 177 -62.08 28.01 -73.39
N ILE G 178 -63.37 28.29 -73.25
CA ILE G 178 -64.04 29.11 -74.25
C ILE G 178 -63.54 30.55 -74.22
N GLU G 179 -63.45 31.16 -73.02
CA GLU G 179 -62.95 32.54 -72.94
C GLU G 179 -61.49 32.61 -73.33
N SER G 180 -60.70 31.59 -72.97
CA SER G 180 -59.29 31.59 -73.35
C SER G 180 -59.11 31.54 -74.86
N LYS G 181 -59.88 30.69 -75.53
CA LYS G 181 -59.79 30.60 -76.99
C LYS G 181 -60.27 31.89 -77.64
N LEU G 182 -61.34 32.47 -77.10
CA LEU G 182 -61.83 33.71 -77.65
C LEU G 182 -60.79 34.82 -77.51
N LEU G 183 -60.10 34.87 -76.37
CA LEU G 183 -59.05 35.87 -76.19
C LEU G 183 -57.94 35.68 -77.22
N ALA G 184 -57.50 34.45 -77.45
CA ALA G 184 -56.46 34.19 -78.44
C ALA G 184 -56.86 34.60 -79.84
N LYS G 185 -58.16 34.59 -80.13
CA LYS G 185 -58.63 35.00 -81.44
C LYS G 185 -58.65 36.51 -81.56
N LYS G 186 -58.96 37.19 -80.46
CA LYS G 186 -59.06 38.64 -80.42
C LYS G 186 -57.70 39.31 -80.32
N ALA G 187 -56.82 38.67 -79.58
CA ALA G 187 -55.52 39.21 -79.28
C ALA G 187 -54.74 38.88 -80.55
N GLU G 188 -55.35 38.01 -81.37
CA GLU G 188 -54.73 37.50 -82.57
C GLU G 188 -53.45 36.71 -82.34
N VAL G 189 -53.57 35.50 -81.79
CA VAL G 189 -52.33 34.79 -81.58
C VAL G 189 -52.13 33.67 -82.60
N ASN G 190 -53.00 32.66 -82.48
CA ASN G 190 -53.10 31.53 -83.41
C ASN G 190 -54.41 30.70 -83.31
N THR G 191 -54.48 29.74 -82.40
CA THR G 191 -55.68 28.89 -82.33
C THR G 191 -56.25 28.38 -83.67
N ILE G 192 -55.51 27.46 -84.27
CA ILE G 192 -55.76 26.90 -85.60
C ILE G 192 -57.17 26.35 -85.78
N PRO G 193 -57.88 26.75 -86.83
CA PRO G 193 -59.26 26.30 -87.00
C PRO G 193 -59.38 24.79 -87.16
N GLY G 194 -60.53 24.28 -86.73
CA GLY G 194 -60.96 22.93 -87.05
C GLY G 194 -62.17 22.99 -87.94
N PHE G 195 -62.90 21.88 -87.99
CA PHE G 195 -64.12 21.81 -88.77
C PHE G 195 -65.32 22.01 -87.86
N ASP G 196 -66.04 23.11 -88.08
CA ASP G 196 -67.19 23.46 -87.27
C ASP G 196 -68.40 22.77 -87.89
N GLY G 197 -68.43 21.45 -87.74
CA GLY G 197 -69.50 20.63 -88.26
C GLY G 197 -69.11 19.17 -88.14
N VAL G 198 -70.06 18.28 -88.42
CA VAL G 198 -69.78 16.85 -88.32
C VAL G 198 -69.43 16.31 -89.70
N VAL G 199 -68.37 15.50 -89.75
CA VAL G 199 -68.01 14.88 -91.01
C VAL G 199 -68.82 13.60 -91.17
N LYS G 200 -69.53 13.51 -92.29
CA LYS G 200 -70.48 12.42 -92.51
C LYS G 200 -70.04 11.52 -93.67
N ASP G 201 -69.59 12.11 -94.76
CA ASP G 201 -69.28 11.38 -95.97
C ASP G 201 -67.84 10.88 -95.90
N ALA G 202 -67.46 10.11 -96.92
CA ALA G 202 -66.12 9.55 -97.01
C ALA G 202 -65.15 10.54 -97.63
N GLU G 203 -65.64 11.47 -98.44
CA GLU G 203 -64.82 12.47 -99.11
C GLU G 203 -64.71 13.76 -98.33
N GLU G 204 -65.62 14.03 -97.40
CA GLU G 204 -65.51 15.20 -96.55
C GLU G 204 -64.29 15.14 -95.64
N ALA G 205 -63.93 13.96 -95.15
CA ALA G 205 -62.77 13.84 -94.26
C ALA G 205 -61.51 14.37 -94.94
N VAL G 206 -61.37 14.19 -96.25
CA VAL G 206 -60.17 14.71 -96.92
C VAL G 206 -60.44 16.09 -97.51
N ARG G 207 -61.64 16.35 -98.04
CA ARG G 207 -61.86 17.66 -98.65
C ARG G 207 -61.72 18.77 -97.62
N ILE G 208 -62.27 18.59 -96.41
CA ILE G 208 -62.16 19.67 -95.44
C ILE G 208 -60.71 19.87 -95.02
N ALA G 209 -59.95 18.78 -94.82
CA ALA G 209 -58.54 18.89 -94.47
C ALA G 209 -57.76 19.67 -95.53
N ARG G 210 -58.06 19.42 -96.81
CA ARG G 210 -57.37 20.12 -97.88
C ARG G 210 -57.56 21.62 -97.77
N GLU G 211 -58.74 22.07 -97.34
CA GLU G 211 -58.97 23.49 -97.21
C GLU G 211 -58.25 24.12 -96.02
N ILE G 212 -58.07 23.40 -94.91
CA ILE G 212 -57.46 24.02 -93.74
C ILE G 212 -55.96 23.73 -93.62
N GLY G 213 -55.55 22.50 -93.86
CA GLY G 213 -54.15 22.13 -93.64
C GLY G 213 -53.72 20.72 -93.96
N TYR G 214 -52.57 20.31 -93.45
CA TYR G 214 -52.05 18.97 -93.73
C TYR G 214 -52.13 17.90 -92.64
N PRO G 215 -51.40 18.17 -91.48
CA PRO G 215 -51.50 17.15 -90.45
C PRO G 215 -52.94 17.30 -89.95
N VAL G 216 -53.69 16.22 -90.04
CA VAL G 216 -55.10 16.21 -89.63
C VAL G 216 -55.36 15.05 -88.69
N MET G 217 -56.09 15.35 -87.62
CA MET G 217 -56.48 14.37 -86.61
C MET G 217 -57.97 14.08 -86.75
N ILE G 218 -58.34 12.80 -86.63
CA ILE G 218 -59.74 12.38 -86.59
C ILE G 218 -60.08 11.91 -85.19
N LYS G 219 -61.11 12.50 -84.58
CA LYS G 219 -61.52 12.17 -83.22
C LYS G 219 -63.05 12.20 -83.15
N ALA G 220 -63.59 11.58 -82.10
CA ALA G 220 -65.01 11.59 -81.77
C ALA G 220 -65.48 13.01 -81.44
N SER G 221 -66.74 13.31 -81.79
CA SER G 221 -67.33 14.60 -81.47
C SER G 221 -67.45 14.82 -79.97
N ALA G 222 -67.55 13.74 -79.21
CA ALA G 222 -67.54 13.78 -77.75
C ALA G 222 -67.00 12.47 -77.20
N GLY G 223 -66.04 12.56 -76.28
CA GLY G 223 -65.44 11.41 -75.67
C GLY G 223 -63.93 11.53 -75.68
N GLY G 224 -63.28 10.41 -75.38
CA GLY G 224 -61.83 10.40 -75.31
C GLY G 224 -61.33 9.01 -74.98
N GLY G 225 -60.01 8.91 -74.81
CA GLY G 225 -59.39 7.64 -74.49
C GLY G 225 -59.28 6.72 -75.69
N GLY G 226 -59.09 7.30 -76.87
CA GLY G 226 -59.00 6.52 -78.08
C GLY G 226 -60.35 6.18 -78.68
N LYS G 227 -61.34 7.02 -78.45
CA LYS G 227 -62.69 6.75 -78.95
C LYS G 227 -62.71 7.01 -80.44
N GLY G 228 -62.13 6.09 -81.21
CA GLY G 228 -62.03 6.21 -82.65
C GLY G 228 -61.02 7.20 -83.15
N MET G 229 -59.96 7.48 -82.38
CA MET G 229 -58.98 8.49 -82.76
C MET G 229 -57.92 7.82 -83.63
N ARG G 230 -57.47 8.55 -84.64
CA ARG G 230 -56.36 8.14 -85.49
C ARG G 230 -55.66 9.39 -86.00
N ILE G 231 -54.36 9.27 -86.26
CA ILE G 231 -53.57 10.38 -86.78
C ILE G 231 -53.34 10.13 -88.27
N ALA G 232 -53.64 11.17 -89.06
CA ALA G 232 -53.49 11.06 -90.51
C ALA G 232 -52.70 12.25 -91.04
N TRP G 233 -52.01 12.01 -92.15
CA TRP G 233 -51.23 13.01 -92.86
C TRP G 233 -51.68 13.20 -94.31
N ASP G 234 -51.71 12.13 -95.09
CA ASP G 234 -52.12 12.20 -96.48
C ASP G 234 -53.62 11.90 -96.56
N ASP G 235 -54.15 11.97 -97.77
CA ASP G 235 -55.57 11.73 -97.98
C ASP G 235 -55.97 10.26 -97.89
N GLU G 236 -55.07 9.33 -98.21
CA GLU G 236 -55.44 7.91 -98.24
C GLU G 236 -55.77 7.39 -96.85
N GLU G 237 -54.90 7.66 -95.87
CA GLU G 237 -55.27 7.23 -94.52
C GLU G 237 -56.21 8.20 -93.82
N THR G 238 -56.36 9.45 -94.26
CA THR G 238 -57.45 10.22 -93.68
C THR G 238 -58.80 9.62 -94.07
N ARG G 239 -58.99 9.24 -95.34
CA ARG G 239 -60.25 8.63 -95.75
C ARG G 239 -60.48 7.33 -95.01
N ASP G 240 -59.42 6.52 -94.90
CA ASP G 240 -59.50 5.22 -94.24
C ASP G 240 -59.78 5.36 -92.75
N GLY G 241 -59.10 6.30 -92.08
CA GLY G 241 -59.36 6.52 -90.66
C GLY G 241 -60.78 6.93 -90.36
N PHE G 242 -61.35 7.84 -91.15
CA PHE G 242 -62.72 8.26 -90.91
C PHE G 242 -63.69 7.09 -91.05
N ARG G 243 -63.62 6.36 -92.16
CA ARG G 243 -64.66 5.38 -92.42
C ARG G 243 -64.58 4.23 -91.41
N LEU G 244 -63.39 3.94 -90.89
CA LEU G 244 -63.22 2.93 -89.85
C LEU G 244 -63.88 3.38 -88.55
N SER G 245 -63.66 4.63 -88.17
CA SER G 245 -64.21 5.17 -86.93
C SER G 245 -65.71 5.36 -87.04
N SER G 246 -66.17 5.83 -88.19
CA SER G 246 -67.59 6.08 -88.40
C SER G 246 -68.41 4.80 -88.52
N GLN G 247 -67.80 3.67 -88.86
CA GLN G 247 -68.52 2.40 -88.84
C GLN G 247 -68.33 1.58 -87.58
N GLU G 248 -67.21 1.73 -86.84
CA GLU G 248 -67.04 0.93 -85.63
C GLU G 248 -67.34 1.67 -84.33
N ALA G 249 -67.24 3.01 -84.29
CA ALA G 249 -67.44 3.74 -83.05
C ALA G 249 -68.82 3.53 -82.47
N ALA G 250 -69.83 3.29 -83.33
CA ALA G 250 -71.19 3.10 -82.89
C ALA G 250 -71.32 1.90 -81.95
N SER G 251 -70.37 0.96 -82.00
CA SER G 251 -70.38 -0.22 -81.15
C SER G 251 -69.77 0.02 -79.79
N SER G 252 -69.17 1.19 -79.54
CA SER G 252 -68.54 1.43 -78.25
C SER G 252 -69.52 2.14 -77.32
N PHE G 253 -69.74 3.43 -77.56
CA PHE G 253 -70.61 4.23 -76.70
C PHE G 253 -71.85 4.73 -77.45
N GLY G 254 -72.16 4.17 -78.62
CA GLY G 254 -73.34 4.52 -79.38
C GLY G 254 -73.27 5.83 -80.14
N ASP G 255 -72.07 6.28 -80.52
CA ASP G 255 -71.91 7.55 -81.22
C ASP G 255 -70.81 7.43 -82.27
N ASP G 256 -71.13 7.82 -83.50
CA ASP G 256 -70.24 7.59 -84.63
C ASP G 256 -70.06 8.89 -85.40
N ARG G 257 -70.30 10.01 -84.73
CA ARG G 257 -70.05 11.33 -85.31
C ARG G 257 -68.59 11.70 -85.10
N LEU G 258 -67.88 11.96 -86.20
CA LEU G 258 -66.45 12.30 -86.16
C LEU G 258 -66.23 13.77 -86.49
N LEU G 259 -65.25 14.38 -85.83
CA LEU G 259 -64.78 15.73 -86.13
C LEU G 259 -63.33 15.65 -86.61
N ILE G 260 -62.89 16.65 -87.37
CA ILE G 260 -61.47 16.76 -87.70
C ILE G 260 -60.98 18.12 -87.26
N GLU G 261 -59.72 18.13 -86.81
CA GLU G 261 -58.95 19.28 -86.34
C GLU G 261 -57.52 19.05 -86.80
N LYS G 262 -56.62 19.98 -86.48
CA LYS G 262 -55.24 19.90 -86.96
C LYS G 262 -54.26 19.69 -85.77
N PHE G 263 -53.16 18.95 -85.98
CA PHE G 263 -52.30 18.61 -84.86
C PHE G 263 -50.87 18.98 -85.22
N ILE G 264 -49.96 18.74 -84.29
CA ILE G 264 -48.53 18.92 -84.47
C ILE G 264 -47.80 17.64 -84.05
N ASP G 265 -46.60 17.46 -84.62
CA ASP G 265 -45.69 16.37 -84.28
C ASP G 265 -44.80 16.80 -83.12
N ASN G 266 -43.88 15.92 -82.69
CA ASN G 266 -42.98 16.03 -81.54
C ASN G 266 -42.99 17.42 -80.88
N PRO G 267 -43.98 17.67 -80.02
CA PRO G 267 -44.15 19.02 -79.48
C PRO G 267 -43.08 19.35 -78.45
N ARG G 268 -42.78 20.64 -78.35
CA ARG G 268 -42.02 21.17 -77.23
C ARG G 268 -42.86 22.19 -76.48
N HIS G 269 -42.78 22.16 -75.16
CA HIS G 269 -43.58 23.04 -74.31
C HIS G 269 -42.73 24.25 -73.95
N ILE G 270 -43.17 25.45 -74.36
CA ILE G 270 -42.36 26.65 -74.19
C ILE G 270 -43.21 27.71 -73.53
N GLU G 271 -42.69 28.32 -72.48
CA GLU G 271 -43.40 29.33 -71.73
C GLU G 271 -42.79 30.69 -72.02
N ILE G 272 -43.63 31.72 -72.02
CA ILE G 272 -43.17 33.09 -72.01
C ILE G 272 -43.83 33.79 -70.84
N GLN G 273 -43.03 34.47 -70.03
CA GLN G 273 -43.55 35.17 -68.86
C GLN G 273 -43.83 36.62 -69.18
N VAL G 274 -44.92 37.14 -68.63
CA VAL G 274 -45.33 38.52 -68.84
C VAL G 274 -45.55 39.21 -67.50
N LEU G 275 -45.04 40.43 -67.40
CA LEU G 275 -45.19 41.28 -66.23
C LEU G 275 -46.15 42.38 -66.62
N GLY G 276 -47.34 42.38 -66.03
CA GLY G 276 -48.35 43.39 -66.30
C GLY G 276 -48.17 44.61 -65.41
N ASP G 277 -48.66 45.74 -65.90
CA ASP G 277 -48.65 46.99 -65.15
C ASP G 277 -50.08 47.49 -64.96
N LYS G 278 -50.35 48.02 -63.76
CA LYS G 278 -51.64 48.62 -63.49
C LYS G 278 -51.94 49.83 -64.37
N HIS G 279 -50.93 50.41 -65.01
CA HIS G 279 -51.13 51.58 -65.86
C HIS G 279 -51.35 51.21 -67.32
N GLY G 280 -51.42 49.91 -67.63
CA GLY G 280 -51.66 49.47 -68.98
C GLY G 280 -50.44 48.94 -69.69
N ASN G 281 -49.25 49.11 -69.13
CA ASN G 281 -48.05 48.56 -69.74
C ASN G 281 -47.93 47.07 -69.44
N ALA G 282 -47.12 46.39 -70.26
CA ALA G 282 -46.81 44.98 -70.03
C ALA G 282 -45.54 44.65 -70.78
N LEU G 283 -44.62 43.94 -70.13
CA LEU G 283 -43.41 43.49 -70.79
C LEU G 283 -43.35 41.98 -70.77
N TRP G 284 -42.63 41.42 -71.73
CA TRP G 284 -42.44 39.98 -71.82
C TRP G 284 -40.98 39.67 -71.54
N LEU G 285 -40.74 38.55 -70.86
CA LEU G 285 -39.41 38.15 -70.48
C LEU G 285 -38.97 36.99 -71.37
N ASN G 286 -37.70 36.60 -71.23
CA ASN G 286 -37.22 35.46 -71.98
C ASN G 286 -38.05 34.22 -71.68
N GLU G 287 -38.13 33.34 -72.66
CA GLU G 287 -38.95 32.14 -72.56
C GLU G 287 -38.35 31.11 -71.59
N ARG G 288 -39.07 29.99 -71.44
CA ARG G 288 -38.57 28.81 -70.74
C ARG G 288 -38.95 27.56 -71.52
N GLU G 289 -38.00 26.65 -71.65
CA GLU G 289 -38.22 25.34 -72.23
C GLU G 289 -38.52 24.37 -71.10
N CYS G 290 -39.71 23.79 -71.11
CA CYS G 290 -40.19 22.96 -70.01
C CYS G 290 -40.66 21.61 -70.51
N SER G 291 -39.77 20.85 -71.15
CA SER G 291 -40.24 19.62 -71.80
C SER G 291 -39.97 18.37 -70.97
N ILE G 292 -39.04 18.42 -70.01
CA ILE G 292 -38.72 17.23 -69.23
C ILE G 292 -39.69 17.16 -68.05
N GLN G 293 -40.55 16.14 -68.05
CA GLN G 293 -41.63 16.10 -67.10
C GLN G 293 -42.02 14.65 -66.83
N ARG G 294 -42.64 14.41 -65.68
CA ARG G 294 -43.31 13.13 -65.47
C ARG G 294 -44.58 13.38 -64.66
N ARG G 295 -45.61 12.58 -64.96
CA ARG G 295 -46.97 12.60 -64.41
C ARG G 295 -47.62 13.98 -64.48
N ASN G 296 -47.37 14.64 -65.63
CA ASN G 296 -47.78 16.00 -66.00
C ASN G 296 -47.28 17.07 -65.04
N GLN G 297 -46.07 16.85 -64.52
CA GLN G 297 -45.42 17.83 -63.65
C GLN G 297 -43.98 18.00 -64.09
N LYS G 298 -43.55 19.24 -64.20
CA LYS G 298 -42.23 19.50 -64.73
C LYS G 298 -41.16 19.19 -63.68
N VAL G 299 -39.99 18.78 -64.15
CA VAL G 299 -38.88 18.54 -63.24
C VAL G 299 -37.64 19.31 -63.64
N VAL G 300 -37.41 19.51 -64.93
CA VAL G 300 -36.25 20.25 -65.41
C VAL G 300 -36.69 21.25 -66.46
N GLU G 301 -36.20 22.48 -66.32
CA GLU G 301 -36.50 23.56 -67.22
C GLU G 301 -35.22 24.29 -67.58
N GLU G 302 -35.24 24.93 -68.75
CA GLU G 302 -34.13 25.70 -69.27
C GLU G 302 -34.75 27.02 -69.70
N ALA G 303 -34.07 28.13 -69.45
CA ALA G 303 -34.64 29.43 -69.80
C ALA G 303 -34.45 29.86 -71.25
N PRO G 304 -33.19 29.93 -71.67
CA PRO G 304 -32.85 30.36 -73.04
C PRO G 304 -33.04 29.19 -74.00
N SER G 305 -34.28 28.69 -74.04
CA SER G 305 -34.64 27.57 -74.90
C SER G 305 -33.54 26.95 -75.78
N ILE G 306 -33.68 27.12 -77.09
CA ILE G 306 -32.77 26.67 -78.15
C ILE G 306 -33.57 26.63 -79.44
N PHE G 307 -34.89 26.67 -79.31
CA PHE G 307 -35.79 26.48 -80.43
C PHE G 307 -36.23 27.83 -80.95
N LEU G 308 -35.59 28.88 -80.45
CA LEU G 308 -35.91 30.25 -80.83
C LEU G 308 -34.71 31.07 -81.24
N ASP G 309 -34.84 31.83 -82.32
CA ASP G 309 -33.88 32.85 -82.68
C ASP G 309 -34.42 34.21 -82.24
N ALA G 310 -33.69 35.28 -82.54
CA ALA G 310 -34.09 36.58 -82.03
C ALA G 310 -35.47 37.01 -82.53
N GLU G 311 -35.77 36.73 -83.80
CA GLU G 311 -37.05 37.16 -84.35
C GLU G 311 -38.22 36.36 -83.79
N THR G 312 -38.05 35.05 -83.60
CA THR G 312 -39.12 34.25 -83.03
C THR G 312 -39.45 34.69 -81.61
N ARG G 313 -38.43 35.00 -80.82
CA ARG G 313 -38.65 35.48 -79.46
C ARG G 313 -39.49 36.74 -79.44
N ARG G 314 -39.17 37.69 -80.33
CA ARG G 314 -39.94 38.92 -80.39
C ARG G 314 -41.37 38.65 -80.85
N ALA G 315 -41.52 37.82 -81.87
CA ALA G 315 -42.83 37.53 -82.43
C ALA G 315 -43.75 36.90 -81.40
N MET G 316 -43.24 35.94 -80.63
CA MET G 316 -44.05 35.27 -79.63
C MET G 316 -44.21 36.10 -78.37
N GLY G 317 -43.18 36.89 -78.02
CA GLY G 317 -43.30 37.76 -76.86
C GLY G 317 -44.40 38.80 -77.04
N GLU G 318 -44.50 39.37 -78.24
CA GLU G 318 -45.54 40.34 -78.54
C GLU G 318 -46.93 39.71 -78.46
N GLN G 319 -47.09 38.47 -78.92
CA GLN G 319 -48.38 37.81 -78.77
C GLN G 319 -48.74 37.52 -77.32
N ALA G 320 -47.77 37.11 -76.49
CA ALA G 320 -48.05 36.93 -75.07
C ALA G 320 -48.47 38.24 -74.42
N VAL G 321 -47.86 39.35 -74.85
CA VAL G 321 -48.28 40.66 -74.32
C VAL G 321 -49.69 40.99 -74.81
N ALA G 322 -49.99 40.71 -76.09
CA ALA G 322 -51.30 40.96 -76.66
C ALA G 322 -52.40 40.26 -75.87
N LEU G 323 -52.12 39.08 -75.35
CA LEU G 323 -53.10 38.45 -74.48
C LEU G 323 -53.24 39.23 -73.17
N ALA G 324 -52.13 39.57 -72.52
CA ALA G 324 -52.20 40.26 -71.24
C ALA G 324 -52.86 41.62 -71.31
N ARG G 325 -52.64 42.38 -72.38
CA ARG G 325 -53.19 43.73 -72.49
C ARG G 325 -54.65 43.76 -72.89
N ALA G 326 -55.25 42.61 -73.20
CA ALA G 326 -56.63 42.57 -73.65
C ALA G 326 -57.58 42.05 -72.56
N VAL G 327 -57.05 41.74 -71.38
CA VAL G 327 -57.88 41.32 -70.25
C VAL G 327 -57.44 42.20 -69.09
N LYS G 328 -56.47 43.05 -69.41
CA LYS G 328 -55.81 43.95 -68.49
C LYS G 328 -55.20 43.18 -67.32
N TYR G 329 -54.36 42.21 -67.66
CA TYR G 329 -53.71 41.36 -66.67
C TYR G 329 -52.53 42.08 -65.99
N SER G 330 -52.87 42.93 -65.04
CA SER G 330 -51.93 43.79 -64.34
C SER G 330 -51.44 42.99 -63.15
N SER G 331 -50.73 41.90 -63.45
CA SER G 331 -50.13 40.94 -62.54
C SER G 331 -49.05 40.21 -63.30
N ALA G 332 -48.29 39.35 -62.63
CA ALA G 332 -47.32 38.53 -63.33
C ALA G 332 -47.90 37.16 -63.63
N GLY G 333 -47.62 36.65 -64.82
CA GLY G 333 -48.18 35.37 -65.22
C GLY G 333 -47.41 34.79 -66.38
N THR G 334 -47.92 33.69 -66.90
CA THR G 334 -47.22 32.93 -67.92
C THR G 334 -48.17 32.53 -69.04
N VAL G 335 -47.65 32.59 -70.26
CA VAL G 335 -48.39 32.12 -71.43
C VAL G 335 -47.67 30.91 -71.99
N GLU G 336 -48.42 29.84 -72.20
CA GLU G 336 -47.85 28.59 -72.71
C GLU G 336 -48.12 28.35 -74.19
N PHE G 337 -47.05 28.07 -74.92
CA PHE G 337 -47.10 27.78 -76.34
C PHE G 337 -46.60 26.36 -76.56
N LEU G 338 -47.08 25.74 -77.64
CA LEU G 338 -46.53 24.51 -78.16
C LEU G 338 -45.93 24.83 -79.52
N VAL G 339 -44.74 24.30 -79.79
CA VAL G 339 -44.07 24.46 -81.07
C VAL G 339 -43.85 23.08 -81.67
N ASP G 340 -44.07 22.97 -82.98
CA ASP G 340 -43.87 21.74 -83.71
C ASP G 340 -42.45 21.67 -84.23
N SER G 341 -42.16 20.63 -85.01
CA SER G 341 -40.79 20.42 -85.48
C SER G 341 -40.38 21.48 -86.49
N LYS G 342 -41.36 22.24 -87.01
CA LYS G 342 -41.07 23.21 -88.06
C LYS G 342 -41.06 24.64 -87.53
N LYS G 343 -41.02 24.77 -86.21
CA LYS G 343 -41.01 26.07 -85.56
C LYS G 343 -42.34 26.84 -85.75
N ASN G 344 -43.44 26.12 -85.90
CA ASN G 344 -44.75 26.76 -85.86
C ASN G 344 -45.26 26.72 -84.43
N PHE G 345 -45.59 27.89 -83.91
CA PHE G 345 -46.00 28.11 -82.54
C PHE G 345 -47.50 28.27 -82.45
N TYR G 346 -48.11 27.53 -81.52
CA TYR G 346 -49.55 27.54 -81.31
C TYR G 346 -49.85 27.89 -79.86
N PHE G 347 -50.91 28.66 -79.63
CA PHE G 347 -51.34 29.02 -78.29
C PHE G 347 -51.85 27.80 -77.54
N LEU G 348 -51.44 27.65 -76.28
CA LEU G 348 -52.03 26.60 -75.46
C LEU G 348 -52.87 27.10 -74.30
N GLU G 349 -52.29 27.93 -73.43
CA GLU G 349 -53.05 28.42 -72.31
C GLU G 349 -52.38 29.58 -71.59
N MET G 350 -53.19 30.39 -70.94
CA MET G 350 -52.69 31.55 -70.19
C MET G 350 -52.88 31.26 -68.72
N ASN G 351 -51.78 31.36 -67.97
CA ASN G 351 -51.71 31.15 -66.52
C ASN G 351 -51.61 32.43 -65.70
N THR G 352 -52.37 32.50 -64.61
CA THR G 352 -52.37 33.68 -63.75
C THR G 352 -51.86 33.38 -62.34
N ARG G 353 -50.55 33.37 -62.19
CA ARG G 353 -49.95 33.11 -60.89
C ARG G 353 -48.46 32.94 -61.06
N LEU G 354 -47.70 33.30 -60.03
CA LEU G 354 -46.26 33.14 -60.08
C LEU G 354 -46.03 31.66 -60.29
N GLN G 355 -45.28 31.32 -61.32
CA GLN G 355 -45.03 29.92 -61.61
C GLN G 355 -43.93 29.34 -60.76
N VAL G 356 -43.86 28.03 -60.73
CA VAL G 356 -42.84 27.36 -59.97
C VAL G 356 -41.59 27.42 -60.80
N GLU G 357 -41.72 27.91 -62.03
CA GLU G 357 -40.58 28.03 -62.93
C GLU G 357 -40.18 29.49 -63.15
N HIS G 358 -40.16 30.23 -62.05
CA HIS G 358 -39.81 31.62 -62.09
C HIS G 358 -38.43 31.90 -61.49
N PRO G 359 -37.70 30.86 -61.05
CA PRO G 359 -36.39 31.20 -60.49
C PRO G 359 -35.27 30.93 -61.48
N VAL G 360 -35.63 30.48 -62.69
CA VAL G 360 -34.65 30.19 -63.72
C VAL G 360 -34.55 31.33 -64.73
N THR G 361 -35.66 32.04 -64.97
CA THR G 361 -35.62 33.20 -65.84
C THR G 361 -34.85 34.34 -65.20
N GLU G 362 -35.02 34.51 -63.88
CA GLU G 362 -34.34 35.58 -63.15
C GLU G 362 -32.83 35.55 -63.31
N CYS G 363 -32.23 34.37 -63.45
CA CYS G 363 -30.79 34.30 -63.59
C CYS G 363 -30.29 34.78 -64.93
N ILE G 364 -31.15 34.99 -65.93
CA ILE G 364 -30.63 35.51 -67.19
C ILE G 364 -31.22 36.89 -67.50
N THR G 365 -32.29 37.27 -66.81
CA THR G 365 -32.83 38.61 -66.99
C THR G 365 -32.32 39.59 -65.96
N GLY G 366 -31.85 39.10 -64.82
CA GLY G 366 -31.36 39.98 -63.77
C GLY G 366 -32.45 40.67 -62.97
N LEU G 367 -33.63 40.11 -62.91
CA LEU G 367 -34.75 40.74 -62.23
C LEU G 367 -35.04 40.02 -60.91
N ASP G 368 -35.92 40.61 -60.12
CA ASP G 368 -36.39 40.01 -58.88
C ASP G 368 -37.91 40.06 -58.94
N LEU G 369 -38.53 38.92 -59.23
CA LEU G 369 -39.95 38.91 -59.51
C LEU G 369 -40.80 39.27 -58.30
N VAL G 370 -40.42 38.85 -57.10
CA VAL G 370 -41.22 39.15 -55.92
C VAL G 370 -41.15 40.65 -55.60
N GLN G 371 -39.97 41.24 -55.71
CA GLN G 371 -39.80 42.67 -55.49
C GLN G 371 -40.66 43.48 -56.45
N GLU G 372 -40.74 43.03 -57.69
CA GLU G 372 -41.50 43.75 -58.71
C GLU G 372 -42.99 43.62 -58.46
N MET G 373 -43.45 42.41 -58.13
CA MET G 373 -44.86 42.20 -57.84
C MET G 373 -45.33 43.03 -56.66
N ILE G 374 -44.52 43.15 -55.62
CA ILE G 374 -44.90 44.00 -54.51
C ILE G 374 -45.01 45.46 -54.92
N ARG G 375 -44.04 45.99 -55.67
CA ARG G 375 -44.20 47.40 -56.05
C ARG G 375 -45.40 47.63 -56.96
N VAL G 376 -45.69 46.71 -57.89
CA VAL G 376 -46.84 46.87 -58.76
C VAL G 376 -48.13 46.85 -57.95
N ALA G 377 -48.23 45.93 -57.00
CA ALA G 377 -49.38 45.90 -56.11
C ALA G 377 -49.52 47.18 -55.30
N LYS G 378 -48.42 47.80 -54.89
CA LYS G 378 -48.52 49.07 -54.20
C LYS G 378 -49.08 50.15 -55.12
N GLY G 379 -48.74 50.07 -56.41
CA GLY G 379 -49.24 51.02 -57.39
C GLY G 379 -48.17 51.68 -58.20
N TYR G 380 -46.94 51.19 -58.19
CA TYR G 380 -45.88 51.78 -58.98
C TYR G 380 -45.90 51.20 -60.40
N PRO G 381 -45.47 51.97 -61.39
CA PRO G 381 -45.31 51.41 -62.73
C PRO G 381 -44.10 50.49 -62.81
N LEU G 382 -44.02 49.73 -63.90
CA LEU G 382 -42.86 48.88 -64.15
C LEU G 382 -41.59 49.72 -64.24
N ARG G 383 -40.53 49.25 -63.60
CA ARG G 383 -39.27 49.99 -63.58
C ARG G 383 -38.40 49.77 -64.81
N HIS G 384 -38.83 48.96 -65.78
CA HIS G 384 -38.00 48.62 -66.92
C HIS G 384 -38.78 48.84 -68.19
N LYS G 385 -38.07 48.91 -69.31
CA LYS G 385 -38.64 48.94 -70.63
C LYS G 385 -38.14 47.72 -71.40
N GLN G 386 -38.85 47.37 -72.46
CA GLN G 386 -38.54 46.13 -73.15
C GLN G 386 -37.12 46.09 -73.71
N ALA G 387 -36.55 47.24 -74.10
CA ALA G 387 -35.22 47.24 -74.69
C ALA G 387 -34.14 46.81 -73.70
N ASP G 388 -34.44 46.80 -72.40
CA ASP G 388 -33.47 46.47 -71.38
C ASP G 388 -33.54 45.01 -70.94
N ILE G 389 -34.38 44.21 -71.58
CA ILE G 389 -34.58 42.81 -71.21
C ILE G 389 -33.82 41.97 -72.21
N ARG G 390 -32.84 41.22 -71.74
CA ARG G 390 -31.96 40.46 -72.60
C ARG G 390 -31.55 39.18 -71.89
N ILE G 391 -30.86 38.32 -72.63
CA ILE G 391 -30.35 37.05 -72.11
C ILE G 391 -28.91 37.28 -71.68
N ASN G 392 -28.68 37.36 -70.38
CA ASN G 392 -27.30 37.44 -69.89
C ASN G 392 -26.78 36.06 -69.48
N GLY G 393 -26.53 35.20 -70.45
CA GLY G 393 -26.12 33.86 -70.07
C GLY G 393 -27.19 32.80 -70.12
N TRP G 394 -26.89 31.65 -69.53
CA TRP G 394 -27.81 30.52 -69.57
C TRP G 394 -28.08 30.00 -68.17
N ALA G 395 -29.29 29.52 -67.94
CA ALA G 395 -29.67 28.99 -66.63
C ALA G 395 -30.56 27.78 -66.78
N VAL G 396 -30.29 26.76 -65.98
CA VAL G 396 -31.05 25.52 -66.00
C VAL G 396 -31.47 25.21 -64.57
N GLU G 397 -32.68 24.67 -64.39
CA GLU G 397 -33.20 24.39 -63.06
C GLU G 397 -33.70 22.96 -62.98
N CYS G 398 -33.43 22.33 -61.84
CA CYS G 398 -33.87 20.97 -61.55
C CYS G 398 -34.63 20.94 -60.24
N ARG G 399 -35.77 20.27 -60.24
CA ARG G 399 -36.60 20.14 -59.05
C ARG G 399 -36.24 18.83 -58.37
N VAL G 400 -35.95 18.89 -57.08
CA VAL G 400 -35.60 17.70 -56.32
C VAL G 400 -36.76 17.38 -55.38
N TYR G 401 -37.30 16.18 -55.53
CA TYR G 401 -38.44 15.65 -54.81
C TYR G 401 -38.01 14.50 -53.91
N ALA G 402 -38.75 14.30 -52.83
CA ALA G 402 -38.55 13.13 -51.98
C ALA G 402 -39.33 11.94 -52.53
N GLU G 403 -38.86 11.42 -53.67
CA GLU G 403 -39.57 10.41 -54.42
C GLU G 403 -38.61 9.34 -54.90
N ASP G 404 -39.12 8.13 -55.07
CA ASP G 404 -38.35 7.03 -55.62
C ASP G 404 -38.51 7.06 -57.12
N PRO G 405 -37.46 7.40 -57.90
CA PRO G 405 -37.61 7.45 -59.35
C PRO G 405 -37.81 6.09 -60.01
N TYR G 406 -37.55 4.99 -59.31
CA TYR G 406 -37.69 3.68 -59.94
C TYR G 406 -39.13 3.22 -60.00
N LYS G 407 -39.95 3.66 -59.05
CA LYS G 407 -41.32 3.15 -58.88
C LYS G 407 -42.25 3.99 -59.73
N SER G 408 -42.26 3.70 -61.03
CA SER G 408 -43.07 4.40 -62.04
C SER G 408 -42.80 5.91 -62.07
N PHE G 409 -41.52 6.28 -62.00
CA PHE G 409 -41.03 7.66 -62.09
C PHE G 409 -41.65 8.55 -61.01
N GLY G 410 -41.19 8.34 -59.78
CA GLY G 410 -41.50 9.28 -58.72
C GLY G 410 -42.59 8.91 -57.76
N LEU G 411 -42.41 7.82 -57.02
CA LEU G 411 -43.39 7.47 -56.00
C LEU G 411 -42.99 8.09 -54.65
N PRO G 412 -43.88 8.87 -54.02
CA PRO G 412 -43.51 9.58 -52.79
C PRO G 412 -42.99 8.69 -51.69
N SER G 413 -41.94 9.17 -51.04
CA SER G 413 -41.37 8.55 -49.85
C SER G 413 -41.76 9.37 -48.62
N ILE G 414 -41.67 8.73 -47.45
CA ILE G 414 -42.02 9.39 -46.20
C ILE G 414 -40.82 9.27 -45.26
N GLY G 415 -40.46 10.37 -44.64
CA GLY G 415 -39.35 10.33 -43.73
C GLY G 415 -38.82 11.64 -43.21
N ARG G 416 -37.78 11.47 -42.41
CA ARG G 416 -37.09 12.55 -41.72
C ARG G 416 -35.65 12.65 -42.23
N LEU G 417 -35.20 13.89 -42.33
CA LEU G 417 -33.88 14.24 -42.72
C LEU G 417 -32.87 14.48 -41.67
N SER G 418 -31.93 13.52 -41.75
CA SER G 418 -30.73 13.31 -40.97
C SER G 418 -29.48 13.91 -41.46
N GLN G 419 -29.31 14.09 -42.76
CA GLN G 419 -28.17 14.89 -43.18
C GLN G 419 -28.60 15.73 -44.37
N TYR G 420 -28.16 16.97 -44.40
CA TYR G 420 -28.59 17.87 -45.45
C TYR G 420 -27.54 18.96 -45.63
N GLN G 421 -27.03 19.09 -46.85
CA GLN G 421 -25.98 20.05 -47.12
C GLN G 421 -26.12 20.50 -48.56
N GLU G 422 -26.34 21.77 -48.75
CA GLU G 422 -26.59 22.36 -50.05
C GLU G 422 -25.28 22.75 -50.73
N PRO G 423 -25.15 22.53 -52.03
CA PRO G 423 -23.88 22.88 -52.69
C PRO G 423 -23.68 24.37 -52.96
N LEU G 424 -23.54 25.16 -51.90
CA LEU G 424 -23.44 26.60 -52.06
C LEU G 424 -22.01 27.10 -52.16
N HIS G 425 -21.03 26.21 -52.10
CA HIS G 425 -19.65 26.61 -52.27
C HIS G 425 -19.20 26.60 -53.73
N LEU G 426 -20.03 26.09 -54.63
CA LEU G 426 -19.66 25.95 -56.02
C LEU G 426 -20.05 27.21 -56.79
N PRO G 427 -19.30 27.58 -57.82
CA PRO G 427 -19.67 28.77 -58.61
C PRO G 427 -20.94 28.56 -59.44
N GLY G 428 -21.74 29.61 -59.53
CA GLY G 428 -22.92 29.65 -60.37
C GLY G 428 -24.09 28.83 -59.90
N VAL G 429 -24.16 28.54 -58.60
CA VAL G 429 -25.16 27.65 -58.04
C VAL G 429 -26.00 28.44 -57.04
N ARG G 430 -27.32 28.32 -57.16
CA ARG G 430 -28.30 28.96 -56.28
C ARG G 430 -29.31 27.90 -55.85
N VAL G 431 -29.46 27.65 -54.55
CA VAL G 431 -30.35 26.63 -54.05
C VAL G 431 -31.49 27.32 -53.32
N ASP G 432 -32.72 27.06 -53.74
CA ASP G 432 -33.88 27.68 -53.10
C ASP G 432 -34.65 26.58 -52.40
N SER G 433 -34.53 26.52 -51.08
CA SER G 433 -35.06 25.42 -50.31
C SER G 433 -35.90 25.96 -49.16
N GLY G 434 -36.94 25.21 -48.82
CA GLY G 434 -37.75 25.51 -47.67
C GLY G 434 -37.52 24.62 -46.48
N ILE G 435 -36.46 23.80 -46.48
CA ILE G 435 -36.25 22.84 -45.42
C ILE G 435 -34.90 23.07 -44.77
N GLN G 436 -34.75 22.50 -43.60
CA GLN G 436 -33.53 22.57 -42.81
C GLN G 436 -33.34 21.18 -42.21
N PRO G 437 -32.15 20.80 -41.76
CA PRO G 437 -32.00 19.49 -41.14
C PRO G 437 -32.99 19.31 -40.01
N GLY G 438 -33.59 18.15 -39.94
CA GLY G 438 -34.48 17.88 -38.83
C GLY G 438 -35.87 18.26 -39.25
N SER G 439 -36.06 18.25 -40.56
CA SER G 439 -37.35 18.49 -41.14
C SER G 439 -37.89 17.17 -41.55
N ASP G 440 -39.20 17.07 -41.46
CA ASP G 440 -39.95 15.91 -41.86
C ASP G 440 -40.64 16.24 -43.17
N ILE G 441 -40.80 15.21 -44.00
CA ILE G 441 -41.58 15.28 -45.22
C ILE G 441 -42.72 14.29 -45.14
N SER G 442 -43.94 14.75 -45.36
CA SER G 442 -45.09 13.86 -45.17
C SER G 442 -46.13 13.84 -46.25
N ILE G 443 -47.07 12.93 -46.07
CA ILE G 443 -48.05 12.69 -47.10
C ILE G 443 -48.99 13.86 -47.35
N TYR G 444 -49.00 14.85 -46.46
CA TYR G 444 -49.97 15.94 -46.59
C TYR G 444 -49.60 16.97 -47.65
N TYR G 445 -48.35 17.00 -48.08
CA TYR G 445 -47.86 18.07 -48.93
C TYR G 445 -47.08 17.44 -50.08
N ASP G 446 -47.04 18.14 -51.19
CA ASP G 446 -46.18 17.73 -52.29
C ASP G 446 -44.76 17.52 -51.77
N PRO G 447 -44.20 16.35 -51.91
CA PRO G 447 -42.86 16.10 -51.37
C PRO G 447 -41.72 16.89 -51.99
N MET G 448 -41.76 18.22 -52.02
CA MET G 448 -40.63 18.97 -52.54
C MET G 448 -39.51 19.09 -51.52
N ILE G 449 -38.28 18.89 -52.00
CA ILE G 449 -37.09 19.11 -51.18
C ILE G 449 -36.44 20.44 -51.48
N SER G 450 -36.15 20.70 -52.76
CA SER G 450 -35.53 21.97 -53.12
C SER G 450 -35.63 22.16 -54.62
N LYS G 451 -35.31 23.38 -55.06
CA LYS G 451 -35.07 23.64 -56.46
C LYS G 451 -33.65 24.11 -56.63
N LEU G 452 -32.91 23.41 -57.47
CA LEU G 452 -31.49 23.66 -57.68
C LEU G 452 -31.34 24.42 -58.99
N ILE G 453 -30.75 25.61 -58.93
CA ILE G 453 -30.63 26.49 -60.07
C ILE G 453 -29.15 26.69 -60.35
N THR G 454 -28.76 26.47 -61.60
CA THR G 454 -27.37 26.68 -62.01
C THR G 454 -27.34 27.56 -63.25
N TYR G 455 -26.43 28.52 -63.28
CA TYR G 455 -26.29 29.40 -64.43
C TYR G 455 -24.82 29.53 -64.83
N GLY G 456 -24.61 29.91 -66.08
CA GLY G 456 -23.28 30.08 -66.61
C GLY G 456 -23.33 30.94 -67.87
N SER G 457 -22.17 31.10 -68.49
CA SER G 457 -22.08 32.01 -69.62
C SER G 457 -22.53 31.35 -70.91
N ASP G 458 -22.56 30.03 -70.94
CA ASP G 458 -22.87 29.28 -72.14
C ASP G 458 -23.65 28.03 -71.74
N ARG G 459 -24.07 27.26 -72.73
CA ARG G 459 -24.86 26.08 -72.44
C ARG G 459 -24.05 24.95 -71.81
N THR G 460 -22.79 24.81 -72.16
CA THR G 460 -21.99 23.75 -71.58
C THR G 460 -21.54 24.08 -70.17
N GLU G 461 -21.32 25.35 -69.87
CA GLU G 461 -20.88 25.72 -68.53
C GLU G 461 -21.99 25.53 -67.51
N ALA G 462 -23.21 25.96 -67.85
CA ALA G 462 -24.34 25.78 -66.95
C ALA G 462 -24.65 24.30 -66.73
N LEU G 463 -24.53 23.47 -67.76
CA LEU G 463 -24.80 22.05 -67.58
C LEU G 463 -23.72 21.35 -66.76
N LYS G 464 -22.46 21.69 -66.99
CA LYS G 464 -21.38 21.09 -66.21
C LYS G 464 -21.47 21.50 -64.75
N ARG G 465 -21.77 22.77 -64.48
CA ARG G 465 -21.93 23.23 -63.12
C ARG G 465 -23.11 22.55 -62.43
N MET G 466 -24.19 22.30 -63.16
CA MET G 466 -25.32 21.55 -62.62
C MET G 466 -24.92 20.14 -62.24
N ALA G 467 -24.16 19.48 -63.12
CA ALA G 467 -23.71 18.13 -62.81
C ALA G 467 -22.88 18.11 -61.53
N ASP G 468 -22.01 19.11 -61.36
CA ASP G 468 -21.22 19.19 -60.14
C ASP G 468 -22.07 19.45 -58.92
N ALA G 469 -23.06 20.35 -59.02
CA ALA G 469 -23.89 20.65 -57.86
C ALA G 469 -24.66 19.42 -57.40
N LEU G 470 -25.14 18.62 -58.34
CA LEU G 470 -25.91 17.44 -57.97
C LEU G 470 -25.07 16.42 -57.22
N ASP G 471 -23.79 16.28 -57.56
CA ASP G 471 -22.97 15.29 -56.88
C ASP G 471 -22.51 15.78 -55.51
N ASN G 472 -22.49 17.09 -55.30
CA ASN G 472 -22.13 17.68 -54.01
C ASN G 472 -23.35 18.03 -53.18
N TYR G 473 -24.51 17.49 -53.52
CA TYR G 473 -25.75 17.86 -52.85
C TYR G 473 -26.18 16.69 -51.99
N VAL G 474 -26.11 16.86 -50.67
CA VAL G 474 -26.28 15.77 -49.72
C VAL G 474 -27.73 15.77 -49.25
N ILE G 475 -28.45 14.71 -49.56
CA ILE G 475 -29.79 14.46 -49.03
C ILE G 475 -29.80 13.04 -48.50
N ARG G 476 -30.04 12.88 -47.20
CA ARG G 476 -30.09 11.57 -46.58
C ARG G 476 -31.18 11.54 -45.54
N GLY G 477 -31.95 10.46 -45.52
CA GLY G 477 -33.06 10.31 -44.61
C GLY G 477 -34.33 9.99 -45.35
N VAL G 478 -34.37 10.39 -46.62
CA VAL G 478 -35.49 10.10 -47.52
C VAL G 478 -34.93 9.60 -48.83
N THR G 479 -35.79 9.06 -49.67
CA THR G 479 -35.45 8.71 -51.04
C THR G 479 -35.66 9.91 -51.95
N HIS G 480 -34.67 10.22 -52.75
CA HIS G 480 -34.70 11.41 -53.60
C HIS G 480 -34.52 10.99 -55.05
N ASN G 481 -34.55 11.98 -55.95
CA ASN G 481 -34.54 11.72 -57.38
C ASN G 481 -33.30 12.27 -58.05
N ILE G 482 -32.21 12.40 -57.31
CA ILE G 482 -30.97 12.94 -57.87
C ILE G 482 -30.43 12.06 -58.99
N ALA G 483 -30.51 10.74 -58.85
CA ALA G 483 -30.00 9.86 -59.88
C ALA G 483 -30.64 10.13 -61.23
N LEU G 484 -31.94 10.43 -61.23
CA LEU G 484 -32.65 10.71 -62.47
C LEU G 484 -32.22 12.04 -63.06
N LEU G 485 -32.10 13.07 -62.21
CA LEU G 485 -31.68 14.38 -62.69
C LEU G 485 -30.26 14.36 -63.22
N ARG G 486 -29.37 13.63 -62.55
CA ARG G 486 -27.97 13.57 -62.94
C ARG G 486 -27.78 12.84 -64.27
N GLU G 487 -28.59 11.82 -64.53
CA GLU G 487 -28.47 11.20 -65.84
C GLU G 487 -29.16 11.97 -66.94
N VAL G 488 -30.32 12.58 -66.70
CA VAL G 488 -30.95 13.25 -67.85
C VAL G 488 -30.10 14.38 -68.38
N ILE G 489 -29.51 15.19 -67.50
CA ILE G 489 -28.81 16.39 -67.97
C ILE G 489 -27.59 16.02 -68.80
N ILE G 490 -27.12 14.78 -68.72
CA ILE G 490 -25.92 14.39 -69.44
C ILE G 490 -26.26 13.54 -70.65
N ASN G 491 -27.55 13.34 -70.90
CA ASN G 491 -28.00 12.57 -72.04
C ASN G 491 -27.68 13.29 -73.34
N SER G 492 -27.20 12.53 -74.33
CA SER G 492 -26.76 13.13 -75.58
C SER G 492 -27.88 13.89 -76.27
N ARG G 493 -29.13 13.45 -76.11
CA ARG G 493 -30.25 14.18 -76.71
C ARG G 493 -30.52 15.48 -75.98
N PHE G 494 -30.33 15.49 -74.67
CA PHE G 494 -30.53 16.70 -73.88
C PHE G 494 -29.46 17.74 -74.17
N VAL G 495 -28.21 17.32 -74.24
CA VAL G 495 -27.13 18.26 -74.55
C VAL G 495 -27.30 18.84 -75.94
N LYS G 496 -27.65 17.99 -76.92
CA LYS G 496 -27.93 18.52 -78.25
C LYS G 496 -29.24 19.29 -78.31
N GLY G 497 -30.22 18.90 -77.50
CA GLY G 497 -31.50 19.58 -77.51
C GLY G 497 -32.65 18.89 -78.18
N ASP G 498 -32.52 17.61 -78.53
CA ASP G 498 -33.60 16.90 -79.21
C ASP G 498 -34.59 16.38 -78.17
N ILE G 499 -35.28 17.32 -77.53
CA ILE G 499 -36.14 16.99 -76.41
C ILE G 499 -37.57 17.33 -76.79
N SER G 500 -38.46 16.38 -76.56
CA SER G 500 -39.88 16.57 -76.72
C SER G 500 -40.57 16.38 -75.37
N THR G 501 -41.86 16.69 -75.35
CA THR G 501 -42.60 16.66 -74.09
C THR G 501 -42.77 15.23 -73.61
N LYS G 502 -42.42 14.25 -74.44
CA LYS G 502 -42.49 12.83 -74.10
C LYS G 502 -41.10 12.20 -74.05
N PHE G 503 -40.08 13.06 -73.89
CA PHE G 503 -38.70 12.62 -73.92
C PHE G 503 -38.47 11.43 -73.01
N LEU G 504 -38.86 11.55 -71.74
CA LEU G 504 -38.51 10.52 -70.77
C LEU G 504 -39.23 9.22 -71.05
N SER G 505 -40.38 9.28 -71.68
CA SER G 505 -41.15 8.08 -71.96
C SER G 505 -40.52 7.21 -73.05
N ASP G 506 -39.77 7.81 -73.96
CA ASP G 506 -39.04 7.09 -75.00
C ASP G 506 -37.64 6.70 -74.57
N VAL G 507 -37.00 7.48 -73.69
CA VAL G 507 -35.68 7.08 -73.21
C VAL G 507 -35.80 5.94 -72.21
N TYR G 508 -36.82 5.95 -71.36
CA TYR G 508 -36.99 4.94 -70.31
C TYR G 508 -38.29 4.20 -70.55
N PRO G 509 -38.39 3.40 -71.62
CA PRO G 509 -39.66 2.75 -71.93
C PRO G 509 -40.04 1.67 -70.93
N ASP G 510 -39.08 1.15 -70.18
CA ASP G 510 -39.32 0.11 -69.19
C ASP G 510 -39.10 0.62 -67.77
N GLY G 511 -39.10 1.93 -67.56
CA GLY G 511 -38.86 2.49 -66.25
C GLY G 511 -37.43 2.97 -66.11
N PHE G 512 -37.18 3.68 -65.02
CA PHE G 512 -35.85 4.19 -64.71
C PHE G 512 -35.02 3.06 -64.11
N LYS G 513 -33.81 2.87 -64.63
CA LYS G 513 -32.94 1.80 -64.15
C LYS G 513 -31.70 2.29 -63.41
N GLY G 514 -31.32 3.58 -63.48
CA GLY G 514 -30.09 4.09 -62.88
C GLY G 514 -29.00 4.27 -63.92
N HIS G 515 -27.95 4.96 -63.46
CA HIS G 515 -26.83 5.27 -64.35
C HIS G 515 -26.12 4.00 -64.75
N MET G 516 -25.84 3.85 -66.03
CA MET G 516 -25.17 2.68 -66.57
C MET G 516 -23.69 2.99 -66.73
N LEU G 517 -22.84 2.13 -66.19
CA LEU G 517 -21.41 2.36 -66.24
C LEU G 517 -20.78 1.73 -67.47
N THR G 518 -19.80 2.43 -68.03
CA THR G 518 -18.98 1.90 -69.11
C THR G 518 -17.70 1.33 -68.56
N LYS G 519 -16.82 0.85 -69.44
CA LYS G 519 -15.65 0.11 -68.98
C LYS G 519 -14.78 0.97 -68.07
N SER G 520 -14.45 2.18 -68.51
CA SER G 520 -13.58 3.06 -67.75
C SER G 520 -14.23 3.52 -66.46
N GLU G 521 -15.55 3.71 -66.46
CA GLU G 521 -16.23 4.12 -65.26
C GLU G 521 -16.28 3.00 -64.24
N LYS G 522 -16.45 1.76 -64.68
CA LYS G 522 -16.40 0.64 -63.74
C LYS G 522 -15.03 0.52 -63.12
N ASN G 523 -13.96 0.75 -63.88
CA ASN G 523 -12.62 0.68 -63.33
C ASN G 523 -12.39 1.77 -62.30
N GLN G 524 -12.92 2.97 -62.56
CA GLN G 524 -12.80 4.06 -61.59
C GLN G 524 -13.60 3.78 -60.34
N LEU G 525 -14.81 3.24 -60.48
CA LEU G 525 -15.61 2.91 -59.31
C LEU G 525 -14.97 1.80 -58.48
N LEU G 526 -14.42 0.78 -59.14
CA LEU G 526 -13.75 -0.28 -58.41
C LEU G 526 -12.50 0.23 -57.71
N ALA G 527 -11.72 1.08 -58.37
CA ALA G 527 -10.51 1.63 -57.77
C ALA G 527 -10.82 2.53 -56.58
N ILE G 528 -11.89 3.34 -56.69
CA ILE G 528 -12.28 4.22 -55.60
C ILE G 528 -12.79 3.42 -54.41
N ALA G 529 -13.69 2.46 -54.65
CA ALA G 529 -14.23 1.64 -53.58
C ALA G 529 -13.15 0.82 -52.89
N SER G 530 -12.19 0.31 -53.66
CA SER G 530 -11.12 -0.49 -53.09
C SER G 530 -10.15 0.37 -52.28
N SER G 531 -9.80 1.55 -52.80
CA SER G 531 -8.92 2.43 -52.05
C SER G 531 -9.58 2.96 -50.79
N LEU G 532 -10.88 3.27 -50.85
CA LEU G 532 -11.58 3.71 -49.66
C LEU G 532 -11.68 2.60 -48.62
N PHE G 533 -11.95 1.38 -49.05
CA PHE G 533 -11.94 0.24 -48.15
C PHE G 533 -10.63 0.13 -47.39
N VAL G 534 -9.50 0.19 -48.10
CA VAL G 534 -8.19 0.10 -47.46
C VAL G 534 -7.95 1.30 -46.53
N ALA G 535 -8.35 2.50 -46.94
CA ALA G 535 -8.18 3.69 -46.11
C ALA G 535 -8.80 3.49 -44.74
N PHE G 536 -9.97 2.84 -44.66
CA PHE G 536 -10.57 2.55 -43.37
C PHE G 536 -9.79 1.48 -42.64
N GLN G 537 -9.29 0.49 -43.38
CA GLN G 537 -8.49 -0.55 -42.74
C GLN G 537 -7.19 -0.01 -42.16
N LEU G 538 -6.62 1.00 -42.78
CA LEU G 538 -5.39 1.58 -42.24
C LEU G 538 -5.68 2.49 -41.06
N ARG G 539 -6.74 3.29 -41.14
CA ARG G 539 -7.12 4.14 -40.01
C ARG G 539 -7.39 3.30 -38.78
N ALA G 540 -7.98 2.12 -38.94
CA ALA G 540 -8.26 1.25 -37.80
C ALA G 540 -7.03 0.83 -37.01
N GLN G 541 -5.82 0.96 -37.57
CA GLN G 541 -4.61 0.51 -36.90
C GLN G 541 -3.85 1.60 -36.18
N HIS G 542 -4.31 2.84 -36.22
CA HIS G 542 -3.54 3.96 -35.69
C HIS G 542 -4.07 4.29 -34.31
N PHE G 543 -3.47 3.71 -33.29
CA PHE G 543 -3.84 3.94 -31.90
C PHE G 543 -2.81 4.85 -31.24
N GLN G 544 -3.24 5.50 -30.17
CA GLN G 544 -2.31 6.22 -29.34
C GLN G 544 -1.51 5.12 -28.73
N GLU G 545 -0.21 5.29 -28.59
CA GLU G 545 0.66 4.21 -28.14
C GLU G 545 0.43 3.97 -26.66
N ASN G 546 0.26 2.70 -26.29
CA ASN G 546 0.16 2.36 -24.88
C ASN G 546 1.50 1.89 -24.37
N SER G 547 2.07 2.65 -23.45
CA SER G 547 3.42 2.37 -23.00
C SER G 547 3.54 1.01 -22.32
N ARG G 548 2.43 0.42 -21.91
CA ARG G 548 2.50 -0.88 -21.27
C ARG G 548 2.47 -2.01 -22.30
N MET G 549 1.77 -1.80 -23.41
CA MET G 549 1.50 -2.85 -24.38
C MET G 549 1.82 -2.34 -25.78
N PRO G 550 3.07 -2.44 -26.23
CA PRO G 550 3.44 -1.88 -27.53
C PRO G 550 2.58 -2.44 -28.66
N VAL G 551 2.18 -1.57 -29.58
CA VAL G 551 1.35 -1.94 -30.73
C VAL G 551 2.22 -1.88 -31.99
N ILE G 552 2.23 -2.97 -32.74
CA ILE G 552 3.09 -3.06 -33.92
C ILE G 552 2.21 -3.10 -35.17
N LYS G 553 2.31 -2.06 -35.99
CA LYS G 553 1.48 -1.96 -37.19
C LYS G 553 1.88 -3.03 -38.19
N PRO G 554 0.94 -3.87 -38.64
CA PRO G 554 1.27 -4.93 -39.60
C PRO G 554 1.85 -4.32 -40.87
N ASP G 555 2.93 -4.93 -41.37
CA ASP G 555 3.60 -4.44 -42.57
C ASP G 555 2.90 -5.04 -43.80
N ILE G 556 1.77 -4.43 -44.15
CA ILE G 556 0.96 -4.90 -45.28
C ILE G 556 1.33 -4.09 -46.52
N ALA G 557 2.13 -4.69 -47.41
CA ALA G 557 2.56 -3.98 -48.59
C ALA G 557 1.47 -3.98 -49.67
N ASN G 558 0.66 -5.03 -49.71
CA ASN G 558 -0.35 -5.17 -50.73
C ASN G 558 -1.64 -5.69 -50.15
N TRP G 559 -2.74 -5.10 -50.60
CA TRP G 559 -4.09 -5.51 -50.20
C TRP G 559 -4.69 -6.25 -51.38
N GLU G 560 -4.94 -7.54 -51.21
CA GLU G 560 -5.51 -8.35 -52.27
C GLU G 560 -7.00 -8.52 -51.98
N LEU G 561 -7.82 -7.92 -52.83
CA LEU G 561 -9.26 -7.87 -52.60
C LEU G 561 -10.01 -8.58 -53.71
N SER G 562 -11.16 -9.11 -53.32
CA SER G 562 -12.15 -9.65 -54.24
C SER G 562 -13.38 -8.76 -54.15
N VAL G 563 -13.67 -8.03 -55.21
CA VAL G 563 -14.67 -6.97 -55.17
C VAL G 563 -15.84 -7.39 -56.02
N LYS G 564 -16.95 -7.67 -55.37
CA LYS G 564 -18.15 -8.13 -56.06
C LYS G 564 -19.06 -6.94 -56.29
N LEU G 565 -19.49 -6.77 -57.52
CA LEU G 565 -20.46 -5.74 -57.90
C LEU G 565 -21.77 -6.48 -58.08
N HIS G 566 -22.51 -6.10 -59.11
CA HIS G 566 -23.82 -6.67 -59.37
C HIS G 566 -23.71 -8.16 -59.50
N ASP G 567 -23.21 -8.63 -60.63
CA ASP G 567 -23.12 -10.07 -60.81
C ASP G 567 -21.72 -10.50 -61.21
N LYS G 568 -20.72 -9.65 -61.05
CA LYS G 568 -19.36 -9.97 -61.46
C LYS G 568 -18.45 -9.84 -60.25
N VAL G 569 -17.40 -10.64 -60.22
CA VAL G 569 -16.38 -10.53 -59.18
C VAL G 569 -15.08 -10.13 -59.84
N HIS G 570 -14.52 -9.01 -59.41
CA HIS G 570 -13.31 -8.47 -59.98
C HIS G 570 -12.13 -8.67 -59.05
N THR G 571 -10.95 -8.81 -59.66
CA THR G 571 -9.71 -8.99 -58.92
C THR G 571 -8.98 -7.67 -58.84
N VAL G 572 -8.78 -7.16 -57.62
CA VAL G 572 -8.21 -5.85 -57.39
C VAL G 572 -7.06 -6.01 -56.40
N VAL G 573 -5.91 -5.43 -56.71
CA VAL G 573 -4.78 -5.39 -55.80
C VAL G 573 -4.38 -3.94 -55.62
N ALA G 574 -4.31 -3.49 -54.38
CA ALA G 574 -3.99 -2.10 -54.06
C ALA G 574 -2.77 -2.04 -53.18
N SER G 575 -2.03 -0.94 -53.30
CA SER G 575 -0.95 -0.62 -52.39
C SER G 575 -0.99 0.86 -52.09
N ASN G 576 -0.54 1.21 -50.89
CA ASN G 576 -0.52 2.59 -50.42
C ASN G 576 0.85 3.20 -50.64
N ASN G 577 0.87 4.42 -51.19
CA ASN G 577 2.09 5.21 -51.31
C ASN G 577 1.90 6.58 -50.68
N GLY G 578 1.25 6.61 -49.52
CA GLY G 578 0.97 7.87 -48.86
C GLY G 578 -0.45 8.28 -49.15
N SER G 579 -0.62 9.42 -49.80
CA SER G 579 -1.94 9.95 -50.08
C SER G 579 -2.57 9.32 -51.32
N VAL G 580 -1.81 8.55 -52.06
CA VAL G 580 -2.29 7.96 -53.31
C VAL G 580 -2.23 6.45 -53.21
N PHE G 581 -3.30 5.80 -53.64
CA PHE G 581 -3.34 4.34 -53.70
C PHE G 581 -3.14 3.94 -55.14
N SER G 582 -2.22 3.02 -55.36
CA SER G 582 -2.01 2.45 -56.69
C SER G 582 -2.82 1.17 -56.76
N VAL G 583 -3.82 1.14 -57.63
CA VAL G 583 -4.79 0.07 -57.66
C VAL G 583 -4.76 -0.56 -59.03
N GLU G 584 -4.63 -1.87 -59.08
CA GLU G 584 -4.70 -2.61 -60.32
C GLU G 584 -6.06 -3.28 -60.35
N VAL G 585 -6.88 -2.91 -61.32
CA VAL G 585 -8.22 -3.48 -61.46
C VAL G 585 -8.26 -4.31 -62.73
N ASP G 586 -8.20 -5.64 -62.53
CA ASP G 586 -8.13 -6.64 -63.61
C ASP G 586 -7.07 -6.32 -64.65
N GLY G 587 -5.91 -5.85 -64.21
CA GLY G 587 -4.83 -5.51 -65.11
C GLY G 587 -4.73 -4.04 -65.46
N SER G 588 -5.74 -3.23 -65.18
CA SER G 588 -5.71 -1.80 -65.46
C SER G 588 -5.13 -1.06 -64.27
N LYS G 589 -4.20 -0.15 -64.53
CA LYS G 589 -3.54 0.62 -63.48
C LYS G 589 -4.24 1.96 -63.30
N LEU G 590 -4.69 2.21 -62.07
CA LEU G 590 -5.32 3.48 -61.70
C LEU G 590 -4.59 4.03 -60.49
N ASN G 591 -4.53 5.36 -60.38
CA ASN G 591 -3.95 6.02 -59.23
C ASN G 591 -4.98 6.94 -58.61
N VAL G 592 -5.40 6.63 -57.39
CA VAL G 592 -6.45 7.38 -56.70
C VAL G 592 -5.80 8.24 -55.63
N THR G 593 -5.86 9.56 -55.81
CA THR G 593 -5.22 10.49 -54.90
C THR G 593 -6.31 11.25 -54.17
N SER G 594 -6.14 11.41 -52.87
CA SER G 594 -7.10 12.17 -52.08
C SER G 594 -6.44 12.54 -50.76
N THR G 595 -7.16 13.34 -49.98
CA THR G 595 -6.80 13.57 -48.59
C THR G 595 -7.40 12.55 -47.65
N TRP G 596 -8.41 11.80 -48.11
CA TRP G 596 -9.04 10.70 -47.38
C TRP G 596 -9.50 11.10 -45.99
N ASN G 597 -10.23 12.21 -45.91
CA ASN G 597 -10.94 12.57 -44.69
C ASN G 597 -12.19 11.73 -44.63
N LEU G 598 -12.19 10.77 -43.71
CA LEU G 598 -13.19 9.71 -43.67
C LEU G 598 -14.46 10.09 -42.96
N ALA G 599 -14.57 11.29 -42.40
CA ALA G 599 -15.75 11.70 -41.68
C ALA G 599 -16.68 12.57 -42.52
N SER G 600 -16.15 13.20 -43.56
CA SER G 600 -16.93 14.15 -44.33
C SER G 600 -17.96 13.42 -45.17
N PRO G 601 -19.17 14.00 -45.32
CA PRO G 601 -20.14 13.38 -46.23
C PRO G 601 -19.74 13.45 -47.70
N LEU G 602 -18.81 14.33 -48.06
CA LEU G 602 -18.39 14.47 -49.44
C LEU G 602 -16.91 14.14 -49.54
N LEU G 603 -16.57 13.08 -50.24
CA LEU G 603 -15.17 12.73 -50.39
C LEU G 603 -14.73 13.02 -51.81
N SER G 604 -13.74 13.89 -51.93
CA SER G 604 -13.21 14.32 -53.22
C SER G 604 -11.97 13.50 -53.54
N VAL G 605 -11.98 12.84 -54.69
CA VAL G 605 -10.87 12.00 -55.11
C VAL G 605 -10.49 12.39 -56.52
N SER G 606 -9.25 12.08 -56.88
CA SER G 606 -8.74 12.28 -58.24
C SER G 606 -8.23 10.94 -58.71
N VAL G 607 -8.81 10.43 -59.79
CA VAL G 607 -8.46 9.13 -60.33
C VAL G 607 -7.88 9.31 -61.73
N ASP G 608 -6.55 9.15 -61.81
CA ASP G 608 -5.75 9.35 -63.04
C ASP G 608 -6.02 10.71 -63.69
N GLY G 609 -6.14 11.72 -62.86
CA GLY G 609 -6.33 13.07 -63.35
C GLY G 609 -7.79 13.44 -63.48
N THR G 610 -8.68 12.47 -63.33
CA THR G 610 -10.12 12.70 -63.43
C THR G 610 -10.67 13.04 -62.06
N GLN G 611 -11.33 14.19 -61.95
CA GLN G 611 -11.85 14.65 -60.67
C GLN G 611 -13.23 14.07 -60.43
N ARG G 612 -13.40 13.35 -59.32
CA ARG G 612 -14.67 12.75 -58.96
C ARG G 612 -15.04 13.16 -57.55
N THR G 613 -16.35 13.25 -57.31
CA THR G 613 -16.91 13.37 -55.97
C THR G 613 -17.79 12.16 -55.71
N VAL G 614 -17.57 11.50 -54.58
CA VAL G 614 -18.33 10.33 -54.22
C VAL G 614 -18.85 10.51 -52.79
N GLN G 615 -19.88 9.73 -52.46
CA GLN G 615 -20.40 9.72 -51.10
C GLN G 615 -20.45 8.28 -50.62
N CYS G 616 -19.95 8.02 -49.42
CA CYS G 616 -20.09 6.70 -48.80
C CYS G 616 -21.28 6.75 -47.85
N LEU G 617 -22.31 5.96 -48.13
CA LEU G 617 -23.56 6.14 -47.39
C LEU G 617 -23.63 5.20 -46.20
N SER G 618 -23.04 4.02 -46.32
CA SER G 618 -23.06 3.01 -45.29
C SER G 618 -21.87 2.09 -45.44
N ARG G 619 -21.46 1.48 -44.34
CA ARG G 619 -20.37 0.51 -44.35
C ARG G 619 -20.73 -0.61 -43.41
N GLU G 620 -20.36 -1.84 -43.76
CA GLU G 620 -20.51 -2.95 -42.85
C GLU G 620 -19.18 -3.66 -42.69
N ALA G 621 -19.01 -4.30 -41.55
CA ALA G 621 -17.82 -5.09 -41.30
C ALA G 621 -17.67 -6.24 -42.27
N GLY G 622 -18.77 -6.73 -42.84
CA GLY G 622 -18.74 -7.86 -43.73
C GLY G 622 -18.27 -7.55 -45.14
N GLY G 623 -17.89 -6.29 -45.38
CA GLY G 623 -17.37 -5.85 -46.65
C GLY G 623 -18.36 -5.08 -47.48
N ASN G 624 -19.63 -5.08 -47.09
CA ASN G 624 -20.65 -4.34 -47.82
C ASN G 624 -20.43 -2.85 -47.69
N MET G 625 -20.44 -2.16 -48.82
CA MET G 625 -20.35 -0.70 -48.80
C MET G 625 -21.39 -0.16 -49.74
N SER G 626 -22.02 0.95 -49.39
CA SER G 626 -22.93 1.64 -50.29
C SER G 626 -22.28 2.95 -50.69
N ILE G 627 -21.97 3.08 -51.97
CA ILE G 627 -21.22 4.21 -52.48
C ILE G 627 -22.05 4.86 -53.58
N GLN G 628 -22.22 6.17 -53.50
CA GLN G 628 -22.93 6.87 -54.55
C GLN G 628 -21.91 7.43 -55.50
N PHE G 629 -22.04 7.05 -56.77
CA PHE G 629 -21.12 7.36 -57.84
C PHE G 629 -21.95 7.86 -59.00
N LEU G 630 -21.71 9.12 -59.40
CA LEU G 630 -22.46 9.82 -60.45
C LEU G 630 -23.96 9.83 -60.18
N GLY G 631 -24.33 9.99 -58.92
CA GLY G 631 -25.73 10.05 -58.57
C GLY G 631 -26.38 8.72 -58.26
N THR G 632 -25.78 7.60 -58.66
CA THR G 632 -26.43 6.30 -58.49
C THR G 632 -25.76 5.55 -57.36
N VAL G 633 -26.53 4.92 -56.52
CA VAL G 633 -25.97 4.16 -55.42
C VAL G 633 -25.67 2.75 -55.91
N TYR G 634 -24.41 2.35 -55.74
CA TYR G 634 -23.96 1.03 -56.14
C TYR G 634 -23.64 0.25 -54.88
N LYS G 635 -23.96 -1.03 -54.88
CA LYS G 635 -23.68 -1.90 -53.75
C LYS G 635 -22.44 -2.73 -54.08
N VAL G 636 -21.42 -2.62 -53.25
CA VAL G 636 -20.22 -3.40 -53.49
C VAL G 636 -19.85 -4.15 -52.21
N ASN G 637 -19.44 -5.40 -52.39
CA ASN G 637 -19.04 -6.24 -51.27
C ASN G 637 -17.56 -6.52 -51.45
N ILE G 638 -16.75 -5.98 -50.57
CA ILE G 638 -15.30 -6.11 -50.67
C ILE G 638 -14.82 -7.07 -49.59
N LEU G 639 -14.30 -8.21 -50.02
CA LEU G 639 -13.73 -9.17 -49.11
C LEU G 639 -12.23 -9.25 -49.37
N THR G 640 -11.49 -9.66 -48.36
CA THR G 640 -10.10 -9.96 -48.59
C THR G 640 -9.99 -11.27 -49.33
N ARG G 641 -8.84 -11.50 -49.96
CA ARG G 641 -8.65 -12.74 -50.70
C ARG G 641 -9.03 -13.96 -49.87
N LEU G 642 -8.59 -13.99 -48.60
CA LEU G 642 -8.83 -15.15 -47.75
C LEU G 642 -10.31 -15.32 -47.44
N ALA G 643 -10.98 -14.23 -47.08
CA ALA G 643 -12.40 -14.29 -46.78
C ALA G 643 -13.21 -14.72 -47.98
N ALA G 644 -12.86 -14.22 -49.17
CA ALA G 644 -13.58 -14.61 -50.37
C ALA G 644 -13.35 -16.07 -50.72
N GLU G 645 -12.12 -16.56 -50.54
CA GLU G 645 -11.90 -17.96 -50.86
C GLU G 645 -12.64 -18.91 -49.92
N LEU G 646 -12.74 -18.59 -48.63
CA LEU G 646 -13.44 -19.45 -47.71
C LEU G 646 -14.95 -19.25 -47.73
N ASN G 647 -15.41 -18.05 -48.08
CA ASN G 647 -16.84 -17.78 -48.08
C ASN G 647 -17.62 -18.69 -49.01
N LYS G 648 -16.97 -19.32 -49.97
CA LYS G 648 -17.65 -20.23 -50.90
C LYS G 648 -18.21 -21.45 -50.18
N PHE G 649 -17.78 -21.70 -48.95
CA PHE G 649 -18.22 -22.88 -48.22
C PHE G 649 -19.47 -22.61 -47.43
N MET G 650 -20.01 -21.40 -47.49
CA MET G 650 -21.18 -21.04 -46.71
C MET G 650 -22.43 -21.49 -47.45
N LEU G 651 -23.45 -21.92 -46.72
CA LEU G 651 -24.67 -22.36 -47.36
C LEU G 651 -25.50 -21.15 -47.75
N GLU G 652 -26.02 -21.17 -48.97
CA GLU G 652 -26.79 -20.05 -49.50
C GLU G 652 -28.23 -20.21 -49.04
N LYS G 653 -28.46 -19.99 -47.76
CA LYS G 653 -29.82 -20.03 -47.24
C LYS G 653 -30.56 -18.76 -47.62
N VAL G 654 -31.81 -18.91 -48.05
CA VAL G 654 -32.64 -17.78 -48.39
C VAL G 654 -33.92 -17.76 -47.55
N THR G 655 -34.21 -16.61 -46.95
CA THR G 655 -35.41 -16.44 -46.13
C THR G 655 -36.49 -15.70 -46.92
N GLU G 656 -37.73 -15.71 -46.41
CA GLU G 656 -38.83 -15.05 -47.09
C GLU G 656 -38.98 -13.59 -46.68
N ASP G 657 -39.26 -12.73 -47.67
CA ASP G 657 -39.52 -11.33 -47.41
C ASP G 657 -41.03 -11.19 -47.19
N THR G 658 -41.43 -10.89 -45.96
CA THR G 658 -42.84 -10.87 -45.58
C THR G 658 -43.18 -9.44 -45.21
N SER G 659 -42.76 -8.50 -46.06
CA SER G 659 -42.98 -7.09 -45.81
C SER G 659 -44.40 -6.66 -46.07
N SER G 660 -45.23 -7.54 -46.65
CA SER G 660 -46.63 -7.23 -46.85
C SER G 660 -47.49 -7.56 -45.63
N VAL G 661 -46.92 -8.20 -44.62
CA VAL G 661 -47.70 -8.65 -43.47
C VAL G 661 -47.38 -7.75 -42.28
N LEU G 662 -48.31 -6.87 -41.94
CA LEU G 662 -48.09 -5.83 -40.94
C LEU G 662 -48.76 -6.27 -39.65
N ARG G 663 -47.96 -6.51 -38.62
CA ARG G 663 -48.46 -7.04 -37.35
C ARG G 663 -48.24 -6.02 -36.25
N SER G 664 -49.01 -6.15 -35.18
CA SER G 664 -48.92 -5.23 -34.06
C SER G 664 -47.61 -5.45 -33.30
N PRO G 665 -46.78 -4.42 -33.12
CA PRO G 665 -45.55 -4.60 -32.35
C PRO G 665 -45.75 -4.52 -30.85
N MET G 666 -46.96 -4.19 -30.41
CA MET G 666 -47.21 -3.82 -29.02
C MET G 666 -48.69 -3.98 -28.74
N PRO G 667 -49.05 -4.61 -27.63
CA PRO G 667 -50.46 -4.77 -27.28
C PRO G 667 -51.10 -3.43 -26.92
N GLY G 668 -52.40 -3.35 -27.15
CA GLY G 668 -53.16 -2.15 -26.86
C GLY G 668 -54.40 -2.00 -27.73
N VAL G 669 -55.03 -0.82 -27.67
CA VAL G 669 -56.25 -0.58 -28.44
C VAL G 669 -55.92 0.21 -29.69
N VAL G 670 -56.51 -0.22 -30.81
CA VAL G 670 -56.37 0.46 -32.10
C VAL G 670 -57.24 1.71 -32.11
N VAL G 671 -56.60 2.87 -32.30
CA VAL G 671 -57.29 4.15 -32.26
C VAL G 671 -57.43 4.79 -33.64
N ALA G 672 -56.59 4.40 -34.60
CA ALA G 672 -56.73 4.92 -35.95
C ALA G 672 -56.23 3.90 -36.96
N VAL G 673 -56.90 3.82 -38.12
CA VAL G 673 -56.38 3.13 -39.29
C VAL G 673 -56.50 4.09 -40.46
N SER G 674 -55.37 4.34 -41.13
CA SER G 674 -55.32 5.39 -42.14
C SER G 674 -55.87 4.90 -43.49
N VAL G 675 -56.06 3.59 -43.53
CA VAL G 675 -56.43 2.88 -44.73
C VAL G 675 -57.65 1.95 -44.64
N LYS G 676 -58.12 1.69 -45.85
CA LYS G 676 -59.08 0.70 -46.32
C LYS G 676 -58.49 -0.05 -47.53
N PRO G 677 -58.99 -1.24 -47.86
CA PRO G 677 -58.48 -1.94 -49.06
C PRO G 677 -58.52 -1.10 -50.32
N GLY G 678 -57.44 -1.11 -51.08
CA GLY G 678 -57.33 -0.32 -52.28
C GLY G 678 -56.58 0.98 -52.10
N ASP G 679 -56.39 1.41 -50.84
CA ASP G 679 -55.66 2.63 -50.57
C ASP G 679 -54.19 2.46 -50.95
N ALA G 680 -53.59 3.52 -51.47
CA ALA G 680 -52.19 3.50 -51.80
C ALA G 680 -51.36 3.56 -50.51
N VAL G 681 -50.22 2.88 -50.53
CA VAL G 681 -49.31 2.86 -49.39
C VAL G 681 -47.90 3.17 -49.91
N ALA G 682 -47.26 4.15 -49.27
CA ALA G 682 -45.85 4.44 -49.50
C ALA G 682 -45.00 3.79 -48.40
N GLU G 683 -43.73 3.59 -48.72
CA GLU G 683 -42.76 3.11 -47.73
C GLU G 683 -42.60 4.15 -46.63
N GLY G 684 -42.75 3.72 -45.38
CA GLY G 684 -42.70 4.60 -44.24
C GLY G 684 -44.03 5.24 -43.92
N GLN G 685 -45.08 4.91 -44.66
CA GLN G 685 -46.39 5.49 -44.48
C GLN G 685 -47.03 4.93 -43.22
N GLU G 686 -47.60 5.80 -42.39
CA GLU G 686 -48.34 5.35 -41.24
C GLU G 686 -49.61 4.61 -41.67
N ILE G 687 -49.82 3.45 -41.07
CA ILE G 687 -50.97 2.61 -41.40
C ILE G 687 -51.91 2.57 -40.21
N CYS G 688 -51.40 2.16 -39.06
CA CYS G 688 -52.20 1.97 -37.87
C CYS G 688 -51.55 2.67 -36.70
N VAL G 689 -52.37 3.11 -35.75
CA VAL G 689 -51.90 3.63 -34.48
C VAL G 689 -52.55 2.84 -33.34
N ILE G 690 -51.71 2.34 -32.45
CA ILE G 690 -52.16 1.58 -31.28
C ILE G 690 -52.03 2.53 -30.09
N GLU G 691 -52.79 2.27 -29.04
CA GLU G 691 -52.74 3.13 -27.86
C GLU G 691 -52.71 2.39 -26.54
N ALA G 692 -51.52 2.29 -25.94
CA ALA G 692 -51.38 1.63 -24.64
C ALA G 692 -50.46 2.44 -23.76
N MET G 693 -50.81 2.47 -22.47
CA MET G 693 -50.15 3.30 -21.45
C MET G 693 -50.12 4.75 -21.91
N LYS G 694 -51.26 5.18 -22.48
CA LYS G 694 -51.63 6.44 -23.10
C LYS G 694 -50.48 7.03 -23.91
N MET G 695 -50.09 6.28 -24.93
CA MET G 695 -49.13 6.68 -25.95
C MET G 695 -49.75 6.35 -27.31
N GLN G 696 -49.03 6.71 -28.38
CA GLN G 696 -49.52 6.45 -29.73
C GLN G 696 -48.52 5.72 -30.62
N ASN G 697 -48.24 4.46 -30.30
CA ASN G 697 -47.32 3.67 -31.10
C ASN G 697 -47.79 3.67 -32.54
N SER G 698 -46.97 4.16 -33.45
CA SER G 698 -47.35 4.23 -34.85
C SER G 698 -46.70 3.10 -35.63
N MET G 699 -47.52 2.33 -36.36
CA MET G 699 -47.04 1.24 -37.20
C MET G 699 -47.06 1.70 -38.66
N THR G 700 -45.90 1.59 -39.30
CA THR G 700 -45.75 2.02 -40.68
C THR G 700 -45.55 0.85 -41.62
N ALA G 701 -45.80 1.07 -42.91
CA ALA G 701 -45.60 0.05 -43.94
C ALA G 701 -44.15 -0.05 -44.35
N GLY G 702 -43.70 -1.26 -44.64
CA GLY G 702 -42.41 -1.45 -45.26
C GLY G 702 -42.44 -1.75 -46.74
N LYS G 703 -43.60 -1.58 -47.37
CA LYS G 703 -43.75 -1.96 -48.76
C LYS G 703 -44.62 -0.93 -49.47
N THR G 704 -44.27 -0.61 -50.72
CA THR G 704 -45.08 0.27 -51.52
C THR G 704 -46.10 -0.59 -52.26
N GLY G 705 -47.32 -0.10 -52.37
CA GLY G 705 -48.38 -0.84 -53.04
C GLY G 705 -49.73 -0.30 -52.64
N THR G 706 -50.71 -1.19 -52.56
CA THR G 706 -52.04 -0.87 -52.11
C THR G 706 -52.42 -1.87 -51.02
N VAL G 707 -53.41 -1.52 -50.21
CA VAL G 707 -53.84 -2.43 -49.15
C VAL G 707 -54.74 -3.52 -49.71
N LYS G 708 -54.50 -4.76 -49.29
CA LYS G 708 -55.35 -5.86 -49.72
C LYS G 708 -56.48 -6.10 -48.73
N SER G 709 -56.16 -6.04 -47.43
CA SER G 709 -57.17 -6.25 -46.40
C SER G 709 -56.77 -5.53 -45.14
N VAL G 710 -57.77 -4.99 -44.45
CA VAL G 710 -57.58 -4.39 -43.13
C VAL G 710 -58.23 -5.34 -42.14
N HIS G 711 -57.41 -5.94 -41.28
CA HIS G 711 -57.87 -7.01 -40.40
C HIS G 711 -58.34 -6.52 -39.05
N CYS G 712 -57.78 -5.43 -38.54
CA CYS G 712 -58.21 -4.86 -37.27
C CYS G 712 -58.66 -3.42 -37.48
N GLN G 713 -59.79 -3.07 -36.88
CA GLN G 713 -60.38 -1.75 -37.05
C GLN G 713 -60.19 -0.92 -35.77
N ALA G 714 -60.34 0.40 -35.89
CA ALA G 714 -60.31 1.28 -34.72
C ALA G 714 -61.37 0.86 -33.71
N GLY G 715 -61.00 0.77 -32.45
CA GLY G 715 -61.92 0.31 -31.42
C GLY G 715 -61.67 -1.13 -31.01
N ASP G 716 -60.95 -1.87 -31.84
CA ASP G 716 -60.61 -3.24 -31.56
C ASP G 716 -59.42 -3.27 -30.60
N THR G 717 -59.31 -4.35 -29.82
CA THR G 717 -58.14 -4.52 -28.96
C THR G 717 -57.25 -5.64 -29.52
N VAL G 718 -55.95 -5.38 -29.61
CA VAL G 718 -55.05 -6.34 -30.24
C VAL G 718 -53.91 -6.64 -29.29
N GLY G 719 -53.29 -7.81 -29.46
CA GLY G 719 -52.11 -8.19 -28.71
C GLY G 719 -50.84 -8.13 -29.56
N GLU G 720 -49.76 -8.58 -28.95
CA GLU G 720 -48.48 -8.59 -29.65
C GLU G 720 -48.46 -9.69 -30.71
N GLY G 721 -48.10 -9.30 -31.94
CA GLY G 721 -48.06 -10.23 -33.03
C GLY G 721 -49.34 -10.38 -33.84
N ASP G 722 -50.45 -9.78 -33.40
CA ASP G 722 -51.69 -9.88 -34.14
C ASP G 722 -51.60 -9.12 -35.46
N LEU G 723 -52.27 -9.66 -36.46
CA LEU G 723 -52.25 -9.08 -37.80
C LEU G 723 -53.18 -7.89 -37.86
N LEU G 724 -52.65 -6.75 -38.30
CA LEU G 724 -53.43 -5.53 -38.43
C LEU G 724 -53.87 -5.27 -39.85
N VAL G 725 -52.94 -5.27 -40.81
CA VAL G 725 -53.23 -4.95 -42.20
C VAL G 725 -52.37 -5.83 -43.10
N GLU G 726 -52.92 -6.23 -44.24
CA GLU G 726 -52.20 -7.04 -45.21
C GLU G 726 -52.14 -6.32 -46.54
N LEU G 727 -50.92 -6.16 -47.06
CA LEU G 727 -50.70 -5.43 -48.29
C LEU G 727 -50.66 -6.39 -49.46
N GLU G 728 -50.87 -5.85 -50.65
CA GLU G 728 -50.68 -6.59 -51.89
C GLU G 728 -49.20 -6.67 -52.23
N THR H 33 13.79 -44.34 -39.61
CA THR H 33 13.08 -43.08 -39.54
C THR H 33 13.77 -42.09 -38.61
N SER H 34 14.13 -40.93 -39.14
CA SER H 34 14.80 -39.91 -38.34
C SER H 34 13.77 -39.16 -37.50
N VAL H 35 14.26 -38.43 -36.50
CA VAL H 35 13.37 -37.62 -35.68
C VAL H 35 12.71 -36.52 -36.48
N ASN H 36 13.42 -35.96 -37.47
CA ASN H 36 12.85 -34.91 -38.31
C ASN H 36 11.69 -35.41 -39.14
N GLU H 37 11.75 -36.66 -39.57
CA GLU H 37 10.64 -37.22 -40.35
C GLU H 37 9.41 -37.39 -39.48
N ARG H 38 9.61 -37.85 -38.26
CA ARG H 38 8.52 -38.04 -37.33
C ARG H 38 7.86 -36.70 -36.98
N ILE H 39 8.68 -35.67 -36.82
CA ILE H 39 8.21 -34.32 -36.52
C ILE H 39 7.37 -33.79 -37.67
N GLU H 40 7.85 -33.94 -38.90
CA GLU H 40 7.09 -33.50 -40.07
C GLU H 40 5.77 -34.24 -40.20
N ASN H 41 5.77 -35.54 -39.90
CA ASN H 41 4.54 -36.31 -39.97
C ASN H 41 3.51 -35.86 -38.93
N LYS H 42 3.99 -35.45 -37.76
CA LYS H 42 3.10 -34.96 -36.71
C LYS H 42 2.53 -33.57 -37.07
N ARG H 43 3.34 -32.75 -37.74
CA ARG H 43 2.94 -31.41 -38.14
C ARG H 43 1.79 -31.55 -39.16
N ARG H 44 1.96 -32.44 -40.15
CA ARG H 44 0.95 -32.67 -41.17
C ARG H 44 -0.35 -33.19 -40.58
N THR H 45 -0.27 -34.12 -39.63
CA THR H 45 -1.48 -34.58 -38.97
C THR H 45 -2.13 -33.50 -38.10
N ALA H 46 -1.33 -32.71 -37.37
CA ALA H 46 -1.92 -31.66 -36.56
C ALA H 46 -2.71 -30.68 -37.40
N LEU H 47 -2.23 -30.39 -38.61
CA LEU H 47 -2.96 -29.48 -39.49
C LEU H 47 -4.24 -30.12 -40.00
N LEU H 48 -4.21 -31.41 -40.33
CA LEU H 48 -5.45 -32.07 -40.74
C LEU H 48 -6.39 -32.28 -39.57
N GLY H 49 -5.88 -32.42 -38.38
CA GLY H 49 -6.73 -32.62 -37.20
C GLY H 49 -7.46 -33.96 -37.26
N GLY H 50 -8.78 -33.90 -37.41
CA GLY H 50 -9.58 -35.10 -37.51
C GLY H 50 -9.50 -35.82 -38.84
N GLY H 51 -8.79 -35.27 -39.81
CA GLY H 51 -8.65 -35.91 -41.10
C GLY H 51 -9.44 -35.18 -42.18
N GLN H 52 -8.99 -35.39 -43.42
CA GLN H 52 -9.54 -34.68 -44.57
C GLN H 52 -11.01 -34.98 -44.80
N ARG H 53 -11.46 -36.21 -44.51
CA ARG H 53 -12.84 -36.57 -44.74
C ARG H 53 -13.77 -35.85 -43.76
N ARG H 54 -13.31 -35.65 -42.53
CA ARG H 54 -14.11 -34.91 -41.59
C ARG H 54 -14.09 -33.45 -42.04
N ILE H 55 -12.92 -32.93 -42.42
CA ILE H 55 -12.86 -31.56 -42.91
C ILE H 55 -13.84 -31.36 -44.06
N ASP H 56 -13.88 -32.31 -44.99
CA ASP H 56 -14.86 -32.24 -46.07
C ASP H 56 -16.28 -32.14 -45.53
N ALA H 57 -16.64 -32.95 -44.54
CA ALA H 57 -17.96 -32.85 -43.93
C ALA H 57 -18.16 -31.52 -43.24
N GLN H 58 -17.12 -30.99 -42.61
CA GLN H 58 -17.18 -29.69 -41.94
C GLN H 58 -17.62 -28.61 -42.90
N HIS H 59 -17.08 -28.63 -44.12
CA HIS H 59 -17.48 -27.65 -45.14
C HIS H 59 -18.85 -27.94 -45.71
N LYS H 60 -19.22 -29.21 -45.84
CA LYS H 60 -20.53 -29.57 -46.35
C LYS H 60 -21.64 -28.99 -45.48
N ARG H 61 -21.37 -28.98 -44.19
CA ARG H 61 -22.28 -28.45 -43.19
C ARG H 61 -22.26 -26.93 -43.13
N GLY H 62 -21.42 -26.31 -43.93
CA GLY H 62 -21.36 -24.86 -43.97
C GLY H 62 -20.54 -24.23 -42.85
N LYS H 63 -19.56 -24.95 -42.32
CA LYS H 63 -18.74 -24.49 -41.23
C LYS H 63 -17.29 -24.45 -41.68
N LEU H 64 -16.51 -23.56 -41.07
CA LEU H 64 -15.07 -23.49 -41.31
C LEU H 64 -14.36 -24.32 -40.27
N THR H 65 -13.12 -24.69 -40.54
CA THR H 65 -12.43 -25.42 -39.51
C THR H 65 -11.90 -24.44 -38.47
N ALA H 66 -11.44 -24.99 -37.33
CA ALA H 66 -10.86 -24.19 -36.26
C ALA H 66 -9.66 -23.38 -36.69
N ARG H 67 -8.80 -23.95 -37.54
CA ARG H 67 -7.66 -23.20 -38.03
C ARG H 67 -8.05 -22.17 -39.07
N GLU H 68 -9.04 -22.45 -39.93
CA GLU H 68 -9.47 -21.45 -40.88
C GLU H 68 -10.10 -20.26 -40.17
N ARG H 69 -10.84 -20.51 -39.09
CA ARG H 69 -11.42 -19.42 -38.33
C ARG H 69 -10.34 -18.54 -37.72
N ILE H 70 -9.29 -19.13 -37.17
CA ILE H 70 -8.26 -18.25 -36.63
C ILE H 70 -7.58 -17.42 -37.72
N SER H 71 -7.27 -18.01 -38.87
CA SER H 71 -6.61 -17.26 -39.92
C SER H 71 -7.42 -16.03 -40.33
N LEU H 72 -8.74 -16.15 -40.33
CA LEU H 72 -9.59 -15.00 -40.62
C LEU H 72 -9.58 -13.98 -39.49
N LEU H 73 -9.54 -14.44 -38.24
CA LEU H 73 -9.71 -13.53 -37.12
C LEU H 73 -8.49 -12.64 -36.92
N LEU H 74 -7.29 -13.20 -36.99
CA LEU H 74 -6.10 -12.50 -36.59
C LEU H 74 -5.38 -11.90 -37.79
N ASP H 75 -4.57 -10.89 -37.51
CA ASP H 75 -3.72 -10.29 -38.53
C ASP H 75 -2.91 -11.38 -39.23
N PRO H 76 -2.83 -11.33 -40.56
CA PRO H 76 -2.09 -12.37 -41.30
C PRO H 76 -0.67 -12.53 -40.77
N GLY H 77 -0.31 -13.78 -40.46
CA GLY H 77 1.05 -14.09 -40.08
C GLY H 77 1.36 -13.83 -38.63
N SER H 78 0.42 -13.29 -37.88
CA SER H 78 0.64 -12.94 -36.50
C SER H 78 0.44 -14.07 -35.52
N PHE H 79 -0.15 -15.18 -35.95
CA PHE H 79 -0.54 -16.25 -35.05
C PHE H 79 0.63 -17.19 -34.79
N VAL H 80 0.89 -17.47 -33.52
CA VAL H 80 1.89 -18.45 -33.12
C VAL H 80 1.21 -19.53 -32.30
N GLU H 81 1.28 -20.76 -32.80
CA GLU H 81 0.65 -21.91 -32.19
C GLU H 81 1.52 -22.47 -31.08
N SER H 82 0.89 -22.85 -29.97
CA SER H 82 1.56 -23.43 -28.82
C SER H 82 1.10 -24.86 -28.67
N ASP H 83 1.98 -25.70 -28.11
CA ASP H 83 1.68 -27.07 -27.68
C ASP H 83 1.01 -27.89 -28.79
N MET H 84 1.51 -27.73 -30.01
CA MET H 84 0.88 -28.43 -31.13
C MET H 84 1.10 -29.93 -31.06
N PHE H 85 2.09 -30.39 -30.30
CA PHE H 85 2.44 -31.81 -30.26
C PHE H 85 1.92 -32.52 -29.02
N VAL H 86 1.05 -31.91 -28.27
CA VAL H 86 0.54 -32.52 -27.06
C VAL H 86 -0.57 -33.51 -27.42
N GLU H 87 -0.51 -34.69 -26.82
CA GLU H 87 -1.51 -35.73 -27.01
C GLU H 87 -2.02 -36.19 -25.65
N HIS H 88 -3.21 -36.79 -25.66
CA HIS H 88 -3.80 -37.32 -24.44
C HIS H 88 -2.97 -38.46 -23.89
N ARG H 89 -3.20 -38.66 -22.59
CA ARG H 89 -2.58 -39.69 -21.80
C ARG H 89 -3.61 -40.71 -21.39
N CYS H 90 -4.86 -40.52 -21.82
CA CYS H 90 -5.91 -41.47 -21.46
C CYS H 90 -5.62 -42.85 -22.04
N ALA H 91 -6.11 -43.86 -21.35
CA ALA H 91 -5.93 -45.25 -21.77
C ALA H 91 -7.01 -46.10 -21.11
N ASP H 92 -8.15 -46.23 -21.78
CA ASP H 92 -9.27 -46.98 -21.27
C ASP H 92 -10.30 -47.05 -22.39
N PHE H 93 -11.33 -47.87 -22.21
CA PHE H 93 -12.37 -48.02 -23.21
C PHE H 93 -11.78 -48.11 -24.62
N GLY H 94 -10.51 -48.49 -24.69
CA GLY H 94 -9.83 -48.61 -25.97
C GLY H 94 -9.20 -47.32 -26.42
N MET H 95 -9.44 -46.25 -25.66
CA MET H 95 -8.89 -44.94 -25.98
C MET H 95 -7.37 -44.96 -26.00
N ALA H 96 -6.79 -46.15 -25.83
CA ALA H 96 -5.35 -46.31 -25.84
C ALA H 96 -4.86 -46.90 -27.16
N ALA H 97 -5.57 -46.57 -28.24
CA ALA H 97 -5.20 -46.98 -29.59
C ALA H 97 -4.59 -45.87 -30.49
N ASP H 98 -3.52 -46.25 -31.17
CA ASP H 98 -2.84 -45.36 -32.08
C ASP H 98 -3.83 -44.74 -33.05
N LYS H 99 -4.85 -45.52 -33.40
CA LYS H 99 -5.88 -45.01 -34.30
C LYS H 99 -6.65 -43.93 -33.58
N ASN H 100 -6.59 -43.96 -32.25
CA ASN H 100 -7.29 -43.01 -31.41
C ASN H 100 -6.44 -41.88 -30.89
N LYS H 101 -5.22 -41.73 -31.38
CA LYS H 101 -4.39 -40.60 -30.90
C LYS H 101 -3.98 -39.46 -31.89
N PHE H 102 -4.59 -38.27 -31.82
CA PHE H 102 -4.22 -37.15 -32.67
C PHE H 102 -3.47 -36.08 -31.91
N PRO H 103 -2.71 -35.27 -32.64
CA PRO H 103 -1.94 -34.16 -32.08
C PRO H 103 -2.81 -32.93 -31.97
N GLY H 104 -2.68 -32.24 -30.85
CA GLY H 104 -3.47 -31.05 -30.61
C GLY H 104 -4.65 -31.29 -29.71
N ASP H 105 -5.09 -32.55 -29.64
CA ASP H 105 -6.17 -33.01 -28.75
C ASP H 105 -7.36 -32.04 -28.74
N SER H 106 -7.83 -31.75 -29.96
CA SER H 106 -9.08 -31.08 -30.26
C SER H 106 -9.14 -29.60 -29.95
N VAL H 107 -8.01 -28.93 -29.69
CA VAL H 107 -8.02 -27.48 -29.53
C VAL H 107 -6.80 -26.92 -30.25
N VAL H 108 -6.98 -25.75 -30.86
CA VAL H 108 -5.89 -24.96 -31.41
C VAL H 108 -5.71 -23.76 -30.49
N THR H 109 -4.51 -23.62 -29.93
CA THR H 109 -4.23 -22.54 -29.00
C THR H 109 -3.04 -21.74 -29.51
N GLY H 110 -3.01 -20.45 -29.15
CA GLY H 110 -1.86 -19.65 -29.50
C GLY H 110 -2.14 -18.19 -29.31
N ARG H 111 -1.22 -17.36 -29.79
CA ARG H 111 -1.34 -15.93 -29.60
C ARG H 111 -1.15 -15.21 -30.93
N GLY H 112 -1.68 -14.00 -31.00
CA GLY H 112 -1.48 -13.16 -32.15
C GLY H 112 -1.88 -11.74 -31.86
N ARG H 113 -2.18 -11.01 -32.93
CA ARG H 113 -2.56 -9.61 -32.86
C ARG H 113 -3.75 -9.34 -33.76
N ILE H 114 -4.58 -8.39 -33.38
CA ILE H 114 -5.61 -7.84 -34.23
C ILE H 114 -5.31 -6.35 -34.33
N ASN H 115 -5.00 -5.90 -35.55
CA ASN H 115 -4.59 -4.53 -35.86
C ASN H 115 -3.40 -4.07 -35.03
N GLY H 116 -2.44 -4.97 -34.82
CA GLY H 116 -1.28 -4.64 -34.04
C GLY H 116 -1.43 -4.82 -32.54
N ARG H 117 -2.61 -5.17 -32.06
CA ARG H 117 -2.81 -5.26 -30.61
C ARG H 117 -2.82 -6.72 -30.19
N LEU H 118 -2.08 -7.01 -29.13
CA LEU H 118 -1.91 -8.38 -28.66
C LEU H 118 -3.22 -8.96 -28.17
N VAL H 119 -3.50 -10.19 -28.60
CA VAL H 119 -4.67 -10.92 -28.10
C VAL H 119 -4.32 -12.40 -28.10
N TYR H 120 -4.87 -13.12 -27.13
CA TYR H 120 -4.75 -14.57 -27.04
C TYR H 120 -6.04 -15.21 -27.54
N VAL H 121 -5.92 -16.34 -28.23
CA VAL H 121 -7.08 -17.04 -28.74
C VAL H 121 -6.96 -18.52 -28.46
N PHE H 122 -8.09 -19.20 -28.52
CA PHE H 122 -8.14 -20.64 -28.68
C PHE H 122 -9.40 -20.99 -29.44
N SER H 123 -9.37 -22.12 -30.12
CA SER H 123 -10.53 -22.54 -30.90
C SER H 123 -10.67 -24.05 -30.75
N GLN H 124 -11.89 -24.49 -30.47
CA GLN H 124 -12.16 -25.91 -30.32
C GLN H 124 -12.43 -26.54 -31.68
N ASP H 125 -11.86 -27.72 -31.90
CA ASP H 125 -11.94 -28.42 -33.19
C ASP H 125 -12.95 -29.55 -33.09
N PHE H 126 -14.09 -29.39 -33.76
CA PHE H 126 -15.17 -30.36 -33.67
C PHE H 126 -14.85 -31.68 -34.36
N THR H 127 -13.84 -31.71 -35.22
CA THR H 127 -13.61 -32.91 -36.02
C THR H 127 -12.81 -33.96 -35.26
N VAL H 128 -12.33 -33.62 -34.07
CA VAL H 128 -11.52 -34.55 -33.29
C VAL H 128 -12.29 -34.93 -32.03
N PHE H 129 -12.84 -36.13 -32.06
CA PHE H 129 -13.66 -36.67 -31.01
C PHE H 129 -14.89 -35.84 -30.76
N GLY H 130 -15.40 -35.15 -31.77
CA GLY H 130 -16.56 -34.33 -31.62
C GLY H 130 -16.34 -33.03 -30.89
N GLY H 131 -15.08 -32.67 -30.66
CA GLY H 131 -14.75 -31.45 -29.93
C GLY H 131 -14.90 -31.61 -28.44
N SER H 132 -15.02 -32.85 -27.98
CA SER H 132 -15.24 -33.14 -26.57
C SER H 132 -14.02 -32.72 -25.73
N LEU H 133 -14.26 -32.45 -24.46
CA LEU H 133 -13.22 -31.91 -23.59
C LEU H 133 -12.50 -33.03 -22.84
N SER H 134 -11.17 -33.04 -22.95
CA SER H 134 -10.37 -33.99 -22.19
C SER H 134 -9.61 -33.25 -21.10
N GLY H 135 -8.88 -33.99 -20.27
CA GLY H 135 -7.99 -33.38 -19.31
C GLY H 135 -7.00 -32.47 -19.99
N ALA H 136 -6.23 -33.03 -20.93
CA ALA H 136 -5.22 -32.26 -21.65
C ALA H 136 -5.83 -31.10 -22.43
N HIS H 137 -7.03 -31.29 -22.97
CA HIS H 137 -7.77 -30.23 -23.64
C HIS H 137 -7.89 -28.99 -22.76
N ALA H 138 -8.38 -29.17 -21.55
CA ALA H 138 -8.56 -28.06 -20.63
C ALA H 138 -7.23 -27.45 -20.22
N GLN H 139 -6.24 -28.29 -20.08
CA GLN H 139 -4.96 -27.83 -19.60
C GLN H 139 -4.39 -26.79 -20.54
N LYS H 140 -4.51 -27.05 -21.84
CA LYS H 140 -4.03 -26.13 -22.87
C LYS H 140 -4.78 -24.82 -22.84
N ILE H 141 -6.11 -24.89 -22.66
CA ILE H 141 -6.90 -23.68 -22.54
C ILE H 141 -6.49 -22.89 -21.30
N CYS H 142 -6.28 -23.59 -20.17
CA CYS H 142 -5.87 -22.91 -18.94
C CYS H 142 -4.54 -22.20 -19.08
N LYS H 143 -3.62 -22.84 -19.79
CA LYS H 143 -2.32 -22.27 -20.07
C LYS H 143 -2.52 -20.91 -20.74
N ILE H 144 -3.40 -20.84 -21.73
CA ILE H 144 -3.63 -19.54 -22.39
C ILE H 144 -4.24 -18.53 -21.43
N MET H 145 -5.16 -19.00 -20.60
CA MET H 145 -5.81 -18.18 -19.60
C MET H 145 -4.83 -17.57 -18.61
N ASP H 146 -3.79 -18.31 -18.26
CA ASP H 146 -2.77 -17.85 -17.34
C ASP H 146 -1.80 -16.87 -18.00
N GLN H 147 -1.41 -17.08 -19.24
CA GLN H 147 -0.50 -16.13 -19.86
C GLN H 147 -1.23 -14.82 -20.08
N ALA H 148 -2.47 -14.88 -20.52
CA ALA H 148 -3.20 -13.63 -20.77
C ALA H 148 -3.40 -12.82 -19.51
N ILE H 149 -3.69 -13.48 -18.39
CA ILE H 149 -3.88 -12.73 -17.16
C ILE H 149 -2.57 -12.08 -16.73
N THR H 150 -1.46 -12.83 -16.82
CA THR H 150 -0.17 -12.31 -16.39
C THR H 150 0.25 -11.09 -17.20
N VAL H 151 0.11 -11.13 -18.53
CA VAL H 151 0.54 -9.97 -19.30
C VAL H 151 -0.53 -8.89 -19.38
N GLY H 152 -1.79 -9.24 -19.32
CA GLY H 152 -2.86 -8.26 -19.46
C GLY H 152 -3.33 -8.08 -20.89
N ALA H 153 -3.75 -9.17 -21.54
CA ALA H 153 -4.21 -9.19 -22.91
C ALA H 153 -5.56 -9.90 -22.93
N PRO H 154 -6.48 -9.51 -23.81
CA PRO H 154 -7.78 -10.19 -23.87
C PRO H 154 -7.62 -11.61 -24.35
N VAL H 155 -8.63 -12.42 -24.05
CA VAL H 155 -8.75 -13.77 -24.57
C VAL H 155 -10.05 -13.88 -25.34
N ILE H 156 -9.98 -14.38 -26.57
CA ILE H 156 -11.14 -14.65 -27.39
C ILE H 156 -11.20 -16.15 -27.63
N GLY H 157 -12.28 -16.77 -27.20
CA GLY H 157 -12.49 -18.19 -27.40
C GLY H 157 -13.50 -18.42 -28.51
N LEU H 158 -13.26 -19.45 -29.31
CA LEU H 158 -14.19 -19.90 -30.34
C LEU H 158 -14.66 -21.28 -29.91
N ASN H 159 -15.88 -21.37 -29.40
CA ASN H 159 -16.31 -22.60 -28.76
C ASN H 159 -17.20 -23.43 -29.67
N ASP H 160 -16.98 -24.73 -29.61
CA ASP H 160 -17.69 -25.76 -30.37
C ASP H 160 -17.33 -27.10 -29.75
N SER H 161 -18.28 -27.73 -29.05
CA SER H 161 -17.95 -28.93 -28.30
C SER H 161 -19.18 -29.80 -28.10
N GLY H 162 -18.97 -31.10 -27.96
CA GLY H 162 -20.08 -32.01 -27.79
C GLY H 162 -20.23 -32.32 -26.32
N GLY H 163 -19.40 -31.69 -25.51
CA GLY H 163 -19.41 -31.92 -24.08
C GLY H 163 -18.20 -32.69 -23.59
N ALA H 164 -18.33 -33.28 -22.40
CA ALA H 164 -17.24 -34.00 -21.78
C ALA H 164 -16.89 -35.25 -22.56
N ARG H 165 -15.61 -35.62 -22.55
CA ARG H 165 -15.14 -36.85 -23.17
C ARG H 165 -15.30 -37.95 -22.15
N ILE H 166 -16.37 -38.73 -22.28
CA ILE H 166 -16.70 -39.79 -21.35
C ILE H 166 -15.67 -40.92 -21.22
N GLN H 167 -14.79 -41.07 -22.20
CA GLN H 167 -13.82 -42.14 -22.12
C GLN H 167 -12.83 -41.89 -20.98
N GLU H 168 -12.59 -40.63 -20.62
CA GLU H 168 -11.69 -40.33 -19.52
C GLU H 168 -12.43 -40.26 -18.20
N GLY H 169 -13.71 -39.96 -18.23
CA GLY H 169 -14.53 -40.00 -17.03
C GLY H 169 -14.47 -38.68 -16.25
N VAL H 170 -13.80 -38.71 -15.11
CA VAL H 170 -13.79 -37.59 -14.18
C VAL H 170 -12.66 -36.61 -14.44
N GLU H 171 -11.75 -36.98 -15.32
CA GLU H 171 -10.65 -36.11 -15.68
C GLU H 171 -11.17 -34.85 -16.38
N SER H 172 -12.20 -35.01 -17.22
CA SER H 172 -12.77 -33.89 -17.95
C SER H 172 -13.57 -32.98 -17.02
N LEU H 173 -14.11 -33.52 -15.94
CA LEU H 173 -14.83 -32.68 -14.98
C LEU H 173 -13.88 -31.75 -14.24
N ALA H 174 -12.70 -32.25 -13.87
CA ALA H 174 -11.65 -31.38 -13.36
C ALA H 174 -11.23 -30.34 -14.41
N GLY H 175 -11.19 -30.73 -15.68
CA GLY H 175 -10.88 -29.76 -16.72
C GLY H 175 -11.80 -28.55 -16.69
N TYR H 176 -13.12 -28.78 -16.65
CA TYR H 176 -14.10 -27.72 -16.55
C TYR H 176 -13.91 -26.84 -15.33
N ALA H 177 -13.66 -27.47 -14.18
CA ALA H 177 -13.46 -26.70 -12.96
C ALA H 177 -12.26 -25.77 -13.06
N ASP H 178 -11.16 -26.23 -13.65
CA ASP H 178 -9.99 -25.37 -13.78
C ASP H 178 -10.25 -24.21 -14.74
N ILE H 179 -10.98 -24.47 -15.83
CA ILE H 179 -11.33 -23.39 -16.77
C ILE H 179 -12.23 -22.39 -16.09
N PHE H 180 -13.20 -22.86 -15.33
CA PHE H 180 -14.12 -21.96 -14.62
C PHE H 180 -13.37 -21.08 -13.64
N LEU H 181 -12.42 -21.66 -12.93
CA LEU H 181 -11.62 -20.88 -11.99
C LEU H 181 -10.83 -19.79 -12.69
N ARG H 182 -10.27 -20.07 -13.87
CA ARG H 182 -9.57 -18.99 -14.58
C ARG H 182 -10.53 -17.92 -15.08
N ASN H 183 -11.71 -18.33 -15.55
CA ASN H 183 -12.67 -17.36 -16.08
C ASN H 183 -13.19 -16.44 -15.00
N VAL H 184 -13.32 -16.94 -13.78
CA VAL H 184 -13.71 -16.08 -12.68
C VAL H 184 -12.55 -15.18 -12.28
N THR H 185 -11.34 -15.75 -12.17
CA THR H 185 -10.19 -14.94 -11.81
C THR H 185 -9.94 -13.81 -12.80
N ALA H 186 -10.13 -14.06 -14.09
CA ALA H 186 -9.87 -13.02 -15.07
C ALA H 186 -10.93 -11.92 -15.10
N SER H 187 -12.06 -12.09 -14.41
CA SER H 187 -13.14 -11.12 -14.51
C SER H 187 -12.71 -9.78 -13.96
N GLY H 188 -12.88 -8.72 -14.75
CA GLY H 188 -12.50 -7.40 -14.36
C GLY H 188 -11.03 -7.12 -14.54
N VAL H 189 -10.29 -8.08 -15.08
CA VAL H 189 -8.85 -7.95 -15.30
C VAL H 189 -8.53 -7.86 -16.79
N ILE H 190 -9.05 -8.78 -17.57
CA ILE H 190 -8.90 -8.76 -19.02
C ILE H 190 -10.28 -8.98 -19.63
N PRO H 191 -10.58 -8.42 -20.79
CA PRO H 191 -11.87 -8.73 -21.42
C PRO H 191 -11.91 -10.19 -21.80
N GLN H 192 -13.07 -10.81 -21.65
CA GLN H 192 -13.25 -12.18 -22.10
C GLN H 192 -14.43 -12.24 -23.05
N ILE H 193 -14.15 -12.65 -24.28
CA ILE H 193 -15.13 -12.72 -25.36
C ILE H 193 -15.27 -14.16 -25.78
N SER H 194 -16.50 -14.64 -25.90
CA SER H 194 -16.73 -16.01 -26.34
C SER H 194 -17.68 -16.01 -27.51
N LEU H 195 -17.20 -16.52 -28.65
CA LEU H 195 -17.99 -16.65 -29.86
C LEU H 195 -18.31 -18.11 -30.07
N ILE H 196 -19.58 -18.44 -30.18
CA ILE H 196 -20.02 -19.82 -30.34
C ILE H 196 -20.15 -20.10 -31.81
N MET H 197 -19.50 -21.15 -32.28
CA MET H 197 -19.45 -21.42 -33.70
C MET H 197 -20.06 -22.78 -34.03
N GLY H 198 -20.79 -23.36 -33.11
CA GLY H 198 -21.39 -24.66 -33.29
C GLY H 198 -22.14 -25.09 -32.06
N PRO H 199 -22.48 -26.35 -31.95
CA PRO H 199 -23.22 -26.79 -30.76
C PRO H 199 -22.34 -26.78 -29.53
N CYS H 200 -22.97 -26.73 -28.36
CA CYS H 200 -22.27 -26.71 -27.09
C CYS H 200 -23.17 -27.37 -26.05
N ALA H 201 -22.66 -28.39 -25.38
CA ALA H 201 -23.48 -29.19 -24.49
C ALA H 201 -22.67 -29.56 -23.27
N GLY H 202 -23.38 -29.93 -22.21
CA GLY H 202 -22.75 -30.24 -20.95
C GLY H 202 -22.14 -29.02 -20.29
N GLY H 203 -21.10 -29.28 -19.52
CA GLY H 203 -20.43 -28.23 -18.75
C GLY H 203 -19.86 -27.11 -19.58
N ALA H 204 -19.60 -27.36 -20.87
CA ALA H 204 -19.00 -26.35 -21.73
C ALA H 204 -19.88 -25.12 -21.86
N VAL H 205 -21.20 -25.31 -21.71
CA VAL H 205 -22.20 -24.26 -21.92
C VAL H 205 -22.14 -23.20 -20.82
N TYR H 206 -21.39 -23.47 -19.75
CA TYR H 206 -21.26 -22.46 -18.71
C TYR H 206 -20.12 -21.49 -18.94
N SER H 207 -19.09 -21.82 -19.75
CA SER H 207 -18.07 -20.79 -19.90
C SER H 207 -18.58 -19.47 -20.47
N PRO H 208 -19.45 -19.41 -21.50
CA PRO H 208 -19.96 -18.10 -21.90
C PRO H 208 -20.72 -17.36 -20.82
N ALA H 209 -21.16 -18.03 -19.76
CA ALA H 209 -21.82 -17.34 -18.68
C ALA H 209 -20.85 -16.60 -17.80
N LEU H 210 -19.58 -16.96 -17.84
CA LEU H 210 -18.57 -16.28 -17.05
C LEU H 210 -17.84 -15.20 -17.82
N THR H 211 -17.78 -15.31 -19.14
CA THR H 211 -17.16 -14.26 -19.94
C THR H 211 -18.09 -13.06 -20.09
N ASP H 212 -17.52 -12.01 -20.67
CA ASP H 212 -18.14 -10.71 -20.82
C ASP H 212 -19.17 -10.56 -21.89
N PHE H 213 -18.95 -11.16 -23.04
CA PHE H 213 -19.89 -11.11 -24.14
C PHE H 213 -19.95 -12.48 -24.77
N THR H 214 -21.16 -12.88 -25.19
CA THR H 214 -21.36 -14.13 -25.89
C THR H 214 -21.97 -13.84 -27.24
N PHE H 215 -21.39 -14.36 -28.31
CA PHE H 215 -21.93 -14.15 -29.63
C PHE H 215 -22.20 -15.50 -30.27
N MET H 216 -23.13 -15.54 -31.22
CA MET H 216 -23.48 -16.80 -31.86
C MET H 216 -23.57 -16.60 -33.37
N VAL H 217 -23.73 -17.73 -34.06
CA VAL H 217 -23.90 -17.77 -35.50
C VAL H 217 -25.27 -18.37 -35.79
N LYS H 218 -26.09 -17.65 -36.55
CA LYS H 218 -27.46 -18.04 -36.77
C LYS H 218 -27.51 -19.41 -37.45
N ASP H 219 -28.39 -20.28 -36.91
CA ASP H 219 -28.70 -21.60 -37.47
C ASP H 219 -27.52 -22.56 -37.48
N THR H 220 -26.41 -22.19 -36.82
CA THR H 220 -25.24 -23.04 -36.77
C THR H 220 -24.87 -23.36 -35.32
N SER H 221 -24.99 -22.39 -34.42
CA SER H 221 -24.55 -22.52 -33.05
C SER H 221 -25.73 -22.80 -32.14
N TYR H 222 -25.47 -23.53 -31.07
CA TYR H 222 -26.48 -23.86 -30.07
C TYR H 222 -25.89 -23.70 -28.69
N LEU H 223 -26.74 -23.39 -27.71
CA LEU H 223 -26.36 -23.41 -26.32
C LEU H 223 -27.43 -24.12 -25.50
N PHE H 224 -27.11 -25.28 -24.94
CA PHE H 224 -28.03 -26.02 -24.07
C PHE H 224 -27.28 -27.05 -23.24
N ILE H 225 -27.76 -27.38 -22.05
CA ILE H 225 -27.09 -28.32 -21.17
C ILE H 225 -27.35 -29.75 -21.61
N THR H 226 -28.62 -30.08 -21.82
CA THR H 226 -29.04 -31.38 -22.33
C THR H 226 -29.79 -31.19 -23.64
N GLY H 227 -29.74 -32.21 -24.49
CA GLY H 227 -30.36 -32.15 -25.79
C GLY H 227 -31.84 -32.49 -25.73
N PRO H 228 -32.51 -32.35 -26.89
CA PRO H 228 -33.94 -32.69 -26.95
C PRO H 228 -34.24 -34.12 -26.53
N ASP H 229 -33.26 -35.01 -26.67
CA ASP H 229 -33.43 -36.42 -26.31
C ASP H 229 -33.74 -36.58 -24.83
N VAL H 230 -33.12 -35.75 -23.99
CA VAL H 230 -33.36 -35.80 -22.56
C VAL H 230 -34.70 -35.14 -22.24
N VAL H 231 -35.00 -34.01 -22.86
CA VAL H 231 -36.28 -33.36 -22.58
C VAL H 231 -37.44 -34.31 -22.87
N LYS H 232 -37.39 -35.03 -24.00
CA LYS H 232 -38.47 -35.95 -24.33
C LYS H 232 -38.52 -37.12 -23.35
N SER H 233 -37.36 -37.57 -22.88
CA SER H 233 -37.33 -38.73 -22.01
C SER H 233 -37.77 -38.38 -20.59
N VAL H 234 -37.55 -37.14 -20.17
CA VAL H 234 -37.83 -36.77 -18.78
C VAL H 234 -39.27 -36.28 -18.64
N THR H 235 -39.70 -35.43 -19.56
CA THR H 235 -41.01 -34.79 -19.47
C THR H 235 -41.73 -34.91 -20.82
N ASN H 236 -43.05 -34.84 -20.79
CA ASN H 236 -43.84 -35.02 -22.02
C ASN H 236 -43.94 -33.71 -22.81
N GLU H 237 -42.80 -33.25 -23.32
CA GLU H 237 -42.71 -32.02 -24.10
C GLU H 237 -42.00 -32.31 -25.41
N ASP H 238 -42.51 -31.77 -26.51
CA ASP H 238 -41.86 -31.92 -27.81
C ASP H 238 -41.07 -30.72 -28.31
N VAL H 239 -39.76 -30.89 -28.46
CA VAL H 239 -38.87 -29.82 -28.89
C VAL H 239 -37.74 -30.28 -29.82
N THR H 240 -37.38 -29.43 -30.78
CA THR H 240 -36.23 -29.67 -31.65
C THR H 240 -34.98 -28.90 -31.29
N GLN H 241 -33.87 -29.18 -31.94
CA GLN H 241 -32.60 -28.56 -31.56
C GLN H 241 -32.52 -27.06 -31.65
N GLU H 242 -33.20 -26.48 -32.62
CA GLU H 242 -33.20 -25.04 -32.77
C GLU H 242 -34.09 -24.39 -31.70
N GLU H 243 -35.24 -25.01 -31.42
CA GLU H 243 -36.15 -24.47 -30.43
C GLU H 243 -35.57 -24.53 -29.03
N LEU H 244 -34.82 -25.57 -28.73
CA LEU H 244 -34.29 -25.78 -27.39
C LEU H 244 -33.14 -24.83 -27.09
N GLY H 245 -32.20 -24.72 -28.02
CA GLY H 245 -31.04 -23.92 -27.75
C GLY H 245 -30.45 -23.20 -28.94
N GLY H 246 -31.26 -22.86 -29.94
CA GLY H 246 -30.78 -22.17 -31.12
C GLY H 246 -30.42 -20.73 -30.86
N ALA H 247 -29.64 -20.18 -31.79
CA ALA H 247 -29.18 -18.79 -31.71
C ALA H 247 -30.34 -17.78 -31.67
N LYS H 248 -31.42 -18.06 -32.38
CA LYS H 248 -32.54 -17.13 -32.40
C LYS H 248 -33.23 -17.04 -31.04
N THR H 249 -33.28 -18.18 -30.33
CA THR H 249 -33.89 -18.21 -29.01
C THR H 249 -33.11 -17.37 -28.00
N HIS H 250 -31.79 -17.52 -28.01
CA HIS H 250 -30.93 -16.88 -27.03
C HIS H 250 -30.67 -15.39 -27.31
N THR H 251 -30.76 -14.98 -28.56
CA THR H 251 -30.69 -13.56 -28.88
C THR H 251 -32.05 -12.86 -28.85
N THR H 252 -33.16 -13.58 -28.91
CA THR H 252 -34.44 -12.88 -28.90
C THR H 252 -35.21 -13.05 -27.59
N MET H 253 -35.14 -14.21 -26.98
CA MET H 253 -35.97 -14.44 -25.81
C MET H 253 -35.35 -14.68 -24.44
N SER H 254 -34.27 -15.45 -24.36
CA SER H 254 -33.71 -15.77 -23.06
C SER H 254 -32.73 -14.70 -22.58
N GLY H 255 -32.20 -13.89 -23.50
CA GLY H 255 -31.25 -12.88 -23.10
C GLY H 255 -29.89 -13.43 -22.76
N VAL H 256 -29.46 -14.51 -23.41
CA VAL H 256 -28.19 -15.13 -23.08
C VAL H 256 -27.12 -14.68 -24.06
N ALA H 257 -27.45 -14.62 -25.34
CA ALA H 257 -26.48 -14.26 -26.36
C ALA H 257 -26.64 -12.81 -26.77
N HIS H 258 -25.52 -12.12 -26.87
CA HIS H 258 -25.51 -10.69 -27.12
C HIS H 258 -25.80 -10.32 -28.56
N ARG H 259 -25.45 -11.19 -29.50
CA ARG H 259 -25.81 -11.02 -30.89
C ARG H 259 -25.46 -12.21 -31.74
N ALA H 260 -26.30 -12.53 -32.71
CA ALA H 260 -26.01 -13.60 -33.65
C ALA H 260 -25.70 -13.01 -35.01
N PHE H 261 -24.77 -13.62 -35.71
CA PHE H 261 -24.35 -13.16 -37.02
C PHE H 261 -24.71 -14.23 -38.05
N GLU H 262 -24.88 -13.81 -39.31
CA GLU H 262 -25.48 -14.68 -40.31
C GLU H 262 -24.63 -15.92 -40.59
N ASN H 263 -23.32 -15.77 -40.67
CA ASN H 263 -22.46 -16.89 -41.03
C ASN H 263 -21.08 -16.71 -40.41
N ASP H 264 -20.21 -17.68 -40.64
CA ASP H 264 -18.89 -17.68 -40.01
C ASP H 264 -18.02 -16.51 -40.46
N VAL H 265 -18.09 -16.12 -41.72
CA VAL H 265 -17.17 -15.11 -42.24
C VAL H 265 -17.56 -13.73 -41.74
N ASP H 266 -18.87 -13.43 -41.75
CA ASP H 266 -19.38 -12.18 -41.23
C ASP H 266 -19.23 -12.08 -39.72
N ALA H 267 -19.36 -13.21 -39.02
CA ALA H 267 -19.21 -13.23 -37.58
C ALA H 267 -17.80 -12.82 -37.16
N LEU H 268 -16.79 -13.30 -37.87
CA LEU H 268 -15.44 -12.92 -37.49
C LEU H 268 -15.07 -11.51 -37.98
N CYS H 269 -15.66 -11.06 -39.08
CA CYS H 269 -15.42 -9.68 -39.51
C CYS H 269 -15.97 -8.69 -38.49
N ASN H 270 -17.17 -8.95 -37.98
CA ASN H 270 -17.72 -8.07 -36.95
C ASN H 270 -16.99 -8.23 -35.63
N LEU H 271 -16.43 -9.40 -35.36
CA LEU H 271 -15.66 -9.59 -34.14
C LEU H 271 -14.39 -8.76 -34.13
N ARG H 272 -13.70 -8.67 -35.27
CA ARG H 272 -12.54 -7.79 -35.35
C ARG H 272 -12.91 -6.35 -35.04
N ASP H 273 -14.02 -5.88 -35.62
CA ASP H 273 -14.50 -4.52 -35.36
C ASP H 273 -14.87 -4.31 -33.90
N PHE H 274 -15.56 -5.28 -33.30
CA PHE H 274 -15.88 -5.17 -31.89
C PHE H 274 -14.62 -5.11 -31.03
N PHE H 275 -13.65 -5.98 -31.31
CA PHE H 275 -12.40 -5.98 -30.57
C PHE H 275 -11.80 -4.60 -30.50
N ASN H 276 -11.86 -3.84 -31.59
CA ASN H 276 -11.17 -2.54 -31.59
C ASN H 276 -11.73 -1.53 -30.58
N TYR H 277 -12.86 -1.80 -29.94
CA TYR H 277 -13.43 -0.86 -28.99
C TYR H 277 -12.80 -0.94 -27.60
N LEU H 278 -12.34 -2.10 -27.18
CA LEU H 278 -12.06 -2.46 -25.80
C LEU H 278 -10.58 -2.26 -25.46
N PRO H 279 -10.28 -1.93 -24.20
CA PRO H 279 -8.87 -1.90 -23.79
C PRO H 279 -8.32 -3.30 -23.68
N LEU H 280 -7.00 -3.41 -23.59
CA LEU H 280 -6.41 -4.73 -23.45
C LEU H 280 -6.57 -5.29 -22.05
N SER H 281 -6.60 -4.42 -21.04
CA SER H 281 -6.73 -4.84 -19.65
C SER H 281 -7.46 -3.75 -18.89
N SER H 282 -7.94 -4.09 -17.69
CA SER H 282 -8.64 -3.10 -16.89
C SER H 282 -7.68 -2.07 -16.31
N GLN H 283 -6.38 -2.27 -16.47
CA GLN H 283 -5.43 -1.28 -15.98
C GLN H 283 -5.23 -0.17 -17.00
N ASP H 284 -5.79 -0.32 -18.17
CA ASP H 284 -5.61 0.63 -19.25
C ASP H 284 -6.82 1.55 -19.38
N PRO H 285 -6.61 2.77 -19.83
CA PRO H 285 -7.74 3.66 -20.12
C PRO H 285 -8.46 3.22 -21.38
N ALA H 286 -9.69 3.69 -21.56
CA ALA H 286 -10.41 3.43 -22.80
C ALA H 286 -9.54 3.82 -23.98
N PRO H 287 -9.39 2.96 -24.98
CA PRO H 287 -8.54 3.31 -26.13
C PRO H 287 -9.03 4.58 -26.82
N VAL H 288 -8.08 5.32 -27.37
CA VAL H 288 -8.33 6.51 -28.16
C VAL H 288 -7.76 6.29 -29.55
N ARG H 289 -8.56 6.49 -30.57
CA ARG H 289 -8.11 6.28 -31.92
C ARG H 289 -8.20 7.51 -32.79
N GLU H 290 -7.40 7.57 -33.84
CA GLU H 290 -7.46 8.65 -34.82
C GLU H 290 -8.90 8.89 -35.25
N CYS H 291 -9.32 10.15 -35.26
CA CYS H 291 -10.68 10.52 -35.62
C CYS H 291 -10.68 11.77 -36.46
N HIS H 292 -11.46 11.74 -37.54
CA HIS H 292 -11.58 12.87 -38.45
C HIS H 292 -12.83 13.69 -38.23
N ASP H 293 -13.68 13.31 -37.30
CA ASP H 293 -14.98 13.93 -37.11
C ASP H 293 -14.81 15.11 -36.16
N PRO H 294 -14.99 16.34 -36.62
CA PRO H 294 -14.75 17.49 -35.73
C PRO H 294 -15.56 17.38 -34.46
N SER H 295 -14.93 17.67 -33.34
CA SER H 295 -15.55 17.51 -32.04
C SER H 295 -16.50 18.63 -31.69
N ASP H 296 -16.46 19.74 -32.43
CA ASP H 296 -17.20 20.94 -32.07
C ASP H 296 -18.33 21.24 -33.05
N ARG H 297 -18.74 20.27 -33.86
CA ARG H 297 -19.81 20.50 -34.81
C ARG H 297 -21.16 20.38 -34.12
N LEU H 298 -22.15 21.05 -34.70
CA LEU H 298 -23.50 21.00 -34.16
C LEU H 298 -24.31 19.97 -34.92
N VAL H 299 -25.40 19.54 -34.30
CA VAL H 299 -26.30 18.57 -34.93
C VAL H 299 -27.71 19.16 -34.92
N PRO H 300 -28.05 20.01 -35.89
CA PRO H 300 -29.37 20.65 -35.87
C PRO H 300 -30.52 19.68 -35.92
N GLU H 301 -30.27 18.45 -36.36
CA GLU H 301 -31.29 17.42 -36.52
C GLU H 301 -31.95 17.05 -35.21
N LEU H 302 -31.32 17.35 -34.08
CA LEU H 302 -31.82 16.99 -32.78
C LEU H 302 -32.92 17.91 -32.29
N ASP H 303 -32.97 19.17 -32.74
CA ASP H 303 -33.91 20.11 -32.14
C ASP H 303 -35.37 19.68 -32.28
N THR H 304 -35.71 18.89 -33.28
CA THR H 304 -37.12 18.58 -33.52
C THR H 304 -37.42 17.09 -33.38
N ILE H 305 -36.50 16.31 -32.80
CA ILE H 305 -36.78 14.88 -32.70
C ILE H 305 -37.87 14.61 -31.68
N VAL H 306 -37.79 15.27 -30.53
CA VAL H 306 -38.69 15.00 -29.41
C VAL H 306 -39.99 15.75 -29.61
N PRO H 307 -41.12 15.07 -29.77
CA PRO H 307 -42.40 15.75 -29.95
C PRO H 307 -42.80 16.54 -28.73
N LEU H 308 -43.58 17.59 -28.96
CA LEU H 308 -44.18 18.33 -27.86
C LEU H 308 -45.35 17.56 -27.22
N GLU H 309 -46.00 16.70 -27.99
CA GLU H 309 -47.10 15.90 -27.48
C GLU H 309 -46.52 14.70 -26.73
N SER H 310 -46.99 14.49 -25.50
CA SER H 310 -46.43 13.48 -24.61
C SER H 310 -46.73 12.05 -25.01
N THR H 311 -47.66 11.83 -25.93
CA THR H 311 -48.10 10.48 -26.26
C THR H 311 -47.51 10.00 -27.58
N LYS H 312 -46.65 10.83 -28.16
CA LYS H 312 -46.01 10.51 -29.43
C LYS H 312 -44.60 9.99 -29.20
N ALA H 313 -44.34 8.78 -29.67
CA ALA H 313 -43.04 8.15 -29.53
C ALA H 313 -42.08 8.64 -30.60
N TYR H 314 -40.80 8.46 -30.33
CA TYR H 314 -39.75 8.77 -31.29
C TYR H 314 -38.65 7.74 -31.13
N ASN H 315 -37.78 7.64 -32.12
CA ASN H 315 -36.72 6.63 -32.13
C ASN H 315 -35.48 7.21 -31.48
N MET H 316 -35.13 6.68 -30.32
CA MET H 316 -33.96 7.16 -29.61
C MET H 316 -32.68 6.96 -30.42
N VAL H 317 -32.66 5.97 -31.30
CA VAL H 317 -31.46 5.67 -32.06
C VAL H 317 -31.08 6.84 -32.97
N ASP H 318 -32.04 7.66 -33.40
CA ASP H 318 -31.71 8.80 -34.24
C ASP H 318 -30.81 9.79 -33.51
N ILE H 319 -31.00 9.91 -32.20
CA ILE H 319 -30.18 10.81 -31.40
C ILE H 319 -28.79 10.22 -31.20
N ILE H 320 -28.72 8.93 -30.89
CA ILE H 320 -27.46 8.24 -30.64
C ILE H 320 -26.58 8.31 -31.87
N HIS H 321 -27.15 8.01 -33.04
CA HIS H 321 -26.36 7.99 -34.27
C HIS H 321 -25.85 9.38 -34.63
N SER H 322 -26.63 10.43 -34.37
CA SER H 322 -26.18 11.76 -34.74
C SER H 322 -25.10 12.31 -33.82
N VAL H 323 -25.00 11.81 -32.60
CA VAL H 323 -24.00 12.35 -31.67
C VAL H 323 -22.66 11.65 -31.83
N VAL H 324 -22.66 10.33 -32.00
CA VAL H 324 -21.43 9.54 -32.00
C VAL H 324 -20.57 9.82 -33.22
N ASP H 325 -19.25 9.64 -33.07
CA ASP H 325 -18.32 9.87 -34.16
C ASP H 325 -18.77 9.14 -35.41
N GLU H 326 -18.84 9.88 -36.52
CA GLU H 326 -19.08 9.37 -37.88
C GLU H 326 -20.29 8.47 -37.99
N ARG H 327 -21.20 8.61 -37.03
CA ARG H 327 -22.48 7.91 -36.99
C ARG H 327 -22.42 6.39 -36.95
N GLU H 328 -21.35 5.89 -36.36
CA GLU H 328 -21.11 4.48 -36.15
C GLU H 328 -21.56 4.11 -34.74
N PHE H 329 -22.45 3.12 -34.63
CA PHE H 329 -22.90 2.66 -33.32
C PHE H 329 -22.98 1.15 -33.35
N PHE H 330 -22.45 0.51 -32.30
CA PHE H 330 -22.48 -0.95 -32.21
C PHE H 330 -23.57 -1.35 -31.23
N GLU H 331 -24.67 -1.91 -31.73
CA GLU H 331 -25.78 -2.21 -30.85
C GLU H 331 -25.68 -3.64 -30.31
N ILE H 332 -25.96 -3.78 -29.03
CA ILE H 332 -25.90 -5.05 -28.32
C ILE H 332 -27.35 -5.51 -28.10
N MET H 333 -27.60 -6.80 -28.36
CA MET H 333 -28.89 -7.48 -28.23
C MET H 333 -30.00 -6.68 -28.92
N PRO H 334 -29.91 -6.47 -30.23
CA PRO H 334 -30.93 -5.66 -30.91
C PRO H 334 -32.34 -6.21 -30.78
N ASN H 335 -32.51 -7.49 -30.50
CA ASN H 335 -33.81 -8.11 -30.52
C ASN H 335 -34.31 -8.51 -29.14
N TYR H 336 -33.58 -8.19 -28.08
CA TYR H 336 -33.93 -8.55 -26.73
C TYR H 336 -34.00 -7.30 -25.87
N ALA H 337 -35.08 -7.18 -25.09
CA ALA H 337 -35.36 -6.05 -24.21
C ALA H 337 -35.27 -4.73 -24.98
N LYS H 338 -36.03 -4.66 -26.06
CA LYS H 338 -35.98 -3.52 -26.97
C LYS H 338 -36.30 -2.19 -26.32
N ASN H 339 -36.86 -2.16 -25.11
CA ASN H 339 -37.20 -0.89 -24.49
C ASN H 339 -35.99 -0.18 -23.91
N ILE H 340 -34.82 -0.80 -23.90
CA ILE H 340 -33.60 -0.15 -23.47
C ILE H 340 -32.52 -0.44 -24.48
N ILE H 341 -31.74 0.58 -24.82
CA ILE H 341 -30.70 0.51 -25.83
C ILE H 341 -29.36 0.63 -25.12
N VAL H 342 -28.46 -0.31 -25.39
CA VAL H 342 -27.10 -0.24 -24.89
C VAL H 342 -26.16 -0.56 -26.05
N GLY H 343 -24.99 0.07 -26.04
CA GLY H 343 -24.01 -0.27 -27.04
C GLY H 343 -22.78 0.57 -26.93
N PHE H 344 -21.87 0.34 -27.87
CA PHE H 344 -20.57 0.99 -27.91
C PHE H 344 -20.54 2.01 -29.03
N ALA H 345 -19.78 3.08 -28.79
CA ALA H 345 -19.52 4.07 -29.81
C ALA H 345 -18.27 4.84 -29.40
N ARG H 346 -17.82 5.70 -30.30
CA ARG H 346 -16.72 6.60 -30.02
C ARG H 346 -17.14 8.04 -30.05
N MET H 347 -16.55 8.87 -29.21
CA MET H 347 -16.74 10.30 -29.33
C MET H 347 -15.38 10.95 -29.16
N ASN H 348 -14.99 11.72 -30.17
CA ASN H 348 -13.65 12.33 -30.30
C ASN H 348 -12.54 11.30 -30.20
N GLY H 349 -12.76 10.12 -30.76
CA GLY H 349 -11.77 9.07 -30.76
C GLY H 349 -11.84 8.12 -29.59
N ARG H 350 -12.48 8.50 -28.50
CA ARG H 350 -12.46 7.69 -27.30
C ARG H 350 -13.67 6.77 -27.25
N THR H 351 -13.44 5.52 -26.89
CA THR H 351 -14.54 4.58 -26.74
C THR H 351 -15.41 4.98 -25.57
N VAL H 352 -16.72 5.01 -25.78
CA VAL H 352 -17.67 5.24 -24.71
C VAL H 352 -18.78 4.20 -24.80
N GLY H 353 -19.44 3.99 -23.68
CA GLY H 353 -20.63 3.16 -23.63
C GLY H 353 -21.85 4.06 -23.53
N ILE H 354 -22.91 3.67 -24.22
CA ILE H 354 -24.13 4.45 -24.29
C ILE H 354 -25.28 3.59 -23.77
N VAL H 355 -26.08 4.17 -22.89
CA VAL H 355 -27.30 3.56 -22.39
C VAL H 355 -28.42 4.59 -22.54
N GLY H 356 -29.58 4.13 -22.99
CA GLY H 356 -30.71 5.03 -23.10
C GLY H 356 -32.02 4.31 -23.24
N ASN H 357 -33.13 5.04 -23.14
CA ASN H 357 -34.44 4.42 -23.27
C ASN H 357 -34.88 4.41 -24.72
N GLN H 358 -35.80 3.52 -25.04
CA GLN H 358 -36.43 3.52 -26.35
C GLN H 358 -37.91 3.76 -26.19
N PRO H 359 -38.39 4.99 -26.33
CA PRO H 359 -39.80 5.29 -26.05
C PRO H 359 -40.76 4.53 -26.96
N LYS H 360 -40.30 4.03 -28.09
CA LYS H 360 -41.17 3.33 -29.01
C LYS H 360 -41.70 2.03 -28.44
N VAL H 361 -40.99 1.44 -27.49
CA VAL H 361 -41.31 0.10 -26.99
C VAL H 361 -41.71 0.23 -25.52
N ALA H 362 -42.93 -0.25 -25.21
CA ALA H 362 -43.52 -0.23 -23.87
C ALA H 362 -43.44 1.13 -23.21
N SER H 363 -43.66 2.19 -23.98
CA SER H 363 -43.59 3.60 -23.58
C SER H 363 -42.24 3.99 -22.97
N GLY H 364 -41.22 3.15 -23.08
CA GLY H 364 -39.93 3.50 -22.51
C GLY H 364 -39.78 3.16 -21.05
N CYS H 365 -40.67 2.32 -20.56
CA CYS H 365 -40.73 1.86 -19.17
C CYS H 365 -39.64 0.86 -18.80
N LEU H 366 -39.27 0.79 -17.52
CA LEU H 366 -38.33 -0.23 -17.10
C LEU H 366 -39.06 -1.50 -16.67
N ASP H 367 -38.44 -2.64 -16.96
CA ASP H 367 -39.01 -3.94 -16.62
C ASP H 367 -37.84 -4.83 -16.25
N ILE H 368 -38.14 -6.11 -15.99
CA ILE H 368 -37.14 -7.05 -15.52
C ILE H 368 -36.04 -7.22 -16.55
N ASN H 369 -36.43 -7.46 -17.82
CA ASN H 369 -35.48 -7.80 -18.86
C ASN H 369 -34.54 -6.65 -19.17
N SER H 370 -35.07 -5.43 -19.17
CA SER H 370 -34.25 -4.26 -19.46
C SER H 370 -33.26 -3.98 -18.34
N SER H 371 -33.65 -4.22 -17.10
CA SER H 371 -32.74 -4.00 -15.98
C SER H 371 -31.58 -4.98 -16.02
N VAL H 372 -31.83 -6.22 -16.45
CA VAL H 372 -30.77 -7.22 -16.49
C VAL H 372 -29.71 -6.85 -17.53
N LYS H 373 -30.15 -6.50 -18.74
CA LYS H 373 -29.24 -6.12 -19.81
C LYS H 373 -28.48 -4.84 -19.47
N GLY H 374 -29.20 -3.85 -18.93
CA GLY H 374 -28.56 -2.60 -18.55
C GLY H 374 -27.49 -2.77 -17.49
N ALA H 375 -27.82 -3.44 -16.38
CA ALA H 375 -26.88 -3.55 -15.27
C ALA H 375 -25.59 -4.24 -15.70
N ARG H 376 -25.74 -5.30 -16.49
CA ARG H 376 -24.59 -6.05 -16.98
C ARG H 376 -23.68 -5.18 -17.82
N PHE H 377 -24.27 -4.43 -18.75
CA PHE H 377 -23.46 -3.55 -19.59
C PHE H 377 -22.76 -2.45 -18.78
N VAL H 378 -23.48 -1.80 -17.88
CA VAL H 378 -22.90 -0.69 -17.11
C VAL H 378 -21.70 -1.16 -16.31
N ARG H 379 -21.84 -2.31 -15.65
CA ARG H 379 -20.78 -2.88 -14.84
C ARG H 379 -19.53 -3.24 -15.61
N PHE H 380 -19.66 -3.83 -16.79
CA PHE H 380 -18.49 -4.07 -17.62
C PHE H 380 -17.77 -2.79 -17.96
N CYS H 381 -18.49 -1.79 -18.48
CA CYS H 381 -17.86 -0.53 -18.86
C CYS H 381 -17.17 0.15 -17.69
N ASP H 382 -17.76 0.12 -16.50
CA ASP H 382 -17.09 0.66 -15.33
C ASP H 382 -15.80 -0.09 -15.00
N ALA H 383 -15.83 -1.42 -15.02
CA ALA H 383 -14.64 -2.21 -14.71
C ALA H 383 -13.48 -1.92 -15.65
N PHE H 384 -13.74 -1.60 -16.91
CA PHE H 384 -12.67 -1.38 -17.87
C PHE H 384 -12.56 0.08 -18.30
N ASN H 385 -12.95 1.02 -17.43
CA ASN H 385 -12.67 2.46 -17.53
C ASN H 385 -13.22 3.06 -18.83
N ILE H 386 -14.42 2.67 -19.20
CA ILE H 386 -15.09 3.18 -20.39
C ILE H 386 -16.18 4.14 -19.93
N PRO H 387 -16.13 5.41 -20.30
CA PRO H 387 -17.14 6.36 -19.84
C PRO H 387 -18.55 5.98 -20.26
N LEU H 388 -19.52 6.45 -19.49
CA LEU H 388 -20.93 6.18 -19.73
C LEU H 388 -21.66 7.46 -20.14
N ILE H 389 -22.48 7.33 -21.17
CA ILE H 389 -23.41 8.37 -21.57
C ILE H 389 -24.81 7.80 -21.47
N THR H 390 -25.71 8.53 -20.81
CA THR H 390 -27.06 8.08 -20.53
C THR H 390 -28.03 9.03 -21.23
N PHE H 391 -28.98 8.47 -21.97
CA PHE H 391 -30.06 9.23 -22.58
C PHE H 391 -31.37 8.83 -21.92
N VAL H 392 -31.91 9.71 -21.09
CA VAL H 392 -33.02 9.38 -20.21
C VAL H 392 -34.32 9.80 -20.85
N ASP H 393 -35.28 8.88 -20.91
CA ASP H 393 -36.65 9.20 -21.28
C ASP H 393 -37.54 8.07 -20.77
N VAL H 394 -37.84 8.09 -19.47
CA VAL H 394 -38.45 6.93 -18.85
C VAL H 394 -39.64 7.38 -18.00
N PRO H 395 -40.85 6.92 -18.30
CA PRO H 395 -42.03 7.36 -17.56
C PRO H 395 -42.29 6.63 -16.26
N GLY H 396 -41.51 5.60 -15.94
CA GLY H 396 -41.78 4.79 -14.78
C GLY H 396 -41.46 3.34 -15.03
N PHE H 397 -42.10 2.42 -14.31
CA PHE H 397 -41.86 1.00 -14.46
C PHE H 397 -43.06 0.28 -15.03
N LEU H 398 -42.82 -0.77 -15.78
CA LEU H 398 -43.88 -1.55 -16.39
C LEU H 398 -44.76 -2.16 -15.31
N PRO H 399 -46.04 -1.79 -15.23
CA PRO H 399 -46.91 -2.36 -14.18
C PRO H 399 -47.43 -3.74 -14.52
N GLY H 400 -47.92 -4.44 -13.52
CA GLY H 400 -48.69 -5.65 -13.73
C GLY H 400 -48.13 -6.83 -12.96
N THR H 401 -48.98 -7.83 -12.75
CA THR H 401 -48.58 -9.00 -11.97
C THR H 401 -47.48 -9.78 -12.63
N ALA H 402 -47.36 -9.72 -13.96
CA ALA H 402 -46.27 -10.39 -14.65
C ALA H 402 -44.92 -9.91 -14.16
N GLN H 403 -44.81 -8.66 -13.74
CA GLN H 403 -43.56 -8.11 -13.27
C GLN H 403 -43.44 -8.18 -11.76
N GLU H 404 -44.54 -8.02 -11.04
CA GLU H 404 -44.52 -8.09 -9.59
C GLU H 404 -44.07 -9.48 -9.11
N TYR H 405 -44.68 -10.52 -9.66
CA TYR H 405 -44.35 -11.90 -9.29
C TYR H 405 -43.01 -12.33 -9.87
N GLY H 406 -42.51 -11.59 -10.83
CA GLY H 406 -41.22 -11.88 -11.40
C GLY H 406 -40.04 -11.27 -10.68
N GLY H 407 -40.30 -10.54 -9.60
CA GLY H 407 -39.24 -9.91 -8.84
C GLY H 407 -38.73 -8.61 -9.43
N ILE H 408 -39.62 -7.82 -10.02
CA ILE H 408 -39.25 -6.54 -10.61
C ILE H 408 -38.48 -5.66 -9.61
N ILE H 409 -38.79 -5.76 -8.32
CA ILE H 409 -38.11 -4.96 -7.31
C ILE H 409 -36.66 -5.40 -7.19
N ARG H 410 -36.47 -6.71 -7.04
CA ARG H 410 -35.14 -7.28 -6.92
C ARG H 410 -34.31 -7.04 -8.18
N HIS H 411 -34.94 -7.14 -9.35
CA HIS H 411 -34.23 -6.93 -10.59
C HIS H 411 -33.96 -5.47 -10.89
N GLY H 412 -34.89 -4.56 -10.59
CA GLY H 412 -34.63 -3.15 -10.82
C GLY H 412 -33.47 -2.63 -10.01
N ALA H 413 -33.25 -3.20 -8.82
CA ALA H 413 -32.13 -2.79 -7.99
C ALA H 413 -30.79 -3.05 -8.68
N LYS H 414 -30.77 -3.95 -9.67
CA LYS H 414 -29.52 -4.25 -10.37
C LYS H 414 -29.01 -3.07 -11.17
N LEU H 415 -29.91 -2.34 -11.83
CA LEU H 415 -29.48 -1.21 -12.64
C LEU H 415 -29.11 -0.01 -11.78
N LEU H 416 -29.90 0.23 -10.72
CA LEU H 416 -29.56 1.30 -9.79
C LEU H 416 -28.20 1.06 -9.16
N TYR H 417 -27.93 -0.19 -8.73
CA TYR H 417 -26.66 -0.53 -8.12
C TYR H 417 -25.52 -0.32 -9.10
N ALA H 418 -25.68 -0.80 -10.33
CA ALA H 418 -24.62 -0.70 -11.32
C ALA H 418 -24.23 0.74 -11.57
N PHE H 419 -25.19 1.65 -11.64
CA PHE H 419 -24.81 3.05 -11.77
C PHE H 419 -24.26 3.65 -10.49
N ALA H 420 -24.88 3.38 -9.34
CA ALA H 420 -24.45 4.06 -8.12
C ALA H 420 -23.01 3.77 -7.75
N GLU H 421 -22.53 2.56 -8.00
CA GLU H 421 -21.17 2.17 -7.64
C GLU H 421 -20.12 2.49 -8.68
N ALA H 422 -20.53 3.09 -9.79
CA ALA H 422 -19.60 3.41 -10.86
C ALA H 422 -18.63 4.52 -10.45
N THR H 423 -17.39 4.39 -10.91
CA THR H 423 -16.34 5.37 -10.64
C THR H 423 -15.77 5.98 -11.91
N VAL H 424 -16.40 5.76 -13.05
CA VAL H 424 -15.91 6.26 -14.32
C VAL H 424 -16.78 7.44 -14.70
N PRO H 425 -16.37 8.31 -15.63
CA PRO H 425 -17.19 9.47 -15.96
C PRO H 425 -18.59 9.08 -16.39
N LYS H 426 -19.57 9.82 -15.89
CA LYS H 426 -20.98 9.58 -16.21
C LYS H 426 -21.59 10.89 -16.67
N VAL H 427 -22.03 10.93 -17.92
CA VAL H 427 -22.65 12.12 -18.50
C VAL H 427 -24.08 11.78 -18.87
N THR H 428 -25.04 12.42 -18.21
CA THR H 428 -26.45 12.13 -18.42
C THR H 428 -27.12 13.33 -19.10
N VAL H 429 -27.90 13.05 -20.13
CA VAL H 429 -28.75 14.04 -20.77
C VAL H 429 -30.18 13.51 -20.74
N ILE H 430 -31.11 14.36 -20.34
CA ILE H 430 -32.52 14.00 -20.24
C ILE H 430 -33.23 14.59 -21.45
N THR H 431 -33.79 13.73 -22.29
CA THR H 431 -34.39 14.21 -23.52
C THR H 431 -35.88 14.51 -23.37
N ARG H 432 -36.58 13.76 -22.51
CA ARG H 432 -37.96 14.11 -22.22
C ARG H 432 -38.46 13.66 -20.86
N LYS H 433 -39.03 12.46 -20.72
CA LYS H 433 -39.65 12.08 -19.45
C LYS H 433 -38.64 11.55 -18.45
N ALA H 434 -38.84 11.89 -17.19
CA ALA H 434 -38.13 11.25 -16.08
C ALA H 434 -39.05 11.32 -14.86
N TYR H 435 -39.96 10.37 -14.75
CA TYR H 435 -40.94 10.36 -13.67
C TYR H 435 -40.54 9.33 -12.61
N GLY H 436 -40.79 9.67 -11.35
CA GLY H 436 -40.75 8.68 -10.30
C GLY H 436 -39.35 8.19 -10.01
N GLY H 437 -39.27 6.99 -9.43
CA GLY H 437 -38.00 6.44 -9.02
C GLY H 437 -37.09 6.14 -10.18
N ALA H 438 -37.64 6.05 -11.39
CA ALA H 438 -36.83 5.85 -12.58
C ALA H 438 -35.84 6.97 -12.82
N TYR H 439 -36.13 8.17 -12.31
CA TYR H 439 -35.18 9.27 -12.47
C TYR H 439 -33.84 8.90 -11.88
N ASP H 440 -33.83 8.33 -10.68
CA ASP H 440 -32.58 8.01 -10.00
C ASP H 440 -31.94 6.75 -10.55
N VAL H 441 -32.75 5.78 -10.97
CA VAL H 441 -32.24 4.54 -11.53
C VAL H 441 -31.44 4.82 -12.79
N MET H 442 -31.92 5.71 -13.64
CA MET H 442 -31.22 6.09 -14.87
C MET H 442 -30.15 7.16 -14.60
N SER H 443 -29.23 6.81 -13.70
CA SER H 443 -27.98 7.54 -13.45
C SER H 443 -28.22 9.04 -13.28
N SER H 444 -28.96 9.37 -12.23
CA SER H 444 -29.15 10.75 -11.82
C SER H 444 -27.88 11.32 -11.17
N LYS H 445 -27.78 12.63 -11.14
CA LYS H 445 -26.59 13.27 -10.61
C LYS H 445 -26.23 12.95 -9.17
N HIS H 446 -27.24 12.67 -8.36
CA HIS H 446 -26.99 12.42 -6.95
C HIS H 446 -26.42 11.03 -6.70
N LEU H 447 -26.15 10.27 -7.76
CA LEU H 447 -25.43 9.00 -7.67
C LEU H 447 -23.98 9.15 -8.09
N CYS H 448 -23.36 10.27 -7.70
CA CYS H 448 -21.98 10.64 -8.04
C CYS H 448 -21.79 10.79 -9.55
N GLY H 449 -22.75 11.44 -10.21
CA GLY H 449 -22.62 11.77 -11.61
C GLY H 449 -21.75 12.99 -11.79
N ASP H 450 -21.27 13.16 -13.02
CA ASP H 450 -20.38 14.29 -13.30
C ASP H 450 -21.14 15.50 -13.84
N THR H 451 -21.98 15.29 -14.85
CA THR H 451 -22.79 16.37 -15.39
C THR H 451 -24.17 15.83 -15.73
N ASN H 452 -25.18 16.68 -15.71
CA ASN H 452 -26.54 16.30 -16.02
C ASN H 452 -27.18 17.42 -16.80
N TYR H 453 -27.50 17.18 -18.05
CA TYR H 453 -28.10 18.14 -18.95
C TYR H 453 -29.54 17.79 -19.21
N ALA H 454 -30.35 18.83 -19.39
CA ALA H 454 -31.73 18.67 -19.78
C ALA H 454 -31.96 19.37 -21.11
N TRP H 455 -32.80 18.81 -21.94
CA TRP H 455 -33.28 19.52 -23.10
C TRP H 455 -34.52 20.31 -22.70
N PRO H 456 -34.88 21.36 -23.45
CA PRO H 456 -36.09 22.12 -23.10
C PRO H 456 -37.35 21.28 -22.98
N THR H 457 -37.40 20.07 -23.55
CA THR H 457 -38.59 19.23 -23.46
C THR H 457 -38.57 18.31 -22.26
N ALA H 458 -37.53 18.36 -21.43
CA ALA H 458 -37.43 17.49 -20.28
C ALA H 458 -38.46 17.86 -19.22
N GLU H 459 -38.95 16.85 -18.51
CA GLU H 459 -39.81 17.11 -17.36
C GLU H 459 -39.46 16.13 -16.26
N ILE H 460 -39.07 16.65 -15.10
CA ILE H 460 -38.64 15.84 -13.96
C ILE H 460 -39.64 16.03 -12.84
N ALA H 461 -40.27 14.94 -12.42
CA ALA H 461 -41.30 14.99 -11.39
C ALA H 461 -41.45 13.62 -10.75
N VAL H 462 -42.07 13.59 -9.57
CA VAL H 462 -42.38 12.32 -8.91
C VAL H 462 -43.43 11.56 -9.71
N MET H 463 -44.31 12.28 -10.37
CA MET H 463 -45.29 11.67 -11.25
C MET H 463 -45.88 12.77 -12.11
N GLY H 464 -46.70 12.40 -13.09
CA GLY H 464 -47.32 13.34 -13.98
C GLY H 464 -48.38 14.19 -13.29
N ALA H 465 -48.81 15.22 -14.01
CA ALA H 465 -49.71 16.21 -13.43
C ALA H 465 -51.02 15.60 -12.95
N LYS H 466 -51.56 14.63 -13.70
CA LYS H 466 -52.83 14.02 -13.35
C LYS H 466 -52.76 13.33 -11.99
N GLY H 467 -51.77 12.45 -11.78
CA GLY H 467 -51.65 11.78 -10.49
C GLY H 467 -51.36 12.77 -9.37
N ALA H 468 -50.37 13.63 -9.58
CA ALA H 468 -49.95 14.52 -8.51
C ALA H 468 -51.06 15.47 -8.09
N VAL H 469 -51.80 16.05 -9.03
CA VAL H 469 -52.81 17.04 -8.65
C VAL H 469 -54.03 16.37 -8.02
N GLU H 470 -54.50 15.24 -8.56
CA GLU H 470 -55.64 14.59 -7.96
C GLU H 470 -55.31 14.06 -6.57
N ILE H 471 -54.06 13.68 -6.33
CA ILE H 471 -53.69 13.24 -4.98
C ILE H 471 -53.56 14.43 -4.03
N ILE H 472 -52.89 15.50 -4.46
CA ILE H 472 -52.70 16.68 -3.61
C ILE H 472 -54.03 17.31 -3.24
N PHE H 473 -54.90 17.49 -4.23
CA PHE H 473 -56.19 18.14 -4.03
C PHE H 473 -57.29 17.08 -4.00
N LYS H 474 -57.14 16.08 -3.14
CA LYS H 474 -58.04 14.95 -3.08
C LYS H 474 -59.30 15.29 -2.29
N GLY H 475 -60.43 15.24 -2.97
CA GLY H 475 -61.69 15.67 -2.39
C GLY H 475 -61.99 17.14 -2.49
N HIS H 476 -61.18 17.92 -3.20
CA HIS H 476 -61.39 19.34 -3.29
C HIS H 476 -62.17 19.68 -4.56
N GLU H 477 -62.84 20.83 -4.53
CA GLU H 477 -63.51 21.35 -5.71
C GLU H 477 -62.49 22.04 -6.60
N ASN H 478 -62.85 22.18 -7.89
CA ASN H 478 -62.10 22.92 -8.91
C ASN H 478 -60.67 22.39 -9.04
N VAL H 479 -60.57 21.06 -9.04
CA VAL H 479 -59.28 20.40 -9.18
C VAL H 479 -58.67 20.71 -10.54
N GLU H 480 -59.50 20.73 -11.59
CA GLU H 480 -59.00 21.04 -12.93
C GLU H 480 -58.40 22.44 -13.00
N ALA H 481 -58.99 23.41 -12.29
CA ALA H 481 -58.39 24.74 -12.24
C ALA H 481 -57.04 24.73 -11.53
N ALA H 482 -56.97 23.99 -10.42
CA ALA H 482 -55.69 23.81 -9.73
C ALA H 482 -54.68 23.08 -10.60
N GLN H 483 -55.14 22.14 -11.42
CA GLN H 483 -54.25 21.42 -12.31
C GLN H 483 -53.62 22.34 -13.34
N ALA H 484 -54.39 23.29 -13.86
CA ALA H 484 -53.84 24.24 -14.82
C ALA H 484 -52.69 25.04 -14.22
N GLU H 485 -52.84 25.47 -12.96
CA GLU H 485 -51.78 26.21 -12.29
C GLU H 485 -50.58 25.29 -12.01
N TYR H 486 -50.85 24.05 -11.58
CA TYR H 486 -49.80 23.08 -11.35
C TYR H 486 -49.01 22.79 -12.63
N ILE H 487 -49.69 22.57 -13.75
CA ILE H 487 -48.98 22.27 -14.99
C ILE H 487 -48.08 23.44 -15.39
N GLU H 488 -48.60 24.67 -15.33
CA GLU H 488 -47.79 25.82 -15.70
C GLU H 488 -46.53 25.94 -14.85
N LYS H 489 -46.60 25.58 -13.57
CA LYS H 489 -45.41 25.73 -12.75
C LYS H 489 -44.48 24.52 -12.75
N PHE H 490 -45.01 23.30 -12.76
CA PHE H 490 -44.18 22.12 -12.55
C PHE H 490 -43.96 21.25 -13.79
N ALA H 491 -44.76 21.40 -14.84
CA ALA H 491 -44.64 20.54 -16.01
C ALA H 491 -43.54 21.05 -16.95
N ASN H 492 -42.30 21.01 -16.46
CA ASN H 492 -41.15 21.63 -17.13
C ASN H 492 -39.89 21.25 -16.38
N PRO H 493 -38.70 21.51 -16.92
CA PRO H 493 -37.52 21.00 -16.21
C PRO H 493 -36.99 21.92 -15.13
N PHE H 494 -37.62 23.05 -14.91
CA PHE H 494 -37.15 24.09 -13.99
C PHE H 494 -37.23 23.85 -12.49
N PRO H 495 -38.30 23.29 -11.89
CA PRO H 495 -38.25 23.07 -10.44
C PRO H 495 -37.16 22.12 -9.99
N ALA H 496 -36.67 21.24 -10.86
CA ALA H 496 -35.50 20.43 -10.57
C ALA H 496 -34.19 21.17 -10.81
N ALA H 497 -34.07 21.87 -11.93
CA ALA H 497 -32.86 22.62 -12.25
C ALA H 497 -32.51 23.67 -11.23
N VAL H 498 -33.52 24.39 -10.69
CA VAL H 498 -33.21 25.45 -9.75
C VAL H 498 -32.77 24.89 -8.41
N ARG H 499 -32.90 23.60 -8.23
CA ARG H 499 -32.47 23.04 -6.97
C ARG H 499 -31.11 22.37 -7.09
N GLY H 500 -30.54 22.37 -8.28
CA GLY H 500 -29.24 21.77 -8.49
C GLY H 500 -29.29 20.36 -9.04
N PHE H 501 -30.45 19.93 -9.51
CA PHE H 501 -30.53 18.58 -10.07
C PHE H 501 -29.96 18.56 -11.48
N VAL H 502 -30.03 19.67 -12.19
CA VAL H 502 -29.62 19.77 -13.59
C VAL H 502 -28.59 20.88 -13.69
N ASP H 503 -27.53 20.64 -14.44
CA ASP H 503 -26.48 21.63 -14.52
C ASP H 503 -26.76 22.72 -15.55
N ASP H 504 -27.45 22.38 -16.63
CA ASP H 504 -27.74 23.36 -17.65
C ASP H 504 -28.89 22.83 -18.46
N ILE H 505 -29.56 23.72 -19.17
CA ILE H 505 -30.57 23.33 -20.13
C ILE H 505 -30.08 23.82 -21.48
N ILE H 506 -29.84 22.89 -22.38
CA ILE H 506 -29.07 23.14 -23.56
C ILE H 506 -29.95 22.99 -24.79
N GLN H 507 -29.59 23.68 -25.86
CA GLN H 507 -30.31 23.51 -27.10
C GLN H 507 -29.87 22.14 -27.55
N PRO H 508 -30.80 21.29 -27.95
CA PRO H 508 -30.44 19.91 -28.34
C PRO H 508 -29.33 19.84 -29.38
N SER H 509 -29.27 20.79 -30.30
CA SER H 509 -28.24 20.80 -31.33
C SER H 509 -26.85 20.87 -30.76
N SER H 510 -26.68 21.33 -29.53
CA SER H 510 -25.36 21.43 -28.95
C SER H 510 -24.98 20.21 -28.13
N THR H 511 -25.86 19.21 -28.02
CA THR H 511 -25.60 18.07 -27.14
C THR H 511 -24.21 17.47 -27.39
N ARG H 512 -23.81 17.27 -28.65
CA ARG H 512 -22.55 16.58 -28.94
C ARG H 512 -21.39 17.38 -28.42
N ALA H 513 -21.42 18.70 -28.65
CA ALA H 513 -20.36 19.58 -28.21
C ALA H 513 -20.18 19.57 -26.70
N ARG H 514 -21.28 19.52 -25.96
CA ARG H 514 -21.23 19.54 -24.51
C ARG H 514 -20.64 18.29 -23.92
N ILE H 515 -21.02 17.15 -24.48
CA ILE H 515 -20.56 15.83 -24.08
C ILE H 515 -19.09 15.66 -24.35
N CYS H 516 -18.64 16.10 -25.54
CA CYS H 516 -17.25 16.04 -25.96
C CYS H 516 -16.36 16.82 -25.02
N CYS H 517 -16.84 18.02 -24.62
CA CYS H 517 -16.11 18.85 -23.67
C CYS H 517 -15.98 18.16 -22.32
N ASP H 518 -17.04 17.51 -21.84
CA ASP H 518 -16.99 16.86 -20.55
C ASP H 518 -16.09 15.62 -20.59
N LEU H 519 -16.17 14.85 -21.68
CA LEU H 519 -15.38 13.62 -21.74
C LEU H 519 -13.89 13.91 -21.72
N ASP H 520 -13.47 15.01 -22.33
CA ASP H 520 -12.05 15.29 -22.46
C ASP H 520 -11.50 15.94 -21.21
N VAL H 521 -12.34 16.22 -20.22
CA VAL H 521 -11.83 16.75 -18.95
C VAL H 521 -12.13 15.84 -17.78
N LEU H 522 -13.07 14.92 -17.92
CA LEU H 522 -13.34 13.97 -16.87
C LEU H 522 -12.49 12.72 -17.00
N ALA H 523 -11.68 12.63 -18.05
CA ALA H 523 -10.91 11.41 -18.30
C ALA H 523 -9.81 11.20 -17.28
N SER H 524 -9.48 12.24 -16.52
CA SER H 524 -8.41 12.16 -15.52
C SER H 524 -8.97 12.00 -14.11
N LYS H 525 -10.26 11.74 -14.03
CA LYS H 525 -10.98 11.60 -12.78
C LYS H 525 -10.54 10.41 -11.93
N LYS H 526 -10.28 10.65 -10.65
CA LYS H 526 -10.05 9.53 -9.74
C LYS H 526 -10.78 9.80 -8.44
N VAL H 527 -11.41 8.76 -7.90
CA VAL H 527 -12.16 8.84 -6.66
C VAL H 527 -11.74 7.68 -5.77
N GLN H 528 -11.99 7.80 -4.47
CA GLN H 528 -11.75 6.73 -3.53
C GLN H 528 -13.07 6.24 -2.94
N ARG H 529 -13.10 4.98 -2.53
CA ARG H 529 -14.26 4.36 -1.88
C ARG H 529 -13.73 3.56 -0.68
N PRO H 530 -14.53 3.40 0.38
CA PRO H 530 -14.12 2.53 1.48
C PRO H 530 -13.76 1.14 1.02
N TRP H 531 -12.77 0.55 1.68
CA TRP H 531 -12.29 -0.76 1.28
C TRP H 531 -13.34 -1.81 1.58
N ARG H 532 -13.53 -2.75 0.65
CA ARG H 532 -14.43 -3.87 0.87
C ARG H 532 -13.82 -5.09 0.18
N LYS H 533 -13.90 -6.24 0.80
CA LYS H 533 -13.33 -7.47 0.25
C LYS H 533 -13.85 -7.57 -1.18
N HIS H 534 -15.16 -7.42 -1.32
CA HIS H 534 -15.83 -7.46 -2.60
C HIS H 534 -17.17 -6.77 -2.52
N ALA H 535 -17.73 -6.46 -3.67
CA ALA H 535 -19.05 -5.87 -3.72
C ALA H 535 -20.12 -6.91 -3.45
N ASN H 536 -21.27 -6.45 -3.01
CA ASN H 536 -22.42 -7.30 -2.72
C ASN H 536 -23.65 -6.82 -3.48
N ILE H 537 -23.73 -7.20 -4.75
CA ILE H 537 -24.80 -6.84 -5.69
C ILE H 537 -26.11 -7.51 -5.27
N PRO H 538 -27.24 -6.79 -5.30
CA PRO H 538 -28.52 -7.36 -4.83
C PRO H 538 -28.95 -8.68 -5.44
N LEU H 539 -28.48 -9.03 -6.64
CA LEU H 539 -28.88 -10.23 -7.38
C LEU H 539 -30.37 -10.41 -7.62
N LYS I 61 46.43 -1.53 71.74
CA LYS I 61 45.55 -2.67 71.90
C LYS I 61 46.10 -3.91 71.18
N THR I 62 46.07 -3.90 69.85
CA THR I 62 46.48 -5.04 69.06
C THR I 62 47.30 -4.55 67.87
N PHE I 63 47.51 -5.45 66.90
CA PHE I 63 48.35 -5.16 65.75
C PHE I 63 47.61 -4.22 64.81
N ASP I 64 48.36 -3.39 64.10
CA ASP I 64 47.75 -2.60 63.04
C ASP I 64 47.67 -3.35 61.72
N LYS I 65 48.64 -4.20 61.40
CA LYS I 65 48.63 -4.87 60.10
C LYS I 65 49.31 -6.23 60.17
N ILE I 66 48.61 -7.25 59.71
CA ILE I 66 49.11 -8.62 59.73
C ILE I 66 49.14 -9.15 58.30
N LEU I 67 50.23 -9.80 57.95
CA LEU I 67 50.35 -10.44 56.65
C LEU I 67 50.03 -11.92 56.79
N VAL I 68 49.29 -12.46 55.83
CA VAL I 68 48.97 -13.88 55.81
C VAL I 68 49.80 -14.50 54.71
N ALA I 69 50.49 -15.59 55.02
CA ALA I 69 51.36 -16.25 54.05
C ALA I 69 50.76 -17.54 53.50
N ASN I 70 49.48 -17.53 53.16
CA ASN I 70 48.79 -18.72 52.72
C ASN I 70 47.69 -18.32 51.75
N ARG I 71 46.97 -19.31 51.26
CA ARG I 71 45.93 -19.07 50.27
C ARG I 71 44.71 -19.91 50.61
N GLY I 72 43.56 -19.46 50.13
CA GLY I 72 42.37 -20.27 50.28
C GLY I 72 41.59 -19.97 51.54
N GLU I 73 40.86 -20.97 52.03
CA GLU I 73 39.92 -20.73 53.11
C GLU I 73 40.63 -20.40 54.41
N ILE I 74 41.87 -20.85 54.57
CA ILE I 74 42.60 -20.56 55.78
C ILE I 74 42.99 -19.09 55.82
N ALA I 75 43.34 -18.54 54.66
CA ALA I 75 43.56 -17.10 54.54
C ALA I 75 42.27 -16.34 54.75
N CYS I 76 41.16 -16.88 54.27
CA CYS I 76 39.89 -16.19 54.47
C CYS I 76 39.50 -16.15 55.94
N ARG I 77 39.78 -17.21 56.66
CA ARG I 77 39.48 -17.25 58.06
C ARG I 77 40.21 -16.12 58.80
N VAL I 78 41.50 -15.92 58.51
CA VAL I 78 42.27 -14.88 59.18
C VAL I 78 41.77 -13.50 58.76
N ILE I 79 41.46 -13.30 57.47
CA ILE I 79 40.98 -11.99 57.01
C ILE I 79 39.70 -11.59 57.73
N ARG I 80 38.77 -12.54 57.87
CA ARG I 80 37.51 -12.28 58.56
C ARG I 80 37.75 -11.95 60.03
N THR I 81 38.62 -12.72 60.68
CA THR I 81 38.91 -12.42 62.09
C THR I 81 39.57 -11.06 62.25
N CYS I 82 40.54 -10.72 61.40
CA CYS I 82 41.20 -9.42 61.49
C CYS I 82 40.20 -8.29 61.31
N LYS I 83 39.32 -8.41 60.33
CA LYS I 83 38.31 -7.38 60.12
C LYS I 83 37.41 -7.22 61.33
N LYS I 84 37.14 -8.31 62.02
CA LYS I 84 36.33 -8.25 63.23
C LYS I 84 37.13 -7.53 64.30
N MET I 85 38.45 -7.69 64.29
CA MET I 85 39.34 -7.07 65.24
C MET I 85 39.76 -5.67 64.85
N GLY I 86 39.50 -5.27 63.61
CA GLY I 86 39.91 -3.96 63.17
C GLY I 86 41.36 -3.88 62.71
N ILE I 87 41.88 -4.99 62.22
CA ILE I 87 43.28 -5.10 61.81
C ILE I 87 43.29 -5.21 60.30
N LYS I 88 44.19 -4.48 59.65
CA LYS I 88 44.33 -4.60 58.20
C LYS I 88 45.07 -5.88 57.87
N THR I 89 44.64 -6.56 56.81
CA THR I 89 45.24 -7.83 56.45
C THR I 89 45.85 -7.76 55.07
N VAL I 90 47.07 -8.26 54.94
CA VAL I 90 47.75 -8.30 53.66
C VAL I 90 47.77 -9.74 53.18
N ALA I 91 47.44 -9.93 51.91
CA ALA I 91 47.47 -11.25 51.32
C ALA I 91 48.66 -11.35 50.37
N ILE I 92 49.09 -12.58 50.12
CA ILE I 92 50.01 -12.88 49.05
C ILE I 92 49.34 -13.89 48.13
N HIS I 93 49.71 -13.86 46.86
CA HIS I 93 49.14 -14.80 45.90
C HIS I 93 50.11 -15.03 44.77
N SER I 94 49.91 -16.14 44.08
CA SER I 94 50.57 -16.47 42.83
C SER I 94 49.84 -15.78 41.69
N ASP I 95 50.41 -15.83 40.48
CA ASP I 95 49.76 -15.23 39.32
C ASP I 95 48.41 -15.87 39.00
N VAL I 96 48.23 -17.15 39.30
CA VAL I 96 46.96 -17.79 38.98
C VAL I 96 45.96 -17.56 40.10
N ASP I 97 46.44 -17.31 41.32
CA ASP I 97 45.57 -17.05 42.46
C ASP I 97 45.18 -15.58 42.59
N ALA I 98 45.54 -14.74 41.62
CA ALA I 98 45.25 -13.33 41.69
C ALA I 98 43.77 -13.01 41.78
N SER I 99 42.88 -13.90 41.33
CA SER I 99 41.45 -13.63 41.47
C SER I 99 40.80 -14.51 42.53
N SER I 100 41.57 -15.14 43.40
CA SER I 100 40.99 -16.02 44.41
C SER I 100 40.29 -15.20 45.48
N VAL I 101 39.51 -15.88 46.33
CA VAL I 101 38.68 -15.13 47.26
C VAL I 101 39.51 -14.36 48.26
N HIS I 102 40.54 -14.98 48.85
CA HIS I 102 41.26 -14.31 49.91
C HIS I 102 41.99 -13.08 49.42
N VAL I 103 42.33 -13.03 48.13
CA VAL I 103 42.97 -11.84 47.60
C VAL I 103 41.99 -10.68 47.58
N LYS I 104 40.74 -10.95 47.19
CA LYS I 104 39.75 -9.88 47.13
C LYS I 104 39.29 -9.46 48.51
N MET I 105 39.25 -10.39 49.46
CA MET I 105 38.83 -10.04 50.80
C MET I 105 39.89 -9.26 51.56
N ALA I 106 41.17 -9.45 51.24
CA ALA I 106 42.22 -8.76 51.95
C ALA I 106 42.20 -7.28 51.59
N ASP I 107 42.85 -6.48 52.42
CA ASP I 107 42.94 -5.04 52.20
C ASP I 107 44.04 -4.66 51.22
N GLU I 108 45.16 -5.37 51.28
CA GLU I 108 46.26 -5.20 50.36
C GLU I 108 46.73 -6.58 49.96
N ALA I 109 47.36 -6.66 48.78
CA ALA I 109 47.85 -7.93 48.28
C ALA I 109 49.14 -7.69 47.52
N VAL I 110 50.04 -8.66 47.59
CA VAL I 110 51.29 -8.63 46.84
C VAL I 110 51.40 -9.91 46.04
N CYS I 111 51.74 -9.79 44.77
CA CYS I 111 52.00 -10.98 43.98
C CYS I 111 53.44 -11.40 44.23
N VAL I 112 53.64 -12.68 44.51
CA VAL I 112 54.95 -13.20 44.89
C VAL I 112 55.61 -13.94 43.73
N GLY I 113 54.85 -14.77 43.03
CA GLY I 113 55.46 -15.62 42.03
C GLY I 113 54.47 -16.35 41.15
N PRO I 114 54.97 -17.29 40.36
CA PRO I 114 54.13 -18.00 39.43
C PRO I 114 53.32 -19.13 40.06
N ALA I 115 52.55 -19.84 39.23
CA ALA I 115 51.69 -20.91 39.70
C ALA I 115 52.31 -21.94 40.65
N PRO I 116 53.48 -22.56 40.38
CA PRO I 116 53.95 -23.59 41.31
C PRO I 116 54.30 -23.01 42.67
N THR I 117 53.87 -23.70 43.71
CA THR I 117 53.98 -23.17 45.07
C THR I 117 55.41 -22.95 45.50
N SER I 118 56.35 -23.70 44.94
CA SER I 118 57.74 -23.61 45.39
C SER I 118 58.32 -22.24 45.12
N LYS I 119 57.68 -21.47 44.24
CA LYS I 119 58.20 -20.19 43.81
C LYS I 119 57.30 -19.04 44.23
N SER I 120 56.19 -19.33 44.90
CA SER I 120 55.17 -18.35 45.24
C SER I 120 54.77 -18.36 46.71
N TYR I 121 54.65 -19.54 47.31
CA TYR I 121 54.26 -19.62 48.71
C TYR I 121 55.36 -20.21 49.57
N LEU I 122 56.31 -20.93 48.97
CA LEU I 122 57.50 -21.37 49.70
C LEU I 122 58.73 -20.53 49.40
N ASN I 123 58.58 -19.41 48.68
CA ASN I 123 59.70 -18.52 48.37
C ASN I 123 59.83 -17.50 49.49
N MET I 124 60.57 -17.85 50.54
CA MET I 124 60.59 -17.02 51.74
C MET I 124 61.25 -15.67 51.51
N ASP I 125 62.18 -15.59 50.55
CA ASP I 125 62.86 -14.33 50.27
C ASP I 125 61.92 -13.33 49.61
N ALA I 126 61.13 -13.78 48.64
CA ALA I 126 60.14 -12.92 48.00
C ALA I 126 59.05 -12.51 48.97
N ILE I 127 58.71 -13.40 49.90
CA ILE I 127 57.72 -13.10 50.92
C ILE I 127 58.25 -12.05 51.89
N MET I 128 59.52 -12.19 52.31
CA MET I 128 60.13 -11.19 53.19
C MET I 128 60.08 -9.80 52.57
N GLU I 129 60.29 -9.73 51.25
CA GLU I 129 60.18 -8.46 50.55
C GLU I 129 58.77 -7.91 50.64
N ALA I 130 57.76 -8.76 50.47
CA ALA I 130 56.38 -8.33 50.62
C ALA I 130 56.08 -7.88 52.04
N ILE I 131 56.65 -8.56 53.04
CA ILE I 131 56.38 -8.24 54.45
C ILE I 131 56.86 -6.84 54.77
N LYS I 132 58.08 -6.52 54.34
CA LYS I 132 58.59 -5.17 54.60
C LYS I 132 57.99 -4.14 53.65
N LYS I 133 57.70 -4.52 52.40
CA LYS I 133 57.13 -3.57 51.46
C LYS I 133 55.83 -2.99 51.99
N THR I 134 54.99 -3.83 52.60
CA THR I 134 53.72 -3.34 53.12
C THR I 134 53.80 -2.88 54.55
N ARG I 135 54.98 -2.93 55.18
CA ARG I 135 55.21 -2.57 56.57
C ARG I 135 54.27 -3.35 57.50
N ALA I 136 54.24 -4.65 57.25
CA ALA I 136 53.48 -5.56 58.10
C ALA I 136 54.19 -5.74 59.44
N GLN I 137 53.41 -5.94 60.49
CA GLN I 137 53.95 -6.03 61.85
C GLN I 137 54.09 -7.50 62.30
N ALA I 138 53.13 -8.33 61.90
CA ALA I 138 53.10 -9.74 62.30
C ALA I 138 52.76 -10.59 61.07
N VAL I 139 53.18 -11.86 61.06
CA VAL I 139 52.85 -12.78 59.96
C VAL I 139 52.13 -14.03 60.53
N HIS I 140 51.01 -14.42 59.91
CA HIS I 140 50.29 -15.66 60.26
C HIS I 140 50.28 -16.62 59.06
N PRO I 141 51.11 -17.67 59.10
CA PRO I 141 51.21 -18.52 57.91
C PRO I 141 50.09 -19.54 57.79
N GLY I 142 49.21 -19.65 58.77
CA GLY I 142 48.22 -20.70 58.80
C GLY I 142 48.86 -22.05 58.98
N TYR I 143 48.68 -22.94 58.02
CA TYR I 143 49.25 -24.27 58.10
C TYR I 143 49.79 -24.63 56.73
N GLY I 144 50.57 -25.71 56.69
CA GLY I 144 51.00 -26.24 55.42
C GLY I 144 52.37 -25.76 54.96
N PHE I 145 52.40 -24.55 54.39
CA PHE I 145 53.54 -24.04 53.63
C PHE I 145 54.79 -23.76 54.46
N LEU I 146 54.74 -22.74 55.30
CA LEU I 146 55.94 -22.33 56.02
C LEU I 146 55.68 -22.33 57.51
N SER I 147 54.72 -23.14 57.95
CA SER I 147 54.34 -23.15 59.35
C SER I 147 55.37 -23.87 60.21
N GLU I 148 56.15 -24.77 59.63
CA GLU I 148 57.23 -25.46 60.32
C GLU I 148 58.59 -25.20 59.70
N ASN I 149 58.72 -24.14 58.90
CA ASN I 149 59.96 -23.84 58.21
C ASN I 149 60.82 -22.97 59.11
N LYS I 150 61.88 -23.55 59.66
CA LYS I 150 62.66 -22.84 60.68
C LYS I 150 63.44 -21.68 60.07
N GLU I 151 63.98 -21.88 58.86
CA GLU I 151 64.76 -20.84 58.21
C GLU I 151 63.91 -19.60 57.94
N PHE I 152 62.63 -19.80 57.61
CA PHE I 152 61.71 -18.69 57.45
C PHE I 152 61.48 -17.98 58.77
N ALA I 153 61.16 -18.72 59.83
CA ALA I 153 60.95 -18.10 61.13
C ALA I 153 62.21 -17.41 61.64
N ARG I 154 63.38 -17.98 61.36
CA ARG I 154 64.63 -17.40 61.82
C ARG I 154 64.90 -16.06 61.14
N CYS I 155 64.85 -16.04 59.81
CA CYS I 155 65.07 -14.81 59.06
C CYS I 155 63.94 -13.81 59.22
N LEU I 156 62.74 -14.27 59.55
CA LEU I 156 61.64 -13.39 59.87
C LEU I 156 61.85 -12.72 61.22
N ALA I 157 62.21 -13.49 62.25
CA ALA I 157 62.48 -12.91 63.54
C ALA I 157 63.68 -11.97 63.50
N ALA I 158 64.66 -12.28 62.65
CA ALA I 158 65.85 -11.44 62.56
C ALA I 158 65.46 -10.01 62.18
N GLU I 159 64.30 -9.84 61.55
CA GLU I 159 63.87 -8.54 61.07
C GLU I 159 62.84 -7.92 62.01
N ASP I 160 62.68 -8.50 63.20
CA ASP I 160 61.75 -8.09 64.28
C ASP I 160 60.28 -8.09 63.84
N VAL I 161 59.90 -9.11 63.08
CA VAL I 161 58.51 -9.23 62.69
C VAL I 161 57.96 -10.32 63.60
N VAL I 162 56.77 -10.10 64.14
CA VAL I 162 56.21 -11.01 65.11
C VAL I 162 55.69 -12.18 64.31
N PHE I 163 56.10 -13.37 64.71
CA PHE I 163 55.59 -14.58 64.09
C PHE I 163 54.51 -15.23 64.92
N ILE I 164 53.39 -15.49 64.26
CA ILE I 164 52.25 -16.12 64.90
C ILE I 164 52.19 -17.61 64.69
N GLY I 165 52.59 -18.38 65.69
CA GLY I 165 52.74 -19.80 65.49
C GLY I 165 53.81 -20.25 66.45
N PRO I 166 54.39 -21.48 66.20
CA PRO I 166 55.38 -21.88 67.19
C PRO I 166 56.64 -21.06 66.99
N ASP I 167 57.51 -21.09 68.00
CA ASP I 167 58.82 -20.48 67.91
C ASP I 167 59.66 -21.59 67.34
N THR I 168 60.95 -21.37 67.15
CA THR I 168 61.74 -22.42 66.50
C THR I 168 62.16 -23.50 67.49
N HIS I 169 62.14 -23.21 68.78
CA HIS I 169 62.44 -24.24 69.77
C HIS I 169 61.40 -25.36 69.72
N ALA I 170 60.12 -25.01 69.72
CA ALA I 170 59.08 -26.04 69.65
C ALA I 170 59.16 -26.84 68.36
N ILE I 171 59.47 -26.18 67.24
CA ILE I 171 59.57 -26.90 65.97
C ILE I 171 60.70 -27.92 66.03
N GLN I 172 61.87 -27.54 66.53
CA GLN I 172 62.99 -28.46 66.66
C GLN I 172 62.77 -29.48 67.76
N ALA I 173 62.12 -29.10 68.86
CA ALA I 173 61.93 -30.01 69.98
C ALA I 173 61.18 -31.26 69.54
N MET I 174 60.20 -31.09 68.66
CA MET I 174 59.43 -32.20 68.13
C MET I 174 59.94 -32.58 66.75
N GLY I 175 61.20 -32.25 66.47
CA GLY I 175 61.71 -32.41 65.13
C GLY I 175 61.72 -33.87 64.69
N ASP I 176 61.95 -34.77 65.65
CA ASP I 176 62.12 -36.19 65.39
C ASP I 176 61.40 -36.97 66.48
N LYS I 177 61.38 -38.29 66.33
CA LYS I 177 60.69 -39.19 67.25
C LYS I 177 61.37 -39.40 68.61
N ILE I 178 62.69 -39.24 68.66
CA ILE I 178 63.40 -39.45 69.91
C ILE I 178 63.05 -38.37 70.94
N GLU I 179 63.07 -37.10 70.55
CA GLU I 179 62.72 -36.04 71.49
C GLU I 179 61.25 -36.11 71.88
N SER I 180 60.38 -36.48 70.93
CA SER I 180 58.97 -36.60 71.25
C SER I 180 58.72 -37.70 72.28
N LYS I 181 59.37 -38.86 72.11
CA LYS I 181 59.21 -39.95 73.07
C LYS I 181 59.79 -39.58 74.41
N LEU I 182 60.93 -38.89 74.40
CA LEU I 182 61.52 -38.47 75.66
C LEU I 182 60.62 -37.50 76.40
N LEU I 183 59.97 -36.58 75.67
CA LEU I 183 59.04 -35.66 76.31
C LEU I 183 57.87 -36.41 76.95
N ALA I 184 57.30 -37.38 76.24
CA ALA I 184 56.19 -38.16 76.79
C ALA I 184 56.59 -38.92 78.05
N LYS I 185 57.85 -39.27 78.18
CA LYS I 185 58.32 -39.97 79.36
C LYS I 185 58.48 -39.01 80.54
N LYS I 186 58.91 -37.79 80.23
CA LYS I 186 59.16 -36.76 81.24
C LYS I 186 57.88 -36.08 81.71
N ALA I 187 56.97 -35.91 80.77
CA ALA I 187 55.74 -35.19 81.00
C ALA I 187 54.88 -36.26 81.69
N GLU I 188 55.36 -37.50 81.61
CA GLU I 188 54.64 -38.66 82.12
C GLU I 188 53.30 -38.90 81.44
N VAL I 189 53.32 -39.36 80.20
CA VAL I 189 52.02 -39.58 79.59
C VAL I 189 51.67 -41.05 79.51
N ASN I 190 52.42 -41.75 78.66
CA ASN I 190 52.38 -43.22 78.50
C ASN I 190 53.60 -43.85 77.78
N THR I 191 53.61 -43.89 76.45
CA THR I 191 54.73 -44.53 75.74
C THR I 191 55.18 -45.89 76.30
N ILE I 192 54.33 -46.89 76.09
CA ILE I 192 54.46 -48.26 76.62
C ILE I 192 55.79 -48.90 76.28
N PRO I 193 56.49 -49.46 77.26
CA PRO I 193 57.82 -50.02 77.00
C PRO I 193 57.78 -51.19 76.02
N GLY I 194 58.89 -51.35 75.31
CA GLY I 194 59.15 -52.56 74.56
C GLY I 194 60.33 -53.29 75.17
N PHE I 195 60.95 -54.15 74.37
CA PHE I 195 62.12 -54.90 74.82
C PHE I 195 63.36 -54.21 74.28
N ASP I 196 64.18 -53.68 75.19
CA ASP I 196 65.41 -52.99 74.82
C ASP I 196 66.51 -54.03 74.70
N GLY I 197 66.41 -54.84 73.65
CA GLY I 197 67.37 -55.88 73.38
C GLY I 197 66.85 -56.77 72.28
N VAL I 198 67.69 -57.68 71.80
CA VAL I 198 67.27 -58.57 70.72
C VAL I 198 66.80 -59.89 71.31
N VAL I 199 65.66 -60.38 70.81
CA VAL I 199 65.19 -61.68 71.26
C VAL I 199 65.86 -62.77 70.42
N LYS I 200 66.51 -63.71 71.10
CA LYS I 200 67.32 -64.70 70.45
C LYS I 200 66.76 -66.11 70.62
N ASP I 201 66.31 -66.43 71.82
CA ASP I 201 65.88 -67.77 72.16
C ASP I 201 64.40 -67.93 71.83
N ALA I 202 63.91 -69.15 72.00
CA ALA I 202 62.51 -69.47 71.72
C ALA I 202 61.62 -69.12 72.89
N GLU I 203 62.17 -69.12 74.11
CA GLU I 203 61.42 -68.82 75.32
C GLU I 203 61.48 -67.35 75.71
N GLU I 204 62.45 -66.59 75.22
CA GLU I 204 62.50 -65.15 75.46
C GLU I 204 61.32 -64.43 74.84
N ALA I 205 60.86 -64.87 73.67
CA ALA I 205 59.74 -64.20 73.01
C ALA I 205 58.51 -64.17 73.92
N VAL I 206 58.30 -65.24 74.71
CA VAL I 206 57.13 -65.23 75.60
C VAL I 206 57.51 -64.72 76.99
N ARG I 207 58.70 -65.04 77.50
CA ARG I 207 59.03 -64.59 78.84
C ARG I 207 59.05 -63.07 78.93
N ILE I 208 59.62 -62.39 77.93
CA ILE I 208 59.67 -60.94 78.02
C ILE I 208 58.27 -60.35 77.94
N ALA I 209 57.42 -60.88 77.06
CA ALA I 209 56.03 -60.42 76.96
C ALA I 209 55.30 -60.57 78.28
N ARG I 210 55.51 -61.67 78.98
CA ARG I 210 54.85 -61.89 80.26
C ARG I 210 55.20 -60.79 81.25
N GLU I 211 56.43 -60.29 81.22
CA GLU I 211 56.81 -59.24 82.14
C GLU I 211 56.21 -57.88 81.79
N ILE I 212 56.01 -57.57 80.50
CA ILE I 212 55.51 -56.24 80.16
C ILE I 212 54.00 -56.21 79.93
N GLY I 213 53.45 -57.19 79.23
CA GLY I 213 52.04 -57.13 78.88
C GLY I 213 51.46 -58.30 78.10
N TYR I 214 50.28 -58.10 77.50
CA TYR I 214 49.62 -59.19 76.77
C TYR I 214 49.64 -59.15 75.24
N PRO I 215 48.99 -58.05 74.66
CA PRO I 215 49.03 -58.04 73.20
C PRO I 215 50.50 -57.72 72.90
N VAL I 216 51.14 -58.62 72.16
CA VAL I 216 52.54 -58.46 71.81
C VAL I 216 52.73 -58.63 70.31
N MET I 217 53.54 -57.73 69.74
CA MET I 217 53.87 -57.72 68.32
C MET I 217 55.31 -58.17 68.15
N ILE I 218 55.55 -59.00 67.14
CA ILE I 218 56.90 -59.41 66.74
C ILE I 218 57.24 -58.76 65.41
N LYS I 219 58.36 -58.03 65.36
CA LYS I 219 58.80 -57.32 64.16
C LYS I 219 60.33 -57.41 64.06
N ALA I 220 60.84 -57.14 62.87
CA ALA I 220 62.27 -57.04 62.59
C ALA I 220 62.89 -55.88 63.35
N SER I 221 64.16 -56.05 63.76
CA SER I 221 64.89 -54.98 64.43
C SER I 221 65.09 -53.77 63.53
N ALA I 222 65.11 -53.99 62.22
CA ALA I 222 65.17 -52.91 61.25
C ALA I 222 64.52 -53.37 59.95
N GLY I 223 63.62 -52.55 59.41
CA GLY I 223 62.92 -52.86 58.19
C GLY I 223 61.45 -52.63 58.34
N GLY I 224 60.69 -53.12 57.36
CA GLY I 224 59.25 -52.94 57.36
C GLY I 224 58.63 -53.61 56.16
N GLY I 225 57.31 -53.43 56.03
CA GLY I 225 56.58 -54.01 54.93
C GLY I 225 56.33 -55.49 55.11
N GLY I 226 56.15 -55.91 56.36
CA GLY I 226 55.93 -57.32 56.65
C GLY I 226 57.21 -58.11 56.77
N LYS I 227 58.29 -57.46 57.17
CA LYS I 227 59.59 -58.13 57.26
C LYS I 227 59.56 -59.04 58.49
N GLY I 228 58.86 -60.15 58.39
CA GLY I 228 58.72 -61.09 59.48
C GLY I 228 57.78 -60.66 60.59
N MET I 229 56.80 -59.82 60.29
CA MET I 229 55.91 -59.28 61.32
C MET I 229 54.77 -60.26 61.50
N ARG I 230 54.34 -60.45 62.74
CA ARG I 230 53.16 -61.22 63.09
C ARG I 230 52.56 -60.64 64.37
N ILE I 231 51.25 -60.79 64.52
CA ILE I 231 50.56 -60.31 65.71
C ILE I 231 50.25 -61.52 66.59
N ALA I 232 50.61 -61.40 67.87
CA ALA I 232 50.38 -62.49 68.81
C ALA I 232 49.69 -61.96 70.06
N TRP I 233 48.94 -62.86 70.70
CA TRP I 233 48.23 -62.60 71.95
C TRP I 233 48.64 -63.54 73.07
N ASP I 234 48.53 -64.85 72.84
CA ASP I 234 48.89 -65.83 73.85
C ASP I 234 50.34 -66.24 73.63
N ASP I 235 50.82 -67.14 74.50
CA ASP I 235 52.20 -67.58 74.42
C ASP I 235 52.46 -68.57 73.30
N GLU I 236 51.46 -69.36 72.88
CA GLU I 236 51.68 -70.40 71.87
C GLU I 236 52.01 -69.80 70.51
N GLU I 237 51.23 -68.82 70.06
CA GLU I 237 51.60 -68.19 68.80
C GLU I 237 52.66 -67.11 68.96
N THR I 238 52.91 -66.59 70.15
CA THR I 238 54.10 -65.74 70.25
C THR I 238 55.37 -66.57 70.03
N ARG I 239 55.47 -67.77 70.64
CA ARG I 239 56.64 -68.61 70.44
C ARG I 239 56.77 -69.00 68.98
N ASP I 240 55.63 -69.37 68.37
CA ASP I 240 55.61 -69.81 66.97
C ASP I 240 55.97 -68.68 66.02
N GLY I 241 55.41 -67.48 66.25
CA GLY I 241 55.75 -66.34 65.41
C GLY I 241 57.22 -65.99 65.43
N PHE I 242 57.84 -65.98 66.62
CA PHE I 242 59.26 -65.65 66.69
C PHE I 242 60.09 -66.66 65.91
N ARG I 243 59.91 -67.95 66.17
CA ARG I 243 60.83 -68.93 65.59
C ARG I 243 60.69 -68.99 64.08
N LEU I 244 59.49 -68.69 63.56
CA LEU I 244 59.26 -68.63 62.11
C LEU I 244 60.02 -67.47 61.50
N SER I 245 59.94 -66.30 62.14
CA SER I 245 60.59 -65.10 61.64
C SER I 245 62.11 -65.19 61.79
N SER I 246 62.56 -65.74 62.90
CA SER I 246 63.98 -65.86 63.17
C SER I 246 64.66 -66.91 62.30
N GLN I 247 63.93 -67.88 61.76
CA GLN I 247 64.52 -68.81 60.80
C GLN I 247 64.30 -68.46 59.34
N GLU I 248 63.24 -67.72 58.99
CA GLU I 248 63.04 -67.39 57.58
C GLU I 248 63.47 -65.98 57.20
N ALA I 249 63.50 -65.03 58.11
CA ALA I 249 63.82 -63.64 57.76
C ALA I 249 65.21 -63.51 57.17
N ALA I 250 66.14 -64.40 57.54
CA ALA I 250 67.50 -64.34 57.02
C ALA I 250 67.54 -64.52 55.52
N SER I 251 66.49 -65.10 54.92
CA SER I 251 66.43 -65.32 53.49
C SER I 251 65.90 -64.11 52.73
N SER I 252 65.43 -63.07 53.43
CA SER I 252 64.89 -61.92 52.71
C SER I 252 65.98 -60.86 52.54
N PHE I 253 66.31 -60.16 53.62
CA PHE I 253 67.29 -59.09 53.55
C PHE I 253 68.54 -59.40 54.38
N GLY I 254 68.74 -60.65 54.78
CA GLY I 254 69.92 -61.07 55.51
C GLY I 254 69.96 -60.71 56.98
N ASP I 255 68.79 -60.55 57.62
CA ASP I 255 68.73 -60.15 59.02
C ASP I 255 67.59 -60.88 59.71
N ASP I 256 67.89 -61.51 60.83
CA ASP I 256 66.93 -62.38 61.50
C ASP I 256 66.85 -62.02 62.98
N ARG I 257 67.23 -60.79 63.30
CA ARG I 257 67.10 -60.27 64.67
C ARG I 257 65.69 -59.71 64.83
N LEU I 258 64.96 -60.24 65.83
CA LEU I 258 63.59 -59.84 66.10
C LEU I 258 63.49 -59.04 67.39
N LEU I 259 62.62 -58.04 67.41
CA LEU I 259 62.27 -57.28 68.60
C LEU I 259 60.81 -57.53 68.94
N ILE I 260 60.44 -57.34 70.20
CA ILE I 260 59.03 -57.36 70.57
C ILE I 260 58.68 -56.04 71.26
N GLU I 261 57.46 -55.58 71.01
CA GLU I 261 56.83 -54.38 71.54
C GLU I 261 55.36 -54.72 71.76
N LYS I 262 54.57 -53.76 72.24
CA LYS I 262 53.17 -54.01 72.58
C LYS I 262 52.23 -53.22 71.64
N PHE I 263 51.05 -53.76 71.30
CA PHE I 263 50.21 -53.12 70.31
C PHE I 263 48.81 -52.98 70.89
N ILE I 264 47.92 -52.38 70.10
CA ILE I 264 46.52 -52.25 70.42
C ILE I 264 45.68 -52.75 69.25
N ASP I 265 44.44 -53.15 69.57
CA ASP I 265 43.44 -53.58 68.59
C ASP I 265 42.66 -52.35 68.13
N ASN I 266 41.65 -52.56 67.24
CA ASN I 266 40.82 -51.57 66.56
C ASN I 266 41.01 -50.15 67.08
N PRO I 267 42.04 -49.47 66.62
CA PRO I 267 42.38 -48.16 67.20
C PRO I 267 41.40 -47.08 66.77
N ARG I 268 41.24 -46.09 67.64
CA ARG I 268 40.58 -44.85 67.27
C ARG I 268 41.54 -43.69 67.43
N HIS I 269 41.52 -42.76 66.49
CA HIS I 269 42.43 -41.62 66.48
C HIS I 269 41.73 -40.44 67.15
N ILE I 270 42.27 -39.95 68.26
CA ILE I 270 41.60 -38.92 69.04
C ILE I 270 42.59 -37.80 69.30
N GLU I 271 42.16 -36.56 69.03
CA GLU I 271 43.01 -35.41 69.20
C GLU I 271 42.53 -34.61 70.40
N ILE I 272 43.47 -33.99 71.09
CA ILE I 272 43.14 -32.98 72.09
C ILE I 272 43.93 -31.73 71.75
N GLN I 273 43.24 -30.59 71.70
CA GLN I 273 43.88 -29.33 71.36
C GLN I 273 44.29 -28.58 72.61
N VAL I 274 45.45 -27.95 72.55
CA VAL I 274 45.98 -27.17 73.67
C VAL I 274 46.32 -25.77 73.22
N LEU I 275 45.95 -24.80 74.03
CA LEU I 275 46.23 -23.39 73.83
C LEU I 275 47.29 -23.00 74.84
N GLY I 276 48.49 -22.70 74.38
CA GLY I 276 49.59 -22.30 75.24
C GLY I 276 49.58 -20.81 75.49
N ASP I 277 50.15 -20.41 76.63
CA ASP I 277 50.31 -19.01 77.00
C ASP I 277 51.78 -18.68 77.16
N LYS I 278 52.14 -17.48 76.69
CA LYS I 278 53.51 -16.99 76.88
C LYS I 278 53.89 -16.83 78.34
N HIS I 279 52.92 -16.78 79.25
CA HIS I 279 53.20 -16.60 80.66
C HIS I 279 53.32 -17.92 81.40
N GLY I 280 53.25 -19.05 80.70
CA GLY I 280 53.38 -20.34 81.32
C GLY I 280 52.09 -21.11 81.49
N ASN I 281 50.95 -20.45 81.26
CA ASN I 281 49.68 -21.14 81.35
C ASN I 281 49.41 -21.96 80.09
N ALA I 282 48.50 -22.93 80.21
CA ALA I 282 48.07 -23.70 79.05
C ALA I 282 46.73 -24.34 79.39
N LEU I 283 45.78 -24.28 78.47
CA LEU I 283 44.49 -24.94 78.66
C LEU I 283 44.29 -25.97 77.57
N TRP I 284 43.47 -26.97 77.87
CA TRP I 284 43.13 -28.01 76.92
C TRP I 284 41.66 -27.87 76.56
N LEU I 285 41.35 -28.14 75.30
CA LEU I 285 40.00 -28.01 74.80
C LEU I 285 39.40 -29.39 74.61
N ASN I 286 38.12 -29.44 74.29
CA ASN I 286 37.48 -30.72 74.03
C ASN I 286 38.20 -31.44 72.88
N GLU I 287 38.15 -32.77 72.94
CA GLU I 287 38.83 -33.61 71.98
C GLU I 287 38.19 -33.56 70.59
N ARG I 288 38.77 -34.31 69.66
CA ARG I 288 38.21 -34.57 68.34
C ARG I 288 38.42 -36.03 67.99
N GLU I 289 37.37 -36.65 67.46
CA GLU I 289 37.44 -38.00 66.91
C GLU I 289 37.69 -37.89 65.41
N CYS I 290 38.80 -38.43 64.96
CA CYS I 290 39.24 -38.26 63.58
C CYS I 290 39.56 -39.60 62.95
N SER I 291 38.57 -40.49 62.88
CA SER I 291 38.88 -41.85 62.44
C SER I 291 38.51 -42.09 60.98
N ILE I 292 37.64 -41.29 60.39
CA ILE I 292 37.23 -41.51 59.01
C ILE I 292 38.24 -40.83 58.10
N GLN I 293 38.99 -41.62 57.33
CA GLN I 293 40.11 -41.07 56.59
C GLN I 293 40.36 -41.92 55.34
N ARG I 294 41.00 -41.33 54.34
CA ARG I 294 41.55 -42.12 53.25
C ARG I 294 42.86 -41.51 52.81
N ARG I 295 43.79 -42.39 52.41
CA ARG I 295 45.17 -42.11 51.97
C ARG I 295 45.96 -41.27 52.99
N ASN I 296 45.72 -41.61 54.26
CA ASN I 296 46.26 -40.98 55.48
C ASN I 296 45.90 -39.50 55.60
N GLN I 297 44.70 -39.16 55.12
CA GLN I 297 44.20 -37.80 55.26
C GLN I 297 42.76 -37.85 55.74
N LYS I 298 42.46 -37.03 56.72
CA LYS I 298 41.15 -37.08 57.33
C LYS I 298 40.10 -36.45 56.42
N VAL I 299 38.87 -36.94 56.51
CA VAL I 299 37.78 -36.34 55.75
C VAL I 299 36.61 -35.98 56.64
N VAL I 300 36.35 -36.74 57.69
CA VAL I 300 35.25 -36.45 58.60
C VAL I 300 35.74 -36.55 60.03
N GLU I 301 35.38 -35.56 60.84
CA GLU I 301 35.76 -35.47 62.23
C GLU I 301 34.54 -35.10 63.06
N GLU I 302 34.58 -35.51 64.32
CA GLU I 302 33.53 -35.22 65.29
C GLU I 302 34.26 -34.67 66.50
N ALA I 303 33.70 -33.66 67.15
CA ALA I 303 34.39 -33.07 68.29
C ALA I 303 34.19 -33.79 69.62
N PRO I 304 32.93 -33.92 70.02
CA PRO I 304 32.57 -34.57 71.30
C PRO I 304 32.61 -36.07 71.13
N SER I 305 33.78 -36.57 70.75
CA SER I 305 33.99 -38.00 70.52
C SER I 305 32.79 -38.95 70.74
N ILE I 306 32.90 -39.78 71.78
CA ILE I 306 31.90 -40.77 72.23
C ILE I 306 32.65 -41.80 73.08
N PHE I 307 33.96 -41.80 72.95
CA PHE I 307 34.79 -42.83 73.56
C PHE I 307 35.34 -42.30 74.87
N LEU I 308 34.83 -41.16 75.31
CA LEU I 308 35.28 -40.53 76.54
C LEU I 308 34.14 -40.11 77.45
N ASP I 309 34.31 -40.38 78.75
CA ASP I 309 33.43 -39.84 79.77
C ASP I 309 34.13 -38.64 80.40
N ALA I 310 33.51 -38.03 81.41
CA ALA I 310 34.07 -36.80 81.97
C ALA I 310 35.45 -37.02 82.57
N GLU I 311 35.67 -38.14 83.23
CA GLU I 311 36.96 -38.38 83.87
C GLU I 311 38.06 -38.65 82.86
N THR I 312 37.77 -39.39 81.80
CA THR I 312 38.78 -39.64 80.79
C THR I 312 39.21 -38.37 80.09
N ARG I 313 38.26 -37.48 79.81
CA ARG I 313 38.58 -36.20 79.18
C ARG I 313 39.54 -35.40 80.05
N ARG I 314 39.29 -35.35 81.36
CA ARG I 314 40.19 -34.61 82.25
C ARG I 314 41.55 -35.27 82.31
N ALA I 315 41.58 -36.60 82.42
CA ALA I 315 42.84 -37.33 82.55
C ALA I 315 43.72 -37.11 81.33
N MET I 316 43.14 -37.18 80.14
CA MET I 316 43.93 -37.01 78.92
C MET I 316 44.22 -35.55 78.64
N GLY I 317 43.29 -34.66 78.99
CA GLY I 317 43.55 -33.24 78.82
C GLY I 317 44.74 -32.75 79.62
N GLU I 318 44.84 -33.23 80.88
CA GLU I 318 45.97 -32.88 81.73
C GLU I 318 47.29 -33.39 81.16
N GLN I 319 47.30 -34.60 80.59
CA GLN I 319 48.53 -35.07 79.96
C GLN I 319 48.91 -34.27 78.71
N ALA I 320 47.95 -33.87 77.89
CA ALA I 320 48.26 -33.02 76.75
C ALA I 320 48.84 -31.68 77.23
N VAL I 321 48.34 -31.15 78.34
CA VAL I 321 48.90 -29.92 78.89
C VAL I 321 50.32 -30.18 79.41
N ALA I 322 50.53 -31.31 80.10
CA ALA I 322 51.84 -31.68 80.60
C ALA I 322 52.89 -31.71 79.51
N LEU I 323 52.51 -32.14 78.32
CA LEU I 323 53.46 -32.04 77.21
C LEU I 323 53.73 -30.58 76.86
N ALA I 324 52.69 -29.77 76.69
CA ALA I 324 52.88 -28.38 76.28
C ALA I 324 53.68 -27.56 77.28
N ARG I 325 53.50 -27.77 78.59
CA ARG I 325 54.18 -26.98 79.60
C ARG I 325 55.61 -27.40 79.83
N ALA I 326 56.09 -28.47 79.21
CA ALA I 326 57.43 -28.96 79.43
C ALA I 326 58.36 -28.63 78.26
N VAL I 327 57.86 -27.95 77.24
CA VAL I 327 58.68 -27.52 76.11
C VAL I 327 58.38 -26.03 75.94
N LYS I 328 57.48 -25.58 76.82
CA LYS I 328 56.97 -24.23 76.83
C LYS I 328 56.34 -23.87 75.51
N TYR I 329 55.39 -24.70 75.08
CA TYR I 329 54.69 -24.51 73.82
C TYR I 329 53.62 -23.42 73.90
N SER I 330 54.09 -22.17 73.84
CA SER I 330 53.27 -20.98 74.01
C SER I 330 52.76 -20.63 72.62
N SER I 331 51.93 -21.53 72.10
CA SER I 331 51.27 -21.48 70.79
C SER I 331 50.08 -22.43 70.84
N ALA I 332 49.28 -22.46 69.79
CA ALA I 332 48.19 -23.44 69.74
C ALA I 332 48.63 -24.66 68.93
N GLY I 333 48.25 -25.83 69.42
CA GLY I 333 48.64 -27.06 68.76
C GLY I 333 47.77 -28.21 69.19
N THR I 334 48.15 -29.39 68.74
CA THR I 334 47.34 -30.58 68.94
C THR I 334 48.19 -31.74 69.40
N VAL I 335 47.63 -32.54 70.31
CA VAL I 335 48.26 -33.77 70.77
C VAL I 335 47.41 -34.93 70.32
N GLU I 336 48.04 -35.91 69.67
CA GLU I 336 47.32 -37.07 69.16
C GLU I 336 47.50 -38.32 70.01
N PHE I 337 46.38 -38.93 70.36
CA PHE I 337 46.33 -40.15 71.15
C PHE I 337 45.69 -41.24 70.31
N LEU I 338 46.06 -42.49 70.59
CA LEU I 338 45.36 -43.66 70.11
C LEU I 338 44.73 -44.35 71.32
N VAL I 339 43.49 -44.78 71.17
CA VAL I 339 42.79 -45.52 72.21
C VAL I 339 42.40 -46.89 71.65
N ASP I 340 42.56 -47.91 72.48
CA ASP I 340 42.20 -49.28 72.11
C ASP I 340 40.76 -49.55 72.49
N SER I 341 40.33 -50.79 72.30
CA SER I 341 38.92 -51.14 72.54
C SER I 341 38.59 -51.09 74.02
N LYS I 342 39.61 -51.03 74.88
CA LYS I 342 39.38 -51.09 76.32
C LYS I 342 39.53 -49.72 76.96
N LYS I 343 39.57 -48.67 76.14
CA LYS I 343 39.73 -47.31 76.63
C LYS I 343 41.10 -47.05 77.25
N ASN I 344 42.13 -47.76 76.79
CA ASN I 344 43.49 -47.42 77.16
C ASN I 344 44.05 -46.47 76.11
N PHE I 345 44.52 -45.34 76.58
CA PHE I 345 45.01 -44.24 75.76
C PHE I 345 46.53 -44.22 75.74
N TYR I 346 47.09 -44.13 74.53
CA TYR I 346 48.54 -44.11 74.34
C TYR I 346 48.93 -42.87 73.56
N PHE I 347 50.07 -42.29 73.90
CA PHE I 347 50.59 -41.12 73.21
C PHE I 347 51.02 -41.48 71.79
N LEU I 348 50.64 -40.64 70.82
CA LEU I 348 51.16 -40.84 69.47
C LEU I 348 52.09 -39.74 68.99
N GLU I 349 51.63 -38.50 69.00
CA GLU I 349 52.49 -37.42 68.54
C GLU I 349 51.96 -36.04 68.89
N MET I 350 52.89 -35.10 68.99
CA MET I 350 52.54 -33.72 69.30
C MET I 350 52.76 -32.88 68.07
N ASN I 351 51.70 -32.16 67.66
CA ASN I 351 51.68 -31.26 66.49
C ASN I 351 51.75 -29.77 66.85
N THR I 352 52.55 -29.03 66.10
CA THR I 352 52.70 -27.60 66.34
C THR I 352 52.24 -26.75 65.18
N ARG I 353 50.93 -26.51 65.12
CA ARG I 353 50.37 -25.70 64.06
C ARG I 353 48.86 -25.80 64.11
N LEU I 354 48.19 -24.73 63.68
CA LEU I 354 46.74 -24.74 63.67
C LEU I 354 46.35 -25.89 62.77
N GLN I 355 45.52 -26.79 63.27
CA GLN I 355 45.13 -27.93 62.49
C GLN I 355 44.01 -27.61 61.53
N VAL I 356 43.81 -28.49 60.56
CA VAL I 356 42.75 -28.30 59.60
C VAL I 356 41.47 -28.74 60.28
N GLU I 357 41.60 -29.28 61.49
CA GLU I 357 40.45 -29.74 62.25
C GLU I 357 40.20 -28.84 63.46
N HIS I 358 40.29 -27.53 63.22
CA HIS I 358 40.08 -26.56 64.27
C HIS I 358 38.77 -25.81 64.10
N PRO I 359 37.96 -26.14 63.08
CA PRO I 359 36.72 -25.38 62.99
C PRO I 359 35.53 -26.15 63.54
N VAL I 360 35.79 -27.35 64.04
CA VAL I 360 34.73 -28.20 64.60
C VAL I 360 34.71 -28.12 66.12
N THR I 361 35.88 -27.92 66.74
CA THR I 361 35.92 -27.73 68.19
C THR I 361 35.29 -26.41 68.59
N GLU I 362 35.54 -25.37 67.78
CA GLU I 362 35.00 -24.03 68.07
C GLU I 362 33.49 -24.02 68.22
N CYS I 363 32.77 -24.88 67.51
CA CYS I 363 31.34 -24.87 67.61
C CYS I 363 30.81 -25.45 68.92
N ILE I 364 31.66 -26.11 69.72
CA ILE I 364 31.14 -26.59 71.00
C ILE I 364 31.85 -25.91 72.18
N THR I 365 32.98 -25.27 71.92
CA THR I 365 33.65 -24.54 72.97
C THR I 365 33.28 -23.07 72.98
N GLY I 366 32.82 -22.54 71.85
CA GLY I 366 32.46 -21.13 71.77
C GLY I 366 33.64 -20.18 71.67
N LEU I 367 34.77 -20.66 71.17
CA LEU I 367 35.98 -19.86 71.09
C LEU I 367 36.24 -19.44 69.66
N ASP I 368 37.21 -18.55 69.48
CA ASP I 368 37.68 -18.12 68.17
C ASP I 368 39.19 -18.28 68.17
N LEU I 369 39.68 -19.35 67.53
CA LEU I 369 41.08 -19.69 67.66
C LEU I 369 42.02 -18.67 67.05
N VAL I 370 41.64 -18.06 65.92
CA VAL I 370 42.52 -17.09 65.28
C VAL I 370 42.62 -15.82 66.12
N GLN I 371 41.49 -15.36 66.67
CA GLN I 371 41.48 -14.20 67.55
C GLN I 371 42.39 -14.42 68.76
N GLU I 372 42.35 -15.62 69.31
CA GLU I 372 43.14 -15.92 70.50
C GLU I 372 44.62 -15.99 70.17
N MET I 373 44.96 -16.63 69.04
CA MET I 373 46.36 -16.73 68.63
C MET I 373 46.97 -15.36 68.38
N ILE I 374 46.20 -14.44 67.78
CA ILE I 374 46.72 -13.10 67.59
C ILE I 374 46.96 -12.39 68.92
N ARG I 375 46.02 -12.46 69.87
CA ARG I 375 46.31 -11.78 71.14
C ARG I 375 47.49 -12.39 71.88
N VAL I 376 47.64 -13.72 71.86
CA VAL I 376 48.76 -14.36 72.53
C VAL I 376 50.07 -13.91 71.90
N ALA I 377 50.12 -13.88 70.57
CA ALA I 377 51.30 -13.38 69.88
C ALA I 377 51.61 -11.93 70.22
N LYS I 378 50.59 -11.10 70.43
CA LYS I 378 50.85 -9.73 70.85
C LYS I 378 51.47 -9.70 72.24
N GLY I 379 51.07 -10.64 73.09
CA GLY I 379 51.63 -10.75 74.43
C GLY I 379 50.59 -10.75 75.53
N TYR I 380 49.32 -10.96 75.22
CA TYR I 380 48.29 -11.01 76.24
C TYR I 380 48.19 -12.42 76.81
N PRO I 381 47.81 -12.55 78.08
CA PRO I 381 47.53 -13.89 78.62
C PRO I 381 46.23 -14.45 78.06
N LEU I 382 46.04 -15.75 78.29
CA LEU I 382 44.79 -16.41 77.91
C LEU I 382 43.61 -15.76 78.62
N ARG I 383 42.52 -15.52 77.89
CA ARG I 383 41.34 -14.87 78.45
C ARG I 383 40.41 -15.82 79.20
N HIS I 384 40.71 -17.11 79.27
CA HIS I 384 39.81 -18.08 79.86
C HIS I 384 40.56 -18.91 80.87
N LYS I 385 39.80 -19.58 81.73
CA LYS I 385 40.32 -20.58 82.65
C LYS I 385 39.66 -21.92 82.33
N GLN I 386 40.29 -22.99 82.80
CA GLN I 386 39.82 -24.31 82.42
C GLN I 386 38.39 -24.60 82.84
N ALA I 387 37.92 -24.01 83.95
CA ALA I 387 36.57 -24.30 84.42
C ALA I 387 35.50 -23.79 83.47
N ASP I 388 35.85 -22.89 82.54
CA ASP I 388 34.90 -22.29 81.63
C ASP I 388 34.84 -23.00 80.28
N ILE I 389 35.57 -24.09 80.12
CA ILE I 389 35.64 -24.82 78.85
C ILE I 389 34.75 -26.04 78.98
N ARG I 390 33.72 -26.11 78.16
CA ARG I 390 32.73 -27.17 78.25
C ARG I 390 32.23 -27.52 76.86
N ILE I 391 31.41 -28.56 76.79
CA ILE I 391 30.82 -29.01 75.55
C ILE I 391 29.42 -28.41 75.47
N ASN I 392 29.24 -27.40 74.63
CA ASN I 392 27.91 -26.85 74.40
C ASN I 392 27.28 -27.46 73.16
N GLY I 393 26.90 -28.73 73.23
CA GLY I 393 26.36 -29.33 72.03
C GLY I 393 27.32 -30.21 71.25
N TRP I 394 26.93 -30.56 70.04
CA TRP I 394 27.72 -31.47 69.22
C TRP I 394 28.00 -30.86 67.85
N ALA I 395 29.18 -31.14 67.30
CA ALA I 395 29.55 -30.61 66.00
C ALA I 395 30.30 -31.65 65.19
N VAL I 396 29.97 -31.75 63.91
CA VAL I 396 30.60 -32.71 63.01
C VAL I 396 31.04 -31.94 61.77
N GLU I 397 32.19 -32.30 61.21
CA GLU I 397 32.74 -31.59 60.05
C GLU I 397 33.09 -32.58 58.95
N CYS I 398 32.81 -32.17 57.71
CA CYS I 398 33.12 -32.95 56.52
C CYS I 398 33.93 -32.11 55.56
N ARG I 399 34.99 -32.69 55.04
CA ARG I 399 35.86 -32.02 54.07
C ARG I 399 35.40 -32.40 52.67
N VAL I 400 35.17 -31.40 51.83
CA VAL I 400 34.74 -31.65 50.46
C VAL I 400 35.90 -31.32 49.54
N TYR I 401 36.30 -32.32 48.75
CA TYR I 401 37.42 -32.28 47.81
C TYR I 401 36.90 -32.39 46.39
N ALA I 402 37.66 -31.82 45.47
CA ALA I 402 37.38 -32.01 44.04
C ALA I 402 38.01 -33.31 43.54
N GLU I 403 37.44 -34.42 43.98
CA GLU I 403 38.02 -35.74 43.76
C GLU I 403 36.93 -36.72 43.37
N ASP I 404 37.32 -37.73 42.60
CA ASP I 404 36.41 -38.81 42.23
C ASP I 404 36.50 -39.88 43.30
N PRO I 405 35.48 -40.09 44.12
CA PRO I 405 35.56 -41.12 45.16
C PRO I 405 35.59 -42.54 44.65
N TYR I 406 35.25 -42.78 43.39
CA TYR I 406 35.24 -44.14 42.88
C TYR I 406 36.62 -44.65 42.54
N LYS I 407 37.52 -43.76 42.14
CA LYS I 407 38.83 -44.13 41.61
C LYS I 407 39.81 -44.25 42.75
N SER I 408 39.73 -45.37 43.46
CA SER I 408 40.56 -45.70 44.63
C SER I 408 40.46 -44.65 45.73
N PHE I 409 39.21 -44.21 46.00
CA PHE I 409 38.87 -43.27 47.08
C PHE I 409 39.62 -41.94 46.93
N GLY I 410 39.19 -41.16 45.95
CA GLY I 410 39.63 -39.79 45.87
C GLY I 410 40.73 -39.46 44.88
N LEU I 411 40.46 -39.67 43.59
CA LEU I 411 41.44 -39.29 42.59
C LEU I 411 41.17 -37.86 42.12
N PRO I 412 42.16 -36.96 42.19
CA PRO I 412 41.91 -35.55 41.87
C PRO I 412 41.35 -35.32 40.48
N SER I 413 40.39 -34.42 40.40
CA SER I 413 39.82 -33.93 39.16
C SER I 413 40.34 -32.53 38.86
N ILE I 414 40.24 -32.13 37.60
CA ILE I 414 40.70 -30.81 37.18
C ILE I 414 39.54 -30.11 36.49
N GLY I 415 39.31 -28.86 36.87
CA GLY I 415 38.24 -28.13 36.25
C GLY I 415 37.87 -26.80 36.84
N ARG I 416 36.85 -26.23 36.20
CA ARG I 416 36.30 -24.94 36.53
C ARG I 416 34.88 -25.08 37.02
N LEU I 417 34.55 -24.25 37.99
CA LEU I 417 33.25 -24.15 38.57
C LEU I 417 32.32 -23.13 38.05
N SER I 418 31.28 -23.76 37.47
CA SER I 418 30.10 -23.22 36.82
C SER I 418 28.88 -23.04 37.64
N GLN I 419 28.69 -23.82 38.69
CA GLN I 419 27.62 -23.45 39.61
C GLN I 419 28.08 -23.75 41.02
N TYR I 420 27.77 -22.87 41.95
CA TYR I 420 28.24 -23.05 43.31
C TYR I 420 27.30 -22.32 44.25
N GLN I 421 26.77 -23.05 45.21
CA GLN I 421 25.80 -22.48 46.14
C GLN I 421 25.93 -23.20 47.46
N GLU I 422 26.26 -22.48 48.49
CA GLU I 422 26.51 -23.03 49.81
C GLU I 422 25.22 -23.11 50.62
N PRO I 423 25.02 -24.18 51.39
CA PRO I 423 23.76 -24.29 52.15
C PRO I 423 23.71 -23.42 53.40
N LEU I 424 23.68 -22.11 53.23
CA LEU I 424 23.73 -21.21 54.37
C LEU I 424 22.36 -20.80 54.87
N HIS I 425 21.29 -21.27 54.24
CA HIS I 425 19.95 -20.97 54.70
C HIS I 425 19.44 -21.97 55.73
N LEU I 426 20.18 -23.06 55.96
CA LEU I 426 19.74 -24.11 56.85
C LEU I 426 20.23 -23.83 58.27
N PRO I 427 19.47 -24.24 59.28
CA PRO I 427 19.92 -24.02 60.66
C PRO I 427 21.12 -24.88 61.03
N GLY I 428 22.02 -24.30 61.82
CA GLY I 428 23.16 -24.99 62.39
C GLY I 428 24.27 -25.34 61.42
N VAL I 429 24.36 -24.62 60.30
CA VAL I 429 25.30 -24.94 59.23
C VAL I 429 26.25 -23.76 59.07
N ARG I 430 27.55 -24.07 59.00
CA ARG I 430 28.62 -23.09 58.80
C ARG I 430 29.53 -23.63 57.71
N VAL I 431 29.71 -22.88 56.62
CA VAL I 431 30.52 -23.32 55.49
C VAL I 431 31.75 -22.44 55.42
N ASP I 432 32.93 -23.04 55.48
CA ASP I 432 34.17 -22.28 55.43
C ASP I 432 34.86 -22.61 54.11
N SER I 433 34.78 -21.69 53.17
CA SER I 433 35.23 -21.95 51.81
C SER I 433 36.17 -20.85 51.37
N GLY I 434 37.14 -21.23 50.54
CA GLY I 434 38.02 -20.28 49.92
C GLY I 434 37.76 -20.03 48.46
N ILE I 435 36.63 -20.48 47.92
CA ILE I 435 36.36 -20.37 46.50
C ILE I 435 35.08 -19.60 46.28
N GLN I 436 34.92 -19.14 45.05
CA GLN I 436 33.74 -18.42 44.61
C GLN I 436 33.44 -18.93 43.20
N PRO I 437 32.23 -18.75 42.67
CA PRO I 437 31.98 -19.20 41.31
C PRO I 437 32.99 -18.61 40.35
N GLY I 438 33.47 -19.42 39.43
CA GLY I 438 34.38 -18.91 38.44
C GLY I 438 35.77 -19.09 38.94
N SER I 439 35.92 -20.05 39.84
CA SER I 439 37.19 -20.42 40.36
C SER I 439 37.58 -21.69 39.68
N ASP I 440 38.87 -21.83 39.49
CA ASP I 440 39.48 -23.00 38.90
C ASP I 440 40.15 -23.77 40.02
N ILE I 441 40.17 -25.09 39.87
CA ILE I 441 40.90 -25.99 40.74
C ILE I 441 41.94 -26.73 39.92
N SER I 442 43.19 -26.70 40.34
CA SER I 442 44.24 -27.29 39.52
C SER I 442 45.23 -28.18 40.21
N ILE I 443 46.08 -28.78 39.40
CA ILE I 443 46.99 -29.79 39.91
C ILE I 443 48.04 -29.25 40.88
N TYR I 444 48.18 -27.93 40.97
CA TYR I 444 49.25 -27.36 41.79
C TYR I 444 48.93 -27.37 43.28
N TYR I 445 47.69 -27.52 43.66
CA TYR I 445 47.26 -27.35 45.04
C TYR I 445 46.39 -28.53 45.43
N ASP I 446 46.37 -28.83 46.72
CA ASP I 446 45.42 -29.82 47.20
C ASP I 446 44.01 -29.45 46.76
N PRO I 447 43.33 -30.30 46.06
CA PRO I 447 42.00 -29.95 45.55
C PRO I 447 40.92 -29.74 46.60
N MET I 448 41.10 -28.83 47.56
CA MET I 448 40.02 -28.57 48.52
C MET I 448 38.96 -27.65 47.93
N ILE I 449 37.70 -28.00 48.18
CA ILE I 449 36.57 -27.15 47.81
C ILE I 449 36.05 -26.38 49.02
N SER I 450 35.74 -27.09 50.10
CA SER I 450 35.24 -26.40 51.29
C SER I 450 35.28 -27.34 52.47
N LYS I 451 35.08 -26.79 53.65
CA LYS I 451 34.80 -27.59 54.83
C LYS I 451 33.43 -27.23 55.35
N LEU I 452 32.59 -28.24 55.46
CA LEU I 452 31.19 -28.09 55.86
C LEU I 452 31.07 -28.48 57.31
N ILE I 453 30.60 -27.56 58.14
CA ILE I 453 30.52 -27.75 59.58
C ILE I 453 29.06 -27.66 59.98
N THR I 454 28.59 -28.66 60.73
CA THR I 454 27.23 -28.67 61.22
C THR I 454 27.24 -28.94 62.70
N TYR I 455 26.41 -28.20 63.45
CA TYR I 455 26.31 -28.40 64.89
C TYR I 455 24.86 -28.46 65.32
N GLY I 456 24.63 -29.07 66.47
CA GLY I 456 23.31 -29.20 67.04
C GLY I 456 23.40 -29.51 68.52
N SER I 457 22.23 -29.72 69.12
CA SER I 457 22.18 -29.88 70.57
C SER I 457 22.51 -31.31 70.97
N ASP I 458 22.40 -32.24 70.04
CA ASP I 458 22.58 -33.66 70.33
C ASP I 458 23.24 -34.32 69.13
N ARG I 459 23.56 -35.60 69.26
CA ARG I 459 24.22 -36.29 68.16
C ARG I 459 23.34 -36.54 66.96
N THR I 460 22.05 -36.75 67.15
CA THR I 460 21.18 -37.00 66.02
C THR I 460 20.82 -35.71 65.30
N GLU I 461 20.74 -34.60 66.01
CA GLU I 461 20.39 -33.33 65.36
C GLU I 461 21.53 -32.86 64.47
N ALA I 462 22.76 -32.93 64.95
CA ALA I 462 23.91 -32.53 64.15
C ALA I 462 24.08 -33.42 62.93
N LEU I 463 23.83 -34.72 63.05
CA LEU I 463 23.97 -35.60 61.89
C LEU I 463 22.85 -35.39 60.88
N LYS I 464 21.62 -35.18 61.33
CA LYS I 464 20.52 -34.93 60.41
C LYS I 464 20.72 -33.62 59.67
N ARG I 465 21.16 -32.58 60.39
CA ARG I 465 21.42 -31.30 59.74
C ARG I 465 22.55 -31.40 58.73
N MET I 466 23.56 -32.21 59.02
CA MET I 466 24.64 -32.45 58.07
C MET I 466 24.12 -33.12 56.81
N ALA I 467 23.26 -34.12 56.97
CA ALA I 467 22.69 -34.79 55.81
C ALA I 467 21.92 -33.80 54.94
N ASP I 468 21.16 -32.91 55.58
CA ASP I 468 20.43 -31.90 54.82
C ASP I 468 21.36 -30.92 54.11
N ALA I 469 22.42 -30.48 54.78
CA ALA I 469 23.33 -29.53 54.15
C ALA I 469 23.99 -30.12 52.93
N LEU I 470 24.34 -31.40 52.98
CA LEU I 470 25.01 -32.02 51.85
C LEU I 470 24.10 -32.11 50.63
N ASP I 471 22.79 -32.32 50.83
CA ASP I 471 21.91 -32.43 49.68
C ASP I 471 21.55 -31.07 49.10
N ASN I 472 21.69 -30.01 49.88
CA ASN I 472 21.44 -28.65 49.42
C ASN I 472 22.72 -27.94 49.05
N TYR I 473 23.81 -28.67 48.85
CA TYR I 473 25.10 -28.06 48.58
C TYR I 473 25.45 -28.30 47.12
N VAL I 474 25.45 -27.23 46.33
CA VAL I 474 25.55 -27.32 44.88
C VAL I 474 27.01 -27.13 44.48
N ILE I 475 27.61 -28.16 43.91
CA ILE I 475 28.93 -28.10 43.31
C ILE I 475 28.82 -28.70 41.92
N ARG I 476 29.10 -27.90 40.90
CA ARG I 476 29.04 -28.38 39.52
C ARG I 476 30.17 -27.75 38.72
N GLY I 477 30.83 -28.57 37.91
CA GLY I 477 31.95 -28.12 37.12
C GLY I 477 33.14 -29.01 37.35
N VAL I 478 33.18 -29.64 38.52
CA VAL I 478 34.22 -30.60 38.90
C VAL I 478 33.56 -31.83 39.47
N THR I 479 34.33 -32.89 39.64
CA THR I 479 33.89 -34.08 40.36
C THR I 479 34.18 -33.92 41.84
N HIS I 480 33.19 -34.17 42.68
CA HIS I 480 33.32 -33.97 44.11
C HIS I 480 33.04 -35.28 44.83
N ASN I 481 33.13 -35.24 46.16
CA ASN I 481 33.03 -36.43 46.98
C ASN I 481 31.82 -36.42 47.90
N ILE I 482 30.77 -35.68 47.51
CA ILE I 482 29.58 -35.59 48.35
C ILE I 482 28.90 -36.94 48.51
N ALA I 483 28.87 -37.76 47.47
CA ALA I 483 28.21 -39.05 47.59
C ALA I 483 28.83 -39.89 48.70
N LEU I 484 30.14 -39.81 48.85
CA LEU I 484 30.82 -40.59 49.88
C LEU I 484 30.51 -40.04 51.27
N LEU I 485 30.53 -38.72 51.42
CA LEU I 485 30.23 -38.10 52.70
C LEU I 485 28.80 -38.36 53.12
N ARG I 486 27.86 -38.30 52.17
CA ARG I 486 26.44 -38.48 52.46
C ARG I 486 26.14 -39.90 52.88
N GLU I 487 26.82 -40.88 52.30
CA GLU I 487 26.58 -42.23 52.77
C GLU I 487 27.30 -42.55 54.07
N VAL I 488 28.52 -42.08 54.28
CA VAL I 488 29.17 -42.50 55.53
C VAL I 488 28.41 -42.01 56.74
N ILE I 489 27.94 -40.76 56.74
CA ILE I 489 27.36 -40.20 57.95
C ILE I 489 26.06 -40.92 58.32
N ILE I 490 25.48 -41.67 57.40
CA ILE I 490 24.21 -42.34 57.66
C ILE I 490 24.42 -43.83 57.90
N ASN I 491 25.67 -44.27 57.86
CA ASN I 491 25.99 -45.67 58.10
C ASN I 491 25.70 -46.06 59.54
N SER I 492 25.09 -47.25 59.70
CA SER I 492 24.67 -47.68 61.02
C SER I 492 25.83 -47.77 62.00
N ARG I 493 27.03 -48.08 61.52
CA ARG I 493 28.18 -48.13 62.42
C ARG I 493 28.62 -46.72 62.82
N PHE I 494 28.48 -45.76 61.92
CA PHE I 494 28.85 -44.38 62.22
C PHE I 494 27.89 -43.76 63.22
N VAL I 495 26.58 -43.98 63.02
CA VAL I 495 25.60 -43.44 63.96
C VAL I 495 25.77 -44.05 65.34
N LYS I 496 25.99 -45.37 65.40
CA LYS I 496 26.26 -45.99 66.70
C LYS I 496 27.64 -45.62 67.22
N GLY I 497 28.61 -45.42 66.35
CA GLY I 497 29.95 -45.08 66.78
C GLY I 497 30.99 -46.15 66.70
N ASP I 498 30.72 -47.27 66.03
CA ASP I 498 31.69 -48.36 65.96
C ASP I 498 32.66 -48.09 64.82
N ILE I 499 33.47 -47.05 65.01
CA ILE I 499 34.34 -46.55 63.96
C ILE I 499 35.78 -46.74 64.40
N SER I 500 36.58 -47.32 63.52
CA SER I 500 38.01 -47.45 63.71
C SER I 500 38.73 -46.69 62.61
N THR I 501 40.05 -46.58 62.75
CA THR I 501 40.82 -45.79 61.82
C THR I 501 40.87 -46.45 60.45
N LYS I 502 40.39 -47.68 60.35
CA LYS I 502 40.34 -48.42 59.09
C LYS I 502 38.90 -48.69 58.68
N PHE I 503 37.98 -47.88 59.22
CA PHE I 503 36.56 -48.06 58.98
C PHE I 503 36.24 -48.22 57.50
N LEU I 504 36.69 -47.26 56.69
CA LEU I 504 36.29 -47.24 55.29
C LEU I 504 36.85 -48.42 54.52
N SER I 505 37.99 -48.94 54.95
CA SER I 505 38.61 -50.05 54.25
C SER I 505 37.84 -51.35 54.43
N ASP I 506 37.12 -51.52 55.54
CA ASP I 506 36.28 -52.69 55.77
C ASP I 506 34.87 -52.51 55.24
N VAL I 507 34.35 -51.28 55.23
CA VAL I 507 33.01 -51.08 54.67
C VAL I 507 33.06 -51.17 53.14
N TYR I 508 34.11 -50.66 52.51
CA TYR I 508 34.22 -50.63 51.05
C TYR I 508 35.43 -51.43 50.63
N PRO I 509 35.40 -52.76 50.81
CA PRO I 509 36.58 -53.56 50.49
C PRO I 509 36.89 -53.63 49.01
N ASP I 510 35.92 -53.36 48.16
CA ASP I 510 36.10 -53.39 46.72
C ASP I 510 35.99 -52.01 46.09
N GLY I 511 36.14 -50.95 46.88
CA GLY I 511 36.00 -49.61 46.38
C GLY I 511 34.64 -49.03 46.69
N PHE I 512 34.51 -47.73 46.45
CA PHE I 512 33.25 -47.02 46.65
C PHE I 512 32.34 -47.29 45.46
N LYS I 513 31.09 -47.67 45.74
CA LYS I 513 30.14 -47.97 44.68
C LYS I 513 28.98 -46.98 44.56
N GLY I 514 28.73 -46.10 45.56
CA GLY I 514 27.60 -45.20 45.56
C GLY I 514 26.48 -45.70 46.45
N HIS I 515 25.53 -44.81 46.68
CA HIS I 515 24.42 -45.10 47.56
C HIS I 515 23.56 -46.19 46.96
N MET I 516 23.22 -47.19 47.77
CA MET I 516 22.40 -48.31 47.32
C MET I 516 20.96 -48.06 47.73
N LEU I 517 20.05 -48.18 46.77
CA LEU I 517 18.64 -47.91 47.04
C LEU I 517 17.91 -49.17 47.48
N THR I 518 16.98 -48.99 48.40
CA THR I 518 16.06 -50.04 48.83
C THR I 518 14.75 -49.93 48.07
N LYS I 519 13.80 -50.79 48.39
CA LYS I 519 12.58 -50.85 47.59
C LYS I 519 11.84 -49.52 47.61
N SER I 520 11.63 -48.96 48.80
CA SER I 520 10.88 -47.72 48.93
C SER I 520 11.62 -46.55 48.34
N GLU I 521 12.95 -46.55 48.42
CA GLU I 521 13.72 -45.47 47.83
C GLU I 521 13.70 -45.52 46.31
N LYS I 522 13.73 -46.72 45.73
CA LYS I 522 13.60 -46.82 44.29
C LYS I 522 12.25 -46.31 43.82
N ASN I 523 11.18 -46.59 44.57
CA ASN I 523 9.87 -46.11 44.18
C ASN I 523 9.79 -44.59 44.26
N GLN I 524 10.42 -44.00 45.27
CA GLN I 524 10.46 -42.55 45.38
C GLN I 524 11.27 -41.92 44.27
N LEU I 525 12.42 -42.52 43.93
CA LEU I 525 13.24 -41.99 42.84
C LEU I 525 12.52 -42.11 41.51
N LEU I 526 11.85 -43.23 41.26
CA LEU I 526 11.10 -43.38 40.02
C LEU I 526 9.94 -42.40 39.94
N ALA I 527 9.22 -42.20 41.06
CA ALA I 527 8.10 -41.27 41.07
C ALA I 527 8.55 -39.82 40.88
N ILE I 528 9.68 -39.45 41.49
CA ILE I 528 10.21 -38.10 41.34
C ILE I 528 10.69 -37.85 39.90
N ALA I 529 11.47 -38.79 39.36
CA ALA I 529 11.98 -38.64 38.00
C ALA I 529 10.85 -38.61 36.97
N SER I 530 9.80 -39.42 37.19
CA SER I 530 8.69 -39.45 36.27
C SER I 530 7.85 -38.17 36.36
N SER I 531 7.60 -37.70 37.57
CA SER I 531 6.85 -36.47 37.72
C SER I 531 7.61 -35.26 37.18
N LEU I 532 8.93 -35.22 37.40
CA LEU I 532 9.72 -34.13 36.85
C LEU I 532 9.74 -34.17 35.33
N PHE I 533 9.88 -35.35 34.75
CA PHE I 533 9.79 -35.50 33.30
C PHE I 533 8.50 -34.89 32.75
N VAL I 534 7.35 -35.25 33.34
CA VAL I 534 6.08 -34.72 32.89
C VAL I 534 5.99 -33.20 33.11
N ALA I 535 6.50 -32.70 34.24
CA ALA I 535 6.49 -31.27 34.50
C ALA I 535 7.15 -30.48 33.39
N PHE I 536 8.25 -31.00 32.82
CA PHE I 536 8.87 -30.34 31.67
C PHE I 536 8.01 -30.48 30.44
N GLN I 537 7.38 -31.64 30.27
CA GLN I 537 6.50 -31.83 29.11
C GLN I 537 5.30 -30.92 29.15
N LEU I 538 4.80 -30.59 30.33
CA LEU I 538 3.67 -29.68 30.42
C LEU I 538 4.10 -28.24 30.23
N ARG I 539 5.22 -27.85 30.82
CA ARG I 539 5.73 -26.49 30.61
C ARG I 539 5.97 -26.22 29.14
N ALA I 540 6.44 -27.21 28.39
CA ALA I 540 6.67 -27.03 26.96
C ALA I 540 5.43 -26.63 26.16
N GLN I 541 4.23 -26.82 26.69
CA GLN I 541 3.00 -26.53 25.96
C GLN I 541 2.39 -25.18 26.27
N HIS I 542 2.98 -24.40 27.17
CA HIS I 542 2.35 -23.16 27.63
C HIS I 542 2.96 -21.99 26.88
N PHE I 543 2.34 -21.62 25.77
CA PHE I 543 2.81 -20.50 24.96
C PHE I 543 1.90 -19.30 25.19
N GLN I 544 2.44 -18.12 24.90
CA GLN I 544 1.63 -16.93 24.88
C GLN I 544 0.74 -17.19 23.68
N GLU I 545 -0.53 -16.83 23.77
CA GLU I 545 -1.48 -17.17 22.72
C GLU I 545 -1.21 -16.31 21.50
N ASN I 546 -1.16 -16.93 20.34
CA ASN I 546 -1.03 -16.17 19.10
C ASN I 546 -2.40 -16.00 18.47
N SER I 547 -2.84 -14.75 18.38
CA SER I 547 -4.19 -14.49 17.94
C SER I 547 -4.43 -14.93 16.51
N ARG I 548 -3.36 -15.16 15.74
CA ARG I 548 -3.54 -15.60 14.37
C ARG I 548 -3.66 -17.10 14.28
N MET I 549 -3.00 -17.83 15.17
CA MET I 549 -2.88 -19.28 15.07
C MET I 549 -3.20 -19.90 16.44
N PRO I 550 -4.48 -20.16 16.74
CA PRO I 550 -4.84 -20.67 18.07
C PRO I 550 -4.08 -21.95 18.41
N VAL I 551 -3.65 -22.04 19.65
CA VAL I 551 -2.91 -23.21 20.15
C VAL I 551 -3.80 -23.98 21.12
N ILE I 552 -3.96 -25.27 20.87
CA ILE I 552 -4.88 -26.09 21.66
C ILE I 552 -4.06 -27.10 22.47
N LYS I 553 -4.09 -26.95 23.79
CA LYS I 553 -3.31 -27.82 24.66
C LYS I 553 -3.86 -29.24 24.62
N PRO I 554 -3.02 -30.23 24.28
CA PRO I 554 -3.51 -31.62 24.20
C PRO I 554 -4.08 -32.05 25.55
N ASP I 555 -5.23 -32.72 25.52
CA ASP I 555 -5.89 -33.18 26.74
C ASP I 555 -5.31 -34.53 27.14
N ILE I 556 -4.14 -34.49 27.76
CA ILE I 556 -3.44 -35.69 28.18
C ILE I 556 -3.77 -35.98 29.65
N ALA I 557 -4.66 -36.95 29.87
CA ALA I 557 -5.07 -37.27 31.23
C ALA I 557 -4.03 -38.15 31.93
N ASN I 558 -3.34 -38.98 31.16
CA ASN I 558 -2.39 -39.91 31.74
C ASN I 558 -1.13 -39.98 30.91
N TRP I 559 0.00 -40.01 31.60
CA TRP I 559 1.31 -40.15 30.98
C TRP I 559 1.79 -41.57 31.23
N GLU I 560 1.91 -42.35 30.18
CA GLU I 560 2.36 -43.74 30.31
C GLU I 560 3.82 -43.81 29.94
N LEU I 561 4.67 -44.08 30.91
CA LEU I 561 6.11 -44.01 30.73
C LEU I 561 6.75 -45.38 30.96
N SER I 562 7.85 -45.58 30.27
CA SER I 562 8.74 -46.71 30.48
C SER I 562 10.05 -46.16 31.00
N VAL I 563 10.36 -46.44 32.25
CA VAL I 563 11.47 -45.78 32.93
C VAL I 563 12.56 -46.80 33.17
N LYS I 564 13.67 -46.64 32.48
CA LYS I 564 14.77 -47.57 32.58
C LYS I 564 15.79 -47.01 33.54
N LEU I 565 16.19 -47.81 34.52
CA LEU I 565 17.23 -47.46 35.47
C LEU I 565 18.45 -48.24 34.99
N HIS I 566 19.19 -48.79 35.96
CA HIS I 566 20.41 -49.51 35.68
C HIS I 566 20.14 -50.61 34.71
N ASP I 567 19.56 -51.70 35.20
CA ASP I 567 19.32 -52.81 34.28
C ASP I 567 17.86 -53.26 34.32
N LYS I 568 16.96 -52.44 34.86
CA LYS I 568 15.57 -52.83 34.98
C LYS I 568 14.72 -51.78 34.27
N VAL I 569 13.60 -52.20 33.72
CA VAL I 569 12.65 -51.29 33.12
C VAL I 569 11.35 -51.35 33.92
N HIS I 570 10.93 -50.20 34.44
CA HIS I 570 9.76 -50.12 35.28
C HIS I 570 8.60 -49.48 34.55
N THR I 571 7.39 -49.88 34.90
CA THR I 571 6.18 -49.36 34.32
C THR I 571 5.58 -48.30 35.24
N VAL I 572 5.49 -47.07 34.76
CA VAL I 572 5.07 -45.93 35.56
C VAL I 572 3.97 -45.22 34.81
N VAL I 573 2.86 -44.92 35.49
CA VAL I 573 1.78 -44.13 34.93
C VAL I 573 1.53 -42.96 35.86
N ALA I 574 1.56 -41.75 35.32
CA ALA I 574 1.40 -40.54 36.09
C ALA I 574 0.23 -39.74 35.58
N SER I 575 -0.40 -38.99 36.49
CA SER I 575 -1.41 -38.01 36.12
C SER I 575 -1.20 -36.78 36.97
N ASN I 576 -1.56 -35.63 36.41
CA ASN I 576 -1.42 -34.34 37.05
C ASN I 576 -2.73 -33.93 37.72
N ASN I 577 -2.64 -33.49 38.97
CA ASN I 577 -3.79 -32.90 39.66
C ASN I 577 -3.43 -31.52 40.19
N GLY I 578 -2.73 -30.74 39.39
CA GLY I 578 -2.30 -29.43 39.81
C GLY I 578 -0.85 -29.49 40.25
N SER I 579 -0.60 -29.17 41.51
CA SER I 579 0.76 -29.15 42.03
C SER I 579 1.26 -30.53 42.41
N VAL I 580 0.40 -31.52 42.42
CA VAL I 580 0.76 -32.86 42.85
C VAL I 580 0.55 -33.84 41.70
N PHE I 581 1.52 -34.70 41.48
CA PHE I 581 1.42 -35.75 40.49
C PHE I 581 1.12 -37.05 41.21
N SER I 582 0.10 -37.75 40.75
CA SER I 582 -0.21 -39.07 41.27
C SER I 582 0.46 -40.09 40.38
N VAL I 583 1.40 -40.83 40.92
CA VAL I 583 2.27 -41.68 40.12
C VAL I 583 2.11 -43.09 40.64
N GLU I 584 1.84 -44.03 39.74
CA GLU I 584 1.79 -45.44 40.07
C GLU I 584 3.07 -46.06 39.55
N VAL I 585 3.88 -46.58 40.46
CA VAL I 585 5.14 -47.20 40.10
C VAL I 585 5.04 -48.69 40.38
N ASP I 586 4.86 -49.47 39.30
CA ASP I 586 4.64 -50.92 39.33
C ASP I 586 3.58 -51.33 40.35
N GLY I 587 2.49 -50.58 40.42
CA GLY I 587 1.42 -50.88 41.35
C GLY I 587 1.45 -50.10 42.64
N SER I 588 2.54 -49.44 42.98
CA SER I 588 2.65 -48.66 44.20
C SER I 588 2.21 -47.23 43.93
N LYS I 589 1.35 -46.69 44.79
CA LYS I 589 0.83 -45.35 44.64
C LYS I 589 1.66 -44.36 45.44
N LEU I 590 2.19 -43.34 44.75
CA LEU I 590 2.96 -42.26 45.36
C LEU I 590 2.34 -40.94 44.94
N ASN I 591 2.43 -39.95 45.82
CA ASN I 591 1.97 -38.60 45.51
C ASN I 591 3.11 -37.63 45.69
N VAL I 592 3.55 -37.01 44.60
CA VAL I 592 4.69 -36.11 44.62
C VAL I 592 4.19 -34.68 44.51
N THR I 593 4.36 -33.91 45.58
CA THR I 593 3.86 -32.55 45.63
C THR I 593 5.05 -31.62 45.62
N SER I 594 4.96 -30.55 44.83
CA SER I 594 6.02 -29.55 44.78
C SER I 594 5.47 -28.29 44.16
N THR I 595 6.29 -27.26 44.15
CA THR I 595 6.01 -26.07 43.36
C THR I 595 6.54 -26.16 41.94
N TRP I 596 7.45 -27.11 41.69
CA TRP I 596 8.01 -27.42 40.37
C TRP I 596 8.56 -26.19 39.66
N ASN I 597 9.40 -25.45 40.37
CA ASN I 597 10.18 -24.39 39.75
C ASN I 597 11.35 -25.06 39.05
N LEU I 598 11.30 -25.06 37.72
CA LEU I 598 12.18 -25.88 36.89
C LEU I 598 13.52 -25.23 36.61
N ALA I 599 13.76 -24.01 37.08
CA ALA I 599 15.02 -23.33 36.82
C ALA I 599 15.98 -23.42 37.98
N SER I 600 15.48 -23.67 39.18
CA SER I 600 16.32 -23.65 40.37
C SER I 600 17.24 -24.86 40.39
N PRO I 601 18.49 -24.69 40.85
CA PRO I 601 19.36 -25.86 41.01
C PRO I 601 18.89 -26.83 42.09
N LEU I 602 18.05 -26.38 43.02
CA LEU I 602 17.59 -27.22 44.10
C LEU I 602 16.09 -27.37 44.00
N LEU I 603 15.61 -28.58 43.75
CA LEU I 603 14.18 -28.80 43.66
C LEU I 603 13.71 -29.54 44.89
N SER I 604 12.80 -28.93 45.63
CA SER I 604 12.26 -29.51 46.85
C SER I 604 10.93 -30.18 46.54
N VAL I 605 10.83 -31.46 46.88
CA VAL I 605 9.63 -32.22 46.61
C VAL I 605 9.22 -32.93 47.89
N SER I 606 7.95 -33.28 47.98
CA SER I 606 7.41 -34.06 49.09
C SER I 606 6.73 -35.27 48.49
N VAL I 607 7.23 -36.45 48.85
CA VAL I 607 6.72 -37.69 48.30
C VAL I 607 6.10 -38.51 49.44
N ASP I 608 4.75 -38.55 49.44
CA ASP I 608 3.93 -39.20 50.47
C ASP I 608 4.31 -38.77 51.89
N GLY I 609 4.57 -37.47 52.03
CA GLY I 609 4.87 -36.92 53.33
C GLY I 609 6.36 -36.90 53.62
N THR I 610 7.15 -37.56 52.78
CA THR I 610 8.59 -37.62 52.96
C THR I 610 9.24 -36.46 52.22
N GLN I 611 10.01 -35.65 52.94
CA GLN I 611 10.63 -34.47 52.34
C GLN I 611 11.96 -34.84 51.71
N ARG I 612 12.09 -34.56 50.41
CA ARG I 612 13.31 -34.85 49.67
C ARG I 612 13.79 -33.58 48.97
N THR I 613 15.10 -33.50 48.80
CA THR I 613 15.73 -32.50 47.93
C THR I 613 16.49 -33.24 46.86
N VAL I 614 16.25 -32.87 45.60
CA VAL I 614 16.91 -33.50 44.47
C VAL I 614 17.50 -32.42 43.59
N GLN I 615 18.45 -32.82 42.75
CA GLN I 615 19.03 -31.91 41.78
C GLN I 615 18.96 -32.56 40.41
N CYS I 616 18.49 -31.83 39.41
CA CYS I 616 18.52 -32.32 38.02
C CYS I 616 19.74 -31.72 37.35
N LEU I 617 20.68 -32.57 36.93
CA LEU I 617 21.96 -32.05 36.49
C LEU I 617 21.99 -31.86 34.98
N SER I 618 21.28 -32.70 34.25
CA SER I 618 21.24 -32.65 32.81
C SER I 618 19.96 -33.29 32.31
N ARG I 619 19.54 -32.88 31.11
CA ARG I 619 18.36 -33.45 30.48
C ARG I 619 18.64 -33.58 29.00
N GLU I 620 18.14 -34.65 28.39
CA GLU I 620 18.20 -34.79 26.96
C GLU I 620 16.82 -35.02 26.40
N ALA I 621 16.64 -34.63 25.14
CA ALA I 621 15.39 -34.88 24.46
C ALA I 621 15.08 -36.36 24.32
N GLY I 622 16.10 -37.21 24.32
CA GLY I 622 15.91 -38.63 24.14
C GLY I 622 15.42 -39.37 25.36
N GLY I 623 15.15 -38.64 26.44
CA GLY I 623 14.63 -39.19 27.66
C GLY I 623 15.66 -39.35 28.75
N ASN I 624 16.93 -39.19 28.44
CA ASN I 624 17.99 -39.31 29.42
C ASN I 624 17.93 -38.16 30.41
N MET I 625 17.97 -38.49 31.69
CA MET I 625 18.02 -37.45 32.71
C MET I 625 19.08 -37.87 33.72
N SER I 626 19.83 -36.92 34.24
CA SER I 626 20.76 -37.16 35.32
C SER I 626 20.24 -36.48 36.56
N ILE I 627 19.88 -37.28 37.57
CA ILE I 627 19.23 -36.78 38.76
C ILE I 627 20.07 -37.20 39.96
N GLN I 628 20.38 -36.26 40.84
CA GLN I 628 21.12 -36.59 42.04
C GLN I 628 20.11 -36.79 43.14
N PHE I 629 20.15 -37.97 43.75
CA PHE I 629 19.22 -38.41 44.76
C PHE I 629 20.05 -38.99 45.89
N LEU I 630 19.92 -38.38 47.08
CA LEU I 630 20.70 -38.72 48.28
C LEU I 630 22.20 -38.68 48.04
N GLY I 631 22.64 -37.70 47.25
CA GLY I 631 24.04 -37.55 46.99
C GLY I 631 24.57 -38.32 45.80
N THR I 632 23.86 -39.32 45.30
CA THR I 632 24.37 -40.15 44.24
C THR I 632 23.66 -39.81 42.93
N VAL I 633 24.41 -39.72 41.87
CA VAL I 633 23.82 -39.40 40.58
C VAL I 633 23.35 -40.69 39.91
N TYR I 634 22.08 -40.73 39.57
CA TYR I 634 21.48 -41.88 38.92
C TYR I 634 21.12 -41.48 37.51
N LYS I 635 21.32 -42.40 36.57
CA LYS I 635 21.00 -42.17 35.17
C LYS I 635 19.68 -42.86 34.87
N VAL I 636 18.71 -42.08 34.41
CA VAL I 636 17.43 -42.67 34.07
C VAL I 636 17.03 -42.24 32.67
N ASN I 637 16.50 -43.19 31.91
CA ASN I 637 16.05 -42.93 30.55
C ASN I 637 14.55 -43.10 30.53
N ILE I 638 13.82 -42.01 30.34
CA ILE I 638 12.37 -42.03 30.37
C ILE I 638 11.86 -41.89 28.97
N LEU I 639 11.20 -42.92 28.47
CA LEU I 639 10.57 -42.88 27.17
C LEU I 639 9.06 -42.97 27.37
N THR I 640 8.33 -42.46 26.39
CA THR I 640 6.90 -42.68 26.41
C THR I 640 6.63 -44.11 25.99
N ARG I 641 5.45 -44.61 26.32
CA ARG I 641 5.09 -45.97 25.95
C ARG I 641 5.39 -46.25 24.48
N LEU I 642 4.99 -45.33 23.60
CA LEU I 642 5.15 -45.56 22.16
C LEU I 642 6.61 -45.59 21.76
N ALA I 643 7.41 -44.64 22.26
CA ALA I 643 8.83 -44.61 21.94
C ALA I 643 9.54 -45.85 22.44
N ALA I 644 9.18 -46.32 23.65
CA ALA I 644 9.81 -47.52 24.17
C ALA I 644 9.42 -48.76 23.38
N GLU I 645 8.17 -48.85 22.96
CA GLU I 645 7.78 -50.03 22.18
C GLU I 645 8.46 -50.09 20.83
N LEU I 646 8.65 -48.95 20.15
CA LEU I 646 9.30 -48.96 18.84
C LEU I 646 10.81 -48.98 18.95
N ASN I 647 11.38 -48.46 20.03
CA ASN I 647 12.83 -48.41 20.16
C ASN I 647 13.49 -49.78 20.13
N LYS I 648 12.72 -50.85 20.38
CA LYS I 648 13.27 -52.20 20.35
C LYS I 648 13.73 -52.59 18.95
N PHE I 649 13.32 -51.84 17.93
CA PHE I 649 13.68 -52.18 16.56
C PHE I 649 14.99 -51.55 16.14
N MET I 650 15.64 -50.81 17.02
CA MET I 650 16.87 -50.12 16.68
C MET I 650 18.04 -51.10 16.84
N LEU I 651 19.03 -50.97 15.97
CA LEU I 651 20.18 -51.85 16.04
C LEU I 651 21.11 -51.38 17.15
N GLU I 652 21.57 -52.32 17.97
CA GLU I 652 22.43 -52.00 19.10
C GLU I 652 23.86 -51.93 18.61
N LYS I 653 24.17 -50.88 17.87
CA LYS I 653 25.53 -50.69 17.41
C LYS I 653 26.39 -50.14 18.55
N VAL I 654 27.59 -50.68 18.69
CA VAL I 654 28.53 -50.23 19.70
C VAL I 654 29.83 -49.75 19.07
N THR I 655 30.26 -48.55 19.45
CA THR I 655 31.51 -47.98 18.95
C THR I 655 32.62 -48.14 19.99
N GLU I 656 33.87 -47.89 19.57
CA GLU I 656 35.01 -48.04 20.47
C GLU I 656 35.32 -46.75 21.22
N ASP I 657 35.64 -46.88 22.51
CA ASP I 657 36.05 -45.76 23.33
C ASP I 657 37.57 -45.67 23.20
N THR I 658 38.06 -44.62 22.54
CA THR I 658 39.48 -44.47 22.24
C THR I 658 39.98 -43.24 22.99
N SER I 659 39.62 -43.16 24.26
CA SER I 659 39.99 -42.03 25.09
C SER I 659 41.44 -42.08 25.52
N SER I 660 42.15 -43.18 25.26
CA SER I 660 43.57 -43.25 25.56
C SER I 660 44.44 -42.68 24.44
N VAL I 661 43.85 -42.35 23.29
CA VAL I 661 44.62 -41.92 22.14
C VAL I 661 44.45 -40.42 21.96
N LEU I 662 45.47 -39.66 22.32
CA LEU I 662 45.40 -38.20 22.37
C LEU I 662 46.08 -37.65 21.13
N ARG I 663 45.31 -37.00 20.26
CA ARG I 663 45.80 -36.52 18.98
C ARG I 663 45.74 -35.00 18.95
N SER I 664 46.53 -34.40 18.09
CA SER I 664 46.58 -32.94 17.96
C SER I 664 45.30 -32.42 17.32
N PRO I 665 44.59 -31.50 17.98
CA PRO I 665 43.37 -30.96 17.36
C PRO I 665 43.64 -29.85 16.37
N MET I 666 44.90 -29.42 16.25
CA MET I 666 45.24 -28.20 15.53
C MET I 666 46.71 -28.26 15.15
N PRO I 667 47.05 -27.93 13.91
CA PRO I 667 48.45 -27.94 13.49
C PRO I 667 49.24 -26.82 14.17
N GLY I 668 50.54 -27.06 14.33
CA GLY I 668 51.42 -26.10 14.96
C GLY I 668 52.63 -26.74 15.62
N VAL I 669 53.38 -25.96 16.38
CA VAL I 669 54.58 -26.46 17.04
C VAL I 669 54.28 -26.77 18.49
N VAL I 670 54.77 -27.92 18.95
CA VAL I 670 54.65 -28.37 20.33
C VAL I 670 55.64 -27.59 21.20
N VAL I 671 55.12 -26.87 22.19
CA VAL I 671 55.93 -26.01 23.05
C VAL I 671 56.09 -26.58 24.45
N ALA I 672 55.17 -27.44 24.89
CA ALA I 672 55.30 -28.08 26.20
C ALA I 672 54.66 -29.45 26.21
N VAL I 673 55.27 -30.39 26.93
CA VAL I 673 54.63 -31.66 27.26
C VAL I 673 54.79 -31.84 28.76
N SER I 674 53.66 -32.04 29.45
CA SER I 674 53.68 -32.03 30.92
C SER I 674 54.11 -33.38 31.49
N VAL I 675 54.18 -34.34 30.57
CA VAL I 675 54.42 -35.72 30.88
C VAL I 675 55.54 -36.42 30.10
N LYS I 676 55.93 -37.52 30.73
CA LYS I 676 56.76 -38.64 30.31
C LYS I 676 56.05 -39.96 30.66
N PRO I 677 56.42 -41.09 30.01
CA PRO I 677 55.79 -42.36 30.36
C PRO I 677 55.86 -42.69 31.85
N GLY I 678 54.74 -43.14 32.41
CA GLY I 678 54.67 -43.44 33.83
C GLY I 678 54.05 -42.32 34.65
N ASP I 679 53.98 -41.12 34.10
CA ASP I 679 53.38 -39.99 34.81
C ASP I 679 51.90 -40.24 35.01
N ALA I 680 51.38 -39.82 36.17
CA ALA I 680 49.97 -39.91 36.45
C ALA I 680 49.21 -38.88 35.63
N VAL I 681 48.00 -39.24 35.20
CA VAL I 681 47.15 -38.35 34.43
C VAL I 681 45.76 -38.37 35.08
N ALA I 682 45.24 -37.17 35.35
CA ALA I 682 43.86 -36.98 35.78
C ALA I 682 43.00 -36.56 34.59
N GLU I 683 41.70 -36.80 34.72
CA GLU I 683 40.73 -36.33 33.73
C GLU I 683 40.73 -34.80 33.71
N GLY I 684 40.87 -34.23 32.53
CA GLY I 684 40.97 -32.80 32.37
C GLY I 684 42.37 -32.26 32.55
N GLN I 685 43.35 -33.13 32.77
CA GLN I 685 44.72 -32.72 33.00
C GLN I 685 45.35 -32.28 31.69
N GLU I 686 46.04 -31.14 31.73
CA GLU I 686 46.79 -30.70 30.56
C GLU I 686 47.94 -31.65 30.27
N ILE I 687 48.07 -32.05 29.01
CA ILE I 687 49.12 -32.99 28.61
C ILE I 687 50.09 -32.25 27.71
N CYS I 688 49.58 -31.66 26.62
CA CYS I 688 50.42 -31.03 25.63
C CYS I 688 49.89 -29.63 25.34
N VAL I 689 50.79 -28.74 24.95
CA VAL I 689 50.44 -27.42 24.46
C VAL I 689 51.03 -27.22 23.07
N ILE I 690 50.19 -26.84 22.12
CA ILE I 690 50.62 -26.57 20.75
C ILE I 690 50.64 -25.06 20.60
N GLU I 691 51.42 -24.56 19.65
CA GLU I 691 51.49 -23.12 19.45
C GLU I 691 51.45 -22.68 17.99
N ALA I 692 50.28 -22.21 17.56
CA ALA I 692 50.12 -21.72 16.19
C ALA I 692 49.33 -20.43 16.19
N MET I 693 49.73 -19.52 15.30
CA MET I 693 49.22 -18.16 15.20
C MET I 693 49.31 -17.47 16.56
N LYS I 694 50.46 -17.71 17.21
CA LYS I 694 50.93 -17.32 18.54
C LYS I 694 49.81 -17.37 19.57
N MET I 695 49.30 -18.58 19.76
CA MET I 695 48.35 -18.93 20.81
C MET I 695 48.87 -20.19 21.50
N GLN I 696 48.15 -20.64 22.52
CA GLN I 696 48.55 -21.83 23.26
C GLN I 696 47.44 -22.87 23.41
N ASN I 697 47.05 -23.48 22.29
CA ASN I 697 46.01 -24.51 22.33
C ASN I 697 46.43 -25.59 23.31
N SER I 698 45.62 -25.82 24.33
CA SER I 698 45.95 -26.81 25.34
C SER I 698 45.16 -28.09 25.11
N MET I 699 45.87 -29.21 25.03
CA MET I 699 45.25 -30.53 24.86
C MET I 699 45.24 -31.25 26.20
N THR I 700 44.06 -31.68 26.62
CA THR I 700 43.88 -32.34 27.90
C THR I 700 43.52 -33.81 27.72
N ALA I 701 43.75 -34.61 28.77
CA ALA I 701 43.41 -36.03 28.77
C ALA I 701 41.93 -36.24 29.06
N GLY I 702 41.35 -37.24 28.40
CA GLY I 702 40.02 -37.68 28.76
C GLY I 702 39.96 -38.95 29.58
N LYS I 703 41.10 -39.41 30.09
CA LYS I 703 41.15 -40.68 30.79
C LYS I 703 42.10 -40.56 31.96
N THR I 704 41.72 -41.19 33.09
CA THR I 704 42.60 -41.25 34.25
C THR I 704 43.48 -42.46 34.10
N GLY I 705 44.74 -42.33 34.48
CA GLY I 705 45.69 -43.42 34.37
C GLY I 705 47.10 -42.90 34.41
N THR I 706 47.98 -43.57 33.69
CA THR I 706 49.37 -43.15 33.53
C THR I 706 49.69 -43.11 32.05
N VAL I 707 50.74 -42.39 31.68
CA VAL I 707 51.12 -42.30 30.28
C VAL I 707 51.89 -43.54 29.85
N LYS I 708 51.54 -44.08 28.68
CA LYS I 708 52.24 -45.23 28.16
C LYS I 708 53.39 -44.80 27.25
N SER I 709 53.13 -43.81 26.40
CA SER I 709 54.15 -43.32 25.48
C SER I 709 53.88 -41.87 25.14
N VAL I 710 54.97 -41.11 25.00
CA VAL I 710 54.89 -39.73 24.52
C VAL I 710 55.49 -39.75 23.12
N HIS I 711 54.65 -39.46 22.12
CA HIS I 711 55.03 -39.63 20.73
C HIS I 711 55.61 -38.36 20.11
N CYS I 712 55.18 -37.19 20.57
CA CYS I 712 55.72 -35.93 20.06
C CYS I 712 56.30 -35.12 21.22
N GLN I 713 57.49 -34.56 21.00
CA GLN I 713 58.20 -33.83 22.03
C GLN I 713 58.15 -32.33 21.74
N ALA I 714 58.43 -31.53 22.76
CA ALA I 714 58.54 -30.07 22.59
C ALA I 714 59.60 -29.75 21.53
N GLY I 715 59.27 -28.87 20.60
CA GLY I 715 60.18 -28.55 19.51
C GLY I 715 59.81 -29.22 18.21
N ASP I 716 58.98 -30.25 18.30
CA ASP I 716 58.51 -30.98 17.12
C ASP I 716 57.37 -30.19 16.49
N THR I 717 57.18 -30.36 15.18
CA THR I 717 56.04 -29.76 14.51
C THR I 717 55.02 -30.83 14.13
N VAL I 718 53.75 -30.59 14.45
CA VAL I 718 52.73 -31.61 14.23
C VAL I 718 51.60 -31.02 13.41
N GLY I 719 50.86 -31.89 12.72
CA GLY I 719 49.68 -31.50 11.97
C GLY I 719 48.40 -31.93 12.66
N GLU I 720 47.29 -31.70 11.97
CA GLU I 720 45.99 -32.08 12.51
C GLU I 720 45.81 -33.59 12.46
N GLY I 721 45.45 -34.17 13.60
CA GLY I 721 45.26 -35.59 13.71
C GLY I 721 46.48 -36.39 14.11
N ASP I 722 47.67 -35.78 14.17
CA ASP I 722 48.87 -36.51 14.57
C ASP I 722 48.79 -36.92 16.04
N LEU I 723 49.37 -38.07 16.33
CA LEU I 723 49.35 -38.63 17.67
C LEU I 723 50.39 -37.93 18.53
N LEU I 724 49.96 -37.41 19.67
CA LEU I 724 50.85 -36.74 20.61
C LEU I 724 51.25 -37.62 21.76
N VAL I 725 50.28 -38.21 22.47
CA VAL I 725 50.56 -39.00 23.65
C VAL I 725 49.57 -40.18 23.69
N GLU I 726 50.03 -41.32 24.19
CA GLU I 726 49.18 -42.50 24.31
C GLU I 726 49.15 -42.95 25.76
N LEU I 727 47.94 -43.08 26.28
CA LEU I 727 47.72 -43.43 27.68
C LEU I 727 47.55 -44.94 27.80
N GLU I 728 47.76 -45.44 29.01
CA GLU I 728 47.44 -46.82 29.35
C GLU I 728 45.95 -46.97 29.60
N THR J 33 -19.96 -57.63 -3.40
CA THR J 33 -19.11 -56.78 -2.57
C THR J 33 -19.67 -55.36 -2.50
N SER J 34 -19.91 -54.90 -1.28
CA SER J 34 -20.45 -53.55 -1.09
C SER J 34 -19.31 -52.54 -1.19
N VAL J 35 -19.68 -51.27 -1.33
CA VAL J 35 -18.69 -50.21 -1.37
C VAL J 35 -17.95 -50.09 -0.05
N ASN J 36 -18.64 -50.35 1.07
CA ASN J 36 -18.01 -50.27 2.38
C ASN J 36 -16.93 -51.33 2.55
N GLU J 37 -17.14 -52.51 1.96
CA GLU J 37 -16.14 -53.55 2.06
C GLU J 37 -14.89 -53.19 1.29
N ARG J 38 -15.09 -52.60 0.11
CA ARG J 38 -13.98 -52.17 -0.72
C ARG J 38 -13.17 -51.07 -0.05
N ILE J 39 -13.88 -50.16 0.62
CA ILE J 39 -13.27 -49.06 1.36
C ILE J 39 -12.42 -49.60 2.50
N GLU J 40 -12.96 -50.53 3.27
CA GLU J 40 -12.22 -51.14 4.37
C GLU J 40 -10.98 -51.87 3.87
N ASN J 41 -11.09 -52.56 2.74
CA ASN J 41 -9.95 -53.26 2.19
C ASN J 41 -8.86 -52.32 1.74
N LYS J 42 -9.23 -51.15 1.24
CA LYS J 42 -8.25 -50.15 0.82
C LYS J 42 -7.55 -49.51 2.03
N ARG J 43 -8.31 -49.34 3.12
CA ARG J 43 -7.79 -48.74 4.33
C ARG J 43 -6.71 -49.68 4.90
N ARG J 44 -7.01 -50.98 4.97
CA ARG J 44 -6.07 -51.97 5.47
C ARG J 44 -4.80 -52.04 4.63
N THR J 45 -4.94 -52.00 3.31
CA THR J 45 -3.76 -51.97 2.46
C THR J 45 -2.96 -50.67 2.60
N ALA J 46 -3.64 -49.52 2.69
CA ALA J 46 -2.92 -48.27 2.85
C ALA J 46 -2.07 -48.27 4.10
N LEU J 47 -2.57 -48.88 5.17
CA LEU J 47 -1.79 -48.96 6.39
C LEU J 47 -0.60 -49.89 6.25
N LEU J 48 -0.77 -51.03 5.55
CA LEU J 48 0.37 -51.89 5.32
C LEU J 48 1.34 -51.30 4.32
N GLY J 49 0.86 -50.49 3.39
CA GLY J 49 1.74 -49.88 2.40
C GLY J 49 2.33 -50.93 1.46
N GLY J 50 3.62 -51.12 1.54
CA GLY J 50 4.31 -52.11 0.72
C GLY J 50 4.10 -53.54 1.13
N GLY J 51 3.41 -53.79 2.24
CA GLY J 51 3.15 -55.13 2.69
C GLY J 51 3.96 -55.49 3.93
N GLN J 52 3.44 -56.47 4.67
CA GLN J 52 4.02 -56.86 5.95
C GLN J 52 5.44 -57.39 5.83
N ARG J 53 5.75 -58.07 4.74
CA ARG J 53 7.09 -58.62 4.58
C ARG J 53 8.12 -57.52 4.37
N ARG J 54 7.70 -56.47 3.67
CA ARG J 54 8.55 -55.30 3.46
C ARG J 54 8.73 -54.62 4.82
N ILE J 55 7.63 -54.45 5.55
CA ILE J 55 7.69 -53.84 6.88
C ILE J 55 8.64 -54.62 7.78
N ASP J 56 8.54 -55.95 7.75
CA ASP J 56 9.49 -56.78 8.50
C ASP J 56 10.93 -56.47 8.15
N ALA J 57 11.24 -56.35 6.86
CA ALA J 57 12.59 -55.99 6.45
C ALA J 57 12.97 -54.59 6.91
N GLN J 58 12.00 -53.66 6.89
CA GLN J 58 12.22 -52.30 7.35
C GLN J 58 12.73 -52.28 8.77
N HIS J 59 12.14 -53.10 9.64
CA HIS J 59 12.59 -53.20 11.02
C HIS J 59 13.90 -53.94 11.16
N LYS J 60 14.13 -54.96 10.33
CA LYS J 60 15.38 -55.71 10.37
C LYS J 60 16.57 -54.79 10.13
N ARG J 61 16.37 -53.83 9.26
CA ARG J 61 17.40 -52.87 8.92
C ARG J 61 17.56 -51.79 9.97
N GLY J 62 16.69 -51.81 10.98
CA GLY J 62 16.78 -50.82 12.04
C GLY J 62 16.08 -49.51 11.75
N LYS J 63 15.05 -49.53 10.90
CA LYS J 63 14.32 -48.34 10.50
C LYS J 63 12.87 -48.50 10.90
N LEU J 64 12.22 -47.37 11.15
CA LEU J 64 10.79 -47.33 11.43
C LEU J 64 10.04 -47.10 10.14
N THR J 65 8.76 -47.43 10.12
CA THR J 65 8.03 -47.12 8.91
C THR J 65 7.64 -45.65 8.92
N ALA J 66 7.19 -45.17 7.74
CA ALA J 66 6.74 -43.79 7.59
C ALA J 66 5.60 -43.42 8.52
N ARG J 67 4.67 -44.34 8.74
CA ARG J 67 3.59 -44.05 9.67
C ARG J 67 4.04 -44.11 11.12
N GLU J 68 4.95 -45.03 11.46
CA GLU J 68 5.44 -45.06 12.84
C GLU J 68 6.21 -43.79 13.16
N ARG J 69 6.97 -43.28 12.20
CA ARG J 69 7.69 -42.03 12.42
C ARG J 69 6.74 -40.87 12.66
N ILE J 70 5.65 -40.78 11.90
CA ILE J 70 4.74 -39.68 12.20
C ILE J 70 4.11 -39.82 13.58
N SER J 71 3.69 -41.01 13.98
CA SER J 71 3.07 -41.19 15.29
C SER J 71 3.98 -40.70 16.41
N LEU J 72 5.28 -40.92 16.27
CA LEU J 72 6.23 -40.42 17.25
C LEU J 72 6.36 -38.91 17.20
N LEU J 73 6.33 -38.33 16.01
CA LEU J 73 6.64 -36.91 15.87
C LEU J 73 5.53 -36.03 16.41
N LEU J 74 4.28 -36.34 16.10
CA LEU J 74 3.17 -35.46 16.39
C LEU J 74 2.48 -35.83 17.68
N ASP J 75 1.79 -34.86 18.24
CA ASP J 75 0.95 -35.08 19.41
C ASP J 75 0.02 -36.25 19.17
N PRO J 76 -0.12 -37.16 20.13
CA PRO J 76 -0.99 -38.33 19.94
C PRO J 76 -2.39 -37.92 19.51
N GLY J 77 -2.87 -38.53 18.42
CA GLY J 77 -4.23 -38.33 18.00
C GLY J 77 -4.46 -37.09 17.18
N SER J 78 -3.44 -36.27 17.01
CA SER J 78 -3.57 -35.00 16.30
C SER J 78 -3.43 -35.12 14.79
N PHE J 79 -2.98 -36.26 14.28
CA PHE J 79 -2.66 -36.39 12.87
C PHE J 79 -3.91 -36.73 12.06
N VAL J 80 -4.14 -35.99 10.99
CA VAL J 80 -5.22 -36.29 10.05
C VAL J 80 -4.62 -36.51 8.69
N GLU J 81 -4.82 -37.71 8.15
CA GLU J 81 -4.29 -38.14 6.87
C GLU J 81 -5.17 -37.65 5.74
N SER J 82 -4.53 -37.18 4.67
CA SER J 82 -5.21 -36.69 3.49
C SER J 82 -4.90 -37.61 2.33
N ASP J 83 -5.83 -37.70 1.38
CA ASP J 83 -5.65 -38.39 0.08
C ASP J 83 -5.12 -39.81 0.25
N MET J 84 -5.65 -40.53 1.23
CA MET J 84 -5.15 -41.86 1.49
C MET J 84 -5.52 -42.84 0.38
N PHE J 85 -6.52 -42.51 -0.44
CA PHE J 85 -7.00 -43.42 -1.46
C PHE J 85 -6.51 -43.09 -2.85
N VAL J 86 -5.56 -42.21 -2.98
CA VAL J 86 -5.06 -41.84 -4.30
C VAL J 86 -4.06 -42.88 -4.80
N GLU J 87 -4.22 -43.26 -6.06
CA GLU J 87 -3.33 -44.21 -6.71
C GLU J 87 -2.82 -43.62 -8.01
N HIS J 88 -1.70 -44.16 -8.48
CA HIS J 88 -1.12 -43.72 -9.74
C HIS J 88 -2.03 -44.03 -10.91
N ARG J 89 -1.91 -43.22 -11.96
CA ARG J 89 -2.72 -43.38 -13.14
C ARG J 89 -1.88 -43.91 -14.29
N CYS J 90 -0.62 -44.18 -13.99
CA CYS J 90 0.31 -44.71 -14.96
C CYS J 90 -0.23 -46.01 -15.54
N ALA J 91 0.23 -46.31 -16.75
CA ALA J 91 -0.09 -47.51 -17.49
C ALA J 91 0.97 -47.54 -18.60
N ASP J 92 2.19 -47.91 -18.24
CA ASP J 92 3.30 -47.91 -19.19
C ASP J 92 4.09 -49.19 -19.36
N PHE J 93 4.71 -49.69 -18.28
CA PHE J 93 5.50 -50.91 -18.37
C PHE J 93 4.85 -52.03 -17.60
N GLY J 94 3.52 -52.07 -17.64
CA GLY J 94 2.78 -53.11 -16.94
C GLY J 94 2.32 -52.60 -15.60
N MET J 95 2.78 -51.43 -15.23
CA MET J 95 2.38 -50.84 -13.96
C MET J 95 0.87 -50.85 -13.87
N ALA J 96 0.22 -50.96 -15.02
CA ALA J 96 -1.23 -51.00 -15.05
C ALA J 96 -1.68 -52.24 -14.30
N ALA J 97 -0.70 -53.00 -13.83
CA ALA J 97 -0.93 -54.22 -13.08
C ALA J 97 -1.39 -53.95 -11.62
N ASP J 98 -2.56 -54.48 -11.31
CA ASP J 98 -3.16 -54.34 -9.99
C ASP J 98 -2.15 -54.77 -8.94
N LYS J 99 -1.29 -55.71 -9.30
CA LYS J 99 -0.26 -56.15 -8.38
C LYS J 99 0.72 -54.99 -8.19
N ASN J 100 0.70 -54.05 -9.12
CA ASN J 100 1.58 -52.91 -9.09
C ASN J 100 0.94 -51.62 -8.59
N LYS J 101 -0.30 -51.64 -8.12
CA LYS J 101 -0.89 -50.38 -7.63
C LYS J 101 -1.37 -50.33 -6.17
N PHE J 102 -0.62 -49.64 -5.30
CA PHE J 102 -0.99 -49.52 -3.89
C PHE J 102 -1.60 -48.16 -3.61
N PRO J 103 -2.32 -48.05 -2.51
CA PRO J 103 -2.96 -46.80 -2.07
C PRO J 103 -1.96 -45.95 -1.31
N GLY J 104 -1.98 -44.67 -1.58
CA GLY J 104 -1.05 -43.75 -0.94
C GLY J 104 0.12 -43.39 -1.78
N ASP J 105 0.45 -44.25 -2.76
CA ASP J 105 1.50 -44.05 -3.75
C ASP J 105 2.78 -43.49 -3.12
N SER J 106 3.22 -44.21 -2.08
CA SER J 106 4.53 -44.09 -1.45
C SER J 106 4.75 -42.83 -0.60
N VAL J 107 3.71 -42.09 -0.25
CA VAL J 107 3.87 -40.97 0.66
C VAL J 107 2.68 -40.97 1.62
N VAL J 108 2.95 -40.61 2.87
CA VAL J 108 1.93 -40.35 3.86
C VAL J 108 1.91 -38.85 4.09
N THR J 109 0.76 -38.23 3.86
CA THR J 109 0.63 -36.79 3.99
C THR J 109 -0.49 -36.47 4.96
N GLY J 110 -0.38 -35.34 5.64
CA GLY J 110 -1.46 -34.92 6.50
C GLY J 110 -1.02 -33.79 7.40
N ARG J 111 -1.88 -33.47 8.37
CA ARG J 111 -1.60 -32.36 9.26
C ARG J 111 -1.76 -32.78 10.71
N GLY J 112 -1.12 -32.04 11.59
CA GLY J 112 -1.28 -32.27 13.01
C GLY J 112 -0.74 -31.12 13.82
N ARG J 113 -0.40 -31.41 15.07
CA ARG J 113 0.12 -30.42 15.99
C ARG J 113 1.28 -31.01 16.77
N ILE J 114 2.22 -30.15 17.14
CA ILE J 114 3.26 -30.50 18.09
C ILE J 114 3.11 -29.51 19.23
N ASN J 115 2.80 -30.04 20.43
CA ASN J 115 2.52 -29.26 21.63
C ASN J 115 1.42 -28.23 21.43
N GLY J 116 0.38 -28.60 20.69
CA GLY J 116 -0.70 -27.70 20.43
C GLY J 116 -0.51 -26.78 19.26
N ARG J 117 0.65 -26.78 18.61
CA ARG J 117 0.90 -25.84 17.52
C ARG J 117 0.78 -26.55 16.19
N LEU J 118 0.06 -25.92 15.27
CA LEU J 118 -0.22 -26.50 13.97
C LEU J 118 1.04 -26.69 13.16
N VAL J 119 1.18 -27.88 12.57
CA VAL J 119 2.28 -28.15 11.65
C VAL J 119 1.78 -29.13 10.60
N TYR J 120 2.30 -29.01 9.38
CA TYR J 120 2.03 -29.93 8.30
C TYR J 120 3.22 -30.85 8.14
N VAL J 121 2.97 -32.11 7.81
CA VAL J 121 4.03 -33.09 7.62
C VAL J 121 3.77 -33.90 6.37
N PHE J 122 4.82 -34.53 5.88
CA PHE J 122 4.71 -35.64 4.95
C PHE J 122 5.91 -36.55 5.18
N SER J 123 5.73 -37.82 4.85
CA SER J 123 6.80 -38.78 5.04
C SER J 123 6.81 -39.73 3.85
N GLN J 124 7.98 -39.97 3.28
CA GLN J 124 8.11 -40.87 2.15
C GLN J 124 8.25 -42.30 2.64
N ASP J 125 7.56 -43.22 1.98
CA ASP J 125 7.51 -44.62 2.37
C ASP J 125 8.40 -45.44 1.46
N PHE J 126 9.52 -45.93 1.99
CA PHE J 126 10.51 -46.64 1.18
C PHE J 126 10.03 -48.02 0.73
N THR J 127 8.97 -48.55 1.35
CA THR J 127 8.60 -49.94 1.07
C THR J 127 7.73 -50.04 -0.18
N VAL J 128 7.33 -48.90 -0.74
CA VAL J 128 6.47 -48.90 -1.92
C VAL J 128 7.24 -48.34 -3.11
N PHE J 129 7.60 -49.22 -4.04
CA PHE J 129 8.50 -48.95 -5.18
C PHE J 129 9.81 -48.31 -4.76
N GLY J 130 10.32 -48.63 -3.57
CA GLY J 130 11.57 -48.07 -3.14
C GLY J 130 11.51 -46.62 -2.72
N GLY J 131 10.30 -46.08 -2.57
CA GLY J 131 10.13 -44.69 -2.19
C GLY J 131 10.33 -43.74 -3.35
N SER J 132 10.35 -44.29 -4.56
CA SER J 132 10.59 -43.50 -5.76
C SER J 132 9.46 -42.49 -5.99
N LEU J 133 9.78 -41.42 -6.70
CA LEU J 133 8.83 -40.32 -6.87
C LEU J 133 8.04 -40.48 -8.17
N SER J 134 6.72 -40.43 -8.05
CA SER J 134 5.85 -40.46 -9.21
C SER J 134 5.21 -39.10 -9.41
N GLY J 135 4.46 -38.95 -10.49
CA GLY J 135 3.69 -37.74 -10.69
C GLY J 135 2.75 -37.50 -9.53
N ALA J 136 1.89 -38.49 -9.23
CA ALA J 136 0.93 -38.36 -8.13
C ALA J 136 1.63 -38.18 -6.78
N HIS J 137 2.78 -38.81 -6.60
CA HIS J 137 3.59 -38.64 -5.40
C HIS J 137 3.86 -37.16 -5.13
N ALA J 138 4.39 -36.46 -6.14
CA ALA J 138 4.72 -35.06 -5.99
C ALA J 138 3.48 -34.22 -5.77
N GLN J 139 2.40 -34.60 -6.44
CA GLN J 139 1.21 -33.81 -6.39
C GLN J 139 0.71 -33.70 -4.96
N LYS J 140 0.75 -34.81 -4.25
CA LYS J 140 0.31 -34.86 -2.85
C LYS J 140 1.21 -34.02 -1.96
N ILE J 141 2.52 -34.08 -2.20
CA ILE J 141 3.44 -33.23 -1.44
C ILE J 141 3.17 -31.76 -1.74
N CYS J 142 2.93 -31.41 -3.01
CA CYS J 142 2.65 -30.03 -3.37
C CYS J 142 1.39 -29.49 -2.70
N LYS J 143 0.38 -30.36 -2.63
CA LYS J 143 -0.87 -30.02 -1.97
C LYS J 143 -0.56 -29.59 -0.53
N ILE J 144 0.29 -30.33 0.17
CA ILE J 144 0.61 -29.93 1.54
C ILE J 144 1.35 -28.60 1.57
N MET J 145 2.26 -28.43 0.62
CA MET J 145 3.04 -27.22 0.48
C MET J 145 2.16 -25.99 0.26
N ASP J 146 1.07 -26.14 -0.46
CA ASP J 146 0.14 -25.06 -0.74
C ASP J 146 -0.75 -24.75 0.46
N GLN J 147 -1.21 -25.75 1.20
CA GLN J 147 -2.04 -25.44 2.35
C GLN J 147 -1.20 -24.77 3.41
N ALA J 148 0.01 -25.24 3.63
CA ALA J 148 0.85 -24.64 4.65
C ALA J 148 1.18 -23.20 4.35
N ILE J 149 1.46 -22.87 3.08
CA ILE J 149 1.77 -21.50 2.75
C ILE J 149 0.55 -20.61 2.97
N THR J 150 -0.62 -21.08 2.55
CA THR J 150 -1.85 -20.28 2.68
C THR J 150 -2.17 -19.97 4.13
N VAL J 151 -2.08 -20.97 5.02
CA VAL J 151 -2.42 -20.67 6.41
C VAL J 151 -1.26 -20.09 7.19
N GLY J 152 -0.03 -20.42 6.85
CA GLY J 152 1.11 -19.96 7.60
C GLY J 152 1.54 -20.90 8.70
N ALA J 153 1.82 -22.15 8.37
CA ALA J 153 2.22 -23.19 9.27
C ALA J 153 3.49 -23.84 8.73
N PRO J 154 4.41 -24.29 9.58
CA PRO J 154 5.62 -24.93 9.09
C PRO J 154 5.30 -26.25 8.41
N VAL J 155 6.24 -26.70 7.58
CA VAL J 155 6.19 -28.01 6.97
C VAL J 155 7.43 -28.78 7.38
N ILE J 156 7.27 -29.99 7.88
CA ILE J 156 8.36 -30.89 8.21
C ILE J 156 8.26 -32.09 7.30
N GLY J 157 9.29 -32.32 6.51
CA GLY J 157 9.34 -33.47 5.62
C GLY J 157 10.28 -34.52 6.19
N LEU J 158 9.90 -35.79 6.02
CA LEU J 158 10.74 -36.92 6.38
C LEU J 158 11.07 -37.62 5.07
N ASN J 159 12.30 -37.44 4.59
CA ASN J 159 12.64 -37.88 3.26
C ASN J 159 13.39 -39.19 3.26
N ASP J 160 13.05 -40.04 2.29
CA ASP J 160 13.62 -41.36 2.06
C ASP J 160 13.16 -41.81 0.69
N SER J 161 14.05 -41.83 -0.29
CA SER J 161 13.64 -42.10 -1.67
C SER J 161 14.79 -42.69 -2.47
N GLY J 162 14.45 -43.45 -3.50
CA GLY J 162 15.46 -44.09 -4.31
C GLY J 162 15.65 -43.26 -5.56
N GLY J 163 14.92 -42.16 -5.65
CA GLY J 163 14.97 -41.30 -6.81
C GLY J 163 13.71 -41.36 -7.65
N ALA J 164 13.83 -40.93 -8.90
CA ALA J 164 12.69 -40.87 -9.80
C ALA J 164 12.19 -42.26 -10.14
N ARG J 165 10.88 -42.38 -10.35
CA ARG J 165 10.26 -43.62 -10.78
C ARG J 165 10.35 -43.67 -12.30
N ILE J 166 11.34 -44.40 -12.82
CA ILE J 166 11.52 -44.43 -14.27
C ILE J 166 10.39 -45.01 -15.07
N GLN J 167 9.53 -45.82 -14.46
CA GLN J 167 8.45 -46.40 -15.24
C GLN J 167 7.54 -45.31 -15.81
N GLU J 168 7.45 -44.16 -15.15
CA GLU J 168 6.63 -43.08 -15.67
C GLU J 168 7.44 -42.16 -16.57
N GLY J 169 8.73 -42.11 -16.39
CA GLY J 169 9.60 -41.35 -17.29
C GLY J 169 9.70 -39.88 -16.89
N VAL J 170 9.08 -39.01 -17.68
CA VAL J 170 9.22 -37.57 -17.53
C VAL J 170 8.19 -36.97 -16.60
N GLU J 171 7.20 -37.76 -16.21
CA GLU J 171 6.19 -37.31 -15.27
C GLU J 171 6.81 -36.99 -13.92
N SER J 172 7.77 -37.81 -13.49
CA SER J 172 8.43 -37.61 -12.21
C SER J 172 9.35 -36.40 -12.23
N LEU J 173 9.89 -36.05 -13.41
CA LEU J 173 10.72 -34.86 -13.51
C LEU J 173 9.90 -33.59 -13.32
N ALA J 174 8.69 -33.56 -13.88
CA ALA J 174 7.76 -32.47 -13.56
C ALA J 174 7.40 -32.45 -12.08
N GLY J 175 7.28 -33.63 -11.46
CA GLY J 175 7.03 -33.68 -10.03
C GLY J 175 8.07 -32.91 -9.22
N TYR J 176 9.35 -33.18 -9.48
CA TYR J 176 10.45 -32.46 -8.83
C TYR J 176 10.39 -30.97 -9.05
N ALA J 177 10.12 -30.55 -10.29
CA ALA J 177 10.05 -29.13 -10.59
C ALA J 177 8.96 -28.44 -9.80
N ASP J 178 7.78 -29.07 -9.67
CA ASP J 178 6.70 -28.46 -8.91
C ASP J 178 7.04 -28.37 -7.42
N ILE J 179 7.69 -29.40 -6.88
CA ILE J 179 8.11 -29.36 -5.47
C ILE J 179 9.14 -28.25 -5.26
N PHE J 180 10.09 -28.14 -6.17
CA PHE J 180 11.12 -27.11 -6.06
C PHE J 180 10.52 -25.72 -6.08
N LEU J 181 9.53 -25.52 -6.94
CA LEU J 181 8.85 -24.23 -7.02
C LEU J 181 8.16 -23.89 -5.72
N ARG J 182 7.52 -24.86 -5.07
CA ARG J 182 6.90 -24.57 -3.78
C ARG J 182 7.94 -24.28 -2.70
N ASN J 183 9.06 -25.01 -2.71
CA ASN J 183 10.09 -24.83 -1.70
C ASN J 183 10.74 -23.47 -1.80
N VAL J 184 10.86 -22.96 -3.02
CA VAL J 184 11.39 -21.62 -3.19
C VAL J 184 10.35 -20.59 -2.78
N THR J 185 9.10 -20.77 -3.21
CA THR J 185 8.04 -19.84 -2.84
C THR J 185 7.88 -19.74 -1.33
N ALA J 186 7.98 -20.86 -0.62
CA ALA J 186 7.79 -20.81 0.83
C ALA J 186 8.96 -20.19 1.59
N SER J 187 10.09 -19.92 0.94
CA SER J 187 11.26 -19.43 1.65
C SER J 187 10.98 -18.06 2.26
N GLY J 188 11.23 -17.92 3.54
CA GLY J 188 11.00 -16.68 4.24
C GLY J 188 9.55 -16.47 4.62
N VAL J 189 8.70 -17.44 4.35
CA VAL J 189 7.28 -17.36 4.66
C VAL J 189 6.91 -18.33 5.77
N ILE J 190 7.30 -19.58 5.64
CA ILE J 190 7.08 -20.58 6.67
C ILE J 190 8.41 -21.32 6.88
N PRO J 191 8.73 -21.80 8.08
CA PRO J 191 9.94 -22.59 8.24
C PRO J 191 9.81 -23.87 7.45
N GLN J 192 10.91 -24.32 6.87
CA GLN J 192 10.94 -25.60 6.18
C GLN J 192 12.06 -26.45 6.75
N ILE J 193 11.69 -27.58 7.34
CA ILE J 193 12.61 -28.49 8.00
C ILE J 193 12.58 -29.80 7.24
N SER J 194 13.75 -30.35 6.94
CA SER J 194 13.83 -31.62 6.26
C SER J 194 14.72 -32.57 7.04
N LEU J 195 14.14 -33.68 7.49
CA LEU J 195 14.86 -34.72 8.21
C LEU J 195 15.02 -35.91 7.29
N ILE J 196 16.24 -36.35 7.08
CA ILE J 196 16.53 -37.46 6.18
C ILE J 196 16.58 -38.72 7.01
N MET J 197 15.80 -39.72 6.61
CA MET J 197 15.66 -40.91 7.41
C MET J 197 16.11 -42.15 6.65
N GLY J 198 16.83 -41.96 5.56
CA GLY J 198 17.28 -43.06 4.72
C GLY J 198 18.03 -42.55 3.52
N PRO J 199 18.25 -43.39 2.53
CA PRO J 199 18.99 -42.92 1.36
C PRO J 199 18.17 -41.94 0.55
N CYS J 200 18.85 -41.12 -0.26
CA CYS J 200 18.21 -40.13 -1.12
C CYS J 200 19.08 -39.94 -2.34
N ALA J 201 18.50 -40.11 -3.52
CA ALA J 201 19.27 -40.12 -4.75
C ALA J 201 18.48 -39.41 -5.83
N GLY J 202 19.19 -38.98 -6.86
CA GLY J 202 18.59 -38.23 -7.93
C GLY J 202 18.15 -36.86 -7.49
N GLY J 203 17.10 -36.37 -8.18
CA GLY J 203 16.59 -35.04 -7.93
C GLY J 203 16.10 -34.80 -6.52
N ALA J 204 15.75 -35.86 -5.80
CA ALA J 204 15.22 -35.72 -4.45
C ALA J 204 16.22 -35.05 -3.52
N VAL J 205 17.52 -35.22 -3.80
CA VAL J 205 18.62 -34.73 -2.97
C VAL J 205 18.70 -33.21 -2.96
N TYR J 206 17.98 -32.56 -3.87
CA TYR J 206 18.00 -31.10 -3.87
C TYR J 206 16.94 -30.48 -2.97
N SER J 207 15.86 -31.19 -2.59
CA SER J 207 14.94 -30.48 -1.72
C SER J 207 15.57 -30.02 -0.39
N PRO J 208 16.39 -30.80 0.33
CA PRO J 208 17.02 -30.23 1.53
C PRO J 208 17.89 -29.03 1.27
N ALA J 209 18.30 -28.79 0.03
CA ALA J 209 19.08 -27.60 -0.26
C ALA J 209 18.21 -26.35 -0.30
N LEU J 210 16.91 -26.50 -0.48
CA LEU J 210 16.03 -25.37 -0.50
C LEU J 210 15.37 -25.10 0.84
N THR J 211 15.24 -26.11 1.70
CA THR J 211 14.69 -25.89 3.02
C THR J 211 15.74 -25.26 3.94
N ASP J 212 15.27 -24.87 5.12
CA ASP J 212 16.10 -24.13 6.08
C ASP J 212 17.06 -24.94 6.92
N PHE J 213 16.66 -26.14 7.32
CA PHE J 213 17.55 -26.99 8.09
C PHE J 213 17.45 -28.40 7.54
N THR J 214 18.59 -29.09 7.50
CA THR J 214 18.64 -30.48 7.08
C THR J 214 19.22 -31.30 8.21
N PHE J 215 18.53 -32.36 8.61
CA PHE J 215 19.05 -33.23 9.66
C PHE J 215 19.15 -34.64 9.13
N MET J 216 20.03 -35.44 9.71
CA MET J 216 20.22 -36.81 9.25
C MET J 216 20.27 -37.76 10.44
N VAL J 217 20.27 -39.05 10.11
CA VAL J 217 20.39 -40.13 11.09
C VAL J 217 21.67 -40.88 10.80
N LYS J 218 22.52 -41.01 11.81
CA LYS J 218 23.84 -41.59 11.63
C LYS J 218 23.72 -43.02 11.12
N ASP J 219 24.52 -43.33 10.09
CA ASP J 219 24.68 -44.67 9.51
C ASP J 219 23.41 -45.22 8.89
N THR J 220 22.37 -44.40 8.73
CA THR J 220 21.12 -44.81 8.14
C THR J 220 20.78 -43.96 6.93
N SER J 221 21.05 -42.67 6.98
CA SER J 221 20.65 -41.73 5.95
C SER J 221 21.83 -41.39 5.07
N TYR J 222 21.55 -41.10 3.80
CA TYR J 222 22.56 -40.72 2.84
C TYR J 222 22.05 -39.56 2.00
N LEU J 223 22.97 -38.74 1.51
CA LEU J 223 22.64 -37.72 0.54
C LEU J 223 23.67 -37.73 -0.58
N PHE J 224 23.22 -38.08 -1.78
CA PHE J 224 24.07 -38.09 -2.97
C PHE J 224 23.21 -37.94 -4.21
N ILE J 225 23.82 -37.54 -5.33
CA ILE J 225 23.08 -37.50 -6.60
C ILE J 225 23.18 -38.84 -7.31
N THR J 226 24.41 -39.35 -7.47
CA THR J 226 24.67 -40.65 -8.05
C THR J 226 25.38 -41.52 -7.04
N GLY J 227 25.19 -42.84 -7.17
CA GLY J 227 25.76 -43.78 -6.25
C GLY J 227 27.19 -44.14 -6.60
N PRO J 228 27.83 -44.92 -5.72
CA PRO J 228 29.22 -45.35 -5.98
C PRO J 228 29.38 -46.07 -7.31
N ASP J 229 28.31 -46.69 -7.80
CA ASP J 229 28.36 -47.43 -9.07
C ASP J 229 28.70 -46.50 -10.23
N VAL J 230 28.21 -45.27 -10.19
CA VAL J 230 28.50 -44.30 -11.24
C VAL J 230 29.92 -43.75 -11.06
N VAL J 231 30.30 -43.45 -9.82
CA VAL J 231 31.65 -42.93 -9.61
C VAL J 231 32.69 -43.91 -10.14
N LYS J 232 32.53 -45.21 -9.86
CA LYS J 232 33.49 -46.19 -10.34
C LYS J 232 33.47 -46.31 -11.85
N SER J 233 32.29 -46.17 -12.45
CA SER J 233 32.17 -46.35 -13.90
C SER J 233 32.71 -45.14 -14.65
N VAL J 234 32.63 -43.96 -14.06
CA VAL J 234 33.01 -42.72 -14.77
C VAL J 234 34.49 -42.44 -14.57
N THR J 235 34.97 -42.55 -13.34
CA THR J 235 36.34 -42.18 -13.01
C THR J 235 36.98 -43.29 -12.18
N ASN J 236 38.30 -43.36 -12.22
CA ASN J 236 39.02 -44.43 -11.51
C ASN J 236 39.22 -44.11 -10.04
N GLU J 237 38.12 -44.05 -9.30
CA GLU J 237 38.12 -43.73 -7.88
C GLU J 237 37.33 -44.80 -7.14
N ASP J 238 37.83 -45.27 -6.00
CA ASP J 238 37.13 -46.24 -5.17
C ASP J 238 36.44 -45.68 -3.93
N VAL J 239 35.10 -45.78 -3.90
CA VAL J 239 34.31 -45.25 -2.79
C VAL J 239 33.11 -46.12 -2.42
N THR J 240 32.80 -46.18 -1.13
CA THR J 240 31.60 -46.86 -0.63
C THR J 240 30.45 -45.94 -0.29
N GLN J 241 29.30 -46.51 0.02
CA GLN J 241 28.07 -45.75 0.28
C GLN J 241 28.12 -44.73 1.39
N GLU J 242 28.86 -45.03 2.45
CA GLU J 242 29.01 -44.14 3.58
C GLU J 242 30.00 -43.02 3.26
N GLU J 243 31.08 -43.36 2.57
CA GLU J 243 32.10 -42.37 2.22
C GLU J 243 31.58 -41.36 1.23
N LEU J 244 30.72 -41.79 0.30
CA LEU J 244 30.25 -40.92 -0.75
C LEU J 244 29.21 -39.93 -0.23
N GLY J 245 28.25 -40.42 0.54
CA GLY J 245 27.18 -39.56 0.98
C GLY J 245 26.62 -39.85 2.34
N GLY J 246 27.42 -40.41 3.25
CA GLY J 246 26.96 -40.74 4.58
C GLY J 246 26.75 -39.51 5.45
N ALA J 247 26.00 -39.71 6.53
CA ALA J 247 25.70 -38.65 7.49
C ALA J 247 26.94 -38.05 8.12
N LYS J 248 27.96 -38.85 8.37
CA LYS J 248 29.17 -38.34 9.01
C LYS J 248 29.91 -37.38 8.09
N THR J 249 29.89 -37.66 6.78
CA THR J 249 30.55 -36.79 5.80
C THR J 249 29.89 -35.43 5.75
N HIS J 250 28.57 -35.40 5.69
CA HIS J 250 27.82 -34.17 5.50
C HIS J 250 27.71 -33.30 6.77
N THR J 251 27.78 -33.93 7.94
CA THR J 251 27.85 -33.16 9.18
C THR J 251 29.26 -32.79 9.60
N THR J 252 30.29 -33.46 9.08
CA THR J 252 31.64 -33.09 9.52
C THR J 252 32.44 -32.34 8.46
N MET J 253 32.28 -32.71 7.19
CA MET J 253 33.13 -32.11 6.18
C MET J 253 32.54 -31.24 5.08
N SER J 254 31.40 -31.61 4.52
CA SER J 254 30.86 -30.84 3.40
C SER J 254 30.02 -29.66 3.87
N GLY J 255 29.54 -29.71 5.11
CA GLY J 255 28.71 -28.62 5.60
C GLY J 255 27.31 -28.61 5.04
N VAL J 256 26.76 -29.79 4.74
CA VAL J 256 25.45 -29.85 4.13
C VAL J 256 24.38 -30.13 5.16
N ALA J 257 24.66 -31.04 6.09
CA ALA J 257 23.70 -31.43 7.09
C ALA J 257 23.98 -30.73 8.42
N HIS J 258 22.93 -30.21 9.03
CA HIS J 258 23.06 -29.40 10.23
C HIS J 258 23.32 -30.20 11.48
N ARG J 259 22.85 -31.45 11.53
CA ARG J 259 23.17 -32.35 12.61
C ARG J 259 22.66 -33.75 12.36
N ALA J 260 23.43 -34.75 12.78
CA ALA J 260 22.99 -36.13 12.68
C ALA J 260 22.68 -36.65 14.07
N PHE J 261 21.65 -37.49 14.16
CA PHE J 261 21.23 -38.07 15.42
C PHE J 261 21.44 -39.58 15.35
N GLU J 262 21.59 -40.20 16.52
CA GLU J 262 22.06 -41.59 16.58
C GLU J 262 21.09 -42.56 15.93
N ASN J 263 19.79 -42.37 16.15
CA ASN J 263 18.81 -43.32 15.64
C ASN J 263 17.48 -42.61 15.39
N ASP J 264 16.50 -43.36 14.90
CA ASP J 264 15.23 -42.78 14.51
C ASP J 264 14.46 -42.20 15.69
N VAL J 265 14.52 -42.85 16.85
CA VAL J 265 13.68 -42.42 17.98
C VAL J 265 14.24 -41.14 18.60
N ASP J 266 15.56 -41.09 18.76
CA ASP J 266 16.22 -39.90 19.28
C ASP J 266 16.14 -38.73 18.30
N ALA J 267 16.19 -39.03 17.01
CA ALA J 267 16.09 -38.00 15.98
C ALA J 267 14.76 -37.27 16.05
N LEU J 268 13.67 -38.01 16.23
CA LEU J 268 12.38 -37.34 16.31
C LEU J 268 12.14 -36.67 17.66
N CYS J 269 12.72 -37.21 18.74
CA CYS J 269 12.60 -36.53 20.02
C CYS J 269 13.29 -35.18 20.01
N ASN J 270 14.48 -35.11 19.41
CA ASN J 270 15.16 -33.83 19.29
C ASN J 270 14.47 -32.91 18.30
N LEU J 271 13.81 -33.48 17.30
CA LEU J 271 13.09 -32.65 16.34
C LEU J 271 11.90 -31.95 16.99
N ARG J 272 11.18 -32.63 17.87
CA ARG J 272 10.10 -31.96 18.60
C ARG J 272 10.64 -30.78 19.41
N ASP J 273 11.78 -30.99 20.09
CA ASP J 273 12.40 -29.91 20.86
C ASP J 273 12.85 -28.76 19.98
N PHE J 274 13.45 -29.07 18.84
CA PHE J 274 13.84 -28.01 17.91
C PHE J 274 12.63 -27.24 17.41
N PHE J 275 11.57 -27.94 17.03
CA PHE J 275 10.36 -27.28 16.57
C PHE J 275 9.91 -26.20 17.53
N ASN J 276 9.99 -26.47 18.83
CA ASN J 276 9.44 -25.51 19.79
C ASN J 276 10.14 -24.14 19.79
N TYR J 277 11.26 -23.98 19.09
CA TYR J 277 11.97 -22.71 19.07
C TYR J 277 11.40 -21.71 18.09
N LEU J 278 10.83 -22.17 16.98
CA LEU J 278 10.58 -21.39 15.77
C LEU J 278 9.15 -20.86 15.74
N PRO J 279 8.93 -19.71 15.12
CA PRO J 279 7.56 -19.25 14.90
C PRO J 279 6.87 -20.08 13.85
N LEU J 280 5.55 -19.96 13.77
CA LEU J 280 4.83 -20.72 12.76
C LEU J 280 4.99 -20.12 11.37
N SER J 281 5.16 -18.80 11.28
CA SER J 281 5.30 -18.11 10.01
C SER J 281 6.18 -16.89 10.23
N SER J 282 6.67 -16.32 9.13
CA SER J 282 7.49 -15.13 9.24
C SER J 282 6.68 -13.91 9.61
N GLN J 283 5.35 -14.02 9.64
CA GLN J 283 4.52 -12.89 10.04
C GLN J 283 4.40 -12.83 11.56
N ASP J 284 4.90 -13.83 12.24
CA ASP J 284 4.76 -13.93 13.68
C ASP J 284 6.04 -13.51 14.38
N PRO J 285 5.95 -12.96 15.58
CA PRO J 285 7.16 -12.67 16.36
C PRO J 285 7.78 -13.94 16.90
N ALA J 286 9.03 -13.88 17.31
CA ALA J 286 9.67 -15.01 17.96
C ALA J 286 8.79 -15.50 19.10
N PRO J 287 8.51 -16.79 19.19
CA PRO J 287 7.66 -17.29 20.28
C PRO J 287 8.23 -16.95 21.65
N VAL J 288 7.34 -16.74 22.61
CA VAL J 288 7.69 -16.50 23.99
C VAL J 288 7.03 -17.59 24.82
N ARG J 289 7.80 -18.27 25.65
CA ARG J 289 7.29 -19.33 26.46
C ARG J 289 7.47 -19.10 27.95
N GLU J 290 6.63 -19.74 28.76
CA GLU J 290 6.76 -19.69 30.20
C GLU J 290 8.20 -19.98 30.60
N CYS J 291 8.74 -19.16 31.51
CA CYS J 291 10.10 -19.30 31.95
C CYS J 291 10.20 -19.04 33.44
N HIS J 292 10.93 -19.91 34.15
CA HIS J 292 11.12 -19.78 35.57
C HIS J 292 12.46 -19.18 35.96
N ASP J 293 13.31 -18.88 35.00
CA ASP J 293 14.66 -18.44 35.25
C ASP J 293 14.66 -16.93 35.44
N PRO J 294 14.95 -16.42 36.64
CA PRO J 294 14.86 -14.97 36.85
C PRO J 294 15.71 -14.22 35.85
N SER J 295 15.15 -13.15 35.30
CA SER J 295 15.81 -12.40 34.24
C SER J 295 16.89 -11.46 34.77
N ASP J 296 16.93 -11.22 36.08
CA ASP J 296 17.80 -10.22 36.65
C ASP J 296 18.91 -10.82 37.51
N ARG J 297 19.19 -12.11 37.35
CA ARG J 297 20.24 -12.73 38.14
C ARG J 297 21.60 -12.46 37.51
N LEU J 298 22.62 -12.51 38.34
CA LEU J 298 23.98 -12.30 37.88
C LEU J 298 24.65 -13.64 37.63
N VAL J 299 25.71 -13.60 36.84
CA VAL J 299 26.48 -14.81 36.56
C VAL J 299 27.94 -14.54 36.91
N PRO J 300 28.33 -14.68 38.18
CA PRO J 300 29.70 -14.36 38.58
C PRO J 300 30.75 -15.18 37.86
N GLU J 301 30.35 -16.33 37.30
CA GLU J 301 31.26 -17.26 36.63
C GLU J 301 31.93 -16.65 35.43
N LEU J 302 31.38 -15.56 34.88
CA LEU J 302 31.90 -14.93 33.69
C LEU J 302 33.12 -14.05 33.95
N ASP J 303 33.27 -13.52 35.17
CA ASP J 303 34.32 -12.53 35.39
C ASP J 303 35.72 -13.07 35.11
N THR J 304 35.94 -14.37 35.23
CA THR J 304 37.29 -14.90 35.12
C THR J 304 37.45 -15.85 33.94
N ILE J 305 36.49 -15.89 33.02
CA ILE J 305 36.61 -16.84 31.91
C ILE J 305 37.71 -16.40 30.96
N VAL J 306 37.76 -15.12 30.63
CA VAL J 306 38.67 -14.60 29.62
C VAL J 306 40.03 -14.35 30.24
N PRO J 307 41.08 -15.05 29.80
CA PRO J 307 42.40 -14.84 30.38
C PRO J 307 42.94 -13.45 30.07
N LEU J 308 43.82 -12.98 30.94
CA LEU J 308 44.54 -11.74 30.67
C LEU J 308 45.64 -11.93 29.64
N GLU J 309 46.17 -13.14 29.53
CA GLU J 309 47.20 -13.44 28.55
C GLU J 309 46.54 -13.67 27.19
N SER J 310 47.03 -12.99 26.16
CA SER J 310 46.41 -12.99 24.84
C SER J 310 46.55 -14.30 24.09
N THR J 311 47.41 -15.22 24.54
CA THR J 311 47.70 -16.42 23.78
C THR J 311 47.01 -17.63 24.39
N LYS J 312 46.21 -17.39 25.42
CA LYS J 312 45.49 -18.46 26.11
C LYS J 312 44.04 -18.51 25.63
N ALA J 313 43.65 -19.67 25.11
CA ALA J 313 42.29 -19.86 24.61
C ALA J 313 41.34 -20.19 25.75
N TYR J 314 40.06 -20.00 25.49
CA TYR J 314 39.01 -20.36 26.43
C TYR J 314 37.82 -20.84 25.64
N ASN J 315 36.90 -21.53 26.29
CA ASN J 315 35.76 -22.13 25.62
C ASN J 315 34.60 -21.14 25.63
N MET J 316 34.24 -20.64 24.46
CA MET J 316 33.16 -19.68 24.36
C MET J 316 31.84 -20.27 24.84
N VAL J 317 31.67 -21.59 24.74
CA VAL J 317 30.43 -22.21 25.12
C VAL J 317 30.12 -22.01 26.59
N ASP J 318 31.14 -21.86 27.44
CA ASP J 318 30.91 -21.64 28.86
C ASP J 318 30.14 -20.34 29.10
N ILE J 319 30.39 -19.33 28.27
CA ILE J 319 29.69 -18.05 28.37
C ILE J 319 28.27 -18.17 27.88
N ILE J 320 28.09 -18.85 26.74
CA ILE J 320 26.77 -19.01 26.13
C ILE J 320 25.85 -19.76 27.08
N HIS J 321 26.33 -20.86 27.66
CA HIS J 321 25.50 -21.66 28.53
C HIS J 321 25.12 -20.91 29.80
N SER J 322 26.01 -20.08 30.33
CA SER J 322 25.68 -19.38 31.56
C SER J 322 24.70 -18.24 31.36
N VAL J 323 24.60 -17.69 30.15
CA VAL J 323 23.71 -16.56 29.93
C VAL J 323 22.29 -17.02 29.61
N VAL J 324 22.15 -18.05 28.78
CA VAL J 324 20.84 -18.47 28.27
C VAL J 324 19.97 -19.07 29.35
N ASP J 325 18.65 -18.95 29.18
CA ASP J 325 17.70 -19.48 30.15
C ASP J 325 18.03 -20.92 30.49
N GLU J 326 18.11 -21.21 31.78
CA GLU J 326 18.24 -22.55 32.35
C GLU J 326 19.36 -23.38 31.73
N ARG J 327 20.32 -22.69 31.13
CA ARG J 327 21.51 -23.28 30.54
C ARG J 327 21.31 -24.29 29.43
N GLU J 328 20.22 -24.11 28.71
CA GLU J 328 19.84 -24.91 27.56
C GLU J 328 20.32 -24.20 26.29
N PHE J 329 21.09 -24.90 25.47
CA PHE J 329 21.56 -24.33 24.21
C PHE J 329 21.47 -25.41 23.14
N PHE J 330 20.94 -25.05 21.98
CA PHE J 330 20.82 -25.99 20.87
C PHE J 330 21.91 -25.68 19.85
N GLU J 331 22.91 -26.53 19.75
CA GLU J 331 24.03 -26.22 18.87
C GLU J 331 23.81 -26.82 17.49
N ILE J 332 24.12 -26.03 16.48
CA ILE J 332 23.98 -26.39 15.08
C ILE J 332 25.37 -26.71 14.54
N MET J 333 25.48 -27.81 13.78
CA MET J 333 26.70 -28.32 13.15
C MET J 333 27.84 -28.36 14.15
N PRO J 334 27.73 -29.16 15.23
CA PRO J 334 28.78 -29.18 16.23
C PRO J 334 30.14 -29.60 15.69
N ASN J 335 30.20 -30.31 14.57
CA ASN J 335 31.43 -30.88 14.09
C ASN J 335 31.94 -30.23 12.81
N TYR J 336 31.29 -29.18 12.34
CA TYR J 336 31.66 -28.49 11.12
C TYR J 336 31.90 -27.02 11.42
N ALA J 337 33.00 -26.49 10.90
CA ALA J 337 33.44 -25.11 11.08
C ALA J 337 33.45 -24.73 12.57
N LYS J 338 34.17 -25.54 13.34
CA LYS J 338 34.19 -25.39 14.79
C LYS J 338 34.69 -24.03 15.27
N ASN J 339 35.28 -23.22 14.43
CA ASN J 339 35.78 -21.92 14.89
C ASN J 339 34.69 -20.89 15.04
N ILE J 340 33.45 -21.20 14.66
CA ILE J 340 32.33 -20.31 14.86
C ILE J 340 31.17 -21.13 15.41
N ILE J 341 30.50 -20.58 16.41
CA ILE J 341 29.41 -21.25 17.10
C ILE J 341 28.12 -20.53 16.76
N VAL J 342 27.12 -21.28 16.31
CA VAL J 342 25.79 -20.74 16.08
C VAL J 342 24.77 -21.69 16.68
N GLY J 343 23.69 -21.13 17.19
CA GLY J 343 22.63 -21.98 17.68
C GLY J 343 21.49 -21.20 18.26
N PHE J 344 20.53 -21.93 18.79
CA PHE J 344 19.30 -21.39 19.34
C PHE J 344 19.31 -21.47 20.85
N ALA J 345 18.69 -20.49 21.48
CA ALA J 345 18.49 -20.51 22.91
C ALA J 345 17.35 -19.56 23.24
N ARG J 346 16.95 -19.55 24.50
CA ARG J 346 15.95 -18.62 24.99
C ARG J 346 16.51 -17.69 26.01
N MET J 347 16.05 -16.45 26.05
CA MET J 347 16.38 -15.57 27.15
C MET J 347 15.10 -14.86 27.57
N ASN J 348 14.74 -15.01 28.84
CA ASN J 348 13.48 -14.54 29.41
C ASN J 348 12.27 -15.08 28.66
N GLY J 349 12.34 -16.31 28.19
CA GLY J 349 11.25 -16.94 27.49
C GLY J 349 11.27 -16.77 25.99
N ARG J 350 12.00 -15.78 25.47
CA ARG J 350 11.95 -15.48 24.06
C ARG J 350 13.06 -16.22 23.31
N THR J 351 12.71 -16.80 22.18
CA THR J 351 13.72 -17.46 21.35
C THR J 351 14.68 -16.42 20.79
N VAL J 352 15.98 -16.69 20.90
CA VAL J 352 16.98 -15.86 20.27
C VAL J 352 17.98 -16.75 19.54
N GLY J 353 18.66 -16.17 18.58
CA GLY J 353 19.77 -16.82 17.89
C GLY J 353 21.07 -16.25 18.42
N ILE J 354 22.06 -17.12 18.58
CA ILE J 354 23.35 -16.77 19.13
C ILE J 354 24.43 -17.10 18.11
N VAL J 355 25.31 -16.15 17.87
CA VAL J 355 26.48 -16.34 17.03
C VAL J 355 27.69 -15.85 17.82
N GLY J 356 28.78 -16.61 17.76
CA GLY J 356 29.99 -16.18 18.42
C GLY J 356 31.23 -16.90 17.95
N ASN J 357 32.40 -16.44 18.37
CA ASN J 357 33.63 -17.09 17.95
C ASN J 357 34.01 -18.18 18.94
N GLN J 358 34.82 -19.13 18.48
CA GLN J 358 35.39 -20.12 19.37
C GLN J 358 36.90 -20.00 19.37
N PRO J 359 37.48 -19.29 20.33
CA PRO J 359 38.92 -19.03 20.28
C PRO J 359 39.77 -20.29 20.33
N LYS J 360 39.21 -21.41 20.78
CA LYS J 360 39.97 -22.63 20.89
C LYS J 360 40.39 -23.17 19.54
N VAL J 361 39.66 -22.85 18.48
CA VAL J 361 39.87 -23.44 17.16
C VAL J 361 40.34 -22.35 16.21
N ALA J 362 41.51 -22.57 15.61
CA ALA J 362 42.16 -21.66 14.66
C ALA J 362 42.24 -20.23 15.17
N SER J 363 42.53 -20.08 16.46
CA SER J 363 42.62 -18.80 17.18
C SER J 363 41.35 -17.97 17.10
N GLY J 364 40.24 -18.52 16.62
CA GLY J 364 39.02 -17.75 16.52
C GLY J 364 38.90 -16.91 15.27
N CYS J 365 39.73 -17.23 14.29
CA CYS J 365 39.79 -16.58 12.99
C CYS J 365 38.63 -16.88 12.07
N LEU J 366 38.31 -15.99 11.13
CA LEU J 366 37.29 -16.29 10.15
C LEU J 366 37.89 -16.95 8.91
N ASP J 367 37.15 -17.87 8.33
CA ASP J 367 37.61 -18.59 7.15
C ASP J 367 36.37 -18.83 6.29
N ILE J 368 36.56 -19.55 5.20
CA ILE J 368 35.48 -19.76 4.24
C ILE J 368 34.32 -20.51 4.88
N ASN J 369 34.63 -21.61 5.57
CA ASN J 369 33.61 -22.50 6.09
C ASN J 369 32.77 -21.84 7.18
N SER J 370 33.42 -21.04 8.02
CA SER J 370 32.73 -20.35 9.09
C SER J 370 31.81 -19.26 8.56
N SER J 371 32.23 -18.58 7.50
CA SER J 371 31.39 -17.54 6.92
C SER J 371 30.14 -18.13 6.30
N VAL J 372 30.25 -19.32 5.70
CA VAL J 372 29.09 -19.93 5.06
C VAL J 372 28.03 -20.31 6.09
N LYS J 373 28.46 -20.98 7.17
CA LYS J 373 27.54 -21.38 8.23
C LYS J 373 26.93 -20.18 8.95
N GLY J 374 27.77 -19.18 9.25
CA GLY J 374 27.26 -17.98 9.89
C GLY J 374 26.24 -17.23 9.07
N ALA J 375 26.54 -16.94 7.81
CA ALA J 375 25.64 -16.13 7.00
C ALA J 375 24.29 -16.78 6.86
N ARG J 376 24.28 -18.09 6.66
CA ARG J 376 23.04 -18.84 6.51
C ARG J 376 22.21 -18.75 7.76
N PHE J 377 22.81 -18.95 8.91
CA PHE J 377 22.06 -18.86 10.16
C PHE J 377 21.51 -17.46 10.41
N VAL J 378 22.33 -16.43 10.22
CA VAL J 378 21.91 -15.06 10.50
C VAL J 378 20.70 -14.69 9.65
N ARG J 379 20.75 -15.03 8.37
CA ARG J 379 19.66 -14.74 7.43
C ARG J 379 18.35 -15.41 7.78
N PHE J 380 18.39 -16.68 8.18
CA PHE J 380 17.16 -17.32 8.62
C PHE J 380 16.55 -16.60 9.82
N CYS J 381 17.35 -16.35 10.86
CA CYS J 381 16.84 -15.69 12.05
C CYS J 381 16.27 -14.32 11.76
N ASP J 382 16.91 -13.55 10.87
CA ASP J 382 16.34 -12.27 10.47
C ASP J 382 15.00 -12.42 9.77
N ALA J 383 14.89 -13.36 8.83
CA ALA J 383 13.65 -13.56 8.10
C ALA J 383 12.48 -13.90 9.01
N PHE J 384 12.71 -14.62 10.11
CA PHE J 384 11.63 -15.04 10.99
C PHE J 384 11.66 -14.33 12.33
N ASN J 385 12.17 -13.09 12.37
CA ASN J 385 12.04 -12.16 13.49
C ASN J 385 12.59 -12.72 14.80
N ILE J 386 13.74 -13.37 14.73
CA ILE J 386 14.39 -13.94 15.89
C ILE J 386 15.60 -13.05 16.21
N PRO J 387 15.66 -12.44 17.39
CA PRO J 387 16.78 -11.55 17.70
C PRO J 387 18.12 -12.26 17.65
N LEU J 388 19.17 -11.48 17.41
CA LEU J 388 20.53 -11.98 17.33
C LEU J 388 21.37 -11.47 18.49
N ILE J 389 22.14 -12.37 19.09
CA ILE J 389 23.15 -12.04 20.07
C ILE J 389 24.49 -12.49 19.53
N THR J 390 25.47 -11.61 19.56
CA THR J 390 26.79 -11.85 18.98
C THR J 390 27.81 -11.80 20.09
N PHE J 391 28.67 -12.81 20.18
CA PHE J 391 29.80 -12.84 21.10
C PHE J 391 31.07 -12.77 20.29
N VAL J 392 31.75 -11.61 20.33
CA VAL J 392 32.85 -11.34 19.42
C VAL J 392 34.16 -11.63 20.12
N ASP J 393 35.03 -12.41 19.46
CA ASP J 393 36.41 -12.58 19.89
C ASP J 393 37.19 -13.10 18.68
N VAL J 394 37.54 -12.19 17.77
CA VAL J 394 38.06 -12.61 16.49
C VAL J 394 39.32 -11.81 16.16
N PRO J 395 40.47 -12.46 15.99
CA PRO J 395 41.72 -11.75 15.75
C PRO J 395 41.96 -11.35 14.30
N GLY J 396 41.09 -11.75 13.38
CA GLY J 396 41.32 -11.52 11.98
C GLY J 396 40.84 -12.67 11.12
N PHE J 397 41.46 -12.87 9.97
CA PHE J 397 41.07 -13.90 9.03
C PHE J 397 42.15 -14.95 8.94
N LEU J 398 41.75 -16.17 8.65
CA LEU J 398 42.70 -17.26 8.47
C LEU J 398 43.56 -17.01 7.24
N PRO J 399 44.87 -16.81 7.40
CA PRO J 399 45.72 -16.54 6.23
C PRO J 399 46.08 -17.80 5.45
N GLY J 400 46.54 -17.61 4.22
CA GLY J 400 47.18 -18.68 3.48
C GLY J 400 46.52 -18.89 2.12
N THR J 401 47.28 -19.52 1.23
CA THR J 401 46.81 -19.73 -0.13
C THR J 401 45.59 -20.64 -0.18
N ALA J 402 45.44 -21.53 0.79
CA ALA J 402 44.26 -22.37 0.85
C ALA J 402 42.97 -21.56 0.90
N GLN J 403 43.02 -20.38 1.50
CA GLN J 403 41.85 -19.54 1.62
C GLN J 403 41.78 -18.49 0.52
N GLU J 404 42.93 -17.99 0.08
CA GLU J 404 42.96 -16.99 -0.98
C GLU J 404 42.39 -17.56 -2.28
N TYR J 405 42.87 -18.74 -2.67
CA TYR J 405 42.42 -19.40 -3.90
C TYR J 405 41.02 -19.97 -3.75
N GLY J 406 40.56 -20.09 -2.52
CA GLY J 406 39.21 -20.58 -2.27
C GLY J 406 38.14 -19.52 -2.30
N GLY J 407 38.52 -18.26 -2.53
CA GLY J 407 37.56 -17.19 -2.56
C GLY J 407 37.16 -16.66 -1.21
N ILE J 408 38.11 -16.61 -0.27
CA ILE J 408 37.84 -16.11 1.07
C ILE J 408 37.21 -14.72 1.04
N ILE J 409 37.56 -13.89 0.06
CA ILE J 409 37.01 -12.55 -0.04
C ILE J 409 35.52 -12.62 -0.39
N ARG J 410 35.20 -13.39 -1.42
CA ARG J 410 33.83 -13.58 -1.85
C ARG J 410 32.98 -14.23 -0.77
N HIS J 411 33.54 -15.19 -0.05
CA HIS J 411 32.80 -15.86 1.00
C HIS J 411 32.67 -15.04 2.27
N GLY J 412 33.71 -14.30 2.67
CA GLY J 412 33.58 -13.45 3.84
C GLY J 412 32.51 -12.40 3.71
N ALA J 413 32.29 -11.92 2.47
CA ALA J 413 31.25 -10.93 2.23
C ALA J 413 29.87 -11.46 2.58
N LYS J 414 29.71 -12.79 2.64
CA LYS J 414 28.40 -13.38 2.97
C LYS J 414 27.99 -13.07 4.39
N LEU J 415 28.92 -13.13 5.33
CA LEU J 415 28.58 -12.89 6.73
C LEU J 415 28.38 -11.41 6.99
N LEU J 416 29.22 -10.56 6.40
CA LEU J 416 29.03 -9.13 6.52
C LEU J 416 27.68 -8.70 5.96
N TYR J 417 27.31 -9.23 4.80
CA TYR J 417 26.04 -8.91 4.18
C TYR J 417 24.88 -9.35 5.06
N ALA J 418 24.94 -10.58 5.57
CA ALA J 418 23.86 -11.10 6.38
C ALA J 418 23.60 -10.25 7.60
N PHE J 419 24.65 -9.76 8.26
CA PHE J 419 24.41 -8.84 9.36
C PHE J 419 23.97 -7.46 8.92
N ALA J 420 24.61 -6.89 7.90
CA ALA J 420 24.31 -5.50 7.54
C ALA J 420 22.86 -5.29 7.15
N GLU J 421 22.26 -6.26 6.48
CA GLU J 421 20.87 -6.14 6.01
C GLU J 421 19.82 -6.56 7.01
N ALA J 422 20.25 -6.98 8.19
CA ALA J 422 19.30 -7.41 9.21
C ALA J 422 18.47 -6.27 9.75
N THR J 423 17.21 -6.56 10.05
CA THR J 423 16.28 -5.57 10.60
C THR J 423 15.71 -6.00 11.93
N VAL J 424 16.27 -7.04 12.55
CA VAL J 424 15.78 -7.56 13.82
C VAL J 424 16.74 -7.08 14.90
N PRO J 425 16.39 -7.12 16.18
CA PRO J 425 17.31 -6.62 17.20
C PRO J 425 18.65 -7.35 17.16
N LYS J 426 19.72 -6.59 17.31
CA LYS J 426 21.08 -7.11 17.29
C LYS J 426 21.81 -6.61 18.53
N VAL J 427 22.18 -7.51 19.41
CA VAL J 427 22.90 -7.16 20.63
C VAL J 427 24.27 -7.81 20.60
N THR J 428 25.31 -6.99 20.54
CA THR J 428 26.68 -7.48 20.42
C THR J 428 27.44 -7.20 21.71
N VAL J 429 28.14 -8.22 22.22
CA VAL J 429 29.06 -8.09 23.34
C VAL J 429 30.42 -8.57 22.87
N ILE J 430 31.46 -7.78 23.15
CA ILE J 430 32.83 -8.11 22.77
C ILE J 430 33.54 -8.63 23.99
N THR J 431 33.98 -9.88 23.95
CA THR J 431 34.56 -10.50 25.14
C THR J 431 36.08 -10.33 25.17
N ARG J 432 36.74 -10.30 24.01
CA ARG J 432 38.17 -10.00 23.99
C ARG J 432 38.67 -9.39 22.69
N LYS J 433 39.13 -10.16 21.72
CA LYS J 433 39.75 -9.59 20.54
C LYS J 433 38.73 -9.14 19.51
N ALA J 434 39.02 -8.01 18.86
CA ALA J 434 38.30 -7.61 17.66
C ALA J 434 39.27 -6.77 16.82
N TYR J 435 40.09 -7.45 16.02
CA TYR J 435 41.10 -6.78 15.22
C TYR J 435 40.65 -6.69 13.76
N GLY J 436 40.98 -5.58 13.12
CA GLY J 436 40.88 -5.51 11.67
C GLY J 436 39.46 -5.50 11.18
N GLY J 437 39.28 -5.92 9.91
CA GLY J 437 37.98 -5.87 9.29
C GLY J 437 36.99 -6.82 9.94
N ALA J 438 37.47 -7.80 10.69
CA ALA J 438 36.60 -8.71 11.40
C ALA J 438 35.72 -8.00 12.43
N TYR J 439 36.16 -6.84 12.92
CA TYR J 439 35.31 -6.10 13.85
C TYR J 439 33.96 -5.79 13.23
N ASP J 440 33.95 -5.32 11.98
CA ASP J 440 32.71 -4.94 11.33
C ASP J 440 31.92 -6.14 10.85
N VAL J 441 32.61 -7.19 10.41
CA VAL J 441 31.96 -8.39 9.95
C VAL J 441 31.13 -9.03 11.06
N MET J 442 31.67 -9.06 12.27
CA MET J 442 30.95 -9.61 13.42
C MET J 442 30.02 -8.57 14.04
N SER J 443 29.11 -8.07 13.22
CA SER J 443 27.95 -7.27 13.61
C SER J 443 28.35 -6.13 14.56
N SER J 444 29.16 -5.22 14.03
CA SER J 444 29.50 -3.99 14.72
C SER J 444 28.33 -3.01 14.72
N LYS J 445 28.36 -2.07 15.65
CA LYS J 445 27.25 -1.13 15.79
C LYS J 445 26.94 -0.29 14.56
N HIS J 446 27.95 0.00 13.76
CA HIS J 446 27.73 0.85 12.60
C HIS J 446 27.03 0.13 11.46
N LEU J 447 26.63 -1.12 11.66
CA LEU J 447 25.80 -1.86 10.72
C LEU J 447 24.35 -1.91 11.19
N CYS J 448 23.87 -0.81 11.74
CA CYS J 448 22.53 -0.65 12.31
C CYS J 448 22.29 -1.61 13.49
N GLY J 449 23.28 -1.72 14.37
CA GLY J 449 23.12 -2.49 15.58
C GLY J 449 22.37 -1.69 16.62
N ASP J 450 21.87 -2.39 17.62
CA ASP J 450 21.08 -1.71 18.65
C ASP J 450 21.94 -1.34 19.87
N THR J 451 22.70 -2.29 20.38
CA THR J 451 23.61 -2.02 21.50
C THR J 451 24.91 -2.77 21.28
N ASN J 452 26.00 -2.26 21.84
CA ASN J 452 27.30 -2.89 21.74
C ASN J 452 28.01 -2.73 23.04
N TYR J 453 28.25 -3.83 23.73
CA TYR J 453 28.90 -3.87 25.02
C TYR J 453 30.29 -4.45 24.90
N ALA J 454 31.19 -3.94 25.72
CA ALA J 454 32.54 -4.47 25.82
C ALA J 454 32.77 -4.95 27.24
N TRP J 455 33.53 -6.03 27.38
CA TRP J 455 34.02 -6.42 28.67
C TRP J 455 35.35 -5.70 28.92
N PRO J 456 35.79 -5.54 30.17
CA PRO J 456 37.08 -4.90 30.42
C PRO J 456 38.26 -5.52 29.67
N THR J 457 38.15 -6.77 29.22
CA THR J 457 39.25 -7.41 28.50
C THR J 457 39.18 -7.18 26.99
N ALA J 458 38.19 -6.44 26.50
CA ALA J 458 38.06 -6.22 25.08
C ALA J 458 39.15 -5.31 24.55
N GLU J 459 39.58 -5.55 23.32
CA GLU J 459 40.51 -4.62 22.67
C GLU J 459 40.11 -4.49 21.21
N ILE J 460 39.83 -3.26 20.79
CA ILE J 460 39.35 -2.96 19.44
C ILE J 460 40.42 -2.14 18.74
N ALA J 461 40.95 -2.65 17.64
CA ALA J 461 42.02 -1.98 16.92
C ALA J 461 42.06 -2.49 15.49
N VAL J 462 42.72 -1.72 14.62
CA VAL J 462 42.93 -2.17 13.24
C VAL J 462 43.87 -3.36 13.20
N MET J 463 44.79 -3.44 14.15
CA MET J 463 45.67 -4.58 14.27
C MET J 463 46.33 -4.50 15.64
N GLY J 464 47.06 -5.54 16.01
CA GLY J 464 47.73 -5.58 17.30
C GLY J 464 48.90 -4.61 17.37
N ALA J 465 49.40 -4.46 18.59
CA ALA J 465 50.43 -3.45 18.86
C ALA J 465 51.68 -3.66 18.02
N LYS J 466 52.08 -4.92 17.84
CA LYS J 466 53.30 -5.23 17.09
C LYS J 466 53.22 -4.72 15.65
N GLY J 467 52.16 -5.08 14.92
CA GLY J 467 52.03 -4.61 13.56
C GLY J 467 51.89 -3.10 13.49
N ALA J 468 50.98 -2.55 14.28
CA ALA J 468 50.70 -1.12 14.20
C ALA J 468 51.92 -0.27 14.53
N VAL J 469 52.67 -0.64 15.58
CA VAL J 469 53.79 0.22 15.98
C VAL J 469 54.97 0.09 15.00
N GLU J 470 55.29 -1.13 14.56
CA GLU J 470 56.39 -1.26 13.61
C GLU J 470 56.06 -0.59 12.28
N ILE J 471 54.78 -0.57 11.89
CA ILE J 471 54.44 0.14 10.65
C ILE J 471 54.46 1.65 10.86
N ILE J 472 53.89 2.15 11.96
CA ILE J 472 53.86 3.59 12.20
C ILE J 472 55.26 4.16 12.34
N PHE J 473 56.11 3.49 13.12
CA PHE J 473 57.47 3.95 13.39
C PHE J 473 58.44 3.13 12.57
N LYS J 474 58.23 3.07 11.26
CA LYS J 474 59.02 2.23 10.36
C LYS J 474 60.33 2.91 10.01
N GLY J 475 61.43 2.27 10.39
CA GLY J 475 62.75 2.85 10.24
C GLY J 475 63.19 3.77 11.35
N HIS J 476 62.43 3.89 12.44
CA HIS J 476 62.79 4.78 13.51
C HIS J 476 63.54 4.03 14.60
N GLU J 477 64.33 4.78 15.38
CA GLU J 477 64.99 4.24 16.55
C GLU J 477 64.01 4.16 17.70
N ASN J 478 64.33 3.32 18.68
CA ASN J 478 63.61 3.18 19.95
C ASN J 478 62.13 2.85 19.73
N VAL J 479 61.90 1.95 18.79
CA VAL J 479 60.55 1.52 18.47
C VAL J 479 59.91 0.83 19.67
N GLU J 480 60.68 0.00 20.38
CA GLU J 480 60.16 -0.69 21.55
C GLU J 480 59.71 0.29 22.63
N ALA J 481 60.43 1.41 22.80
CA ALA J 481 59.97 2.42 23.75
C ALA J 481 58.66 3.06 23.29
N ALA J 482 58.55 3.35 22.00
CA ALA J 482 57.30 3.85 21.44
C ALA J 482 56.18 2.82 21.58
N GLN J 483 56.51 1.53 21.45
CA GLN J 483 55.51 0.49 21.59
C GLN J 483 54.93 0.46 23.00
N ALA J 484 55.77 0.67 24.01
CA ALA J 484 55.28 0.70 25.39
C ALA J 484 54.25 1.79 25.58
N GLU J 485 54.50 2.98 25.01
CA GLU J 485 53.53 4.07 25.11
C GLU J 485 52.27 3.75 24.32
N TYR J 486 52.43 3.18 23.12
CA TYR J 486 51.29 2.77 22.31
C TYR J 486 50.42 1.75 23.04
N ILE J 487 51.03 0.73 23.63
CA ILE J 487 50.25 -0.29 24.30
C ILE J 487 49.46 0.32 25.46
N GLU J 488 50.09 1.16 26.27
CA GLU J 488 49.39 1.77 27.39
C GLU J 488 48.19 2.59 26.93
N LYS J 489 48.28 3.25 25.78
CA LYS J 489 47.15 4.06 25.37
C LYS J 489 46.10 3.31 24.55
N PHE J 490 46.50 2.41 23.66
CA PHE J 490 45.56 1.83 22.70
C PHE J 490 45.21 0.36 22.95
N ALA J 491 45.97 -0.36 23.76
CA ALA J 491 45.71 -1.79 23.97
C ALA J 491 44.63 -1.99 25.03
N ASN J 492 43.42 -1.54 24.72
CA ASN J 492 42.30 -1.48 25.68
C ASN J 492 41.05 -1.08 24.94
N PRO J 493 39.87 -1.17 25.55
CA PRO J 493 38.67 -0.89 24.75
C PRO J 493 38.28 0.57 24.68
N PHE J 494 39.03 1.45 25.30
CA PHE J 494 38.71 2.87 25.42
C PHE J 494 38.83 3.77 24.20
N PRO J 495 39.87 3.70 23.33
CA PRO J 495 39.86 4.59 22.15
C PRO J 495 38.69 4.36 21.21
N ALA J 496 38.08 3.20 21.22
CA ALA J 496 36.85 2.96 20.49
C ALA J 496 35.62 3.42 21.24
N ALA J 497 35.52 3.12 22.53
CA ALA J 497 34.37 3.53 23.33
C ALA J 497 34.19 5.03 23.38
N VAL J 498 35.28 5.80 23.48
CA VAL J 498 35.12 7.25 23.61
C VAL J 498 34.68 7.86 22.29
N ARG J 499 34.68 7.08 21.23
CA ARG J 499 34.25 7.65 19.97
C ARG J 499 32.83 7.23 19.63
N GLY J 500 32.21 6.43 20.50
CA GLY J 500 30.85 6.01 20.26
C GLY J 500 30.74 4.64 19.64
N PHE J 501 31.82 3.88 19.61
CA PHE J 501 31.74 2.54 19.03
C PHE J 501 31.12 1.57 20.02
N VAL J 502 31.27 1.82 21.31
CA VAL J 502 30.81 0.94 22.37
C VAL J 502 29.90 1.74 23.28
N ASP J 503 28.78 1.13 23.68
CA ASP J 503 27.84 1.88 24.49
C ASP J 503 28.17 1.86 25.97
N ASP J 504 28.79 0.79 26.45
CA ASP J 504 29.13 0.71 27.86
C ASP J 504 30.19 -0.36 28.00
N ILE J 505 30.92 -0.31 29.11
CA ILE J 505 31.84 -1.38 29.44
C ILE J 505 31.34 -1.96 30.75
N ILE J 506 30.97 -3.22 30.72
CA ILE J 506 30.17 -3.80 31.77
C ILE J 506 30.98 -4.87 32.49
N GLN J 507 30.65 -5.12 33.74
CA GLN J 507 31.30 -6.21 34.46
C GLN J 507 30.71 -7.43 33.81
N PRO J 508 31.52 -8.40 33.43
CA PRO J 508 31.01 -9.59 32.74
C PRO J 508 29.86 -10.27 33.45
N SER J 509 29.87 -10.26 34.79
CA SER J 509 28.80 -10.89 35.56
C SER J 509 27.44 -10.30 35.26
N SER J 510 27.38 -9.08 34.75
CA SER J 510 26.10 -8.47 34.47
C SER J 510 25.63 -8.68 33.04
N THR J 511 26.41 -9.39 32.20
CA THR J 511 26.06 -9.52 30.79
C THR J 511 24.61 -9.97 30.60
N ARG J 512 24.15 -10.98 31.36
CA ARG J 512 22.81 -11.53 31.12
C ARG J 512 21.76 -10.48 31.38
N ALA J 513 21.91 -9.74 32.47
CA ALA J 513 20.97 -8.71 32.84
C ALA J 513 20.84 -7.62 31.80
N ARG J 514 21.96 -7.23 31.20
CA ARG J 514 21.98 -6.18 30.21
C ARG J 514 21.29 -6.57 28.92
N ILE J 515 21.54 -7.80 28.48
CA ILE J 515 20.97 -8.37 27.27
C ILE J 515 19.46 -8.54 27.41
N CYS J 516 19.02 -9.04 28.58
CA CYS J 516 17.61 -9.25 28.88
C CYS J 516 16.85 -7.94 28.82
N CYS J 517 17.45 -6.88 29.38
CA CYS J 517 16.86 -5.55 29.33
C CYS J 517 16.71 -5.04 27.92
N ASP J 518 17.73 -5.25 27.07
CA ASP J 518 17.67 -4.78 25.69
C ASP J 518 16.65 -5.57 24.88
N LEU J 519 16.59 -6.90 25.08
CA LEU J 519 15.68 -7.70 24.29
C LEU J 519 14.24 -7.34 24.54
N ASP J 520 13.91 -6.97 25.78
CA ASP J 520 12.52 -6.73 26.12
C ASP J 520 12.09 -5.33 25.74
N VAL J 521 12.99 -4.50 25.22
CA VAL J 521 12.59 -3.19 24.73
C VAL J 521 12.85 -3.01 23.25
N LEU J 522 13.69 -3.83 22.64
CA LEU J 522 13.91 -3.79 21.22
C LEU J 522 12.93 -4.65 20.46
N ALA J 523 12.06 -5.38 21.16
CA ALA J 523 11.17 -6.32 20.50
C ALA J 523 10.09 -5.63 19.68
N SER J 524 9.90 -4.33 19.90
CA SER J 524 8.88 -3.57 19.20
C SER J 524 9.48 -2.72 18.08
N LYS J 525 10.74 -2.97 17.79
CA LYS J 525 11.48 -2.26 16.77
C LYS J 525 10.96 -2.43 15.36
N LYS J 526 10.78 -1.32 14.63
CA LYS J 526 10.48 -1.41 13.21
C LYS J 526 11.29 -0.38 12.47
N VAL J 527 11.83 -0.77 11.32
CA VAL J 527 12.65 0.09 10.48
C VAL J 527 12.14 -0.03 9.05
N GLN J 528 12.46 0.95 8.23
CA GLN J 528 12.15 0.90 6.80
C GLN J 528 13.44 0.86 5.99
N ARG J 529 13.36 0.28 4.79
CA ARG J 529 14.47 0.20 3.84
C ARG J 529 13.93 0.55 2.47
N PRO J 530 14.74 1.12 1.58
CA PRO J 530 14.29 1.35 0.21
C PRO J 530 13.78 0.09 -0.45
N TRP J 531 12.76 0.26 -1.29
CA TRP J 531 12.13 -0.89 -1.93
C TRP J 531 13.09 -1.51 -2.94
N ARG J 532 13.13 -2.84 -2.96
CA ARG J 532 13.92 -3.55 -3.96
C ARG J 532 13.17 -4.82 -4.31
N LYS J 533 13.15 -5.18 -5.59
CA LYS J 533 12.44 -6.37 -6.05
C LYS J 533 12.88 -7.52 -5.15
N HIS J 534 14.20 -7.65 -5.00
CA HIS J 534 14.80 -8.65 -4.16
C HIS J 534 16.21 -8.26 -3.77
N ALA J 535 16.75 -8.92 -2.78
CA ALA J 535 18.12 -8.68 -2.38
C ALA J 535 19.08 -9.33 -3.37
N ASN J 536 20.30 -8.80 -3.39
CA ASN J 536 21.37 -9.30 -4.25
C ASN J 536 22.60 -9.63 -3.42
N ILE J 537 22.59 -10.82 -2.81
CA ILE J 537 23.65 -11.35 -1.95
C ILE J 537 24.91 -11.64 -2.78
N PRO J 538 26.10 -11.28 -2.30
CA PRO J 538 27.33 -11.46 -3.08
C PRO J 538 27.60 -12.87 -3.62
N LEU J 539 27.05 -13.92 -3.01
CA LEU J 539 27.29 -15.32 -3.37
C LEU J 539 28.75 -15.76 -3.39
N LYS K 61 11.89 -39.38 -74.98
CA LYS K 61 12.65 -38.15 -75.13
C LYS K 61 14.04 -38.29 -74.52
N THR K 62 14.11 -38.33 -73.18
CA THR K 62 15.40 -38.38 -72.48
C THR K 62 15.29 -39.36 -71.34
N PHE K 63 16.27 -39.30 -70.42
CA PHE K 63 16.36 -40.25 -69.32
C PHE K 63 15.30 -39.94 -68.29
N ASP K 64 14.81 -40.94 -67.59
CA ASP K 64 13.95 -40.70 -66.45
C ASP K 64 14.72 -40.44 -65.17
N LYS K 65 15.86 -41.07 -64.96
CA LYS K 65 16.58 -40.90 -63.70
C LYS K 65 18.08 -41.08 -63.89
N ILE K 66 18.84 -40.10 -63.42
CA ILE K 66 20.29 -40.10 -63.55
C ILE K 66 20.90 -40.03 -62.16
N LEU K 67 21.91 -40.85 -61.92
CA LEU K 67 22.64 -40.80 -60.67
C LEU K 67 23.92 -40.00 -60.86
N VAL K 68 24.24 -39.16 -59.88
CA VAL K 68 25.46 -38.40 -59.91
C VAL K 68 26.41 -39.02 -58.90
N ALA K 69 27.64 -39.29 -59.31
CA ALA K 69 28.62 -39.92 -58.44
C ALA K 69 29.68 -38.95 -57.91
N ASN K 70 29.26 -37.77 -57.48
CA ASN K 70 30.19 -36.73 -57.06
C ASN K 70 29.51 -35.90 -55.99
N ARG K 71 30.22 -34.90 -55.49
CA ARG K 71 29.72 -34.06 -54.42
C ARG K 71 30.08 -32.62 -54.72
N GLY K 72 29.31 -31.71 -54.14
CA GLY K 72 29.66 -30.31 -54.24
C GLY K 72 29.03 -29.62 -55.42
N GLU K 73 29.69 -28.56 -55.91
CA GLU K 73 29.07 -27.70 -56.91
C GLU K 73 28.90 -28.41 -58.24
N ILE K 74 29.73 -29.42 -58.51
CA ILE K 74 29.61 -30.15 -59.76
C ILE K 74 28.36 -31.01 -59.73
N ALA K 75 28.04 -31.58 -58.58
CA ALA K 75 26.77 -32.29 -58.41
C ALA K 75 25.61 -31.32 -58.48
N CYS K 76 25.78 -30.11 -57.95
CA CYS K 76 24.69 -29.14 -58.03
C CYS K 76 24.42 -28.73 -59.47
N ARG K 77 25.46 -28.58 -60.25
CA ARG K 77 25.28 -28.22 -61.63
C ARG K 77 24.44 -29.25 -62.37
N VAL K 78 24.69 -30.54 -62.15
CA VAL K 78 23.93 -31.58 -62.83
C VAL K 78 22.49 -31.61 -62.31
N ILE K 79 22.29 -31.45 -61.00
CA ILE K 79 20.94 -31.47 -60.43
C ILE K 79 20.08 -30.36 -61.03
N ARG K 80 20.65 -29.16 -61.15
CA ARG K 80 19.93 -28.03 -61.74
C ARG K 80 19.60 -28.29 -63.21
N THR K 81 20.56 -28.81 -63.96
CA THR K 81 20.28 -29.11 -65.36
C THR K 81 19.21 -30.18 -65.51
N CYS K 82 19.28 -31.26 -64.71
CA CYS K 82 18.27 -32.31 -64.77
C CYS K 82 16.89 -31.76 -64.48
N LYS K 83 16.77 -30.94 -63.44
CA LYS K 83 15.48 -30.36 -63.11
C LYS K 83 14.94 -29.50 -64.24
N LYS K 84 15.83 -28.84 -64.97
CA LYS K 84 15.42 -28.04 -66.11
C LYS K 84 14.93 -28.98 -67.20
N MET K 85 15.53 -30.16 -67.28
CA MET K 85 15.17 -31.17 -68.28
C MET K 85 14.02 -32.06 -67.83
N GLY K 86 13.65 -32.01 -66.57
CA GLY K 86 12.59 -32.87 -66.10
C GLY K 86 13.03 -34.27 -65.74
N ILE K 87 14.28 -34.42 -65.33
CA ILE K 87 14.88 -35.71 -65.04
C ILE K 87 15.10 -35.76 -63.53
N LYS K 88 14.77 -36.89 -62.92
CA LYS K 88 15.03 -37.05 -61.49
C LYS K 88 16.50 -37.32 -61.27
N THR K 89 17.07 -36.75 -60.22
CA THR K 89 18.49 -36.90 -59.97
C THR K 89 18.73 -37.58 -58.64
N VAL K 90 19.62 -38.55 -58.62
CA VAL K 90 19.97 -39.25 -57.39
C VAL K 90 21.36 -38.79 -57.00
N ALA K 91 21.53 -38.50 -55.72
CA ALA K 91 22.82 -38.10 -55.18
C ALA K 91 23.37 -39.23 -54.34
N ILE K 92 24.68 -39.23 -54.18
CA ILE K 92 25.36 -40.05 -53.19
C ILE K 92 26.15 -39.12 -52.29
N HIS K 93 26.34 -39.55 -51.05
CA HIS K 93 27.09 -38.75 -50.09
C HIS K 93 27.72 -39.64 -49.04
N SER K 94 28.74 -39.10 -48.40
CA SER K 94 29.36 -39.68 -47.22
C SER K 94 28.55 -39.29 -45.99
N ASP K 95 28.87 -39.86 -44.83
CA ASP K 95 28.18 -39.51 -43.59
C ASP K 95 28.35 -38.04 -43.22
N VAL K 96 29.47 -37.43 -43.58
CA VAL K 96 29.67 -36.04 -43.18
C VAL K 96 29.04 -35.12 -44.22
N ASP K 97 28.88 -35.59 -45.46
CA ASP K 97 28.26 -34.80 -46.52
C ASP K 97 26.75 -34.92 -46.55
N ALA K 98 26.15 -35.59 -45.56
CA ALA K 98 24.71 -35.80 -45.54
C ALA K 98 23.91 -34.51 -45.52
N SER K 99 24.47 -33.40 -45.05
CA SER K 99 23.74 -32.14 -45.07
C SER K 99 24.27 -31.17 -46.12
N SER K 100 25.06 -31.64 -47.08
CA SER K 100 25.63 -30.75 -48.07
C SER K 100 24.54 -30.31 -49.05
N VAL K 101 24.85 -29.32 -49.87
CA VAL K 101 23.80 -28.73 -50.70
C VAL K 101 23.29 -29.72 -51.74
N HIS K 102 24.19 -30.44 -52.43
CA HIS K 102 23.72 -31.30 -53.50
C HIS K 102 22.85 -32.43 -53.00
N VAL K 103 23.00 -32.84 -51.74
CA VAL K 103 22.13 -33.87 -51.19
C VAL K 103 20.71 -33.34 -51.05
N LYS K 104 20.57 -32.09 -50.59
CA LYS K 104 19.25 -31.52 -50.39
C LYS K 104 18.59 -31.16 -51.72
N MET K 105 19.39 -30.76 -52.71
CA MET K 105 18.83 -30.42 -54.01
C MET K 105 18.39 -31.64 -54.79
N ALA K 106 19.02 -32.79 -54.57
CA ALA K 106 18.67 -33.98 -55.32
C ALA K 106 17.30 -34.48 -54.89
N ASP K 107 16.70 -35.33 -55.72
CA ASP K 107 15.40 -35.90 -55.44
C ASP K 107 15.49 -37.11 -54.52
N GLU K 108 16.52 -37.91 -54.70
CA GLU K 108 16.79 -39.06 -53.85
C GLU K 108 18.27 -39.06 -53.54
N ALA K 109 18.64 -39.67 -52.43
CA ALA K 109 20.04 -39.74 -52.03
C ALA K 109 20.30 -41.07 -51.35
N VAL K 110 21.50 -41.58 -51.52
CA VAL K 110 21.95 -42.81 -50.88
C VAL K 110 23.25 -42.52 -50.15
N CYS K 111 23.34 -42.94 -48.89
CA CYS K 111 24.61 -42.82 -48.20
C CYS K 111 25.45 -44.02 -48.57
N VAL K 112 26.71 -43.77 -48.93
CA VAL K 112 27.61 -44.80 -49.42
C VAL K 112 28.61 -45.22 -48.35
N GLY K 113 29.18 -44.28 -47.63
CA GLY K 113 30.25 -44.61 -46.73
C GLY K 113 30.68 -43.48 -45.83
N PRO K 114 31.78 -43.67 -45.12
CA PRO K 114 32.24 -42.67 -44.16
C PRO K 114 32.98 -41.50 -44.79
N ALA K 115 33.44 -40.59 -43.94
CA ALA K 115 34.13 -39.39 -44.40
C ALA K 115 35.23 -39.57 -45.44
N PRO K 116 36.23 -40.47 -45.30
CA PRO K 116 37.29 -40.52 -46.30
C PRO K 116 36.76 -40.98 -47.66
N THR K 117 37.21 -40.29 -48.70
CA THR K 117 36.64 -40.49 -50.02
C THR K 117 36.88 -41.90 -50.55
N SER K 118 37.94 -42.56 -50.09
CA SER K 118 38.30 -43.87 -50.64
C SER K 118 37.21 -44.89 -50.34
N LYS K 119 36.34 -44.60 -49.38
CA LYS K 119 35.34 -45.54 -48.93
C LYS K 119 33.93 -45.06 -49.22
N SER K 120 33.79 -43.89 -49.83
CA SER K 120 32.49 -43.23 -50.04
C SER K 120 32.27 -42.79 -51.48
N TYR K 121 33.29 -42.24 -52.13
CA TYR K 121 33.14 -41.78 -53.50
C TYR K 121 34.00 -42.56 -54.47
N LEU K 122 35.03 -43.25 -53.97
CA LEU K 122 35.80 -44.17 -54.80
C LEU K 122 35.44 -45.63 -54.55
N ASN K 123 34.40 -45.91 -53.76
CA ASN K 123 33.95 -47.28 -53.50
C ASN K 123 32.95 -47.70 -54.57
N MET K 124 33.45 -48.22 -55.69
CA MET K 124 32.60 -48.45 -56.84
C MET K 124 31.56 -49.54 -56.59
N ASP K 125 31.88 -50.49 -55.71
CA ASP K 125 30.94 -51.57 -55.40
C ASP K 125 29.72 -51.06 -54.63
N ALA K 126 29.96 -50.20 -53.63
CA ALA K 126 28.87 -49.61 -52.88
C ALA K 126 28.05 -48.67 -53.75
N ILE K 127 28.70 -48.00 -54.69
CA ILE K 127 28.02 -47.12 -55.63
C ILE K 127 27.14 -47.93 -56.58
N MET K 128 27.65 -49.05 -57.09
CA MET K 128 26.86 -49.92 -57.96
C MET K 128 25.58 -50.38 -57.27
N GLU K 129 25.68 -50.67 -55.98
CA GLU K 129 24.50 -51.02 -55.21
C GLU K 129 23.50 -49.89 -55.16
N ALA K 130 23.98 -48.66 -54.97
CA ALA K 130 23.10 -47.50 -54.99
C ALA K 130 22.48 -47.30 -56.37
N ILE K 131 23.24 -47.55 -57.44
CA ILE K 131 22.75 -47.33 -58.79
C ILE K 131 21.58 -48.24 -59.09
N LYS K 132 21.70 -49.52 -58.73
CA LYS K 132 20.59 -50.44 -58.95
C LYS K 132 19.48 -50.28 -57.91
N LYS K 133 19.84 -49.93 -56.67
CA LYS K 133 18.83 -49.78 -55.64
C LYS K 133 17.80 -48.72 -56.05
N THR K 134 18.26 -47.62 -56.64
CA THR K 134 17.35 -46.57 -57.04
C THR K 134 16.84 -46.71 -58.45
N ARG K 135 17.24 -47.77 -59.16
CA ARG K 135 16.87 -48.05 -60.54
C ARG K 135 17.23 -46.85 -61.43
N ALA K 136 18.46 -46.38 -61.26
CA ALA K 136 19.00 -45.33 -62.10
C ALA K 136 19.31 -45.87 -63.49
N GLN K 137 19.15 -45.01 -64.50
CA GLN K 137 19.33 -45.41 -65.88
C GLN K 137 20.71 -45.03 -66.41
N ALA K 138 21.21 -43.87 -65.99
CA ALA K 138 22.50 -43.34 -66.46
C ALA K 138 23.27 -42.79 -65.25
N VAL K 139 24.60 -42.76 -65.33
CA VAL K 139 25.44 -42.19 -64.27
C VAL K 139 26.33 -41.07 -64.84
N HIS K 140 26.37 -39.92 -64.16
CA HIS K 140 27.26 -38.81 -64.53
C HIS K 140 28.25 -38.53 -63.37
N PRO K 141 29.51 -38.96 -63.52
CA PRO K 141 30.42 -38.82 -62.39
C PRO K 141 31.03 -37.43 -62.24
N GLY K 142 30.76 -36.51 -63.16
CA GLY K 142 31.41 -35.22 -63.17
C GLY K 142 32.88 -35.36 -63.47
N TYR K 143 33.73 -34.94 -62.54
CA TYR K 143 35.16 -35.03 -62.73
C TYR K 143 35.78 -35.48 -61.42
N GLY K 144 37.05 -35.84 -61.49
CA GLY K 144 37.79 -36.14 -60.29
C GLY K 144 37.84 -37.59 -59.89
N PHE K 145 36.75 -38.07 -59.28
CA PHE K 145 36.70 -39.35 -58.57
C PHE K 145 36.80 -40.58 -59.47
N LEU K 146 35.75 -40.84 -60.25
CA LEU K 146 35.73 -42.07 -61.03
C LEU K 146 35.53 -41.75 -62.50
N SER K 147 35.94 -40.55 -62.92
CA SER K 147 35.73 -40.12 -64.28
C SER K 147 36.67 -40.80 -65.25
N GLU K 148 37.83 -41.25 -64.77
CA GLU K 148 38.79 -42.00 -65.57
C GLU K 148 39.04 -43.40 -65.04
N ASN K 149 38.16 -43.91 -64.20
CA ASN K 149 38.34 -45.22 -63.59
C ASN K 149 37.74 -46.28 -64.49
N LYS K 150 38.60 -47.05 -65.15
CA LYS K 150 38.12 -47.97 -66.18
C LYS K 150 37.34 -49.13 -65.58
N GLU K 151 37.78 -49.63 -64.42
CA GLU K 151 37.11 -50.74 -63.78
C GLU K 151 35.69 -50.37 -63.39
N PHE K 152 35.48 -49.13 -62.98
CA PHE K 152 34.13 -48.64 -62.69
C PHE K 152 33.30 -48.61 -63.96
N ALA K 153 33.81 -48.00 -65.03
CA ALA K 153 33.06 -47.94 -66.28
C ALA K 153 32.80 -49.33 -66.84
N ARG K 154 33.75 -50.26 -66.67
CA ARG K 154 33.59 -51.61 -67.19
C ARG K 154 32.47 -52.34 -66.47
N CYS K 155 32.53 -52.37 -65.14
CA CYS K 155 31.50 -53.04 -64.35
C CYS K 155 30.17 -52.30 -64.38
N LEU K 156 30.17 -51.01 -64.64
CA LEU K 156 28.95 -50.26 -64.83
C LEU K 156 28.30 -50.61 -66.16
N ALA K 157 29.07 -50.63 -67.25
CA ALA K 157 28.53 -51.02 -68.53
C ALA K 157 28.05 -52.47 -68.52
N ALA K 158 28.74 -53.32 -67.77
CA ALA K 158 28.34 -54.73 -67.72
C ALA K 158 26.91 -54.88 -67.24
N GLU K 159 26.39 -53.87 -66.53
CA GLU K 159 25.07 -53.93 -65.96
C GLU K 159 24.07 -53.12 -66.78
N ASP K 160 24.47 -52.71 -67.99
CA ASP K 160 23.71 -51.92 -68.97
C ASP K 160 23.24 -50.56 -68.43
N VAL K 161 24.12 -49.90 -67.69
CA VAL K 161 23.80 -48.58 -67.22
C VAL K 161 24.57 -47.65 -68.13
N VAL K 162 23.94 -46.58 -68.58
CA VAL K 162 24.53 -45.68 -69.55
C VAL K 162 25.51 -44.85 -68.77
N PHE K 163 26.74 -44.80 -69.26
CA PHE K 163 27.76 -43.95 -68.66
C PHE K 163 27.93 -42.68 -69.45
N ILE K 164 27.86 -41.56 -68.72
CA ILE K 164 28.01 -40.25 -69.32
C ILE K 164 29.42 -39.70 -69.16
N GLY K 165 30.20 -39.75 -70.24
CA GLY K 165 31.60 -39.44 -70.12
C GLY K 165 32.31 -40.24 -71.17
N PRO K 166 33.69 -40.38 -71.02
CA PRO K 166 34.32 -41.13 -72.10
C PRO K 166 33.99 -42.60 -71.96
N ASP K 167 34.23 -43.35 -73.02
CA ASP K 167 34.10 -44.80 -73.00
C ASP K 167 35.47 -45.23 -72.55
N THR K 168 35.71 -46.53 -72.44
CA THR K 168 37.01 -46.95 -71.90
C THR K 168 38.10 -46.94 -72.96
N HIS K 169 37.73 -46.95 -74.24
CA HIS K 169 38.71 -46.82 -75.29
C HIS K 169 39.43 -45.48 -75.23
N ALA K 170 38.67 -44.39 -75.12
CA ALA K 170 39.30 -43.08 -75.03
C ALA K 170 40.16 -42.94 -73.79
N ILE K 171 39.73 -43.52 -72.65
CA ILE K 171 40.52 -43.43 -71.44
C ILE K 171 41.86 -44.13 -71.63
N GLN K 172 41.86 -45.34 -72.19
CA GLN K 172 43.09 -46.07 -72.45
C GLN K 172 43.90 -45.46 -73.58
N ALA K 173 43.24 -44.93 -74.62
CA ALA K 173 43.95 -44.39 -75.77
C ALA K 173 44.90 -43.29 -75.32
N MET K 174 44.48 -42.47 -74.37
CA MET K 174 45.31 -41.40 -73.85
C MET K 174 45.94 -41.81 -72.52
N GLY K 175 46.07 -43.12 -72.32
CA GLY K 175 46.47 -43.62 -71.02
C GLY K 175 47.88 -43.16 -70.67
N ASP K 176 48.73 -43.01 -71.68
CA ASP K 176 50.15 -42.71 -71.52
C ASP K 176 50.57 -41.71 -72.58
N LYS K 177 51.81 -41.25 -72.49
CA LYS K 177 52.35 -40.26 -73.41
C LYS K 177 52.69 -40.75 -74.81
N ILE K 178 52.98 -42.04 -74.94
CA ILE K 178 53.33 -42.58 -76.26
C ILE K 178 52.12 -42.56 -77.21
N GLU K 179 50.96 -43.03 -76.75
CA GLU K 179 49.77 -43.01 -77.61
C GLU K 179 49.33 -41.59 -77.90
N SER K 180 49.44 -40.70 -76.91
CA SER K 180 49.07 -39.31 -77.14
C SER K 180 49.94 -38.66 -78.20
N LYS K 181 51.27 -38.87 -78.14
CA LYS K 181 52.16 -38.31 -79.12
C LYS K 181 51.90 -38.91 -80.50
N LEU K 182 51.64 -40.22 -80.54
CA LEU K 182 51.37 -40.85 -81.81
C LEU K 182 50.09 -40.29 -82.43
N LEU K 183 49.06 -40.03 -81.62
CA LEU K 183 47.84 -39.43 -82.13
C LEU K 183 48.11 -38.05 -82.72
N ALA K 184 48.88 -37.22 -82.03
CA ALA K 184 49.21 -35.89 -82.53
C ALA K 184 49.96 -35.94 -83.86
N LYS K 185 50.70 -37.01 -84.10
CA LYS K 185 51.43 -37.15 -85.35
C LYS K 185 50.51 -37.57 -86.47
N LYS K 186 49.52 -38.39 -86.14
CA LYS K 186 48.57 -38.92 -87.12
C LYS K 186 47.48 -37.92 -87.45
N ALA K 187 47.07 -37.18 -86.44
CA ALA K 187 45.96 -36.25 -86.56
C ALA K 187 46.63 -35.05 -87.23
N GLU K 188 47.97 -35.08 -87.26
CA GLU K 188 48.78 -34.00 -87.75
C GLU K 188 48.60 -32.69 -87.00
N VAL K 189 49.13 -32.61 -85.78
CA VAL K 189 48.94 -31.35 -85.10
C VAL K 189 50.22 -30.52 -85.07
N ASN K 190 51.19 -31.04 -84.31
CA ASN K 190 52.56 -30.51 -84.21
C ASN K 190 53.62 -31.48 -83.62
N THR K 191 53.74 -31.55 -82.30
CA THR K 191 54.78 -32.41 -81.71
C THR K 191 56.17 -32.35 -82.36
N ILE K 192 56.84 -31.22 -82.13
CA ILE K 192 58.12 -30.86 -82.73
C ILE K 192 59.20 -31.91 -82.53
N PRO K 193 59.88 -32.33 -83.59
CA PRO K 193 60.89 -33.39 -83.45
C PRO K 193 62.04 -33.01 -82.54
N GLY K 194 62.61 -34.04 -81.91
CA GLY K 194 63.89 -33.91 -81.24
C GLY K 194 64.92 -34.75 -81.97
N PHE K 195 65.99 -35.07 -81.26
CA PHE K 195 67.06 -35.90 -81.83
C PHE K 195 66.88 -37.33 -81.35
N ASP K 196 66.58 -38.22 -82.29
CA ASP K 196 66.36 -39.63 -81.97
C ASP K 196 67.72 -40.31 -81.99
N GLY K 197 68.52 -40.01 -80.98
CA GLY K 197 69.84 -40.57 -80.83
C GLY K 197 70.58 -39.83 -79.74
N VAL K 198 71.75 -40.33 -79.36
CA VAL K 198 72.52 -39.70 -78.31
C VAL K 198 73.57 -38.78 -78.92
N VAL K 199 73.68 -37.57 -78.37
CA VAL K 199 74.71 -36.66 -78.84
C VAL K 199 76.02 -36.97 -78.12
N LYS K 200 77.06 -37.22 -78.89
CA LYS K 200 78.33 -37.68 -78.34
C LYS K 200 79.44 -36.67 -78.54
N ASP K 201 79.51 -36.09 -79.73
CA ASP K 201 80.60 -35.21 -80.10
C ASP K 201 80.28 -33.78 -79.66
N ALA K 202 81.25 -32.90 -79.86
CA ALA K 202 81.10 -31.49 -79.50
C ALA K 202 80.39 -30.71 -80.59
N GLU K 203 80.49 -31.17 -81.84
CA GLU K 203 79.87 -30.50 -82.98
C GLU K 203 78.49 -31.03 -83.30
N GLU K 204 78.13 -32.23 -82.84
CA GLU K 204 76.78 -32.75 -83.02
C GLU K 204 75.74 -31.91 -82.27
N ALA K 205 76.08 -31.39 -81.09
CA ALA K 205 75.13 -30.60 -80.32
C ALA K 205 74.63 -29.41 -81.14
N VAL K 206 75.50 -28.81 -81.96
CA VAL K 206 75.04 -27.68 -82.77
C VAL K 206 74.58 -28.12 -84.16
N ARG K 207 75.25 -29.11 -84.76
CA ARG K 207 74.85 -29.50 -86.11
C ARG K 207 73.42 -30.04 -86.11
N ILE K 208 73.04 -30.86 -85.13
CA ILE K 208 71.68 -31.40 -85.15
C ILE K 208 70.67 -30.27 -84.94
N ALA K 209 70.95 -29.33 -84.02
CA ALA K 209 70.05 -28.20 -83.79
C ALA K 209 69.84 -27.39 -85.07
N ARG K 210 70.92 -27.18 -85.84
CA ARG K 210 70.81 -26.43 -87.08
C ARG K 210 69.82 -27.07 -88.03
N GLU K 211 69.77 -28.40 -88.06
CA GLU K 211 68.84 -29.07 -88.96
C GLU K 211 67.39 -28.98 -88.49
N ILE K 212 67.12 -28.96 -87.19
CA ILE K 212 65.73 -28.96 -86.74
C ILE K 212 65.20 -27.57 -86.41
N GLY K 213 65.99 -26.75 -85.72
CA GLY K 213 65.49 -25.45 -85.27
C GLY K 213 66.45 -24.56 -84.52
N TYR K 214 65.92 -23.56 -83.81
CA TYR K 214 66.77 -22.60 -83.09
C TYR K 214 66.84 -22.71 -81.57
N PRO K 215 65.65 -22.50 -80.90
CA PRO K 215 65.75 -22.62 -79.43
C PRO K 215 65.96 -24.12 -79.23
N VAL K 216 67.07 -24.45 -78.58
CA VAL K 216 67.41 -25.85 -78.32
C VAL K 216 67.74 -26.04 -76.86
N MET K 217 67.20 -27.13 -76.30
CA MET K 217 67.41 -27.52 -74.91
C MET K 217 68.33 -28.72 -74.86
N ILE K 218 69.27 -28.72 -73.91
CA ILE K 218 70.13 -29.87 -73.63
C ILE K 218 69.73 -30.48 -72.30
N LYS K 219 69.42 -31.79 -72.30
CA LYS K 219 68.98 -32.50 -71.10
C LYS K 219 69.58 -33.90 -71.12
N ALA K 220 69.58 -34.54 -69.94
CA ALA K 220 70.00 -35.92 -69.77
C ALA K 220 69.05 -36.88 -70.52
N SER K 221 69.61 -37.98 -71.02
CA SER K 221 68.81 -39.00 -71.69
C SER K 221 67.80 -39.64 -70.75
N ALA K 222 68.10 -39.66 -69.45
CA ALA K 222 67.18 -40.13 -68.43
C ALA K 222 67.48 -39.42 -67.12
N GLY K 223 66.46 -38.88 -66.48
CA GLY K 223 66.59 -38.19 -65.22
C GLY K 223 65.87 -36.86 -65.26
N GLY K 224 66.16 -36.05 -64.25
CA GLY K 224 65.50 -34.75 -64.14
C GLY K 224 66.01 -34.00 -62.93
N GLY K 225 65.40 -32.84 -62.70
CA GLY K 225 65.78 -32.00 -61.57
C GLY K 225 67.08 -31.25 -61.81
N GLY K 226 67.32 -30.88 -63.06
CA GLY K 226 68.54 -30.18 -63.41
C GLY K 226 69.72 -31.11 -63.65
N LYS K 227 69.45 -32.33 -64.10
CA LYS K 227 70.51 -33.31 -64.33
C LYS K 227 71.25 -32.93 -65.59
N GLY K 228 72.08 -31.89 -65.49
CA GLY K 228 72.83 -31.38 -66.61
C GLY K 228 72.04 -30.59 -67.63
N MET K 229 70.93 -29.98 -67.23
CA MET K 229 70.06 -29.26 -68.15
C MET K 229 70.59 -27.84 -68.30
N ARG K 230 70.53 -27.33 -69.52
CA ARG K 230 70.83 -25.93 -69.82
C ARG K 230 70.01 -25.49 -71.02
N ILE K 231 69.68 -24.21 -71.09
CA ILE K 231 68.92 -23.65 -72.20
C ILE K 231 69.89 -22.93 -73.12
N ALA K 232 69.81 -23.23 -74.41
CA ALA K 232 70.69 -22.60 -75.38
C ALA K 232 69.88 -22.07 -76.55
N TRP K 233 70.42 -21.03 -77.17
CA TRP K 233 69.85 -20.39 -78.36
C TRP K 233 70.79 -20.40 -79.54
N ASP K 234 72.00 -19.85 -79.38
CA ASP K 234 72.98 -19.81 -80.47
C ASP K 234 73.87 -21.04 -80.37
N ASP K 235 74.79 -21.16 -81.31
CA ASP K 235 75.69 -22.31 -81.35
C ASP K 235 76.79 -22.27 -80.30
N GLU K 236 77.22 -21.08 -79.85
CA GLU K 236 78.34 -20.99 -78.92
C GLU K 236 77.98 -21.58 -77.55
N GLU K 237 76.83 -21.19 -77.00
CA GLU K 237 76.45 -21.81 -75.74
C GLU K 237 75.79 -23.17 -75.92
N THR K 238 75.30 -23.53 -77.10
CA THR K 238 74.90 -24.92 -77.25
C THR K 238 76.11 -25.84 -77.16
N ARG K 239 77.21 -25.50 -77.83
CA ARG K 239 78.42 -26.32 -77.76
C ARG K 239 78.94 -26.39 -76.33
N ASP K 240 78.95 -25.23 -75.66
CA ASP K 240 79.45 -25.13 -74.29
C ASP K 240 78.58 -25.90 -73.32
N GLY K 241 77.25 -25.77 -73.45
CA GLY K 241 76.35 -26.52 -72.58
C GLY K 241 76.51 -28.01 -72.68
N PHE K 242 76.63 -28.54 -73.91
CA PHE K 242 76.79 -29.98 -74.06
C PHE K 242 78.06 -30.47 -73.40
N ARG K 243 79.20 -29.84 -73.71
CA ARG K 243 80.46 -30.40 -73.24
C ARG K 243 80.58 -30.32 -71.73
N LEU K 244 79.95 -29.33 -71.11
CA LEU K 244 79.91 -29.21 -69.65
C LEU K 244 79.11 -30.35 -69.04
N SER K 245 77.94 -30.63 -69.61
CA SER K 245 77.07 -31.67 -69.11
C SER K 245 77.65 -33.06 -69.36
N SER K 246 78.24 -33.24 -70.54
CA SER K 246 78.82 -34.52 -70.91
C SER K 246 80.09 -34.86 -70.15
N GLN K 247 80.79 -33.86 -69.60
CA GLN K 247 81.93 -34.15 -68.74
C GLN K 247 81.63 -34.14 -67.25
N GLU K 248 80.60 -33.41 -66.78
CA GLU K 248 80.34 -33.40 -65.35
C GLU K 248 79.18 -34.31 -64.92
N ALA K 249 78.22 -34.62 -65.80
CA ALA K 249 77.05 -35.40 -65.41
C ALA K 249 77.44 -36.78 -64.89
N ALA K 250 78.56 -37.33 -65.38
CA ALA K 250 79.01 -38.66 -64.97
C ALA K 250 79.28 -38.72 -63.47
N SER K 251 79.53 -37.56 -62.83
CA SER K 251 79.80 -37.50 -61.41
C SER K 251 78.56 -37.45 -60.56
N SER K 252 77.37 -37.33 -61.17
CA SER K 252 76.16 -37.25 -60.36
C SER K 252 75.54 -38.64 -60.21
N PHE K 253 74.92 -39.14 -61.28
CA PHE K 253 74.24 -40.42 -61.23
C PHE K 253 74.89 -41.45 -62.15
N GLY K 254 76.10 -41.19 -62.63
CA GLY K 254 76.84 -42.12 -63.47
C GLY K 254 76.41 -42.19 -64.91
N ASP K 255 75.83 -41.13 -65.46
CA ASP K 255 75.33 -41.13 -66.83
C ASP K 255 75.58 -39.78 -67.47
N ASP K 256 76.20 -39.79 -68.65
CA ASP K 256 76.66 -38.56 -69.28
C ASP K 256 76.17 -38.53 -70.73
N ARG K 257 75.12 -39.29 -71.02
CA ARG K 257 74.50 -39.27 -72.34
C ARG K 257 73.49 -38.12 -72.38
N LEU K 258 73.67 -37.21 -73.34
CA LEU K 258 72.81 -36.04 -73.50
C LEU K 258 71.94 -36.16 -74.74
N LEU K 259 70.70 -35.67 -74.64
CA LEU K 259 69.79 -35.55 -75.77
C LEU K 259 69.50 -34.07 -76.01
N ILE K 260 69.12 -33.72 -77.23
CA ILE K 260 68.64 -32.37 -77.51
C ILE K 260 67.23 -32.46 -78.10
N GLU K 261 66.42 -31.48 -77.74
CA GLU K 261 65.03 -31.27 -78.16
C GLU K 261 64.84 -29.75 -78.29
N LYS K 262 63.65 -29.32 -78.66
CA LYS K 262 63.39 -27.90 -78.90
C LYS K 262 62.40 -27.34 -77.87
N PHE K 263 62.54 -26.06 -77.47
CA PHE K 263 61.72 -25.54 -76.39
C PHE K 263 61.08 -24.24 -76.87
N ILE K 264 60.27 -23.65 -75.99
CA ILE K 264 59.66 -22.36 -76.20
C ILE K 264 59.93 -21.46 -75.00
N ASP K 265 59.87 -20.14 -75.24
CA ASP K 265 60.01 -19.10 -74.22
C ASP K 265 58.63 -18.80 -73.64
N ASN K 266 58.56 -17.85 -72.70
CA ASN K 266 57.40 -17.43 -71.90
C ASN K 266 56.08 -18.06 -72.37
N PRO K 267 55.82 -19.29 -71.95
CA PRO K 267 54.66 -20.02 -72.49
C PRO K 267 53.35 -19.48 -71.94
N ARG K 268 52.31 -19.62 -72.74
CA ARG K 268 50.94 -19.44 -72.26
C ARG K 268 50.16 -20.74 -72.44
N HIS K 269 49.35 -21.08 -71.45
CA HIS K 269 48.58 -22.32 -71.45
C HIS K 269 47.20 -22.03 -72.00
N ILE K 270 46.84 -22.64 -73.13
CA ILE K 270 45.59 -22.32 -73.80
C ILE K 270 44.84 -23.61 -74.08
N GLU K 271 43.57 -23.65 -73.71
CA GLU K 271 42.75 -24.82 -73.89
C GLU K 271 41.76 -24.58 -75.01
N ILE K 272 41.44 -25.64 -75.74
CA ILE K 272 40.31 -25.62 -76.66
C ILE K 272 39.41 -26.80 -76.32
N GLN K 273 38.13 -26.54 -76.15
CA GLN K 273 37.18 -27.58 -75.80
C GLN K 273 36.53 -28.17 -77.04
N VAL K 274 36.31 -29.48 -77.03
CA VAL K 274 35.69 -30.17 -78.15
C VAL K 274 34.51 -30.99 -77.64
N LEU K 275 33.42 -30.93 -78.39
CA LEU K 275 32.20 -31.68 -78.13
C LEU K 275 32.12 -32.76 -79.19
N GLY K 276 32.28 -34.01 -78.81
CA GLY K 276 32.20 -35.13 -79.72
C GLY K 276 30.77 -35.61 -79.91
N ASP K 277 30.52 -36.23 -81.06
CA ASP K 277 29.23 -36.83 -81.36
C ASP K 277 29.39 -38.32 -81.62
N LYS K 278 28.43 -39.09 -81.12
CA LYS K 278 28.42 -40.53 -81.38
C LYS K 278 28.28 -40.87 -82.85
N HIS K 279 27.85 -39.93 -83.68
CA HIS K 279 27.67 -40.18 -85.10
C HIS K 279 28.90 -39.81 -85.92
N GLY K 280 29.98 -39.40 -85.27
CA GLY K 280 31.20 -39.05 -85.96
C GLY K 280 31.46 -37.57 -86.07
N ASN K 281 30.49 -36.73 -85.73
CA ASN K 281 30.71 -35.30 -85.76
C ASN K 281 31.48 -34.83 -84.52
N ALA K 282 32.07 -33.66 -84.62
CA ALA K 282 32.73 -33.03 -83.47
C ALA K 282 32.87 -31.55 -83.76
N LEU K 283 32.56 -30.72 -82.77
CA LEU K 283 32.73 -29.28 -82.90
C LEU K 283 33.71 -28.79 -81.85
N TRP K 284 34.35 -27.67 -82.14
CA TRP K 284 35.28 -27.05 -81.21
C TRP K 284 34.70 -25.73 -80.75
N LEU K 285 34.93 -25.41 -79.49
CA LEU K 285 34.38 -24.21 -78.89
C LEU K 285 35.50 -23.20 -78.72
N ASN K 286 35.15 -21.99 -78.31
CA ASN K 286 36.15 -20.97 -78.06
C ASN K 286 37.16 -21.45 -77.02
N GLU K 287 38.38 -20.96 -77.14
CA GLU K 287 39.46 -21.37 -76.27
C GLU K 287 39.30 -20.84 -74.84
N ARG K 288 40.26 -21.20 -73.99
CA ARG K 288 40.42 -20.64 -72.64
C ARG K 288 41.88 -20.35 -72.37
N GLU K 289 42.16 -19.19 -71.82
CA GLU K 289 43.48 -18.83 -71.33
C GLU K 289 43.57 -19.17 -69.86
N CYS K 290 44.48 -20.07 -69.51
CA CYS K 290 44.58 -20.60 -68.15
C CYS K 290 45.99 -20.48 -67.62
N SER K 291 46.49 -19.25 -67.53
CA SER K 291 47.90 -19.10 -67.18
C SER K 291 48.12 -18.75 -65.71
N ILE K 292 47.11 -18.23 -65.02
CA ILE K 292 47.28 -17.85 -63.63
C ILE K 292 47.04 -19.08 -62.76
N GLN K 293 48.08 -19.55 -62.08
CA GLN K 293 48.01 -20.83 -61.39
C GLN K 293 48.97 -20.82 -60.22
N ARG K 294 48.70 -21.68 -59.24
CA ARG K 294 49.71 -21.98 -58.23
C ARG K 294 49.60 -23.46 -57.86
N ARG K 295 50.77 -24.05 -57.56
CA ARG K 295 51.00 -25.46 -57.22
C ARG K 295 50.40 -26.43 -58.25
N ASN K 296 50.55 -26.03 -59.51
CA ASN K 296 50.05 -26.68 -60.73
C ASN K 296 48.53 -26.85 -60.75
N GLN K 297 47.85 -25.85 -60.18
CA GLN K 297 46.39 -25.84 -60.20
C GLN K 297 45.92 -24.45 -60.58
N LYS K 298 44.97 -24.39 -61.49
CA LYS K 298 44.55 -23.11 -62.02
C LYS K 298 43.66 -22.38 -61.00
N VAL K 299 43.71 -21.06 -61.03
CA VAL K 299 42.84 -20.28 -60.15
C VAL K 299 42.04 -19.26 -60.94
N VAL K 300 42.59 -18.70 -62.01
CA VAL K 300 41.88 -17.72 -62.82
C VAL K 300 42.04 -18.07 -64.29
N GLU K 301 40.94 -18.03 -65.02
CA GLU K 301 40.88 -18.35 -66.43
C GLU K 301 40.06 -17.28 -67.14
N GLU K 302 40.37 -17.12 -68.43
CA GLU K 302 39.69 -16.18 -69.30
C GLU K 302 39.33 -16.99 -70.53
N ALA K 303 38.13 -16.78 -71.09
CA ALA K 303 37.74 -17.56 -72.25
C ALA K 303 38.24 -17.07 -73.59
N PRO K 304 37.91 -15.81 -73.92
CA PRO K 304 38.32 -15.19 -75.18
C PRO K 304 39.76 -14.72 -75.09
N SER K 305 40.65 -15.67 -74.82
CA SER K 305 42.08 -15.40 -74.69
C SER K 305 42.55 -13.94 -74.87
N ILE K 306 43.29 -13.71 -75.95
CA ILE K 306 43.85 -12.42 -76.38
C ILE K 306 45.01 -12.72 -77.32
N PHE K 307 45.46 -13.97 -77.30
CA PHE K 307 46.66 -14.37 -78.02
C PHE K 307 46.27 -15.00 -79.33
N LEU K 308 44.98 -14.88 -79.67
CA LEU K 308 44.44 -15.46 -80.90
C LEU K 308 43.62 -14.47 -81.71
N ASP K 309 43.83 -14.48 -83.02
CA ASP K 309 42.96 -13.79 -83.95
C ASP K 309 42.01 -14.82 -84.57
N ALA K 310 41.17 -14.39 -85.50
CA ALA K 310 40.16 -15.30 -86.04
C ALA K 310 40.78 -16.49 -86.74
N GLU K 311 41.86 -16.28 -87.48
CA GLU K 311 42.47 -17.39 -88.22
C GLU K 311 43.15 -18.38 -87.30
N THR K 312 43.84 -17.90 -86.26
CA THR K 312 44.49 -18.82 -85.34
C THR K 312 43.48 -19.70 -84.61
N ARG K 313 42.34 -19.12 -84.22
CA ARG K 313 41.30 -19.89 -83.57
C ARG K 313 40.81 -21.02 -84.44
N ARG K 314 40.58 -20.73 -85.73
CA ARG K 314 40.13 -21.78 -86.64
C ARG K 314 41.20 -22.83 -86.84
N ALA K 315 42.45 -22.40 -87.02
CA ALA K 315 43.54 -23.33 -87.27
C ALA K 315 43.73 -24.29 -86.12
N MET K 316 43.68 -23.79 -84.88
CA MET K 316 43.87 -24.65 -83.72
C MET K 316 42.61 -25.43 -83.38
N GLY K 317 41.43 -24.84 -83.63
CA GLY K 317 40.21 -25.58 -83.40
C GLY K 317 40.09 -26.82 -84.27
N GLU K 318 40.49 -26.69 -85.54
CA GLU K 318 40.46 -27.82 -86.45
C GLU K 318 41.43 -28.92 -86.01
N GLN K 319 42.60 -28.55 -85.50
CA GLN K 319 43.51 -29.57 -84.98
C GLN K 319 42.98 -30.27 -83.74
N ALA K 320 42.34 -29.54 -82.83
CA ALA K 320 41.71 -30.18 -81.68
C ALA K 320 40.63 -31.16 -82.12
N VAL K 321 39.88 -30.79 -83.17
CA VAL K 321 38.88 -31.72 -83.69
C VAL K 321 39.55 -32.94 -84.33
N ALA K 322 40.64 -32.72 -85.08
CA ALA K 322 41.39 -33.80 -85.70
C ALA K 322 41.85 -34.83 -84.68
N LEU K 323 42.21 -34.39 -83.48
CA LEU K 323 42.51 -35.37 -82.46
C LEU K 323 41.26 -36.14 -82.05
N ALA K 324 40.16 -35.44 -81.77
CA ALA K 324 38.94 -36.12 -81.30
C ALA K 324 38.36 -37.09 -82.32
N ARG K 325 38.42 -36.79 -83.61
CA ARG K 325 37.83 -37.64 -84.62
C ARG K 325 38.68 -38.84 -84.99
N ALA K 326 39.89 -38.94 -84.45
CA ALA K 326 40.79 -40.03 -84.78
C ALA K 326 40.87 -41.07 -83.68
N VAL K 327 40.14 -40.89 -82.58
CA VAL K 327 40.09 -41.86 -81.50
C VAL K 327 38.60 -42.09 -81.24
N LYS K 328 37.82 -41.36 -82.03
CA LYS K 328 36.37 -41.34 -81.94
C LYS K 328 35.92 -40.93 -80.55
N TYR K 329 36.41 -39.77 -80.11
CA TYR K 329 36.09 -39.24 -78.78
C TYR K 329 34.69 -38.62 -78.74
N SER K 330 33.69 -39.48 -78.64
CA SER K 330 32.29 -39.10 -78.70
C SER K 330 31.88 -38.80 -77.26
N SER K 331 32.48 -37.75 -76.71
CA SER K 331 32.31 -37.22 -75.37
C SER K 331 32.80 -35.77 -75.39
N ALA K 332 32.64 -35.06 -74.29
CA ALA K 332 33.20 -33.72 -74.20
C ALA K 332 34.54 -33.75 -73.50
N GLY K 333 35.48 -32.97 -74.01
CA GLY K 333 36.82 -32.97 -73.44
C GLY K 333 37.59 -31.74 -73.87
N THR K 334 38.85 -31.71 -73.50
CA THR K 334 39.68 -30.53 -73.71
C THR K 334 41.02 -30.92 -74.28
N VAL K 335 41.52 -30.08 -75.19
CA VAL K 335 42.85 -30.24 -75.75
C VAL K 335 43.69 -29.05 -75.29
N GLU K 336 44.86 -29.35 -74.75
CA GLU K 336 45.76 -28.32 -74.24
C GLU K 336 46.93 -28.01 -75.17
N PHE K 337 47.10 -26.73 -75.46
CA PHE K 337 48.18 -26.24 -76.30
C PHE K 337 49.05 -25.30 -75.47
N LEU K 338 50.32 -25.22 -75.85
CA LEU K 338 51.22 -24.19 -75.38
C LEU K 338 51.58 -23.31 -76.57
N VAL K 339 51.58 -22.00 -76.35
CA VAL K 339 51.96 -21.04 -77.37
C VAL K 339 53.15 -20.24 -76.86
N ASP K 340 54.12 -20.00 -77.74
CA ASP K 340 55.30 -19.23 -77.42
C ASP K 340 55.04 -17.75 -77.71
N SER K 341 56.08 -16.93 -77.55
CA SER K 341 55.93 -15.49 -77.70
C SER K 341 55.66 -15.12 -79.16
N LYS K 342 55.89 -16.04 -80.08
CA LYS K 342 55.77 -15.74 -81.50
C LYS K 342 54.48 -16.31 -82.09
N LYS K 343 53.57 -16.75 -81.22
CA LYS K 343 52.30 -17.33 -81.65
C LYS K 343 52.47 -18.68 -82.35
N ASN K 344 53.52 -19.43 -82.00
CA ASN K 344 53.63 -20.81 -82.45
C ASN K 344 53.01 -21.70 -81.40
N PHE K 345 52.06 -22.52 -81.85
CA PHE K 345 51.26 -23.38 -81.01
C PHE K 345 51.74 -24.82 -81.10
N TYR K 346 51.93 -25.43 -79.94
CA TYR K 346 52.42 -26.81 -79.84
C TYR K 346 51.43 -27.64 -79.03
N PHE K 347 51.24 -28.89 -79.43
CA PHE K 347 50.36 -29.81 -78.71
C PHE K 347 50.95 -30.15 -77.35
N LEU K 348 50.10 -30.15 -76.31
CA LEU K 348 50.56 -30.61 -75.02
C LEU K 348 49.87 -31.90 -74.55
N GLU K 349 48.55 -31.89 -74.47
CA GLU K 349 47.86 -33.08 -74.01
C GLU K 349 46.37 -33.03 -74.25
N MET K 350 45.77 -34.22 -74.37
CA MET K 350 44.34 -34.35 -74.59
C MET K 350 43.72 -34.90 -73.33
N ASN K 351 42.71 -34.17 -72.82
CA ASN K 351 41.95 -34.51 -71.61
C ASN K 351 40.54 -35.06 -71.89
N THR K 352 40.17 -36.11 -71.17
CA THR K 352 38.86 -36.72 -71.35
C THR K 352 37.99 -36.62 -70.11
N ARG K 353 37.33 -35.49 -69.95
CA ARG K 353 36.46 -35.28 -68.81
C ARG K 353 36.03 -33.84 -68.76
N LEU K 354 34.84 -33.58 -68.23
CA LEU K 354 34.36 -32.22 -68.11
C LEU K 354 35.37 -31.51 -67.24
N GLN K 355 35.91 -30.41 -67.74
CA GLN K 355 36.90 -29.69 -66.97
C GLN K 355 36.30 -28.79 -65.93
N VAL K 356 37.12 -28.35 -65.00
CA VAL K 356 36.67 -27.47 -63.95
C VAL K 356 36.61 -26.10 -64.56
N GLU K 357 37.08 -25.97 -65.80
CA GLU K 357 37.06 -24.69 -66.49
C GLU K 357 36.04 -24.69 -67.64
N HIS K 358 34.87 -25.24 -67.35
CA HIS K 358 33.81 -25.31 -68.32
C HIS K 358 32.68 -24.35 -68.02
N PRO K 359 32.79 -23.52 -66.97
CA PRO K 359 31.65 -22.62 -66.75
C PRO K 359 31.95 -21.21 -67.25
N VAL K 360 33.14 -21.03 -67.83
CA VAL K 360 33.53 -19.72 -68.36
C VAL K 360 33.35 -19.65 -69.86
N THR K 361 33.49 -20.79 -70.56
CA THR K 361 33.24 -20.81 -71.99
C THR K 361 31.76 -20.66 -72.27
N GLU K 362 30.91 -21.28 -71.44
CA GLU K 362 29.47 -21.21 -71.61
C GLU K 362 28.93 -19.78 -71.66
N CYS K 363 29.54 -18.85 -70.94
CA CYS K 363 29.05 -17.50 -70.94
C CYS K 363 29.33 -16.75 -72.24
N ILE K 364 30.18 -17.27 -73.13
CA ILE K 364 30.35 -16.56 -74.38
C ILE K 364 29.88 -17.40 -75.57
N THR K 365 29.68 -18.69 -75.37
CA THR K 365 29.13 -19.52 -76.44
C THR K 365 27.63 -19.66 -76.34
N GLY K 366 27.06 -19.47 -75.16
CA GLY K 366 25.63 -19.61 -74.98
C GLY K 366 25.13 -21.05 -74.91
N LEU K 367 25.99 -21.98 -74.52
CA LEU K 367 25.65 -23.39 -74.50
C LEU K 367 25.45 -23.85 -73.06
N ASP K 368 24.95 -25.07 -72.91
CA ASP K 368 24.80 -25.72 -71.62
C ASP K 368 25.45 -27.08 -71.74
N LEU K 369 26.66 -27.21 -71.19
CA LEU K 369 27.45 -28.40 -71.43
C LEU K 369 26.84 -29.66 -70.84
N VAL K 370 26.23 -29.58 -69.66
CA VAL K 370 25.65 -30.77 -69.04
C VAL K 370 24.43 -31.24 -69.82
N GLN K 371 23.58 -30.31 -70.26
CA GLN K 371 22.42 -30.65 -71.08
C GLN K 371 22.85 -31.36 -72.36
N GLU K 372 23.93 -30.90 -72.96
CA GLU K 372 24.39 -31.48 -74.22
C GLU K 372 24.99 -32.85 -74.00
N MET K 373 25.78 -33.02 -72.94
CA MET K 373 26.35 -34.32 -72.63
C MET K 373 25.28 -35.37 -72.36
N ILE K 374 24.22 -34.99 -71.66
CA ILE K 374 23.14 -35.95 -71.44
C ILE K 374 22.46 -36.34 -72.74
N ARG K 375 22.14 -35.39 -73.64
CA ARG K 375 21.52 -35.82 -74.88
C ARG K 375 22.43 -36.69 -75.74
N VAL K 376 23.72 -36.38 -75.78
CA VAL K 376 24.66 -37.19 -76.58
C VAL K 376 24.72 -38.60 -76.02
N ALA K 377 24.80 -38.72 -74.69
CA ALA K 377 24.78 -40.03 -74.06
C ALA K 377 23.49 -40.79 -74.35
N LYS K 378 22.35 -40.11 -74.44
CA LYS K 378 21.13 -40.80 -74.81
C LYS K 378 21.22 -41.32 -76.24
N GLY K 379 21.90 -40.59 -77.11
CA GLY K 379 22.08 -41.00 -78.49
C GLY K 379 21.67 -39.97 -79.51
N TYR K 380 21.46 -38.73 -79.12
CA TYR K 380 21.09 -37.69 -80.06
C TYR K 380 22.35 -37.09 -80.69
N PRO K 381 22.26 -36.61 -81.93
CA PRO K 381 23.37 -35.88 -82.52
C PRO K 381 23.50 -34.49 -81.90
N LEU K 382 24.64 -33.85 -82.18
CA LEU K 382 24.88 -32.48 -81.74
C LEU K 382 23.82 -31.56 -82.34
N ARG K 383 23.28 -30.65 -81.52
CA ARG K 383 22.24 -29.74 -81.96
C ARG K 383 22.76 -28.51 -82.69
N HIS K 384 24.07 -28.35 -82.84
CA HIS K 384 24.64 -27.13 -83.41
C HIS K 384 25.60 -27.51 -84.52
N LYS K 385 25.91 -26.53 -85.35
CA LYS K 385 26.96 -26.63 -86.36
C LYS K 385 28.02 -25.58 -86.06
N GLN K 386 29.20 -25.78 -86.62
CA GLN K 386 30.32 -24.91 -86.27
C GLN K 386 30.07 -23.45 -86.61
N ALA K 387 29.30 -23.15 -87.65
CA ALA K 387 29.07 -21.76 -88.03
C ALA K 387 28.30 -20.98 -86.98
N ASP K 388 27.64 -21.66 -86.04
CA ASP K 388 26.82 -21.01 -85.04
C ASP K 388 27.56 -20.78 -83.72
N ILE K 389 28.84 -21.11 -83.66
CA ILE K 389 29.64 -20.99 -82.45
C ILE K 389 30.49 -19.74 -82.57
N ARG K 390 30.27 -18.79 -81.68
CA ARG K 390 30.93 -17.49 -81.75
C ARG K 390 31.18 -16.97 -80.36
N ILE K 391 31.89 -15.86 -80.27
CA ILE K 391 32.21 -15.20 -79.02
C ILE K 391 31.18 -14.10 -78.81
N ASN K 392 30.24 -14.33 -77.91
CA ASN K 392 29.28 -13.28 -77.56
C ASN K 392 29.72 -12.52 -76.31
N GLY K 393 30.79 -11.74 -76.40
CA GLY K 393 31.27 -11.09 -75.21
C GLY K 393 32.47 -11.73 -74.54
N TRP K 394 32.76 -11.31 -73.32
CA TRP K 394 33.93 -11.79 -72.61
C TRP K 394 33.55 -12.33 -71.24
N ALA K 395 34.25 -13.37 -70.79
CA ALA K 395 33.96 -13.96 -69.49
C ALA K 395 35.24 -14.35 -68.79
N VAL K 396 35.33 -14.07 -67.50
CA VAL K 396 36.49 -14.39 -66.69
C VAL K 396 36.01 -15.13 -65.45
N GLU K 397 36.78 -16.12 -64.99
CA GLU K 397 36.38 -16.93 -63.84
C GLU K 397 37.50 -16.99 -62.82
N CYS K 398 37.11 -16.92 -61.55
CA CYS K 398 38.03 -17.00 -60.42
C CYS K 398 37.58 -18.10 -59.48
N ARG K 399 38.52 -18.93 -59.07
CA ARG K 399 38.24 -20.02 -58.13
C ARG K 399 38.55 -19.54 -56.73
N VAL K 400 37.60 -19.69 -55.82
CA VAL K 400 37.78 -19.27 -54.43
C VAL K 400 37.93 -20.53 -53.58
N TYR K 401 39.05 -20.61 -52.88
CA TYR K 401 39.46 -21.71 -52.02
C TYR K 401 39.49 -21.26 -50.58
N ALA K 402 39.28 -22.21 -49.68
CA ALA K 402 39.47 -21.97 -48.26
C ALA K 402 40.93 -22.14 -47.86
N GLU K 403 41.76 -21.20 -48.32
CA GLU K 403 43.21 -21.31 -48.20
C GLU K 403 43.79 -19.97 -47.79
N ASP K 404 44.92 -20.04 -47.10
CA ASP K 404 45.66 -18.84 -46.72
C ASP K 404 46.63 -18.52 -47.84
N PRO K 405 46.42 -17.43 -48.60
CA PRO K 405 47.33 -17.12 -49.69
C PRO K 405 48.72 -16.68 -49.25
N TYR K 406 48.92 -16.36 -47.99
CA TYR K 406 50.23 -15.90 -47.54
C TYR K 406 51.20 -17.04 -47.32
N LYS K 407 50.68 -18.22 -46.95
CA LYS K 407 51.52 -19.34 -46.53
C LYS K 407 51.86 -20.17 -47.75
N SER K 408 52.85 -19.67 -48.51
CA SER K 408 53.35 -20.29 -49.74
C SER K 408 52.24 -20.48 -50.79
N PHE K 409 51.40 -19.46 -50.94
CA PHE K 409 50.33 -19.39 -51.94
C PHE K 409 49.34 -20.55 -51.80
N GLY K 410 48.54 -20.46 -50.74
CA GLY K 410 47.39 -21.36 -50.63
C GLY K 410 47.52 -22.54 -49.70
N LEU K 411 47.73 -22.29 -48.41
CA LEU K 411 47.77 -23.39 -47.45
C LEU K 411 46.36 -23.64 -46.90
N PRO K 412 45.84 -24.87 -47.01
CA PRO K 412 44.46 -25.14 -46.58
C PRO K 412 44.16 -24.76 -45.15
N SER K 413 42.99 -24.16 -44.97
CA SER K 413 42.43 -23.85 -43.66
C SER K 413 41.31 -24.84 -43.33
N ILE K 414 40.99 -24.94 -42.05
CA ILE K 414 39.94 -25.83 -41.59
C ILE K 414 38.94 -25.02 -40.79
N GLY K 415 37.67 -25.21 -41.08
CA GLY K 415 36.66 -24.48 -40.36
C GLY K 415 35.25 -24.55 -40.86
N ARG K 416 34.42 -23.82 -40.12
CA ARG K 416 32.99 -23.73 -40.34
C ARG K 416 32.62 -22.31 -40.73
N LEU K 417 31.65 -22.23 -41.64
CA LEU K 417 31.08 -21.02 -42.12
C LEU K 417 29.85 -20.51 -41.48
N SER K 418 30.14 -19.36 -40.85
CA SER K 418 29.29 -18.47 -40.10
C SER K 418 28.64 -17.34 -40.82
N GLN K 419 29.24 -16.84 -41.88
CA GLN K 419 28.48 -15.91 -42.71
C GLN K 419 28.81 -16.17 -44.16
N TYR K 420 27.81 -16.13 -45.02
CA TYR K 420 28.03 -16.45 -46.42
C TYR K 420 26.97 -15.76 -47.25
N GLN K 421 27.42 -14.96 -48.21
CA GLN K 421 26.48 -14.20 -49.03
C GLN K 421 27.11 -14.00 -50.39
N GLU K 422 26.48 -14.52 -51.41
CA GLU K 422 26.98 -14.50 -52.77
C GLU K 422 26.57 -13.22 -53.49
N PRO K 423 27.44 -12.62 -54.28
CA PRO K 423 27.07 -11.37 -54.95
C PRO K 423 26.16 -11.54 -56.16
N LEU K 424 24.92 -11.98 -55.93
CA LEU K 424 24.01 -12.27 -57.03
C LEU K 424 23.13 -11.08 -57.40
N HIS K 425 23.27 -9.96 -56.72
CA HIS K 425 22.50 -8.78 -57.07
C HIS K 425 23.20 -7.91 -58.10
N LEU K 426 24.45 -8.21 -58.44
CA LEU K 426 25.23 -7.41 -59.34
C LEU K 426 25.02 -7.89 -60.77
N PRO K 427 25.08 -6.99 -61.76
CA PRO K 427 24.93 -7.42 -63.15
C PRO K 427 26.12 -8.23 -63.65
N GLY K 428 25.82 -9.23 -64.47
CA GLY K 428 26.81 -10.04 -65.16
C GLY K 428 27.56 -11.02 -64.29
N VAL K 429 27.01 -11.40 -63.14
CA VAL K 429 27.69 -12.23 -62.16
C VAL K 429 26.92 -13.53 -62.00
N ARG K 430 27.64 -14.65 -62.04
CA ARG K 430 27.09 -16.00 -61.88
C ARG K 430 27.99 -16.74 -60.88
N VAL K 431 27.42 -17.20 -59.77
CA VAL K 431 28.19 -17.88 -58.73
C VAL K 431 27.77 -19.33 -58.71
N ASP K 432 28.73 -20.23 -58.88
CA ASP K 432 28.43 -21.66 -58.87
C ASP K 432 29.07 -22.26 -57.64
N SER K 433 28.25 -22.56 -56.64
CA SER K 433 28.75 -22.96 -55.33
C SER K 433 28.05 -24.22 -54.90
N GLY K 434 28.79 -25.06 -54.17
CA GLY K 434 28.24 -26.25 -53.57
C GLY K 434 28.02 -26.15 -52.08
N ILE K 435 28.11 -24.96 -51.49
CA ILE K 435 28.01 -24.83 -50.04
C ILE K 435 26.88 -23.89 -49.69
N GLN K 436 26.48 -23.95 -48.45
CA GLN K 436 25.43 -23.12 -47.87
C GLN K 436 25.92 -22.73 -46.48
N PRO K 437 25.37 -21.68 -45.85
CA PRO K 437 25.82 -21.36 -44.50
C PRO K 437 25.67 -22.57 -43.59
N GLY K 438 26.65 -22.79 -42.75
CA GLY K 438 26.55 -23.86 -41.80
C GLY K 438 27.15 -25.09 -42.41
N SER K 439 28.03 -24.84 -43.36
CA SER K 439 28.78 -25.90 -44.00
C SER K 439 30.14 -25.86 -43.40
N ASP K 440 30.72 -27.04 -43.31
CA ASP K 440 32.06 -27.26 -42.84
C ASP K 440 32.94 -27.56 -44.03
N ILE K 441 34.20 -27.14 -43.94
CA ILE K 441 35.22 -27.47 -44.91
C ILE K 441 36.33 -28.23 -44.21
N SER K 442 36.69 -29.41 -44.72
CA SER K 442 37.65 -30.24 -44.01
C SER K 442 38.78 -30.83 -44.81
N ILE K 443 39.67 -31.47 -44.09
CA ILE K 443 40.89 -31.95 -44.72
C ILE K 443 40.66 -33.07 -45.73
N TYR K 444 39.47 -33.65 -45.77
CA TYR K 444 39.23 -34.80 -46.63
C TYR K 444 39.03 -34.43 -48.09
N TYR K 445 38.73 -33.18 -48.39
CA TYR K 445 38.32 -32.78 -49.72
C TYR K 445 39.11 -31.53 -50.10
N ASP K 446 39.29 -31.34 -51.40
CA ASP K 446 39.88 -30.10 -51.87
C ASP K 446 39.08 -28.92 -51.32
N PRO K 447 39.70 -28.02 -50.60
CA PRO K 447 38.97 -26.92 -49.99
C PRO K 447 38.33 -25.93 -50.94
N MET K 448 37.47 -26.34 -51.87
CA MET K 448 36.80 -25.38 -52.73
C MET K 448 35.62 -24.72 -52.02
N ILE K 449 35.51 -23.41 -52.20
CA ILE K 449 34.35 -22.66 -51.71
C ILE K 449 33.38 -22.37 -52.83
N SER K 450 33.86 -21.78 -53.92
CA SER K 450 32.96 -21.48 -55.04
C SER K 450 33.78 -21.14 -56.26
N LYS K 451 33.11 -21.07 -57.40
CA LYS K 451 33.68 -20.49 -58.60
C LYS K 451 32.85 -19.29 -58.99
N LEU K 452 33.52 -18.15 -59.10
CA LEU K 452 32.87 -16.88 -59.38
C LEU K 452 33.09 -16.55 -60.84
N ILE K 453 32.01 -16.38 -61.59
CA ILE K 453 32.06 -16.17 -63.03
C ILE K 453 31.46 -14.81 -63.32
N THR K 454 32.19 -13.99 -64.07
CA THR K 454 31.70 -12.68 -64.47
C THR K 454 31.85 -12.52 -65.96
N TYR K 455 30.84 -11.96 -66.61
CA TYR K 455 30.89 -11.72 -68.04
C TYR K 455 30.42 -10.32 -68.37
N GLY K 456 30.83 -9.84 -69.54
CA GLY K 456 30.48 -8.52 -70.01
C GLY K 456 30.68 -8.42 -71.50
N SER K 457 30.45 -7.23 -72.03
CA SER K 457 30.49 -7.06 -73.47
C SER K 457 31.92 -6.86 -73.98
N ASP K 458 32.82 -6.49 -73.09
CA ASP K 458 34.18 -6.16 -73.46
C ASP K 458 35.11 -6.62 -72.35
N ARG K 459 36.41 -6.47 -72.55
CA ARG K 459 37.37 -6.92 -71.55
C ARG K 459 37.39 -6.07 -70.29
N THR K 460 37.15 -4.78 -70.42
CA THR K 460 37.16 -3.93 -69.24
C THR K 460 35.89 -4.07 -68.42
N GLU K 461 34.76 -4.33 -69.07
CA GLU K 461 33.51 -4.47 -68.33
C GLU K 461 33.50 -5.74 -67.50
N ALA K 462 33.95 -6.86 -68.08
CA ALA K 462 34.01 -8.11 -67.34
C ALA K 462 34.99 -8.03 -66.17
N LEU K 463 36.13 -7.35 -66.35
CA LEU K 463 37.07 -7.24 -65.25
C LEU K 463 36.57 -6.32 -64.15
N LYS K 464 35.94 -5.20 -64.50
CA LYS K 464 35.40 -4.30 -63.49
C LYS K 464 34.29 -4.97 -62.71
N ARG K 465 33.40 -5.70 -63.40
CA ARG K 465 32.33 -6.40 -62.72
C ARG K 465 32.88 -7.49 -61.80
N MET K 466 33.96 -8.15 -62.19
CA MET K 466 34.61 -9.12 -61.33
C MET K 466 35.16 -8.47 -60.08
N ALA K 467 35.81 -7.32 -60.22
CA ALA K 467 36.31 -6.62 -59.06
C ALA K 467 35.19 -6.28 -58.09
N ASP K 468 34.06 -5.82 -58.62
CA ASP K 468 32.92 -5.52 -57.76
C ASP K 468 32.36 -6.76 -57.07
N ALA K 469 32.25 -7.88 -57.80
CA ALA K 469 31.71 -9.09 -57.19
C ALA K 469 32.57 -9.56 -56.04
N LEU K 470 33.89 -9.46 -56.19
CA LEU K 470 34.78 -9.93 -55.14
C LEU K 470 34.65 -9.11 -53.87
N ASP K 471 34.39 -7.81 -53.98
CA ASP K 471 34.29 -6.99 -52.78
C ASP K 471 32.92 -7.15 -52.10
N ASN K 472 31.91 -7.59 -52.84
CA ASN K 472 30.59 -7.85 -52.30
C ASN K 472 30.38 -9.31 -51.98
N TYR K 473 31.44 -10.10 -51.89
CA TYR K 473 31.33 -11.53 -51.69
C TYR K 473 31.77 -11.85 -50.28
N VAL K 474 30.81 -12.25 -49.44
CA VAL K 474 31.04 -12.40 -48.01
C VAL K 474 31.37 -13.85 -47.71
N ILE K 475 32.59 -14.09 -47.22
CA ILE K 475 33.01 -15.39 -46.73
C ILE K 475 33.64 -15.15 -45.37
N ARG K 476 33.06 -15.73 -44.31
CA ARG K 476 33.58 -15.58 -42.96
C ARG K 476 33.43 -16.90 -42.23
N GLY K 477 34.47 -17.28 -41.50
CA GLY K 477 34.50 -18.53 -40.77
C GLY K 477 35.71 -19.34 -41.13
N VAL K 478 36.23 -19.10 -42.33
CA VAL K 478 37.44 -19.73 -42.83
C VAL K 478 38.34 -18.66 -43.42
N THR K 479 39.58 -19.01 -43.70
CA THR K 479 40.51 -18.17 -44.43
C THR K 479 40.35 -18.43 -45.92
N HIS K 480 40.20 -17.37 -46.69
CA HIS K 480 39.95 -17.48 -48.12
C HIS K 480 41.02 -16.72 -48.89
N ASN K 481 40.92 -16.77 -50.22
CA ASN K 481 41.96 -16.23 -51.09
C ASN K 481 41.46 -15.05 -51.90
N ILE K 482 40.46 -14.33 -51.41
CA ILE K 482 39.91 -13.21 -52.16
C ILE K 482 40.94 -12.10 -52.35
N ALA K 483 41.77 -11.84 -51.34
CA ALA K 483 42.76 -10.78 -51.48
C ALA K 483 43.68 -11.03 -52.67
N LEU K 484 44.04 -12.28 -52.91
CA LEU K 484 44.91 -12.61 -54.03
C LEU K 484 44.20 -12.43 -55.36
N LEU K 485 42.94 -12.89 -55.44
CA LEU K 485 42.18 -12.74 -56.67
C LEU K 485 41.91 -11.28 -57.00
N ARG K 486 41.61 -10.48 -55.98
CA ARG K 486 41.27 -9.07 -56.18
C ARG K 486 42.49 -8.28 -56.64
N GLU K 487 43.67 -8.62 -56.17
CA GLU K 487 44.82 -7.91 -56.68
C GLU K 487 45.29 -8.41 -58.04
N VAL K 488 45.24 -9.72 -58.32
CA VAL K 488 45.76 -10.12 -59.63
C VAL K 488 44.95 -9.51 -60.76
N ILE K 489 43.62 -9.49 -60.66
CA ILE K 489 42.82 -9.06 -61.80
C ILE K 489 43.04 -7.59 -62.11
N ILE K 490 43.61 -6.83 -61.18
CA ILE K 490 43.79 -5.40 -61.40
C ILE K 490 45.25 -5.08 -61.72
N ASN K 491 46.08 -6.11 -61.80
CA ASN K 491 47.48 -5.93 -62.12
C ASN K 491 47.65 -5.43 -63.55
N SER K 492 48.55 -4.47 -63.73
CA SER K 492 48.73 -3.85 -65.03
C SER K 492 49.13 -4.86 -66.09
N ARG K 493 49.85 -5.91 -65.72
CA ARG K 493 50.22 -6.93 -66.70
C ARG K 493 49.02 -7.79 -67.06
N PHE K 494 48.13 -8.04 -66.10
CA PHE K 494 46.94 -8.84 -66.37
C PHE K 494 45.96 -8.08 -67.25
N VAL K 495 45.74 -6.80 -66.98
CA VAL K 495 44.84 -6.01 -67.81
C VAL K 495 45.38 -5.90 -69.23
N LYS K 496 46.68 -5.65 -69.37
CA LYS K 496 47.26 -5.63 -70.71
C LYS K 496 47.34 -7.02 -71.33
N GLY K 497 47.54 -8.05 -70.51
CA GLY K 497 47.63 -9.39 -71.01
C GLY K 497 49.01 -10.01 -71.07
N ASP K 498 50.01 -9.42 -70.45
CA ASP K 498 51.37 -9.97 -70.50
C ASP K 498 51.51 -11.03 -69.41
N ILE K 499 50.80 -12.14 -69.60
CA ILE K 499 50.69 -13.17 -68.59
C ILE K 499 51.32 -14.44 -69.15
N SER K 500 52.20 -15.04 -68.36
CA SER K 500 52.78 -16.33 -68.66
C SER K 500 52.39 -17.32 -67.58
N THR K 501 52.72 -18.59 -67.81
CA THR K 501 52.29 -19.63 -66.90
C THR K 501 53.03 -19.53 -65.57
N LYS K 502 54.03 -18.66 -65.50
CA LYS K 502 54.80 -18.41 -64.28
C LYS K 502 54.60 -16.99 -63.77
N PHE K 503 53.49 -16.38 -64.21
CA PHE K 503 53.20 -14.99 -63.88
C PHE K 503 53.35 -14.73 -62.38
N LEU K 504 52.66 -15.51 -61.56
CA LEU K 504 52.60 -15.21 -60.14
C LEU K 504 53.96 -15.38 -59.47
N SER K 505 54.80 -16.25 -60.01
CA SER K 505 56.10 -16.50 -59.42
C SER K 505 57.05 -15.33 -59.60
N ASP K 506 56.90 -14.53 -60.65
CA ASP K 506 57.69 -13.33 -60.89
C ASP K 506 57.09 -12.09 -60.25
N VAL K 507 55.76 -12.02 -60.14
CA VAL K 507 55.16 -10.87 -59.47
C VAL K 507 55.37 -10.96 -57.96
N TYR K 508 55.29 -12.15 -57.39
CA TYR K 508 55.40 -12.33 -55.93
C TYR K 508 56.60 -13.22 -55.64
N PRO K 509 57.82 -12.73 -55.88
CA PRO K 509 58.98 -13.60 -55.70
C PRO K 509 59.26 -13.94 -54.25
N ASP K 510 58.74 -13.16 -53.31
CA ASP K 510 58.93 -13.38 -51.89
C ASP K 510 57.65 -13.77 -51.19
N GLY K 511 56.65 -14.23 -51.93
CA GLY K 511 55.37 -14.60 -51.37
C GLY K 511 54.35 -13.50 -51.54
N PHE K 512 53.10 -13.83 -51.23
CA PHE K 512 52.00 -12.88 -51.30
C PHE K 512 52.03 -11.98 -50.06
N LYS K 513 51.95 -10.67 -50.28
CA LYS K 513 52.00 -9.73 -49.16
C LYS K 513 50.69 -8.98 -48.91
N GLY K 514 49.70 -9.00 -49.85
CA GLY K 514 48.48 -8.23 -49.72
C GLY K 514 48.51 -6.97 -50.55
N HIS K 515 47.33 -6.37 -50.66
CA HIS K 515 47.17 -5.18 -51.48
C HIS K 515 47.96 -4.03 -50.87
N MET K 516 48.73 -3.33 -51.70
CA MET K 516 49.54 -2.21 -51.26
C MET K 516 48.79 -0.91 -51.55
N LEU K 517 48.67 -0.06 -50.53
CA LEU K 517 47.93 1.17 -50.68
C LEU K 517 48.83 2.31 -51.13
N THR K 518 48.28 3.17 -51.97
CA THR K 518 48.94 4.41 -52.38
C THR K 518 48.44 5.57 -51.54
N LYS K 519 48.91 6.77 -51.82
CA LYS K 519 48.62 7.89 -50.95
C LYS K 519 47.11 8.15 -50.84
N SER K 520 46.43 8.22 -51.98
CA SER K 520 45.00 8.51 -51.99
C SER K 520 44.19 7.38 -51.40
N GLU K 521 44.64 6.14 -51.57
CA GLU K 521 43.92 5.02 -51.00
C GLU K 521 44.07 4.97 -49.49
N LYS K 522 45.25 5.33 -48.97
CA LYS K 522 45.40 5.40 -47.52
C LYS K 522 44.51 6.48 -46.94
N ASN K 523 44.37 7.62 -47.62
CA ASN K 523 43.49 8.67 -47.11
C ASN K 523 42.04 8.23 -47.11
N GLN K 524 41.63 7.48 -48.13
CA GLN K 524 40.26 6.97 -48.17
C GLN K 524 40.03 5.93 -47.10
N LEU K 525 41.00 5.04 -46.86
CA LEU K 525 40.85 4.04 -45.81
C LEU K 525 40.82 4.69 -44.44
N LEU K 526 41.66 5.68 -44.21
CA LEU K 526 41.63 6.37 -42.92
C LEU K 526 40.33 7.14 -42.71
N ALA K 527 39.83 7.79 -43.75
CA ALA K 527 38.57 8.53 -43.65
C ALA K 527 37.38 7.60 -43.42
N ILE K 528 37.37 6.45 -44.09
CA ILE K 528 36.28 5.49 -43.91
C ILE K 528 36.32 4.88 -42.50
N ALA K 529 37.49 4.43 -42.06
CA ALA K 529 37.62 3.84 -40.73
C ALA K 529 37.29 4.84 -39.63
N SER K 530 37.68 6.10 -39.82
CA SER K 530 37.40 7.12 -38.82
C SER K 530 35.92 7.49 -38.78
N SER K 531 35.30 7.62 -39.95
CA SER K 531 33.88 7.91 -39.99
C SER K 531 33.04 6.76 -39.45
N LEU K 532 33.44 5.52 -39.75
CA LEU K 532 32.71 4.37 -39.21
C LEU K 532 32.87 4.29 -37.70
N PHE K 533 34.07 4.54 -37.18
CA PHE K 533 34.28 4.60 -35.73
C PHE K 533 33.31 5.58 -35.07
N VAL K 534 33.23 6.80 -35.60
CA VAL K 534 32.32 7.80 -35.03
C VAL K 534 30.86 7.37 -35.17
N ALA K 535 30.48 6.79 -36.30
CA ALA K 535 29.11 6.33 -36.49
C ALA K 535 28.67 5.39 -35.38
N PHE K 536 29.56 4.51 -34.93
CA PHE K 536 29.24 3.64 -33.81
C PHE K 536 29.16 4.42 -32.52
N GLN K 537 30.05 5.39 -32.35
CA GLN K 537 30.03 6.22 -31.15
C GLN K 537 28.76 7.05 -31.05
N LEU K 538 28.20 7.47 -32.19
CA LEU K 538 26.96 8.23 -32.14
C LEU K 538 25.76 7.33 -31.91
N ARG K 539 25.74 6.17 -32.56
CA ARG K 539 24.65 5.22 -32.32
C ARG K 539 24.57 4.83 -30.86
N ALA K 540 25.72 4.69 -30.20
CA ALA K 540 25.72 4.34 -28.78
C ALA K 540 24.99 5.32 -27.88
N GLN K 541 24.73 6.54 -28.33
CA GLN K 541 24.10 7.56 -27.50
C GLN K 541 22.61 7.70 -27.69
N HIS K 542 22.00 6.92 -28.59
CA HIS K 542 20.60 7.12 -28.94
C HIS K 542 19.76 6.12 -28.18
N PHE K 543 19.29 6.51 -27.02
CA PHE K 543 18.44 5.66 -26.18
C PHE K 543 16.99 6.11 -26.28
N GLN K 544 16.09 5.19 -25.98
CA GLN K 544 14.70 5.55 -25.83
C GLN K 544 14.72 6.41 -24.59
N GLU K 545 13.96 7.49 -24.57
CA GLU K 545 14.03 8.44 -23.47
C GLU K 545 13.40 7.84 -22.24
N ASN K 546 14.08 7.94 -21.11
CA ASN K 546 13.51 7.50 -19.85
C ASN K 546 12.93 8.69 -19.12
N SER K 547 11.62 8.68 -18.95
CA SER K 547 10.95 9.84 -18.39
C SER K 547 11.39 10.13 -16.96
N ARG K 548 12.01 9.18 -16.28
CA ARG K 548 12.46 9.42 -14.92
C ARG K 548 13.84 10.04 -14.91
N MET K 549 14.68 9.70 -15.88
CA MET K 549 16.10 10.08 -15.87
C MET K 549 16.47 10.66 -17.23
N PRO K 550 16.27 11.96 -17.45
CA PRO K 550 16.53 12.54 -18.77
C PRO K 550 17.96 12.29 -19.23
N VAL K 551 18.11 11.98 -20.51
CA VAL K 551 19.41 11.70 -21.12
C VAL K 551 19.77 12.85 -22.05
N ILE K 552 20.95 13.42 -21.87
CA ILE K 552 21.35 14.60 -22.63
C ILE K 552 22.52 14.21 -23.53
N LYS K 553 22.28 14.26 -24.84
CA LYS K 553 23.30 13.87 -25.81
C LYS K 553 24.45 14.86 -25.80
N PRO K 554 25.68 14.40 -25.57
CA PRO K 554 26.83 15.32 -25.54
C PRO K 554 26.94 16.06 -26.86
N ASP K 555 27.19 17.37 -26.77
CA ASP K 555 27.31 18.20 -27.96
C ASP K 555 28.76 18.14 -28.47
N ILE K 556 29.06 17.06 -29.17
CA ILE K 556 30.40 16.84 -29.71
C ILE K 556 30.46 17.32 -31.15
N ALA K 557 31.06 18.49 -31.35
CA ALA K 557 31.12 19.05 -32.70
C ALA K 557 32.23 18.41 -33.51
N ASN K 558 33.31 18.00 -32.84
CA ASN K 558 34.46 17.46 -33.54
C ASN K 558 35.01 16.25 -32.79
N TRP K 559 35.36 15.23 -33.56
CA TRP K 559 35.97 14.02 -33.05
C TRP K 559 37.44 14.06 -33.40
N GLU K 560 38.30 14.16 -32.41
CA GLU K 560 39.75 14.22 -32.65
C GLU K 560 40.32 12.84 -32.37
N LEU K 561 40.79 12.18 -33.42
CA LEU K 561 41.23 10.81 -33.35
C LEU K 561 42.71 10.68 -33.68
N SER K 562 43.32 9.68 -33.09
CA SER K 562 44.66 9.23 -33.41
C SER K 562 44.53 7.84 -34.00
N VAL K 563 44.82 7.71 -35.28
CA VAL K 563 44.52 6.48 -36.01
C VAL K 563 45.83 5.82 -36.37
N LYS K 564 46.10 4.69 -35.76
CA LYS K 564 47.33 3.97 -35.98
C LYS K 564 47.08 2.86 -36.99
N LEU K 565 47.89 2.81 -38.02
CA LEU K 565 47.86 1.77 -39.03
C LEU K 565 49.02 0.86 -38.69
N HIS K 566 49.72 0.39 -39.73
CA HIS K 566 50.83 -0.52 -39.57
C HIS K 566 51.84 0.05 -38.64
N ASP K 567 52.63 0.99 -39.14
CA ASP K 567 53.66 1.56 -38.27
C ASP K 567 53.58 3.07 -38.23
N LYS K 568 52.49 3.67 -38.65
CA LYS K 568 52.37 5.11 -38.70
C LYS K 568 51.15 5.52 -37.88
N VAL K 569 51.21 6.69 -37.27
CA VAL K 569 50.07 7.25 -36.55
C VAL K 569 49.65 8.52 -37.26
N HIS K 570 48.40 8.56 -37.69
CA HIS K 570 47.86 9.67 -38.44
C HIS K 570 46.92 10.50 -37.58
N THR K 571 46.88 11.79 -37.89
CA THR K 571 46.02 12.74 -37.19
C THR K 571 44.77 12.97 -38.01
N VAL K 572 43.60 12.62 -37.47
CA VAL K 572 42.34 12.68 -38.18
C VAL K 572 41.35 13.44 -37.31
N VAL K 573 40.66 14.40 -37.90
CA VAL K 573 39.59 15.13 -37.22
C VAL K 573 38.34 15.01 -38.07
N ALA K 574 37.26 14.54 -37.47
CA ALA K 574 36.01 14.33 -38.18
C ALA K 574 34.89 15.13 -37.54
N SER K 575 33.92 15.52 -38.36
CA SER K 575 32.69 16.11 -37.88
C SER K 575 31.53 15.54 -38.66
N ASN K 576 30.37 15.46 -38.03
CA ASN K 576 29.17 14.93 -38.62
C ASN K 576 28.29 16.05 -39.17
N ASN K 577 27.81 15.88 -40.39
CA ASN K 577 26.84 16.80 -40.97
C ASN K 577 25.62 16.02 -41.46
N GLY K 578 25.18 15.06 -40.66
CA GLY K 578 24.06 14.22 -41.05
C GLY K 578 24.57 12.91 -41.60
N SER K 579 24.26 12.63 -42.86
CA SER K 579 24.66 11.38 -43.47
C SER K 579 26.09 11.40 -43.96
N VAL K 580 26.75 12.54 -43.95
CA VAL K 580 28.10 12.67 -44.47
C VAL K 580 29.02 13.15 -43.36
N PHE K 581 30.18 12.50 -43.26
CA PHE K 581 31.20 12.92 -42.31
C PHE K 581 32.26 13.67 -43.08
N SER K 582 32.62 14.84 -42.57
CA SER K 582 33.71 15.61 -43.14
C SER K 582 34.96 15.28 -42.35
N VAL K 583 35.93 14.67 -42.99
CA VAL K 583 37.08 14.11 -42.31
C VAL K 583 38.32 14.76 -42.88
N GLU K 584 39.17 15.28 -42.02
CA GLU K 584 40.45 15.82 -42.41
C GLU K 584 41.51 14.82 -42.02
N VAL K 585 42.20 14.26 -43.01
CA VAL K 585 43.23 13.27 -42.76
C VAL K 585 44.58 13.88 -43.12
N ASP K 586 45.32 14.26 -42.07
CA ASP K 586 46.61 14.96 -42.15
C ASP K 586 46.58 16.15 -43.11
N GLY K 587 45.49 16.92 -43.06
CA GLY K 587 45.35 18.07 -43.93
C GLY K 587 44.54 17.86 -45.18
N SER K 588 44.26 16.61 -45.56
CA SER K 588 43.47 16.30 -46.75
C SER K 588 42.00 16.23 -46.36
N LYS K 589 41.16 16.90 -47.15
CA LYS K 589 39.73 16.92 -46.89
C LYS K 589 39.02 15.84 -47.69
N LEU K 590 38.29 14.97 -46.99
CA LEU K 590 37.49 13.91 -47.61
C LEU K 590 36.07 14.03 -47.08
N ASN K 591 35.11 13.65 -47.91
CA ASN K 591 33.70 13.61 -47.50
C ASN K 591 33.16 12.22 -47.71
N VAL K 592 32.80 11.55 -46.63
CA VAL K 592 32.34 10.17 -46.67
C VAL K 592 30.83 10.16 -46.47
N THR K 593 30.09 9.78 -47.51
CA THR K 593 28.65 9.79 -47.46
C THR K 593 28.16 8.36 -47.48
N SER K 594 27.19 8.04 -46.64
CA SER K 594 26.61 6.71 -46.62
C SER K 594 25.28 6.77 -45.88
N THR K 595 24.58 5.65 -45.89
CA THR K 595 23.43 5.47 -45.02
C THR K 595 23.81 4.93 -43.65
N TRP K 596 25.01 4.37 -43.52
CA TRP K 596 25.58 3.90 -42.25
C TRP K 596 24.66 2.92 -41.53
N ASN K 597 24.19 1.92 -42.25
CA ASN K 597 23.51 0.79 -41.64
C ASN K 597 24.57 -0.11 -41.06
N LEU K 598 24.66 -0.13 -39.73
CA LEU K 598 25.78 -0.73 -39.02
C LEU K 598 25.64 -2.22 -38.80
N ALA K 599 24.53 -2.83 -39.22
CA ALA K 599 24.34 -4.26 -39.01
C ALA K 599 24.67 -5.08 -40.25
N SER K 600 24.65 -4.46 -41.42
CA SER K 600 24.82 -5.19 -42.67
C SER K 600 26.26 -5.65 -42.81
N PRO K 601 26.49 -6.85 -43.34
CA PRO K 601 27.87 -7.26 -43.63
C PRO K 601 28.54 -6.45 -44.72
N LEU K 602 27.77 -5.77 -45.56
CA LEU K 602 28.34 -4.98 -46.65
C LEU K 602 27.98 -3.53 -46.45
N LEU K 603 28.98 -2.68 -46.22
CA LEU K 603 28.70 -1.27 -46.04
C LEU K 603 29.16 -0.51 -47.27
N SER K 604 28.24 0.17 -47.91
CA SER K 604 28.51 0.93 -49.12
C SER K 604 28.72 2.39 -48.76
N VAL K 605 29.86 2.93 -49.14
CA VAL K 605 30.20 4.31 -48.83
C VAL K 605 30.63 5.01 -50.11
N SER K 606 30.53 6.33 -50.11
CA SER K 606 31.00 7.15 -51.23
C SER K 606 31.96 8.16 -50.64
N VAL K 607 33.20 8.11 -51.10
CA VAL K 607 34.24 8.98 -50.58
C VAL K 607 34.72 9.91 -51.70
N ASP K 608 34.31 11.19 -51.61
CA ASP K 608 34.57 12.22 -52.62
C ASP K 608 34.18 11.79 -54.02
N GLY K 609 33.05 11.12 -54.13
CA GLY K 609 32.53 10.71 -55.41
C GLY K 609 33.00 9.32 -55.81
N THR K 610 33.94 8.77 -55.06
CA THR K 610 34.46 7.44 -55.34
C THR K 610 33.64 6.40 -54.60
N GLN K 611 33.10 5.43 -55.33
CA GLN K 611 32.23 4.43 -54.72
C GLN K 611 33.07 3.27 -54.20
N ARG K 612 32.94 2.98 -52.91
CA ARG K 612 33.67 1.90 -52.27
C ARG K 612 32.70 0.99 -51.54
N THR K 613 33.06 -0.29 -51.47
CA THR K 613 32.40 -1.25 -50.59
C THR K 613 33.42 -1.78 -49.61
N VAL K 614 33.09 -1.74 -48.33
CA VAL K 614 33.99 -2.20 -47.29
C VAL K 614 33.23 -3.17 -46.39
N GLN K 615 33.98 -3.97 -45.64
CA GLN K 615 33.39 -4.88 -44.67
C GLN K 615 34.08 -4.66 -43.33
N CYS K 616 33.30 -4.51 -42.27
CA CYS K 616 33.87 -4.45 -40.92
C CYS K 616 33.76 -5.82 -40.30
N LEU K 617 34.91 -6.44 -40.00
CA LEU K 617 34.88 -7.84 -39.62
C LEU K 617 34.81 -8.02 -38.12
N SER K 618 35.42 -7.10 -37.38
CA SER K 618 35.47 -7.16 -35.93
C SER K 618 35.67 -5.77 -35.37
N ARG K 619 35.24 -5.56 -34.14
CA ARG K 619 35.42 -4.30 -33.45
C ARG K 619 35.74 -4.59 -32.01
N GLU K 620 36.62 -3.79 -31.41
CA GLU K 620 36.87 -3.88 -29.99
C GLU K 620 36.67 -2.52 -29.35
N ALA K 621 36.34 -2.55 -28.06
CA ALA K 621 36.19 -1.32 -27.30
C ALA K 621 37.49 -0.55 -27.22
N GLY K 622 38.64 -1.21 -27.34
CA GLY K 622 39.92 -0.56 -27.21
C GLY K 622 40.37 0.22 -28.43
N GLY K 623 39.51 0.27 -29.45
CA GLY K 623 39.76 1.01 -30.67
C GLY K 623 40.18 0.15 -31.83
N ASN K 624 40.49 -1.12 -31.60
CA ASN K 624 40.88 -2.02 -32.66
C ASN K 624 39.70 -2.30 -33.59
N MET K 625 39.93 -2.15 -34.88
CA MET K 625 38.91 -2.51 -35.85
C MET K 625 39.58 -3.31 -36.94
N SER K 626 38.89 -4.31 -37.47
CA SER K 626 39.37 -5.04 -38.63
C SER K 626 38.46 -4.72 -39.80
N ILE K 627 39.02 -4.06 -40.81
CA ILE K 627 38.24 -3.56 -41.94
C ILE K 627 38.84 -4.14 -43.20
N GLN K 628 37.99 -4.71 -44.05
CA GLN K 628 38.47 -5.23 -45.31
C GLN K 628 38.24 -4.16 -46.36
N PHE K 629 39.32 -3.78 -47.02
CA PHE K 629 39.35 -2.69 -47.99
C PHE K 629 40.09 -3.23 -49.19
N LEU K 630 39.40 -3.25 -50.34
CA LEU K 630 39.89 -3.80 -51.61
C LEU K 630 40.36 -5.24 -51.48
N GLY K 631 39.66 -6.02 -50.68
CA GLY K 631 40.00 -7.41 -50.50
C GLY K 631 40.98 -7.70 -49.39
N THR K 632 41.71 -6.72 -48.90
CA THR K 632 42.75 -6.96 -47.91
C THR K 632 42.28 -6.50 -46.55
N VAL K 633 42.52 -7.28 -45.54
CA VAL K 633 42.12 -6.89 -44.20
C VAL K 633 43.23 -6.06 -43.57
N TYR K 634 42.86 -4.86 -43.13
CA TYR K 634 43.78 -3.94 -42.50
C TYR K 634 43.39 -3.82 -41.04
N LYS K 635 44.38 -3.74 -40.18
CA LYS K 635 44.16 -3.59 -38.75
C LYS K 635 44.39 -2.12 -38.38
N VAL K 636 43.36 -1.49 -37.81
CA VAL K 636 43.51 -0.12 -37.42
C VAL K 636 43.08 0.04 -35.97
N ASN K 637 43.84 0.82 -35.23
CA ASN K 637 43.55 1.08 -33.81
C ASN K 637 43.21 2.56 -33.71
N ILE K 638 41.96 2.86 -33.41
CA ILE K 638 41.48 4.23 -33.34
C ILE K 638 41.28 4.60 -31.89
N LEU K 639 42.07 5.54 -31.40
CA LEU K 639 41.91 6.05 -30.06
C LEU K 639 41.48 7.50 -30.15
N THR K 640 40.81 7.97 -29.10
CA THR K 640 40.55 9.38 -29.03
C THR K 640 41.84 10.10 -28.66
N ARG K 641 41.87 11.40 -28.92
CA ARG K 641 43.07 12.18 -28.60
C ARG K 641 43.52 11.92 -27.18
N LEU K 642 42.60 11.93 -26.22
CA LEU K 642 42.96 11.79 -24.82
C LEU K 642 43.52 10.41 -24.53
N ALA K 643 42.85 9.36 -25.03
CA ALA K 643 43.32 8.00 -24.81
C ALA K 643 44.69 7.78 -25.43
N ALA K 644 44.93 8.33 -26.62
CA ALA K 644 46.23 8.18 -27.24
C ALA K 644 47.32 8.93 -26.50
N GLU K 645 47.01 10.12 -25.98
CA GLU K 645 48.05 10.83 -25.24
C GLU K 645 48.43 10.14 -23.94
N LEU K 646 47.47 9.55 -23.23
CA LEU K 646 47.79 8.87 -21.98
C LEU K 646 48.31 7.47 -22.19
N ASN K 647 47.93 6.80 -23.28
CA ASN K 647 48.36 5.44 -23.52
C ASN K 647 49.87 5.29 -23.59
N LYS K 648 50.60 6.39 -23.85
CA LYS K 648 52.05 6.32 -23.93
C LYS K 648 52.68 5.95 -22.58
N PHE K 649 51.91 6.03 -21.51
CA PHE K 649 52.45 5.74 -20.18
C PHE K 649 52.32 4.27 -19.82
N MET K 650 51.78 3.46 -20.72
CA MET K 650 51.58 2.05 -20.43
C MET K 650 52.86 1.28 -20.71
N LEU K 651 53.14 0.27 -19.92
CA LEU K 651 54.34 -0.51 -20.12
C LEU K 651 54.14 -1.49 -21.25
N GLU K 652 55.12 -1.56 -22.15
CA GLU K 652 55.02 -2.42 -23.33
C GLU K 652 55.48 -3.82 -22.94
N LYS K 653 54.64 -4.50 -22.17
CA LYS K 653 54.94 -5.86 -21.80
C LYS K 653 54.64 -6.79 -22.98
N VAL K 654 55.54 -7.74 -23.21
CA VAL K 654 55.35 -8.72 -24.27
C VAL K 654 55.38 -10.13 -23.72
N THR K 655 54.38 -10.93 -24.07
CA THR K 655 54.29 -12.32 -23.63
C THR K 655 54.74 -13.26 -24.75
N GLU K 656 54.96 -14.54 -24.42
CA GLU K 656 55.41 -15.51 -25.40
C GLU K 656 54.24 -16.20 -26.11
N ASP K 657 54.39 -16.39 -27.42
CA ASP K 657 53.42 -17.12 -28.21
C ASP K 657 53.85 -18.58 -28.19
N THR K 658 53.07 -19.43 -27.52
CA THR K 658 53.43 -20.83 -27.31
C THR K 658 52.40 -21.67 -28.02
N SER K 659 52.11 -21.31 -29.27
CA SER K 659 51.12 -21.99 -30.06
C SER K 659 51.60 -23.31 -30.59
N SER K 660 52.89 -23.62 -30.45
CA SER K 660 53.42 -24.91 -30.85
C SER K 660 53.25 -25.98 -29.77
N VAL K 661 52.82 -25.59 -28.57
CA VAL K 661 52.76 -26.53 -27.45
C VAL K 661 51.31 -26.88 -27.18
N LEU K 662 50.90 -28.09 -27.57
CA LEU K 662 49.51 -28.51 -27.55
C LEU K 662 49.30 -29.40 -26.34
N ARG K 663 48.50 -28.93 -25.38
CA ARG K 663 48.29 -29.63 -24.12
C ARG K 663 46.86 -30.07 -24.01
N SER K 664 46.63 -31.08 -23.17
CA SER K 664 45.28 -31.62 -22.98
C SER K 664 44.41 -30.63 -22.23
N PRO K 665 43.26 -30.24 -22.78
CA PRO K 665 42.38 -29.31 -22.06
C PRO K 665 41.50 -29.99 -21.02
N MET K 666 41.53 -31.31 -20.98
CA MET K 666 40.55 -32.09 -20.22
C MET K 666 41.12 -33.46 -19.96
N PRO K 667 41.02 -33.96 -18.73
CA PRO K 667 41.52 -35.30 -18.41
C PRO K 667 40.68 -36.38 -19.09
N GLY K 668 41.34 -37.51 -19.36
CA GLY K 668 40.68 -38.63 -19.99
C GLY K 668 41.63 -39.51 -20.77
N VAL K 669 41.10 -40.45 -21.55
CA VAL K 669 41.92 -41.37 -22.31
C VAL K 669 42.02 -40.92 -23.77
N VAL K 670 43.23 -40.96 -24.31
CA VAL K 670 43.52 -40.63 -25.70
C VAL K 670 43.06 -41.78 -26.59
N VAL K 671 42.12 -41.49 -27.51
CA VAL K 671 41.53 -42.49 -28.37
C VAL K 671 42.02 -42.38 -29.81
N ALA K 672 42.50 -41.20 -30.22
CA ALA K 672 43.03 -41.05 -31.58
C ALA K 672 44.12 -39.98 -31.59
N VAL K 673 45.15 -40.19 -32.41
CA VAL K 673 46.10 -39.14 -32.76
C VAL K 673 46.22 -39.15 -34.28
N SER K 674 45.98 -38.00 -34.90
CA SER K 674 45.88 -37.94 -36.35
C SER K 674 47.24 -37.86 -37.02
N VAL K 675 48.24 -37.64 -36.16
CA VAL K 675 49.60 -37.38 -36.55
C VAL K 675 50.69 -38.24 -35.89
N LYS K 676 51.80 -38.20 -36.60
CA LYS K 676 53.16 -38.63 -36.31
C LYS K 676 54.13 -37.50 -36.65
N PRO K 677 55.36 -37.49 -36.09
CA PRO K 677 56.33 -36.45 -36.47
C PRO K 677 56.55 -36.33 -37.97
N GLY K 678 56.55 -35.10 -38.48
CA GLY K 678 56.71 -34.86 -39.89
C GLY K 678 55.40 -34.62 -40.62
N ASP K 679 54.27 -34.98 -40.00
CA ASP K 679 52.97 -34.76 -40.61
C ASP K 679 52.70 -33.27 -40.71
N ALA K 680 52.06 -32.88 -41.80
CA ALA K 680 51.64 -31.50 -41.99
C ALA K 680 50.48 -31.18 -41.06
N VAL K 681 50.45 -29.95 -40.56
CA VAL K 681 49.38 -29.48 -39.69
C VAL K 681 48.87 -28.14 -40.24
N ALA K 682 47.56 -28.04 -40.42
CA ALA K 682 46.89 -26.79 -40.74
C ALA K 682 46.29 -26.18 -39.47
N GLU K 683 46.07 -24.87 -39.51
CA GLU K 683 45.37 -24.17 -38.44
C GLU K 683 43.95 -24.69 -38.35
N GLY K 684 43.54 -25.09 -37.14
CA GLY K 684 42.24 -25.66 -36.92
C GLY K 684 42.19 -27.15 -37.17
N GLN K 685 43.31 -27.77 -37.51
CA GLN K 685 43.38 -29.18 -37.82
C GLN K 685 43.26 -29.99 -36.54
N GLU K 686 42.43 -31.02 -36.56
CA GLU K 686 42.34 -31.94 -35.43
C GLU K 686 43.64 -32.71 -35.28
N ILE K 687 44.15 -32.75 -34.05
CA ILE K 687 45.40 -33.44 -33.77
C ILE K 687 45.11 -34.66 -32.91
N CYS K 688 44.46 -34.43 -31.77
CA CYS K 688 44.21 -35.48 -30.80
C CYS K 688 42.75 -35.47 -30.40
N VAL K 689 42.24 -36.65 -30.04
CA VAL K 689 40.91 -36.77 -29.45
C VAL K 689 41.03 -37.49 -28.10
N ILE K 690 40.46 -36.86 -27.07
CA ILE K 690 40.45 -37.42 -25.74
C ILE K 690 39.04 -37.96 -25.51
N GLU K 691 38.90 -38.91 -24.58
CA GLU K 691 37.58 -39.49 -24.32
C GLU K 691 37.26 -39.65 -22.84
N ALA K 692 36.45 -38.75 -22.31
CA ALA K 692 36.04 -38.83 -20.91
C ALA K 692 34.57 -38.53 -20.79
N MET K 693 33.91 -39.26 -19.89
CA MET K 693 32.46 -39.24 -19.68
C MET K 693 31.75 -39.49 -21.01
N LYS K 694 32.31 -40.46 -21.75
CA LYS K 694 32.01 -40.96 -23.09
C LYS K 694 31.61 -39.84 -24.04
N MET K 695 32.57 -38.94 -24.25
CA MET K 695 32.50 -37.87 -25.25
C MET K 695 33.82 -37.90 -26.03
N GLN K 696 33.93 -37.02 -27.02
CA GLN K 696 35.12 -36.96 -27.85
C GLN K 696 35.71 -35.56 -27.96
N ASN K 697 36.25 -35.04 -26.86
CA ASN K 697 36.85 -33.72 -26.87
C ASN K 697 37.94 -33.70 -27.93
N SER K 698 37.81 -32.80 -28.90
CA SER K 698 38.78 -32.73 -29.97
C SER K 698 39.73 -31.55 -29.76
N MET K 699 41.03 -31.85 -29.78
CA MET K 699 42.08 -30.83 -29.64
C MET K 699 42.65 -30.52 -31.00
N THR K 700 42.63 -29.24 -31.35
CA THR K 700 43.10 -28.79 -32.66
C THR K 700 44.37 -27.96 -32.53
N ALA K 701 45.12 -27.85 -33.63
CA ALA K 701 46.34 -27.05 -33.67
C ALA K 701 46.03 -25.57 -33.86
N GLY K 702 46.82 -24.71 -33.22
CA GLY K 702 46.76 -23.30 -33.50
C GLY K 702 47.88 -22.77 -34.38
N LYS K 703 48.65 -23.66 -34.99
CA LYS K 703 49.82 -23.25 -35.75
C LYS K 703 49.94 -24.12 -36.99
N THR K 704 50.32 -23.50 -38.11
CA THR K 704 50.58 -24.23 -39.33
C THR K 704 52.04 -24.66 -39.31
N GLY K 705 52.31 -25.87 -39.77
CA GLY K 705 53.66 -26.40 -39.78
C GLY K 705 53.63 -27.89 -39.91
N THR K 706 54.61 -28.54 -39.28
CA THR K 706 54.70 -29.99 -39.20
C THR K 706 54.86 -30.38 -37.74
N VAL K 707 54.56 -31.64 -37.42
CA VAL K 707 54.71 -32.09 -36.05
C VAL K 707 56.16 -32.41 -35.74
N LYS K 708 56.64 -31.95 -34.58
CA LYS K 708 58.00 -32.26 -34.16
C LYS K 708 58.04 -33.53 -33.31
N SER K 709 57.08 -33.67 -32.40
CA SER K 709 57.03 -34.84 -31.54
C SER K 709 55.60 -35.10 -31.09
N VAL K 710 55.26 -36.37 -31.00
CA VAL K 710 53.98 -36.80 -30.45
C VAL K 710 54.28 -37.42 -29.10
N HIS K 711 53.81 -36.78 -28.03
CA HIS K 711 54.18 -37.15 -26.68
C HIS K 711 53.24 -38.15 -26.04
N CYS K 712 51.96 -38.13 -26.40
CA CYS K 712 50.99 -39.09 -25.88
C CYS K 712 50.35 -39.85 -27.03
N GLN K 713 50.23 -41.16 -26.88
CA GLN K 713 49.71 -42.03 -27.92
C GLN K 713 48.31 -42.51 -27.55
N ALA K 714 47.57 -43.00 -28.54
CA ALA K 714 46.25 -43.59 -28.30
C ALA K 714 46.38 -44.74 -27.32
N GLY K 715 45.51 -44.78 -26.31
CA GLY K 715 45.59 -45.80 -25.29
C GLY K 715 46.19 -45.29 -24.00
N ASP K 716 46.88 -44.16 -24.08
CA ASP K 716 47.48 -43.54 -22.91
C ASP K 716 46.41 -42.76 -22.16
N THR K 717 46.59 -42.60 -20.85
CA THR K 717 45.69 -41.75 -20.06
C THR K 717 46.39 -40.47 -19.67
N VAL K 718 45.71 -39.33 -19.87
CA VAL K 718 46.34 -38.04 -19.65
C VAL K 718 45.48 -37.21 -18.70
N GLY K 719 46.10 -36.26 -18.01
CA GLY K 719 45.39 -35.32 -17.17
C GLY K 719 45.31 -33.93 -17.78
N GLU K 720 44.78 -33.01 -17.00
CA GLU K 720 44.65 -31.64 -17.46
C GLU K 720 46.02 -30.96 -17.48
N GLY K 721 46.35 -30.36 -18.63
CA GLY K 721 47.64 -29.71 -18.78
C GLY K 721 48.76 -30.56 -19.31
N ASP K 722 48.58 -31.87 -19.43
CA ASP K 722 49.63 -32.73 -19.94
C ASP K 722 49.89 -32.46 -21.42
N LEU K 723 51.15 -32.59 -21.81
CA LEU K 723 51.56 -32.32 -23.18
C LEU K 723 51.20 -33.49 -24.07
N LEU K 724 50.49 -33.20 -25.15
CA LEU K 724 50.08 -34.21 -26.11
C LEU K 724 50.97 -34.23 -27.34
N VAL K 725 51.15 -33.09 -28.00
CA VAL K 725 51.91 -33.01 -29.24
C VAL K 725 52.67 -31.68 -29.27
N GLU K 726 53.87 -31.71 -29.84
CA GLU K 726 54.68 -30.50 -29.97
C GLU K 726 54.98 -30.25 -31.43
N LEU K 727 54.67 -29.04 -31.88
CA LEU K 727 54.83 -28.65 -33.26
C LEU K 727 56.17 -27.97 -33.45
N GLU K 728 56.63 -27.93 -34.70
CA GLU K 728 57.79 -27.15 -35.08
C GLU K 728 57.41 -25.68 -35.23
N THR L 33 47.73 38.17 1.85
CA THR L 33 47.16 37.13 1.02
C THR L 33 45.63 37.18 1.05
N SER L 34 45.02 37.32 -0.12
CA SER L 34 43.58 37.36 -0.20
C SER L 34 43.00 35.95 -0.14
N VAL L 35 41.69 35.86 0.09
CA VAL L 35 41.04 34.57 0.11
C VAL L 35 41.08 33.91 -1.26
N ASN L 36 41.01 34.69 -2.33
CA ASN L 36 41.05 34.13 -3.68
C ASN L 36 42.40 33.50 -3.99
N GLU L 37 43.48 34.06 -3.44
CA GLU L 37 44.79 33.48 -3.66
C GLU L 37 44.91 32.14 -2.96
N ARG L 38 44.38 32.06 -1.74
CA ARG L 38 44.42 30.84 -0.97
C ARG L 38 43.59 29.74 -1.65
N ILE L 39 42.46 30.14 -2.21
CA ILE L 39 41.58 29.22 -2.94
C ILE L 39 42.29 28.66 -4.17
N GLU L 40 42.92 29.52 -4.94
CA GLU L 40 43.67 29.09 -6.12
C GLU L 40 44.81 28.16 -5.75
N ASN L 41 45.50 28.44 -4.65
CA ASN L 41 46.59 27.58 -4.21
C ASN L 41 46.09 26.20 -3.80
N LYS L 42 44.90 26.13 -3.21
CA LYS L 42 44.32 24.85 -2.82
C LYS L 42 43.86 24.05 -4.04
N ARG L 43 43.38 24.74 -5.06
CA ARG L 43 42.90 24.12 -6.29
C ARG L 43 44.11 23.45 -6.98
N ARG L 44 45.21 24.18 -7.08
CA ARG L 44 46.43 23.66 -7.70
C ARG L 44 46.98 22.44 -6.96
N THR L 45 46.98 22.49 -5.62
CA THR L 45 47.42 21.33 -4.87
C THR L 45 46.45 20.15 -5.00
N ALA L 46 45.13 20.40 -4.98
CA ALA L 46 44.19 19.31 -5.13
C ALA L 46 44.38 18.58 -6.44
N LEU L 47 44.72 19.31 -7.50
CA LEU L 47 44.97 18.67 -8.79
C LEU L 47 46.25 17.86 -8.76
N LEU L 48 47.30 18.36 -8.11
CA LEU L 48 48.51 17.57 -8.01
C LEU L 48 48.36 16.41 -7.05
N GLY L 49 47.51 16.54 -6.06
CA GLY L 49 47.29 15.46 -5.10
C GLY L 49 48.54 15.21 -4.26
N GLY L 50 49.16 14.06 -4.44
CA GLY L 50 50.37 13.71 -3.72
C GLY L 50 51.61 14.42 -4.19
N GLY L 51 51.53 15.20 -5.25
CA GLY L 51 52.69 15.92 -5.75
C GLY L 51 53.20 15.35 -7.07
N GLN L 52 53.90 16.21 -7.81
CA GLN L 52 54.36 15.86 -9.15
C GLN L 52 55.34 14.70 -9.16
N ARG L 53 56.17 14.57 -8.12
CA ARG L 53 57.14 13.50 -8.09
C ARG L 53 56.46 12.14 -7.90
N ARG L 54 55.38 12.15 -7.12
CA ARG L 54 54.59 10.95 -6.92
C ARG L 54 53.92 10.61 -8.25
N ILE L 55 53.33 11.62 -8.89
CA ILE L 55 52.69 11.43 -10.19
C ILE L 55 53.68 10.85 -11.19
N ASP L 56 54.89 11.39 -11.22
CA ASP L 56 55.93 10.83 -12.08
C ASP L 56 56.14 9.34 -11.82
N ALA L 57 56.24 8.95 -10.55
CA ALA L 57 56.38 7.54 -10.22
C ALA L 57 55.15 6.74 -10.64
N GLN L 58 53.96 7.32 -10.50
CA GLN L 58 52.71 6.68 -10.90
C GLN L 58 52.77 6.26 -12.36
N HIS L 59 53.29 7.14 -13.22
CA HIS L 59 53.44 6.83 -14.64
C HIS L 59 54.56 5.85 -14.91
N LYS L 60 55.65 5.94 -14.14
CA LYS L 60 56.77 5.02 -14.32
C LYS L 60 56.33 3.58 -14.12
N ARG L 61 55.42 3.41 -13.17
CA ARG L 61 54.84 2.13 -12.82
C ARG L 61 53.80 1.67 -13.82
N GLY L 62 53.50 2.50 -14.82
CA GLY L 62 52.53 2.13 -15.83
C GLY L 62 51.08 2.33 -15.42
N LYS L 63 50.81 3.27 -14.51
CA LYS L 63 49.49 3.52 -13.99
C LYS L 63 49.12 4.96 -14.30
N LEU L 64 47.82 5.20 -14.45
CA LEU L 64 47.29 6.55 -14.63
C LEU L 64 46.91 7.11 -13.27
N THR L 65 46.79 8.43 -13.18
CA THR L 65 46.35 8.93 -11.90
C THR L 65 44.83 8.80 -11.80
N ALA L 66 44.31 9.00 -10.58
CA ALA L 66 42.87 8.96 -10.32
C ALA L 66 42.08 9.95 -11.15
N ARG L 67 42.61 11.15 -11.35
CA ARG L 67 41.92 12.11 -12.18
C ARG L 67 42.03 11.78 -13.66
N GLU L 68 43.16 11.27 -14.12
CA GLU L 68 43.25 10.88 -15.52
C GLU L 68 42.30 9.74 -15.84
N ARG L 69 42.14 8.80 -14.90
CA ARG L 69 41.20 7.71 -15.11
C ARG L 69 39.77 8.23 -15.24
N ILE L 70 39.37 9.19 -14.40
CA ILE L 70 38.01 9.69 -14.57
C ILE L 70 37.83 10.39 -15.91
N SER L 71 38.79 11.21 -16.33
CA SER L 71 38.65 11.92 -17.60
C SER L 71 38.42 10.96 -18.75
N LEU L 72 39.08 9.81 -18.72
CA LEU L 72 38.85 8.79 -19.75
C LEU L 72 37.48 8.16 -19.63
N LEU L 73 37.01 7.93 -18.41
CA LEU L 73 35.79 7.15 -18.22
C LEU L 73 34.54 7.92 -18.64
N LEU L 74 34.45 9.18 -18.26
CA LEU L 74 33.22 9.93 -18.42
C LEU L 74 33.25 10.78 -19.67
N ASP L 75 32.06 11.14 -20.14
CA ASP L 75 31.91 12.04 -21.25
C ASP L 75 32.71 13.32 -21.00
N PRO L 76 33.45 13.80 -22.00
CA PRO L 76 34.27 15.00 -21.79
C PRO L 76 33.45 16.16 -21.25
N GLY L 77 33.94 16.75 -20.16
CA GLY L 77 33.33 17.95 -19.63
C GLY L 77 32.15 17.70 -18.74
N SER L 78 31.73 16.45 -18.60
CA SER L 78 30.56 16.12 -17.82
C SER L 78 30.81 15.95 -16.33
N PHE L 79 32.07 15.87 -15.91
CA PHE L 79 32.40 15.55 -14.53
C PHE L 79 32.36 16.81 -13.67
N VAL L 80 31.66 16.72 -12.54
CA VAL L 80 31.65 17.79 -11.55
C VAL L 80 32.16 17.22 -10.24
N GLU L 81 33.26 17.80 -9.75
CA GLU L 81 33.92 17.38 -8.54
C GLU L 81 33.25 17.98 -7.32
N SER L 82 33.10 17.16 -6.27
CA SER L 82 32.50 17.58 -5.02
C SER L 82 33.56 17.53 -3.94
N ASP L 83 33.40 18.39 -2.93
CA ASP L 83 34.19 18.40 -1.69
C ASP L 83 35.70 18.38 -1.96
N MET L 84 36.12 19.18 -2.94
CA MET L 84 37.53 19.17 -3.30
C MET L 84 38.39 19.79 -2.21
N PHE L 85 37.81 20.57 -1.31
CA PHE L 85 38.58 21.28 -0.30
C PHE L 85 38.53 20.64 1.06
N VAL L 86 38.03 19.44 1.17
CA VAL L 86 37.94 18.77 2.47
C VAL L 86 39.29 18.17 2.83
N GLU L 87 39.68 18.38 4.09
CA GLU L 87 40.92 17.84 4.62
C GLU L 87 40.63 17.08 5.91
N HIS L 88 41.54 16.20 6.27
CA HIS L 88 41.41 15.43 7.50
C HIS L 88 41.48 16.34 8.72
N ARG L 89 40.96 15.75 9.80
CA ARG L 89 40.90 16.34 11.12
C ARG L 89 41.76 15.58 12.12
N CYS L 90 42.20 14.38 11.78
CA CYS L 90 43.03 13.61 12.67
C CYS L 90 44.19 14.48 13.10
N ALA L 91 44.73 14.23 14.29
CA ALA L 91 45.85 15.04 14.79
C ALA L 91 46.75 14.30 15.76
N ASP L 92 47.34 13.20 15.31
CA ASP L 92 48.21 12.41 16.18
C ASP L 92 49.64 12.25 15.62
N PHE L 93 49.98 11.03 15.21
CA PHE L 93 51.30 10.74 14.67
C PHE L 93 51.76 11.84 13.71
N GLY L 94 52.17 12.96 14.25
CA GLY L 94 52.63 14.08 13.44
C GLY L 94 51.66 14.34 12.31
N MET L 95 50.51 13.68 12.36
CA MET L 95 49.50 13.83 11.32
C MET L 95 48.97 15.25 11.30
N ALA L 96 49.17 15.97 12.38
CA ALA L 96 48.71 17.34 12.48
C ALA L 96 49.57 18.35 11.74
N ALA L 97 50.77 17.97 11.33
CA ALA L 97 51.58 18.83 10.49
C ALA L 97 50.99 19.21 9.08
N ASP L 98 51.15 20.49 8.79
CA ASP L 98 50.67 21.05 7.54
C ASP L 98 51.33 20.36 6.36
N LYS L 99 52.56 19.90 6.55
CA LYS L 99 53.21 19.18 5.47
C LYS L 99 52.53 17.82 5.30
N ASN L 100 51.58 17.53 6.19
CA ASN L 100 50.85 16.28 6.18
C ASN L 100 49.45 16.41 5.67
N LYS L 101 48.94 17.63 5.56
CA LYS L 101 47.56 17.76 4.99
C LYS L 101 47.42 18.02 3.46
N PHE L 102 46.65 17.21 2.72
CA PHE L 102 46.42 17.42 1.32
C PHE L 102 44.95 17.56 1.11
N PRO L 103 44.56 18.41 0.17
CA PRO L 103 43.15 18.60 -0.15
C PRO L 103 42.63 17.41 -0.94
N GLY L 104 41.43 16.98 -0.60
CA GLY L 104 40.84 15.84 -1.27
C GLY L 104 40.96 14.57 -0.50
N ASP L 105 41.94 14.51 0.41
CA ASP L 105 42.17 13.39 1.34
C ASP L 105 42.03 12.04 0.64
N SER L 106 42.79 11.92 -0.46
CA SER L 106 43.06 10.68 -1.17
C SER L 106 41.90 10.10 -1.97
N VAL L 107 40.82 10.83 -2.20
CA VAL L 107 39.76 10.35 -3.08
C VAL L 107 39.30 11.52 -3.95
N VAL L 108 38.96 11.21 -5.19
CA VAL L 108 38.30 12.13 -6.10
C VAL L 108 36.87 11.65 -6.24
N THR L 109 35.91 12.50 -5.90
CA THR L 109 34.51 12.15 -5.95
C THR L 109 33.76 13.14 -6.82
N GLY L 110 32.69 12.69 -7.45
CA GLY L 110 31.87 13.60 -8.21
C GLY L 110 30.89 12.86 -9.09
N ARG L 111 30.24 13.60 -9.97
CA ARG L 111 29.22 13.01 -10.82
C ARG L 111 29.46 13.39 -12.27
N GLY L 112 28.92 12.57 -13.16
CA GLY L 112 28.98 12.88 -14.57
C GLY L 112 28.02 12.01 -15.35
N ARG L 113 28.32 11.86 -16.64
CA ARG L 113 27.50 11.09 -17.55
C ARG L 113 28.39 10.23 -18.43
N ILE L 114 27.87 9.07 -18.84
CA ILE L 114 28.47 8.25 -19.87
C ILE L 114 27.41 8.13 -20.94
N ASN L 115 27.72 8.66 -22.14
CA ASN L 115 26.81 8.72 -23.29
C ASN L 115 25.49 9.40 -22.95
N GLY L 116 25.54 10.46 -22.16
CA GLY L 116 24.35 11.16 -21.77
C GLY L 116 23.63 10.61 -20.57
N ARG L 117 24.07 9.49 -20.02
CA ARG L 117 23.36 8.88 -18.91
C ARG L 117 24.07 9.16 -17.59
N LEU L 118 23.29 9.57 -16.61
CA LEU L 118 23.85 9.98 -15.32
C LEU L 118 24.51 8.81 -14.61
N VAL L 119 25.71 9.05 -14.09
CA VAL L 119 26.40 8.07 -13.27
C VAL L 119 27.23 8.82 -12.23
N TYR L 120 27.37 8.22 -11.06
CA TYR L 120 28.23 8.73 -9.99
C TYR L 120 29.50 7.90 -9.97
N VAL L 121 30.62 8.56 -9.69
CA VAL L 121 31.91 7.89 -9.62
C VAL L 121 32.68 8.35 -8.40
N PHE L 122 33.66 7.54 -8.02
CA PHE L 122 34.73 7.98 -7.15
C PHE L 122 35.97 7.17 -7.50
N SER L 123 37.12 7.75 -7.23
CA SER L 123 38.37 7.07 -7.54
C SER L 123 39.34 7.33 -6.40
N GLN L 124 40.00 6.29 -5.93
CA GLN L 124 40.98 6.41 -4.86
C GLN L 124 42.34 6.78 -5.43
N ASP L 125 43.01 7.71 -4.77
CA ASP L 125 44.29 8.25 -5.23
C ASP L 125 45.42 7.64 -4.42
N PHE L 126 46.21 6.78 -5.05
CA PHE L 126 47.27 6.06 -4.35
C PHE L 126 48.44 6.95 -3.94
N THR L 127 48.54 8.15 -4.51
CA THR L 127 49.74 8.96 -4.28
C THR L 127 49.63 9.75 -2.96
N VAL L 128 48.47 9.71 -2.33
CA VAL L 128 48.27 10.46 -1.08
C VAL L 128 48.09 9.49 0.06
N PHE L 129 49.12 9.35 0.87
CA PHE L 129 49.12 8.41 1.95
C PHE L 129 48.91 7.01 1.47
N GLY L 130 49.42 6.67 0.29
CA GLY L 130 49.27 5.32 -0.20
C GLY L 130 47.86 4.91 -0.54
N GLY L 131 46.94 5.87 -0.58
CA GLY L 131 45.56 5.58 -0.87
C GLY L 131 44.82 5.01 0.31
N SER L 132 45.42 5.12 1.49
CA SER L 132 44.84 4.57 2.71
C SER L 132 43.54 5.27 3.07
N LEU L 133 42.67 4.58 3.81
CA LEU L 133 41.35 5.08 4.10
C LEU L 133 41.32 5.82 5.44
N SER L 134 40.82 7.05 5.43
CA SER L 134 40.65 7.82 6.64
C SER L 134 39.16 7.94 6.96
N GLY L 135 38.85 8.55 8.09
CA GLY L 135 37.48 8.85 8.40
C GLY L 135 36.85 9.72 7.32
N ALA L 136 37.47 10.87 7.05
CA ALA L 136 36.95 11.78 6.03
C ALA L 136 36.92 11.13 4.64
N HIS L 137 37.88 10.27 4.34
CA HIS L 137 37.90 9.51 3.09
C HIS L 137 36.58 8.77 2.89
N ALA L 138 36.19 7.99 3.89
CA ALA L 138 34.96 7.21 3.78
C ALA L 138 33.74 8.09 3.70
N GLN L 139 33.78 9.20 4.42
CA GLN L 139 32.64 10.07 4.49
C GLN L 139 32.27 10.57 3.11
N LYS L 140 33.29 10.94 2.34
CA LYS L 140 33.08 11.44 0.98
C LYS L 140 32.53 10.36 0.07
N ILE L 141 33.04 9.14 0.22
CA ILE L 141 32.49 8.03 -0.56
C ILE L 141 31.04 7.77 -0.18
N CYS L 142 30.72 7.81 1.13
CA CYS L 142 29.35 7.59 1.57
C CYS L 142 28.39 8.62 1.03
N LYS L 143 28.85 9.87 0.98
CA LYS L 143 28.07 10.96 0.44
C LYS L 143 27.67 10.60 -0.99
N ILE L 144 28.60 10.08 -1.80
CA ILE L 144 28.23 9.72 -3.17
C ILE L 144 27.23 8.57 -3.19
N MET L 145 27.44 7.61 -2.29
CA MET L 145 26.56 6.46 -2.15
C MET L 145 25.13 6.86 -1.80
N ASP L 146 24.97 7.90 -1.01
CA ASP L 146 23.66 8.39 -0.62
C ASP L 146 22.98 9.19 -1.73
N GLN L 147 23.72 10.00 -2.49
CA GLN L 147 23.07 10.73 -3.56
C GLN L 147 22.64 9.77 -4.65
N ALA L 148 23.47 8.80 -4.97
CA ALA L 148 23.13 7.87 -6.02
C ALA L 148 21.90 7.04 -5.66
N ILE L 149 21.78 6.62 -4.41
CA ILE L 149 20.61 5.84 -4.04
C ILE L 149 19.36 6.69 -4.12
N THR L 150 19.43 7.93 -3.64
CA THR L 150 18.27 8.82 -3.64
C THR L 150 17.77 9.09 -5.06
N VAL L 151 18.66 9.40 -6.00
CA VAL L 151 18.17 9.69 -7.34
C VAL L 151 17.96 8.44 -8.17
N GLY L 152 18.71 7.37 -7.93
CA GLY L 152 18.60 6.18 -8.73
C GLY L 152 19.55 6.15 -9.92
N ALA L 153 20.84 6.30 -9.66
CA ALA L 153 21.89 6.32 -10.65
C ALA L 153 22.96 5.32 -10.23
N PRO L 154 23.63 4.65 -11.16
CA PRO L 154 24.68 3.70 -10.79
C PRO L 154 25.86 4.42 -10.15
N VAL L 155 26.65 3.64 -9.43
CA VAL L 155 27.91 4.11 -8.87
C VAL L 155 29.01 3.21 -9.42
N ILE L 156 30.06 3.80 -9.96
CA ILE L 156 31.25 3.10 -10.42
C ILE L 156 32.42 3.56 -9.56
N GLY L 157 33.03 2.63 -8.85
CA GLY L 157 34.20 2.92 -8.03
C GLY L 157 35.45 2.42 -8.72
N LEU L 158 36.52 3.20 -8.59
CA LEU L 158 37.85 2.82 -9.06
C LEU L 158 38.71 2.68 -7.82
N ASN L 159 38.98 1.43 -7.43
CA ASN L 159 39.60 1.20 -6.15
C ASN L 159 41.09 0.93 -6.26
N ASP L 160 41.84 1.49 -5.32
CA ASP L 160 43.28 1.39 -5.19
C ASP L 160 43.65 1.91 -3.81
N SER L 161 44.04 1.02 -2.90
CA SER L 161 44.25 1.43 -1.51
C SER L 161 45.25 0.52 -0.82
N GLY L 162 45.93 1.04 0.18
CA GLY L 162 46.91 0.26 0.89
C GLY L 162 46.30 -0.26 2.17
N GLY L 163 45.02 0.05 2.35
CA GLY L 163 44.32 -0.35 3.55
C GLY L 163 44.01 0.81 4.48
N ALA L 164 43.74 0.49 5.73
CA ALA L 164 43.36 1.49 6.71
C ALA L 164 44.53 2.42 7.02
N ARG L 165 44.21 3.67 7.32
CA ARG L 165 45.21 4.66 7.73
C ARG L 165 45.39 4.51 9.22
N ILE L 166 46.43 3.82 9.64
CA ILE L 166 46.66 3.56 11.04
C ILE L 166 46.91 4.77 11.92
N GLN L 167 47.28 5.90 11.34
CA GLN L 167 47.52 7.07 12.16
C GLN L 167 46.24 7.54 12.86
N GLU L 168 45.09 7.26 12.25
CA GLU L 168 43.83 7.63 12.88
C GLU L 168 43.29 6.53 13.78
N GLY L 169 43.67 5.30 13.51
CA GLY L 169 43.32 4.18 14.38
C GLY L 169 41.94 3.62 14.05
N VAL L 170 40.97 3.86 14.93
CA VAL L 170 39.66 3.24 14.83
C VAL L 170 38.68 4.05 14.01
N GLU L 171 39.07 5.27 13.65
CA GLU L 171 38.23 6.12 12.82
C GLU L 171 38.05 5.49 11.44
N SER L 172 39.10 4.89 10.90
CA SER L 172 39.04 4.27 9.59
C SER L 172 38.21 2.99 9.61
N LEU L 173 38.15 2.32 10.75
CA LEU L 173 37.32 1.13 10.86
C LEU L 173 35.84 1.47 10.78
N ALA L 174 35.44 2.57 11.43
CA ALA L 174 34.09 3.09 11.23
C ALA L 174 33.85 3.50 9.79
N GLY L 175 34.87 4.05 9.12
CA GLY L 175 34.73 4.37 7.72
C GLY L 175 34.30 3.18 6.87
N TYR L 176 35.00 2.05 7.02
CA TYR L 176 34.64 0.81 6.32
C TYR L 176 33.23 0.35 6.63
N ALA L 177 32.84 0.39 7.90
CA ALA L 177 31.51 -0.04 8.28
C ALA L 177 30.43 0.79 7.60
N ASP L 178 30.62 2.11 7.53
CA ASP L 178 29.63 2.96 6.87
C ASP L 178 29.55 2.69 5.38
N ILE L 179 30.71 2.45 4.73
CA ILE L 179 30.70 2.11 3.30
C ILE L 179 29.99 0.80 3.08
N PHE L 180 30.27 -0.19 3.92
CA PHE L 180 29.65 -1.50 3.79
C PHE L 180 28.14 -1.40 3.92
N LEU L 181 27.68 -0.58 4.87
CA LEU L 181 26.25 -0.39 5.05
C LEU L 181 25.60 0.21 3.82
N ARG L 182 26.26 1.18 3.17
CA ARG L 182 25.67 1.72 1.94
C ARG L 182 25.68 0.70 0.81
N ASN L 183 26.74 -0.10 0.70
CA ASN L 183 26.84 -1.08 -0.37
C ASN L 183 25.79 -2.16 -0.24
N VAL L 184 25.44 -2.51 0.99
CA VAL L 184 24.37 -3.46 1.19
C VAL L 184 23.02 -2.81 0.91
N THR L 185 22.81 -1.60 1.41
CA THR L 185 21.55 -0.90 1.17
C THR L 185 21.29 -0.70 -0.32
N ALA L 186 22.33 -0.38 -1.09
CA ALA L 186 22.12 -0.15 -2.53
C ALA L 186 21.87 -1.41 -3.32
N SER L 187 22.04 -2.60 -2.75
CA SER L 187 21.92 -3.84 -3.51
C SER L 187 20.49 -4.00 -4.03
N GLY L 188 20.35 -4.22 -5.33
CA GLY L 188 19.07 -4.38 -5.94
C GLY L 188 18.36 -3.09 -6.20
N VAL L 189 19.00 -1.96 -5.93
CA VAL L 189 18.44 -0.64 -6.12
C VAL L 189 19.14 0.09 -7.25
N ILE L 190 20.46 0.14 -7.21
CA ILE L 190 21.25 0.73 -8.28
C ILE L 190 22.37 -0.25 -8.62
N PRO L 191 22.84 -0.33 -9.85
CA PRO L 191 23.98 -1.19 -10.14
C PRO L 191 25.21 -0.68 -9.42
N GLN L 192 26.03 -1.59 -8.94
CA GLN L 192 27.29 -1.21 -8.32
C GLN L 192 28.42 -1.95 -9.01
N ILE L 193 29.31 -1.19 -9.63
CA ILE L 193 30.44 -1.72 -10.39
C ILE L 193 31.71 -1.28 -9.70
N SER L 194 32.64 -2.21 -9.50
CA SER L 194 33.91 -1.89 -8.89
C SER L 194 35.04 -2.36 -9.79
N LEU L 195 35.86 -1.42 -10.24
CA LEU L 195 37.02 -1.71 -11.07
C LEU L 195 38.26 -1.50 -10.22
N ILE L 196 39.10 -2.51 -10.12
CA ILE L 196 40.30 -2.46 -9.30
C ILE L 196 41.44 -2.02 -10.20
N MET L 197 42.14 -0.98 -9.80
CA MET L 197 43.18 -0.41 -10.65
C MET L 197 44.54 -0.45 -9.98
N GLY L 198 44.67 -1.25 -8.92
CA GLY L 198 45.92 -1.33 -8.19
C GLY L 198 45.77 -2.29 -7.02
N PRO L 199 46.71 -2.25 -6.09
CA PRO L 199 46.60 -3.17 -4.95
C PRO L 199 45.46 -2.77 -4.03
N CYS L 200 44.98 -3.73 -3.25
CA CYS L 200 43.90 -3.50 -2.30
C CYS L 200 44.09 -4.44 -1.13
N ALA L 201 44.15 -3.90 0.07
CA ALA L 201 44.50 -4.68 1.25
C ALA L 201 43.64 -4.24 2.42
N GLY L 202 43.56 -5.11 3.42
CA GLY L 202 42.73 -4.85 4.56
C GLY L 202 41.25 -4.87 4.23
N GLY L 203 40.50 -4.10 5.00
CA GLY L 203 39.06 -4.04 4.87
C GLY L 203 38.56 -3.59 3.51
N ALA L 204 39.39 -2.87 2.76
CA ALA L 204 38.99 -2.35 1.46
C ALA L 204 38.63 -3.47 0.49
N VAL L 205 39.24 -4.65 0.69
CA VAL L 205 39.09 -5.79 -0.21
C VAL L 205 37.68 -6.40 -0.14
N TYR L 206 36.90 -5.99 0.84
CA TYR L 206 35.54 -6.49 0.91
C TYR L 206 34.54 -5.67 0.12
N SER L 207 34.81 -4.39 -0.20
CA SER L 207 33.78 -3.73 -0.98
C SER L 207 33.45 -4.41 -2.32
N PRO L 208 34.42 -4.87 -3.13
CA PRO L 208 34.01 -5.60 -4.35
C PRO L 208 33.18 -6.83 -4.09
N ALA L 209 33.19 -7.37 -2.88
CA ALA L 209 32.35 -8.51 -2.58
C ALA L 209 30.90 -8.13 -2.42
N LEU L 210 30.60 -6.87 -2.16
CA LEU L 210 29.24 -6.41 -2.01
C LEU L 210 28.68 -5.82 -3.29
N THR L 211 29.53 -5.32 -4.18
CA THR L 211 29.04 -4.81 -5.45
C THR L 211 28.74 -5.96 -6.41
N ASP L 212 28.13 -5.59 -7.54
CA ASP L 212 27.64 -6.56 -8.52
C ASP L 212 28.67 -7.16 -9.47
N PHE L 213 29.63 -6.35 -9.90
CA PHE L 213 30.67 -6.86 -10.76
C PHE L 213 32.00 -6.32 -10.27
N THR L 214 33.04 -7.15 -10.35
CA THR L 214 34.39 -6.74 -10.01
C THR L 214 35.27 -6.97 -11.22
N PHE L 215 36.02 -5.94 -11.61
CA PHE L 215 36.92 -6.07 -12.75
C PHE L 215 38.32 -5.72 -12.29
N MET L 216 39.33 -6.24 -12.98
CA MET L 216 40.71 -5.99 -12.61
C MET L 216 41.53 -5.64 -13.83
N VAL L 217 42.77 -5.23 -13.58
CA VAL L 217 43.75 -4.92 -14.61
C VAL L 217 44.92 -5.89 -14.45
N LYS L 218 45.25 -6.60 -15.53
CA LYS L 218 46.24 -7.65 -15.46
C LYS L 218 47.58 -7.08 -15.03
N ASP L 219 48.22 -7.78 -14.07
CA ASP L 219 49.57 -7.51 -13.58
C ASP L 219 49.70 -6.15 -12.88
N THR L 220 48.59 -5.48 -12.62
CA THR L 220 48.61 -4.18 -11.96
C THR L 220 47.79 -4.21 -10.68
N SER L 221 46.66 -4.89 -10.69
CA SER L 221 45.71 -4.89 -9.59
C SER L 221 45.85 -6.17 -8.77
N TYR L 222 45.56 -6.05 -7.47
CA TYR L 222 45.62 -7.18 -6.57
C TYR L 222 44.42 -7.13 -5.64
N LEU L 223 43.99 -8.31 -5.19
CA LEU L 223 43.00 -8.39 -4.13
C LEU L 223 43.43 -9.42 -3.10
N PHE L 224 43.66 -8.98 -1.87
CA PHE L 224 44.03 -9.90 -0.78
C PHE L 224 43.91 -9.15 0.54
N ILE L 225 43.64 -9.85 1.63
CA ILE L 225 43.45 -9.25 2.94
C ILE L 225 44.79 -8.92 3.58
N THR L 226 45.68 -9.91 3.63
CA THR L 226 47.04 -9.75 4.13
C THR L 226 48.02 -10.07 3.01
N GLY L 227 49.20 -9.44 3.10
CA GLY L 227 50.21 -9.62 2.10
C GLY L 227 51.06 -10.87 2.32
N PRO L 228 51.95 -11.15 1.36
CA PRO L 228 52.83 -12.32 1.51
C PRO L 228 53.65 -12.30 2.78
N ASP L 229 53.91 -11.11 3.32
CA ASP L 229 54.71 -10.97 4.53
C ASP L 229 54.04 -11.66 5.71
N VAL L 230 52.71 -11.61 5.77
CA VAL L 230 51.99 -12.28 6.84
C VAL L 230 51.92 -13.77 6.58
N VAL L 231 51.69 -14.18 5.33
CA VAL L 231 51.62 -15.61 5.07
C VAL L 231 52.93 -16.28 5.47
N LYS L 232 54.08 -15.68 5.13
CA LYS L 232 55.36 -16.27 5.49
C LYS L 232 55.57 -16.29 7.00
N SER L 233 55.09 -15.27 7.70
CA SER L 233 55.33 -15.17 9.13
C SER L 233 54.42 -16.12 9.90
N VAL L 234 53.23 -16.42 9.37
CA VAL L 234 52.27 -17.22 10.11
C VAL L 234 52.48 -18.70 9.82
N THR L 235 52.65 -19.06 8.56
CA THR L 235 52.74 -20.44 8.15
C THR L 235 53.94 -20.64 7.23
N ASN L 236 54.45 -21.85 7.15
CA ASN L 236 55.64 -22.12 6.36
C ASN L 236 55.31 -22.35 4.89
N GLU L 237 54.82 -21.29 4.23
CA GLU L 237 54.43 -21.33 2.82
C GLU L 237 55.11 -20.19 2.10
N ASP L 238 55.63 -20.45 0.91
CA ASP L 238 56.26 -19.42 0.09
C ASP L 238 55.43 -18.89 -1.08
N VAL L 239 55.05 -17.60 -1.02
CA VAL L 239 54.21 -16.99 -2.05
C VAL L 239 54.60 -15.54 -2.36
N THR L 240 54.47 -15.16 -3.63
CA THR L 240 54.66 -13.78 -4.07
C THR L 240 53.38 -13.00 -4.28
N GLN L 241 53.51 -11.70 -4.55
CA GLN L 241 52.39 -10.78 -4.68
C GLN L 241 51.39 -11.03 -5.78
N GLU L 242 51.82 -11.68 -6.85
CA GLU L 242 50.94 -12.05 -7.95
C GLU L 242 50.24 -13.37 -7.65
N GLU L 243 50.98 -14.32 -7.05
CA GLU L 243 50.42 -15.62 -6.73
C GLU L 243 49.36 -15.53 -5.65
N LEU L 244 49.54 -14.62 -4.70
CA LEU L 244 48.64 -14.52 -3.57
C LEU L 244 47.34 -13.86 -3.96
N GLY L 245 47.41 -12.76 -4.68
CA GLY L 245 46.21 -12.01 -5.00
C GLY L 245 46.20 -11.31 -6.33
N GLY L 246 46.92 -11.84 -7.31
CA GLY L 246 46.99 -11.23 -8.63
C GLY L 246 45.71 -11.40 -9.41
N ALA L 247 45.57 -10.57 -10.45
CA ALA L 247 44.41 -10.60 -11.33
C ALA L 247 44.20 -11.94 -12.01
N LYS L 248 45.28 -12.61 -12.38
CA LYS L 248 45.17 -13.89 -13.08
C LYS L 248 44.57 -14.95 -12.17
N THR L 249 44.91 -14.91 -10.88
CA THR L 249 44.39 -15.86 -9.91
C THR L 249 42.89 -15.72 -9.73
N HIS L 250 42.44 -14.49 -9.59
CA HIS L 250 41.03 -14.21 -9.29
C HIS L 250 40.10 -14.33 -10.49
N THR L 251 40.63 -14.14 -11.69
CA THR L 251 39.84 -14.39 -12.89
C THR L 251 39.93 -15.82 -13.39
N THR L 252 40.94 -16.59 -12.98
CA THR L 252 41.02 -17.95 -13.49
C THR L 252 40.66 -19.02 -12.47
N MET L 253 41.03 -18.81 -11.21
CA MET L 253 40.84 -19.87 -10.23
C MET L 253 39.89 -19.66 -9.05
N SER L 254 39.90 -18.49 -8.43
CA SER L 254 39.08 -18.30 -7.25
C SER L 254 37.66 -17.88 -7.59
N GLY L 255 37.45 -17.35 -8.79
CA GLY L 255 36.12 -16.91 -9.17
C GLY L 255 35.69 -15.64 -8.50
N VAL L 256 36.62 -14.73 -8.23
CA VAL L 256 36.28 -13.51 -7.53
C VAL L 256 36.12 -12.36 -8.50
N ALA L 257 37.01 -12.27 -9.48
CA ALA L 257 36.97 -11.18 -10.44
C ALA L 257 36.32 -11.63 -11.74
N HIS L 258 35.42 -10.77 -12.25
CA HIS L 258 34.63 -11.12 -13.41
C HIS L 258 35.39 -11.02 -14.72
N ARG L 259 36.38 -10.16 -14.79
CA ARG L 259 37.26 -10.09 -15.93
C ARG L 259 38.42 -9.16 -15.72
N ALA L 260 39.60 -9.52 -16.24
CA ALA L 260 40.75 -8.64 -16.19
C ALA L 260 41.05 -8.10 -17.57
N PHE L 261 41.48 -6.85 -17.62
CA PHE L 261 41.80 -6.19 -18.89
C PHE L 261 43.29 -5.88 -18.91
N GLU L 262 43.84 -5.75 -20.12
CA GLU L 262 45.29 -5.72 -20.27
C GLU L 262 45.92 -4.51 -19.61
N ASN L 263 45.29 -3.35 -19.71
CA ASN L 263 45.90 -2.13 -19.19
C ASN L 263 44.81 -1.13 -18.82
N ASP L 264 45.22 0.01 -18.29
CA ASP L 264 44.28 1.00 -17.78
C ASP L 264 43.39 1.58 -18.88
N VAL L 265 43.93 1.81 -20.07
CA VAL L 265 43.18 2.50 -21.11
C VAL L 265 42.12 1.59 -21.71
N ASP L 266 42.48 0.33 -21.95
CA ASP L 266 41.56 -0.67 -22.46
C ASP L 266 40.51 -1.05 -21.42
N ALA L 267 40.89 -1.05 -20.15
CA ALA L 267 39.96 -1.36 -19.06
C ALA L 267 38.83 -0.35 -19.00
N LEU L 268 39.15 0.93 -19.15
CA LEU L 268 38.08 1.93 -19.09
C LEU L 268 37.28 1.99 -20.39
N CYS L 269 37.90 1.67 -21.53
CA CYS L 269 37.14 1.63 -22.78
C CYS L 269 36.09 0.52 -22.73
N ASN L 270 36.47 -0.65 -22.22
CA ASN L 270 35.51 -1.73 -22.09
C ASN L 270 34.48 -1.44 -21.01
N LEU L 271 34.86 -0.68 -19.98
CA LEU L 271 33.91 -0.33 -18.94
C LEU L 271 32.81 0.58 -19.46
N ARG L 272 33.16 1.54 -20.33
CA ARG L 272 32.10 2.36 -20.95
C ARG L 272 31.11 1.50 -21.73
N ASP L 273 31.64 0.53 -22.51
CA ASP L 273 30.78 -0.38 -23.27
C ASP L 273 29.92 -1.24 -22.35
N PHE L 274 30.49 -1.76 -21.28
CA PHE L 274 29.69 -2.53 -20.33
C PHE L 274 28.59 -1.68 -19.71
N PHE L 275 28.93 -0.46 -19.28
CA PHE L 275 27.93 0.42 -18.71
C PHE L 275 26.71 0.54 -19.58
N ASN L 276 26.89 0.62 -20.90
CA ASN L 276 25.73 0.85 -21.76
C ASN L 276 24.69 -0.27 -21.74
N TYR L 277 24.96 -1.42 -21.13
CA TYR L 277 24.00 -2.51 -21.10
C TYR L 277 22.94 -2.36 -20.02
N LEU L 278 23.26 -1.72 -18.89
CA LEU L 278 22.53 -1.81 -17.64
C LEU L 278 21.56 -0.65 -17.47
N PRO L 279 20.44 -0.86 -16.77
CA PRO L 279 19.57 0.26 -16.45
C PRO L 279 20.20 1.13 -15.38
N LEU L 280 19.64 2.33 -15.20
CA LEU L 280 20.19 3.21 -14.18
C LEU L 280 19.78 2.78 -12.78
N SER L 281 18.60 2.17 -12.64
CA SER L 281 18.09 1.74 -11.35
C SER L 281 17.22 0.51 -11.57
N SER L 282 16.93 -0.19 -10.48
CA SER L 282 16.08 -1.36 -10.59
C SER L 282 14.63 -0.99 -10.85
N GLN L 283 14.30 0.29 -10.78
CA GLN L 283 12.93 0.70 -11.07
C GLN L 283 12.72 0.88 -12.56
N ASP L 284 13.77 0.79 -13.33
CA ASP L 284 13.72 1.02 -14.76
C ASP L 284 13.71 -0.29 -15.53
N PRO L 285 13.07 -0.32 -16.69
CA PRO L 285 13.14 -1.52 -17.54
C PRO L 285 14.51 -1.64 -18.18
N ALA L 286 14.84 -2.83 -18.68
CA ALA L 286 16.07 -3.01 -19.43
C ALA L 286 16.15 -1.96 -20.52
N PRO L 287 17.27 -1.25 -20.66
CA PRO L 287 17.38 -0.22 -21.71
C PRO L 287 17.16 -0.81 -23.10
N VAL L 288 16.59 0.00 -23.97
CA VAL L 288 16.38 -0.34 -25.37
C VAL L 288 17.12 0.69 -26.20
N ARG L 289 17.97 0.23 -27.12
CA ARG L 289 18.73 1.13 -27.95
C ARG L 289 18.47 0.96 -29.43
N GLU L 290 18.73 2.00 -30.20
CA GLU L 290 18.62 1.94 -31.66
C GLU L 290 19.35 0.70 -32.17
N CYS L 291 18.70 -0.04 -33.06
CA CYS L 291 19.25 -1.25 -33.62
C CYS L 291 18.94 -1.35 -35.09
N HIS L 292 19.95 -1.71 -35.89
CA HIS L 292 19.79 -1.86 -37.32
C HIS L 292 19.65 -3.30 -37.77
N ASP L 293 19.71 -4.25 -36.85
CA ASP L 293 19.74 -5.67 -37.19
C ASP L 293 18.31 -6.16 -37.30
N PRO L 294 17.83 -6.54 -38.49
CA PRO L 294 16.43 -6.94 -38.61
C PRO L 294 16.08 -8.05 -37.64
N SER L 295 14.92 -7.91 -37.00
CA SER L 295 14.51 -8.84 -35.96
C SER L 295 13.96 -10.14 -36.52
N ASP L 296 13.66 -10.19 -37.81
CA ASP L 296 12.96 -11.32 -38.40
C ASP L 296 13.84 -12.11 -39.35
N ARG L 297 15.15 -11.94 -39.29
CA ARG L 297 16.04 -12.68 -40.18
C ARG L 297 16.28 -14.08 -39.64
N LEU L 298 16.62 -14.99 -40.54
CA LEU L 298 16.90 -16.36 -40.17
C LEU L 298 18.40 -16.54 -40.03
N VAL L 299 18.78 -17.59 -39.32
CA VAL L 299 20.19 -17.92 -39.16
C VAL L 299 20.41 -19.36 -39.60
N PRO L 300 20.56 -19.62 -40.90
CA PRO L 300 20.70 -21.00 -41.38
C PRO L 300 21.87 -21.74 -40.78
N GLU L 301 22.86 -21.01 -40.25
CA GLU L 301 24.08 -21.58 -39.70
C GLU L 301 23.81 -22.48 -38.51
N LEU L 302 22.65 -22.36 -37.87
CA LEU L 302 22.31 -23.12 -36.69
C LEU L 302 21.88 -24.54 -37.00
N ASP L 303 21.34 -24.82 -38.20
CA ASP L 303 20.75 -26.13 -38.44
C ASP L 303 21.75 -27.27 -38.29
N THR L 304 23.04 -27.03 -38.49
CA THR L 304 24.00 -28.12 -38.50
C THR L 304 25.03 -28.02 -37.38
N ILE L 305 24.81 -27.14 -36.40
CA ILE L 305 25.81 -27.00 -35.35
C ILE L 305 25.84 -28.22 -34.46
N VAL L 306 24.67 -28.72 -34.08
CA VAL L 306 24.56 -29.80 -33.11
C VAL L 306 24.74 -31.14 -33.81
N PRO L 307 25.78 -31.90 -33.49
CA PRO L 307 25.99 -33.19 -34.15
C PRO L 307 24.88 -34.18 -33.80
N LEU L 308 24.67 -35.12 -34.72
CA LEU L 308 23.76 -36.24 -34.44
C LEU L 308 24.39 -37.25 -33.50
N GLU L 309 25.72 -37.35 -33.49
CA GLU L 309 26.40 -38.27 -32.60
C GLU L 309 26.50 -37.63 -31.22
N SER L 310 26.10 -38.38 -30.19
CA SER L 310 25.99 -37.86 -28.83
C SER L 310 27.31 -37.59 -28.16
N THR L 311 28.43 -38.06 -28.71
CA THR L 311 29.72 -37.96 -28.03
C THR L 311 30.58 -36.87 -28.64
N LYS L 312 30.01 -36.16 -29.61
CA LYS L 312 30.72 -35.07 -30.29
C LYS L 312 30.32 -33.73 -29.72
N ALA L 313 31.31 -32.99 -29.22
CA ALA L 313 31.07 -31.68 -28.64
C ALA L 313 30.99 -30.62 -29.73
N TYR L 314 30.39 -29.49 -29.37
CA TYR L 314 30.32 -28.34 -30.25
C TYR L 314 30.43 -27.09 -29.39
N ASN L 315 30.72 -25.97 -30.02
CA ASN L 315 30.95 -24.71 -29.30
C ASN L 315 29.63 -23.97 -29.18
N MET L 316 29.13 -23.86 -27.95
CA MET L 316 27.87 -23.17 -27.72
C MET L 316 27.94 -21.71 -28.14
N VAL L 317 29.14 -21.12 -28.09
CA VAL L 317 29.27 -19.71 -28.41
C VAL L 317 28.88 -19.41 -29.86
N ASP L 318 29.02 -20.38 -30.76
CA ASP L 318 28.63 -20.16 -32.14
C ASP L 318 27.14 -19.87 -32.26
N ILE L 319 26.33 -20.48 -31.40
CA ILE L 319 24.90 -20.27 -31.39
C ILE L 319 24.56 -18.91 -30.81
N ILE L 320 25.22 -18.56 -29.70
CA ILE L 320 24.98 -17.31 -29.01
C ILE L 320 25.31 -16.14 -29.91
N HIS L 321 26.46 -16.19 -30.58
CA HIS L 321 26.87 -15.08 -31.43
C HIS L 321 25.95 -14.92 -32.63
N SER L 322 25.43 -16.02 -33.18
CA SER L 322 24.58 -15.88 -34.35
C SER L 322 23.19 -15.36 -34.02
N VAL L 323 22.72 -15.51 -32.79
CA VAL L 323 21.37 -15.07 -32.45
C VAL L 323 21.35 -13.59 -32.04
N VAL L 324 22.34 -13.15 -31.25
CA VAL L 324 22.33 -11.82 -30.68
C VAL L 324 22.53 -10.73 -31.72
N ASP L 325 21.98 -9.54 -31.45
CA ASP L 325 22.09 -8.41 -32.37
C ASP L 325 23.53 -8.22 -32.80
N GLU L 326 23.74 -8.15 -34.12
CA GLU L 326 25.00 -7.77 -34.76
C GLU L 326 26.21 -8.58 -34.26
N ARG L 327 25.92 -9.75 -33.70
CA ARG L 327 26.91 -10.70 -33.23
C ARG L 327 27.88 -10.22 -32.16
N GLU L 328 27.39 -9.29 -31.35
CA GLU L 328 28.10 -8.73 -30.22
C GLU L 328 27.68 -9.47 -28.95
N PHE L 329 28.66 -10.01 -28.23
CA PHE L 329 28.36 -10.71 -26.98
C PHE L 329 29.42 -10.32 -25.96
N PHE L 330 28.99 -9.99 -24.75
CA PHE L 330 29.91 -9.62 -23.68
C PHE L 330 30.06 -10.79 -22.72
N GLU L 331 31.21 -11.46 -22.74
CA GLU L 331 31.35 -12.66 -21.94
C GLU L 331 31.94 -12.32 -20.57
N ILE L 332 31.37 -12.94 -19.54
CA ILE L 332 31.77 -12.75 -18.16
C ILE L 332 32.56 -13.97 -17.73
N MET L 333 33.69 -13.75 -17.05
CA MET L 333 34.62 -14.75 -16.54
C MET L 333 34.98 -15.76 -17.61
N PRO L 334 35.60 -15.33 -18.70
CA PRO L 334 35.91 -16.27 -19.78
C PRO L 334 36.80 -17.41 -19.37
N ASN L 335 37.57 -17.29 -18.29
CA ASN L 335 38.55 -18.27 -17.92
C ASN L 335 38.19 -19.05 -16.67
N TYR L 336 37.02 -18.81 -16.09
CA TYR L 336 36.60 -19.46 -14.86
C TYR L 336 35.27 -20.16 -15.11
N ALA L 337 35.17 -21.41 -14.65
CA ALA L 337 34.00 -22.27 -14.81
C ALA L 337 33.55 -22.34 -16.26
N LYS L 338 34.50 -22.70 -17.12
CA LYS L 338 34.26 -22.69 -18.55
C LYS L 338 33.12 -23.59 -19.01
N ASN L 339 32.61 -24.48 -18.16
CA ASN L 339 31.53 -25.36 -18.60
C ASN L 339 30.17 -24.67 -18.62
N ILE L 340 30.08 -23.43 -18.16
CA ILE L 340 28.86 -22.66 -18.24
C ILE L 340 29.21 -21.27 -18.74
N ILE L 341 28.40 -20.77 -19.66
CA ILE L 341 28.60 -19.48 -20.31
C ILE L 341 27.52 -18.54 -19.84
N VAL L 342 27.92 -17.37 -19.35
CA VAL L 342 26.99 -16.31 -18.99
C VAL L 342 27.50 -15.00 -19.58
N GLY L 343 26.57 -14.15 -19.97
CA GLY L 343 26.99 -12.84 -20.43
C GLY L 343 25.82 -12.00 -20.89
N PHE L 344 26.16 -10.82 -21.38
CA PHE L 344 25.19 -9.83 -21.81
C PHE L 344 25.17 -9.74 -23.32
N ALA L 345 23.99 -9.46 -23.87
CA ALA L 345 23.84 -9.18 -25.28
C ALA L 345 22.54 -8.41 -25.46
N ARG L 346 22.31 -7.98 -26.69
CA ARG L 346 21.07 -7.33 -27.06
C ARG L 346 20.31 -8.12 -28.09
N MET L 347 18.99 -8.10 -28.02
CA MET L 347 18.18 -8.66 -29.09
C MET L 347 17.06 -7.67 -29.38
N ASN L 348 17.00 -7.22 -30.63
CA ASN L 348 16.10 -6.16 -31.09
C ASN L 348 16.24 -4.88 -30.28
N GLY L 349 17.47 -4.55 -29.88
CA GLY L 349 17.74 -3.36 -29.14
C GLY L 349 17.70 -3.51 -27.64
N ARG L 350 17.04 -4.55 -27.12
CA ARG L 350 16.86 -4.67 -25.69
C ARG L 350 17.96 -5.51 -25.07
N THR L 351 18.48 -5.05 -23.93
CA THR L 351 19.48 -5.81 -23.22
C THR L 351 18.88 -7.09 -22.67
N VAL L 352 19.55 -8.21 -22.89
CA VAL L 352 19.16 -9.48 -22.29
C VAL L 352 20.38 -10.14 -21.68
N GLY L 353 20.14 -11.04 -20.75
CA GLY L 353 21.15 -11.88 -20.18
C GLY L 353 21.03 -13.28 -20.77
N ILE L 354 22.16 -13.90 -21.04
CA ILE L 354 22.21 -15.21 -21.66
C ILE L 354 22.96 -16.15 -20.74
N VAL L 355 22.39 -17.33 -20.52
CA VAL L 355 23.02 -18.40 -19.78
C VAL L 355 22.90 -19.67 -20.62
N GLY L 356 23.99 -20.43 -20.68
CA GLY L 356 23.93 -21.68 -21.41
C GLY L 356 25.06 -22.62 -21.07
N ASN L 357 24.99 -23.86 -21.54
CA ASN L 357 26.05 -24.82 -21.24
C ASN L 357 27.13 -24.75 -22.31
N GLN L 358 28.31 -25.21 -21.96
CA GLN L 358 29.38 -25.37 -22.94
C GLN L 358 29.77 -26.83 -23.04
N PRO L 359 29.23 -27.57 -24.01
CA PRO L 359 29.48 -29.03 -24.04
C PRO L 359 30.94 -29.38 -24.22
N LYS L 360 31.76 -28.45 -24.69
CA LYS L 360 33.18 -28.74 -24.91
C LYS L 360 33.91 -29.03 -23.62
N VAL L 361 33.44 -28.50 -22.50
CA VAL L 361 34.16 -28.57 -21.22
C VAL L 361 33.36 -29.43 -20.26
N ALA L 362 34.00 -30.49 -19.75
CA ALA L 362 33.43 -31.44 -18.80
C ALA L 362 32.08 -31.98 -19.25
N SER L 363 31.94 -32.25 -20.55
CA SER L 363 30.73 -32.73 -21.22
C SER L 363 29.52 -31.82 -21.00
N GLY L 364 29.70 -30.62 -20.47
CA GLY L 364 28.58 -29.73 -20.24
C GLY L 364 27.84 -29.97 -18.95
N CYS L 365 28.49 -30.69 -18.04
CA CYS L 365 27.98 -31.03 -16.72
C CYS L 365 27.95 -29.88 -15.73
N LEU L 366 27.06 -29.94 -14.74
CA LEU L 366 27.08 -28.92 -13.70
C LEU L 366 27.97 -29.33 -12.55
N ASP L 367 28.65 -28.36 -11.95
CA ASP L 367 29.56 -28.59 -10.84
C ASP L 367 29.43 -27.40 -9.91
N ILE L 368 30.25 -27.38 -8.87
CA ILE L 368 30.16 -26.35 -7.85
C ILE L 368 30.43 -24.98 -8.45
N ASN L 369 31.52 -24.86 -9.22
CA ASN L 369 31.98 -23.57 -9.71
C ASN L 369 30.99 -22.96 -10.69
N SER L 370 30.40 -23.79 -11.54
CA SER L 370 29.44 -23.32 -12.53
C SER L 370 28.15 -22.85 -11.87
N SER L 371 27.72 -23.53 -10.82
CA SER L 371 26.51 -23.12 -10.12
C SER L 371 26.69 -21.78 -9.44
N VAL L 372 27.88 -21.52 -8.91
CA VAL L 372 28.11 -20.24 -8.22
C VAL L 372 28.04 -19.07 -9.19
N LYS L 373 28.73 -19.18 -10.33
CA LYS L 373 28.74 -18.13 -11.34
C LYS L 373 27.35 -17.93 -11.95
N GLY L 374 26.67 -19.04 -12.26
CA GLY L 374 25.33 -18.95 -12.80
C GLY L 374 24.34 -18.28 -11.89
N ALA L 375 24.26 -18.72 -10.64
CA ALA L 375 23.25 -18.20 -9.72
C ALA L 375 23.43 -16.70 -9.51
N ARG L 376 24.67 -16.27 -9.38
CA ARG L 376 24.97 -14.86 -9.17
C ARG L 376 24.51 -14.04 -10.35
N PHE L 377 24.82 -14.48 -11.56
CA PHE L 377 24.40 -13.75 -12.75
C PHE L 377 22.88 -13.69 -12.88
N VAL L 378 22.20 -14.82 -12.70
CA VAL L 378 20.75 -14.87 -12.88
C VAL L 378 20.05 -13.90 -11.94
N ARG L 379 20.49 -13.90 -10.68
CA ARG L 379 19.91 -13.03 -9.66
C ARG L 379 20.09 -11.55 -9.93
N PHE L 380 21.25 -11.13 -10.40
CA PHE L 380 21.42 -9.73 -10.78
C PHE L 380 20.45 -9.35 -11.90
N CYS L 381 20.41 -10.14 -12.97
CA CYS L 381 19.53 -9.82 -14.10
C CYS L 381 18.06 -9.76 -13.69
N ASP L 382 17.63 -10.66 -12.81
CA ASP L 382 16.26 -10.58 -12.31
C ASP L 382 16.01 -9.32 -11.52
N ALA L 383 16.92 -8.94 -10.63
CA ALA L 383 16.75 -7.74 -9.82
C ALA L 383 16.62 -6.47 -10.66
N PHE L 384 17.29 -6.39 -11.81
CA PHE L 384 17.26 -5.20 -12.62
C PHE L 384 16.50 -5.40 -13.93
N ASN L 385 15.51 -6.30 -13.94
CA ASN L 385 14.50 -6.43 -15.01
C ASN L 385 15.12 -6.69 -16.37
N ILE L 386 16.13 -7.55 -16.42
CA ILE L 386 16.79 -7.91 -17.66
C ILE L 386 16.35 -9.33 -18.02
N PRO L 387 15.70 -9.54 -19.15
CA PRO L 387 15.22 -10.87 -19.51
C PRO L 387 16.34 -11.90 -19.60
N LEU L 388 15.97 -13.16 -19.38
CA LEU L 388 16.90 -14.26 -19.43
C LEU L 388 16.62 -15.18 -20.62
N ILE L 389 17.68 -15.56 -21.32
CA ILE L 389 17.64 -16.57 -22.36
C ILE L 389 18.56 -17.70 -21.93
N THR L 390 18.05 -18.93 -21.99
CA THR L 390 18.76 -20.10 -21.51
C THR L 390 18.97 -21.03 -22.70
N PHE L 391 20.21 -21.50 -22.89
CA PHE L 391 20.54 -22.50 -23.89
C PHE L 391 20.96 -23.77 -23.19
N VAL L 392 20.11 -24.77 -23.21
CA VAL L 392 20.28 -25.96 -22.37
C VAL L 392 20.94 -27.06 -23.17
N ASP L 393 22.01 -27.64 -22.61
CA ASP L 393 22.61 -28.86 -23.15
C ASP L 393 23.44 -29.48 -22.03
N VAL L 394 22.76 -30.16 -21.11
CA VAL L 394 23.42 -30.57 -19.88
C VAL L 394 23.11 -32.05 -19.61
N PRO L 395 24.13 -32.90 -19.56
CA PRO L 395 23.89 -34.34 -19.37
C PRO L 395 23.69 -34.77 -17.92
N GLY L 396 23.85 -33.86 -16.96
CA GLY L 396 23.81 -34.23 -15.57
C GLY L 396 24.79 -33.44 -14.74
N PHE L 397 25.27 -34.02 -13.66
CA PHE L 397 26.16 -33.34 -12.73
C PHE L 397 27.54 -34.01 -12.77
N LEU L 398 28.56 -33.23 -12.52
CA LEU L 398 29.92 -33.76 -12.46
C LEU L 398 30.06 -34.72 -11.29
N PRO L 399 30.31 -36.01 -11.53
CA PRO L 399 30.42 -36.96 -10.41
C PRO L 399 31.77 -36.91 -9.73
N GLY L 400 31.84 -37.46 -8.53
CA GLY L 400 33.10 -37.75 -7.88
C GLY L 400 33.19 -37.13 -6.50
N THR L 401 34.09 -37.67 -5.69
CA THR L 401 34.23 -37.22 -4.31
C THR L 401 34.68 -35.77 -4.22
N ALA L 402 35.40 -35.28 -5.22
CA ALA L 402 35.79 -33.87 -5.23
C ALA L 402 34.59 -32.95 -5.16
N GLN L 403 33.46 -33.36 -5.70
CA GLN L 403 32.26 -32.55 -5.69
C GLN L 403 31.34 -32.89 -4.54
N GLU L 404 31.28 -34.16 -4.17
CA GLU L 404 30.43 -34.59 -3.06
C GLU L 404 30.86 -33.93 -1.75
N TYR L 405 32.16 -34.00 -1.45
CA TYR L 405 32.72 -33.40 -0.24
C TYR L 405 32.78 -31.89 -0.31
N GLY L 406 32.65 -31.35 -1.50
CA GLY L 406 32.64 -29.91 -1.68
C GLY L 406 31.28 -29.26 -1.52
N GLY L 407 30.25 -30.05 -1.25
CA GLY L 407 28.92 -29.52 -1.10
C GLY L 407 28.19 -29.25 -2.39
N ILE L 408 28.39 -30.11 -3.40
CA ILE L 408 27.74 -29.96 -4.69
C ILE L 408 26.23 -29.84 -4.54
N ILE L 409 25.63 -30.50 -3.54
CA ILE L 409 24.19 -30.43 -3.34
C ILE L 409 23.78 -29.04 -2.89
N ARG L 410 24.48 -28.53 -1.88
CA ARG L 410 24.23 -27.20 -1.36
C ARG L 410 24.47 -26.12 -2.41
N HIS L 411 25.51 -26.30 -3.22
CA HIS L 411 25.83 -25.32 -4.24
C HIS L 411 24.93 -25.41 -5.45
N GLY L 412 24.54 -26.62 -5.89
CA GLY L 412 23.62 -26.72 -7.01
C GLY L 412 22.27 -26.08 -6.74
N ALA L 413 21.84 -26.09 -5.47
CA ALA L 413 20.58 -25.46 -5.11
C ALA L 413 20.60 -23.97 -5.39
N LYS L 414 21.78 -23.36 -5.50
CA LYS L 414 21.88 -21.93 -5.76
C LYS L 414 21.36 -21.57 -7.14
N LEU L 415 21.65 -22.37 -8.15
CA LEU L 415 21.22 -22.06 -9.50
C LEU L 415 19.73 -22.36 -9.67
N LEU L 416 19.27 -23.47 -9.10
CA LEU L 416 17.84 -23.77 -9.14
C LEU L 416 17.02 -22.68 -8.46
N TYR L 417 17.49 -22.22 -7.30
CA TYR L 417 16.80 -21.15 -6.57
C TYR L 417 16.76 -19.88 -7.39
N ALA L 418 17.90 -19.49 -7.96
CA ALA L 418 17.98 -18.25 -8.72
C ALA L 418 17.00 -18.24 -9.88
N PHE L 419 16.85 -19.36 -10.59
CA PHE L 419 15.82 -19.38 -11.62
C PHE L 419 14.41 -19.47 -11.08
N ALA L 420 14.16 -20.31 -10.08
CA ALA L 420 12.78 -20.52 -9.64
C ALA L 420 12.13 -19.24 -9.12
N GLU L 421 12.88 -18.38 -8.46
CA GLU L 421 12.34 -17.15 -7.89
C GLU L 421 12.30 -15.97 -8.83
N ALA L 422 12.76 -16.16 -10.05
CA ALA L 422 12.79 -15.07 -11.03
C ALA L 422 11.38 -14.65 -11.45
N THR L 423 11.22 -13.35 -11.66
CA THR L 423 9.95 -12.79 -12.10
C THR L 423 10.07 -12.04 -13.42
N VAL L 424 11.17 -12.19 -14.12
CA VAL L 424 11.41 -11.48 -15.38
C VAL L 424 11.21 -12.49 -16.50
N PRO L 425 11.03 -12.08 -17.75
CA PRO L 425 10.80 -13.07 -18.81
C PRO L 425 11.94 -14.07 -18.90
N LYS L 426 11.57 -15.34 -19.08
CA LYS L 426 12.52 -16.43 -19.20
C LYS L 426 12.20 -17.23 -20.45
N VAL L 427 13.11 -17.23 -21.40
CA VAL L 427 12.94 -17.96 -22.65
C VAL L 427 14.01 -19.02 -22.75
N THR L 428 13.60 -20.29 -22.73
CA THR L 428 14.52 -21.42 -22.73
C THR L 428 14.42 -22.15 -24.07
N VAL L 429 15.58 -22.46 -24.66
CA VAL L 429 15.68 -23.29 -25.83
C VAL L 429 16.62 -24.44 -25.50
N ILE L 430 16.21 -25.66 -25.81
CA ILE L 430 17.00 -26.86 -25.53
C ILE L 430 17.64 -27.29 -26.85
N THR L 431 18.97 -27.28 -26.90
CA THR L 431 19.66 -27.56 -28.14
C THR L 431 19.99 -29.04 -28.28
N ARG L 432 20.28 -29.72 -27.16
CA ARG L 432 20.48 -31.16 -27.24
C ARG L 432 20.16 -31.92 -25.95
N LYS L 433 21.11 -32.13 -25.04
CA LYS L 433 20.86 -32.98 -23.88
C LYS L 433 20.18 -32.21 -22.77
N ALA L 434 19.26 -32.91 -22.09
CA ALA L 434 18.71 -32.43 -20.82
C ALA L 434 18.32 -33.66 -20.01
N TYR L 435 19.29 -34.25 -19.31
CA TYR L 435 19.06 -35.46 -18.55
C TYR L 435 18.93 -35.15 -17.07
N GLY L 436 18.04 -35.87 -16.39
CA GLY L 436 18.05 -35.87 -14.94
C GLY L 436 17.59 -34.56 -14.34
N GLY L 437 18.01 -34.32 -13.09
CA GLY L 437 17.58 -33.14 -12.38
C GLY L 437 18.08 -31.85 -12.99
N ALA L 438 19.12 -31.95 -13.82
CA ALA L 438 19.64 -30.78 -14.52
C ALA L 438 18.60 -30.15 -15.44
N TYR L 439 17.62 -30.92 -15.90
CA TYR L 439 16.57 -30.33 -16.73
C TYR L 439 15.88 -29.20 -16.01
N ASP L 440 15.53 -29.40 -14.74
CA ASP L 440 14.79 -28.40 -13.99
C ASP L 440 15.69 -27.28 -13.51
N VAL L 441 16.94 -27.59 -13.17
CA VAL L 441 17.89 -26.59 -12.71
C VAL L 441 18.12 -25.55 -13.80
N MET L 442 18.26 -25.98 -15.05
CA MET L 442 18.44 -25.07 -16.17
C MET L 442 17.12 -24.51 -16.68
N SER L 443 16.40 -23.85 -15.75
CA SER L 443 15.22 -23.03 -16.03
C SER L 443 14.21 -23.74 -16.94
N SER L 444 13.68 -24.83 -16.42
CA SER L 444 12.59 -25.53 -17.07
C SER L 444 11.28 -24.76 -16.94
N LYS L 445 10.34 -25.06 -17.83
CA LYS L 445 9.07 -24.34 -17.84
C LYS L 445 8.26 -24.39 -16.55
N HIS L 446 8.39 -25.47 -15.80
CA HIS L 446 7.60 -25.62 -14.59
C HIS L 446 8.11 -24.77 -13.45
N LEU L 447 9.15 -23.97 -13.69
CA LEU L 447 9.63 -22.98 -12.72
C LEU L 447 9.16 -21.58 -13.09
N CYS L 448 7.91 -21.47 -13.56
CA CYS L 448 7.29 -20.24 -14.02
C CYS L 448 8.02 -19.63 -15.21
N GLY L 449 8.39 -20.48 -16.16
CA GLY L 449 8.98 -20.01 -17.39
C GLY L 449 7.89 -19.52 -18.34
N ASP L 450 8.32 -18.76 -19.34
CA ASP L 450 7.35 -18.20 -20.28
C ASP L 450 7.20 -19.06 -21.52
N THR L 451 8.32 -19.44 -22.15
CA THR L 451 8.28 -20.32 -23.31
C THR L 451 9.44 -21.30 -23.22
N ASN L 452 9.28 -22.46 -23.83
CA ASN L 452 10.32 -23.48 -23.85
C ASN L 452 10.31 -24.14 -25.19
N TYR L 453 11.38 -23.95 -25.95
CA TYR L 453 11.54 -24.49 -27.29
C TYR L 453 12.56 -25.61 -27.29
N ALA L 454 12.32 -26.58 -28.15
CA ALA L 454 13.26 -27.66 -28.38
C ALA L 454 13.69 -27.64 -29.83
N TRP L 455 14.95 -27.98 -30.08
CA TRP L 455 15.39 -28.26 -31.43
C TRP L 455 15.14 -29.73 -31.72
N PRO L 456 15.06 -30.13 -33.00
CA PRO L 456 14.86 -31.55 -33.30
C PRO L 456 15.89 -32.48 -32.68
N THR L 457 17.06 -31.99 -32.29
CA THR L 457 18.08 -32.84 -31.68
C THR L 457 17.95 -32.93 -30.16
N ALA L 458 16.96 -32.28 -29.57
CA ALA L 458 16.81 -32.29 -28.12
C ALA L 458 16.35 -33.66 -27.64
N GLU L 459 16.81 -34.04 -26.45
CA GLU L 459 16.30 -35.25 -25.82
C GLU L 459 16.14 -35.00 -24.33
N ILE L 460 14.92 -35.17 -23.83
CA ILE L 460 14.58 -34.90 -22.44
C ILE L 460 14.21 -36.22 -21.78
N ALA L 461 14.95 -36.60 -20.75
CA ALA L 461 14.73 -37.87 -20.07
C ALA L 461 15.33 -37.80 -18.68
N VAL L 462 14.90 -38.73 -17.81
CA VAL L 462 15.48 -38.85 -16.48
C VAL L 462 16.92 -39.33 -16.56
N MET L 463 17.22 -40.12 -17.58
CA MET L 463 18.59 -40.54 -17.82
C MET L 463 18.63 -41.12 -19.23
N GLY L 464 19.83 -41.44 -19.71
CA GLY L 464 20.00 -41.99 -21.03
C GLY L 464 19.48 -43.42 -21.14
N ALA L 465 19.41 -43.89 -22.39
CA ALA L 465 18.79 -45.17 -22.68
C ALA L 465 19.47 -46.32 -21.95
N LYS L 466 20.80 -46.29 -21.86
CA LYS L 466 21.54 -47.36 -21.21
C LYS L 466 21.15 -47.53 -19.75
N GLY L 467 21.18 -46.44 -18.96
CA GLY L 467 20.79 -46.55 -17.57
C GLY L 467 19.33 -46.93 -17.42
N ALA L 468 18.45 -46.23 -18.12
CA ALA L 468 17.02 -46.45 -17.95
C ALA L 468 16.60 -47.86 -18.33
N VAL L 469 17.12 -48.40 -19.43
CA VAL L 469 16.67 -49.72 -19.87
C VAL L 469 17.25 -50.83 -18.98
N GLU L 470 18.53 -50.75 -18.63
CA GLU L 470 19.09 -51.78 -17.77
C GLU L 470 18.46 -51.76 -16.39
N ILE L 471 18.03 -50.60 -15.91
CA ILE L 471 17.34 -50.57 -14.62
C ILE L 471 15.92 -51.10 -14.74
N ILE L 472 15.18 -50.66 -15.77
CA ILE L 472 13.79 -51.11 -15.94
C ILE L 472 13.72 -52.62 -16.15
N PHE L 473 14.58 -53.15 -17.02
CA PHE L 473 14.57 -54.57 -17.36
C PHE L 473 15.74 -55.25 -16.67
N LYS L 474 15.81 -55.09 -15.34
CA LYS L 474 16.93 -55.59 -14.56
C LYS L 474 16.76 -57.08 -14.26
N GLY L 475 17.69 -57.87 -14.75
CA GLY L 475 17.60 -59.32 -14.67
C GLY L 475 16.81 -59.99 -15.76
N HIS L 476 16.37 -59.25 -16.78
CA HIS L 476 15.57 -59.84 -17.83
C HIS L 476 16.45 -60.24 -19.01
N GLU L 477 15.95 -61.20 -19.80
CA GLU L 477 16.61 -61.58 -21.04
C GLU L 477 16.26 -60.57 -22.12
N ASN L 478 17.10 -60.52 -23.16
CA ASN L 478 16.90 -59.74 -24.39
C ASN L 478 16.72 -58.26 -24.08
N VAL L 479 17.56 -57.78 -23.17
CA VAL L 479 17.54 -56.38 -22.77
C VAL L 479 17.89 -55.48 -23.95
N GLU L 480 18.87 -55.90 -24.76
CA GLU L 480 19.26 -55.12 -25.92
C GLU L 480 18.11 -54.96 -26.92
N ALA L 481 17.29 -56.01 -27.09
CA ALA L 481 16.12 -55.87 -27.95
C ALA L 481 15.11 -54.88 -27.37
N ALA L 482 14.89 -54.94 -26.05
CA ALA L 482 14.04 -53.96 -25.38
C ALA L 482 14.63 -52.57 -25.49
N GLN L 483 15.95 -52.45 -25.45
CA GLN L 483 16.59 -51.13 -25.57
C GLN L 483 16.33 -50.51 -26.94
N ALA L 484 16.34 -51.33 -27.99
CA ALA L 484 16.05 -50.81 -29.32
C ALA L 484 14.66 -50.19 -29.39
N GLU L 485 13.67 -50.86 -28.78
CA GLU L 485 12.32 -50.32 -28.76
C GLU L 485 12.25 -49.06 -27.89
N TYR L 486 12.93 -49.08 -26.74
CA TYR L 486 12.98 -47.91 -25.87
C TYR L 486 13.60 -46.71 -26.57
N ILE L 487 14.72 -46.91 -27.27
CA ILE L 487 15.38 -45.80 -27.94
C ILE L 487 14.46 -45.20 -28.99
N GLU L 488 13.82 -46.04 -29.81
CA GLU L 488 12.92 -45.53 -30.84
C GLU L 488 11.79 -44.71 -30.26
N LYS L 489 11.29 -45.07 -29.08
CA LYS L 489 10.16 -44.30 -28.56
C LYS L 489 10.57 -43.10 -27.70
N PHE L 490 11.63 -43.22 -26.89
CA PHE L 490 11.93 -42.20 -25.89
C PHE L 490 13.17 -41.35 -26.19
N ALA L 491 14.05 -41.78 -27.09
CA ALA L 491 15.28 -41.04 -27.34
C ALA L 491 15.03 -39.91 -28.34
N ASN L 492 14.23 -38.94 -27.92
CA ASN L 492 13.73 -37.86 -28.79
C ASN L 492 12.98 -36.86 -27.94
N PRO L 493 12.63 -35.69 -28.46
CA PRO L 493 12.03 -34.69 -27.57
C PRO L 493 10.53 -34.83 -27.40
N PHE L 494 9.91 -35.80 -28.03
CA PHE L 494 8.46 -35.97 -28.06
C PHE L 494 7.74 -36.45 -26.80
N PRO L 495 8.22 -37.44 -26.02
CA PRO L 495 7.46 -37.80 -24.80
C PRO L 495 7.34 -36.68 -23.79
N ALA L 496 8.25 -35.70 -23.81
CA ALA L 496 8.11 -34.50 -23.01
C ALA L 496 7.20 -33.46 -23.65
N ALA L 497 7.36 -33.20 -24.94
CA ALA L 497 6.54 -32.22 -25.63
C ALA L 497 5.06 -32.55 -25.61
N VAL L 498 4.69 -33.82 -25.73
CA VAL L 498 3.28 -34.16 -25.77
C VAL L 498 2.65 -34.02 -24.40
N ARG L 499 3.46 -33.81 -23.38
CA ARG L 499 2.87 -33.67 -22.07
C ARG L 499 2.80 -32.21 -21.65
N GLY L 500 3.29 -31.31 -22.51
CA GLY L 500 3.24 -29.90 -22.19
C GLY L 500 4.54 -29.36 -21.63
N PHE L 501 5.62 -30.13 -21.72
CA PHE L 501 6.89 -29.63 -21.21
C PHE L 501 7.53 -28.67 -22.20
N VAL L 502 7.24 -28.83 -23.49
CA VAL L 502 7.85 -28.05 -24.55
C VAL L 502 6.73 -27.41 -25.35
N ASP L 503 6.90 -26.14 -25.70
CA ASP L 503 5.82 -25.46 -26.40
C ASP L 503 5.85 -25.71 -27.90
N ASP L 504 7.02 -25.89 -28.48
CA ASP L 504 7.11 -26.11 -29.90
C ASP L 504 8.45 -26.73 -30.18
N ILE L 505 8.58 -27.37 -31.32
CA ILE L 505 9.87 -27.87 -31.79
C ILE L 505 10.15 -27.14 -33.08
N ILE L 506 11.22 -26.38 -33.09
CA ILE L 506 11.42 -25.36 -34.10
C ILE L 506 12.65 -25.72 -34.92
N GLN L 507 12.69 -25.27 -36.17
CA GLN L 507 13.86 -25.47 -36.98
C GLN L 507 14.86 -24.54 -36.35
N PRO L 508 16.08 -24.99 -36.09
CA PRO L 508 17.08 -24.14 -35.42
C PRO L 508 17.27 -22.80 -36.08
N SER L 509 17.18 -22.74 -37.41
CA SER L 509 17.36 -21.48 -38.13
C SER L 509 16.37 -20.41 -37.71
N SER L 510 15.24 -20.80 -37.13
CA SER L 510 14.25 -19.81 -36.73
C SER L 510 14.40 -19.37 -35.29
N THR L 511 15.39 -19.90 -34.54
CA THR L 511 15.49 -19.61 -33.11
C THR L 511 15.44 -18.11 -32.85
N ARG L 512 16.18 -17.29 -33.62
CA ARG L 512 16.26 -15.86 -33.31
C ARG L 512 14.91 -15.22 -33.44
N ALA L 513 14.19 -15.56 -34.50
CA ALA L 513 12.88 -14.99 -34.75
C ALA L 513 11.88 -15.31 -33.64
N ARG L 514 11.94 -16.52 -33.10
CA ARG L 514 11.03 -16.94 -32.07
C ARG L 514 11.26 -16.23 -30.76
N ILE L 515 12.52 -16.06 -30.41
CA ILE L 515 12.95 -15.39 -29.19
C ILE L 515 12.60 -13.92 -29.22
N CYS L 516 12.84 -13.28 -30.38
CA CYS L 516 12.54 -11.87 -30.59
C CYS L 516 11.06 -11.59 -30.40
N CYS L 517 10.23 -12.50 -30.95
CA CYS L 517 8.78 -12.40 -30.81
C CYS L 517 8.36 -12.50 -29.35
N ASP L 518 8.95 -13.42 -28.59
CA ASP L 518 8.58 -13.59 -27.20
C ASP L 518 9.05 -12.41 -26.37
N LEU L 519 10.26 -11.91 -26.62
CA LEU L 519 10.77 -10.81 -25.80
C LEU L 519 9.93 -9.56 -25.93
N ASP L 520 9.39 -9.30 -27.12
CA ASP L 520 8.67 -8.08 -27.35
C ASP L 520 7.23 -8.16 -26.87
N VAL L 521 6.79 -9.31 -26.38
CA VAL L 521 5.46 -9.40 -25.79
C VAL L 521 5.49 -9.79 -24.33
N LEU L 522 6.58 -10.32 -23.83
CA LEU L 522 6.71 -10.62 -22.42
C LEU L 522 7.25 -9.44 -21.64
N ALA L 523 7.60 -8.36 -22.31
CA ALA L 523 8.23 -7.22 -21.64
C ALA L 523 7.28 -6.49 -20.70
N SER L 524 5.98 -6.75 -20.85
CA SER L 524 4.97 -6.07 -20.04
C SER L 524 4.46 -6.98 -18.92
N LYS L 525 5.14 -8.10 -18.74
CA LYS L 525 4.78 -9.08 -17.74
C LYS L 525 4.87 -8.63 -16.30
N LYS L 526 3.81 -8.85 -15.52
CA LYS L 526 3.91 -8.61 -14.08
C LYS L 526 3.26 -9.76 -13.35
N VAL L 527 3.89 -10.20 -12.26
CA VAL L 527 3.41 -11.30 -11.44
C VAL L 527 3.46 -10.85 -9.98
N GLN L 528 2.70 -11.53 -9.13
CA GLN L 528 2.74 -11.30 -7.70
C GLN L 528 3.28 -12.53 -6.99
N ARG L 529 3.88 -12.32 -5.81
CA ARG L 529 4.39 -13.38 -4.95
C ARG L 529 3.98 -13.06 -3.53
N PRO L 530 3.79 -14.06 -2.68
CA PRO L 530 3.52 -13.80 -1.26
C PRO L 530 4.57 -12.91 -0.63
N TRP L 531 4.14 -12.06 0.28
CA TRP L 531 5.04 -11.12 0.91
C TRP L 531 6.02 -11.85 1.82
N ARG L 532 7.28 -11.45 1.78
CA ARG L 532 8.29 -11.99 2.66
C ARG L 532 9.26 -10.87 3.01
N LYS L 533 9.69 -10.80 4.26
CA LYS L 533 10.59 -9.75 4.72
C LYS L 533 11.75 -9.74 3.73
N HIS L 534 12.31 -10.93 3.48
CA HIS L 534 13.40 -11.11 2.55
C HIS L 534 13.47 -12.54 2.08
N ALA L 535 14.20 -12.78 1.03
CA ALA L 535 14.41 -14.12 0.55
C ALA L 535 15.40 -14.86 1.42
N ASN L 536 15.32 -16.19 1.39
CA ASN L 536 16.21 -17.06 2.14
C ASN L 536 16.87 -18.07 1.21
N ILE L 537 17.94 -17.63 0.54
CA ILE L 537 18.73 -18.39 -0.42
C ILE L 537 19.47 -19.52 0.30
N PRO L 538 19.51 -20.74 -0.25
CA PRO L 538 20.15 -21.87 0.44
C PRO L 538 21.59 -21.68 0.89
N LEU L 539 22.35 -20.78 0.26
CA LEU L 539 23.78 -20.55 0.54
C LEU L 539 24.68 -21.77 0.43
#